data_8JAN
#
_entry.id   8JAN
#
loop_
_entity.id
_entity.type
_entity.pdbx_description
1 polymer BplB
2 polymer Gp22
3 polymer Gp24
#
loop_
_entity_poly.entity_id
_entity_poly.type
_entity_poly.pdbx_seq_one_letter_code
_entity_poly.pdbx_strand_id
1 'polypeptide(L)'
;MGHNNTKGNRKFIKGRYTANAAKGERLVSSEFLLTFAGHEDISVLVRTSQIPEMTREDVEDYGPNGVKFNQHGPIRNSGE
IQVQCVETIEGDILQFIKDRIAAKDYVDITMAATPESKSSGVNAVTKAATTIEMLDCKIYSDAIDFSTEDVTAAVRPSLR
IVYNWIEWD
;
a,b,c,d,e,f,g,h,i,j,k,l
2 'polypeptide(L)'
;MSQYSIQQSLGNASGVAVSPINADATLSTGVALNSSLWAGIGVFARGKPFTVLAVTESNYEDVLGEPLKPSSGSQFEPIR
HVYEAIQQTSGYVVRAVPDDAKFPIIMFDESGEPAYSALPYGSEIELDSGEAFAIYVDDGDPCISPTRELTIETATADSA
GNERFLLKLTQTTSLGVVTTLETHTVSLAEEAKDDMGRLCYLPTALEARSKYLRAVVNEELISTAKVTNKKSLAFTGGTN
GDQSKISTAAYLRAVKVLNNAPYMYTAVLGLGCYDNAAITALGKICADRLIDGFFDVKPTLTYAEALPAVEDTGLLGTDY
VSCSVYHYPFSCKDKWTQSRVVFGLSGVAYAAKARGVKKNSDVGGWHYSPAGEERAVIARASIQPLYPEDTPDEEAMVKG
RLNKVSVGTSGQMIIDDALTCCTQDNYLHFQHVPSLMNAISRFFVQLARQMKHSPDGITAAGLTKGMTKLLDRFVASGAL
VAPRDPDADGTEPYVLKVTQAEFDKWEVVWACCPTGVARRIQGVPLLIK
;
m,n,o,p,q,r,s,t,u,v,w,x
3 'polypeptide(L)'
;MILNNQEWLLAIFKKKGLTPTGKLEFATIDGIDSALAQALNEAFDSQVVSFNDRINQSFREFLKRTPRDRITLGTFSDVK
EWLSSFEADRAGRKDTASAGPVNKLAMPLVNLSRSPAFSIYEGELCRDNYDEGHVTNENDEIEALVSTIPFSLEYSLWIA
SDEKESLGMVTTALAFWLRMYASLGQASFTHIANVGGYEIPVTCYIEGQKSIAFQDLTTGTADNRLFAVGLNLTVVAELP
ILAYMQQTTGTITVKAKILEE
;
y,z,A,B,C,D
#
# COMPACT_ATOMS: atom_id res chain seq x y z
N GLY A 2 35.36 -19.34 12.33
CA GLY A 2 34.98 -18.63 11.12
C GLY A 2 35.46 -17.19 11.13
N HIS A 3 35.00 -16.43 12.10
CA HIS A 3 35.39 -15.03 12.27
C HIS A 3 36.45 -14.95 13.35
N ASN A 4 37.62 -14.41 13.00
CA ASN A 4 38.73 -14.30 13.93
C ASN A 4 38.73 -12.99 14.71
N ASN A 5 37.82 -12.06 14.40
CA ASN A 5 37.74 -10.79 15.10
C ASN A 5 36.83 -10.83 16.32
N THR A 6 36.07 -11.90 16.50
CA THR A 6 35.07 -11.94 17.58
C THR A 6 35.76 -11.97 18.94
N LYS A 7 35.22 -11.17 19.86
CA LYS A 7 35.68 -11.20 21.24
C LYS A 7 34.58 -10.63 22.11
N GLY A 8 34.25 -11.34 23.20
CA GLY A 8 33.16 -10.94 24.07
C GLY A 8 33.64 -10.03 25.18
N ASN A 9 32.77 -9.07 25.54
CA ASN A 9 33.09 -8.11 26.59
C ASN A 9 31.76 -7.64 27.19
N ARG A 10 31.40 -8.19 28.34
CA ARG A 10 30.12 -7.86 28.96
C ARG A 10 30.22 -6.77 30.01
N LYS A 11 31.42 -6.41 30.45
CA LYS A 11 31.56 -5.25 31.33
C LYS A 11 31.18 -3.97 30.60
N PHE A 12 31.57 -3.86 29.33
CA PHE A 12 31.20 -2.70 28.52
C PHE A 12 29.69 -2.60 28.35
N ILE A 13 29.03 -3.74 28.11
CA ILE A 13 27.58 -3.74 27.95
C ILE A 13 26.89 -3.35 29.26
N LYS A 14 27.39 -3.85 30.38
CA LYS A 14 26.86 -3.45 31.67
C LYS A 14 27.02 -1.94 31.89
N GLY A 15 28.17 -1.40 31.48
CA GLY A 15 28.37 0.04 31.57
C GLY A 15 27.37 0.82 30.75
N ARG A 16 27.11 0.38 29.52
CA ARG A 16 26.12 1.07 28.70
C ARG A 16 24.73 0.97 29.32
N TYR A 17 24.40 -0.19 29.89
CA TYR A 17 23.09 -0.37 30.52
C TYR A 17 22.92 0.58 31.70
N THR A 18 23.92 0.67 32.56
CA THR A 18 23.82 1.58 33.70
C THR A 18 23.76 3.03 33.25
N ALA A 19 24.56 3.39 32.23
CA ALA A 19 24.53 4.76 31.74
C ALA A 19 23.17 5.13 31.18
N ASN A 20 22.54 4.21 30.44
CA ASN A 20 21.21 4.48 29.91
C ASN A 20 20.18 4.57 31.02
N ALA A 21 20.27 3.69 32.02
CA ALA A 21 19.29 3.69 33.10
C ALA A 21 19.53 4.81 34.11
N ALA A 22 20.65 5.53 34.01
CA ALA A 22 20.92 6.62 34.95
C ALA A 22 19.85 7.70 34.88
N LYS A 23 19.42 8.05 33.66
CA LYS A 23 18.34 9.01 33.51
C LYS A 23 17.01 8.39 33.94
N GLY A 24 16.05 9.25 34.26
CA GLY A 24 14.89 8.83 35.01
C GLY A 24 13.90 7.90 34.32
N GLU A 25 13.12 8.43 33.39
CA GLU A 25 12.08 7.66 32.74
C GLU A 25 11.94 8.11 31.30
N ARG A 26 11.01 7.46 30.59
CA ARG A 26 10.62 7.86 29.25
C ARG A 26 9.17 8.28 29.29
N LEU A 27 8.89 9.45 28.74
CA LEU A 27 7.54 10.01 28.78
C LEU A 27 6.63 9.21 27.87
N VAL A 28 5.58 8.61 28.44
CA VAL A 28 4.60 7.91 27.63
C VAL A 28 3.76 8.93 26.88
N SER A 29 3.45 8.63 25.62
CA SER A 29 2.79 9.59 24.76
C SER A 29 1.34 9.85 25.14
N SER A 30 0.78 9.08 26.08
CA SER A 30 -0.61 9.24 26.48
C SER A 30 -0.80 10.24 27.61
N GLU A 31 0.26 10.93 28.02
CA GLU A 31 0.23 11.82 29.18
C GLU A 31 0.43 13.26 28.71
N PHE A 32 -0.65 14.03 28.67
CA PHE A 32 -0.61 15.43 28.25
C PHE A 32 -1.91 16.10 28.68
N LEU A 33 -2.01 17.40 28.41
CA LEU A 33 -3.18 18.18 28.81
C LEU A 33 -3.19 19.49 28.06
N LEU A 34 -4.38 19.89 27.58
CA LEU A 34 -4.60 21.19 26.95
C LEU A 34 -5.58 21.99 27.79
N THR A 35 -5.49 23.31 27.70
CA THR A 35 -6.30 24.20 28.54
C THR A 35 -7.32 25.01 27.77
N PHE A 36 -6.97 25.54 26.60
CA PHE A 36 -7.90 26.31 25.75
C PHE A 36 -8.37 27.59 26.41
N ALA A 37 -7.55 28.17 27.29
CA ALA A 37 -7.79 29.49 27.90
C ALA A 37 -9.10 29.44 28.69
N GLY A 38 -10.11 30.23 28.34
CA GLY A 38 -11.31 30.35 29.13
C GLY A 38 -12.27 29.20 29.07
N HIS A 39 -12.09 28.28 28.13
CA HIS A 39 -12.96 27.10 28.00
C HIS A 39 -12.19 25.89 28.53
N GLU A 40 -12.24 25.70 29.84
CA GLU A 40 -11.50 24.63 30.49
C GLU A 40 -12.30 23.34 30.63
N ASP A 41 -13.56 23.33 30.22
CA ASP A 41 -14.38 22.13 30.32
C ASP A 41 -14.14 21.15 29.19
N ILE A 42 -13.47 21.58 28.11
CA ILE A 42 -13.22 20.72 26.96
C ILE A 42 -11.89 19.97 27.09
N SER A 43 -11.10 20.27 28.13
CA SER A 43 -9.78 19.66 28.27
C SER A 43 -9.88 18.14 28.39
N VAL A 44 -10.99 17.63 28.90
CA VAL A 44 -11.15 16.19 29.06
C VAL A 44 -11.29 15.51 27.71
N LEU A 45 -12.00 16.13 26.77
CA LEU A 45 -12.41 15.48 25.54
C LEU A 45 -11.32 15.41 24.48
N VAL A 46 -10.15 16.02 24.71
CA VAL A 46 -9.09 15.97 23.70
C VAL A 46 -8.48 14.57 23.67
N ARG A 47 -8.10 14.12 22.47
CA ARG A 47 -7.56 12.80 22.28
C ARG A 47 -6.25 12.76 21.51
N THR A 48 -5.84 13.87 20.90
CA THR A 48 -4.58 13.91 20.15
C THR A 48 -4.10 15.35 20.12
N SER A 49 -2.79 15.54 20.27
CA SER A 49 -2.20 16.87 20.27
C SER A 49 -0.83 16.81 19.60
N GLN A 50 -0.16 17.94 19.57
CA GLN A 50 1.15 18.04 18.93
C GLN A 50 1.95 19.17 19.56
N ILE A 51 3.24 19.17 19.27
CA ILE A 51 4.15 20.26 19.64
C ILE A 51 4.54 21.00 18.36
N PRO A 52 4.57 22.34 18.38
CA PRO A 52 4.88 23.08 17.16
C PRO A 52 6.25 22.75 16.59
N GLU A 53 6.48 23.20 15.35
CA GLU A 53 7.66 22.80 14.61
C GLU A 53 8.94 23.30 15.27
N MET A 54 8.99 24.57 15.63
CA MET A 54 10.15 25.20 16.27
C MET A 54 11.40 25.06 15.39
N THR A 55 11.35 25.76 14.26
CA THR A 55 12.42 25.76 13.27
C THR A 55 12.77 27.18 12.89
N ARG A 56 13.66 27.31 11.90
CA ARG A 56 14.04 28.59 11.34
C ARG A 56 14.10 28.48 9.82
N GLU A 57 14.05 29.62 9.16
CA GLU A 57 14.29 29.67 7.73
C GLU A 57 15.77 29.52 7.46
N ASP A 58 16.11 29.03 6.26
CA ASP A 58 17.49 28.80 5.88
C ASP A 58 17.83 29.55 4.59
N VAL A 59 19.02 30.17 4.58
CA VAL A 59 19.47 30.98 3.47
C VAL A 59 20.69 30.30 2.85
N GLU A 60 20.60 30.03 1.55
CA GLU A 60 21.65 29.30 0.84
C GLU A 60 22.48 30.26 0.00
N ASP A 61 23.80 30.16 0.13
CA ASP A 61 24.73 30.99 -0.62
C ASP A 61 25.82 30.10 -1.21
N TYR A 62 26.02 30.18 -2.51
CA TYR A 62 27.07 29.42 -3.19
C TYR A 62 28.32 30.28 -3.28
N GLY A 63 29.37 29.87 -2.57
CA GLY A 63 30.60 30.64 -2.52
C GLY A 63 31.45 30.40 -3.75
N PRO A 64 32.73 30.78 -3.67
CA PRO A 64 33.64 30.53 -4.80
C PRO A 64 33.73 29.04 -5.10
N ASN A 65 33.85 28.72 -6.39
CA ASN A 65 33.76 27.34 -6.88
C ASN A 65 32.38 26.83 -6.47
N GLY A 66 32.25 25.61 -5.94
CA GLY A 66 30.94 25.09 -5.59
C GLY A 66 30.64 25.12 -4.11
N VAL A 67 31.39 25.90 -3.35
CA VAL A 67 31.24 25.92 -1.90
C VAL A 67 29.88 26.51 -1.54
N LYS A 68 29.16 25.83 -0.64
CA LYS A 68 27.82 26.22 -0.24
C LYS A 68 27.73 26.28 1.28
N PHE A 69 27.04 27.29 1.79
CA PHE A 69 26.85 27.47 3.22
C PHE A 69 25.38 27.74 3.50
N ASN A 70 24.85 27.05 4.51
CA ASN A 70 23.49 27.28 4.99
C ASN A 70 23.56 28.09 6.27
N GLN A 71 22.72 29.12 6.34
CA GLN A 71 22.78 30.12 7.40
C GLN A 71 21.42 30.24 8.07
N HIS A 72 21.43 30.60 9.36
CA HIS A 72 20.19 30.78 10.10
C HIS A 72 19.37 31.93 9.51
N GLY A 73 18.05 31.84 9.69
CA GLY A 73 17.15 32.88 9.25
C GLY A 73 16.20 33.29 10.34
N PRO A 74 15.19 34.07 10.00
CA PRO A 74 14.20 34.49 11.00
C PRO A 74 13.37 33.32 11.52
N ILE A 75 12.91 33.45 12.75
CA ILE A 75 12.13 32.39 13.39
C ILE A 75 10.81 32.21 12.65
N ARG A 76 10.34 30.96 12.60
CA ARG A 76 9.04 30.64 12.04
C ARG A 76 7.99 30.74 13.15
N ASN A 77 7.03 31.66 12.98
CA ASN A 77 6.04 31.92 14.02
C ASN A 77 4.80 31.05 13.87
N SER A 78 4.16 31.13 12.71
CA SER A 78 2.84 30.52 12.52
C SER A 78 2.95 29.15 11.89
N GLY A 79 1.94 28.33 12.15
CA GLY A 79 1.89 26.97 11.65
C GLY A 79 0.52 26.38 11.90
N GLU A 80 0.44 25.06 11.80
CA GLU A 80 -0.80 24.33 12.04
C GLU A 80 -0.56 23.18 13.01
N ILE A 81 -1.61 22.85 13.76
CA ILE A 81 -1.59 21.75 14.71
C ILE A 81 -2.88 20.95 14.55
N GLN A 82 -2.76 19.63 14.48
CA GLN A 82 -3.91 18.76 14.32
C GLN A 82 -4.33 18.22 15.68
N VAL A 83 -5.61 18.42 16.01
CA VAL A 83 -6.18 17.99 17.28
C VAL A 83 -7.47 17.22 17.01
N GLN A 84 -7.61 16.07 17.66
CA GLN A 84 -8.80 15.25 17.54
C GLN A 84 -9.51 15.20 18.90
N CYS A 85 -10.82 15.33 18.87
CA CYS A 85 -11.64 15.31 20.07
C CYS A 85 -12.72 14.24 19.93
N VAL A 86 -13.23 13.78 21.06
CA VAL A 86 -14.36 12.86 21.06
C VAL A 86 -15.64 13.69 21.21
N GLU A 87 -16.76 13.11 20.79
CA GLU A 87 -18.03 13.82 20.76
C GLU A 87 -19.04 13.14 21.68
N THR A 88 -19.75 13.97 22.45
CA THR A 88 -20.80 13.50 23.34
C THR A 88 -22.17 13.63 22.68
N ILE A 89 -23.19 13.09 23.35
CA ILE A 89 -24.55 13.18 22.82
C ILE A 89 -25.22 14.49 23.13
N GLU A 90 -24.50 15.46 23.71
CA GLU A 90 -25.03 16.78 23.98
C GLU A 90 -24.39 17.86 23.10
N GLY A 91 -23.53 17.48 22.16
CA GLY A 91 -22.94 18.42 21.23
C GLY A 91 -22.05 19.47 21.84
N ASP A 92 -21.14 19.06 22.72
CA ASP A 92 -20.20 20.02 23.29
C ASP A 92 -19.24 20.56 22.23
N ILE A 93 -18.66 19.67 21.43
CA ILE A 93 -17.69 20.10 20.43
C ILE A 93 -18.38 20.88 19.32
N LEU A 94 -19.56 20.44 18.89
CA LEU A 94 -20.29 21.18 17.86
C LEU A 94 -20.66 22.57 18.33
N GLN A 95 -21.13 22.70 19.57
CA GLN A 95 -21.45 24.03 20.09
C GLN A 95 -20.20 24.89 20.20
N PHE A 96 -19.09 24.29 20.62
CA PHE A 96 -17.83 25.04 20.72
C PHE A 96 -17.41 25.57 19.36
N ILE A 97 -17.50 24.73 18.32
CA ILE A 97 -17.10 25.14 16.97
C ILE A 97 -18.05 26.19 16.43
N LYS A 98 -19.36 26.02 16.68
CA LYS A 98 -20.33 27.01 16.21
C LYS A 98 -20.07 28.36 16.85
N ASP A 99 -19.80 28.38 18.16
CA ASP A 99 -19.51 29.64 18.84
C ASP A 99 -18.22 30.26 18.31
N ARG A 100 -17.20 29.44 18.04
CA ARG A 100 -15.94 29.98 17.54
C ARG A 100 -16.12 30.59 16.16
N ILE A 101 -16.91 29.95 15.29
CA ILE A 101 -17.13 30.49 13.96
C ILE A 101 -17.99 31.75 14.01
N ALA A 102 -18.99 31.77 14.90
CA ALA A 102 -19.93 32.89 14.91
C ALA A 102 -19.24 34.20 15.24
N ALA A 103 -18.31 34.20 16.20
CA ALA A 103 -17.60 35.39 16.61
C ALA A 103 -16.10 35.19 16.39
N LYS A 104 -15.47 36.10 15.66
CA LYS A 104 -14.03 36.03 15.44
C LYS A 104 -13.29 36.23 16.75
N ASP A 105 -12.59 35.20 17.20
CA ASP A 105 -11.89 35.22 18.48
C ASP A 105 -10.48 34.67 18.29
N TYR A 106 -9.60 35.06 19.20
CA TYR A 106 -8.26 34.47 19.30
C TYR A 106 -8.10 33.88 20.69
N VAL A 107 -7.72 32.61 20.75
CA VAL A 107 -7.69 31.85 22.00
C VAL A 107 -6.27 31.36 22.24
N ASP A 108 -5.81 31.50 23.48
CA ASP A 108 -4.49 31.02 23.87
C ASP A 108 -4.57 29.57 24.34
N ILE A 109 -3.62 28.76 23.91
CA ILE A 109 -3.60 27.33 24.19
C ILE A 109 -2.30 26.98 24.88
N THR A 110 -2.40 26.22 25.98
CA THR A 110 -1.24 25.77 26.74
C THR A 110 -1.10 24.27 26.61
N MET A 111 0.09 23.82 26.23
CA MET A 111 0.40 22.40 26.06
C MET A 111 1.35 21.99 27.17
N ALA A 112 0.98 20.96 27.93
CA ALA A 112 1.77 20.52 29.06
C ALA A 112 1.76 19.00 29.15
N ALA A 113 2.78 18.46 29.82
CA ALA A 113 2.91 17.03 30.06
C ALA A 113 2.79 16.76 31.54
N THR A 114 1.91 15.85 31.92
CA THR A 114 1.58 15.56 33.32
C THR A 114 1.75 14.06 33.57
N PRO A 115 2.97 13.61 33.82
CA PRO A 115 3.17 12.19 34.15
C PRO A 115 2.61 11.86 35.52
N GLU A 116 2.28 10.57 35.70
CA GLU A 116 1.73 10.11 36.96
C GLU A 116 2.74 10.20 38.09
N SER A 117 4.03 9.99 37.79
CA SER A 117 5.05 10.01 38.82
C SER A 117 5.17 11.36 39.49
N LYS A 118 5.05 12.44 38.70
CA LYS A 118 5.16 13.80 39.23
C LYS A 118 3.75 14.34 39.42
N SER A 119 3.16 13.99 40.56
CA SER A 119 1.82 14.45 40.92
C SER A 119 1.64 14.33 42.42
N SER A 120 0.91 15.28 43.00
CA SER A 120 0.67 15.32 44.43
C SER A 120 -0.83 15.36 44.67
N GLY A 121 -1.33 14.41 45.44
CA GLY A 121 -2.76 14.35 45.69
C GLY A 121 -3.51 14.01 44.41
N VAL A 122 -4.66 14.65 44.24
CA VAL A 122 -5.50 14.43 43.07
C VAL A 122 -5.22 15.45 41.97
N ASN A 123 -4.20 16.28 42.14
CA ASN A 123 -3.90 17.36 41.20
C ASN A 123 -2.56 17.08 40.52
N ALA A 124 -2.54 17.23 39.20
CA ALA A 124 -1.30 17.11 38.45
C ALA A 124 -0.46 18.36 38.59
N VAL A 125 0.85 18.19 38.50
CA VAL A 125 1.79 19.30 38.58
C VAL A 125 2.64 19.28 37.31
N THR A 126 2.86 20.47 36.74
CA THR A 126 3.58 20.63 35.50
C THR A 126 4.96 21.21 35.74
N LYS A 127 5.84 21.03 34.77
CA LYS A 127 7.23 21.47 34.83
C LYS A 127 7.49 22.47 33.71
N ALA A 128 8.34 23.46 34.01
CA ALA A 128 8.61 24.51 33.03
C ALA A 128 9.34 23.98 31.80
N ALA A 129 10.14 22.92 31.96
CA ALA A 129 10.92 22.42 30.83
C ALA A 129 10.03 21.79 29.77
N THR A 130 8.96 21.10 30.19
CA THR A 130 8.10 20.37 29.27
C THR A 130 6.82 21.14 28.92
N THR A 131 6.74 22.41 29.28
CA THR A 131 5.55 23.22 29.03
C THR A 131 5.84 24.22 27.91
N ILE A 132 4.92 24.31 26.95
CA ILE A 132 5.03 25.24 25.85
C ILE A 132 3.67 25.93 25.69
N GLU A 133 3.68 27.11 25.07
CA GLU A 133 2.47 27.92 24.94
C GLU A 133 2.37 28.49 23.54
N MET A 134 1.13 28.63 23.08
CA MET A 134 0.83 29.25 21.79
C MET A 134 -0.18 30.35 22.00
N LEU A 135 0.00 31.47 21.30
CA LEU A 135 -0.82 32.66 21.49
C LEU A 135 -1.54 33.02 20.20
N ASP A 136 -2.72 33.65 20.36
CA ASP A 136 -3.51 34.16 19.25
C ASP A 136 -3.87 33.06 18.26
N CYS A 137 -4.42 31.95 18.77
CA CYS A 137 -4.74 30.81 17.92
C CYS A 137 -6.16 30.93 17.37
N LYS A 138 -6.36 30.34 16.20
CA LYS A 138 -7.67 30.24 15.56
C LYS A 138 -8.05 28.77 15.46
N ILE A 139 -9.26 28.44 15.90
CA ILE A 139 -9.74 27.06 15.93
C ILE A 139 -10.70 26.86 14.77
N TYR A 140 -10.39 25.88 13.91
CA TYR A 140 -11.20 25.55 12.75
C TYR A 140 -11.56 24.08 12.79
N SER A 141 -12.70 23.75 12.20
CA SER A 141 -13.19 22.38 12.17
C SER A 141 -12.82 21.71 10.85
N ASP A 142 -13.34 20.50 10.66
CA ASP A 142 -13.13 19.73 9.44
C ASP A 142 -14.39 18.91 9.18
N ALA A 143 -14.38 18.16 8.08
CA ALA A 143 -15.51 17.31 7.76
C ALA A 143 -15.58 16.15 8.75
N ILE A 144 -16.78 15.88 9.24
CA ILE A 144 -17.02 14.84 10.24
C ILE A 144 -17.80 13.72 9.57
N ASP A 145 -17.31 12.49 9.71
CA ASP A 145 -17.86 11.35 8.99
C ASP A 145 -18.85 10.59 9.86
N PHE A 146 -20.04 10.34 9.32
CA PHE A 146 -21.03 9.47 9.92
C PHE A 146 -21.30 8.31 8.97
N SER A 147 -21.46 7.12 9.54
CA SER A 147 -21.81 5.96 8.73
C SER A 147 -22.40 4.90 9.64
N THR A 148 -23.27 4.06 9.06
CA THR A 148 -23.74 2.86 9.74
C THR A 148 -22.61 1.83 9.69
N GLU A 149 -22.92 0.60 10.11
CA GLU A 149 -21.98 -0.53 10.14
C GLU A 149 -20.69 -0.20 10.88
N ASP A 150 -20.65 0.93 11.58
CA ASP A 150 -19.51 1.32 12.40
C ASP A 150 -19.94 1.30 13.86
N VAL A 151 -20.65 0.24 14.26
CA VAL A 151 -21.23 0.14 15.58
C VAL A 151 -20.18 0.14 16.68
N THR A 152 -18.94 -0.21 16.37
CA THR A 152 -17.88 -0.28 17.36
C THR A 152 -17.07 1.00 17.48
N ALA A 153 -17.43 2.05 16.73
CA ALA A 153 -16.67 3.28 16.71
C ALA A 153 -17.51 4.45 17.21
N ALA A 154 -16.83 5.48 17.69
CA ALA A 154 -17.44 6.71 18.15
C ALA A 154 -16.98 7.86 17.29
N VAL A 155 -17.88 8.85 17.11
CA VAL A 155 -17.59 9.97 16.23
C VAL A 155 -16.49 10.84 16.85
N ARG A 156 -15.49 11.19 16.04
CA ARG A 156 -14.34 11.96 16.50
C ARG A 156 -14.07 13.11 15.53
N PRO A 157 -14.51 14.32 15.86
CA PRO A 157 -14.20 15.46 15.01
C PRO A 157 -12.71 15.75 14.96
N SER A 158 -12.28 16.31 13.84
CA SER A 158 -10.90 16.72 13.64
C SER A 158 -10.82 18.25 13.62
N LEU A 159 -9.94 18.81 14.43
CA LEU A 159 -9.79 20.25 14.57
C LEU A 159 -8.44 20.68 14.04
N ARG A 160 -8.42 21.84 13.39
CA ARG A 160 -7.19 22.42 12.84
C ARG A 160 -6.97 23.78 13.49
N ILE A 161 -5.84 23.92 14.18
CA ILE A 161 -5.53 25.11 14.96
C ILE A 161 -4.28 25.75 14.40
N VAL A 162 -4.35 27.06 14.15
CA VAL A 162 -3.22 27.82 13.65
C VAL A 162 -2.79 28.82 14.72
N TYR A 163 -1.52 28.74 15.12
CA TYR A 163 -0.96 29.60 16.15
C TYR A 163 -0.16 30.72 15.51
N ASN A 164 0.09 31.78 16.27
CA ASN A 164 0.79 32.96 15.75
C ASN A 164 2.00 33.35 16.57
N TRP A 165 2.26 32.70 17.70
CA TRP A 165 3.47 32.94 18.47
C TRP A 165 3.65 31.80 19.46
N ILE A 166 4.89 31.35 19.60
CA ILE A 166 5.24 30.27 20.52
C ILE A 166 6.11 30.84 21.63
N GLU A 167 5.68 30.66 22.87
CA GLU A 167 6.35 31.25 24.02
C GLU A 167 6.61 30.20 25.08
N TRP A 168 7.78 30.31 25.71
CA TRP A 168 8.13 29.43 26.82
C TRP A 168 8.89 30.20 27.89
N GLY B 2 16.10 0.37 38.83
CA GLY B 2 16.71 0.97 37.67
C GLY B 2 16.34 2.43 37.51
N HIS B 3 15.05 2.73 37.58
CA HIS B 3 14.54 4.08 37.48
C HIS B 3 14.22 4.60 38.88
N ASN B 4 14.81 5.73 39.25
CA ASN B 4 14.67 6.27 40.59
C ASN B 4 13.55 7.31 40.70
N ASN B 5 12.91 7.69 39.59
CA ASN B 5 11.79 8.62 39.65
C ASN B 5 10.43 7.93 39.64
N THR B 6 10.39 6.61 39.57
CA THR B 6 9.11 5.91 39.56
C THR B 6 8.39 6.09 40.87
N LYS B 7 7.10 6.40 40.79
CA LYS B 7 6.26 6.52 41.97
C LYS B 7 4.82 6.30 41.56
N GLY B 8 4.10 5.51 42.36
CA GLY B 8 2.71 5.17 42.05
C GLY B 8 1.75 6.10 42.76
N ASN B 9 0.68 6.47 42.05
CA ASN B 9 -0.34 7.35 42.61
C ASN B 9 -1.65 7.03 41.90
N ARG B 10 -2.49 6.21 42.54
CA ARG B 10 -3.75 5.80 41.94
C ARG B 10 -4.93 6.69 42.35
N LYS B 11 -4.74 7.60 43.30
CA LYS B 11 -5.77 8.59 43.55
C LYS B 11 -5.90 9.56 42.39
N PHE B 12 -4.76 9.95 41.80
CA PHE B 12 -4.78 10.81 40.62
C PHE B 12 -5.47 10.12 39.44
N ILE B 13 -5.19 8.84 39.25
CA ILE B 13 -5.81 8.10 38.15
C ILE B 13 -7.31 7.95 38.39
N LYS B 14 -7.71 7.67 39.63
CA LYS B 14 -9.13 7.59 39.95
C LYS B 14 -9.83 8.92 39.71
N GLY B 15 -9.17 10.02 40.08
CA GLY B 15 -9.74 11.33 39.80
C GLY B 15 -9.91 11.59 38.32
N ARG B 16 -8.91 11.21 37.52
CA ARG B 16 -9.03 11.37 36.07
C ARG B 16 -10.17 10.53 35.52
N TYR B 17 -10.32 9.30 36.02
CA TYR B 17 -11.39 8.43 35.56
C TYR B 17 -12.76 9.03 35.88
N THR B 18 -12.94 9.52 37.10
CA THR B 18 -14.22 10.13 37.47
C THR B 18 -14.49 11.38 36.66
N ALA B 19 -13.47 12.21 36.44
CA ALA B 19 -13.66 13.43 35.66
C ALA B 19 -14.05 13.10 34.22
N ASN B 20 -13.41 12.10 33.62
CA ASN B 20 -13.76 11.72 32.25
C ASN B 20 -15.16 11.14 32.19
N ALA B 21 -15.54 10.30 33.16
CA ALA B 21 -16.86 9.69 33.16
C ALA B 21 -17.95 10.65 33.60
N ALA B 22 -17.60 11.84 34.08
CA ALA B 22 -18.61 12.81 34.52
C ALA B 22 -19.54 13.19 33.38
N LYS B 23 -19.01 13.37 32.17
CA LYS B 23 -19.85 13.68 31.04
C LYS B 23 -20.69 12.46 30.63
N GLY B 24 -21.75 12.71 29.88
CA GLY B 24 -22.79 11.71 29.70
C GLY B 24 -22.43 10.49 28.88
N GLU B 25 -22.28 10.65 27.57
CA GLU B 25 -22.10 9.52 26.67
C GLU B 25 -21.21 9.94 25.52
N ARG B 26 -20.94 8.99 24.63
CA ARG B 26 -20.23 9.25 23.39
C ARG B 26 -21.14 8.88 22.23
N LEU B 27 -21.31 9.79 21.29
CA LEU B 27 -22.20 9.56 20.16
C LEU B 27 -21.61 8.48 19.26
N VAL B 28 -22.38 7.41 19.02
CA VAL B 28 -21.96 6.38 18.09
C VAL B 28 -22.20 6.87 16.66
N SER B 29 -21.28 6.54 15.76
CA SER B 29 -21.32 7.08 14.41
C SER B 29 -22.46 6.53 13.57
N SER B 30 -23.19 5.54 14.07
CA SER B 30 -24.27 4.93 13.31
C SER B 30 -25.63 5.59 13.54
N GLU B 31 -25.69 6.67 14.32
CA GLU B 31 -26.96 7.29 14.69
C GLU B 31 -27.04 8.69 14.08
N PHE B 32 -27.82 8.81 13.02
CA PHE B 32 -28.03 10.08 12.33
C PHE B 32 -29.28 9.96 11.47
N LEU B 33 -29.60 11.04 10.74
CA LEU B 33 -30.77 11.06 9.89
C LEU B 33 -30.68 12.21 8.91
N LEU B 34 -31.00 11.96 7.64
CA LEU B 34 -31.09 12.98 6.61
C LEU B 34 -32.55 13.13 6.20
N THR B 35 -32.95 14.35 5.86
CA THR B 35 -34.36 14.67 5.62
C THR B 35 -34.70 14.90 4.15
N PHE B 36 -33.91 15.68 3.43
CA PHE B 36 -34.10 15.93 1.99
C PHE B 36 -35.39 16.69 1.68
N ALA B 37 -35.86 17.50 2.64
CA ALA B 37 -36.98 18.42 2.43
C ALA B 37 -38.23 17.63 2.03
N GLY B 38 -38.75 17.81 0.82
CA GLY B 38 -40.04 17.23 0.44
C GLY B 38 -40.01 15.75 0.11
N HIS B 39 -38.83 15.15 -0.04
CA HIS B 39 -38.72 13.72 -0.33
C HIS B 39 -38.25 13.01 0.95
N GLU B 40 -39.22 12.69 1.79
CA GLU B 40 -38.95 12.06 3.08
C GLU B 40 -39.01 10.54 3.04
N ASP B 41 -39.26 9.95 1.87
CA ASP B 41 -39.30 8.50 1.75
C ASP B 41 -37.94 7.88 1.49
N ILE B 42 -36.92 8.70 1.24
CA ILE B 42 -35.57 8.22 0.96
C ILE B 42 -34.69 8.22 2.21
N SER B 43 -35.16 8.83 3.30
CA SER B 43 -34.35 8.97 4.50
C SER B 43 -33.92 7.62 5.06
N VAL B 44 -34.67 6.56 4.77
CA VAL B 44 -34.34 5.24 5.28
C VAL B 44 -33.12 4.68 4.56
N LEU B 45 -32.97 4.97 3.27
CA LEU B 45 -31.99 4.30 2.44
C LEU B 45 -30.59 4.91 2.51
N VAL B 46 -30.37 5.97 3.28
CA VAL B 46 -29.05 6.56 3.37
C VAL B 46 -28.15 5.69 4.25
N ARG B 47 -26.87 5.61 3.89
CA ARG B 47 -25.92 4.77 4.60
C ARG B 47 -24.66 5.50 5.06
N THR B 48 -24.40 6.71 4.56
CA THR B 48 -23.21 7.45 4.94
C THR B 48 -23.48 8.93 4.72
N SER B 49 -23.00 9.77 5.63
CA SER B 49 -23.21 11.21 5.54
C SER B 49 -22.00 11.92 6.13
N GLN B 50 -22.09 13.24 6.20
CA GLN B 50 -20.98 14.07 6.65
C GLN B 50 -21.51 15.37 7.21
N ILE B 51 -20.62 16.10 7.88
CA ILE B 51 -20.90 17.45 8.39
C ILE B 51 -20.03 18.43 7.61
N PRO B 52 -20.56 19.61 7.26
CA PRO B 52 -19.76 20.58 6.50
C PRO B 52 -18.49 21.00 7.23
N GLU B 53 -17.65 21.73 6.51
CA GLU B 53 -16.29 22.00 6.97
C GLU B 53 -16.26 22.95 8.16
N MET B 54 -17.02 24.04 8.10
CA MET B 54 -17.04 25.08 9.14
C MET B 54 -15.65 25.68 9.34
N THR B 55 -15.20 26.36 8.29
CA THR B 55 -13.88 27.00 8.27
C THR B 55 -14.01 28.43 7.76
N ARG B 56 -12.90 29.14 7.76
CA ARG B 56 -12.80 30.49 7.22
C ARG B 56 -11.54 30.60 6.38
N GLU B 57 -11.54 31.57 5.46
CA GLU B 57 -10.33 31.87 4.71
C GLU B 57 -9.31 32.54 5.63
N ASP B 58 -8.04 32.42 5.28
CA ASP B 58 -6.96 32.98 6.08
C ASP B 58 -6.11 33.93 5.25
N VAL B 59 -5.72 35.04 5.86
CA VAL B 59 -4.95 36.09 5.21
C VAL B 59 -3.59 36.17 5.88
N GLU B 60 -2.53 36.05 5.09
CA GLU B 60 -1.16 36.03 5.61
C GLU B 60 -0.48 37.35 5.32
N ASP B 61 0.10 37.94 6.37
CA ASP B 61 0.84 39.20 6.24
C ASP B 61 2.19 39.05 6.93
N TYR B 62 3.25 39.44 6.24
CA TYR B 62 4.59 39.40 6.80
C TYR B 62 4.95 40.79 7.32
N GLY B 63 5.21 40.89 8.61
CA GLY B 63 5.52 42.15 9.23
C GLY B 63 6.99 42.51 9.12
N PRO B 64 7.44 43.46 9.94
CA PRO B 64 8.87 43.79 9.95
C PRO B 64 9.70 42.57 10.31
N ASN B 65 10.88 42.47 9.67
CA ASN B 65 11.72 41.28 9.73
C ASN B 65 10.88 40.13 9.17
N GLY B 66 10.84 38.97 9.82
CA GLY B 66 10.10 37.84 9.27
C GLY B 66 8.81 37.53 9.99
N VAL B 67 8.31 38.48 10.79
CA VAL B 67 7.13 38.23 11.61
C VAL B 67 5.92 38.02 10.71
N LYS B 68 5.16 36.98 10.99
CA LYS B 68 3.99 36.61 10.20
C LYS B 68 2.77 36.46 11.09
N PHE B 69 1.62 36.89 10.59
CA PHE B 69 0.34 36.80 11.29
C PHE B 69 -0.72 36.26 10.35
N ASN B 70 -1.53 35.34 10.85
CA ASN B 70 -2.69 34.82 10.11
C ASN B 70 -3.96 35.45 10.67
N GLN B 71 -4.81 35.94 9.78
CA GLN B 71 -5.98 36.72 10.13
C GLN B 71 -7.23 36.02 9.63
N HIS B 72 -8.32 36.16 10.38
CA HIS B 72 -9.60 35.62 9.96
C HIS B 72 -10.06 36.26 8.65
N GLY B 73 -10.71 35.45 7.82
CA GLY B 73 -11.24 35.94 6.57
C GLY B 73 -12.73 35.68 6.45
N PRO B 74 -13.27 35.85 5.25
CA PRO B 74 -14.70 35.60 5.04
C PRO B 74 -15.05 34.12 5.21
N ILE B 75 -16.29 33.88 5.63
CA ILE B 75 -16.75 32.52 5.85
C ILE B 75 -16.82 31.77 4.53
N ARG B 76 -16.56 30.46 4.60
CA ARG B 76 -16.67 29.59 3.43
C ARG B 76 -18.08 29.00 3.39
N ASN B 77 -18.81 29.28 2.32
CA ASN B 77 -20.22 28.90 2.23
C ASN B 77 -20.41 27.55 1.56
N SER B 78 -19.92 27.41 0.32
CA SER B 78 -20.22 26.25 -0.50
C SER B 78 -19.14 25.19 -0.39
N GLY B 79 -19.54 23.94 -0.52
CA GLY B 79 -18.61 22.82 -0.40
C GLY B 79 -19.21 21.59 -1.02
N GLU B 80 -18.67 20.43 -0.61
CA GLU B 80 -19.14 19.15 -1.10
C GLU B 80 -19.34 18.18 0.06
N ILE B 81 -20.30 17.28 -0.10
CA ILE B 81 -20.61 16.24 0.88
C ILE B 81 -20.82 14.94 0.14
N GLN B 82 -20.20 13.86 0.64
CA GLN B 82 -20.33 12.55 0.04
C GLN B 82 -21.38 11.74 0.80
N VAL B 83 -22.38 11.26 0.08
CA VAL B 83 -23.48 10.49 0.66
C VAL B 83 -23.64 9.20 -0.12
N GLN B 84 -23.73 8.08 0.61
CA GLN B 84 -23.92 6.76 0.02
C GLN B 84 -25.28 6.23 0.39
N CYS B 85 -25.95 5.62 -0.58
CA CYS B 85 -27.28 5.05 -0.38
C CYS B 85 -27.30 3.62 -0.89
N VAL B 86 -28.23 2.84 -0.36
CA VAL B 86 -28.45 1.49 -0.85
C VAL B 86 -29.53 1.55 -1.94
N GLU B 87 -29.58 0.51 -2.77
CA GLU B 87 -30.48 0.48 -3.91
C GLU B 87 -31.43 -0.70 -3.80
N THR B 88 -32.71 -0.43 -4.05
CA THR B 88 -33.75 -1.46 -4.04
C THR B 88 -33.99 -1.96 -5.46
N ILE B 89 -34.86 -2.98 -5.57
CA ILE B 89 -35.16 -3.56 -6.87
C ILE B 89 -36.25 -2.81 -7.61
N GLU B 90 -36.70 -1.67 -7.09
CA GLU B 90 -37.69 -0.84 -7.76
C GLU B 90 -37.13 0.50 -8.23
N GLY B 91 -35.82 0.69 -8.12
CA GLY B 91 -35.17 1.87 -8.65
C GLY B 91 -35.58 3.18 -8.00
N ASP B 92 -35.63 3.21 -6.68
CA ASP B 92 -35.98 4.45 -5.99
C ASP B 92 -34.89 5.50 -6.15
N ILE B 93 -33.64 5.12 -5.90
CA ILE B 93 -32.53 6.06 -6.01
C ILE B 93 -32.34 6.51 -7.46
N LEU B 94 -32.44 5.56 -8.41
CA LEU B 94 -32.30 5.93 -9.81
C LEU B 94 -33.40 6.87 -10.26
N GLN B 95 -34.64 6.61 -9.84
CA GLN B 95 -35.73 7.52 -10.21
C GLN B 95 -35.53 8.89 -9.58
N PHE B 96 -35.07 8.93 -8.34
CA PHE B 96 -34.82 10.20 -7.67
C PHE B 96 -33.75 11.00 -8.42
N ILE B 97 -32.66 10.34 -8.81
CA ILE B 97 -31.59 11.03 -9.52
C ILE B 97 -32.04 11.47 -10.90
N LYS B 98 -32.82 10.63 -11.60
CA LYS B 98 -33.34 11.01 -12.91
C LYS B 98 -34.22 12.24 -12.81
N ASP B 99 -35.11 12.27 -11.80
CA ASP B 99 -35.98 13.43 -11.63
C ASP B 99 -35.17 14.67 -11.30
N ARG B 100 -34.15 14.53 -10.45
CA ARG B 100 -33.36 15.70 -10.07
C ARG B 100 -32.58 16.26 -11.25
N ILE B 101 -32.06 15.38 -12.11
CA ILE B 101 -31.33 15.85 -13.29
C ILE B 101 -32.28 16.47 -14.31
N ALA B 102 -33.47 15.89 -14.46
CA ALA B 102 -34.39 16.34 -15.50
C ALA B 102 -34.82 17.78 -15.27
N ALA B 103 -35.11 18.15 -14.03
CA ALA B 103 -35.54 19.50 -13.68
C ALA B 103 -34.54 20.12 -12.72
N LYS B 104 -34.02 21.29 -13.08
CA LYS B 104 -33.11 22.00 -12.19
C LYS B 104 -33.83 22.42 -10.92
N ASP B 105 -33.36 21.92 -9.78
CA ASP B 105 -34.01 22.17 -8.51
C ASP B 105 -32.96 22.41 -7.44
N TYR B 106 -33.40 23.07 -6.37
CA TYR B 106 -32.58 23.27 -5.19
C TYR B 106 -33.34 22.73 -3.98
N VAL B 107 -32.71 21.84 -3.23
CA VAL B 107 -33.35 21.10 -2.15
C VAL B 107 -32.62 21.41 -0.85
N ASP B 108 -33.38 21.59 0.23
CA ASP B 108 -32.81 21.83 1.54
C ASP B 108 -32.63 20.51 2.28
N ILE B 109 -31.44 20.31 2.86
CA ILE B 109 -31.07 19.06 3.50
C ILE B 109 -30.79 19.33 4.97
N THR B 110 -31.39 18.52 5.84
CA THR B 110 -31.21 18.64 7.29
C THR B 110 -30.50 17.42 7.82
N MET B 111 -29.42 17.63 8.57
CA MET B 111 -28.65 16.57 9.20
C MET B 111 -28.78 16.69 10.71
N ALA B 112 -29.10 15.58 11.37
CA ALA B 112 -29.29 15.57 12.81
C ALA B 112 -28.90 14.22 13.36
N ALA B 113 -28.56 14.19 14.65
CA ALA B 113 -28.18 12.97 15.35
C ALA B 113 -29.31 12.54 16.27
N THR B 114 -29.70 11.27 16.18
CA THR B 114 -30.84 10.73 16.91
C THR B 114 -30.40 9.51 17.71
N PRO B 115 -29.77 9.72 18.87
CA PRO B 115 -29.37 8.59 19.71
C PRO B 115 -30.58 7.89 20.31
N GLU B 116 -30.38 6.61 20.63
CA GLU B 116 -31.46 5.83 21.24
C GLU B 116 -31.78 6.32 22.65
N SER B 117 -30.77 6.80 23.38
CA SER B 117 -31.00 7.22 24.77
C SER B 117 -31.97 8.39 24.85
N LYS B 118 -31.88 9.34 23.92
CA LYS B 118 -32.76 10.49 23.90
C LYS B 118 -33.87 10.25 22.87
N SER B 119 -34.88 9.51 23.31
CA SER B 119 -36.02 9.20 22.45
C SER B 119 -37.22 8.89 23.33
N SER B 120 -38.40 9.22 22.84
CA SER B 120 -39.65 8.98 23.56
C SER B 120 -40.58 8.19 22.66
N GLY B 121 -41.06 7.05 23.18
CA GLY B 121 -41.94 6.22 22.39
C GLY B 121 -41.22 5.67 21.16
N VAL B 122 -41.93 5.70 20.03
CA VAL B 122 -41.36 5.23 18.76
C VAL B 122 -40.78 6.35 17.93
N ASN B 123 -40.82 7.58 18.42
CA ASN B 123 -40.38 8.75 17.67
C ASN B 123 -39.06 9.25 18.24
N ALA B 124 -38.10 9.49 17.36
CA ALA B 124 -36.83 10.06 17.76
C ALA B 124 -36.97 11.56 17.97
N VAL B 125 -36.23 12.09 18.95
CA VAL B 125 -36.24 13.50 19.27
C VAL B 125 -34.83 14.04 19.09
N THR B 126 -34.73 15.22 18.48
CA THR B 126 -33.45 15.84 18.14
C THR B 126 -33.19 17.04 19.04
N LYS B 127 -31.91 17.40 19.14
CA LYS B 127 -31.45 18.50 19.97
C LYS B 127 -30.87 19.59 19.08
N ALA B 128 -31.07 20.85 19.49
CA ALA B 128 -30.63 21.97 18.67
C ALA B 128 -29.11 22.04 18.58
N ALA B 129 -28.40 21.54 19.59
CA ALA B 129 -26.94 21.63 19.58
C ALA B 129 -26.32 20.72 18.52
N THR B 130 -26.93 19.57 18.24
CA THR B 130 -26.38 18.59 17.31
C THR B 130 -27.08 18.61 15.95
N THR B 131 -27.85 19.65 15.66
CA THR B 131 -28.59 19.75 14.41
C THR B 131 -27.97 20.85 13.54
N ILE B 132 -27.75 20.52 12.26
CA ILE B 132 -27.20 21.47 11.30
C ILE B 132 -28.06 21.40 10.04
N GLU B 133 -28.05 22.48 9.26
CA GLU B 133 -28.88 22.58 8.08
C GLU B 133 -28.08 23.13 6.92
N MET B 134 -28.43 22.70 5.71
CA MET B 134 -27.80 23.14 4.48
C MET B 134 -28.88 23.51 3.48
N LEU B 135 -28.74 24.69 2.86
CA LEU B 135 -29.77 25.24 1.99
C LEU B 135 -29.28 25.33 0.55
N ASP B 136 -30.21 25.23 -0.39
CA ASP B 136 -29.94 25.37 -1.82
C ASP B 136 -28.92 24.35 -2.31
N CYS B 137 -29.22 23.08 -2.07
CA CYS B 137 -28.30 22.01 -2.43
C CYS B 137 -28.63 21.43 -3.80
N LYS B 138 -27.60 20.96 -4.49
CA LYS B 138 -27.72 20.27 -5.77
C LYS B 138 -27.25 18.83 -5.58
N ILE B 139 -28.05 17.88 -6.05
CA ILE B 139 -27.77 16.46 -5.89
C ILE B 139 -27.31 15.89 -7.21
N TYR B 140 -26.11 15.31 -7.21
CA TYR B 140 -25.50 14.71 -8.39
C TYR B 140 -25.07 13.29 -8.06
N SER B 141 -24.97 12.46 -9.09
CA SER B 141 -24.59 11.06 -8.94
C SER B 141 -23.21 10.81 -9.51
N ASP B 142 -22.68 9.63 -9.20
CA ASP B 142 -21.41 9.15 -9.73
C ASP B 142 -21.67 7.86 -10.49
N ALA B 143 -20.60 7.26 -11.01
CA ALA B 143 -20.71 6.00 -11.70
C ALA B 143 -21.07 4.88 -10.72
N ILE B 144 -21.97 4.00 -11.15
CA ILE B 144 -22.45 2.89 -10.33
C ILE B 144 -21.87 1.60 -10.91
N ASP B 145 -21.19 0.84 -10.07
CA ASP B 145 -20.45 -0.33 -10.51
C ASP B 145 -21.31 -1.58 -10.37
N PHE B 146 -21.49 -2.30 -11.48
CA PHE B 146 -22.11 -3.61 -11.50
C PHE B 146 -21.07 -4.65 -11.90
N SER B 147 -21.09 -5.79 -11.22
CA SER B 147 -20.16 -6.86 -11.56
C SER B 147 -20.73 -8.18 -11.05
N THR B 148 -20.42 -9.24 -11.79
CA THR B 148 -20.71 -10.59 -11.31
C THR B 148 -19.69 -10.93 -10.23
N GLU B 149 -19.70 -12.19 -9.78
CA GLU B 149 -18.82 -12.71 -8.73
C GLU B 149 -18.74 -11.78 -7.51
N ASP B 150 -19.77 -10.95 -7.33
CA ASP B 150 -19.92 -10.12 -6.14
C ASP B 150 -21.22 -10.50 -5.45
N VAL B 151 -21.44 -11.81 -5.30
CA VAL B 151 -22.71 -12.32 -4.82
C VAL B 151 -23.02 -11.89 -3.39
N THR B 152 -22.00 -11.54 -2.61
CA THR B 152 -22.20 -11.15 -1.23
C THR B 152 -22.38 -9.64 -1.04
N ALA B 153 -22.39 -8.87 -2.11
CA ALA B 153 -22.48 -7.42 -2.03
C ALA B 153 -23.77 -6.91 -2.65
N ALA B 154 -24.16 -5.71 -2.22
CA ALA B 154 -25.34 -5.04 -2.74
C ALA B 154 -24.93 -3.72 -3.37
N VAL B 155 -25.62 -3.34 -4.44
CA VAL B 155 -25.25 -2.15 -5.19
C VAL B 155 -25.54 -0.90 -4.36
N ARG B 156 -24.56 0.01 -4.32
CA ARG B 156 -24.63 1.21 -3.49
C ARG B 156 -24.21 2.43 -4.30
N PRO B 157 -25.16 3.22 -4.80
CA PRO B 157 -24.80 4.45 -5.50
C PRO B 157 -24.10 5.45 -4.60
N SER B 158 -23.23 6.26 -5.20
CA SER B 158 -22.54 7.34 -4.50
C SER B 158 -23.08 8.67 -4.99
N LEU B 159 -23.50 9.51 -4.05
CA LEU B 159 -24.10 10.80 -4.35
C LEU B 159 -23.17 11.93 -3.92
N ARG B 160 -23.11 12.99 -4.73
CA ARG B 160 -22.31 14.17 -4.42
C ARG B 160 -23.24 15.36 -4.30
N ILE B 161 -23.25 16.00 -3.14
CA ILE B 161 -24.16 17.09 -2.83
C ILE B 161 -23.35 18.35 -2.56
N VAL B 162 -23.71 19.44 -3.21
CA VAL B 162 -23.06 20.73 -3.03
C VAL B 162 -24.05 21.69 -2.38
N TYR B 163 -23.68 22.20 -1.21
CA TYR B 163 -24.50 23.14 -0.45
C TYR B 163 -24.01 24.56 -0.70
N ASN B 164 -24.87 25.53 -0.39
CA ASN B 164 -24.55 26.94 -0.61
C ASN B 164 -24.67 27.80 0.63
N TRP B 165 -25.22 27.27 1.72
CA TRP B 165 -25.28 28.01 2.97
C TRP B 165 -25.47 27.03 4.11
N ILE B 166 -24.81 27.30 5.23
CA ILE B 166 -24.89 26.46 6.43
C ILE B 166 -25.52 27.29 7.54
N GLU B 167 -26.60 26.77 8.12
CA GLU B 167 -27.36 27.51 9.12
C GLU B 167 -27.60 26.65 10.35
N TRP B 168 -27.59 27.30 11.51
CA TRP B 168 -27.89 26.63 12.76
C TRP B 168 -28.61 27.58 13.71
N GLY C 2 -21.61 4.77 36.06
CA GLY C 2 -20.64 5.45 35.22
C GLY C 2 -21.24 6.56 34.41
N HIS C 3 -22.04 6.19 33.40
CA HIS C 3 -22.73 7.14 32.56
C HIS C 3 -24.17 7.27 33.04
N ASN C 4 -24.56 8.49 33.41
CA ASN C 4 -25.90 8.73 33.93
C ASN C 4 -26.91 9.08 32.85
N ASN C 5 -26.48 9.19 31.60
CA ASN C 5 -27.38 9.50 30.49
C ASN C 5 -27.97 8.26 29.84
N THR C 6 -27.49 7.07 30.19
CA THR C 6 -27.91 5.87 29.49
C THR C 6 -29.36 5.53 29.78
N LYS C 7 -30.09 5.13 28.74
CA LYS C 7 -31.45 4.64 28.89
C LYS C 7 -31.77 3.76 27.69
N GLY C 8 -32.39 2.61 27.96
CA GLY C 8 -32.71 1.67 26.90
C GLY C 8 -34.13 1.88 26.39
N ASN C 9 -34.31 1.68 25.09
CA ASN C 9 -35.61 1.83 24.46
C ASN C 9 -35.62 0.97 23.21
N ARG C 10 -36.22 -0.22 23.30
CA ARG C 10 -36.22 -1.16 22.19
C ARG C 10 -37.46 -1.05 21.31
N LYS C 11 -38.48 -0.29 21.72
CA LYS C 11 -39.60 -0.01 20.83
C LYS C 11 -39.16 0.86 19.66
N PHE C 12 -38.31 1.84 19.93
CA PHE C 12 -37.78 2.69 18.86
C PHE C 12 -36.96 1.89 17.87
N ILE C 13 -36.13 0.95 18.36
CA ILE C 13 -35.32 0.13 17.48
C ILE C 13 -36.21 -0.80 16.66
N LYS C 14 -37.25 -1.35 17.27
CA LYS C 14 -38.19 -2.18 16.51
C LYS C 14 -38.89 -1.38 15.42
N GLY C 15 -39.27 -0.14 15.73
CA GLY C 15 -39.86 0.71 14.72
C GLY C 15 -38.91 0.98 13.56
N ARG C 16 -37.64 1.25 13.87
CA ARG C 16 -36.66 1.46 12.81
C ARG C 16 -36.48 0.20 11.96
N TYR C 17 -36.46 -0.97 12.61
CA TYR C 17 -36.31 -2.22 11.87
C TYR C 17 -37.48 -2.44 10.93
N THR C 18 -38.71 -2.23 11.40
CA THR C 18 -39.87 -2.40 10.53
C THR C 18 -39.87 -1.38 9.40
N ALA C 19 -39.48 -0.13 9.69
CA ALA C 19 -39.45 0.89 8.65
C ALA C 19 -38.44 0.54 7.56
N ASN C 20 -37.26 0.05 7.96
CA ASN C 20 -36.27 -0.36 6.96
C ASN C 20 -36.76 -1.56 6.17
N ALA C 21 -37.38 -2.54 6.83
CA ALA C 21 -37.87 -3.73 6.14
C ALA C 21 -39.11 -3.46 5.32
N ALA C 22 -39.73 -2.29 5.45
CA ALA C 22 -40.95 -1.99 4.71
C ALA C 22 -40.70 -2.02 3.20
N LYS C 23 -39.57 -1.48 2.76
CA LYS C 23 -39.23 -1.53 1.34
C LYS C 23 -38.86 -2.95 0.93
N GLY C 24 -38.92 -3.21 -0.37
CA GLY C 24 -38.92 -4.57 -0.86
C GLY C 24 -37.64 -5.37 -0.67
N GLU C 25 -36.60 -5.06 -1.43
CA GLU C 25 -35.35 -5.79 -1.35
C GLU C 25 -34.20 -4.85 -1.64
N ARG C 26 -33.00 -5.42 -1.71
CA ARG C 26 -31.81 -4.72 -2.14
C ARG C 26 -31.26 -5.40 -3.38
N LEU C 27 -30.99 -4.62 -4.41
CA LEU C 27 -30.51 -5.16 -5.68
C LEU C 27 -29.11 -5.71 -5.49
N VAL C 28 -28.89 -6.94 -5.94
CA VAL C 28 -27.56 -7.54 -5.89
C VAL C 28 -26.77 -7.10 -7.11
N SER C 29 -25.48 -6.83 -6.92
CA SER C 29 -24.66 -6.27 -7.98
C SER C 29 -24.37 -7.25 -9.11
N SER C 30 -24.70 -8.52 -8.95
CA SER C 30 -24.42 -9.53 -9.96
C SER C 30 -25.54 -9.69 -10.98
N GLU C 31 -26.58 -8.86 -10.93
CA GLU C 31 -27.76 -9.02 -11.77
C GLU C 31 -27.88 -7.82 -12.69
N PHE C 32 -27.53 -8.00 -13.97
CA PHE C 32 -27.63 -6.95 -14.97
C PHE C 32 -27.60 -7.60 -16.34
N LEU C 33 -27.60 -6.78 -17.39
CA LEU C 33 -27.59 -7.28 -18.76
C LEU C 33 -27.24 -6.14 -19.70
N LEU C 34 -26.40 -6.43 -20.70
CA LEU C 34 -26.08 -5.52 -21.78
C LEU C 34 -26.52 -6.12 -23.10
N THR C 35 -26.92 -5.28 -24.05
CA THR C 35 -27.51 -5.76 -25.30
C THR C 35 -26.63 -5.56 -26.53
N PHE C 36 -26.01 -4.38 -26.67
CA PHE C 36 -25.12 -4.07 -27.79
C PHE C 36 -25.85 -4.05 -29.13
N ALA C 37 -27.13 -3.69 -29.13
CA ALA C 37 -27.93 -3.45 -30.34
C ALA C 37 -27.95 -4.72 -31.18
N GLY C 38 -27.43 -4.71 -32.41
CA GLY C 38 -27.60 -5.83 -33.33
C GLY C 38 -26.76 -7.05 -33.02
N HIS C 39 -25.80 -6.93 -32.11
CA HIS C 39 -24.95 -8.06 -31.73
C HIS C 39 -25.39 -8.54 -30.35
N GLU C 40 -26.40 -9.40 -30.32
CA GLU C 40 -26.97 -9.90 -29.08
C GLU C 40 -26.35 -11.20 -28.62
N ASP C 41 -25.39 -11.75 -29.36
CA ASP C 41 -24.75 -13.01 -28.98
C ASP C 41 -23.60 -12.81 -28.00
N ILE C 42 -23.24 -11.57 -27.68
CA ILE C 42 -22.13 -11.28 -26.79
C ILE C 42 -22.61 -10.95 -25.37
N SER C 43 -23.92 -10.81 -25.18
CA SER C 43 -24.45 -10.42 -23.88
C SER C 43 -24.07 -11.41 -22.79
N VAL C 44 -23.82 -12.66 -23.15
CA VAL C 44 -23.47 -13.66 -22.15
C VAL C 44 -22.08 -13.40 -21.57
N LEU C 45 -21.14 -12.98 -22.42
CA LEU C 45 -19.73 -12.94 -22.03
C LEU C 45 -19.35 -11.71 -21.21
N VAL C 46 -20.25 -10.77 -20.97
CA VAL C 46 -19.89 -9.61 -20.17
C VAL C 46 -19.75 -10.01 -18.71
N ARG C 47 -18.85 -9.31 -18.00
CA ARG C 47 -18.54 -9.63 -16.61
C ARG C 47 -18.52 -8.41 -15.70
N THR C 48 -18.49 -7.20 -16.23
CA THR C 48 -18.50 -5.98 -15.42
C THR C 48 -19.06 -4.85 -16.28
N SER C 49 -19.86 -3.99 -15.66
CA SER C 49 -20.45 -2.86 -16.36
C SER C 49 -20.61 -1.71 -15.37
N GLN C 50 -21.18 -0.60 -15.86
CA GLN C 50 -21.33 0.60 -15.06
C GLN C 50 -22.56 1.36 -15.49
N ILE C 51 -22.89 2.38 -14.71
CA ILE C 51 -23.95 3.34 -15.03
C ILE C 51 -23.29 4.69 -15.26
N PRO C 52 -23.72 5.46 -16.26
CA PRO C 52 -23.07 6.75 -16.55
C PRO C 52 -23.11 7.72 -15.38
N GLU C 53 -22.35 8.81 -15.53
CA GLU C 53 -22.08 9.70 -14.40
C GLU C 53 -23.35 10.41 -13.91
N MET C 54 -24.16 10.93 -14.83
CA MET C 54 -25.40 11.64 -14.50
C MET C 54 -25.12 12.86 -13.63
N THR C 55 -24.46 13.85 -14.23
CA THR C 55 -24.09 15.07 -13.52
C THR C 55 -24.34 16.28 -14.41
N ARG C 56 -24.01 17.45 -13.88
CA ARG C 56 -24.09 18.71 -14.62
C ARG C 56 -22.83 19.51 -14.35
N GLU C 57 -22.52 20.42 -15.27
CA GLU C 57 -21.44 21.37 -15.03
C GLU C 57 -21.88 22.38 -13.96
N ASP C 58 -20.90 22.97 -13.28
CA ASP C 58 -21.19 23.92 -12.22
C ASP C 58 -20.50 25.26 -12.49
N VAL C 59 -21.19 26.33 -12.15
CA VAL C 59 -20.74 27.70 -12.40
C VAL C 59 -20.58 28.41 -11.06
N GLU C 60 -19.39 28.94 -10.81
CA GLU C 60 -19.08 29.56 -9.53
C GLU C 60 -19.05 31.08 -9.69
N ASP C 61 -19.73 31.77 -8.79
CA ASP C 61 -19.76 33.22 -8.78
C ASP C 61 -19.56 33.72 -7.36
N TYR C 62 -18.67 34.69 -7.19
CA TYR C 62 -18.41 35.28 -5.88
C TYR C 62 -19.17 36.60 -5.76
N GLY C 63 -20.11 36.66 -4.82
CA GLY C 63 -20.91 37.84 -4.62
C GLY C 63 -20.20 38.89 -3.80
N PRO C 64 -20.95 39.85 -3.29
CA PRO C 64 -20.35 40.88 -2.43
C PRO C 64 -19.71 40.25 -1.20
N ASN C 65 -18.60 40.84 -0.76
CA ASN C 65 -17.74 40.26 0.27
C ASN C 65 -17.27 38.91 -0.27
N GLY C 66 -17.35 37.83 0.50
CA GLY C 66 -16.86 36.55 0.01
C GLY C 66 -17.95 35.54 -0.26
N VAL C 67 -19.18 36.02 -0.46
CA VAL C 67 -20.31 35.12 -0.66
C VAL C 67 -20.17 34.41 -2.00
N LYS C 68 -20.34 33.10 -2.00
CA LYS C 68 -20.16 32.27 -3.17
C LYS C 68 -21.42 31.44 -3.43
N PHE C 69 -21.76 31.28 -4.71
CA PHE C 69 -22.91 30.49 -5.11
C PHE C 69 -22.52 29.55 -6.24
N ASN C 70 -22.97 28.31 -6.14
CA ASN C 70 -22.81 27.31 -7.19
C ASN C 70 -24.13 27.13 -7.92
N GLN C 71 -24.10 27.18 -9.25
CA GLN C 71 -25.29 27.20 -10.06
C GLN C 71 -25.26 26.06 -11.06
N HIS C 72 -26.44 25.54 -11.39
CA HIS C 72 -26.54 24.46 -12.37
C HIS C 72 -26.04 24.92 -13.73
N GLY C 73 -25.44 23.99 -14.48
CA GLY C 73 -24.97 24.27 -15.80
C GLY C 73 -25.51 23.29 -16.82
N PRO C 74 -24.91 23.27 -18.01
CA PRO C 74 -25.37 22.34 -19.05
C PRO C 74 -25.11 20.89 -18.68
N ILE C 75 -25.95 20.01 -19.21
CA ILE C 75 -25.83 18.58 -18.93
C ILE C 75 -24.54 18.05 -19.54
N ARG C 76 -24.02 16.97 -18.97
CA ARG C 76 -22.86 16.28 -19.50
C ARG C 76 -23.34 15.09 -20.33
N ASN C 77 -23.02 15.10 -21.63
CA ASN C 77 -23.50 14.08 -22.54
C ASN C 77 -22.53 12.90 -22.63
N SER C 78 -21.27 13.17 -22.91
CA SER C 78 -20.31 12.12 -23.23
C SER C 78 -19.47 11.76 -22.01
N GLY C 79 -18.99 10.51 -22.02
CA GLY C 79 -18.20 9.99 -20.92
C GLY C 79 -17.59 8.67 -21.33
N GLU C 80 -17.09 7.94 -20.34
CA GLU C 80 -16.51 6.63 -20.56
C GLU C 80 -17.10 5.60 -19.60
N ILE C 81 -17.14 4.36 -20.05
CA ILE C 81 -17.64 3.24 -19.24
C ILE C 81 -16.65 2.08 -19.40
N GLN C 82 -16.28 1.47 -18.28
CA GLN C 82 -15.36 0.34 -18.28
C GLN C 82 -16.14 -0.96 -18.25
N VAL C 83 -15.92 -1.80 -19.26
CA VAL C 83 -16.61 -3.07 -19.40
C VAL C 83 -15.58 -4.17 -19.59
N GLN C 84 -15.75 -5.26 -18.85
CA GLN C 84 -14.85 -6.41 -18.93
C GLN C 84 -15.62 -7.61 -19.44
N CYS C 85 -14.99 -8.36 -20.36
CA CYS C 85 -15.60 -9.51 -20.97
C CYS C 85 -14.70 -10.72 -20.80
N VAL C 86 -15.29 -11.91 -20.81
CA VAL C 86 -14.52 -13.14 -20.78
C VAL C 86 -14.23 -13.56 -22.22
N GLU C 87 -13.20 -14.38 -22.40
CA GLU C 87 -12.72 -14.75 -23.72
C GLU C 87 -12.83 -16.25 -23.92
N THR C 88 -13.35 -16.66 -25.08
CA THR C 88 -13.48 -18.06 -25.44
C THR C 88 -12.34 -18.47 -26.36
N ILE C 89 -12.24 -19.79 -26.62
CA ILE C 89 -11.19 -20.31 -27.48
C ILE C 89 -11.49 -20.14 -28.95
N GLU C 90 -12.60 -19.49 -29.31
CA GLU C 90 -12.93 -19.19 -30.69
C GLU C 90 -12.84 -17.71 -31.03
N GLY C 91 -12.39 -16.88 -30.09
CA GLY C 91 -12.14 -15.47 -30.35
C GLY C 91 -13.35 -14.64 -30.72
N ASP C 92 -14.45 -14.80 -29.98
CA ASP C 92 -15.62 -13.97 -30.22
C ASP C 92 -15.33 -12.51 -29.93
N ILE C 93 -14.70 -12.23 -28.80
CA ILE C 93 -14.42 -10.84 -28.41
C ILE C 93 -13.39 -10.22 -29.34
N LEU C 94 -12.33 -10.97 -29.66
CA LEU C 94 -11.32 -10.43 -30.59
C LEU C 94 -11.91 -10.16 -31.96
N GLN C 95 -12.74 -11.07 -32.48
CA GLN C 95 -13.35 -10.83 -33.77
C GLN C 95 -14.29 -9.63 -33.73
N PHE C 96 -15.03 -9.49 -32.63
CA PHE C 96 -15.92 -8.35 -32.48
C PHE C 96 -15.14 -7.04 -32.49
N ILE C 97 -14.03 -6.99 -31.75
CA ILE C 97 -13.23 -5.77 -31.70
C ILE C 97 -12.57 -5.49 -33.04
N LYS C 98 -12.09 -6.53 -33.72
CA LYS C 98 -11.50 -6.34 -35.04
C LYS C 98 -12.52 -5.77 -36.02
N ASP C 99 -13.74 -6.31 -36.01
CA ASP C 99 -14.78 -5.82 -36.91
C ASP C 99 -15.15 -4.38 -36.57
N ARG C 100 -15.20 -4.04 -35.27
CA ARG C 100 -15.55 -2.69 -34.88
C ARG C 100 -14.47 -1.70 -35.30
N ILE C 101 -13.21 -2.09 -35.20
CA ILE C 101 -12.12 -1.19 -35.61
C ILE C 101 -12.09 -1.03 -37.12
N ALA C 102 -12.32 -2.13 -37.85
CA ALA C 102 -12.20 -2.08 -39.31
C ALA C 102 -13.19 -1.10 -39.93
N ALA C 103 -14.43 -1.09 -39.45
CA ALA C 103 -15.47 -0.21 -39.98
C ALA C 103 -15.91 0.75 -38.88
N LYS C 104 -15.83 2.05 -39.15
CA LYS C 104 -16.30 3.04 -38.19
C LYS C 104 -17.79 2.89 -38.00
N ASP C 105 -18.21 2.60 -36.77
CA ASP C 105 -19.61 2.34 -36.48
C ASP C 105 -19.98 2.99 -35.16
N TYR C 106 -21.28 3.24 -34.99
CA TYR C 106 -21.84 3.70 -33.73
C TYR C 106 -22.93 2.73 -33.31
N VAL C 107 -22.85 2.25 -32.08
CA VAL C 107 -23.72 1.18 -31.59
C VAL C 107 -24.48 1.70 -30.36
N ASP C 108 -25.76 1.38 -30.29
CA ASP C 108 -26.59 1.74 -29.14
C ASP C 108 -26.54 0.63 -28.10
N ILE C 109 -26.28 1.00 -26.86
CA ILE C 109 -26.07 0.05 -25.77
C ILE C 109 -27.10 0.30 -24.69
N THR C 110 -27.78 -0.77 -24.27
CA THR C 110 -28.81 -0.70 -23.23
C THR C 110 -28.37 -1.49 -22.02
N MET C 111 -28.46 -0.87 -20.84
CA MET C 111 -28.14 -1.50 -19.58
C MET C 111 -29.41 -1.62 -18.74
N ALA C 112 -29.70 -2.81 -18.26
CA ALA C 112 -30.91 -3.06 -17.48
C ALA C 112 -30.60 -3.99 -16.32
N ALA C 113 -31.45 -3.92 -15.30
CA ALA C 113 -31.33 -4.77 -14.13
C ALA C 113 -32.41 -5.84 -14.17
N THR C 114 -32.00 -7.10 -14.03
CA THR C 114 -32.90 -8.25 -14.17
C THR C 114 -32.82 -9.11 -12.93
N PRO C 115 -33.49 -8.72 -11.85
CA PRO C 115 -33.48 -9.54 -10.64
C PRO C 115 -34.26 -10.83 -10.85
N GLU C 116 -33.90 -11.85 -10.07
CA GLU C 116 -34.56 -13.15 -10.18
C GLU C 116 -36.00 -13.10 -9.66
N SER C 117 -36.27 -12.22 -8.70
CA SER C 117 -37.61 -12.15 -8.12
C SER C 117 -38.64 -11.72 -9.16
N LYS C 118 -38.30 -10.75 -9.99
CA LYS C 118 -39.20 -10.23 -11.02
C LYS C 118 -38.84 -10.90 -12.34
N SER C 119 -39.40 -12.09 -12.55
CA SER C 119 -39.17 -12.83 -13.78
C SER C 119 -40.28 -13.86 -13.94
N SER C 120 -40.72 -14.05 -15.18
CA SER C 120 -41.77 -14.99 -15.50
C SER C 120 -41.25 -15.99 -16.52
N GLY C 121 -41.40 -17.28 -16.22
CA GLY C 121 -40.87 -18.30 -17.10
C GLY C 121 -39.35 -18.27 -17.13
N VAL C 122 -38.78 -18.55 -18.29
CA VAL C 122 -37.34 -18.55 -18.46
C VAL C 122 -36.87 -17.21 -18.98
N ASN C 123 -37.79 -16.25 -19.05
CA ASN C 123 -37.52 -14.93 -19.62
C ASN C 123 -37.52 -13.89 -18.51
N ALA C 124 -36.49 -13.06 -18.48
CA ALA C 124 -36.42 -11.97 -17.52
C ALA C 124 -37.26 -10.79 -18.00
N VAL C 125 -37.76 -10.02 -17.06
CA VAL C 125 -38.55 -8.82 -17.35
C VAL C 125 -37.85 -7.62 -16.72
N THR C 126 -37.80 -6.52 -17.46
CA THR C 126 -37.13 -5.31 -17.02
C THR C 126 -38.14 -4.24 -16.63
N LYS C 127 -37.67 -3.28 -15.84
CA LYS C 127 -38.50 -2.19 -15.33
C LYS C 127 -37.99 -0.87 -15.87
N ALA C 128 -38.91 0.04 -16.16
CA ALA C 128 -38.53 1.33 -16.74
C ALA C 128 -37.71 2.17 -15.77
N ALA C 129 -37.92 1.99 -14.46
CA ALA C 129 -37.18 2.80 -13.49
C ALA C 129 -35.71 2.42 -13.44
N THR C 130 -35.39 1.15 -13.63
CA THR C 130 -34.02 0.66 -13.50
C THR C 130 -33.32 0.47 -14.84
N THR C 131 -33.90 0.97 -15.92
CA THR C 131 -33.35 0.81 -17.26
C THR C 131 -32.84 2.15 -17.78
N ILE C 132 -31.62 2.15 -18.32
CA ILE C 132 -31.03 3.33 -18.92
C ILE C 132 -30.45 2.93 -20.27
N GLU C 133 -30.30 3.93 -21.16
CA GLU C 133 -29.86 3.67 -22.52
C GLU C 133 -28.77 4.67 -22.90
N MET C 134 -27.84 4.20 -23.73
CA MET C 134 -26.75 5.02 -24.25
C MET C 134 -26.77 4.96 -25.77
N LEU C 135 -26.62 6.10 -26.41
CA LEU C 135 -26.73 6.21 -27.86
C LEU C 135 -25.41 6.67 -28.47
N ASP C 136 -25.14 6.18 -29.68
CA ASP C 136 -23.96 6.59 -30.46
C ASP C 136 -22.66 6.28 -29.70
N CYS C 137 -22.47 5.02 -29.36
CA CYS C 137 -21.32 4.60 -28.57
C CYS C 137 -20.21 4.07 -29.47
N LYS C 138 -18.97 4.27 -29.04
CA LYS C 138 -17.79 3.74 -29.69
C LYS C 138 -17.10 2.75 -28.77
N ILE C 139 -16.79 1.57 -29.29
CA ILE C 139 -16.22 0.48 -28.49
C ILE C 139 -14.74 0.35 -28.85
N TYR C 140 -13.88 0.50 -27.85
CA TYR C 140 -12.44 0.38 -28.00
C TYR C 140 -11.92 -0.66 -27.04
N SER C 141 -10.76 -1.23 -27.38
CA SER C 141 -10.12 -2.25 -26.56
C SER C 141 -8.92 -1.68 -25.82
N ASP C 142 -8.43 -2.45 -24.86
CA ASP C 142 -7.20 -2.15 -24.13
C ASP C 142 -6.21 -3.30 -24.34
N ALA C 143 -5.07 -3.19 -23.68
CA ALA C 143 -4.07 -4.25 -23.75
C ALA C 143 -4.57 -5.50 -23.05
N ILE C 144 -4.34 -6.66 -23.66
CA ILE C 144 -4.75 -7.95 -23.14
C ILE C 144 -3.52 -8.69 -22.66
N ASP C 145 -3.54 -9.14 -21.41
CA ASP C 145 -2.36 -9.72 -20.77
C ASP C 145 -2.41 -11.24 -20.87
N PHE C 146 -1.36 -11.81 -21.45
CA PHE C 146 -1.14 -13.25 -21.47
C PHE C 146 0.13 -13.56 -20.68
N SER C 147 0.08 -14.63 -19.88
CA SER C 147 1.26 -15.01 -19.12
C SER C 147 1.12 -16.46 -18.68
N THR C 148 2.25 -17.12 -18.50
CA THR C 148 2.27 -18.45 -17.89
C THR C 148 2.01 -18.28 -16.40
N GLU C 149 2.18 -19.37 -15.64
CA GLU C 149 2.00 -19.48 -14.20
C GLU C 149 0.66 -18.94 -13.72
N ASP C 150 -0.28 -18.66 -14.63
CA ASP C 150 -1.61 -18.20 -14.26
C ASP C 150 -2.61 -19.28 -14.65
N VAL C 151 -2.28 -20.53 -14.32
CA VAL C 151 -3.08 -21.67 -14.74
C VAL C 151 -4.49 -21.64 -14.18
N THR C 152 -4.71 -20.89 -13.10
CA THR C 152 -6.03 -20.81 -12.48
C THR C 152 -6.87 -19.64 -12.98
N ALA C 153 -6.37 -18.87 -13.94
CA ALA C 153 -7.07 -17.69 -14.42
C ALA C 153 -7.41 -17.81 -15.90
N ALA C 154 -8.51 -17.17 -16.28
CA ALA C 154 -8.94 -17.11 -17.67
C ALA C 154 -8.81 -15.68 -18.17
N VAL C 155 -8.41 -15.53 -19.43
CA VAL C 155 -8.08 -14.22 -19.96
C VAL C 155 -9.34 -13.37 -20.08
N ARG C 156 -9.27 -12.13 -19.60
CA ARG C 156 -10.41 -11.22 -19.56
C ARG C 156 -10.05 -9.88 -20.19
N PRO C 157 -10.36 -9.67 -21.46
CA PRO C 157 -10.10 -8.37 -22.08
C PRO C 157 -10.91 -7.25 -21.44
N SER C 158 -10.34 -6.05 -21.46
CA SER C 158 -10.99 -4.86 -20.94
C SER C 158 -11.40 -3.96 -22.10
N LEU C 159 -12.66 -3.52 -22.08
CA LEU C 159 -13.21 -2.68 -23.13
C LEU C 159 -13.49 -1.28 -22.59
N ARG C 160 -13.29 -0.28 -23.44
CA ARG C 160 -13.58 1.11 -23.09
C ARG C 160 -14.62 1.65 -24.06
N ILE C 161 -15.76 2.07 -23.53
CA ILE C 161 -16.89 2.51 -24.34
C ILE C 161 -17.17 3.97 -24.01
N VAL C 162 -17.27 4.80 -25.04
CA VAL C 162 -17.61 6.21 -24.89
C VAL C 162 -18.99 6.45 -25.48
N TYR C 163 -19.89 6.99 -24.66
CA TYR C 163 -21.27 7.27 -25.07
C TYR C 163 -21.40 8.74 -25.40
N ASN C 164 -22.49 9.09 -26.11
CA ASN C 164 -22.70 10.45 -26.56
C ASN C 164 -24.05 11.03 -26.17
N TRP C 165 -24.99 10.21 -25.69
CA TRP C 165 -26.25 10.71 -25.19
C TRP C 165 -26.87 9.67 -24.27
N ILE C 166 -27.52 10.12 -23.21
CA ILE C 166 -28.17 9.26 -22.23
C ILE C 166 -29.67 9.48 -22.32
N GLU C 167 -30.42 8.41 -22.54
CA GLU C 167 -31.87 8.51 -22.67
C GLU C 167 -32.55 7.49 -21.77
N TRP C 168 -33.70 7.88 -21.25
CA TRP C 168 -34.53 6.97 -20.45
C TRP C 168 -36.00 7.25 -20.68
N GLY D 2 -40.28 -10.65 6.32
CA GLY D 2 -39.58 -9.38 6.30
C GLY D 2 -39.70 -8.67 4.96
N HIS D 3 -39.22 -9.32 3.92
CA HIS D 3 -39.30 -8.80 2.56
C HIS D 3 -40.47 -9.46 1.84
N ASN D 4 -41.41 -8.65 1.35
CA ASN D 4 -42.59 -9.17 0.67
C ASN D 4 -42.40 -9.31 -0.84
N ASN D 5 -41.26 -8.89 -1.38
CA ASN D 5 -40.99 -9.00 -2.80
C ASN D 5 -40.30 -10.30 -3.18
N THR D 6 -39.85 -11.10 -2.21
CA THR D 6 -39.07 -12.28 -2.50
C THR D 6 -39.90 -13.33 -3.24
N LYS D 7 -39.31 -13.92 -4.27
CA LYS D 7 -39.94 -15.03 -4.97
C LYS D 7 -38.84 -15.82 -5.66
N GLY D 8 -38.90 -17.14 -5.53
CA GLY D 8 -37.90 -18.03 -6.09
C GLY D 8 -38.30 -18.52 -7.47
N ASN D 9 -37.32 -18.63 -8.36
CA ASN D 9 -37.56 -19.07 -9.72
C ASN D 9 -36.26 -19.71 -10.23
N ARG D 10 -36.18 -21.03 -10.15
CA ARG D 10 -34.98 -21.74 -10.55
C ARG D 10 -34.98 -22.20 -11.99
N LYS D 11 -36.11 -22.10 -12.69
CA LYS D 11 -36.12 -22.35 -14.13
C LYS D 11 -35.33 -21.28 -14.87
N PHE D 12 -35.49 -20.02 -14.44
CA PHE D 12 -34.75 -18.93 -15.04
C PHE D 12 -33.25 -19.09 -14.84
N ILE D 13 -32.84 -19.50 -13.63
CA ILE D 13 -31.42 -19.70 -13.35
C ILE D 13 -30.87 -20.85 -14.18
N LYS D 14 -31.64 -21.94 -14.32
CA LYS D 14 -31.21 -23.03 -15.18
C LYS D 14 -31.06 -22.56 -16.62
N GLY D 15 -31.97 -21.71 -17.09
CA GLY D 15 -31.83 -21.17 -18.43
C GLY D 15 -30.57 -20.35 -18.60
N ARG D 16 -30.25 -19.51 -17.62
CA ARG D 16 -29.01 -18.74 -17.71
C ARG D 16 -27.79 -19.65 -17.70
N TYR D 17 -27.83 -20.70 -16.89
CA TYR D 17 -26.71 -21.64 -16.83
C TYR D 17 -26.48 -22.32 -18.16
N THR D 18 -27.56 -22.81 -18.79
CA THR D 18 -27.41 -23.46 -20.09
C THR D 18 -26.96 -22.48 -21.16
N ALA D 19 -27.48 -21.25 -21.12
CA ALA D 19 -27.07 -20.25 -22.11
C ALA D 19 -25.59 -19.93 -21.98
N ASN D 20 -25.10 -19.80 -20.74
CA ASN D 20 -23.67 -19.53 -20.55
C ASN D 20 -22.83 -20.73 -20.98
N ALA D 21 -23.26 -21.94 -20.66
CA ALA D 21 -22.49 -23.13 -21.03
C ALA D 21 -22.59 -23.48 -22.50
N ALA D 22 -23.49 -22.84 -23.25
CA ALA D 22 -23.62 -23.15 -24.67
C ALA D 22 -22.33 -22.87 -25.43
N LYS D 23 -21.66 -21.77 -25.12
CA LYS D 23 -20.38 -21.49 -25.74
C LYS D 23 -19.31 -22.43 -25.19
N GLY D 24 -18.24 -22.58 -25.96
CA GLY D 24 -17.34 -23.70 -25.75
C GLY D 24 -16.50 -23.70 -24.49
N GLU D 25 -15.47 -22.86 -24.43
CA GLU D 25 -14.56 -22.85 -23.30
C GLU D 25 -14.12 -21.42 -23.02
N ARG D 26 -13.28 -21.28 -22.01
CA ARG D 26 -12.62 -20.02 -21.69
C ARG D 26 -11.13 -20.21 -21.87
N LEU D 27 -10.51 -19.30 -22.61
CA LEU D 27 -9.09 -19.43 -22.93
C LEU D 27 -8.26 -19.17 -21.68
N VAL D 28 -7.49 -20.17 -21.25
CA VAL D 28 -6.59 -19.99 -20.13
C VAL D 28 -5.44 -19.09 -20.57
N SER D 29 -5.02 -18.18 -19.68
CA SER D 29 -4.03 -17.18 -20.04
C SER D 29 -2.63 -17.75 -20.24
N SER D 30 -2.42 -19.01 -19.90
CA SER D 30 -1.09 -19.63 -20.02
C SER D 30 -0.85 -20.26 -21.38
N GLU D 31 -1.77 -20.10 -22.33
CA GLU D 31 -1.69 -20.76 -23.63
C GLU D 31 -1.50 -19.70 -24.72
N PHE D 32 -0.28 -19.59 -25.21
CA PHE D 32 0.06 -18.62 -26.25
C PHE D 32 1.40 -19.01 -26.86
N LEU D 33 1.84 -18.22 -27.84
CA LEU D 33 3.09 -18.49 -28.56
C LEU D 33 3.58 -17.28 -29.34
N LEU D 34 4.86 -16.95 -29.21
CA LEU D 34 5.50 -15.88 -29.99
C LEU D 34 6.52 -16.50 -30.93
N THR D 35 6.64 -15.94 -32.13
CA THR D 35 7.49 -16.53 -33.17
C THR D 35 8.79 -15.79 -33.40
N PHE D 36 8.76 -14.45 -33.45
CA PHE D 36 9.95 -13.62 -33.62
C PHE D 36 10.61 -13.80 -34.99
N ALA D 37 9.83 -14.18 -36.01
CA ALA D 37 10.28 -14.25 -37.40
C ALA D 37 11.43 -15.25 -37.51
N GLY D 38 12.63 -14.83 -37.92
CA GLY D 38 13.69 -15.77 -38.24
C GLY D 38 14.36 -16.41 -37.03
N HIS D 39 14.14 -15.86 -35.84
CA HIS D 39 14.71 -16.42 -34.61
C HIS D 39 13.64 -17.22 -33.89
N GLU D 40 13.42 -18.43 -34.36
CA GLU D 40 12.36 -19.30 -33.84
C GLU D 40 12.82 -20.14 -32.64
N ASP D 41 14.10 -20.09 -32.28
CA ASP D 41 14.58 -20.87 -31.16
C ASP D 41 14.28 -20.21 -29.82
N ILE D 42 13.93 -18.93 -29.81
CA ILE D 42 13.64 -18.21 -28.57
C ILE D 42 12.19 -18.38 -28.14
N SER D 43 11.33 -18.93 -29.00
CA SER D 43 9.90 -19.01 -28.71
C SER D 43 9.62 -19.77 -27.42
N VAL D 44 10.51 -20.68 -27.03
CA VAL D 44 10.29 -21.46 -25.82
C VAL D 44 10.45 -20.59 -24.58
N LEU D 45 11.42 -19.67 -24.60
CA LEU D 45 11.83 -18.96 -23.40
C LEU D 45 10.92 -17.80 -23.01
N VAL D 46 9.91 -17.47 -23.83
CA VAL D 46 9.03 -16.36 -23.47
C VAL D 46 8.12 -16.77 -22.31
N ARG D 47 7.83 -15.81 -21.44
CA ARG D 47 7.03 -16.06 -20.25
C ARG D 47 5.87 -15.09 -20.07
N THR D 48 5.81 -14.00 -20.83
CA THR D 48 4.73 -13.03 -20.72
C THR D 48 4.60 -12.31 -22.05
N SER D 49 3.36 -12.05 -22.46
CA SER D 49 3.10 -11.38 -23.73
C SER D 49 1.87 -10.50 -23.57
N GLN D 50 1.49 -9.82 -24.65
CA GLN D 50 0.37 -8.91 -24.62
C GLN D 50 -0.25 -8.80 -26.01
N ILE D 51 -1.44 -8.23 -26.07
CA ILE D 51 -2.12 -7.90 -27.32
C ILE D 51 -2.14 -6.38 -27.46
N PRO D 52 -1.86 -5.85 -28.65
CA PRO D 52 -1.80 -4.38 -28.80
C PRO D 52 -3.12 -3.70 -28.45
N GLU D 53 -3.05 -2.37 -28.34
CA GLU D 53 -4.14 -1.59 -27.77
C GLU D 53 -5.40 -1.68 -28.64
N MET D 54 -5.25 -1.52 -29.95
CA MET D 54 -6.38 -1.57 -30.89
C MET D 54 -7.42 -0.49 -30.57
N THR D 55 -7.02 0.76 -30.72
CA THR D 55 -7.88 1.90 -30.43
C THR D 55 -7.81 2.90 -31.58
N ARG D 56 -8.50 4.04 -31.39
CA ARG D 56 -8.49 5.14 -32.33
C ARG D 56 -8.35 6.44 -31.55
N GLU D 57 -7.93 7.49 -32.26
CA GLU D 57 -7.95 8.82 -31.67
C GLU D 57 -9.39 9.35 -31.63
N ASP D 58 -9.65 10.27 -30.71
CA ASP D 58 -10.98 10.83 -30.53
C ASP D 58 -10.95 12.35 -30.66
N VAL D 59 -11.93 12.88 -31.36
CA VAL D 59 -12.03 14.31 -31.65
C VAL D 59 -13.26 14.86 -30.94
N GLU D 60 -13.06 15.87 -30.10
CA GLU D 60 -14.13 16.44 -29.29
C GLU D 60 -14.59 17.77 -29.87
N ASP D 61 -15.90 17.92 -30.03
CA ASP D 61 -16.50 19.14 -30.55
C ASP D 61 -17.66 19.53 -29.66
N TYR D 62 -17.66 20.77 -29.19
CA TYR D 62 -18.73 21.29 -28.36
C TYR D 62 -19.73 22.01 -29.26
N GLY D 63 -20.94 21.46 -29.37
CA GLY D 63 -21.94 22.03 -30.24
C GLY D 63 -22.65 23.21 -29.60
N PRO D 64 -23.80 23.60 -30.15
CA PRO D 64 -24.56 24.69 -29.55
C PRO D 64 -24.96 24.36 -28.12
N ASN D 65 -24.96 25.39 -27.27
CA ASN D 65 -25.12 25.22 -25.83
C ASN D 65 -23.97 24.34 -25.36
N GLY D 66 -24.21 23.33 -24.51
CA GLY D 66 -23.13 22.51 -24.03
C GLY D 66 -23.03 21.15 -24.67
N VAL D 67 -23.69 20.98 -25.82
CA VAL D 67 -23.75 19.67 -26.47
C VAL D 67 -22.35 19.28 -26.96
N LYS D 68 -21.95 18.05 -26.66
CA LYS D 68 -20.63 17.55 -26.98
C LYS D 68 -20.75 16.21 -27.71
N PHE D 69 -19.92 16.03 -28.74
CA PHE D 69 -19.91 14.80 -29.51
C PHE D 69 -18.47 14.31 -29.66
N ASN D 70 -18.26 13.01 -29.44
CA ASN D 70 -16.97 12.37 -29.66
C ASN D 70 -17.03 11.60 -30.96
N GLN D 71 -16.00 11.77 -31.78
CA GLN D 71 -15.98 11.26 -33.15
C GLN D 71 -14.74 10.41 -33.36
N HIS D 72 -14.85 9.43 -34.26
CA HIS D 72 -13.72 8.56 -34.57
C HIS D 72 -12.58 9.37 -35.20
N GLY D 73 -11.36 8.87 -35.01
CA GLY D 73 -10.19 9.47 -35.60
C GLY D 73 -9.34 8.45 -36.32
N PRO D 74 -8.12 8.84 -36.71
CA PRO D 74 -7.23 7.91 -37.39
C PRO D 74 -6.78 6.78 -36.46
N ILE D 75 -6.47 5.63 -37.08
CA ILE D 75 -6.07 4.46 -36.32
C ILE D 75 -4.74 4.72 -35.63
N ARG D 76 -4.57 4.15 -34.44
CA ARG D 76 -3.31 4.20 -33.72
C ARG D 76 -2.44 3.02 -34.16
N ASN D 77 -1.28 3.32 -34.76
CA ASN D 77 -0.42 2.29 -35.32
C ASN D 77 0.60 1.77 -34.31
N SER D 78 1.39 2.68 -33.75
CA SER D 78 2.54 2.29 -32.94
C SER D 78 2.21 2.31 -31.45
N GLY D 79 2.96 1.50 -30.71
CA GLY D 79 2.76 1.36 -29.28
C GLY D 79 3.91 0.58 -28.68
N GLU D 80 3.69 0.11 -27.45
CA GLU D 80 4.69 -0.69 -26.75
C GLU D 80 4.05 -1.96 -26.21
N ILE D 81 4.87 -3.01 -26.11
CA ILE D 81 4.45 -4.30 -25.57
C ILE D 81 5.54 -4.78 -24.61
N GLN D 82 5.12 -5.24 -23.43
CA GLN D 82 6.05 -5.74 -22.42
C GLN D 82 6.14 -7.25 -22.50
N VAL D 83 7.35 -7.77 -22.65
CA VAL D 83 7.61 -9.20 -22.75
C VAL D 83 8.71 -9.57 -21.78
N GLN D 84 8.50 -10.65 -21.04
CA GLN D 84 9.49 -11.17 -20.09
C GLN D 84 9.96 -12.54 -20.56
N CYS D 85 11.26 -12.77 -20.46
CA CYS D 85 11.86 -14.03 -20.87
C CYS D 85 12.66 -14.60 -19.70
N VAL D 86 12.89 -15.90 -19.73
CA VAL D 86 13.76 -16.54 -18.77
C VAL D 86 15.15 -16.64 -19.38
N GLU D 87 16.16 -16.76 -18.52
CA GLU D 87 17.56 -16.73 -18.95
C GLU D 87 18.24 -18.06 -18.63
N THR D 88 19.00 -18.56 -19.60
CA THR D 88 19.76 -19.79 -19.44
C THR D 88 21.21 -19.46 -19.07
N ILE D 89 21.97 -20.51 -18.74
CA ILE D 89 23.37 -20.32 -18.38
C ILE D 89 24.29 -20.22 -19.59
N GLU D 90 23.73 -20.15 -20.79
CA GLU D 90 24.51 -19.96 -22.00
C GLU D 90 24.26 -18.60 -22.65
N GLY D 91 23.49 -17.73 -22.01
CA GLY D 91 23.29 -16.38 -22.49
C GLY D 91 22.58 -16.27 -23.82
N ASP D 92 21.48 -17.00 -24.00
CA ASP D 92 20.71 -16.89 -25.24
C ASP D 92 20.08 -15.51 -25.37
N ILE D 93 19.42 -15.04 -24.31
CA ILE D 93 18.73 -13.76 -24.37
C ILE D 93 19.74 -12.61 -24.46
N LEU D 94 20.84 -12.69 -23.71
CA LEU D 94 21.85 -11.65 -23.78
C LEU D 94 22.47 -11.57 -25.17
N GLN D 95 22.77 -12.72 -25.78
CA GLN D 95 23.31 -12.70 -27.13
C GLN D 95 22.29 -12.15 -28.12
N PHE D 96 21.02 -12.50 -27.95
CA PHE D 96 19.97 -11.98 -28.82
C PHE D 96 19.89 -10.47 -28.74
N ILE D 97 19.93 -9.93 -27.52
CA ILE D 97 19.82 -8.48 -27.34
C ILE D 97 21.08 -7.79 -27.86
N LYS D 98 22.25 -8.37 -27.63
CA LYS D 98 23.48 -7.79 -28.16
C LYS D 98 23.46 -7.72 -29.68
N ASP D 99 23.01 -8.81 -30.32
CA ASP D 99 22.93 -8.82 -31.78
C ASP D 99 21.91 -7.80 -32.27
N ARG D 100 20.79 -7.67 -31.58
CA ARG D 100 19.78 -6.70 -32.01
C ARG D 100 20.28 -5.27 -31.89
N ILE D 101 21.02 -4.97 -30.83
CA ILE D 101 21.56 -3.61 -30.66
C ILE D 101 22.67 -3.35 -31.68
N ALA D 102 23.51 -4.34 -31.95
CA ALA D 102 24.67 -4.13 -32.81
C ALA D 102 24.25 -3.71 -34.21
N ALA D 103 23.23 -4.33 -34.78
CA ALA D 103 22.75 -4.03 -36.12
C ALA D 103 21.30 -3.58 -36.06
N LYS D 104 21.02 -2.41 -36.63
CA LYS D 104 19.65 -1.91 -36.67
C LYS D 104 18.79 -2.80 -37.54
N ASP D 105 17.82 -3.46 -36.94
CA ASP D 105 16.96 -4.40 -37.64
C ASP D 105 15.51 -4.15 -37.27
N TYR D 106 14.60 -4.57 -38.15
CA TYR D 106 13.18 -4.59 -37.87
C TYR D 106 12.68 -6.02 -38.03
N VAL D 107 12.02 -6.53 -36.98
CA VAL D 107 11.63 -7.92 -36.89
C VAL D 107 10.12 -8.01 -36.79
N ASP D 108 9.53 -8.90 -37.57
CA ASP D 108 8.09 -9.14 -37.52
C ASP D 108 7.77 -10.18 -36.46
N ILE D 109 6.72 -9.91 -35.69
CA ILE D 109 6.34 -10.75 -34.55
C ILE D 109 4.91 -11.22 -34.73
N THR D 110 4.68 -12.52 -34.54
CA THR D 110 3.36 -13.12 -34.65
C THR D 110 2.92 -13.60 -33.28
N MET D 111 1.73 -13.18 -32.86
CA MET D 111 1.16 -13.53 -31.56
C MET D 111 -0.05 -14.42 -31.79
N ALA D 112 -0.07 -15.60 -31.18
CA ALA D 112 -1.12 -16.57 -31.43
C ALA D 112 -1.46 -17.31 -30.15
N ALA D 113 -2.65 -17.89 -30.12
CA ALA D 113 -3.15 -18.67 -29.00
C ALA D 113 -3.32 -20.12 -29.44
N THR D 114 -2.73 -21.04 -28.67
CA THR D 114 -2.71 -22.46 -29.01
C THR D 114 -3.25 -23.27 -27.84
N PRO D 115 -4.57 -23.41 -27.73
CA PRO D 115 -5.14 -24.24 -26.66
C PRO D 115 -4.88 -25.72 -26.90
N GLU D 116 -4.89 -26.47 -25.81
CA GLU D 116 -4.65 -27.91 -25.89
C GLU D 116 -5.77 -28.64 -26.63
N SER D 117 -7.01 -28.16 -26.48
CA SER D 117 -8.13 -28.85 -27.11
C SER D 117 -8.03 -28.84 -28.62
N LYS D 118 -7.57 -27.73 -29.20
CA LYS D 118 -7.42 -27.60 -30.65
C LYS D 118 -5.97 -27.88 -31.01
N SER D 119 -5.65 -29.16 -31.13
CA SER D 119 -4.31 -29.59 -31.50
C SER D 119 -4.38 -31.00 -32.05
N SER D 120 -3.54 -31.29 -33.04
CA SER D 120 -3.51 -32.59 -33.68
C SER D 120 -2.09 -33.13 -33.61
N GLY D 121 -1.94 -34.32 -33.06
CA GLY D 121 -0.62 -34.90 -32.90
C GLY D 121 0.21 -34.09 -31.93
N VAL D 122 1.50 -33.94 -32.24
CA VAL D 122 2.42 -33.20 -31.39
C VAL D 122 2.55 -31.74 -31.83
N ASN D 123 1.73 -31.30 -32.79
CA ASN D 123 1.83 -29.97 -33.36
C ASN D 123 0.59 -29.17 -33.00
N ALA D 124 0.78 -27.93 -32.54
CA ALA D 124 -0.32 -27.04 -32.27
C ALA D 124 -0.87 -26.46 -33.56
N VAL D 125 -2.15 -26.14 -33.56
CA VAL D 125 -2.82 -25.53 -34.71
C VAL D 125 -3.45 -24.22 -34.25
N THR D 126 -3.30 -23.18 -35.06
CA THR D 126 -3.78 -21.84 -34.74
C THR D 126 -5.02 -21.50 -35.57
N LYS D 127 -5.75 -20.52 -35.08
CA LYS D 127 -7.00 -20.07 -35.70
C LYS D 127 -6.86 -18.61 -36.11
N ALA D 128 -7.49 -18.26 -37.24
CA ALA D 128 -7.36 -16.91 -37.77
C ALA D 128 -8.01 -15.88 -36.84
N ALA D 129 -9.04 -16.27 -36.10
CA ALA D 129 -9.75 -15.30 -35.26
C ALA D 129 -8.88 -14.84 -34.10
N THR D 130 -8.08 -15.74 -33.52
CA THR D 130 -7.29 -15.44 -32.34
C THR D 130 -5.84 -15.11 -32.67
N THR D 131 -5.51 -14.91 -33.95
CA THR D 131 -4.15 -14.64 -34.37
C THR D 131 -4.03 -13.18 -34.79
N ILE D 132 -2.99 -12.50 -34.29
CA ILE D 132 -2.71 -11.11 -34.63
C ILE D 132 -1.22 -11.01 -34.97
N GLU D 133 -0.88 -9.98 -35.75
CA GLU D 133 0.49 -9.82 -36.22
C GLU D 133 0.93 -8.37 -36.08
N MET D 134 2.23 -8.19 -35.83
CA MET D 134 2.86 -6.90 -35.72
C MET D 134 4.06 -6.85 -36.64
N LEU D 135 4.25 -5.72 -37.32
CA LEU D 135 5.29 -5.58 -38.33
C LEU D 135 6.25 -4.46 -37.97
N ASP D 136 7.49 -4.60 -38.44
CA ASP D 136 8.54 -3.58 -38.27
C ASP D 136 8.77 -3.25 -36.79
N CYS D 137 8.94 -4.29 -35.98
CA CYS D 137 9.13 -4.09 -34.55
C CYS D 137 10.60 -3.88 -34.20
N LYS D 138 10.83 -3.17 -33.10
CA LYS D 138 12.15 -2.95 -32.54
C LYS D 138 12.20 -3.55 -31.15
N ILE D 139 13.22 -4.36 -30.88
CA ILE D 139 13.35 -5.07 -29.60
C ILE D 139 14.40 -4.36 -28.77
N TYR D 140 14.00 -3.93 -27.57
CA TYR D 140 14.87 -3.23 -26.63
C TYR D 140 14.87 -3.96 -25.30
N SER D 141 15.98 -3.84 -24.58
CA SER D 141 16.14 -4.50 -23.29
C SER D 141 15.81 -3.53 -22.16
N ASP D 142 16.08 -3.98 -20.94
CA ASP D 142 15.86 -3.18 -19.74
C ASP D 142 16.91 -3.58 -18.72
N ALA D 143 16.88 -2.92 -17.56
CA ALA D 143 17.82 -3.26 -16.49
C ALA D 143 17.47 -4.63 -15.92
N ILE D 144 18.50 -5.45 -15.73
CA ILE D 144 18.33 -6.81 -15.23
C ILE D 144 18.92 -6.87 -13.83
N ASP D 145 18.15 -7.39 -12.88
CA ASP D 145 18.51 -7.36 -11.47
C ASP D 145 19.17 -8.67 -11.06
N PHE D 146 20.33 -8.57 -10.42
CA PHE D 146 21.00 -9.69 -9.78
C PHE D 146 21.13 -9.40 -8.30
N SER D 147 20.92 -10.43 -7.48
CA SER D 147 21.10 -10.28 -6.05
C SER D 147 21.29 -11.66 -5.43
N THR D 148 22.01 -11.70 -4.31
CA THR D 148 22.09 -12.90 -3.50
C THR D 148 20.77 -13.03 -2.72
N GLU D 149 20.72 -13.98 -1.79
CA GLU D 149 19.55 -14.25 -0.95
C GLU D 149 18.28 -14.47 -1.76
N ASP D 150 18.40 -14.61 -3.08
CA ASP D 150 17.28 -14.90 -3.95
C ASP D 150 17.47 -16.30 -4.53
N VAL D 151 17.86 -17.24 -3.68
CA VAL D 151 18.20 -18.59 -4.11
C VAL D 151 17.03 -19.31 -4.76
N THR D 152 15.80 -18.90 -4.48
CA THR D 152 14.62 -19.56 -5.02
C THR D 152 14.13 -18.93 -6.33
N ALA D 153 14.82 -17.93 -6.85
CA ALA D 153 14.37 -17.22 -8.04
C ALA D 153 15.39 -17.37 -9.18
N ALA D 154 14.90 -17.20 -10.40
CA ALA D 154 15.72 -17.25 -11.60
C ALA D 154 15.68 -15.90 -12.29
N VAL D 155 16.78 -15.54 -12.95
CA VAL D 155 16.89 -14.24 -13.58
C VAL D 155 15.95 -14.17 -14.78
N ARG D 156 15.18 -13.08 -14.87
CA ARG D 156 14.19 -12.90 -15.92
C ARG D 156 14.33 -11.51 -16.54
N PRO D 157 14.99 -11.39 -17.68
CA PRO D 157 15.08 -10.08 -18.35
C PRO D 157 13.72 -9.58 -18.79
N SER D 158 13.60 -8.26 -18.83
CA SER D 158 12.39 -7.60 -19.32
C SER D 158 12.68 -6.94 -20.66
N LEU D 159 11.84 -7.22 -21.65
CA LEU D 159 12.02 -6.71 -23.00
C LEU D 159 10.90 -5.73 -23.34
N ARG D 160 11.24 -4.69 -24.06
CA ARG D 160 10.27 -3.68 -24.50
C ARG D 160 10.28 -3.64 -26.02
N ILE D 161 9.13 -3.92 -26.62
CA ILE D 161 8.99 -4.05 -28.07
C ILE D 161 8.02 -2.99 -28.57
N VAL D 162 8.42 -2.25 -29.59
CA VAL D 162 7.58 -1.22 -30.21
C VAL D 162 7.25 -1.66 -31.63
N TYR D 163 5.96 -1.75 -31.92
CA TYR D 163 5.47 -2.17 -33.22
C TYR D 163 5.06 -0.94 -34.03
N ASN D 164 4.95 -1.12 -35.34
CA ASN D 164 4.63 -0.03 -36.25
C ASN D 164 3.44 -0.29 -37.15
N TRP D 165 2.88 -1.50 -37.12
CA TRP D 165 1.65 -1.80 -37.86
C TRP D 165 1.07 -3.10 -37.31
N ILE D 166 -0.25 -3.13 -37.17
CA ILE D 166 -0.97 -4.30 -36.68
C ILE D 166 -1.83 -4.84 -37.81
N GLU D 167 -1.65 -6.11 -38.15
CA GLU D 167 -2.31 -6.72 -39.30
C GLU D 167 -2.95 -8.03 -38.90
N TRP D 168 -4.12 -8.30 -39.47
CA TRP D 168 -4.81 -9.56 -39.26
C TRP D 168 -5.52 -10.00 -40.54
N GLY E 2 -21.02 -30.27 -20.23
CA GLY E 2 -21.30 -28.86 -20.33
C GLY E 2 -20.58 -28.20 -21.49
N HIS E 3 -19.28 -28.45 -21.58
CA HIS E 3 -18.45 -27.91 -22.66
C HIS E 3 -18.23 -29.00 -23.70
N ASN E 4 -18.59 -28.72 -24.95
CA ASN E 4 -18.52 -29.69 -26.02
C ASN E 4 -17.22 -29.63 -26.82
N ASN E 5 -16.36 -28.65 -26.56
CA ASN E 5 -15.07 -28.57 -27.24
C ASN E 5 -13.93 -29.17 -26.45
N THR E 6 -14.18 -29.66 -25.24
CA THR E 6 -13.11 -30.23 -24.43
C THR E 6 -12.56 -31.49 -25.08
N LYS E 7 -11.23 -31.59 -25.13
CA LYS E 7 -10.57 -32.78 -25.64
C LYS E 7 -9.18 -32.84 -25.06
N GLY E 8 -8.78 -34.03 -24.62
CA GLY E 8 -7.49 -34.22 -23.98
C GLY E 8 -6.45 -34.68 -24.98
N ASN E 9 -5.23 -34.17 -24.82
CA ASN E 9 -4.12 -34.53 -25.70
C ASN E 9 -2.84 -34.34 -24.91
N ARG E 10 -2.32 -35.44 -24.36
CA ARG E 10 -1.11 -35.38 -23.54
C ARG E 10 0.17 -35.63 -24.34
N LYS E 11 0.07 -36.06 -25.59
CA LYS E 11 1.25 -36.11 -26.44
C LYS E 11 1.76 -34.70 -26.74
N PHE E 12 0.85 -33.77 -26.98
CA PHE E 12 1.24 -32.38 -27.20
C PHE E 12 1.91 -31.79 -25.96
N ILE E 13 1.37 -32.09 -24.78
CA ILE E 13 1.95 -31.57 -23.55
C ILE E 13 3.32 -32.18 -23.31
N LYS E 14 3.47 -33.49 -23.58
CA LYS E 14 4.76 -34.13 -23.44
C LYS E 14 5.79 -33.53 -24.40
N GLY E 15 5.35 -33.24 -25.63
CA GLY E 15 6.25 -32.59 -26.58
C GLY E 15 6.69 -31.22 -26.11
N ARG E 16 5.75 -30.45 -25.56
CA ARG E 16 6.10 -29.13 -25.03
C ARG E 16 7.09 -29.26 -23.87
N TYR E 17 6.89 -30.24 -23.00
CA TYR E 17 7.78 -30.45 -21.87
C TYR E 17 9.19 -30.79 -22.34
N THR E 18 9.30 -31.71 -23.30
CA THR E 18 10.61 -32.08 -23.82
C THR E 18 11.29 -30.90 -24.52
N ALA E 19 10.52 -30.13 -25.30
CA ALA E 19 11.10 -28.98 -25.98
C ALA E 19 11.61 -27.95 -24.99
N ASN E 20 10.85 -27.69 -23.92
CA ASN E 20 11.30 -26.72 -22.92
C ASN E 20 12.52 -27.23 -22.18
N ALA E 21 12.54 -28.52 -21.83
CA ALA E 21 13.67 -29.08 -21.09
C ALA E 21 14.89 -29.32 -21.99
N ALA E 22 14.75 -29.17 -23.30
CA ALA E 22 15.89 -29.39 -24.20
C ALA E 22 17.04 -28.45 -23.89
N LYS E 23 16.74 -27.19 -23.58
CA LYS E 23 17.79 -26.24 -23.21
C LYS E 23 18.35 -26.60 -21.84
N GLY E 24 19.55 -26.08 -21.56
CA GLY E 24 20.35 -26.57 -20.46
C GLY E 24 19.84 -26.27 -19.07
N GLU E 25 19.90 -25.02 -18.64
CA GLU E 25 19.60 -24.65 -17.27
C GLU E 25 19.01 -23.25 -17.24
N ARG E 26 18.67 -22.82 -16.04
CA ARG E 26 18.23 -21.44 -15.80
C ARG E 26 19.18 -20.80 -14.82
N LEU E 27 19.69 -19.63 -15.17
CA LEU E 27 20.66 -18.94 -14.32
C LEU E 27 19.98 -18.46 -13.06
N VAL E 28 20.50 -18.87 -11.90
CA VAL E 28 19.99 -18.37 -10.63
C VAL E 28 20.54 -16.98 -10.38
N SER E 29 19.70 -16.10 -9.82
CA SER E 29 20.07 -14.69 -9.68
C SER E 29 21.16 -14.45 -8.64
N SER E 30 21.56 -15.46 -7.89
CA SER E 30 22.57 -15.31 -6.86
C SER E 30 23.99 -15.55 -7.34
N GLU E 31 24.19 -15.79 -8.64
CA GLU E 31 25.49 -16.16 -9.18
C GLU E 31 25.99 -15.06 -10.12
N PHE E 32 26.92 -14.25 -9.62
CA PHE E 32 27.52 -13.17 -10.40
C PHE E 32 28.81 -12.76 -9.73
N LEU E 33 29.48 -11.75 -10.31
CA LEU E 33 30.75 -11.27 -9.77
C LEU E 33 31.06 -9.90 -10.36
N LEU E 34 31.50 -8.98 -9.50
CA LEU E 34 31.98 -7.67 -9.92
C LEU E 34 33.47 -7.57 -9.64
N THR E 35 34.20 -6.86 -10.50
CA THR E 35 35.66 -6.85 -10.46
C THR E 35 36.26 -5.54 -9.96
N PHE E 36 35.78 -4.40 -10.44
CA PHE E 36 36.22 -3.07 -9.98
C PHE E 36 37.69 -2.79 -10.32
N ALA E 37 38.19 -3.39 -11.42
CA ALA E 37 39.52 -3.08 -11.97
C ALA E 37 40.59 -3.35 -10.93
N GLY E 38 41.32 -2.34 -10.47
CA GLY E 38 42.47 -2.54 -9.60
C GLY E 38 42.16 -2.84 -8.15
N HIS E 39 40.91 -2.68 -7.72
CA HIS E 39 40.50 -2.98 -6.35
C HIS E 39 39.72 -4.29 -6.37
N GLU E 40 40.44 -5.40 -6.32
CA GLU E 40 39.83 -6.72 -6.40
C GLU E 40 39.51 -7.33 -5.04
N ASP E 41 39.76 -6.60 -3.95
CA ASP E 41 39.44 -7.09 -2.62
C ASP E 41 38.02 -6.76 -2.18
N ILE E 42 37.30 -5.93 -2.96
CA ILE E 42 35.92 -5.58 -2.63
C ILE E 42 34.92 -6.48 -3.34
N SER E 43 35.39 -7.37 -4.21
CA SER E 43 34.48 -8.21 -4.98
C SER E 43 33.67 -9.14 -4.09
N VAL E 44 34.20 -9.51 -2.93
CA VAL E 44 33.49 -10.44 -2.05
C VAL E 44 32.30 -9.76 -1.39
N LEU E 45 32.39 -8.47 -1.09
CA LEU E 45 31.41 -7.78 -0.26
C LEU E 45 30.20 -7.28 -1.03
N VAL E 46 30.13 -7.46 -2.34
CA VAL E 46 28.97 -6.99 -3.09
C VAL E 46 27.78 -7.92 -2.86
N ARG E 47 26.59 -7.34 -2.82
CA ARG E 47 25.37 -8.09 -2.54
C ARG E 47 24.28 -7.90 -3.58
N THR E 48 24.37 -6.90 -4.45
CA THR E 48 23.35 -6.66 -5.45
C THR E 48 23.99 -5.91 -6.61
N SER E 49 23.60 -6.25 -7.84
CA SER E 49 24.14 -5.60 -9.02
C SER E 49 23.06 -5.57 -10.09
N GLN E 50 23.44 -5.08 -11.27
CA GLN E 50 22.50 -4.90 -12.37
C GLN E 50 23.22 -4.96 -13.70
N ILE E 51 22.44 -5.07 -14.76
CA ILE E 51 22.93 -5.02 -16.14
C ILE E 51 22.45 -3.71 -16.77
N PRO E 52 23.27 -3.03 -17.55
CA PRO E 52 22.85 -1.76 -18.17
C PRO E 52 21.61 -1.92 -19.04
N GLU E 53 21.06 -0.77 -19.44
CA GLU E 53 19.74 -0.73 -20.07
C GLU E 53 19.75 -1.40 -21.44
N MET E 54 20.75 -1.09 -22.27
CA MET E 54 20.85 -1.61 -23.64
C MET E 54 19.64 -1.21 -24.49
N THR E 55 19.53 0.09 -24.73
CA THR E 55 18.43 0.67 -25.49
C THR E 55 18.96 1.66 -26.51
N ARG E 56 18.06 2.23 -27.30
CA ARG E 56 18.36 3.29 -28.24
C ARG E 56 17.31 4.38 -28.14
N GLU E 57 17.67 5.58 -28.58
CA GLU E 57 16.69 6.64 -28.69
C GLU E 57 15.73 6.34 -29.85
N ASP E 58 14.53 6.90 -29.76
CA ASP E 58 13.51 6.69 -30.78
C ASP E 58 13.02 8.00 -31.35
N VAL E 59 12.81 8.02 -32.66
CA VAL E 59 12.41 9.21 -33.40
C VAL E 59 11.02 8.96 -33.97
N GLU E 60 10.08 9.85 -33.67
CA GLU E 60 8.69 9.71 -34.07
C GLU E 60 8.38 10.67 -35.21
N ASP E 61 7.80 10.14 -36.28
CA ASP E 61 7.40 10.94 -37.43
C ASP E 61 5.97 10.59 -37.81
N TYR E 62 5.15 11.61 -38.01
CA TYR E 62 3.77 11.42 -38.42
C TYR E 62 3.66 11.62 -39.92
N GLY E 63 3.24 10.57 -40.64
CA GLY E 63 3.15 10.63 -42.08
C GLY E 63 1.83 11.22 -42.54
N PRO E 64 1.50 10.99 -43.82
CA PRO E 64 0.20 11.45 -44.31
C PRO E 64 -0.95 10.83 -43.53
N ASN E 65 -2.00 11.61 -43.34
CA ASN E 65 -3.10 11.28 -42.43
C ASN E 65 -2.49 11.10 -41.04
N GLY E 66 -2.80 10.04 -40.31
CA GLY E 66 -2.25 9.89 -38.97
C GLY E 66 -1.22 8.81 -38.83
N VAL E 67 -0.62 8.39 -39.95
CA VAL E 67 0.34 7.29 -39.93
C VAL E 67 1.59 7.71 -39.17
N LYS E 68 2.03 6.85 -38.25
CA LYS E 68 3.19 7.12 -37.41
C LYS E 68 4.20 5.99 -37.50
N PHE E 69 5.48 6.35 -37.49
CA PHE E 69 6.57 5.40 -37.55
C PHE E 69 7.62 5.76 -36.50
N ASN E 70 8.12 4.76 -35.78
CA ASN E 70 9.22 4.93 -34.85
C ASN E 70 10.50 4.38 -35.47
N GLN E 71 11.57 5.16 -35.42
CA GLN E 71 12.82 4.86 -36.10
C GLN E 71 13.95 4.77 -35.08
N HIS E 72 14.92 3.91 -35.37
CA HIS E 72 16.07 3.77 -34.49
C HIS E 72 16.83 5.08 -34.39
N GLY E 73 17.41 5.33 -33.22
CA GLY E 73 18.21 6.51 -33.00
C GLY E 73 19.60 6.16 -32.48
N PRO E 74 20.33 7.16 -32.01
CA PRO E 74 21.68 6.90 -31.48
C PRO E 74 21.64 6.07 -30.22
N ILE E 75 22.72 5.31 -30.00
CA ILE E 75 22.82 4.44 -28.85
C ILE E 75 22.89 5.27 -27.57
N ARG E 76 22.36 4.73 -26.48
CA ARG E 76 22.42 5.36 -25.18
C ARG E 76 23.64 4.83 -24.44
N ASN E 77 24.56 5.73 -24.09
CA ASN E 77 25.85 5.32 -23.51
C ASN E 77 25.81 5.31 -21.99
N SER E 78 25.49 6.45 -21.38
CA SER E 78 25.63 6.62 -19.95
C SER E 78 24.32 6.33 -19.22
N GLY E 79 24.43 5.84 -18.00
CA GLY E 79 23.26 5.48 -17.21
C GLY E 79 23.64 5.37 -15.75
N GLU E 80 22.80 4.66 -15.00
CA GLU E 80 23.02 4.44 -13.58
C GLU E 80 22.82 2.98 -13.23
N ILE E 81 23.56 2.53 -12.23
CA ILE E 81 23.47 1.16 -11.72
C ILE E 81 23.48 1.23 -10.19
N GLN E 82 22.56 0.48 -9.57
CA GLN E 82 22.46 0.42 -8.13
C GLN E 82 23.18 -0.81 -7.61
N VAL E 83 24.13 -0.61 -6.70
CA VAL E 83 24.93 -1.69 -6.14
C VAL E 83 24.90 -1.58 -4.63
N GLN E 84 24.62 -2.70 -3.96
CA GLN E 84 24.58 -2.76 -2.50
C GLN E 84 25.73 -3.63 -2.01
N CYS E 85 26.34 -3.20 -0.91
CA CYS E 85 27.46 -3.92 -0.31
C CYS E 85 27.21 -4.07 1.19
N VAL E 86 27.86 -5.06 1.78
CA VAL E 86 27.83 -5.24 3.22
C VAL E 86 29.04 -4.53 3.81
N GLU E 87 28.98 -4.21 5.09
CA GLU E 87 30.00 -3.43 5.76
C GLU E 87 30.63 -4.23 6.88
N THR E 88 31.96 -4.22 6.94
CA THR E 88 32.70 -4.90 7.99
C THR E 88 33.04 -3.92 9.12
N ILE E 89 33.65 -4.44 10.18
CA ILE E 89 34.00 -3.60 11.33
C ILE E 89 35.34 -2.92 11.16
N GLU E 90 35.94 -2.97 9.97
CA GLU E 90 37.19 -2.27 9.70
C GLU E 90 37.02 -1.19 8.65
N GLY E 91 35.80 -0.88 8.24
CA GLY E 91 35.53 0.22 7.34
C GLY E 91 36.13 0.09 5.96
N ASP E 92 35.99 -1.08 5.34
CA ASP E 92 36.52 -1.27 3.99
C ASP E 92 35.74 -0.44 2.98
N ILE E 93 34.40 -0.52 3.03
CA ILE E 93 33.57 0.22 2.09
C ILE E 93 33.70 1.73 2.33
N LEU E 94 33.71 2.15 3.60
CA LEU E 94 33.86 3.57 3.90
C LEU E 94 35.20 4.10 3.42
N GLN E 95 36.28 3.34 3.64
CA GLN E 95 37.58 3.79 3.16
C GLN E 95 37.62 3.85 1.64
N PHE E 96 37.00 2.87 0.98
CA PHE E 96 36.95 2.87 -0.48
C PHE E 96 36.23 4.11 -0.99
N ILE E 97 35.09 4.45 -0.39
CA ILE E 97 34.31 5.60 -0.82
C ILE E 97 35.06 6.90 -0.53
N LYS E 98 35.70 6.98 0.63
CA LYS E 98 36.49 8.16 0.98
C LYS E 98 37.61 8.38 -0.03
N ASP E 99 38.33 7.31 -0.38
CA ASP E 99 39.39 7.42 -1.35
C ASP E 99 38.87 7.84 -2.71
N ARG E 100 37.73 7.28 -3.13
CA ARG E 100 37.19 7.61 -4.44
C ARG E 100 36.74 9.06 -4.50
N ILE E 101 36.16 9.58 -3.42
CA ILE E 101 35.74 10.97 -3.41
C ILE E 101 36.95 11.90 -3.36
N ALA E 102 37.98 11.53 -2.59
CA ALA E 102 39.13 12.41 -2.40
C ALA E 102 39.84 12.71 -3.71
N ALA E 103 40.02 11.70 -4.55
CA ALA E 103 40.69 11.85 -5.83
C ALA E 103 39.73 11.49 -6.97
N LYS E 104 39.57 12.42 -7.92
CA LYS E 104 38.71 12.14 -9.06
C LYS E 104 39.33 11.03 -9.90
N ASP E 105 38.61 9.93 -10.02
CA ASP E 105 39.11 8.75 -10.72
C ASP E 105 38.00 8.15 -11.57
N TYR E 106 38.41 7.41 -12.59
CA TYR E 106 37.49 6.64 -13.42
C TYR E 106 37.93 5.18 -13.37
N VAL E 107 37.00 4.30 -13.00
CA VAL E 107 37.29 2.89 -12.74
C VAL E 107 36.48 2.04 -13.71
N ASP E 108 37.09 0.99 -14.24
CA ASP E 108 36.43 0.06 -15.15
C ASP E 108 35.83 -1.09 -14.36
N ILE E 109 34.57 -1.39 -14.61
CA ILE E 109 33.82 -2.40 -13.87
C ILE E 109 33.40 -3.51 -14.81
N THR E 110 33.67 -4.75 -14.44
CA THR E 110 33.31 -5.92 -15.21
C THR E 110 32.29 -6.75 -14.45
N MET E 111 31.18 -7.06 -15.09
CA MET E 111 30.13 -7.90 -14.51
C MET E 111 30.01 -9.18 -15.30
N ALA E 112 30.02 -10.32 -14.60
CA ALA E 112 29.95 -11.62 -15.26
C ALA E 112 29.20 -12.58 -14.35
N ALA E 113 28.64 -13.62 -14.97
CA ALA E 113 27.91 -14.66 -14.26
C ALA E 113 28.77 -15.90 -14.15
N THR E 114 28.84 -16.46 -12.94
CA THR E 114 29.70 -17.60 -12.64
C THR E 114 28.88 -18.70 -12.00
N PRO E 115 28.16 -19.49 -12.80
CA PRO E 115 27.39 -20.61 -12.24
C PRO E 115 28.31 -21.70 -11.72
N GLU E 116 27.77 -22.48 -10.78
CA GLU E 116 28.54 -23.58 -10.20
C GLU E 116 28.77 -24.70 -11.22
N SER E 117 27.81 -24.92 -12.12
CA SER E 117 27.92 -26.02 -13.08
C SER E 117 29.12 -25.83 -14.00
N LYS E 118 29.38 -24.60 -14.44
CA LYS E 118 30.51 -24.31 -15.31
C LYS E 118 31.65 -23.76 -14.47
N SER E 119 32.40 -24.68 -13.86
CA SER E 119 33.54 -24.32 -13.04
C SER E 119 34.49 -25.51 -12.99
N SER E 120 35.78 -25.21 -12.90
CA SER E 120 36.82 -26.23 -12.85
C SER E 120 37.67 -26.00 -11.61
N GLY E 121 37.79 -27.03 -10.78
CA GLY E 121 38.55 -26.90 -9.55
C GLY E 121 37.91 -25.89 -8.62
N VAL E 122 38.75 -25.05 -8.01
CA VAL E 122 38.27 -24.01 -7.10
C VAL E 122 38.11 -22.67 -7.79
N ASN E 123 38.34 -22.59 -9.10
CA ASN E 123 38.31 -21.35 -9.84
C ASN E 123 37.09 -21.30 -10.74
N ALA E 124 36.35 -20.20 -10.68
CA ALA E 124 35.21 -20.00 -11.56
C ALA E 124 35.68 -19.63 -12.96
N VAL E 125 34.94 -20.09 -13.95
CA VAL E 125 35.22 -19.79 -15.35
C VAL E 125 34.02 -19.07 -15.94
N THR E 126 34.28 -18.03 -16.72
CA THR E 126 33.25 -17.19 -17.30
C THR E 126 33.14 -17.41 -18.80
N LYS E 127 31.99 -17.03 -19.34
CA LYS E 127 31.68 -17.19 -20.76
C LYS E 127 31.49 -15.82 -21.40
N ALA E 128 31.91 -15.72 -22.66
CA ALA E 128 31.86 -14.44 -23.36
C ALA E 128 30.42 -13.98 -23.59
N ALA E 129 29.48 -14.90 -23.72
CA ALA E 129 28.10 -14.52 -24.00
C ALA E 129 27.45 -13.83 -22.82
N THR E 130 27.81 -14.20 -21.58
CA THR E 130 27.19 -13.67 -20.39
C THR E 130 28.05 -12.63 -19.69
N THR E 131 29.08 -12.10 -20.36
CA THR E 131 29.98 -11.12 -19.78
C THR E 131 29.77 -9.76 -20.44
N ILE E 132 29.64 -8.72 -19.62
CA ILE E 132 29.48 -7.35 -20.09
C ILE E 132 30.46 -6.48 -19.33
N GLU E 133 30.81 -5.34 -19.93
CA GLU E 133 31.82 -4.45 -19.36
C GLU E 133 31.34 -3.01 -19.42
N MET E 134 31.76 -2.22 -18.43
CA MET E 134 31.44 -0.81 -18.36
C MET E 134 32.72 -0.03 -18.09
N LEU E 135 32.95 1.03 -18.85
CA LEU E 135 34.20 1.79 -18.80
C LEU E 135 33.96 3.20 -18.30
N ASP E 136 34.97 3.76 -17.65
CA ASP E 136 34.96 5.15 -17.18
C ASP E 136 33.81 5.40 -16.20
N CYS E 137 33.76 4.59 -15.15
CA CYS E 137 32.69 4.68 -14.18
C CYS E 137 33.07 5.56 -13.00
N LYS E 138 32.06 6.22 -12.43
CA LYS E 138 32.21 7.03 -11.22
C LYS E 138 31.40 6.38 -10.10
N ILE E 139 32.01 6.21 -8.94
CA ILE E 139 31.39 5.54 -7.81
C ILE E 139 31.00 6.58 -6.78
N TYR E 140 29.72 6.62 -6.44
CA TYR E 140 29.16 7.55 -5.46
C TYR E 140 28.37 6.76 -4.43
N SER E 141 28.22 7.35 -3.25
CA SER E 141 27.52 6.73 -2.14
C SER E 141 26.20 7.45 -1.87
N ASP E 142 25.38 6.81 -1.04
CA ASP E 142 24.13 7.38 -0.56
C ASP E 142 24.18 7.45 0.97
N ALA E 143 23.09 7.91 1.57
CA ALA E 143 23.01 7.97 3.01
C ALA E 143 22.95 6.57 3.60
N ILE E 144 23.68 6.37 4.70
CA ILE E 144 23.76 5.08 5.38
C ILE E 144 22.99 5.19 6.68
N ASP E 145 22.04 4.28 6.88
CA ASP E 145 21.11 4.36 8.01
C ASP E 145 21.63 3.52 9.18
N PHE E 146 21.79 4.16 10.33
CA PHE E 146 22.09 3.49 11.58
C PHE E 146 20.91 3.65 12.52
N SER E 147 20.55 2.57 13.21
CA SER E 147 19.47 2.65 14.18
C SER E 147 19.63 1.53 15.20
N THR E 148 19.19 1.80 16.42
CA THR E 148 19.09 0.75 17.42
C THR E 148 17.88 -0.12 17.09
N GLU E 149 17.52 -1.03 18.00
CA GLU E 149 16.41 -1.96 17.85
C GLU E 149 16.38 -2.64 16.48
N ASP E 150 17.53 -2.69 15.80
CA ASP E 150 17.69 -3.43 14.56
C ASP E 150 18.75 -4.49 14.77
N VAL E 151 18.65 -5.22 15.88
CA VAL E 151 19.68 -6.15 16.30
C VAL E 151 19.87 -7.30 15.32
N THR E 152 18.86 -7.60 14.51
CA THR E 152 18.93 -8.71 13.57
C THR E 152 19.43 -8.29 12.19
N ALA E 153 19.78 -7.02 12.00
CA ALA E 153 20.18 -6.52 10.70
C ALA E 153 21.63 -6.06 10.71
N ALA E 154 22.23 -6.02 9.53
CA ALA E 154 23.60 -5.56 9.34
C ALA E 154 23.58 -4.36 8.41
N VAL E 155 24.52 -3.43 8.66
CA VAL E 155 24.55 -2.19 7.90
C VAL E 155 24.98 -2.47 6.46
N ARG E 156 24.25 -1.90 5.51
CA ARG E 156 24.48 -2.15 4.08
C ARG E 156 24.46 -0.84 3.31
N PRO E 157 25.63 -0.29 2.97
CA PRO E 157 25.67 0.92 2.16
C PRO E 157 25.11 0.70 0.76
N SER E 158 24.54 1.77 0.20
CA SER E 158 24.03 1.76 -1.16
C SER E 158 24.94 2.61 -2.04
N LEU E 159 25.40 2.04 -3.15
CA LEU E 159 26.32 2.71 -4.05
C LEU E 159 25.62 3.01 -5.38
N ARG E 160 25.93 4.16 -5.94
CA ARG E 160 25.39 4.57 -7.24
C ARG E 160 26.55 4.75 -8.20
N ILE E 161 26.54 3.99 -9.29
CA ILE E 161 27.62 3.95 -10.26
C ILE E 161 27.10 4.43 -11.61
N VAL E 162 27.80 5.37 -12.22
CA VAL E 162 27.44 5.88 -13.54
C VAL E 162 28.52 5.48 -14.54
N TYR E 163 28.11 4.75 -15.58
CA TYR E 163 29.01 4.29 -16.62
C TYR E 163 28.91 5.21 -17.83
N ASN E 164 29.91 5.13 -18.70
CA ASN E 164 29.96 5.98 -19.88
C ASN E 164 30.09 5.22 -21.19
N TRP E 165 30.36 3.91 -21.14
CA TRP E 165 30.41 3.11 -22.35
C TRP E 165 30.20 1.65 -21.97
N ILE E 166 29.46 0.92 -22.81
CA ILE E 166 29.18 -0.49 -22.60
C ILE E 166 29.82 -1.28 -23.74
N GLU E 167 30.67 -2.25 -23.38
CA GLU E 167 31.42 -3.00 -24.37
C GLU E 167 31.28 -4.50 -24.13
N TRP E 168 31.26 -5.25 -25.21
CA TRP E 168 31.20 -6.71 -25.13
C TRP E 168 31.99 -7.34 -26.27
N GLY F 2 16.71 -34.78 -17.39
CA GLY F 2 16.04 -33.55 -17.75
C GLY F 2 17.00 -32.50 -18.28
N HIS F 3 17.83 -31.96 -17.38
CA HIS F 3 18.84 -30.97 -17.73
C HIS F 3 20.18 -31.67 -17.86
N ASN F 4 20.79 -31.58 -19.04
CA ASN F 4 22.06 -32.24 -19.30
C ASN F 4 23.27 -31.38 -18.96
N ASN F 5 23.06 -30.13 -18.54
CA ASN F 5 24.16 -29.24 -18.17
C ASN F 5 24.52 -29.32 -16.70
N THR F 6 23.71 -30.02 -15.88
CA THR F 6 23.93 -30.01 -14.44
C THR F 6 25.21 -30.74 -14.08
N LYS F 7 25.97 -30.15 -13.15
CA LYS F 7 27.17 -30.78 -12.62
C LYS F 7 27.44 -30.19 -11.25
N GLY F 8 27.73 -31.05 -10.28
CA GLY F 8 27.98 -30.60 -8.92
C GLY F 8 29.46 -30.39 -8.66
N ASN F 9 29.76 -29.36 -7.87
CA ASN F 9 31.15 -29.04 -7.53
C ASN F 9 31.12 -28.30 -6.20
N ARG F 10 31.41 -29.02 -5.11
CA ARG F 10 31.36 -28.42 -3.79
C ARG F 10 32.70 -27.89 -3.31
N LYS F 11 33.79 -28.16 -4.03
CA LYS F 11 35.06 -27.52 -3.71
C LYS F 11 35.01 -26.02 -4.01
N PHE F 12 34.35 -25.66 -5.11
CA PHE F 12 34.19 -24.25 -5.45
C PHE F 12 33.36 -23.53 -4.41
N ILE F 13 32.29 -24.16 -3.93
CA ILE F 13 31.45 -23.54 -2.91
C ILE F 13 32.21 -23.41 -1.60
N LYS F 14 33.01 -24.41 -1.24
CA LYS F 14 33.83 -24.32 -0.04
C LYS F 14 34.84 -23.18 -0.16
N GLY F 15 35.44 -23.02 -1.33
CA GLY F 15 36.35 -21.91 -1.53
C GLY F 15 35.66 -20.56 -1.39
N ARG F 16 34.45 -20.45 -1.93
CA ARG F 16 33.69 -19.21 -1.79
C ARG F 16 33.37 -18.93 -0.32
N TYR F 17 32.99 -19.98 0.42
CA TYR F 17 32.68 -19.81 1.84
C TYR F 17 33.89 -19.33 2.63
N THR F 18 35.05 -19.95 2.39
CA THR F 18 36.26 -19.53 3.09
C THR F 18 36.66 -18.11 2.70
N ALA F 19 36.53 -17.76 1.42
CA ALA F 19 36.88 -16.41 0.99
C ALA F 19 35.99 -15.37 1.63
N ASN F 20 34.68 -15.65 1.72
CA ASN F 20 33.78 -14.71 2.40
C ASN F 20 34.10 -14.61 3.88
N ALA F 21 34.37 -15.74 4.53
CA ALA F 21 34.66 -15.73 5.96
C ALA F 21 36.04 -15.20 6.29
N ALA F 22 36.89 -14.98 5.27
CA ALA F 22 38.24 -14.48 5.53
C ALA F 22 38.21 -13.12 6.20
N LYS F 23 37.32 -12.24 5.77
CA LYS F 23 37.20 -10.93 6.41
C LYS F 23 36.57 -11.08 7.79
N GLY F 24 36.74 -10.05 8.62
CA GLY F 24 36.49 -10.19 10.04
C GLY F 24 35.05 -10.39 10.47
N GLU F 25 34.24 -9.35 10.40
CA GLU F 25 32.85 -9.43 10.82
C GLU F 25 32.00 -8.52 9.95
N ARG F 26 30.73 -8.42 10.31
CA ARG F 26 29.81 -7.48 9.71
C ARG F 26 29.30 -6.54 10.80
N LEU F 27 29.37 -5.24 10.54
CA LEU F 27 28.98 -4.24 11.52
C LEU F 27 27.46 -4.30 11.72
N VAL F 28 27.03 -4.36 12.97
CA VAL F 28 25.62 -4.36 13.29
C VAL F 28 25.13 -2.91 13.34
N SER F 29 23.93 -2.67 12.83
CA SER F 29 23.42 -1.31 12.69
C SER F 29 23.08 -0.66 14.02
N SER F 30 23.08 -1.41 15.12
CA SER F 30 22.72 -0.86 16.42
C SER F 30 23.90 -0.30 17.19
N GLU F 31 25.09 -0.25 16.60
CA GLU F 31 26.31 0.15 17.29
C GLU F 31 26.85 1.44 16.66
N PHE F 32 26.65 2.56 17.34
CA PHE F 32 27.13 3.85 16.89
C PHE F 32 27.15 4.80 18.08
N LEU F 33 27.48 6.07 17.83
CA LEU F 33 27.55 7.07 18.88
C LEU F 33 27.62 8.45 18.26
N LEU F 34 26.88 9.40 18.84
CA LEU F 34 26.93 10.80 18.47
C LEU F 34 27.40 11.62 19.68
N THR F 35 28.13 12.70 19.42
CA THR F 35 28.77 13.46 20.49
C THR F 35 28.15 14.83 20.74
N PHE F 36 27.85 15.59 19.68
CA PHE F 36 27.23 16.91 19.79
C PHE F 36 28.13 17.93 20.47
N ALA F 37 29.45 17.77 20.34
CA ALA F 37 30.45 18.76 20.80
C ALA F 37 30.30 18.97 22.30
N GLY F 38 29.98 20.18 22.76
CA GLY F 38 30.01 20.49 24.19
C GLY F 38 28.88 19.90 25.00
N HIS F 39 27.84 19.38 24.35
CA HIS F 39 26.71 18.77 25.06
C HIS F 39 26.82 17.25 24.91
N GLU F 40 27.61 16.65 25.80
CA GLU F 40 27.86 15.22 25.76
C GLU F 40 26.89 14.42 26.62
N ASP F 41 25.95 15.06 27.30
CA ASP F 41 24.99 14.37 28.14
C ASP F 41 23.79 13.84 27.37
N ILE F 42 23.68 14.17 26.08
CA ILE F 42 22.54 13.76 25.25
C ILE F 42 22.88 12.54 24.41
N SER F 43 24.15 12.13 24.38
CA SER F 43 24.56 11.02 23.51
C SER F 43 23.81 9.74 23.83
N VAL F 44 23.31 9.59 25.05
CA VAL F 44 22.61 8.38 25.44
C VAL F 44 21.25 8.29 24.75
N LEU F 45 20.56 9.43 24.62
CA LEU F 45 19.17 9.44 24.21
C LEU F 45 18.95 9.30 22.71
N VAL F 46 20.02 9.28 21.90
CA VAL F 46 19.83 9.15 20.45
C VAL F 46 19.38 7.73 20.12
N ARG F 47 18.58 7.61 19.06
CA ARG F 47 18.02 6.33 18.65
C ARG F 47 18.14 6.03 17.17
N THR F 48 18.48 7.01 16.35
CA THR F 48 18.65 6.81 14.91
C THR F 48 19.58 7.88 14.38
N SER F 49 20.48 7.50 13.48
CA SER F 49 21.42 8.44 12.89
C SER F 49 21.67 8.03 11.44
N GLN F 50 22.53 8.79 10.77
CA GLN F 50 22.82 8.56 9.36
C GLN F 50 24.26 8.97 9.06
N ILE F 51 24.69 8.63 7.85
CA ILE F 51 25.99 9.06 7.31
C ILE F 51 25.73 10.01 6.16
N PRO F 52 26.51 11.08 6.01
CA PRO F 52 26.29 12.01 4.90
C PRO F 52 26.41 11.35 3.54
N GLU F 53 26.02 12.10 2.51
CA GLU F 53 25.76 11.52 1.19
C GLU F 53 27.02 11.00 0.52
N MET F 54 28.10 11.79 0.52
CA MET F 54 29.33 11.45 -0.20
C MET F 54 29.09 11.34 -1.70
N THR F 55 28.80 12.49 -2.33
CA THR F 55 28.56 12.53 -3.76
C THR F 55 29.25 13.75 -4.37
N ARG F 56 29.14 13.87 -5.69
CA ARG F 56 29.62 15.02 -6.44
C ARG F 56 28.56 15.43 -7.45
N GLU F 57 28.59 16.69 -7.84
CA GLU F 57 27.75 17.14 -8.93
C GLU F 57 28.25 16.54 -10.24
N ASP F 58 27.35 16.37 -11.20
CA ASP F 58 27.70 15.75 -12.48
C ASP F 58 27.39 16.69 -13.63
N VAL F 59 28.26 16.68 -14.64
CA VAL F 59 28.18 17.58 -15.78
C VAL F 59 28.00 16.73 -17.03
N GLU F 60 26.94 17.00 -17.78
CA GLU F 60 26.59 16.21 -18.96
C GLU F 60 26.94 16.98 -20.23
N ASP F 61 27.62 16.31 -21.14
CA ASP F 61 28.00 16.90 -22.42
C ASP F 61 27.71 15.89 -23.52
N TYR F 62 27.06 16.35 -24.58
CA TYR F 62 26.76 15.51 -25.73
C TYR F 62 27.78 15.78 -26.82
N GLY F 63 28.56 14.75 -27.18
CA GLY F 63 29.57 14.89 -28.18
C GLY F 63 29.02 14.76 -29.59
N PRO F 64 29.89 14.54 -30.56
CA PRO F 64 29.43 14.35 -31.94
C PRO F 64 28.48 13.15 -32.02
N ASN F 65 27.49 13.27 -32.90
CA ASN F 65 26.38 12.32 -32.99
C ASN F 65 25.69 12.34 -31.62
N GLY F 66 25.41 11.20 -31.01
CA GLY F 66 24.71 11.22 -29.73
C GLY F 66 25.57 10.78 -28.56
N VAL F 67 26.89 10.88 -28.70
CA VAL F 67 27.80 10.41 -27.67
C VAL F 67 27.70 11.34 -26.46
N LYS F 68 27.55 10.74 -25.27
CA LYS F 68 27.35 11.47 -24.04
C LYS F 68 28.40 11.07 -23.01
N PHE F 69 28.88 12.04 -22.25
CA PHE F 69 29.86 11.81 -21.19
C PHE F 69 29.43 12.50 -19.91
N ASN F 70 29.57 11.80 -18.80
CA ASN F 70 29.32 12.37 -17.47
C ASN F 70 30.66 12.63 -16.80
N GLN F 71 30.83 13.84 -16.27
CA GLN F 71 32.10 14.30 -15.75
C GLN F 71 31.95 14.69 -14.29
N HIS F 72 33.02 14.49 -13.52
CA HIS F 72 33.02 14.86 -12.12
C HIS F 72 32.84 16.37 -11.96
N GLY F 73 32.16 16.77 -10.89
CA GLY F 73 31.95 18.16 -10.59
C GLY F 73 32.38 18.52 -9.19
N PRO F 74 31.98 19.70 -8.72
CA PRO F 74 32.36 20.13 -7.37
C PRO F 74 31.72 19.25 -6.31
N ILE F 75 32.40 19.16 -5.17
CA ILE F 75 31.90 18.35 -4.06
C ILE F 75 30.63 18.97 -3.50
N ARG F 76 29.80 18.13 -2.88
CA ARG F 76 28.59 18.59 -2.21
C ARG F 76 28.90 18.72 -0.71
N ASN F 77 28.77 19.94 -0.18
CA ASN F 77 29.12 20.21 1.21
C ASN F 77 27.94 20.02 2.14
N SER F 78 26.83 20.68 1.85
CA SER F 78 25.71 20.74 2.78
C SER F 78 24.65 19.71 2.45
N GLY F 79 23.89 19.32 3.45
CA GLY F 79 22.85 18.32 3.31
C GLY F 79 22.01 18.28 4.57
N GLU F 80 21.23 17.21 4.69
CA GLU F 80 20.38 17.01 5.86
C GLU F 80 20.58 15.60 6.41
N ILE F 81 20.38 15.46 7.71
CA ILE F 81 20.48 14.19 8.41
C ILE F 81 19.30 14.06 9.34
N GLN F 82 18.64 12.90 9.33
CA GLN F 82 17.49 12.64 10.18
C GLN F 82 17.94 11.90 11.43
N VAL F 83 17.69 12.50 12.59
CA VAL F 83 18.07 11.94 13.87
C VAL F 83 16.86 11.89 14.79
N GLN F 84 16.66 10.75 15.43
CA GLN F 84 15.55 10.55 16.35
C GLN F 84 16.09 10.31 17.76
N CYS F 85 15.48 10.94 18.74
CA CYS F 85 15.88 10.81 20.14
C CYS F 85 14.67 10.42 20.98
N VAL F 86 14.94 9.80 22.12
CA VAL F 86 13.89 9.45 23.07
C VAL F 86 13.73 10.62 24.04
N GLU F 87 12.58 10.67 24.70
CA GLU F 87 12.23 11.79 25.56
C GLU F 87 12.02 11.33 27.00
N THR F 88 12.58 12.07 27.94
CA THR F 88 12.45 11.80 29.36
C THR F 88 11.37 12.69 29.97
N ILE F 89 11.02 12.38 31.22
CA ILE F 89 10.01 13.17 31.93
C ILE F 89 10.56 14.47 32.49
N GLU F 90 11.82 14.79 32.22
CA GLU F 90 12.41 16.06 32.64
C GLU F 90 12.71 16.98 31.47
N GLY F 91 12.36 16.59 30.25
CA GLY F 91 12.48 17.45 29.09
C GLY F 91 13.89 17.85 28.71
N ASP F 92 14.82 16.89 28.69
CA ASP F 92 16.17 17.19 28.25
C ASP F 92 16.19 17.60 26.78
N ILE F 93 15.48 16.86 25.93
CA ILE F 93 15.48 17.16 24.50
C ILE F 93 14.77 18.47 24.22
N LEU F 94 13.62 18.70 24.86
CA LEU F 94 12.91 19.96 24.67
C LEU F 94 13.74 21.14 25.13
N GLN F 95 14.39 21.03 26.29
CA GLN F 95 15.23 22.13 26.76
C GLN F 95 16.40 22.37 25.82
N PHE F 96 17.00 21.29 25.31
CA PHE F 96 18.10 21.42 24.36
C PHE F 96 17.65 22.15 23.10
N ILE F 97 16.50 21.78 22.57
CA ILE F 97 16.00 22.42 21.34
C ILE F 97 15.63 23.87 21.60
N LYS F 98 15.01 24.16 22.76
CA LYS F 98 14.68 25.52 23.11
C LYS F 98 15.92 26.39 23.18
N ASP F 99 16.97 25.88 23.84
CA ASP F 99 18.21 26.64 23.96
C ASP F 99 18.86 26.84 22.59
N ARG F 100 18.79 25.83 21.72
CA ARG F 100 19.39 25.97 20.40
C ARG F 100 18.64 27.00 19.55
N ILE F 101 17.32 27.04 19.68
CA ILE F 101 16.54 28.02 18.92
C ILE F 101 16.77 29.43 19.46
N ALA F 102 16.85 29.57 20.79
CA ALA F 102 16.95 30.89 21.39
C ALA F 102 18.21 31.61 20.95
N ALA F 103 19.34 30.91 20.90
CA ALA F 103 20.62 31.49 20.51
C ALA F 103 21.11 30.82 19.24
N LYS F 104 21.37 31.62 18.21
CA LYS F 104 21.92 31.08 16.97
C LYS F 104 23.29 30.50 17.21
N ASP F 105 23.44 29.20 16.98
CA ASP F 105 24.68 28.51 17.28
C ASP F 105 25.00 27.53 16.17
N TYR F 106 26.28 27.19 16.06
CA TYR F 106 26.74 26.14 15.16
C TYR F 106 27.51 25.11 15.99
N VAL F 107 27.14 23.84 15.84
CA VAL F 107 27.65 22.77 16.68
C VAL F 107 28.32 21.72 15.79
N ASP F 108 29.47 21.21 16.22
CA ASP F 108 30.17 20.16 15.50
C ASP F 108 29.71 18.80 16.00
N ILE F 109 29.40 17.91 15.06
CA ILE F 109 28.81 16.61 15.38
C ILE F 109 29.71 15.53 14.82
N THR F 110 30.05 14.54 15.65
CA THR F 110 30.91 13.43 15.27
C THR F 110 30.13 12.12 15.32
N MET F 111 30.23 11.33 14.26
CA MET F 111 29.60 10.03 14.16
C MET F 111 30.67 8.95 14.09
N ALA F 112 30.56 7.96 14.97
CA ALA F 112 31.55 6.90 15.06
C ALA F 112 30.86 5.56 15.31
N ALA F 113 31.55 4.49 14.93
CA ALA F 113 31.07 3.13 15.13
C ALA F 113 31.86 2.47 16.25
N THR F 114 31.15 1.92 17.24
CA THR F 114 31.76 1.37 18.44
C THR F 114 31.30 -0.06 18.64
N PRO F 115 31.87 -1.01 17.90
CA PRO F 115 31.49 -2.41 18.09
C PRO F 115 31.99 -2.94 19.43
N GLU F 116 31.31 -3.98 19.91
CA GLU F 116 31.68 -4.59 21.18
C GLU F 116 33.03 -5.29 21.11
N SER F 117 33.35 -5.86 19.95
CA SER F 117 34.59 -6.63 19.82
C SER F 117 35.81 -5.76 20.04
N LYS F 118 35.80 -4.55 19.50
CA LYS F 118 36.93 -3.62 19.64
C LYS F 118 36.60 -2.66 20.79
N SER F 119 36.90 -3.11 22.00
CA SER F 119 36.69 -2.31 23.20
C SER F 119 37.56 -2.85 24.31
N SER F 120 38.08 -1.95 25.14
CA SER F 120 38.93 -2.30 26.26
C SER F 120 38.35 -1.73 27.53
N GLY F 121 38.13 -2.60 28.52
CA GLY F 121 37.51 -2.15 29.76
C GLY F 121 36.09 -1.71 29.51
N VAL F 122 35.65 -0.68 30.25
CA VAL F 122 34.31 -0.13 30.09
C VAL F 122 34.26 0.99 29.06
N ASN F 123 35.36 1.27 28.37
CA ASN F 123 35.44 2.37 27.43
C ASN F 123 35.54 1.82 26.00
N ALA F 124 34.71 2.36 25.11
CA ALA F 124 34.78 1.99 23.71
C ALA F 124 35.94 2.70 23.02
N VAL F 125 36.46 2.07 21.98
CA VAL F 125 37.54 2.64 21.18
C VAL F 125 37.07 2.74 19.74
N THR F 126 37.37 3.87 19.11
CA THR F 126 36.94 4.15 17.74
C THR F 126 38.11 4.01 16.77
N LYS F 127 37.76 3.81 15.51
CA LYS F 127 38.73 3.62 14.44
C LYS F 127 38.64 4.76 13.45
N ALA F 128 39.79 5.18 12.91
CA ALA F 128 39.81 6.30 11.98
C ALA F 128 39.06 6.01 10.70
N ALA F 129 39.04 4.75 10.27
CA ALA F 129 38.37 4.40 9.02
C ALA F 129 36.86 4.54 9.13
N THR F 130 36.28 4.24 10.29
CA THR F 130 34.83 4.25 10.47
C THR F 130 34.33 5.50 11.17
N THR F 131 35.18 6.52 11.32
CA THR F 131 34.81 7.74 12.02
C THR F 131 34.67 8.88 11.02
N ILE F 132 33.58 9.64 11.14
CA ILE F 132 33.30 10.78 10.28
C ILE F 132 32.92 11.96 11.16
N GLU F 133 33.11 13.17 10.62
CA GLU F 133 32.84 14.39 11.35
C GLU F 133 32.07 15.36 10.47
N MET F 134 31.19 16.14 11.11
CA MET F 134 30.41 17.19 10.44
C MET F 134 30.63 18.49 11.19
N LEU F 135 30.85 19.57 10.43
CA LEU F 135 31.19 20.86 11.01
C LEU F 135 30.12 21.89 10.69
N ASP F 136 29.93 22.83 11.61
CA ASP F 136 29.01 23.95 11.43
C ASP F 136 27.58 23.47 11.17
N CYS F 137 27.06 22.66 12.09
CA CYS F 137 25.74 22.08 11.93
C CYS F 137 24.68 22.92 12.65
N LYS F 138 23.48 22.91 12.10
CA LYS F 138 22.32 23.56 12.70
C LYS F 138 21.29 22.49 13.06
N ILE F 139 20.81 22.52 14.30
CA ILE F 139 19.89 21.51 14.81
C ILE F 139 18.50 22.13 14.86
N TYR F 140 17.55 21.52 14.15
CA TYR F 140 16.17 21.96 14.11
C TYR F 140 15.28 20.82 14.55
N SER F 141 14.12 21.17 15.12
CA SER F 141 13.18 20.19 15.61
C SER F 141 12.12 19.89 14.54
N ASP F 142 11.09 19.16 14.95
CA ASP F 142 9.98 18.81 14.09
C ASP F 142 8.74 18.69 14.96
N ALA F 143 7.61 18.37 14.32
CA ALA F 143 6.38 18.19 15.07
C ALA F 143 6.46 16.93 15.92
N ILE F 144 6.07 17.06 17.19
CA ILE F 144 6.10 15.96 18.15
C ILE F 144 4.67 15.49 18.38
N ASP F 145 4.45 14.20 18.26
CA ASP F 145 3.10 13.63 18.27
C ASP F 145 2.76 13.09 19.64
N PHE F 146 1.66 13.57 20.21
CA PHE F 146 1.09 13.06 21.45
C PHE F 146 -0.29 12.50 21.16
N SER F 147 -0.61 11.36 21.77
CA SER F 147 -1.93 10.79 21.61
C SER F 147 -2.20 9.81 22.74
N THR F 148 -3.47 9.65 23.08
CA THR F 148 -3.87 8.60 24.01
C THR F 148 -3.83 7.27 23.25
N GLU F 149 -4.34 6.21 23.89
CA GLU F 149 -4.41 4.86 23.33
C GLU F 149 -3.06 4.36 22.81
N ASP F 150 -1.98 5.06 23.11
CA ASP F 150 -0.63 4.65 22.75
C ASP F 150 0.14 4.31 24.01
N VAL F 151 -0.50 3.55 24.90
CA VAL F 151 0.06 3.24 26.21
C VAL F 151 1.36 2.45 26.10
N THR F 152 1.59 1.76 25.00
CA THR F 152 2.79 0.95 24.83
C THR F 152 3.93 1.68 24.14
N ALA F 153 3.76 2.97 23.83
CA ALA F 153 4.77 3.72 23.10
C ALA F 153 5.29 4.89 23.93
N ALA F 154 6.55 5.23 23.69
CA ALA F 154 7.19 6.38 24.33
C ALA F 154 7.46 7.44 23.28
N VAL F 155 7.30 8.70 23.67
CA VAL F 155 7.36 9.79 22.71
C VAL F 155 8.78 9.96 22.20
N ARG F 156 8.94 10.07 20.89
CA ARG F 156 10.24 10.14 20.23
C ARG F 156 10.29 11.33 19.28
N PRO F 157 10.83 12.46 19.71
CA PRO F 157 10.96 13.61 18.81
C PRO F 157 11.91 13.32 17.65
N SER F 158 11.64 13.97 16.52
CA SER F 158 12.46 13.86 15.33
C SER F 158 13.24 15.15 15.14
N LEU F 159 14.55 15.03 14.91
CA LEU F 159 15.43 16.17 14.74
C LEU F 159 15.94 16.21 13.30
N ARG F 160 16.11 17.42 12.77
CA ARG F 160 16.66 17.62 11.43
C ARG F 160 17.92 18.46 11.56
N ILE F 161 19.04 17.91 11.11
CA ILE F 161 20.35 18.53 11.25
C ILE F 161 20.91 18.79 9.86
N VAL F 162 21.35 20.02 9.61
CA VAL F 162 21.97 20.38 8.34
C VAL F 162 23.45 20.69 8.60
N TYR F 163 24.32 19.98 7.89
CA TYR F 163 25.76 20.13 8.02
C TYR F 163 26.29 20.99 6.89
N ASN F 164 27.52 21.50 7.06
CA ASN F 164 28.11 22.41 6.09
C ASN F 164 29.47 21.98 5.60
N TRP F 165 30.12 21.01 6.26
CA TRP F 165 31.39 20.48 5.79
C TRP F 165 31.61 19.12 6.41
N ILE F 166 32.15 18.19 5.63
CA ILE F 166 32.42 16.83 6.08
C ILE F 166 33.94 16.63 6.10
N GLU F 167 34.47 16.23 7.25
CA GLU F 167 35.90 16.06 7.40
C GLU F 167 36.22 14.69 7.98
N TRP F 168 37.31 14.11 7.51
CA TRP F 168 37.82 12.85 8.06
C TRP F 168 39.35 12.86 8.07
N LYS G 11 11.88 -31.73 81.81
CA LYS G 11 11.41 -30.71 80.88
C LYS G 11 11.65 -29.31 81.45
N PHE G 12 12.60 -28.59 80.84
CA PHE G 12 12.94 -27.24 81.24
C PHE G 12 12.83 -26.32 80.02
N ILE G 13 12.14 -25.21 80.17
CA ILE G 13 11.95 -24.27 79.06
C ILE G 13 13.22 -23.42 78.97
N LYS G 14 14.12 -23.79 78.06
CA LYS G 14 15.38 -23.07 77.92
C LYS G 14 15.22 -21.74 77.19
N GLY G 15 14.36 -21.68 76.18
CA GLY G 15 14.23 -20.46 75.40
C GLY G 15 12.93 -20.43 74.63
N ARG G 16 12.84 -19.46 73.72
CA ARG G 16 11.66 -19.24 72.90
C ARG G 16 11.97 -19.50 71.45
N TYR G 17 11.01 -20.07 70.73
CA TYR G 17 11.15 -20.38 69.32
C TYR G 17 10.47 -19.31 68.48
N THR G 18 11.16 -18.83 67.45
CA THR G 18 10.63 -17.85 66.52
C THR G 18 10.86 -18.33 65.10
N ALA G 19 9.91 -18.02 64.21
CA ALA G 19 9.97 -18.44 62.82
C ALA G 19 9.87 -17.23 61.91
N ASN G 20 10.64 -17.25 60.82
CA ASN G 20 10.71 -16.14 59.89
C ASN G 20 10.07 -16.47 58.55
N ALA G 21 9.03 -17.29 58.56
CA ALA G 21 8.34 -17.70 57.34
C ALA G 21 6.84 -17.61 57.56
N ALA G 22 6.11 -17.48 56.46
CA ALA G 22 4.66 -17.37 56.51
C ALA G 22 4.05 -18.76 56.61
N LYS G 23 3.25 -18.98 57.64
CA LYS G 23 2.54 -20.24 57.84
C LYS G 23 1.04 -19.96 57.89
N GLY G 24 0.27 -20.73 57.14
CA GLY G 24 -1.17 -20.60 57.17
C GLY G 24 -1.81 -21.66 56.30
N GLU G 25 -3.03 -22.03 56.67
CA GLU G 25 -3.78 -22.99 55.88
C GLU G 25 -4.09 -22.40 54.51
N ARG G 26 -4.21 -23.26 53.51
CA ARG G 26 -4.44 -22.81 52.16
C ARG G 26 -5.93 -22.79 51.84
N LEU G 27 -6.34 -21.84 51.01
CA LEU G 27 -7.74 -21.74 50.63
C LEU G 27 -8.17 -22.92 49.77
N VAL G 28 -9.47 -23.16 49.76
CA VAL G 28 -10.10 -24.06 48.81
C VAL G 28 -10.99 -23.22 47.90
N SER G 29 -10.88 -23.44 46.59
CA SER G 29 -11.61 -22.63 45.63
C SER G 29 -13.09 -22.96 45.57
N SER G 30 -13.61 -23.74 46.52
CA SER G 30 -15.00 -24.16 46.51
C SER G 30 -15.93 -23.23 47.29
N GLU G 31 -15.40 -22.15 47.88
CA GLU G 31 -16.20 -21.20 48.64
C GLU G 31 -15.92 -19.80 48.13
N PHE G 32 -16.98 -19.11 47.69
CA PHE G 32 -16.87 -17.73 47.23
C PHE G 32 -18.27 -17.15 47.12
N LEU G 33 -18.34 -15.84 46.96
CA LEU G 33 -19.62 -15.13 46.90
C LEU G 33 -19.58 -14.12 45.76
N LEU G 34 -20.75 -13.84 45.19
CA LEU G 34 -20.89 -12.90 44.08
C LEU G 34 -22.22 -12.18 44.23
N THR G 35 -22.19 -10.96 44.78
CA THR G 35 -23.39 -10.27 45.22
C THR G 35 -24.24 -9.71 44.09
N PHE G 36 -23.61 -9.23 43.01
CA PHE G 36 -24.32 -8.69 41.85
C PHE G 36 -25.19 -7.48 42.22
N ALA G 37 -24.65 -6.59 43.05
CA ALA G 37 -25.27 -5.31 43.40
C ALA G 37 -26.64 -5.58 44.01
N GLY G 38 -27.73 -4.98 43.51
CA GLY G 38 -29.04 -5.11 44.09
C GLY G 38 -29.80 -6.37 43.77
N HIS G 39 -29.24 -7.24 42.93
CA HIS G 39 -29.86 -8.53 42.63
C HIS G 39 -29.17 -9.63 43.44
N GLU G 40 -29.45 -9.60 44.76
CA GLU G 40 -28.77 -10.50 45.66
C GLU G 40 -29.28 -11.93 45.56
N ASP G 41 -30.50 -12.13 45.09
CA ASP G 41 -31.07 -13.47 45.06
C ASP G 41 -30.45 -14.38 44.00
N ILE G 42 -29.64 -13.83 43.09
CA ILE G 42 -28.99 -14.64 42.06
C ILE G 42 -27.70 -15.27 42.54
N SER G 43 -27.17 -14.84 43.70
CA SER G 43 -25.86 -15.29 44.15
C SER G 43 -25.80 -16.79 44.41
N VAL G 44 -26.95 -17.46 44.54
CA VAL G 44 -26.94 -18.88 44.85
C VAL G 44 -26.67 -19.72 43.60
N LEU G 45 -26.99 -19.19 42.41
CA LEU G 45 -26.93 -19.99 41.19
C LEU G 45 -25.56 -20.04 40.54
N VAL G 46 -24.57 -19.28 41.03
CA VAL G 46 -23.28 -19.25 40.37
C VAL G 46 -22.48 -20.52 40.71
N ARG G 47 -21.60 -20.91 39.79
CA ARG G 47 -20.73 -22.07 40.00
C ARG G 47 -19.28 -21.84 39.60
N THR G 48 -18.97 -20.76 38.87
CA THR G 48 -17.60 -20.51 38.44
C THR G 48 -17.41 -19.01 38.28
N SER G 49 -16.33 -18.49 38.87
CA SER G 49 -16.02 -17.07 38.79
C SER G 49 -14.50 -16.90 38.69
N GLN G 50 -14.05 -15.65 38.60
CA GLN G 50 -12.64 -15.35 38.46
C GLN G 50 -12.30 -14.07 39.20
N ILE G 51 -11.01 -13.79 39.31
CA ILE G 51 -10.50 -12.52 39.83
C ILE G 51 -9.83 -11.80 38.67
N PRO G 52 -9.99 -10.47 38.55
CA PRO G 52 -9.42 -9.74 37.41
C PRO G 52 -7.91 -9.91 37.30
N GLU G 53 -7.40 -9.39 36.18
CA GLU G 53 -6.01 -9.66 35.79
C GLU G 53 -5.01 -9.02 36.74
N MET G 54 -5.22 -7.74 37.07
CA MET G 54 -4.31 -6.98 37.92
C MET G 54 -2.90 -6.92 37.33
N THR G 55 -2.79 -6.23 36.18
CA THR G 55 -1.54 -6.10 35.45
C THR G 55 -1.34 -4.64 35.06
N ARG G 56 -0.28 -4.38 34.31
CA ARG G 56 0.04 -3.05 33.81
C ARG G 56 0.69 -3.15 32.45
N GLU G 57 0.59 -2.06 31.68
CA GLU G 57 1.21 -2.02 30.36
C GLU G 57 2.73 -1.89 30.50
N ASP G 58 3.44 -2.31 29.45
CA ASP G 58 4.90 -2.29 29.44
C ASP G 58 5.38 -1.47 28.24
N VAL G 59 6.27 -0.53 28.50
CA VAL G 59 6.86 0.31 27.47
C VAL G 59 8.28 -0.17 27.22
N GLU G 60 8.60 -0.48 25.97
CA GLU G 60 9.88 -1.04 25.59
C GLU G 60 10.78 0.04 25.00
N ASP G 61 12.04 0.05 25.41
CA ASP G 61 13.03 1.00 24.90
C ASP G 61 14.34 0.28 24.62
N TYR G 62 15.05 0.76 23.62
CA TYR G 62 16.35 0.20 23.24
C TYR G 62 17.40 1.29 23.40
N GLY G 63 18.38 1.03 24.26
CA GLY G 63 19.42 1.99 24.54
C GLY G 63 20.56 1.89 23.56
N PRO G 64 21.72 2.44 23.93
CA PRO G 64 22.90 2.28 23.08
C PRO G 64 23.27 0.81 22.93
N ASN G 65 23.79 0.47 21.76
CA ASN G 65 24.07 -0.92 21.37
C ASN G 65 22.73 -1.65 21.41
N GLY G 66 22.66 -2.85 21.98
CA GLY G 66 21.42 -3.61 21.93
C GLY G 66 20.70 -3.78 23.26
N VAL G 67 21.08 -2.99 24.27
CA VAL G 67 20.45 -3.13 25.57
C VAL G 67 18.99 -2.72 25.48
N LYS G 68 18.16 -3.35 26.32
CA LYS G 68 16.72 -3.16 26.27
C LYS G 68 16.18 -3.05 27.68
N PHE G 69 15.20 -2.17 27.87
CA PHE G 69 14.58 -1.93 29.17
C PHE G 69 13.06 -2.02 29.04
N ASN G 70 12.43 -2.63 30.04
CA ASN G 70 10.98 -2.63 30.19
C ASN G 70 10.60 -1.73 31.36
N GLN G 71 9.62 -0.87 31.13
CA GLN G 71 9.24 0.16 32.09
C GLN G 71 7.75 0.05 32.40
N HIS G 72 7.39 0.38 33.64
CA HIS G 72 5.98 0.34 34.03
C HIS G 72 5.17 1.34 33.22
N GLY G 73 3.95 0.96 32.87
CA GLY G 73 3.05 1.81 32.14
C GLY G 73 1.78 2.09 32.91
N PRO G 74 0.77 2.64 32.24
CA PRO G 74 -0.50 2.92 32.92
C PRO G 74 -1.25 1.64 33.27
N ILE G 75 -2.12 1.77 34.27
CA ILE G 75 -2.87 0.62 34.78
C ILE G 75 -3.90 0.18 33.74
N ARG G 76 -4.17 -1.12 33.71
CA ARG G 76 -5.23 -1.67 32.88
C ARG G 76 -6.55 -1.63 33.65
N ASN G 77 -7.50 -0.83 33.17
CA ASN G 77 -8.74 -0.62 33.89
C ASN G 77 -9.76 -1.70 33.58
N SER G 78 -10.19 -1.79 32.33
CA SER G 78 -11.30 -2.63 31.93
C SER G 78 -10.80 -3.94 31.32
N GLY G 79 -11.62 -4.97 31.46
CA GLY G 79 -11.31 -6.29 30.95
C GLY G 79 -12.55 -7.15 30.94
N GLU G 80 -12.35 -8.44 30.72
CA GLU G 80 -13.43 -9.41 30.66
C GLU G 80 -13.25 -10.48 31.73
N ILE G 81 -14.34 -11.20 32.00
CA ILE G 81 -14.36 -12.26 33.00
C ILE G 81 -15.48 -13.21 32.63
N GLN G 82 -15.28 -14.50 32.93
CA GLN G 82 -16.23 -15.54 32.56
C GLN G 82 -16.88 -16.14 33.81
N VAL G 83 -18.20 -16.25 33.78
CA VAL G 83 -19.00 -16.77 34.89
C VAL G 83 -19.96 -17.81 34.35
N GLN G 84 -20.09 -18.92 35.08
CA GLN G 84 -21.01 -20.00 34.72
C GLN G 84 -22.00 -20.22 35.84
N CYS G 85 -23.28 -20.35 35.49
CA CYS G 85 -24.35 -20.50 36.48
C CYS G 85 -25.33 -21.56 36.01
N VAL G 86 -26.29 -21.85 36.89
CA VAL G 86 -27.31 -22.88 36.63
C VAL G 86 -28.68 -22.23 36.70
N GLU G 87 -29.58 -22.70 35.83
CA GLU G 87 -30.88 -22.08 35.62
C GLU G 87 -31.99 -22.89 36.28
N THR G 88 -32.94 -22.18 36.90
CA THR G 88 -34.08 -22.78 37.58
C THR G 88 -35.33 -22.67 36.73
N ILE G 89 -36.34 -23.48 37.07
CA ILE G 89 -37.53 -23.63 36.24
C ILE G 89 -38.45 -22.42 36.34
N GLU G 90 -38.06 -21.44 37.14
CA GLU G 90 -38.84 -20.21 37.27
C GLU G 90 -38.35 -19.12 36.32
N GLY G 91 -37.39 -19.42 35.44
CA GLY G 91 -36.89 -18.42 34.51
C GLY G 91 -36.13 -17.28 35.18
N ASP G 92 -35.25 -17.60 36.12
CA ASP G 92 -34.56 -16.54 36.86
C ASP G 92 -33.44 -15.93 36.02
N ILE G 93 -32.47 -16.73 35.59
CA ILE G 93 -31.33 -16.21 34.84
C ILE G 93 -31.79 -15.64 33.51
N LEU G 94 -32.73 -16.32 32.84
CA LEU G 94 -33.21 -15.86 31.54
C LEU G 94 -33.87 -14.50 31.67
N GLN G 95 -34.74 -14.32 32.66
CA GLN G 95 -35.39 -13.02 32.85
C GLN G 95 -34.38 -11.96 33.28
N PHE G 96 -33.39 -12.34 34.08
CA PHE G 96 -32.35 -11.38 34.45
C PHE G 96 -31.62 -10.86 33.23
N ILE G 97 -31.21 -11.77 32.33
CA ILE G 97 -30.50 -11.37 31.12
C ILE G 97 -31.41 -10.54 30.21
N LYS G 98 -32.68 -10.92 30.10
CA LYS G 98 -33.60 -10.14 29.29
C LYS G 98 -33.75 -8.73 29.81
N ASP G 99 -33.89 -8.57 31.13
CA ASP G 99 -34.00 -7.25 31.72
C ASP G 99 -32.71 -6.44 31.52
N ARG G 100 -31.56 -7.09 31.64
CA ARG G 100 -30.30 -6.38 31.45
C ARG G 100 -30.14 -5.90 30.01
N ILE G 101 -30.56 -6.70 29.05
CA ILE G 101 -30.47 -6.29 27.65
C ILE G 101 -31.47 -5.17 27.35
N ALA G 102 -32.68 -5.26 27.91
CA ALA G 102 -33.72 -4.29 27.58
C ALA G 102 -33.32 -2.88 28.00
N ALA G 103 -32.75 -2.73 29.20
CA ALA G 103 -32.38 -1.42 29.74
C ALA G 103 -30.87 -1.37 29.93
N LYS G 104 -30.23 -0.37 29.32
CA LYS G 104 -28.81 -0.17 29.52
C LYS G 104 -28.56 0.29 30.96
N ASP G 105 -27.73 -0.44 31.69
CA ASP G 105 -27.39 -0.04 33.04
C ASP G 105 -26.08 -0.71 33.43
N TYR G 106 -25.46 -0.17 34.48
CA TYR G 106 -24.18 -0.67 34.98
C TYR G 106 -24.37 -1.08 36.44
N VAL G 107 -23.88 -2.28 36.79
CA VAL G 107 -24.00 -2.79 38.14
C VAL G 107 -22.60 -3.00 38.71
N ASP G 108 -22.55 -3.20 40.03
CA ASP G 108 -21.31 -3.38 40.75
C ASP G 108 -21.30 -4.77 41.39
N ILE G 109 -20.18 -5.48 41.23
CA ILE G 109 -20.05 -6.86 41.71
C ILE G 109 -18.96 -6.91 42.76
N THR G 110 -19.26 -7.57 43.88
CA THR G 110 -18.31 -7.79 44.95
C THR G 110 -17.88 -9.25 44.93
N MET G 111 -16.61 -9.50 44.67
CA MET G 111 -16.07 -10.86 44.63
C MET G 111 -15.29 -11.10 45.91
N ALA G 112 -15.66 -12.16 46.64
CA ALA G 112 -15.01 -12.52 47.88
C ALA G 112 -14.54 -13.97 47.82
N ALA G 113 -13.33 -14.21 48.31
CA ALA G 113 -12.74 -15.55 48.29
C ALA G 113 -13.10 -16.38 49.51
N THR G 114 -13.86 -15.84 50.45
CA THR G 114 -14.31 -16.57 51.63
C THR G 114 -15.81 -16.43 51.78
N PRO G 115 -16.48 -17.42 52.37
CA PRO G 115 -17.94 -17.34 52.51
C PRO G 115 -18.39 -16.10 53.26
N GLU G 116 -17.92 -15.94 54.50
CA GLU G 116 -18.24 -14.78 55.31
C GLU G 116 -17.32 -14.81 56.53
N SER G 117 -17.34 -13.76 57.33
CA SER G 117 -16.59 -13.73 58.57
C SER G 117 -17.55 -13.96 59.73
N LYS G 118 -17.16 -14.86 60.63
CA LYS G 118 -17.96 -15.12 61.82
C LYS G 118 -18.10 -13.84 62.63
N SER G 119 -19.31 -13.62 63.16
CA SER G 119 -19.63 -12.38 63.86
C SER G 119 -18.77 -12.14 65.09
N SER G 120 -17.85 -13.06 65.42
CA SER G 120 -16.85 -12.77 66.44
C SER G 120 -15.96 -11.62 66.01
N GLY G 121 -15.57 -11.59 64.74
CA GLY G 121 -14.79 -10.50 64.18
C GLY G 121 -13.47 -10.26 64.87
N VAL G 122 -12.59 -11.27 64.84
CA VAL G 122 -11.30 -11.13 65.51
C VAL G 122 -10.43 -10.12 64.79
N ASN G 123 -10.33 -10.21 63.47
CA ASN G 123 -9.51 -9.30 62.68
C ASN G 123 -10.27 -8.95 61.41
N ALA G 124 -10.01 -7.75 60.89
CA ALA G 124 -10.69 -7.26 59.71
C ALA G 124 -9.78 -7.12 58.50
N VAL G 125 -8.48 -6.86 58.71
CA VAL G 125 -7.58 -6.69 57.57
C VAL G 125 -7.43 -7.98 56.79
N THR G 126 -7.63 -9.13 57.43
CA THR G 126 -7.61 -10.41 56.74
C THR G 126 -8.89 -10.66 55.95
N LYS G 127 -9.91 -9.81 56.11
CA LYS G 127 -11.13 -9.90 55.34
C LYS G 127 -11.09 -8.99 54.13
N ALA G 128 -10.64 -7.75 54.29
CA ALA G 128 -10.51 -6.85 53.16
C ALA G 128 -9.38 -7.27 52.22
N ALA G 129 -8.45 -8.10 52.70
CA ALA G 129 -7.34 -8.52 51.85
C ALA G 129 -7.81 -9.47 50.74
N THR G 130 -8.82 -10.30 51.01
CA THR G 130 -9.25 -11.31 50.06
C THR G 130 -10.36 -10.84 49.13
N THR G 131 -11.02 -9.71 49.44
CA THR G 131 -12.13 -9.26 48.62
C THR G 131 -11.65 -8.32 47.52
N ILE G 132 -12.49 -8.17 46.50
CA ILE G 132 -12.24 -7.26 45.38
C ILE G 132 -13.59 -6.80 44.85
N GLU G 133 -13.59 -5.60 44.26
CA GLU G 133 -14.82 -4.97 43.81
C GLU G 133 -14.64 -4.43 42.39
N MET G 134 -15.64 -4.66 41.56
CA MET G 134 -15.64 -4.17 40.18
C MET G 134 -16.81 -3.21 40.00
N LEU G 135 -16.54 -2.07 39.38
CA LEU G 135 -17.51 -0.99 39.26
C LEU G 135 -17.88 -0.77 37.79
N ASP G 136 -19.13 -0.36 37.57
CA ASP G 136 -19.63 0.00 36.24
C ASP G 136 -19.50 -1.16 35.26
N CYS G 137 -20.07 -2.30 35.64
CA CYS G 137 -19.90 -3.52 34.86
C CYS G 137 -21.05 -3.71 33.87
N LYS G 138 -20.77 -4.48 32.82
CA LYS G 138 -21.75 -4.84 31.81
C LYS G 138 -21.88 -6.36 31.76
N ILE G 139 -23.11 -6.85 31.68
CA ILE G 139 -23.38 -8.29 31.73
C ILE G 139 -24.00 -8.71 30.41
N TYR G 140 -23.38 -9.67 29.73
CA TYR G 140 -23.89 -10.24 28.51
C TYR G 140 -23.92 -11.76 28.66
N SER G 141 -24.50 -12.42 27.67
CA SER G 141 -24.64 -13.88 27.68
C SER G 141 -24.13 -14.47 26.37
N ASP G 142 -23.85 -15.77 26.40
CA ASP G 142 -23.46 -16.52 25.22
C ASP G 142 -24.59 -17.47 24.83
N ALA G 143 -24.34 -18.24 23.78
CA ALA G 143 -25.33 -19.22 23.33
C ALA G 143 -25.50 -20.32 24.37
N ILE G 144 -26.69 -20.90 24.40
CA ILE G 144 -27.06 -21.92 25.37
C ILE G 144 -27.45 -23.18 24.62
N ASP G 145 -26.91 -24.32 25.05
CA ASP G 145 -27.05 -25.57 24.32
C ASP G 145 -28.16 -26.42 24.92
N PHE G 146 -29.14 -26.78 24.09
CA PHE G 146 -30.20 -27.72 24.44
C PHE G 146 -30.07 -28.95 23.56
N SER G 147 -30.12 -30.13 24.18
CA SER G 147 -30.00 -31.37 23.41
C SER G 147 -30.55 -32.52 24.22
N THR G 148 -31.03 -33.54 23.50
CA THR G 148 -31.44 -34.79 24.12
C THR G 148 -30.23 -35.69 24.24
N GLU G 149 -30.46 -36.98 24.51
CA GLU G 149 -29.41 -38.00 24.57
C GLU G 149 -28.55 -37.85 25.81
N ASP G 150 -28.75 -36.77 26.56
CA ASP G 150 -28.09 -36.53 27.85
C ASP G 150 -29.15 -36.14 28.88
N VAL G 151 -29.82 -37.17 29.42
CA VAL G 151 -31.02 -36.93 30.21
C VAL G 151 -30.70 -36.35 31.58
N THR G 152 -29.50 -36.56 32.09
CA THR G 152 -29.15 -36.11 33.43
C THR G 152 -28.50 -34.74 33.47
N ALA G 153 -28.29 -34.10 32.32
CA ALA G 153 -27.61 -32.81 32.30
C ALA G 153 -28.56 -31.70 32.72
N ALA G 154 -27.96 -30.55 33.05
CA ALA G 154 -28.70 -29.35 33.41
C ALA G 154 -28.19 -28.18 32.58
N VAL G 155 -29.08 -27.24 32.30
CA VAL G 155 -28.74 -26.10 31.45
C VAL G 155 -27.77 -25.18 32.18
N ARG G 156 -26.71 -24.77 31.49
CA ARG G 156 -25.65 -23.95 32.06
C ARG G 156 -25.42 -22.71 31.21
N PRO G 157 -26.14 -21.63 31.49
CA PRO G 157 -25.85 -20.36 30.81
C PRO G 157 -24.44 -19.89 31.12
N SER G 158 -23.77 -19.36 30.11
CA SER G 158 -22.42 -18.82 30.24
C SER G 158 -22.48 -17.31 30.07
N LEU G 159 -21.98 -16.59 31.06
CA LEU G 159 -22.08 -15.13 31.10
C LEU G 159 -20.72 -14.50 30.89
N ARG G 160 -20.69 -13.40 30.14
CA ARG G 160 -19.49 -12.61 29.93
C ARG G 160 -19.72 -11.24 30.56
N ILE G 161 -18.85 -10.87 31.50
CA ILE G 161 -19.01 -9.66 32.29
C ILE G 161 -17.81 -8.75 32.03
N VAL G 162 -18.09 -7.49 31.71
CA VAL G 162 -17.05 -6.50 31.41
C VAL G 162 -17.01 -5.48 32.53
N TYR G 163 -15.93 -5.47 33.30
CA TYR G 163 -15.73 -4.52 34.37
C TYR G 163 -15.01 -3.29 33.84
N ASN G 164 -15.14 -2.18 34.55
CA ASN G 164 -14.54 -0.92 34.12
C ASN G 164 -13.59 -0.29 35.14
N TRP G 165 -13.61 -0.75 36.39
CA TRP G 165 -12.68 -0.26 37.40
C TRP G 165 -12.57 -1.31 38.49
N ILE G 166 -11.42 -1.36 39.15
CA ILE G 166 -11.14 -2.33 40.20
C ILE G 166 -10.80 -1.57 41.47
N GLU G 167 -11.49 -1.92 42.57
CA GLU G 167 -11.28 -1.30 43.87
C GLU G 167 -10.94 -2.36 44.89
N TRP G 168 -10.05 -2.02 45.82
CA TRP G 168 -9.77 -2.89 46.95
C TRP G 168 -9.53 -2.03 48.18
N ASP G 169 -9.73 -2.63 49.34
CA ASP G 169 -9.56 -1.96 50.64
C ASP G 169 -10.46 -0.72 50.73
N LYS H 11 -44.03 -29.19 71.06
CA LYS H 11 -43.93 -28.45 69.81
C LYS H 11 -44.77 -27.18 69.86
N PHE H 12 -44.09 -26.04 69.92
CA PHE H 12 -44.74 -24.73 69.95
C PHE H 12 -44.22 -23.89 68.78
N ILE H 13 -45.13 -23.25 68.07
CA ILE H 13 -44.75 -22.41 66.94
C ILE H 13 -44.33 -21.04 67.45
N LYS H 14 -43.02 -20.86 67.66
CA LYS H 14 -42.52 -19.61 68.22
C LYS H 14 -42.48 -18.49 67.20
N GLY H 15 -42.25 -18.80 65.92
CA GLY H 15 -42.13 -17.77 64.92
C GLY H 15 -42.29 -18.31 63.52
N ARG H 16 -41.87 -17.51 62.55
CA ARG H 16 -41.99 -17.85 61.14
C ARG H 16 -40.63 -17.78 60.47
N TYR H 17 -40.45 -18.63 59.46
CA TYR H 17 -39.19 -18.70 58.71
C TYR H 17 -39.34 -17.98 57.38
N THR H 18 -38.38 -17.11 57.07
CA THR H 18 -38.33 -16.42 55.79
C THR H 18 -36.95 -16.57 55.18
N ALA H 19 -36.89 -16.66 53.86
CA ALA H 19 -35.65 -16.85 53.13
C ALA H 19 -35.53 -15.80 52.04
N ASN H 20 -34.30 -15.39 51.75
CA ASN H 20 -34.03 -14.36 50.76
C ASN H 20 -33.10 -14.88 49.66
N ALA H 21 -33.36 -16.09 49.19
CA ALA H 21 -32.55 -16.72 48.15
C ALA H 21 -33.46 -17.42 47.15
N ALA H 22 -32.93 -17.63 45.96
CA ALA H 22 -33.68 -18.28 44.89
C ALA H 22 -33.61 -19.79 45.06
N LYS H 23 -34.77 -20.42 45.22
CA LYS H 23 -34.86 -21.87 45.37
C LYS H 23 -35.83 -22.41 44.34
N GLY H 24 -35.42 -23.46 43.63
CA GLY H 24 -36.29 -24.06 42.64
C GLY H 24 -35.60 -25.22 41.97
N GLU H 25 -36.41 -26.00 41.26
CA GLU H 25 -35.90 -27.13 40.48
C GLU H 25 -35.04 -26.61 39.34
N ARG H 26 -34.02 -27.39 38.97
CA ARG H 26 -33.15 -27.05 37.86
C ARG H 26 -33.71 -27.66 36.57
N LEU H 27 -33.59 -26.92 35.47
CA LEU H 27 -34.03 -27.47 34.19
C LEU H 27 -33.16 -28.64 33.77
N VAL H 28 -33.75 -29.53 32.99
CA VAL H 28 -33.03 -30.56 32.26
C VAL H 28 -33.14 -30.22 30.78
N SER H 29 -32.01 -30.20 30.09
CA SER H 29 -32.00 -29.81 28.68
C SER H 29 -32.59 -30.86 27.77
N SER H 30 -33.18 -31.93 28.32
CA SER H 30 -33.70 -33.01 27.50
C SER H 30 -35.10 -32.73 26.96
N GLU H 31 -35.77 -31.70 27.48
CA GLU H 31 -37.11 -31.34 27.06
C GLU H 31 -37.09 -29.94 26.46
N PHE H 32 -37.55 -29.83 25.22
CA PHE H 32 -37.69 -28.54 24.54
C PHE H 32 -38.54 -28.74 23.30
N LEU H 33 -38.97 -27.63 22.71
CA LEU H 33 -39.84 -27.66 21.55
C LEU H 33 -39.35 -26.67 20.51
N LEU H 34 -39.57 -27.00 19.24
CA LEU H 34 -39.03 -26.23 18.11
C LEU H 34 -40.05 -26.32 16.98
N THR H 35 -40.84 -25.24 16.79
CA THR H 35 -42.09 -25.37 16.05
C THR H 35 -41.92 -25.24 14.53
N PHE H 36 -41.06 -24.32 14.07
CA PHE H 36 -40.89 -24.03 12.64
C PHE H 36 -42.17 -23.49 12.00
N ALA H 37 -42.87 -22.59 12.69
CA ALA H 37 -43.99 -21.83 12.13
C ALA H 37 -45.05 -22.79 11.62
N GLY H 38 -45.44 -22.75 10.34
CA GLY H 38 -46.51 -23.56 9.80
C GLY H 38 -46.15 -25.00 9.48
N HIS H 39 -44.89 -25.39 9.64
CA HIS H 39 -44.48 -26.78 9.43
C HIS H 39 -44.33 -27.46 10.79
N GLU H 40 -45.47 -27.78 11.39
CA GLU H 40 -45.46 -28.34 12.74
C GLU H 40 -45.06 -29.81 12.77
N ASP H 41 -45.27 -30.55 11.69
CA ASP H 41 -45.00 -31.99 11.72
C ASP H 41 -43.50 -32.31 11.81
N ILE H 42 -42.63 -31.33 11.57
CA ILE H 42 -41.18 -31.56 11.62
C ILE H 42 -40.62 -31.49 13.02
N SER H 43 -41.39 -30.95 13.98
CA SER H 43 -40.86 -30.71 15.33
C SER H 43 -40.45 -31.99 16.04
N VAL H 44 -40.92 -33.14 15.59
CA VAL H 44 -40.61 -34.39 16.28
C VAL H 44 -39.20 -34.87 15.96
N LEU H 45 -38.63 -34.43 14.84
CA LEU H 45 -37.36 -35.00 14.38
C LEU H 45 -36.14 -34.28 14.92
N VAL H 46 -36.30 -33.20 15.68
CA VAL H 46 -35.13 -32.45 16.13
C VAL H 46 -34.51 -33.10 17.36
N ARG H 47 -33.20 -32.93 17.51
CA ARG H 47 -32.47 -33.48 18.63
C ARG H 47 -31.48 -32.51 19.29
N THR H 48 -31.25 -31.34 18.70
CA THR H 48 -30.28 -30.39 19.24
C THR H 48 -30.64 -28.99 18.77
N SER H 49 -30.69 -28.05 19.71
CA SER H 49 -31.03 -26.67 19.39
C SER H 49 -30.24 -25.74 20.32
N GLN H 50 -30.43 -24.44 20.14
CA GLN H 50 -29.74 -23.45 20.93
C GLN H 50 -30.66 -22.27 21.21
N ILE H 51 -30.14 -21.32 21.99
CA ILE H 51 -30.80 -20.04 22.25
C ILE H 51 -29.87 -18.95 21.70
N PRO H 52 -30.41 -17.89 21.10
CA PRO H 52 -29.56 -16.84 20.53
C PRO H 52 -28.59 -16.24 21.54
N GLU H 53 -27.64 -15.48 21.00
CA GLU H 53 -26.51 -15.02 21.79
C GLU H 53 -26.93 -14.06 22.90
N MET H 54 -27.82 -13.12 22.58
CA MET H 54 -28.27 -12.09 23.54
C MET H 54 -27.09 -11.27 24.07
N THR H 55 -26.48 -10.51 23.17
CA THR H 55 -25.33 -9.68 23.49
C THR H 55 -25.57 -8.26 22.97
N ARG H 56 -24.56 -7.41 23.13
CA ARG H 56 -24.63 -6.04 22.67
C ARG H 56 -23.24 -5.55 22.31
N GLU H 57 -23.16 -4.65 21.33
CA GLU H 57 -21.88 -4.11 20.91
C GLU H 57 -21.28 -3.22 21.99
N ASP H 58 -19.96 -3.09 21.97
CA ASP H 58 -19.24 -2.28 22.94
C ASP H 58 -18.41 -1.22 22.23
N VAL H 59 -18.59 0.03 22.63
CA VAL H 59 -17.82 1.16 22.09
C VAL H 59 -16.65 1.42 23.01
N GLU H 60 -15.45 1.50 22.43
CA GLU H 60 -14.21 1.56 23.18
C GLU H 60 -13.63 2.97 23.11
N ASP H 61 -13.32 3.54 24.28
CA ASP H 61 -12.79 4.89 24.36
C ASP H 61 -11.64 4.94 25.36
N TYR H 62 -10.69 5.83 25.09
CA TYR H 62 -9.56 6.08 25.96
C TYR H 62 -9.59 7.52 26.44
N GLY H 63 -9.54 7.73 27.74
CA GLY H 63 -9.63 9.05 28.31
C GLY H 63 -8.27 9.69 28.50
N PRO H 64 -8.19 10.70 29.37
CA PRO H 64 -6.89 11.28 29.71
C PRO H 64 -6.01 10.25 30.38
N ASN H 65 -4.71 10.35 30.14
CA ASN H 65 -3.73 9.35 30.58
C ASN H 65 -4.14 8.02 29.95
N GLY H 66 -4.19 6.94 30.70
CA GLY H 66 -4.48 5.65 30.11
C GLY H 66 -5.81 5.03 30.49
N VAL H 67 -6.72 5.82 31.08
CA VAL H 67 -7.99 5.28 31.51
C VAL H 67 -8.82 4.87 30.29
N LYS H 68 -9.68 3.88 30.49
CA LYS H 68 -10.42 3.27 29.40
C LYS H 68 -11.83 2.91 29.86
N PHE H 69 -12.81 3.12 28.99
CA PHE H 69 -14.21 2.86 29.28
C PHE H 69 -14.83 2.06 28.15
N ASN H 70 -15.63 1.06 28.51
CA ASN H 70 -16.46 0.32 27.57
C ASN H 70 -17.91 0.74 27.75
N GLN H 71 -18.58 1.05 26.65
CA GLN H 71 -19.90 1.64 26.66
C GLN H 71 -20.87 0.73 25.92
N HIS H 72 -22.12 0.72 26.38
CA HIS H 72 -23.17 -0.04 25.71
C HIS H 72 -23.36 0.46 24.29
N GLY H 73 -23.55 -0.46 23.36
CA GLY H 73 -23.77 -0.11 21.97
C GLY H 73 -25.10 -0.61 21.46
N PRO H 74 -25.28 -0.58 20.14
CA PRO H 74 -26.54 -1.07 19.55
C PRO H 74 -26.69 -2.58 19.69
N ILE H 75 -27.95 -3.02 19.69
CA ILE H 75 -28.26 -4.42 19.89
C ILE H 75 -27.88 -5.23 18.65
N ARG H 76 -27.53 -6.50 18.88
CA ARG H 76 -27.25 -7.44 17.80
C ARG H 76 -28.54 -8.19 17.47
N ASN H 77 -28.99 -8.05 16.22
CA ASN H 77 -30.23 -8.67 15.77
C ASN H 77 -30.00 -10.03 15.15
N SER H 78 -29.17 -10.09 14.11
CA SER H 78 -28.99 -11.29 13.31
C SER H 78 -27.78 -12.09 13.77
N GLY H 79 -27.90 -13.40 13.66
CA GLY H 79 -26.84 -14.32 14.05
C GLY H 79 -27.12 -15.69 13.48
N GLU H 80 -26.35 -16.66 13.93
CA GLU H 80 -26.48 -18.04 13.46
C GLU H 80 -26.78 -18.96 14.63
N ILE H 81 -27.45 -20.07 14.30
CA ILE H 81 -27.79 -21.10 15.28
C ILE H 81 -27.71 -22.45 14.57
N GLN H 82 -27.24 -23.46 15.28
CA GLN H 82 -27.05 -24.79 14.72
C GLN H 82 -28.06 -25.77 15.29
N VAL H 83 -28.71 -26.52 14.40
CA VAL H 83 -29.73 -27.50 14.77
C VAL H 83 -29.38 -28.83 14.11
N GLN H 84 -29.49 -29.91 14.87
CA GLN H 84 -29.25 -31.26 14.37
C GLN H 84 -30.52 -32.08 14.48
N CYS H 85 -30.89 -32.74 13.39
CA CYS H 85 -32.13 -33.51 13.33
C CYS H 85 -31.84 -34.88 12.73
N VAL H 86 -32.87 -35.72 12.70
CA VAL H 86 -32.75 -37.10 12.24
C VAL H 86 -33.70 -37.30 11.06
N GLU H 87 -33.29 -38.18 10.14
CA GLU H 87 -33.97 -38.38 8.87
C GLU H 87 -34.79 -39.67 8.87
N THR H 88 -35.97 -39.61 8.27
CA THR H 88 -36.85 -40.77 8.14
C THR H 88 -36.80 -41.31 6.71
N ILE H 89 -37.56 -42.38 6.48
CA ILE H 89 -37.56 -43.03 5.17
C ILE H 89 -38.21 -42.12 4.12
N GLU H 90 -39.32 -41.48 4.48
CA GLU H 90 -40.13 -40.75 3.52
C GLU H 90 -39.47 -39.47 3.02
N GLY H 91 -38.26 -39.17 3.44
CA GLY H 91 -37.58 -37.97 2.98
C GLY H 91 -38.22 -36.68 3.44
N ASP H 92 -38.63 -36.61 4.72
CA ASP H 92 -39.29 -35.41 5.21
C ASP H 92 -38.35 -34.22 5.25
N ILE H 93 -37.18 -34.39 5.85
CA ILE H 93 -36.25 -33.27 5.98
C ILE H 93 -35.66 -32.91 4.62
N LEU H 94 -35.35 -33.91 3.80
CA LEU H 94 -34.82 -33.63 2.46
C LEU H 94 -35.83 -32.83 1.64
N GLN H 95 -37.09 -33.23 1.66
CA GLN H 95 -38.11 -32.49 0.92
C GLN H 95 -38.30 -31.10 1.50
N PHE H 96 -38.24 -30.97 2.82
CA PHE H 96 -38.36 -29.66 3.46
C PHE H 96 -37.26 -28.72 2.99
N ILE H 97 -36.01 -29.21 2.96
CA ILE H 97 -34.89 -28.37 2.56
C ILE H 97 -34.98 -28.06 1.07
N LYS H 98 -35.40 -29.03 0.25
CA LYS H 98 -35.56 -28.77 -1.17
C LYS H 98 -36.60 -27.69 -1.42
N ASP H 99 -37.72 -27.74 -0.70
CA ASP H 99 -38.75 -26.72 -0.83
C ASP H 99 -38.23 -25.36 -0.38
N ARG H 100 -37.47 -25.33 0.71
CA ARG H 100 -36.94 -24.05 1.20
C ARG H 100 -35.97 -23.43 0.19
N ILE H 101 -35.12 -24.25 -0.42
CA ILE H 101 -34.17 -23.72 -1.40
C ILE H 101 -34.91 -23.27 -2.67
N ALA H 102 -35.92 -24.03 -3.09
CA ALA H 102 -36.61 -23.71 -4.35
C ALA H 102 -37.30 -22.37 -4.29
N ALA H 103 -37.96 -22.05 -3.18
CA ALA H 103 -38.70 -20.81 -3.04
C ALA H 103 -38.17 -20.02 -1.86
N LYS H 104 -37.79 -18.76 -2.11
CA LYS H 104 -37.33 -17.90 -1.04
C LYS H 104 -38.48 -17.56 -0.11
N ASP H 105 -38.27 -17.74 1.19
CA ASP H 105 -39.27 -17.40 2.18
C ASP H 105 -38.60 -17.30 3.54
N TYR H 106 -39.29 -16.63 4.47
CA TYR H 106 -38.82 -16.48 5.84
C TYR H 106 -39.89 -17.04 6.77
N VAL H 107 -39.46 -17.86 7.74
CA VAL H 107 -40.38 -18.49 8.68
C VAL H 107 -40.05 -18.00 10.08
N ASP H 108 -40.92 -18.33 11.03
CA ASP H 108 -40.80 -17.91 12.41
C ASP H 108 -40.63 -19.12 13.31
N ILE H 109 -39.64 -19.07 14.18
CA ILE H 109 -39.29 -20.19 15.06
C ILE H 109 -39.55 -19.78 16.51
N THR H 110 -40.23 -20.66 17.25
CA THR H 110 -40.56 -20.43 18.66
C THR H 110 -39.84 -21.48 19.51
N MET H 111 -38.68 -21.12 20.03
CA MET H 111 -37.93 -22.00 20.92
C MET H 111 -38.47 -21.91 22.34
N ALA H 112 -38.70 -23.06 22.97
CA ALA H 112 -39.19 -23.11 24.33
C ALA H 112 -38.37 -24.10 25.13
N ALA H 113 -38.13 -23.78 26.40
CA ALA H 113 -37.29 -24.59 27.27
C ALA H 113 -38.08 -25.61 28.08
N THR H 114 -39.40 -25.64 27.92
CA THR H 114 -40.26 -26.60 28.61
C THR H 114 -41.17 -27.29 27.61
N PRO H 115 -41.58 -28.52 27.88
CA PRO H 115 -42.45 -29.23 26.92
C PRO H 115 -43.74 -28.48 26.65
N GLU H 116 -44.54 -28.25 27.68
CA GLU H 116 -45.79 -27.50 27.59
C GLU H 116 -46.32 -27.32 29.00
N SER H 117 -47.17 -26.33 29.21
CA SER H 117 -47.72 -26.06 30.53
C SER H 117 -49.07 -26.75 30.65
N LYS H 118 -49.22 -27.53 31.72
CA LYS H 118 -50.48 -28.24 31.95
C LYS H 118 -51.61 -27.24 32.10
N SER H 119 -52.79 -27.61 31.58
CA SER H 119 -53.93 -26.71 31.61
C SER H 119 -54.37 -26.37 33.03
N SER H 120 -53.90 -27.14 34.02
CA SER H 120 -54.11 -26.81 35.41
C SER H 120 -53.15 -25.71 35.86
N GLY H 121 -52.20 -25.35 34.98
CA GLY H 121 -51.24 -24.30 35.27
C GLY H 121 -51.90 -22.98 35.58
N VAL H 122 -51.40 -22.30 36.61
CA VAL H 122 -52.04 -21.09 37.12
C VAL H 122 -51.14 -19.87 37.03
N ASN H 123 -49.91 -20.01 36.55
CA ASN H 123 -48.98 -18.88 36.45
C ASN H 123 -48.45 -18.82 35.03
N ALA H 124 -48.59 -17.66 34.39
CA ALA H 124 -48.23 -17.52 32.98
C ALA H 124 -46.81 -17.02 32.80
N VAL H 125 -46.31 -16.19 33.74
CA VAL H 125 -45.02 -15.55 33.55
C VAL H 125 -43.90 -16.58 33.53
N THR H 126 -44.05 -17.67 34.30
CA THR H 126 -43.07 -18.74 34.24
C THR H 126 -43.03 -19.44 32.89
N LYS H 127 -44.08 -19.28 32.08
CA LYS H 127 -44.11 -19.80 30.72
C LYS H 127 -43.55 -18.81 29.71
N ALA H 128 -43.83 -17.52 29.89
CA ALA H 128 -43.30 -16.51 28.97
C ALA H 128 -41.83 -16.22 29.24
N ALA H 129 -41.32 -16.60 30.41
CA ALA H 129 -39.92 -16.33 30.73
C ALA H 129 -38.99 -17.26 29.96
N THR H 130 -39.39 -18.52 29.76
CA THR H 130 -38.52 -19.49 29.14
C THR H 130 -38.56 -19.45 27.61
N THR H 131 -39.70 -19.07 27.02
CA THR H 131 -39.83 -19.10 25.58
C THR H 131 -39.14 -17.92 24.93
N ILE H 132 -38.67 -18.13 23.70
CA ILE H 132 -38.10 -17.09 22.87
C ILE H 132 -38.63 -17.27 21.46
N GLU H 133 -38.60 -16.19 20.68
CA GLU H 133 -39.13 -16.20 19.32
C GLU H 133 -38.14 -15.54 18.38
N MET H 134 -37.98 -16.12 17.20
CA MET H 134 -37.08 -15.62 16.18
C MET H 134 -37.87 -15.38 14.91
N LEU H 135 -37.73 -14.18 14.33
CA LEU H 135 -38.54 -13.74 13.22
C LEU H 135 -37.70 -13.58 11.97
N ASP H 136 -38.29 -13.88 10.82
CA ASP H 136 -37.67 -13.68 9.51
C ASP H 136 -36.36 -14.46 9.41
N CYS H 137 -36.48 -15.77 9.52
CA CYS H 137 -35.32 -16.65 9.56
C CYS H 137 -35.10 -17.35 8.22
N LYS H 138 -33.84 -17.69 7.96
CA LYS H 138 -33.43 -18.42 6.76
C LYS H 138 -32.88 -19.78 7.17
N ILE H 139 -33.31 -20.82 6.49
CA ILE H 139 -32.93 -22.20 6.82
C ILE H 139 -32.12 -22.77 5.67
N TYR H 140 -30.90 -23.20 5.96
CA TYR H 140 -30.02 -23.86 5.01
C TYR H 140 -29.57 -25.18 5.61
N SER H 141 -28.84 -25.96 4.81
CA SER H 141 -28.32 -27.24 5.23
C SER H 141 -26.83 -27.33 4.94
N ASP H 142 -26.19 -28.32 5.54
CA ASP H 142 -24.80 -28.63 5.30
C ASP H 142 -24.68 -29.98 4.62
N ALA H 143 -23.44 -30.39 4.35
CA ALA H 143 -23.20 -31.68 3.74
C ALA H 143 -23.61 -32.80 4.71
N ILE H 144 -24.03 -33.92 4.13
CA ILE H 144 -24.55 -35.06 4.88
C ILE H 144 -23.67 -36.26 4.59
N ASP H 145 -23.25 -36.95 5.66
CA ASP H 145 -22.26 -38.01 5.56
C ASP H 145 -22.95 -39.37 5.41
N PHE H 146 -22.62 -40.08 4.34
CA PHE H 146 -23.07 -41.43 4.10
C PHE H 146 -21.86 -42.35 4.05
N SER H 147 -21.91 -43.46 4.78
CA SER H 147 -20.79 -44.39 4.79
C SER H 147 -21.25 -45.74 5.30
N THR H 148 -20.64 -46.80 4.76
CA THR H 148 -20.80 -48.13 5.31
C THR H 148 -19.87 -48.28 6.50
N GLU H 149 -19.67 -49.52 6.95
CA GLU H 149 -18.82 -49.87 8.08
C GLU H 149 -19.38 -49.40 9.41
N ASP H 150 -20.49 -48.66 9.42
CA ASP H 150 -21.21 -48.26 10.63
C ASP H 150 -22.69 -48.63 10.45
N VAL H 151 -22.99 -49.91 10.72
CA VAL H 151 -24.31 -50.45 10.39
C VAL H 151 -25.40 -49.84 11.25
N THR H 152 -25.11 -49.54 12.52
CA THR H 152 -26.14 -49.09 13.45
C THR H 152 -26.37 -47.58 13.41
N ALA H 153 -25.54 -46.83 12.69
CA ALA H 153 -25.67 -45.38 12.67
C ALA H 153 -26.91 -44.96 11.88
N ALA H 154 -27.39 -43.76 12.19
CA ALA H 154 -28.52 -43.16 11.48
C ALA H 154 -28.08 -41.83 10.88
N VAL H 155 -28.63 -41.50 9.71
CA VAL H 155 -28.23 -40.30 9.00
C VAL H 155 -28.73 -39.07 9.74
N ARG H 156 -27.85 -38.09 9.92
CA ARG H 156 -28.12 -36.90 10.73
C ARG H 156 -27.88 -35.64 9.91
N PRO H 157 -28.90 -35.13 9.24
CA PRO H 157 -28.77 -33.82 8.58
C PRO H 157 -28.48 -32.74 9.60
N SER H 158 -27.64 -31.78 9.21
CA SER H 158 -27.29 -30.65 10.06
C SER H 158 -27.79 -29.37 9.40
N LEU H 159 -28.54 -28.57 10.15
CA LEU H 159 -29.20 -27.38 9.63
C LEU H 159 -28.58 -26.13 10.22
N ARG H 160 -28.44 -25.10 9.39
CA ARG H 160 -27.95 -23.79 9.82
C ARG H 160 -29.08 -22.79 9.63
N ILE H 161 -29.45 -22.09 10.70
CA ILE H 161 -30.59 -21.18 10.71
C ILE H 161 -30.08 -19.78 11.05
N VAL H 162 -30.49 -18.79 10.26
CA VAL H 162 -30.10 -17.40 10.46
C VAL H 162 -31.34 -16.61 10.83
N TYR H 163 -31.40 -16.13 12.07
CA TYR H 163 -32.50 -15.32 12.55
C TYR H 163 -32.21 -13.84 12.30
N ASN H 164 -33.26 -13.02 12.32
CA ASN H 164 -33.13 -11.60 12.03
C ASN H 164 -33.65 -10.69 13.13
N TRP H 165 -34.57 -11.16 13.96
CA TRP H 165 -35.05 -10.40 15.10
C TRP H 165 -35.38 -11.35 16.23
N ILE H 166 -35.25 -10.88 17.47
CA ILE H 166 -35.51 -11.66 18.66
C ILE H 166 -36.62 -10.99 19.45
N GLU H 167 -37.65 -11.74 19.80
CA GLU H 167 -38.78 -11.24 20.56
C GLU H 167 -38.99 -12.10 21.80
N TRP H 168 -39.42 -11.46 22.88
CA TRP H 168 -39.80 -12.18 24.09
C TRP H 168 -40.98 -11.48 24.74
N ASP H 169 -41.71 -12.22 25.56
CA ASP H 169 -42.88 -11.72 26.26
C ASP H 169 -43.90 -11.14 25.29
N LYS I 11 -65.16 -54.57 24.86
CA LYS I 11 -64.44 -53.76 23.88
C LYS I 11 -65.40 -53.13 22.88
N PHE I 12 -65.58 -51.82 22.99
CA PHE I 12 -66.45 -51.06 22.11
C PHE I 12 -65.64 -49.99 21.41
N ILE I 13 -65.82 -49.86 20.09
CA ILE I 13 -65.10 -48.87 19.32
C ILE I 13 -65.83 -47.54 19.41
N LYS I 14 -65.42 -46.69 20.36
CA LYS I 14 -66.10 -45.42 20.56
C LYS I 14 -65.80 -44.43 19.44
N GLY I 15 -64.53 -44.31 19.06
CA GLY I 15 -64.16 -43.33 18.06
C GLY I 15 -62.93 -43.71 17.27
N ARG I 16 -62.26 -42.72 16.69
CA ARG I 16 -61.08 -42.94 15.86
C ARG I 16 -59.90 -42.13 16.38
N TYR I 17 -58.70 -42.61 16.08
CA TYR I 17 -57.47 -41.96 16.49
C TYR I 17 -56.81 -41.29 15.30
N THR I 18 -56.42 -40.02 15.48
CA THR I 18 -55.68 -39.28 14.46
C THR I 18 -54.47 -38.62 15.11
N ALA I 19 -53.38 -38.56 14.37
CA ALA I 19 -52.12 -38.01 14.87
C ALA I 19 -51.61 -36.93 13.93
N ASN I 20 -51.09 -35.85 14.52
CA ASN I 20 -50.62 -34.69 13.76
C ASN I 20 -49.11 -34.55 13.83
N ALA I 21 -48.39 -35.67 13.81
CA ALA I 21 -46.94 -35.68 13.87
C ALA I 21 -46.40 -36.64 12.83
N ALA I 22 -45.16 -36.38 12.41
CA ALA I 22 -44.50 -37.22 11.41
C ALA I 22 -43.95 -38.48 12.07
N LYS I 23 -44.48 -39.63 11.70
CA LYS I 23 -44.04 -40.91 12.24
C LYS I 23 -43.50 -41.77 11.11
N GLY I 24 -42.28 -42.26 11.28
CA GLY I 24 -41.69 -43.13 10.28
C GLY I 24 -40.36 -43.65 10.79
N GLU I 25 -39.99 -44.81 10.26
CA GLU I 25 -38.72 -45.42 10.64
C GLU I 25 -37.55 -44.57 10.16
N ARG I 26 -36.48 -44.56 10.94
CA ARG I 26 -35.33 -43.71 10.63
C ARG I 26 -34.42 -44.38 9.61
N LEU I 27 -33.89 -43.59 8.69
CA LEU I 27 -33.01 -44.12 7.67
C LEU I 27 -31.69 -44.61 8.27
N VAL I 28 -31.11 -45.62 7.62
CA VAL I 28 -29.79 -46.14 7.96
C VAL I 28 -28.83 -45.71 6.85
N SER I 29 -27.70 -45.13 7.24
CA SER I 29 -26.74 -44.61 6.29
C SER I 29 -25.83 -45.68 5.71
N SER I 30 -26.08 -46.95 6.01
CA SER I 30 -25.24 -48.03 5.52
C SER I 30 -25.61 -48.50 4.12
N GLU I 31 -26.69 -48.00 3.54
CA GLU I 31 -27.13 -48.37 2.20
C GLU I 31 -27.22 -47.13 1.33
N PHE I 32 -26.52 -47.15 0.19
CA PHE I 32 -26.59 -46.06 -0.77
C PHE I 32 -26.04 -46.56 -2.10
N LEU I 33 -26.19 -45.74 -3.13
CA LEU I 33 -25.76 -46.11 -4.47
C LEU I 33 -25.11 -44.91 -5.13
N LEU I 34 -24.17 -45.18 -6.05
CA LEU I 34 -23.42 -44.13 -6.73
C LEU I 34 -23.05 -44.66 -8.11
N THR I 35 -23.73 -44.17 -9.15
CA THR I 35 -23.70 -44.84 -10.45
C THR I 35 -22.49 -44.48 -11.29
N PHE I 36 -22.04 -43.22 -11.25
CA PHE I 36 -20.97 -42.73 -12.13
C PHE I 36 -21.33 -42.85 -13.61
N ALA I 37 -22.55 -42.49 -13.97
CA ALA I 37 -22.99 -42.34 -15.36
C ALA I 37 -22.78 -43.67 -16.09
N GLY I 38 -22.05 -43.72 -17.20
CA GLY I 38 -21.90 -44.92 -17.98
C GLY I 38 -20.90 -45.92 -17.46
N HIS I 39 -20.20 -45.62 -16.37
CA HIS I 39 -19.28 -46.55 -15.74
C HIS I 39 -19.97 -47.17 -14.53
N GLU I 40 -20.90 -48.09 -14.80
CA GLU I 40 -21.70 -48.69 -13.75
C GLU I 40 -20.98 -49.76 -12.95
N ASP I 41 -19.90 -50.34 -13.49
CA ASP I 41 -19.23 -51.43 -12.79
C ASP I 41 -18.40 -50.96 -11.60
N ILE I 42 -18.20 -49.64 -11.44
CA ILE I 42 -17.42 -49.12 -10.32
C ILE I 42 -18.26 -48.96 -9.05
N SER I 43 -19.58 -48.99 -9.17
CA SER I 43 -20.45 -48.68 -8.04
C SER I 43 -20.24 -49.63 -6.85
N VAL I 44 -19.69 -50.82 -7.09
CA VAL I 44 -19.51 -51.78 -6.00
C VAL I 44 -18.40 -51.33 -5.06
N LEU I 45 -17.37 -50.66 -5.57
CA LEU I 45 -16.15 -50.42 -4.80
C LEU I 45 -16.24 -49.23 -3.87
N VAL I 46 -17.32 -48.45 -3.88
CA VAL I 46 -17.39 -47.26 -3.05
C VAL I 46 -17.75 -47.64 -1.61
N ARG I 47 -17.28 -46.82 -0.67
CA ARG I 47 -17.57 -47.02 0.74
C ARG I 47 -17.99 -45.74 1.48
N THR I 48 -17.81 -44.56 0.90
CA THR I 48 -18.13 -43.31 1.57
C THR I 48 -18.54 -42.28 0.53
N SER I 49 -19.63 -41.57 0.81
CA SER I 49 -20.12 -40.54 -0.09
C SER I 49 -20.82 -39.47 0.72
N GLN I 50 -21.28 -38.42 0.04
CA GLN I 50 -21.92 -37.30 0.69
C GLN I 50 -23.06 -36.77 -0.18
N ILE I 51 -23.81 -35.82 0.37
CA ILE I 51 -24.82 -35.07 -0.36
C ILE I 51 -24.36 -33.62 -0.43
N PRO I 52 -24.58 -32.92 -1.54
CA PRO I 52 -24.05 -31.56 -1.67
C PRO I 52 -24.56 -30.62 -0.58
N GLU I 53 -23.95 -29.42 -0.56
CA GLU I 53 -24.15 -28.49 0.54
C GLU I 53 -25.59 -28.01 0.64
N MET I 54 -26.22 -27.69 -0.50
CA MET I 54 -27.61 -27.24 -0.54
C MET I 54 -27.81 -25.97 0.31
N THR I 55 -27.17 -24.88 -0.12
CA THR I 55 -27.20 -23.63 0.61
C THR I 55 -27.40 -22.48 -0.36
N ARG I 56 -27.34 -21.26 0.16
CA ARG I 56 -27.49 -20.04 -0.64
C ARG I 56 -26.62 -18.94 -0.04
N GLU I 57 -26.25 -17.98 -0.88
CA GLU I 57 -25.46 -16.85 -0.42
C GLU I 57 -26.32 -15.89 0.40
N ASP I 58 -25.65 -15.09 1.23
CA ASP I 58 -26.32 -14.13 2.10
C ASP I 58 -25.76 -12.74 1.87
N VAL I 59 -26.65 -11.75 1.83
CA VAL I 59 -26.29 -10.35 1.63
C VAL I 59 -26.60 -9.59 2.91
N GLU I 60 -25.61 -8.89 3.45
CA GLU I 60 -25.73 -8.20 4.72
C GLU I 60 -25.94 -6.71 4.49
N ASP I 61 -26.90 -6.14 5.20
CA ASP I 61 -27.20 -4.71 5.12
C ASP I 61 -27.39 -4.15 6.51
N TYR I 62 -27.04 -2.87 6.67
CA TYR I 62 -27.20 -2.16 7.93
C TYR I 62 -28.15 -0.99 7.72
N GLY I 63 -29.26 -0.98 8.44
CA GLY I 63 -30.25 0.05 8.28
C GLY I 63 -29.95 1.26 9.14
N PRO I 64 -30.97 2.08 9.40
CA PRO I 64 -30.79 3.20 10.33
C PRO I 64 -30.43 2.68 11.71
N ASN I 65 -29.60 3.45 12.41
CA ASN I 65 -29.01 3.05 13.70
C ASN I 65 -28.21 1.78 13.43
N GLY I 66 -28.29 0.76 14.28
CA GLY I 66 -27.45 -0.40 14.10
C GLY I 66 -28.18 -1.67 13.69
N VAL I 67 -29.41 -1.54 13.21
CA VAL I 67 -30.17 -2.72 12.82
C VAL I 67 -29.53 -3.35 11.59
N LYS I 68 -29.70 -4.67 11.46
CA LYS I 68 -29.04 -5.45 10.43
C LYS I 68 -29.99 -6.50 9.88
N PHE I 69 -29.92 -6.73 8.57
CA PHE I 69 -30.79 -7.69 7.90
C PHE I 69 -29.95 -8.59 7.01
N ASN I 70 -30.25 -9.90 7.04
CA ASN I 70 -29.68 -10.87 6.12
C ASN I 70 -30.71 -11.24 5.08
N GLN I 71 -30.29 -11.27 3.82
CA GLN I 71 -31.20 -11.44 2.69
C GLN I 71 -30.76 -12.62 1.84
N HIS I 72 -31.73 -13.33 1.27
CA HIS I 72 -31.43 -14.44 0.38
C HIS I 72 -30.65 -13.96 -0.83
N GLY I 73 -29.65 -14.74 -1.24
CA GLY I 73 -28.86 -14.42 -2.39
C GLY I 73 -28.97 -15.47 -3.47
N PRO I 74 -28.07 -15.41 -4.46
CA PRO I 74 -28.09 -16.42 -5.53
C PRO I 74 -27.68 -17.79 -5.03
N ILE I 75 -28.13 -18.82 -5.75
CA ILE I 75 -27.87 -20.20 -5.35
C ILE I 75 -26.40 -20.55 -5.56
N ARG I 76 -25.88 -21.42 -4.70
CA ARG I 76 -24.53 -21.94 -4.84
C ARG I 76 -24.57 -23.17 -5.74
N ASN I 77 -23.96 -23.06 -6.92
CA ASN I 77 -24.02 -24.11 -7.93
C ASN I 77 -22.95 -25.17 -7.71
N SER I 78 -21.69 -24.78 -7.83
CA SER I 78 -20.58 -25.73 -7.80
C SER I 78 -20.01 -25.85 -6.40
N GLY I 79 -19.49 -27.04 -6.11
CA GLY I 79 -18.92 -27.34 -4.81
C GLY I 79 -18.04 -28.55 -4.90
N GLU I 80 -17.60 -29.03 -3.74
CA GLU I 80 -16.67 -30.14 -3.64
C GLU I 80 -17.25 -31.22 -2.74
N ILE I 81 -17.04 -32.47 -3.11
CA ILE I 81 -17.50 -33.62 -2.34
C ILE I 81 -16.36 -34.62 -2.23
N GLN I 82 -16.38 -35.43 -1.18
CA GLN I 82 -15.32 -36.39 -0.90
C GLN I 82 -15.86 -37.81 -0.94
N VAL I 83 -15.16 -38.69 -1.66
CA VAL I 83 -15.57 -40.07 -1.84
C VAL I 83 -14.39 -40.98 -1.55
N GLN I 84 -14.64 -42.10 -0.89
CA GLN I 84 -13.61 -43.08 -0.57
C GLN I 84 -14.00 -44.44 -1.12
N CYS I 85 -13.06 -45.15 -1.74
CA CYS I 85 -13.33 -46.43 -2.35
C CYS I 85 -12.17 -47.38 -2.10
N VAL I 86 -12.28 -48.60 -2.61
CA VAL I 86 -11.30 -49.65 -2.41
C VAL I 86 -10.86 -50.17 -3.77
N GLU I 87 -9.65 -50.74 -3.81
CA GLU I 87 -8.99 -51.13 -5.06
C GLU I 87 -8.89 -52.65 -5.17
N THR I 88 -9.08 -53.15 -6.39
CA THR I 88 -8.95 -54.56 -6.72
C THR I 88 -7.70 -54.81 -7.55
N ILE I 89 -7.35 -56.10 -7.69
CA ILE I 89 -6.08 -56.45 -8.33
C ILE I 89 -6.04 -55.96 -9.77
N GLU I 90 -7.17 -56.02 -10.45
CA GLU I 90 -7.23 -55.70 -11.88
C GLU I 90 -6.97 -54.23 -12.18
N GLY I 91 -6.65 -53.40 -11.21
CA GLY I 91 -6.40 -51.99 -11.49
C GLY I 91 -7.62 -51.23 -11.96
N ASP I 92 -8.76 -51.43 -11.30
CA ASP I 92 -9.99 -50.79 -11.75
C ASP I 92 -9.97 -49.29 -11.51
N ILE I 93 -9.80 -48.88 -10.24
CA ILE I 93 -9.85 -47.45 -9.92
C ILE I 93 -8.65 -46.74 -10.52
N LEU I 94 -7.49 -47.38 -10.54
CA LEU I 94 -6.30 -46.76 -11.11
C LEU I 94 -6.50 -46.47 -12.60
N GLN I 95 -7.00 -47.46 -13.35
CA GLN I 95 -7.24 -47.25 -14.77
C GLN I 95 -8.35 -46.23 -15.00
N PHE I 96 -9.37 -46.24 -14.13
CA PHE I 96 -10.44 -45.25 -14.24
C PHE I 96 -9.89 -43.84 -14.10
N ILE I 97 -9.05 -43.61 -13.09
CA ILE I 97 -8.48 -42.28 -12.87
C ILE I 97 -7.53 -41.91 -13.99
N LYS I 98 -6.76 -42.88 -14.49
CA LYS I 98 -5.86 -42.60 -15.61
C LYS I 98 -6.63 -42.18 -16.84
N ASP I 99 -7.73 -42.87 -17.14
CA ASP I 99 -8.56 -42.50 -18.28
C ASP I 99 -9.18 -41.12 -18.08
N ARG I 100 -9.62 -40.81 -16.86
CA ARG I 100 -10.23 -39.51 -16.62
C ARG I 100 -9.22 -38.38 -16.79
N ILE I 101 -7.99 -38.59 -16.32
CA ILE I 101 -6.98 -37.55 -16.46
C ILE I 101 -6.56 -37.39 -17.91
N ALA I 102 -6.43 -38.51 -18.64
CA ALA I 102 -5.93 -38.46 -20.01
C ALA I 102 -6.86 -37.67 -20.91
N ALA I 103 -8.18 -37.88 -20.77
CA ALA I 103 -9.17 -37.24 -21.63
C ALA I 103 -10.09 -36.38 -20.79
N LYS I 104 -10.19 -35.10 -21.13
CA LYS I 104 -11.11 -34.21 -20.45
C LYS I 104 -12.55 -34.62 -20.76
N ASP I 105 -13.35 -34.78 -19.72
CA ASP I 105 -14.75 -35.14 -19.90
C ASP I 105 -15.50 -34.80 -18.62
N TYR I 106 -16.83 -34.74 -18.75
CA TYR I 106 -17.71 -34.46 -17.62
C TYR I 106 -18.73 -35.58 -17.54
N VAL I 107 -18.90 -36.14 -16.34
CA VAL I 107 -19.82 -37.25 -16.13
C VAL I 107 -20.91 -36.82 -15.16
N ASP I 108 -21.95 -37.65 -15.07
CA ASP I 108 -23.10 -37.38 -14.23
C ASP I 108 -23.19 -38.45 -13.14
N ILE I 109 -23.36 -38.02 -11.90
CA ILE I 109 -23.41 -38.92 -10.75
C ILE I 109 -24.79 -38.84 -10.12
N THR I 110 -25.38 -40.01 -9.88
CA THR I 110 -26.68 -40.12 -9.21
C THR I 110 -26.47 -40.70 -7.82
N MET I 111 -26.92 -39.97 -6.81
CA MET I 111 -26.80 -40.39 -5.42
C MET I 111 -28.19 -40.70 -4.87
N ALA I 112 -28.34 -41.89 -4.29
CA ALA I 112 -29.61 -42.32 -3.73
C ALA I 112 -29.40 -42.82 -2.32
N ALA I 113 -30.31 -42.45 -1.42
CA ALA I 113 -30.22 -42.85 -0.02
C ALA I 113 -30.77 -44.24 0.25
N THR I 114 -31.41 -44.86 -0.73
CA THR I 114 -31.96 -46.21 -0.60
C THR I 114 -31.41 -47.07 -1.72
N PRO I 115 -31.23 -48.37 -1.47
CA PRO I 115 -30.61 -49.24 -2.48
C PRO I 115 -31.38 -49.26 -3.79
N GLU I 116 -32.64 -49.69 -3.72
CA GLU I 116 -33.54 -49.70 -4.86
C GLU I 116 -34.91 -50.09 -4.36
N SER I 117 -35.93 -49.40 -4.86
CA SER I 117 -37.29 -49.71 -4.49
C SER I 117 -37.69 -51.06 -5.06
N LYS I 118 -38.36 -51.85 -4.23
CA LYS I 118 -38.88 -53.13 -4.70
C LYS I 118 -39.90 -52.90 -5.80
N SER I 119 -39.96 -53.84 -6.74
CA SER I 119 -40.77 -53.68 -7.94
C SER I 119 -42.27 -53.65 -7.65
N SER I 120 -42.65 -53.65 -6.37
CA SER I 120 -44.06 -53.43 -6.03
C SER I 120 -44.51 -52.05 -6.48
N GLY I 121 -43.68 -51.04 -6.30
CA GLY I 121 -43.96 -49.70 -6.81
C GLY I 121 -45.18 -49.05 -6.19
N VAL I 122 -45.30 -49.11 -4.86
CA VAL I 122 -46.47 -48.55 -4.19
C VAL I 122 -46.52 -47.04 -4.36
N ASN I 123 -45.41 -46.35 -4.10
CA ASN I 123 -45.34 -44.90 -4.24
C ASN I 123 -43.98 -44.54 -4.83
N ALA I 124 -43.99 -43.67 -5.83
CA ALA I 124 -42.74 -43.25 -6.46
C ALA I 124 -42.21 -41.97 -5.83
N VAL I 125 -43.08 -41.20 -5.16
CA VAL I 125 -42.66 -39.92 -4.59
C VAL I 125 -41.60 -40.13 -3.52
N THR I 126 -41.79 -41.13 -2.65
CA THR I 126 -40.82 -41.44 -1.62
C THR I 126 -39.48 -41.90 -2.18
N LYS I 127 -39.43 -42.28 -3.46
CA LYS I 127 -38.19 -42.63 -4.13
C LYS I 127 -37.47 -41.42 -4.71
N ALA I 128 -38.21 -40.53 -5.37
CA ALA I 128 -37.59 -39.33 -5.92
C ALA I 128 -37.22 -38.33 -4.85
N ALA I 129 -37.79 -38.47 -3.64
CA ALA I 129 -37.50 -37.52 -2.58
C ALA I 129 -36.08 -37.68 -2.05
N THR I 130 -35.56 -38.91 -2.04
CA THR I 130 -34.24 -39.15 -1.45
C THR I 130 -33.12 -39.05 -2.48
N THR I 131 -33.43 -39.19 -3.76
CA THR I 131 -32.38 -39.17 -4.78
C THR I 131 -31.93 -37.74 -5.08
N ILE I 132 -30.74 -37.63 -5.67
CA ILE I 132 -30.18 -36.35 -6.08
C ILE I 132 -29.22 -36.62 -7.22
N GLU I 133 -29.04 -35.63 -8.08
CA GLU I 133 -28.20 -35.77 -9.27
C GLU I 133 -27.27 -34.58 -9.41
N MET I 134 -26.03 -34.86 -9.76
CA MET I 134 -25.03 -33.83 -10.06
C MET I 134 -24.66 -33.93 -11.53
N LEU I 135 -24.58 -32.77 -12.19
CA LEU I 135 -24.32 -32.72 -13.63
C LEU I 135 -23.00 -32.02 -13.89
N ASP I 136 -22.31 -32.46 -14.95
CA ASP I 136 -21.05 -31.85 -15.41
C ASP I 136 -20.00 -31.88 -14.30
N CYS I 137 -19.60 -33.08 -13.92
CA CYS I 137 -18.70 -33.28 -12.79
C CYS I 137 -17.28 -33.61 -13.25
N LYS I 138 -16.32 -33.25 -12.41
CA LYS I 138 -14.90 -33.54 -12.61
C LYS I 138 -14.42 -34.43 -11.49
N ILE I 139 -13.64 -35.46 -11.83
CA ILE I 139 -13.16 -36.43 -10.86
C ILE I 139 -11.64 -36.39 -10.83
N TYR I 140 -11.09 -36.14 -9.65
CA TYR I 140 -9.65 -36.16 -9.42
C TYR I 140 -9.36 -37.14 -8.29
N SER I 141 -8.08 -37.27 -7.95
CA SER I 141 -7.64 -38.18 -6.91
C SER I 141 -6.57 -37.51 -6.05
N ASP I 142 -6.34 -38.08 -4.88
CA ASP I 142 -5.30 -37.63 -3.97
C ASP I 142 -4.21 -38.70 -3.87
N ALA I 143 -3.20 -38.40 -3.06
CA ALA I 143 -2.12 -39.35 -2.86
C ALA I 143 -2.62 -40.61 -2.16
N ILE I 144 -1.98 -41.74 -2.47
CA ILE I 144 -2.36 -43.04 -1.95
C ILE I 144 -1.21 -43.57 -1.11
N ASP I 145 -1.53 -44.05 0.09
CA ASP I 145 -0.52 -44.43 1.08
C ASP I 145 -0.23 -45.91 0.99
N PHE I 146 1.05 -46.24 0.79
CA PHE I 146 1.54 -47.62 0.82
C PHE I 146 2.54 -47.75 1.94
N SER I 147 2.41 -48.80 2.74
CA SER I 147 3.34 -49.01 3.85
C SER I 147 3.26 -50.45 4.31
N THR I 148 4.37 -50.95 4.83
CA THR I 148 4.39 -52.25 5.49
C THR I 148 3.91 -52.06 6.93
N GLU I 149 4.15 -53.07 7.77
CA GLU I 149 3.85 -53.01 9.20
C GLU I 149 2.35 -53.07 9.47
N ASP I 150 1.54 -53.00 8.42
CA ASP I 150 0.08 -53.18 8.50
C ASP I 150 -0.34 -54.21 7.45
N VAL I 151 -0.24 -55.48 7.81
CA VAL I 151 -0.48 -56.55 6.84
C VAL I 151 -1.95 -56.65 6.47
N THR I 152 -2.85 -56.39 7.41
CA THR I 152 -4.28 -56.58 7.18
C THR I 152 -4.95 -55.39 6.50
N ALA I 153 -4.23 -54.29 6.29
CA ALA I 153 -4.83 -53.11 5.70
C ALA I 153 -5.05 -53.31 4.20
N ALA I 154 -5.91 -52.46 3.64
CA ALA I 154 -6.19 -52.46 2.22
C ALA I 154 -6.02 -51.06 1.66
N VAL I 155 -5.65 -50.97 0.39
CA VAL I 155 -5.41 -49.69 -0.26
C VAL I 155 -6.74 -48.97 -0.48
N ARG I 156 -6.79 -47.69 -0.09
CA ARG I 156 -8.02 -46.89 -0.12
C ARG I 156 -7.78 -45.60 -0.90
N PRO I 157 -8.01 -45.60 -2.20
CA PRO I 157 -7.95 -44.35 -2.96
C PRO I 157 -8.98 -43.36 -2.44
N SER I 158 -8.60 -42.08 -2.43
CA SER I 158 -9.49 -41.00 -2.02
C SER I 158 -9.77 -40.13 -3.23
N LEU I 159 -11.05 -39.93 -3.53
CA LEU I 159 -11.48 -39.24 -4.73
C LEU I 159 -12.11 -37.89 -4.37
N ARG I 160 -11.78 -36.87 -5.16
CA ARG I 160 -12.35 -35.54 -5.01
C ARG I 160 -13.17 -35.23 -6.25
N ILE I 161 -14.46 -34.96 -6.06
CA ILE I 161 -15.40 -34.79 -7.15
C ILE I 161 -15.97 -33.37 -7.08
N VAL I 162 -15.94 -32.66 -8.20
CA VAL I 162 -16.45 -31.30 -8.30
C VAL I 162 -17.69 -31.31 -9.19
N TYR I 163 -18.83 -30.96 -8.62
CA TYR I 163 -20.08 -30.89 -9.36
C TYR I 163 -20.34 -29.46 -9.80
N ASN I 164 -21.18 -29.30 -10.84
CA ASN I 164 -21.46 -27.99 -11.38
C ASN I 164 -22.95 -27.63 -11.43
N TRP I 165 -23.84 -28.58 -11.15
CA TRP I 165 -25.26 -28.31 -11.05
C TRP I 165 -25.91 -29.41 -10.22
N ILE I 166 -26.97 -29.06 -9.52
CA ILE I 166 -27.71 -29.99 -8.67
C ILE I 166 -29.15 -30.06 -9.17
N GLU I 167 -29.65 -31.27 -9.40
CA GLU I 167 -31.00 -31.50 -9.88
C GLU I 167 -31.71 -32.46 -8.94
N TRP I 168 -33.01 -32.22 -8.74
CA TRP I 168 -33.85 -33.15 -8.01
C TRP I 168 -35.21 -33.23 -8.69
N ASP I 169 -35.89 -34.35 -8.46
CA ASP I 169 -37.21 -34.62 -9.05
C ASP I 169 -37.16 -34.52 -10.58
N LYS J 11 -30.62 -82.39 -10.85
CA LYS J 11 -29.81 -81.24 -11.26
C LYS J 11 -29.81 -81.08 -12.77
N PHE J 12 -30.47 -80.02 -13.25
CA PHE J 12 -30.55 -79.71 -14.67
C PHE J 12 -30.06 -78.28 -14.89
N ILE J 13 -29.16 -78.10 -15.85
CA ILE J 13 -28.61 -76.79 -16.16
C ILE J 13 -29.63 -76.06 -17.04
N LYS J 14 -30.47 -75.25 -16.41
CA LYS J 14 -31.52 -74.56 -17.16
C LYS J 14 -30.98 -73.36 -17.94
N GLY J 15 -30.00 -72.64 -17.40
CA GLY J 15 -29.51 -71.45 -18.06
C GLY J 15 -28.12 -71.09 -17.57
N ARG J 16 -27.69 -69.89 -17.96
CA ARG J 16 -26.36 -69.38 -17.63
C ARG J 16 -26.48 -68.12 -16.79
N TYR J 17 -25.54 -67.94 -15.86
CA TYR J 17 -25.51 -66.79 -14.98
C TYR J 17 -24.48 -65.78 -15.47
N THR J 18 -24.88 -64.51 -15.52
CA THR J 18 -23.98 -63.42 -15.90
C THR J 18 -24.06 -62.33 -14.85
N ALA J 19 -22.93 -61.65 -14.62
CA ALA J 19 -22.83 -60.60 -13.63
C ALA J 19 -22.38 -59.32 -14.30
N ASN J 20 -22.94 -58.19 -13.85
CA ASN J 20 -22.66 -56.88 -14.43
C ASN J 20 -21.94 -55.98 -13.44
N ALA J 21 -21.09 -56.56 -12.58
CA ALA J 21 -20.38 -55.80 -11.57
C ALA J 21 -18.94 -56.29 -11.50
N ALA J 22 -18.07 -55.42 -11.00
CA ALA J 22 -16.65 -55.75 -10.87
C ALA J 22 -16.43 -56.59 -9.62
N LYS J 23 -15.83 -57.77 -9.80
CA LYS J 23 -15.53 -58.68 -8.70
C LYS J 23 -14.05 -59.04 -8.76
N GLY J 24 -13.39 -58.94 -7.61
CA GLY J 24 -11.99 -59.31 -7.53
C GLY J 24 -11.46 -59.09 -6.13
N GLU J 25 -10.38 -59.78 -5.82
CA GLU J 25 -9.72 -59.62 -4.53
C GLU J 25 -9.16 -58.21 -4.43
N ARG J 26 -9.08 -57.70 -3.20
CA ARG J 26 -8.57 -56.37 -2.94
C ARG J 26 -7.09 -56.42 -2.60
N LEU J 27 -6.35 -55.39 -3.01
CA LEU J 27 -4.93 -55.35 -2.71
C LEU J 27 -4.68 -55.18 -1.22
N VAL J 28 -3.50 -55.60 -0.79
CA VAL J 28 -2.97 -55.29 0.54
C VAL J 28 -1.79 -54.35 0.34
N SER J 29 -1.77 -53.27 1.11
CA SER J 29 -0.73 -52.25 0.93
C SER J 29 0.62 -52.68 1.46
N SER J 30 0.82 -53.95 1.80
CA SER J 30 2.07 -54.42 2.38
C SER J 30 3.06 -54.95 1.34
N GLU J 31 2.73 -54.91 0.06
CA GLU J 31 3.61 -55.36 -1.01
C GLU J 31 3.75 -54.25 -2.04
N PHE J 32 4.99 -53.84 -2.31
CA PHE J 32 5.27 -52.84 -3.33
C PHE J 32 6.77 -52.83 -3.58
N LEU J 33 7.17 -52.16 -4.66
CA LEU J 33 8.57 -52.10 -5.07
C LEU J 33 8.93 -50.67 -5.45
N LEU J 34 10.21 -50.33 -5.26
CA LEU J 34 10.71 -48.99 -5.58
C LEU J 34 12.14 -49.15 -6.09
N THR J 35 12.32 -49.09 -7.41
CA THR J 35 13.57 -49.48 -8.04
C THR J 35 14.68 -48.45 -7.90
N PHE J 36 14.34 -47.15 -7.92
CA PHE J 36 15.33 -46.07 -7.77
C PHE J 36 16.38 -46.10 -8.88
N ALA J 37 15.95 -46.34 -10.11
CA ALA J 37 16.80 -46.25 -11.31
C ALA J 37 17.96 -47.24 -11.16
N GLY J 38 19.21 -46.80 -11.31
CA GLY J 38 20.37 -47.67 -11.27
C GLY J 38 20.85 -48.08 -9.90
N HIS J 39 20.24 -47.56 -8.84
CA HIS J 39 20.58 -47.96 -7.47
C HIS J 39 19.55 -48.98 -6.97
N GLU J 40 19.62 -50.18 -7.56
CA GLU J 40 18.62 -51.21 -7.26
C GLU J 40 18.80 -51.83 -5.89
N ASP J 41 20.00 -51.80 -5.32
CA ASP J 41 20.22 -52.47 -4.04
C ASP J 41 19.56 -51.76 -2.86
N ILE J 42 19.08 -50.53 -3.04
CA ILE J 42 18.42 -49.81 -1.96
C ILE J 42 16.95 -50.19 -1.81
N SER J 43 16.39 -50.92 -2.77
CA SER J 43 14.96 -51.20 -2.77
C SER J 43 14.50 -52.03 -1.58
N VAL J 44 15.43 -52.67 -0.87
CA VAL J 44 15.05 -53.54 0.24
C VAL J 44 14.78 -52.72 1.51
N LEU J 45 15.36 -51.53 1.62
CA LEU J 45 15.30 -50.77 2.86
C LEU J 45 14.05 -49.90 3.00
N VAL J 46 13.21 -49.80 1.96
CA VAL J 46 12.06 -48.90 2.04
C VAL J 46 10.94 -49.54 2.87
N ARG J 47 10.14 -48.70 3.51
CA ARG J 47 9.00 -49.15 4.30
C ARG J 47 7.72 -48.36 4.06
N THR J 48 7.78 -47.20 3.40
CA THR J 48 6.59 -46.39 3.17
C THR J 48 6.77 -45.60 1.89
N SER J 49 5.78 -45.63 1.01
CA SER J 49 5.82 -44.90 -0.24
C SER J 49 4.41 -44.41 -0.56
N GLN J 50 4.29 -43.70 -1.69
CA GLN J 50 3.01 -43.13 -2.10
C GLN J 50 2.89 -43.17 -3.61
N ILE J 51 1.68 -42.88 -4.09
CA ILE J 51 1.41 -42.69 -5.51
C ILE J 51 1.11 -41.21 -5.72
N PRO J 52 1.59 -40.59 -6.80
CA PRO J 52 1.38 -39.15 -7.00
C PRO J 52 -0.10 -38.76 -7.03
N GLU J 53 -0.31 -37.45 -7.05
CA GLU J 53 -1.64 -36.89 -6.83
C GLU J 53 -2.60 -37.22 -7.98
N MET J 54 -2.14 -37.04 -9.22
CA MET J 54 -2.97 -37.26 -10.41
C MET J 54 -4.22 -36.39 -10.39
N THR J 55 -3.99 -35.07 -10.49
CA THR J 55 -5.07 -34.08 -10.46
C THR J 55 -4.86 -33.09 -11.61
N ARG J 56 -5.71 -32.06 -11.63
CA ARG J 56 -5.62 -30.99 -12.62
C ARG J 56 -6.07 -29.68 -12.01
N GLU J 57 -5.62 -28.58 -12.60
CA GLU J 57 -6.02 -27.27 -12.13
C GLU J 57 -7.47 -26.99 -12.54
N ASP J 58 -8.09 -26.07 -11.80
CA ASP J 58 -9.48 -25.70 -12.04
C ASP J 58 -9.59 -24.21 -12.28
N VAL J 59 -10.27 -23.83 -13.35
CA VAL J 59 -10.50 -22.44 -13.71
C VAL J 59 -11.94 -22.09 -13.37
N GLU J 60 -12.14 -21.04 -12.58
CA GLU J 60 -13.45 -20.65 -12.09
C GLU J 60 -13.97 -19.46 -12.90
N ASP J 61 -15.24 -19.53 -13.29
CA ASP J 61 -15.89 -18.47 -14.03
C ASP J 61 -17.28 -18.23 -13.48
N TYR J 62 -17.71 -16.98 -13.52
CA TYR J 62 -19.04 -16.57 -13.06
C TYR J 62 -19.82 -16.03 -14.24
N GLY J 63 -20.95 -16.67 -14.53
CA GLY J 63 -21.76 -16.27 -15.66
C GLY J 63 -22.74 -15.16 -15.30
N PRO J 64 -23.79 -15.00 -16.12
CA PRO J 64 -24.84 -14.03 -15.76
C PRO J 64 -25.50 -14.43 -14.46
N ASN J 65 -25.92 -13.42 -13.70
CA ASN J 65 -26.45 -13.59 -12.34
C ASN J 65 -25.34 -14.24 -11.52
N GLY J 66 -25.62 -15.26 -10.71
CA GLY J 66 -24.61 -15.82 -9.86
C GLY J 66 -24.15 -17.22 -10.20
N VAL J 67 -24.48 -17.70 -11.41
CA VAL J 67 -24.09 -19.05 -11.78
C VAL J 67 -22.58 -19.14 -11.89
N LYS J 68 -22.05 -20.33 -11.60
CA LYS J 68 -20.61 -20.54 -11.54
C LYS J 68 -20.27 -21.87 -12.20
N PHE J 69 -19.15 -21.89 -12.90
CA PHE J 69 -18.69 -23.08 -13.61
C PHE J 69 -17.23 -23.36 -13.26
N ASN J 70 -16.90 -24.63 -13.08
CA ASN J 70 -15.53 -25.10 -12.94
C ASN J 70 -15.13 -25.85 -14.20
N GLN J 71 -13.95 -25.52 -14.72
CA GLN J 71 -13.49 -26.03 -16.00
C GLN J 71 -12.13 -26.69 -15.83
N HIS J 72 -11.87 -27.72 -16.62
CA HIS J 72 -10.59 -28.41 -16.57
C HIS J 72 -9.46 -27.47 -16.96
N GLY J 73 -8.32 -27.61 -16.29
CA GLY J 73 -7.15 -26.82 -16.59
C GLY J 73 -5.98 -27.68 -16.99
N PRO J 74 -4.79 -27.10 -17.03
CA PRO J 74 -3.59 -27.87 -17.40
C PRO J 74 -3.22 -28.89 -16.32
N ILE J 75 -2.49 -29.91 -16.76
CA ILE J 75 -2.12 -31.01 -15.87
C ILE J 75 -1.07 -30.53 -14.88
N ARG J 76 -1.12 -31.09 -13.66
CA ARG J 76 -0.11 -30.83 -12.65
C ARG J 76 1.04 -31.80 -12.85
N ASN J 77 2.22 -31.26 -13.20
CA ASN J 77 3.36 -32.10 -13.54
C ASN J 77 4.13 -32.52 -12.29
N SER J 78 4.71 -31.55 -11.59
CA SER J 78 5.65 -31.81 -10.51
C SER J 78 4.96 -31.69 -9.16
N GLY J 79 5.47 -32.46 -8.20
CA GLY J 79 4.93 -32.47 -6.85
C GLY J 79 5.93 -33.11 -5.92
N GLU J 80 5.47 -33.39 -4.70
CA GLU J 80 6.30 -33.99 -3.67
C GLU J 80 5.72 -35.33 -3.23
N ILE J 81 6.56 -36.11 -2.57
CA ILE J 81 6.19 -37.43 -2.08
C ILE J 81 7.10 -37.77 -0.90
N GLN J 82 6.57 -38.53 0.05
CA GLN J 82 7.30 -38.86 1.27
C GLN J 82 7.61 -40.35 1.32
N VAL J 83 8.85 -40.68 1.63
CA VAL J 83 9.33 -42.06 1.70
C VAL J 83 10.10 -42.24 3.00
N GLN J 84 9.87 -43.36 3.69
CA GLN J 84 10.53 -43.68 4.93
C GLN J 84 11.37 -44.95 4.76
N CYS J 85 12.61 -44.91 5.24
CA CYS J 85 13.55 -46.00 5.07
C CYS J 85 14.12 -46.41 6.42
N VAL J 86 14.86 -47.51 6.42
CA VAL J 86 15.58 -48.01 7.59
C VAL J 86 17.07 -48.06 7.24
N GLU J 87 17.90 -47.66 8.19
CA GLU J 87 19.33 -47.48 7.97
C GLU J 87 20.10 -48.63 8.60
N THR J 88 21.07 -49.18 7.86
CA THR J 88 21.85 -50.33 8.28
C THR J 88 23.16 -49.87 8.93
N ILE J 89 24.05 -50.83 9.21
CA ILE J 89 25.33 -50.51 9.81
C ILE J 89 26.24 -49.81 8.80
N GLU J 90 26.27 -50.30 7.56
CA GLU J 90 27.26 -49.90 6.58
C GLU J 90 27.06 -48.49 6.04
N GLY J 91 26.06 -47.76 6.52
CA GLY J 91 25.82 -46.42 6.00
C GLY J 91 25.34 -46.38 4.56
N ASP J 92 24.46 -47.30 4.18
CA ASP J 92 23.98 -47.32 2.79
C ASP J 92 23.18 -46.06 2.46
N ILE J 93 22.18 -45.76 3.27
CA ILE J 93 21.32 -44.61 2.99
C ILE J 93 22.10 -43.30 3.19
N LEU J 94 22.95 -43.26 4.21
CA LEU J 94 23.74 -42.05 4.46
C LEU J 94 24.67 -41.76 3.29
N GLN J 95 25.37 -42.78 2.81
CA GLN J 95 26.27 -42.57 1.68
C GLN J 95 25.48 -42.24 0.41
N PHE J 96 24.31 -42.86 0.24
CA PHE J 96 23.48 -42.56 -0.91
C PHE J 96 23.07 -41.08 -0.92
N ILE J 97 22.63 -40.57 0.22
CA ILE J 97 22.21 -39.18 0.30
C ILE J 97 23.40 -38.25 0.13
N LYS J 98 24.56 -38.61 0.69
CA LYS J 98 25.75 -37.79 0.52
C LYS J 98 26.14 -37.69 -0.95
N ASP J 99 26.10 -38.83 -1.66
CA ASP J 99 26.43 -38.82 -3.08
C ASP J 99 25.41 -38.00 -3.88
N ARG J 100 24.13 -38.11 -3.53
CA ARG J 100 23.11 -37.36 -4.25
C ARG J 100 23.29 -35.86 -4.05
N ILE J 101 23.65 -35.44 -2.83
CA ILE J 101 23.87 -34.01 -2.57
C ILE J 101 25.12 -33.53 -3.28
N ALA J 102 26.18 -34.34 -3.28
CA ALA J 102 27.45 -33.90 -3.84
C ALA J 102 27.35 -33.58 -5.32
N ALA J 103 26.66 -34.43 -6.08
CA ALA J 103 26.53 -34.26 -7.53
C ALA J 103 25.06 -34.06 -7.89
N LYS J 104 24.76 -32.97 -8.58
CA LYS J 104 23.40 -32.75 -9.05
C LYS J 104 23.08 -33.76 -10.13
N ASP J 105 21.99 -34.51 -9.95
CA ASP J 105 21.55 -35.46 -10.96
C ASP J 105 20.09 -35.77 -10.75
N TYR J 106 19.46 -36.32 -11.77
CA TYR J 106 18.06 -36.68 -11.75
C TYR J 106 17.92 -38.18 -12.02
N VAL J 107 17.12 -38.85 -11.20
CA VAL J 107 16.92 -40.29 -11.33
C VAL J 107 15.45 -40.56 -11.61
N ASP J 108 15.16 -41.78 -12.05
CA ASP J 108 13.82 -42.20 -12.39
C ASP J 108 13.39 -43.33 -11.47
N ILE J 109 12.18 -43.23 -10.93
CA ILE J 109 11.67 -44.19 -9.95
C ILE J 109 10.45 -44.89 -10.55
N THR J 110 10.44 -46.21 -10.45
CA THR J 110 9.29 -47.03 -10.87
C THR J 110 8.60 -47.54 -9.62
N MET J 111 7.32 -47.18 -9.46
CA MET J 111 6.52 -47.61 -8.33
C MET J 111 5.51 -48.65 -8.80
N ALA J 112 5.49 -49.80 -8.15
CA ALA J 112 4.58 -50.89 -8.49
C ALA J 112 3.81 -51.30 -7.24
N ALA J 113 2.52 -51.56 -7.42
CA ALA J 113 1.65 -51.94 -6.32
C ALA J 113 1.61 -53.45 -6.10
N THR J 114 2.35 -54.22 -6.89
CA THR J 114 2.43 -55.67 -6.74
C THR J 114 3.89 -56.08 -6.71
N PRO J 115 4.20 -57.19 -6.03
CA PRO J 115 5.62 -57.61 -5.94
C PRO J 115 6.26 -57.82 -7.30
N GLU J 116 5.70 -58.72 -8.10
CA GLU J 116 6.23 -59.03 -9.43
C GLU J 116 5.24 -59.91 -10.16
N SER J 117 5.44 -60.15 -11.44
CA SER J 117 4.56 -61.02 -12.20
C SER J 117 5.21 -62.41 -12.30
N LYS J 118 4.51 -63.40 -11.77
CA LYS J 118 5.00 -64.77 -11.87
C LYS J 118 5.05 -65.19 -13.33
N SER J 119 6.18 -65.79 -13.71
CA SER J 119 6.62 -65.82 -15.10
C SER J 119 5.68 -66.58 -16.02
N SER J 120 4.75 -67.38 -15.50
CA SER J 120 3.75 -68.05 -16.32
C SER J 120 2.48 -67.20 -16.49
N GLY J 121 2.45 -66.00 -15.90
CA GLY J 121 1.30 -65.12 -16.01
C GLY J 121 0.94 -64.78 -17.44
N VAL J 122 -0.35 -64.78 -17.76
CA VAL J 122 -0.81 -64.69 -19.14
C VAL J 122 -1.39 -63.33 -19.49
N ASN J 123 -1.50 -62.40 -18.54
CA ASN J 123 -2.09 -61.10 -18.79
C ASN J 123 -1.09 -60.04 -18.37
N ALA J 124 -0.95 -58.99 -19.20
CA ALA J 124 0.02 -57.95 -18.96
C ALA J 124 -0.60 -56.56 -18.75
N VAL J 125 -1.86 -56.36 -19.15
CA VAL J 125 -2.46 -55.04 -19.02
C VAL J 125 -2.64 -54.67 -17.55
N THR J 126 -2.96 -55.64 -16.70
CA THR J 126 -3.07 -55.37 -15.27
C THR J 126 -1.72 -54.97 -14.68
N LYS J 127 -0.63 -55.62 -15.13
CA LYS J 127 0.69 -55.23 -14.68
C LYS J 127 0.99 -53.79 -15.09
N ALA J 128 0.64 -53.41 -16.32
CA ALA J 128 0.79 -52.03 -16.73
C ALA J 128 -0.24 -51.11 -16.09
N ALA J 129 -1.35 -51.67 -15.61
CA ALA J 129 -2.37 -50.84 -14.97
C ALA J 129 -1.97 -50.44 -13.56
N THR J 130 -1.30 -51.33 -12.82
CA THR J 130 -0.97 -51.05 -11.43
C THR J 130 0.33 -50.28 -11.24
N THR J 131 1.17 -50.17 -12.27
CA THR J 131 2.44 -49.50 -12.11
C THR J 131 2.36 -48.03 -12.50
N ILE J 132 3.38 -47.27 -12.07
CA ILE J 132 3.50 -45.85 -12.40
C ILE J 132 4.98 -45.50 -12.38
N GLU J 133 5.35 -44.48 -13.14
CA GLU J 133 6.74 -44.09 -13.32
C GLU J 133 6.88 -42.58 -13.16
N MET J 134 7.93 -42.17 -12.46
CA MET J 134 8.25 -40.76 -12.26
C MET J 134 9.62 -40.47 -12.86
N LEU J 135 9.72 -39.37 -13.60
CA LEU J 135 10.92 -39.03 -14.35
C LEU J 135 11.54 -37.75 -13.83
N ASP J 136 12.87 -37.66 -13.93
CA ASP J 136 13.62 -36.46 -13.57
C ASP J 136 13.37 -36.05 -12.12
N CYS J 137 13.60 -36.98 -11.21
CA CYS J 137 13.28 -36.77 -9.81
C CYS J 137 14.48 -36.25 -9.03
N LYS J 138 14.19 -35.57 -7.92
CA LYS J 138 15.18 -35.05 -7.00
C LYS J 138 14.96 -35.67 -5.62
N ILE J 139 16.04 -36.09 -4.98
CA ILE J 139 15.97 -36.78 -3.70
C ILE J 139 16.67 -35.94 -2.64
N TYR J 140 15.94 -35.61 -1.57
CA TYR J 140 16.46 -34.89 -0.43
C TYR J 140 16.13 -35.65 0.83
N SER J 141 16.68 -35.19 1.95
CA SER J 141 16.46 -35.82 3.24
C SER J 141 16.04 -34.81 4.29
N ASP J 142 15.45 -35.30 5.36
CA ASP J 142 15.09 -34.48 6.51
C ASP J 142 16.00 -34.81 7.68
N ALA J 143 15.76 -34.15 8.81
CA ALA J 143 16.55 -34.39 10.01
C ALA J 143 16.30 -35.81 10.53
N ILE J 144 17.31 -36.36 11.18
CA ILE J 144 17.28 -37.72 11.70
C ILE J 144 17.47 -37.66 13.21
N ASP J 145 16.62 -38.38 13.94
CA ASP J 145 16.56 -38.28 15.39
C ASP J 145 17.34 -39.41 16.04
N PHE J 146 18.33 -39.06 16.87
CA PHE J 146 19.07 -40.01 17.68
C PHE J 146 18.81 -39.72 19.15
N SER J 147 18.51 -40.76 19.91
CA SER J 147 18.24 -40.58 21.33
C SER J 147 18.41 -41.91 22.05
N THR J 148 18.71 -41.84 23.34
CA THR J 148 18.70 -43.00 24.22
C THR J 148 17.29 -43.15 24.79
N GLU J 149 17.16 -43.97 25.84
CA GLU J 149 15.91 -44.19 26.56
C GLU J 149 14.93 -45.01 25.72
N ASP J 150 15.29 -45.27 24.46
CA ASP J 150 14.52 -46.14 23.56
C ASP J 150 15.48 -47.14 22.93
N VAL J 151 15.82 -48.17 23.71
CA VAL J 151 16.89 -49.08 23.33
C VAL J 151 16.52 -49.92 22.11
N THR J 152 15.25 -50.26 21.94
CA THR J 152 14.84 -51.17 20.88
C THR J 152 14.55 -50.46 19.56
N ALA J 153 14.61 -49.14 19.53
CA ALA J 153 14.26 -48.40 18.32
C ALA J 153 15.36 -48.53 17.27
N ALA J 154 14.99 -48.27 16.01
CA ALA J 154 15.91 -48.27 14.90
C ALA J 154 15.81 -46.94 14.17
N VAL J 155 16.95 -46.49 13.64
CA VAL J 155 17.02 -45.19 12.98
C VAL J 155 16.24 -45.23 11.68
N ARG J 156 15.40 -44.21 11.45
CA ARG J 156 14.51 -44.14 10.30
C ARG J 156 14.70 -42.83 9.56
N PRO J 157 15.61 -42.80 8.58
CA PRO J 157 15.72 -41.61 7.73
C PRO J 157 14.42 -41.36 6.97
N SER J 158 14.06 -40.09 6.85
CA SER J 158 12.87 -39.68 6.11
C SER J 158 13.30 -38.90 4.89
N LEU J 159 12.83 -39.33 3.72
CA LEU J 159 13.25 -38.78 2.44
C LEU J 159 12.11 -38.01 1.79
N ARG J 160 12.45 -36.90 1.15
CA ARG J 160 11.50 -36.10 0.37
C ARG J 160 11.94 -36.15 -1.08
N ILE J 161 11.06 -36.61 -1.96
CA ILE J 161 11.38 -36.83 -3.37
C ILE J 161 10.46 -35.95 -4.21
N VAL J 162 11.06 -35.23 -5.16
CA VAL J 162 10.34 -34.31 -6.03
C VAL J 162 10.38 -34.87 -7.44
N TYR J 163 9.22 -35.27 -7.95
CA TYR J 163 9.11 -35.78 -9.32
C TYR J 163 8.76 -34.63 -10.26
N ASN J 164 9.06 -34.82 -11.54
CA ASN J 164 8.84 -33.77 -12.53
C ASN J 164 7.92 -34.18 -13.67
N TRP J 165 7.66 -35.47 -13.85
CA TRP J 165 6.74 -35.96 -14.86
C TRP J 165 6.23 -37.33 -14.44
N ILE J 166 5.00 -37.66 -14.87
CA ILE J 166 4.36 -38.92 -14.54
C ILE J 166 4.04 -39.66 -15.83
N GLU J 167 4.45 -40.91 -15.91
CA GLU J 167 4.20 -41.75 -17.08
C GLU J 167 3.48 -43.02 -16.66
N TRP J 168 2.59 -43.50 -17.52
CA TRP J 168 1.94 -44.79 -17.32
C TRP J 168 1.74 -45.46 -18.66
N ASP J 169 1.60 -46.78 -18.62
CA ASP J 169 1.41 -47.60 -19.83
C ASP J 169 2.54 -47.39 -20.82
N LYS K 11 25.33 -84.86 -0.09
CA LYS K 11 25.58 -83.43 -0.21
C LYS K 11 26.67 -83.14 -1.24
N PHE K 12 26.27 -82.56 -2.37
CA PHE K 12 27.18 -82.20 -3.44
C PHE K 12 27.04 -80.70 -3.71
N ILE K 13 28.17 -80.02 -3.84
CA ILE K 13 28.16 -78.58 -4.11
C ILE K 13 27.99 -78.37 -5.61
N LYS K 14 26.74 -78.18 -6.05
CA LYS K 14 26.47 -78.04 -7.47
C LYS K 14 26.83 -76.65 -8.00
N GLY K 15 26.70 -75.61 -7.19
CA GLY K 15 26.95 -74.27 -7.66
C GLY K 15 27.22 -73.32 -6.51
N ARG K 16 27.13 -72.03 -6.82
CA ARG K 16 27.40 -70.97 -5.87
C ARG K 16 26.22 -70.02 -5.78
N TYR K 17 26.03 -69.44 -4.59
CA TYR K 17 24.96 -68.49 -4.34
C TYR K 17 25.47 -67.06 -4.45
N THR K 18 24.73 -66.23 -5.17
CA THR K 18 25.03 -64.80 -5.27
C THR K 18 23.74 -64.01 -5.05
N ALA K 19 23.85 -62.88 -4.38
CA ALA K 19 22.71 -62.03 -4.07
C ALA K 19 22.99 -60.61 -4.52
N ASN K 20 21.95 -59.91 -4.94
CA ASN K 20 22.06 -58.55 -5.46
C ASN K 20 21.20 -57.58 -4.66
N ALA K 21 21.23 -57.71 -3.33
CA ALA K 21 20.46 -56.85 -2.45
C ALA K 21 21.31 -56.47 -1.26
N ALA K 22 20.95 -55.34 -0.63
CA ALA K 22 21.67 -54.87 0.54
C ALA K 22 21.25 -55.66 1.77
N LYS K 23 22.21 -56.33 2.40
CA LYS K 23 21.95 -57.13 3.59
C LYS K 23 22.86 -56.66 4.72
N GLY K 24 22.27 -56.35 5.86
CA GLY K 24 23.04 -55.94 7.02
C GLY K 24 22.12 -55.68 8.19
N GLU K 25 22.69 -55.76 9.38
CA GLU K 25 21.94 -55.50 10.60
C GLU K 25 21.49 -54.05 10.64
N ARG K 26 20.25 -53.82 11.08
CA ARG K 26 19.71 -52.47 11.15
C ARG K 26 20.40 -51.70 12.27
N LEU K 27 20.78 -50.46 11.98
CA LEU K 27 21.46 -49.63 12.96
C LEU K 27 20.54 -49.24 14.09
N VAL K 28 21.08 -49.22 15.31
CA VAL K 28 20.33 -48.86 16.51
C VAL K 28 20.66 -47.43 16.88
N SER K 29 19.64 -46.64 17.20
CA SER K 29 19.81 -45.23 17.49
C SER K 29 20.17 -44.95 18.94
N SER K 30 20.37 -45.98 19.76
CA SER K 30 20.65 -45.78 21.18
C SER K 30 22.12 -45.54 21.47
N GLU K 31 22.99 -45.64 20.47
CA GLU K 31 24.42 -45.40 20.64
C GLU K 31 24.87 -44.29 19.70
N PHE K 32 25.51 -43.27 20.25
CA PHE K 32 26.08 -42.19 19.46
C PHE K 32 27.05 -41.41 20.33
N LEU K 33 27.76 -40.48 19.71
CA LEU K 33 28.78 -39.69 20.40
C LEU K 33 28.71 -38.25 19.91
N LEU K 34 28.98 -37.31 20.82
CA LEU K 34 28.82 -35.89 20.54
C LEU K 34 29.96 -35.15 21.25
N THR K 35 30.98 -34.75 20.50
CA THR K 35 32.28 -34.44 21.10
C THR K 35 32.36 -33.00 21.65
N PHE K 36 31.80 -32.02 20.96
CA PHE K 36 31.91 -30.61 21.33
C PHE K 36 33.36 -30.12 21.34
N ALA K 37 34.14 -30.51 20.33
CA ALA K 37 35.47 -29.95 20.07
C ALA K 37 36.35 -30.15 21.30
N GLY K 38 36.90 -29.09 21.88
CA GLY K 38 37.83 -29.19 22.99
C GLY K 38 37.21 -29.40 24.36
N HIS K 39 35.88 -29.43 24.46
CA HIS K 39 35.19 -29.72 25.71
C HIS K 39 34.70 -31.16 25.67
N GLU K 40 35.64 -32.09 25.86
CA GLU K 40 35.32 -33.52 25.73
C GLU K 40 34.57 -34.06 26.94
N ASP K 41 34.76 -33.48 28.13
CA ASP K 41 34.15 -34.04 29.33
C ASP K 41 32.64 -33.88 29.37
N ILE K 42 32.05 -33.07 28.48
CA ILE K 42 30.61 -32.87 28.47
C ILE K 42 29.87 -33.96 27.69
N SER K 43 30.58 -34.74 26.88
CA SER K 43 29.95 -35.70 25.98
C SER K 43 29.15 -36.77 26.73
N VAL K 44 29.40 -36.96 28.02
CA VAL K 44 28.71 -38.01 28.76
C VAL K 44 27.29 -37.60 29.12
N LEU K 45 27.00 -36.30 29.17
CA LEU K 45 25.73 -35.83 29.70
C LEU K 45 24.63 -35.73 28.65
N VAL K 46 24.92 -36.01 27.37
CA VAL K 46 23.91 -35.81 26.34
C VAL K 46 22.99 -37.02 26.26
N ARG K 47 21.74 -36.78 25.86
CA ARG K 47 20.74 -37.83 25.71
C ARG K 47 19.94 -37.76 24.42
N THR K 48 20.06 -36.71 23.63
CA THR K 48 19.27 -36.56 22.42
C THR K 48 20.01 -35.64 21.45
N SER K 49 20.13 -36.07 20.20
CA SER K 49 20.81 -35.29 19.17
C SER K 49 20.16 -35.56 17.83
N GLN K 50 20.68 -34.92 16.79
CA GLN K 50 20.13 -35.05 15.45
C GLN K 50 21.24 -35.02 14.42
N ILE K 51 20.86 -35.20 13.16
CA ILE K 51 21.74 -35.05 12.01
C ILE K 51 21.20 -33.90 11.18
N PRO K 52 22.05 -33.05 10.59
CA PRO K 52 21.55 -31.92 9.81
C PRO K 52 20.62 -32.34 8.68
N GLU K 53 19.95 -31.32 8.11
CA GLU K 53 18.85 -31.56 7.19
C GLU K 53 19.34 -32.24 5.91
N MET K 54 20.44 -31.76 5.34
CA MET K 54 20.98 -32.29 4.08
C MET K 54 19.97 -32.14 2.94
N THR K 55 19.67 -30.89 2.59
CA THR K 55 18.72 -30.57 1.54
C THR K 55 19.35 -29.58 0.57
N ARG K 56 18.55 -29.13 -0.39
CA ARG K 56 19.01 -28.18 -1.40
C ARG K 56 17.83 -27.33 -1.86
N GLU K 57 18.11 -26.09 -2.22
CA GLU K 57 17.06 -25.19 -2.69
C GLU K 57 16.54 -25.64 -4.04
N ASP K 58 15.29 -25.28 -4.34
CA ASP K 58 14.64 -25.62 -5.59
C ASP K 58 14.20 -24.37 -6.31
N VAL K 59 14.61 -24.23 -7.57
CA VAL K 59 14.22 -23.11 -8.42
C VAL K 59 13.02 -23.54 -9.25
N GLU K 60 11.98 -22.71 -9.25
CA GLU K 60 10.69 -23.06 -9.81
C GLU K 60 10.47 -22.28 -11.11
N ASP K 61 10.13 -22.99 -12.18
CA ASP K 61 9.92 -22.38 -13.48
C ASP K 61 8.68 -22.97 -14.15
N TYR K 62 8.01 -22.14 -14.94
CA TYR K 62 6.85 -22.54 -15.72
C TYR K 62 7.15 -22.37 -17.19
N GLY K 63 6.96 -23.43 -17.97
CA GLY K 63 7.27 -23.39 -19.38
C GLY K 63 6.08 -23.00 -20.23
N PRO K 64 6.13 -23.31 -21.51
CA PRO K 64 4.96 -23.06 -22.36
C PRO K 64 3.77 -23.89 -21.90
N ASN K 65 2.58 -23.33 -22.07
CA ASN K 65 1.34 -23.90 -21.53
C ASN K 65 1.52 -24.00 -20.03
N GLY K 66 1.21 -25.12 -19.39
CA GLY K 66 1.27 -25.19 -17.95
C GLY K 66 2.35 -26.10 -17.39
N VAL K 67 3.32 -26.50 -18.22
CA VAL K 67 4.36 -27.41 -17.75
C VAL K 67 5.23 -26.69 -16.72
N LYS K 68 5.81 -27.47 -15.81
CA LYS K 68 6.53 -26.93 -14.67
C LYS K 68 7.73 -27.82 -14.37
N PHE K 69 8.86 -27.19 -14.02
CA PHE K 69 10.09 -27.88 -13.71
C PHE K 69 10.67 -27.36 -12.40
N ASN K 70 11.15 -28.28 -11.58
CA ASN K 70 11.92 -27.96 -10.38
C ASN K 70 13.38 -28.28 -10.63
N GLN K 71 14.26 -27.33 -10.30
CA GLN K 71 15.67 -27.40 -10.63
C GLN K 71 16.50 -27.35 -9.35
N HIS K 72 17.63 -28.06 -9.38
CA HIS K 72 18.55 -28.03 -8.25
C HIS K 72 19.07 -26.61 -8.02
N GLY K 73 19.17 -26.22 -6.77
CA GLY K 73 19.66 -24.90 -6.42
C GLY K 73 20.90 -24.97 -5.54
N PRO K 74 21.27 -23.84 -4.95
CA PRO K 74 22.45 -23.81 -4.08
C PRO K 74 22.22 -24.60 -2.78
N ILE K 75 23.33 -25.07 -2.22
CA ILE K 75 23.28 -25.90 -1.03
C ILE K 75 22.91 -25.06 0.19
N ARG K 76 22.24 -25.71 1.15
CA ARG K 76 21.90 -25.09 2.42
C ARG K 76 23.01 -25.39 3.43
N ASN K 77 23.66 -24.34 3.93
CA ASN K 77 24.78 -24.50 4.86
C ASN K 77 24.32 -24.46 6.30
N SER K 78 23.67 -23.37 6.70
CA SER K 78 23.33 -23.12 8.10
C SER K 78 21.92 -23.59 8.42
N GLY K 79 21.74 -24.05 9.65
CA GLY K 79 20.46 -24.54 10.12
C GLY K 79 20.49 -24.67 11.63
N GLU K 80 19.45 -25.28 12.16
CA GLU K 80 19.33 -25.47 13.60
C GLU K 80 19.24 -26.96 13.94
N ILE K 81 19.65 -27.29 15.17
CA ILE K 81 19.60 -28.65 15.69
C ILE K 81 19.33 -28.57 17.18
N GLN K 82 18.53 -29.50 17.68
CA GLN K 82 18.12 -29.52 19.08
C GLN K 82 18.79 -30.66 19.83
N VAL K 83 19.37 -30.34 20.98
CA VAL K 83 20.06 -31.30 21.82
C VAL K 83 19.52 -31.20 23.24
N GLN K 84 19.26 -32.35 23.86
CA GLN K 84 18.79 -32.40 25.24
C GLN K 84 19.80 -33.15 26.09
N CYS K 85 20.15 -32.56 27.24
CA CYS K 85 21.17 -33.12 28.13
C CYS K 85 20.66 -33.09 29.56
N VAL K 86 21.48 -33.64 30.46
CA VAL K 86 21.13 -33.78 31.87
C VAL K 86 22.15 -33.01 32.70
N GLU K 87 21.69 -32.50 33.84
CA GLU K 87 22.48 -31.61 34.70
C GLU K 87 22.96 -32.33 35.94
N THR K 88 24.19 -32.04 36.35
CA THR K 88 24.80 -32.61 37.54
C THR K 88 24.81 -31.58 38.67
N ILE K 89 25.34 -32.00 39.82
CA ILE K 89 25.38 -31.12 40.98
C ILE K 89 26.36 -29.97 40.76
N GLU K 90 27.52 -30.26 40.18
CA GLU K 90 28.60 -29.30 40.08
C GLU K 90 28.34 -28.18 39.09
N GLY K 91 27.17 -28.16 38.44
CA GLY K 91 26.87 -27.11 37.49
C GLY K 91 27.72 -27.12 36.24
N ASP K 92 27.95 -28.30 35.67
CA ASP K 92 28.80 -28.40 34.49
C ASP K 92 28.16 -27.71 33.29
N ILE K 93 26.91 -28.04 32.99
CA ILE K 93 26.25 -27.48 31.82
C ILE K 93 25.97 -25.99 32.01
N LEU K 94 25.56 -25.61 33.23
CA LEU K 94 25.32 -24.20 33.51
C LEU K 94 26.59 -23.38 33.32
N GLN K 95 27.71 -23.86 33.86
CA GLN K 95 28.97 -23.14 33.68
C GLN K 95 29.39 -23.11 32.22
N PHE K 96 29.17 -24.21 31.50
CA PHE K 96 29.50 -24.26 30.08
C PHE K 96 28.73 -23.19 29.31
N ILE K 97 27.42 -23.09 29.57
CA ILE K 97 26.59 -22.12 28.85
C ILE K 97 26.97 -20.70 29.26
N LYS K 98 27.25 -20.48 30.54
CA LYS K 98 27.68 -19.16 30.99
C LYS K 98 28.97 -18.73 30.29
N ASP K 99 29.93 -19.66 30.18
CA ASP K 99 31.18 -19.36 29.49
C ASP K 99 30.93 -19.07 28.02
N ARG K 100 30.05 -19.83 27.38
CA ARG K 100 29.77 -19.61 25.96
C ARG K 100 29.13 -18.24 25.73
N ILE K 101 28.21 -17.85 26.61
CA ILE K 101 27.57 -16.54 26.45
C ILE K 101 28.55 -15.41 26.73
N ALA K 102 29.41 -15.59 27.74
CA ALA K 102 30.32 -14.51 28.13
C ALA K 102 31.29 -14.15 27.01
N ALA K 103 31.84 -15.16 26.33
CA ALA K 103 32.83 -14.93 25.28
C ALA K 103 32.31 -15.51 23.97
N LYS K 104 32.29 -14.69 22.93
CA LYS K 104 31.88 -15.17 21.62
C LYS K 104 32.94 -16.11 21.06
N ASP K 105 32.50 -17.29 20.61
CA ASP K 105 33.42 -18.24 20.00
C ASP K 105 32.59 -19.24 19.20
N TYR K 106 33.26 -19.92 18.28
CA TYR K 106 32.66 -20.95 17.46
C TYR K 106 33.42 -22.25 17.67
N VAL K 107 32.68 -23.35 17.89
CA VAL K 107 33.28 -24.65 18.13
C VAL K 107 32.85 -25.60 17.02
N ASP K 108 33.52 -26.75 16.96
CA ASP K 108 33.27 -27.75 15.94
C ASP K 108 32.75 -29.02 16.59
N ILE K 109 31.59 -29.49 16.12
CA ILE K 109 30.90 -30.64 16.69
C ILE K 109 31.00 -31.81 15.73
N THR K 110 31.35 -32.99 16.26
CA THR K 110 31.42 -34.23 15.51
C THR K 110 30.31 -35.15 15.98
N MET K 111 29.47 -35.60 15.05
CA MET K 111 28.39 -36.53 15.34
C MET K 111 28.69 -37.87 14.69
N ALA K 112 28.57 -38.94 15.47
CA ALA K 112 28.84 -40.29 14.99
C ALA K 112 27.68 -41.20 15.34
N ALA K 113 27.29 -42.07 14.40
CA ALA K 113 26.19 -42.99 14.61
C ALA K 113 26.61 -44.27 15.30
N THR K 114 27.90 -44.46 15.56
CA THR K 114 28.43 -45.62 16.26
C THR K 114 29.31 -45.15 17.41
N PRO K 115 29.36 -45.91 18.51
CA PRO K 115 30.17 -45.48 19.66
C PRO K 115 31.63 -45.30 19.31
N GLU K 116 32.27 -46.38 18.86
CA GLU K 116 33.67 -46.36 18.46
C GLU K 116 33.99 -47.71 17.86
N SER K 117 34.78 -47.69 16.79
CA SER K 117 35.19 -48.93 16.16
C SER K 117 36.26 -49.62 17.00
N LYS K 118 36.19 -50.94 17.03
CA LYS K 118 37.21 -51.72 17.71
C LYS K 118 38.55 -51.54 17.00
N SER K 119 39.63 -51.58 17.79
CA SER K 119 40.97 -51.33 17.27
C SER K 119 41.43 -52.39 16.28
N SER K 120 40.59 -53.37 15.95
CA SER K 120 40.91 -54.30 14.87
C SER K 120 41.03 -53.56 13.54
N GLY K 121 40.10 -52.65 13.27
CA GLY K 121 40.16 -51.80 12.10
C GLY K 121 40.21 -52.53 10.78
N VAL K 122 39.13 -53.25 10.44
CA VAL K 122 39.07 -53.99 9.19
C VAL K 122 38.59 -53.13 8.03
N ASN K 123 37.88 -52.04 8.28
CA ASN K 123 37.39 -51.16 7.23
C ASN K 123 37.15 -49.77 7.81
N ALA K 124 37.84 -48.77 7.27
CA ALA K 124 37.66 -47.40 7.75
C ALA K 124 36.49 -46.72 7.02
N VAL K 125 36.09 -47.24 5.87
CA VAL K 125 35.01 -46.62 5.11
C VAL K 125 33.70 -46.67 5.87
N THR K 126 33.42 -47.82 6.51
CA THR K 126 32.21 -47.95 7.32
C THR K 126 32.18 -46.98 8.49
N LYS K 127 33.33 -46.44 8.89
CA LYS K 127 33.40 -45.42 9.92
C LYS K 127 33.19 -44.02 9.36
N ALA K 128 33.78 -43.71 8.22
CA ALA K 128 33.61 -42.39 7.62
C ALA K 128 32.21 -42.20 7.01
N ALA K 129 31.49 -43.29 6.77
CA ALA K 129 30.16 -43.18 6.17
C ALA K 129 29.13 -42.69 7.17
N THR K 130 29.33 -42.99 8.46
CA THR K 130 28.32 -42.66 9.46
C THR K 130 28.61 -41.35 10.17
N THR K 131 29.88 -40.93 10.25
CA THR K 131 30.21 -39.73 10.98
C THR K 131 29.95 -38.48 10.14
N ILE K 132 29.63 -37.39 10.84
CA ILE K 132 29.42 -36.09 10.20
C ILE K 132 30.08 -35.04 11.09
N GLU K 133 30.41 -33.89 10.49
CA GLU K 133 31.09 -32.83 11.20
C GLU K 133 30.42 -31.50 10.88
N MET K 134 30.30 -30.66 11.90
CA MET K 134 29.69 -29.34 11.77
C MET K 134 30.69 -28.30 12.26
N LEU K 135 30.91 -27.26 11.44
CA LEU K 135 31.97 -26.29 11.68
C LEU K 135 31.37 -24.92 11.98
N ASP K 136 32.04 -24.17 12.85
CA ASP K 136 31.68 -22.79 13.17
C ASP K 136 30.25 -22.71 13.71
N CYS K 137 30.04 -23.37 14.84
CA CYS K 137 28.71 -23.49 15.42
C CYS K 137 28.53 -22.56 16.61
N LYS K 138 27.27 -22.19 16.85
CA LYS K 138 26.89 -21.35 17.97
C LYS K 138 25.99 -22.14 18.90
N ILE K 139 26.26 -22.08 20.21
CA ILE K 139 25.52 -22.85 21.20
C ILE K 139 24.78 -21.89 22.12
N TYR K 140 23.46 -22.04 22.18
CA TYR K 140 22.61 -21.28 23.07
C TYR K 140 21.77 -22.24 23.90
N SER K 141 21.01 -21.69 24.83
CA SER K 141 20.16 -22.48 25.70
C SER K 141 18.74 -21.91 25.70
N ASP K 142 17.81 -22.70 26.20
CA ASP K 142 16.43 -22.30 26.38
C ASP K 142 16.09 -22.23 27.86
N ALA K 143 14.85 -21.87 28.15
CA ALA K 143 14.41 -21.82 29.54
C ALA K 143 14.40 -23.21 30.15
N ILE K 144 14.64 -23.27 31.45
CA ILE K 144 14.76 -24.52 32.18
C ILE K 144 13.67 -24.58 33.24
N ASP K 145 12.95 -25.69 33.30
CA ASP K 145 11.76 -25.82 34.14
C ASP K 145 12.15 -26.41 35.49
N PHE K 146 11.81 -25.68 36.56
CA PHE K 146 11.97 -26.15 37.93
C PHE K 146 10.59 -26.19 38.59
N SER K 147 10.29 -27.30 39.24
CA SER K 147 8.99 -27.43 39.89
C SER K 147 9.05 -28.55 40.92
N THR K 148 8.29 -28.38 41.99
CA THR K 148 8.05 -29.44 42.95
C THR K 148 6.95 -30.34 42.41
N GLU K 149 6.41 -31.21 43.25
CA GLU K 149 5.33 -32.15 42.94
C GLU K 149 5.79 -33.26 42.01
N ASP K 150 7.04 -33.21 41.51
CA ASP K 150 7.65 -34.28 40.73
C ASP K 150 9.01 -34.62 41.35
N VAL K 151 8.97 -35.46 42.37
CA VAL K 151 10.15 -35.69 43.19
C VAL K 151 11.22 -36.44 42.42
N THR K 152 10.83 -37.38 41.57
CA THR K 152 11.80 -38.25 40.90
C THR K 152 12.37 -37.65 39.62
N ALA K 153 11.86 -36.52 39.16
CA ALA K 153 12.32 -35.93 37.91
C ALA K 153 13.72 -35.34 38.08
N ALA K 154 14.42 -35.22 36.96
CA ALA K 154 15.74 -34.61 36.91
C ALA K 154 15.71 -33.43 35.94
N VAL K 155 16.46 -32.39 36.27
CA VAL K 155 16.47 -31.17 35.47
C VAL K 155 17.14 -31.44 34.12
N ARG K 156 16.49 -30.99 33.04
CA ARG K 156 16.92 -31.28 31.68
C ARG K 156 17.10 -29.98 30.91
N PRO K 157 18.30 -29.41 30.90
CA PRO K 157 18.56 -28.26 30.04
C PRO K 157 18.40 -28.64 28.58
N SER K 158 17.86 -27.70 27.79
CA SER K 158 17.67 -27.90 26.36
C SER K 158 18.55 -26.90 25.61
N LEU K 159 19.34 -27.41 24.67
CA LEU K 159 20.33 -26.61 23.96
C LEU K 159 19.93 -26.46 22.49
N ARG K 160 20.16 -25.28 21.95
CA ARG K 160 19.94 -25.00 20.53
C ARG K 160 21.28 -24.67 19.90
N ILE K 161 21.64 -25.42 18.85
CA ILE K 161 22.94 -25.31 18.21
C ILE K 161 22.74 -24.92 16.75
N VAL K 162 23.48 -23.91 16.30
CA VAL K 162 23.39 -23.41 14.93
C VAL K 162 24.72 -23.70 14.24
N TYR K 163 24.71 -24.60 13.27
CA TYR K 163 25.89 -24.95 12.50
C TYR K 163 25.98 -24.05 11.27
N ASN K 164 27.17 -23.97 10.68
CA ASN K 164 27.42 -23.10 9.54
C ASN K 164 27.98 -23.81 8.32
N TRP K 165 28.62 -24.95 8.50
CA TRP K 165 29.11 -25.75 7.38
C TRP K 165 29.03 -27.22 7.76
N ILE K 166 28.85 -28.07 6.76
CA ILE K 166 28.75 -29.52 6.96
C ILE K 166 29.85 -30.18 6.16
N GLU K 167 30.61 -31.05 6.82
CA GLU K 167 31.71 -31.76 6.19
C GLU K 167 31.54 -33.26 6.42
N TRP K 168 31.94 -34.06 5.43
CA TRP K 168 31.97 -35.50 5.57
C TRP K 168 33.17 -36.05 4.82
N ASP K 169 33.59 -37.26 5.22
CA ASP K 169 34.72 -37.94 4.62
C ASP K 169 35.98 -37.08 4.70
N LYS L 11 46.39 -59.63 46.17
CA LYS L 11 46.02 -58.27 45.81
C LYS L 11 47.25 -57.35 45.85
N PHE L 12 47.71 -56.95 44.67
CA PHE L 12 48.86 -56.06 44.53
C PHE L 12 48.42 -54.81 43.79
N ILE L 13 48.82 -53.65 44.31
CA ILE L 13 48.46 -52.37 43.68
C ILE L 13 49.46 -52.07 42.58
N LYS L 14 49.14 -52.47 41.35
CA LYS L 14 50.06 -52.28 40.24
C LYS L 14 50.17 -50.81 39.84
N GLY L 15 49.03 -50.13 39.72
CA GLY L 15 49.05 -48.74 39.27
C GLY L 15 47.87 -47.93 39.75
N ARG L 16 47.58 -46.84 39.06
CA ARG L 16 46.50 -45.93 39.43
C ARG L 16 45.49 -45.82 38.30
N TYR L 17 44.26 -45.46 38.66
CA TYR L 17 43.17 -45.29 37.71
C TYR L 17 42.84 -43.81 37.58
N THR L 18 42.73 -43.34 36.33
CA THR L 18 42.33 -41.98 36.05
C THR L 18 41.22 -41.98 35.00
N ALA L 19 40.29 -41.04 35.12
CA ALA L 19 39.14 -40.96 34.24
C ALA L 19 39.04 -39.57 33.64
N ASN L 20 38.71 -39.51 32.35
CA ASN L 20 38.64 -38.26 31.60
C ASN L 20 37.21 -37.91 31.22
N ALA L 21 36.27 -38.18 32.11
CA ALA L 21 34.86 -37.89 31.87
C ALA L 21 34.26 -37.25 33.12
N ALA L 22 33.19 -36.49 32.91
CA ALA L 22 32.51 -35.82 34.02
C ALA L 22 31.59 -36.81 34.73
N LYS L 23 31.88 -37.06 36.00
CA LYS L 23 31.09 -37.97 36.82
C LYS L 23 30.52 -37.21 38.00
N GLY L 24 29.20 -37.30 38.19
CA GLY L 24 28.55 -36.65 39.29
C GLY L 24 27.08 -37.00 39.37
N GLU L 25 26.51 -36.92 40.57
CA GLU L 25 25.09 -37.23 40.73
C GLU L 25 24.24 -36.19 40.01
N ARG L 26 23.14 -36.64 39.43
CA ARG L 26 22.27 -35.75 38.67
C ARG L 26 21.44 -34.89 39.60
N LEU L 27 21.25 -33.63 39.22
CA LEU L 27 20.46 -32.71 40.02
C LEU L 27 18.99 -33.10 40.00
N VAL L 28 18.31 -32.81 41.11
CA VAL L 28 16.88 -33.02 41.26
C VAL L 28 16.21 -31.66 41.25
N SER L 29 15.17 -31.51 40.42
CA SER L 29 14.49 -30.23 40.27
C SER L 29 13.45 -29.96 41.35
N SER L 30 13.36 -30.82 42.35
CA SER L 30 12.35 -30.66 43.39
C SER L 30 12.78 -29.72 44.52
N GLU L 31 14.02 -29.23 44.49
CA GLU L 31 14.52 -28.30 45.50
C GLU L 31 15.02 -27.03 44.82
N PHE L 32 14.51 -25.89 45.26
CA PHE L 32 14.98 -24.60 44.77
C PHE L 32 14.51 -23.51 45.72
N LEU L 33 15.06 -22.32 45.54
CA LEU L 33 14.77 -21.18 46.40
C LEU L 33 14.51 -19.96 45.55
N LEU L 34 13.65 -19.07 46.03
CA LEU L 34 13.19 -17.91 45.26
C LEU L 34 12.91 -16.78 46.24
N THR L 35 13.86 -15.86 46.38
CA THR L 35 13.90 -14.95 47.53
C THR L 35 12.95 -13.75 47.43
N PHE L 36 12.79 -13.17 46.24
CA PHE L 36 12.00 -11.93 46.07
C PHE L 36 12.52 -10.78 46.92
N ALA L 37 13.83 -10.59 46.94
CA ALA L 37 14.48 -9.38 47.50
C ALA L 37 14.08 -9.26 48.97
N GLY L 38 13.50 -8.13 49.40
CA GLY L 38 13.18 -7.89 50.80
C GLY L 38 11.91 -8.54 51.29
N HIS L 39 11.17 -9.24 50.44
CA HIS L 39 9.97 -9.97 50.86
C HIS L 39 10.30 -11.46 50.96
N GLU L 40 11.02 -11.79 52.02
CA GLU L 40 11.52 -13.16 52.18
C GLU L 40 10.43 -14.13 52.64
N ASP L 41 9.39 -13.65 53.33
CA ASP L 41 8.37 -14.55 53.85
C ASP L 41 7.51 -15.19 52.78
N ILE L 42 7.58 -14.72 51.53
CA ILE L 42 6.80 -15.30 50.45
C ILE L 42 7.45 -16.52 49.84
N SER L 43 8.75 -16.74 50.10
CA SER L 43 9.49 -17.81 49.43
C SER L 43 8.91 -19.19 49.70
N VAL L 44 8.14 -19.36 50.77
CA VAL L 44 7.60 -20.68 51.10
C VAL L 44 6.50 -21.08 50.12
N LEU L 45 5.74 -20.11 49.61
CA LEU L 45 4.51 -20.42 48.89
C LEU L 45 4.73 -20.78 47.42
N VAL L 46 5.95 -20.69 46.91
CA VAL L 46 6.18 -20.94 45.48
C VAL L 46 6.23 -22.43 45.21
N ARG L 47 5.84 -22.82 44.00
CA ARG L 47 5.88 -24.22 43.57
C ARG L 47 6.47 -24.43 42.19
N THR L 48 6.64 -23.39 41.38
CA THR L 48 7.14 -23.54 40.03
C THR L 48 7.93 -22.29 39.65
N SER L 49 9.11 -22.49 39.06
CA SER L 49 9.94 -21.39 38.63
C SER L 49 10.75 -21.83 37.41
N GLN L 50 11.53 -20.90 36.86
CA GLN L 50 12.33 -21.16 35.68
C GLN L 50 13.66 -20.44 35.77
N ILE L 51 14.52 -20.70 34.79
CA ILE L 51 15.79 -19.99 34.61
C ILE L 51 15.69 -19.23 33.30
N PRO L 52 16.21 -18.00 33.22
CA PRO L 52 16.05 -17.20 32.00
C PRO L 52 16.59 -17.88 30.76
N GLU L 53 16.29 -17.26 29.62
CA GLU L 53 16.53 -17.89 28.31
C GLU L 53 18.02 -18.11 28.07
N MET L 54 18.86 -17.12 28.38
CA MET L 54 20.31 -17.23 28.20
C MET L 54 20.67 -17.50 26.73
N THR L 55 20.37 -16.52 25.88
CA THR L 55 20.59 -16.65 24.45
C THR L 55 21.19 -15.37 23.90
N ARG L 56 21.34 -15.31 22.57
CA ARG L 56 21.88 -14.14 21.88
C ARG L 56 21.21 -14.01 20.52
N GLU L 57 21.20 -12.78 20.01
CA GLU L 57 20.64 -12.53 18.69
C GLU L 57 21.57 -13.06 17.60
N ASP L 58 20.98 -13.30 16.42
CA ASP L 58 21.72 -13.82 15.29
C ASP L 58 21.54 -12.91 14.08
N VAL L 59 22.63 -12.67 13.36
CA VAL L 59 22.65 -11.83 12.17
C VAL L 59 22.93 -12.72 10.97
N GLU L 60 22.07 -12.67 9.96
CA GLU L 60 22.16 -13.53 8.79
C GLU L 60 22.75 -12.76 7.63
N ASP L 61 23.70 -13.38 6.92
CA ASP L 61 24.32 -12.78 5.76
C ASP L 61 24.44 -13.82 4.66
N TYR L 62 24.38 -13.35 3.42
CA TYR L 62 24.51 -14.20 2.24
C TYR L 62 25.73 -13.75 1.45
N GLY L 63 26.69 -14.64 1.27
CA GLY L 63 27.91 -14.31 0.58
C GLY L 63 27.78 -14.49 -0.92
N PRO L 64 28.91 -14.61 -1.61
CA PRO L 64 28.87 -14.92 -3.04
C PRO L 64 28.20 -16.26 -3.27
N ASN L 65 27.49 -16.36 -4.38
CA ASN L 65 26.64 -17.52 -4.70
C ASN L 65 25.61 -17.63 -3.58
N GLY L 66 25.32 -18.82 -3.06
CA GLY L 66 24.27 -18.96 -2.07
C GLY L 66 24.74 -19.28 -0.67
N VAL L 67 26.03 -19.10 -0.38
CA VAL L 67 26.53 -19.42 0.94
C VAL L 67 25.95 -18.46 1.96
N LYS L 68 25.83 -18.93 3.21
CA LYS L 68 25.16 -18.18 4.26
C LYS L 68 25.91 -18.37 5.57
N PHE L 69 25.99 -17.29 6.36
CA PHE L 69 26.70 -17.30 7.63
C PHE L 69 25.82 -16.68 8.71
N ASN L 70 25.79 -17.32 9.88
CA ASN L 70 25.16 -16.78 11.07
C ASN L 70 26.22 -16.24 12.02
N GLN L 71 25.96 -15.06 12.57
CA GLN L 71 26.94 -14.32 13.35
C GLN L 71 26.37 -14.00 14.73
N HIS L 72 27.23 -14.00 15.74
CA HIS L 72 26.82 -13.63 17.08
C HIS L 72 26.36 -12.17 17.10
N GLY L 73 25.27 -11.91 17.83
CA GLY L 73 24.74 -10.58 17.95
C GLY L 73 24.76 -10.08 19.38
N PRO L 74 24.06 -8.99 19.65
CA PRO L 74 24.00 -8.47 21.01
C PRO L 74 23.20 -9.38 21.94
N ILE L 75 23.51 -9.28 23.23
CA ILE L 75 22.88 -10.14 24.24
C ILE L 75 21.41 -9.75 24.42
N ARG L 76 20.59 -10.75 24.72
CA ARG L 76 19.18 -10.54 25.05
C ARG L 76 19.07 -10.27 26.54
N ASN L 77 18.67 -9.05 26.89
CA ASN L 77 18.62 -8.62 28.28
C ASN L 77 17.31 -9.00 28.96
N SER L 78 16.20 -8.45 28.48
CA SER L 78 14.92 -8.61 29.15
C SER L 78 14.13 -9.77 28.55
N GLY L 79 13.31 -10.39 29.38
CA GLY L 79 12.52 -11.53 28.98
C GLY L 79 11.39 -11.75 29.96
N GLU L 80 10.70 -12.88 29.79
CA GLU L 80 9.53 -13.21 30.59
C GLU L 80 9.71 -14.59 31.21
N ILE L 81 9.21 -14.75 32.44
CA ILE L 81 9.29 -16.00 33.18
C ILE L 81 7.96 -16.25 33.87
N GLN L 82 7.64 -17.53 34.07
CA GLN L 82 6.38 -17.93 34.71
C GLN L 82 6.65 -18.53 36.08
N VAL L 83 5.85 -18.11 37.06
CA VAL L 83 5.94 -18.60 38.43
C VAL L 83 4.54 -18.95 38.91
N GLN L 84 4.42 -20.08 39.61
CA GLN L 84 3.15 -20.55 40.16
C GLN L 84 3.30 -20.75 41.66
N CYS L 85 2.33 -20.22 42.42
CA CYS L 85 2.38 -20.29 43.88
C CYS L 85 1.00 -20.63 44.42
N VAL L 86 0.93 -20.78 45.75
CA VAL L 86 -0.29 -21.16 46.43
C VAL L 86 -0.63 -20.07 47.44
N GLU L 87 -1.91 -19.99 47.80
CA GLU L 87 -2.45 -18.89 48.58
C GLU L 87 -2.90 -19.37 49.96
N THR L 88 -2.66 -18.54 50.97
CA THR L 88 -3.06 -18.81 52.36
C THR L 88 -4.22 -17.89 52.75
N ILE L 89 -4.83 -18.21 53.89
CA ILE L 89 -6.06 -17.52 54.32
C ILE L 89 -5.79 -16.04 54.52
N GLU L 90 -4.63 -15.69 55.04
CA GLU L 90 -4.32 -14.32 55.40
C GLU L 90 -4.17 -13.39 54.19
N GLY L 91 -4.37 -13.86 52.97
CA GLY L 91 -4.24 -13.00 51.80
C GLY L 91 -2.83 -12.52 51.53
N ASP L 92 -1.84 -13.39 51.70
CA ASP L 92 -0.45 -12.96 51.51
C ASP L 92 -0.17 -12.58 50.06
N ILE L 93 -0.50 -13.47 49.12
CA ILE L 93 -0.18 -13.21 47.72
C ILE L 93 -1.06 -12.10 47.17
N LEU L 94 -2.33 -12.07 47.54
CA LEU L 94 -3.22 -11.02 47.07
C LEU L 94 -2.74 -9.65 47.54
N GLN L 95 -2.38 -9.54 48.81
CA GLN L 95 -1.88 -8.27 49.33
C GLN L 95 -0.55 -7.90 48.69
N PHE L 96 0.31 -8.89 48.45
CA PHE L 96 1.58 -8.63 47.78
C PHE L 96 1.36 -8.05 46.39
N ILE L 97 0.46 -8.66 45.61
CA ILE L 97 0.18 -8.16 44.27
C ILE L 97 -0.48 -6.79 44.31
N LYS L 98 -1.38 -6.57 45.27
CA LYS L 98 -2.01 -5.27 45.40
C LYS L 98 -0.98 -4.18 45.70
N ASP L 99 -0.04 -4.47 46.61
CA ASP L 99 1.01 -3.51 46.91
C ASP L 99 1.89 -3.26 45.70
N ARG L 100 2.21 -4.31 44.94
CA ARG L 100 3.07 -4.13 43.77
C ARG L 100 2.38 -3.27 42.72
N ILE L 101 1.08 -3.48 42.50
CA ILE L 101 0.37 -2.69 41.49
C ILE L 101 0.20 -1.25 41.96
N ALA L 102 -0.07 -1.05 43.25
CA ALA L 102 -0.34 0.30 43.75
C ALA L 102 0.88 1.20 43.60
N ALA L 103 2.07 0.68 43.90
CA ALA L 103 3.29 1.48 43.88
C ALA L 103 4.26 0.87 42.88
N LYS L 104 4.70 1.69 41.91
CA LYS L 104 5.70 1.23 40.95
C LYS L 104 7.02 1.01 41.66
N ASP L 105 7.61 -0.17 41.45
CA ASP L 105 8.90 -0.48 42.05
C ASP L 105 9.53 -1.64 41.28
N TYR L 106 10.83 -1.80 41.46
CA TYR L 106 11.59 -2.87 40.85
C TYR L 106 12.30 -3.65 41.94
N VAL L 107 12.19 -4.98 41.91
CA VAL L 107 12.78 -5.83 42.92
C VAL L 107 13.78 -6.76 42.25
N ASP L 108 14.64 -7.36 43.08
CA ASP L 108 15.68 -8.27 42.63
C ASP L 108 15.36 -9.68 43.11
N ILE L 109 15.46 -10.64 42.20
CA ILE L 109 15.11 -12.04 42.48
C ILE L 109 16.36 -12.90 42.33
N THR L 110 16.62 -13.73 43.33
CA THR L 110 17.73 -14.68 43.32
C THR L 110 17.16 -16.08 43.17
N MET L 111 17.59 -16.79 42.14
CA MET L 111 17.14 -18.15 41.88
C MET L 111 18.32 -19.11 42.08
N ALA L 112 18.11 -20.14 42.89
CA ALA L 112 19.15 -21.11 43.21
C ALA L 112 18.62 -22.52 42.98
N ALA L 113 19.46 -23.38 42.41
CA ALA L 113 19.09 -24.75 42.12
C ALA L 113 19.27 -25.69 43.30
N THR L 114 19.89 -25.23 44.39
CA THR L 114 20.09 -26.03 45.58
C THR L 114 19.52 -25.28 46.78
N PRO L 115 19.05 -26.01 47.81
CA PRO L 115 18.41 -25.34 48.95
C PRO L 115 19.35 -24.37 49.66
N GLU L 116 20.46 -24.89 50.16
CA GLU L 116 21.49 -24.10 50.83
C GLU L 116 22.67 -25.00 51.10
N SER L 117 23.86 -24.47 50.87
CA SER L 117 25.07 -25.25 51.11
C SER L 117 25.26 -25.48 52.61
N LYS L 118 25.80 -26.65 52.94
CA LYS L 118 26.15 -26.94 54.32
C LYS L 118 27.21 -25.95 54.81
N SER L 119 27.08 -25.57 56.08
CA SER L 119 28.06 -24.70 56.70
C SER L 119 29.43 -25.38 56.82
N SER L 120 29.49 -26.69 56.63
CA SER L 120 30.74 -27.40 56.47
C SER L 120 31.22 -27.43 55.03
N GLY L 121 30.45 -26.85 54.10
CA GLY L 121 30.83 -26.81 52.71
C GLY L 121 32.08 -25.97 52.47
N VAL L 122 33.03 -26.53 51.74
CA VAL L 122 34.32 -25.87 51.54
C VAL L 122 34.38 -25.14 50.20
N ASN L 123 33.85 -25.75 49.15
CA ASN L 123 33.98 -25.20 47.79
C ASN L 123 32.75 -24.35 47.49
N ALA L 124 32.98 -23.04 47.29
CA ALA L 124 31.86 -22.13 47.02
C ALA L 124 31.58 -22.03 45.53
N VAL L 125 32.50 -22.51 44.69
CA VAL L 125 32.31 -22.42 43.24
C VAL L 125 31.10 -23.23 42.80
N THR L 126 30.95 -24.44 43.35
CA THR L 126 29.76 -25.25 43.05
C THR L 126 28.48 -24.62 43.57
N LYS L 127 28.57 -23.63 44.46
CA LYS L 127 27.41 -22.89 44.93
C LYS L 127 27.09 -21.71 44.02
N ALA L 128 28.10 -20.96 43.59
CA ALA L 128 27.87 -19.84 42.69
C ALA L 128 27.60 -20.28 41.27
N ALA L 129 27.89 -21.54 40.93
CA ALA L 129 27.67 -22.01 39.57
C ALA L 129 26.19 -22.19 39.28
N THR L 130 25.41 -22.62 40.27
CA THR L 130 24.00 -22.91 40.04
C THR L 130 23.10 -21.69 40.24
N THR L 131 23.55 -20.69 40.99
CA THR L 131 22.71 -19.54 41.27
C THR L 131 22.65 -18.59 40.07
N ILE L 132 21.63 -17.74 40.08
CA ILE L 132 21.44 -16.71 39.07
C ILE L 132 20.62 -15.59 39.70
N GLU L 133 20.81 -14.38 39.19
CA GLU L 133 20.16 -13.21 39.74
C GLU L 133 19.56 -12.38 38.62
N MET L 134 18.34 -11.89 38.85
CA MET L 134 17.66 -10.98 37.94
C MET L 134 17.50 -9.63 38.62
N LEU L 135 17.77 -8.55 37.91
CA LEU L 135 17.75 -7.20 38.47
C LEU L 135 16.68 -6.36 37.78
N ASP L 136 16.06 -5.46 38.55
CA ASP L 136 15.08 -4.51 38.03
C ASP L 136 13.90 -5.23 37.39
N CYS L 137 13.16 -5.98 38.21
CA CYS L 137 12.10 -6.83 37.73
C CYS L 137 10.72 -6.25 38.04
N LYS L 138 9.75 -6.63 37.21
CA LYS L 138 8.36 -6.25 37.36
C LYS L 138 7.52 -7.50 37.57
N ILE L 139 6.59 -7.45 38.52
CA ILE L 139 5.77 -8.61 38.88
C ILE L 139 4.31 -8.25 38.60
N TYR L 140 3.67 -9.07 37.77
CA TYR L 140 2.25 -8.95 37.47
C TYR L 140 1.59 -10.29 37.76
N SER L 141 0.27 -10.33 37.58
CA SER L 141 -0.52 -11.52 37.84
C SER L 141 -1.51 -11.74 36.71
N ASP L 142 -2.03 -12.96 36.63
CA ASP L 142 -3.06 -13.32 35.67
C ASP L 142 -4.37 -13.59 36.40
N ALA L 143 -5.39 -13.96 35.63
CA ALA L 143 -6.68 -14.27 36.22
C ALA L 143 -6.59 -15.52 37.08
N ILE L 144 -7.43 -15.57 38.11
CA ILE L 144 -7.45 -16.65 39.08
C ILE L 144 -8.81 -17.34 39.01
N ASP L 145 -8.79 -18.67 38.92
CA ASP L 145 -9.99 -19.46 38.67
C ASP L 145 -10.61 -19.94 39.98
N PHE L 146 -11.88 -19.63 40.18
CA PHE L 146 -12.67 -20.11 41.30
C PHE L 146 -13.83 -20.92 40.77
N SER L 147 -14.07 -22.09 41.34
CA SER L 147 -15.17 -22.93 40.90
C SER L 147 -15.49 -23.96 41.96
N THR L 148 -16.76 -24.36 42.01
CA THR L 148 -17.17 -25.48 42.85
C THR L 148 -16.87 -26.78 42.11
N GLU L 149 -17.44 -27.88 42.59
CA GLU L 149 -17.35 -29.19 41.93
C GLU L 149 -15.96 -29.80 42.06
N ASP L 150 -15.00 -29.03 42.60
CA ASP L 150 -13.67 -29.52 42.93
C ASP L 150 -13.36 -29.11 44.37
N VAL L 151 -13.80 -29.93 45.32
CA VAL L 151 -13.69 -29.56 46.72
C VAL L 151 -12.25 -29.63 47.21
N THR L 152 -11.45 -30.54 46.68
CA THR L 152 -10.10 -30.77 47.16
C THR L 152 -9.07 -29.84 46.52
N ALA L 153 -9.47 -29.04 45.54
CA ALA L 153 -8.51 -28.17 44.87
C ALA L 153 -8.12 -26.99 45.75
N ALA L 154 -7.03 -26.35 45.38
CA ALA L 154 -6.54 -25.16 46.07
C ALA L 154 -6.30 -24.05 45.06
N VAL L 155 -6.49 -22.81 45.51
CA VAL L 155 -6.33 -21.66 44.63
C VAL L 155 -4.86 -21.46 44.29
N ARG L 156 -4.56 -21.27 43.00
CA ARG L 156 -3.20 -21.19 42.50
C ARG L 156 -3.01 -19.92 41.67
N PRO L 157 -2.60 -18.83 42.31
CA PRO L 157 -2.24 -17.63 41.54
C PRO L 157 -1.10 -17.91 40.57
N SER L 158 -1.17 -17.31 39.40
CA SER L 158 -0.12 -17.43 38.39
C SER L 158 0.52 -16.06 38.20
N LEU L 159 1.85 -16.02 38.33
CA LEU L 159 2.60 -14.77 38.32
C LEU L 159 3.45 -14.67 37.07
N ARG L 160 3.51 -13.49 36.50
CA ARG L 160 4.35 -13.19 35.34
C ARG L 160 5.39 -12.17 35.75
N ILE L 161 6.65 -12.52 35.60
CA ILE L 161 7.77 -11.70 36.07
C ILE L 161 8.63 -11.32 34.87
N VAL L 162 8.92 -10.03 34.75
CA VAL L 162 9.74 -9.50 33.67
C VAL L 162 11.05 -9.00 34.26
N TYR L 163 12.16 -9.62 33.86
CA TYR L 163 13.48 -9.23 34.31
C TYR L 163 14.13 -8.31 33.30
N ASN L 164 15.12 -7.54 33.74
CA ASN L 164 15.79 -6.56 32.88
C ASN L 164 17.29 -6.73 32.80
N TRP L 165 17.89 -7.58 33.64
CA TRP L 165 19.30 -7.89 33.56
C TRP L 165 19.55 -9.22 34.25
N ILE L 166 20.57 -9.94 33.78
CA ILE L 166 20.93 -11.24 34.33
C ILE L 166 22.38 -11.16 34.81
N GLU L 167 22.60 -11.57 36.05
CA GLU L 167 23.92 -11.56 36.66
C GLU L 167 24.25 -12.95 37.19
N TRP L 168 25.52 -13.32 37.08
CA TRP L 168 26.01 -14.55 37.68
C TRP L 168 27.39 -14.31 38.25
N ASP L 169 27.76 -15.12 39.24
CA ASP L 169 29.05 -15.03 39.92
C ASP L 169 29.25 -13.63 40.52
N SER M 2 -50.81 75.10 -12.36
CA SER M 2 -51.31 74.99 -11.00
C SER M 2 -50.98 76.24 -10.20
N GLN M 3 -50.21 76.07 -9.13
CA GLN M 3 -49.86 77.16 -8.24
C GLN M 3 -48.35 77.28 -8.12
N TYR M 4 -47.83 78.49 -8.28
CA TYR M 4 -46.41 78.79 -8.14
C TYR M 4 -46.09 79.45 -6.81
N SER M 5 -47.05 79.52 -5.89
CA SER M 5 -46.84 80.17 -4.61
C SER M 5 -45.99 79.31 -3.69
N ILE M 6 -45.27 79.98 -2.78
CA ILE M 6 -44.40 79.32 -1.81
C ILE M 6 -44.81 79.77 -0.42
N GLN M 7 -45.04 78.80 0.47
CA GLN M 7 -45.45 79.09 1.83
C GLN M 7 -44.23 79.30 2.72
N GLN M 8 -44.48 79.84 3.91
CA GLN M 8 -43.42 80.08 4.90
C GLN M 8 -43.37 79.01 5.98
N SER M 9 -44.52 78.54 6.45
CA SER M 9 -44.59 77.47 7.43
C SER M 9 -45.10 76.20 6.76
N LEU M 10 -44.81 75.06 7.39
CA LEU M 10 -45.07 73.77 6.74
C LEU M 10 -46.51 73.33 6.91
N GLY M 11 -46.95 73.11 8.15
CA GLY M 11 -48.27 72.57 8.38
C GLY M 11 -48.36 71.09 8.05
N ASN M 12 -49.57 70.64 7.73
CA ASN M 12 -49.83 69.24 7.43
C ASN M 12 -49.84 68.91 5.95
N ALA M 13 -50.06 69.90 5.09
CA ALA M 13 -50.06 69.64 3.66
C ALA M 13 -48.64 69.36 3.16
N SER M 14 -48.55 68.62 2.06
CA SER M 14 -47.27 68.30 1.44
C SER M 14 -46.84 69.45 0.55
N GLY M 15 -45.62 69.91 0.74
CA GLY M 15 -45.09 70.99 -0.08
C GLY M 15 -43.71 71.40 0.39
N VAL M 16 -43.19 72.42 -0.28
CA VAL M 16 -41.90 73.00 0.05
C VAL M 16 -42.13 74.42 0.52
N ALA M 17 -41.49 74.79 1.63
CA ALA M 17 -41.68 76.10 2.25
C ALA M 17 -40.34 76.73 2.55
N VAL M 18 -40.26 78.05 2.38
CA VAL M 18 -39.06 78.82 2.70
C VAL M 18 -39.44 79.98 3.61
N SER M 19 -38.63 80.20 4.64
CA SER M 19 -38.85 81.28 5.59
C SER M 19 -38.31 82.59 5.02
N PRO M 20 -38.78 83.73 5.55
CA PRO M 20 -38.21 85.02 5.14
C PRO M 20 -36.75 85.12 5.52
N ILE M 21 -36.01 85.91 4.73
CA ILE M 21 -34.56 86.04 4.95
C ILE M 21 -34.30 86.65 6.31
N ASN M 22 -33.38 86.05 7.06
CA ASN M 22 -33.04 86.48 8.41
C ASN M 22 -31.73 87.26 8.37
N ALA M 23 -31.77 88.50 8.86
CA ALA M 23 -30.60 89.37 8.81
C ALA M 23 -29.55 88.98 9.84
N ASP M 24 -29.96 88.65 11.05
CA ASP M 24 -29.03 88.41 12.16
C ASP M 24 -29.25 87.00 12.71
N ALA M 25 -28.47 86.04 12.20
CA ALA M 25 -28.47 84.68 12.70
C ALA M 25 -27.17 84.02 12.29
N THR M 26 -26.82 82.94 12.99
CA THR M 26 -25.58 82.23 12.76
C THR M 26 -25.85 80.75 12.53
N LEU M 27 -24.94 80.11 11.79
CA LEU M 27 -25.02 78.68 11.53
C LEU M 27 -23.71 78.04 11.95
N SER M 28 -23.80 76.95 12.72
CA SER M 28 -22.63 76.24 13.22
C SER M 28 -22.74 74.78 12.82
N THR M 29 -21.65 74.24 12.26
CA THR M 29 -21.62 72.86 11.80
C THR M 29 -20.33 72.20 12.25
N GLY M 30 -20.37 70.88 12.40
CA GLY M 30 -19.19 70.15 12.82
C GLY M 30 -19.53 68.68 12.98
N VAL M 31 -18.54 67.94 13.48
CA VAL M 31 -18.68 66.51 13.74
C VAL M 31 -18.23 66.21 15.16
N ALA M 32 -18.77 65.13 15.72
CA ALA M 32 -18.45 64.71 17.08
C ALA M 32 -17.40 63.62 17.02
N LEU M 33 -16.27 63.84 17.69
CA LEU M 33 -15.17 62.89 17.65
C LEU M 33 -15.20 61.91 18.83
N ASN M 34 -15.51 62.40 20.03
CA ASN M 34 -15.80 61.58 21.20
C ASN M 34 -14.61 60.77 21.70
N SER M 35 -13.41 61.02 21.19
CA SER M 35 -12.24 60.29 21.70
C SER M 35 -11.95 60.64 23.15
N SER M 36 -12.11 61.91 23.52
CA SER M 36 -11.96 62.36 24.89
C SER M 36 -13.13 63.28 25.22
N LEU M 37 -13.48 63.35 26.49
CA LEU M 37 -14.61 64.17 26.94
C LEU M 37 -14.17 65.05 28.10
N TRP M 38 -14.79 66.22 28.20
CA TRP M 38 -14.52 67.17 29.26
C TRP M 38 -15.77 67.42 30.07
N ALA M 39 -15.58 67.88 31.30
CA ALA M 39 -16.67 68.21 32.20
C ALA M 39 -16.42 69.59 32.79
N GLY M 40 -17.50 70.32 33.08
CA GLY M 40 -17.36 71.68 33.56
C GLY M 40 -18.55 72.17 34.32
N ILE M 41 -18.41 73.37 34.86
CA ILE M 41 -19.42 74.05 35.65
C ILE M 41 -19.46 75.51 35.21
N GLY M 42 -20.66 76.08 35.12
CA GLY M 42 -20.73 77.44 34.63
C GLY M 42 -22.11 78.06 34.72
N VAL M 43 -22.20 79.27 34.21
CA VAL M 43 -23.43 80.07 34.20
C VAL M 43 -23.76 80.43 32.75
N PHE M 44 -25.00 80.18 32.35
CA PHE M 44 -25.40 80.39 30.97
C PHE M 44 -26.78 81.05 30.94
N ALA M 45 -27.32 81.21 29.74
CA ALA M 45 -28.59 81.90 29.55
C ALA M 45 -29.77 80.95 29.36
N ARG M 46 -29.52 79.72 28.92
CA ARG M 46 -30.59 78.76 28.68
C ARG M 46 -30.08 77.35 29.00
N GLY M 47 -30.98 76.53 29.52
CA GLY M 47 -30.64 75.17 29.90
C GLY M 47 -31.25 74.80 31.23
N LYS M 48 -31.60 73.53 31.40
CA LYS M 48 -32.21 73.10 32.65
C LYS M 48 -31.18 73.18 33.77
N PRO M 49 -31.43 73.95 34.83
CA PRO M 49 -30.41 74.12 35.87
C PRO M 49 -30.23 72.86 36.71
N PHE M 50 -29.01 72.70 37.22
CA PHE M 50 -28.65 71.61 38.13
C PHE M 50 -28.96 70.24 37.50
N THR M 51 -28.59 70.10 36.22
CA THR M 51 -28.74 68.85 35.51
C THR M 51 -27.64 68.76 34.46
N VAL M 52 -27.05 67.57 34.30
CA VAL M 52 -25.96 67.38 33.37
C VAL M 52 -26.49 67.46 31.94
N LEU M 53 -25.88 68.32 31.13
CA LEU M 53 -26.29 68.53 29.75
C LEU M 53 -25.16 68.08 28.82
N ALA M 54 -25.49 67.28 27.82
CA ALA M 54 -24.53 66.85 26.82
C ALA M 54 -24.44 67.91 25.73
N VAL M 55 -23.23 68.39 25.46
CA VAL M 55 -23.00 69.52 24.56
C VAL M 55 -22.08 69.08 23.45
N THR M 56 -22.50 69.29 22.20
CA THR M 56 -21.69 69.00 21.03
C THR M 56 -21.49 70.28 20.23
N GLU M 57 -20.60 70.21 19.24
CA GLU M 57 -20.26 71.40 18.47
C GLU M 57 -21.45 71.92 17.67
N SER M 58 -22.26 71.01 17.11
CA SER M 58 -23.35 71.44 16.26
C SER M 58 -24.53 72.00 17.05
N ASN M 59 -24.72 71.58 18.30
CA ASN M 59 -25.92 71.94 19.05
C ASN M 59 -25.61 72.73 20.33
N TYR M 60 -24.41 73.31 20.44
CA TYR M 60 -24.07 74.03 21.67
C TYR M 60 -24.89 75.30 21.80
N GLU M 61 -25.11 76.01 20.69
CA GLU M 61 -25.90 77.25 20.74
C GLU M 61 -27.34 76.98 21.13
N ASP M 62 -27.94 75.92 20.59
CA ASP M 62 -29.33 75.63 20.90
C ASP M 62 -29.50 75.22 22.36
N VAL M 63 -28.58 74.39 22.88
CA VAL M 63 -28.70 73.93 24.25
C VAL M 63 -28.42 75.07 25.23
N LEU M 64 -27.36 75.84 25.00
CA LEU M 64 -26.91 76.85 25.95
C LEU M 64 -27.46 78.24 25.69
N GLY M 65 -28.15 78.46 24.58
CA GLY M 65 -28.68 79.77 24.27
C GLY M 65 -27.64 80.71 23.70
N GLU M 66 -28.06 81.94 23.45
CA GLU M 66 -27.18 82.94 22.88
C GLU M 66 -26.14 83.40 23.91
N PRO M 67 -24.98 83.86 23.45
CA PRO M 67 -23.96 84.33 24.40
C PRO M 67 -24.42 85.56 25.16
N LEU M 68 -23.89 85.71 26.37
CA LEU M 68 -24.24 86.84 27.23
C LEU M 68 -23.32 88.02 26.96
N LYS M 69 -23.88 89.21 27.07
CA LYS M 69 -23.17 90.43 26.70
C LYS M 69 -22.09 90.76 27.72
N PRO M 70 -20.84 90.96 27.30
CA PRO M 70 -19.78 91.32 28.26
C PRO M 70 -20.00 92.65 28.95
N SER M 71 -20.78 93.56 28.37
CA SER M 71 -21.01 94.85 29.00
C SER M 71 -21.90 94.78 30.23
N SER M 72 -22.53 93.63 30.48
CA SER M 72 -23.41 93.45 31.64
C SER M 72 -22.80 92.37 32.52
N GLY M 73 -22.11 92.78 33.58
CA GLY M 73 -21.59 91.81 34.53
C GLY M 73 -20.42 91.01 33.99
N SER M 74 -20.20 89.86 34.62
CA SER M 74 -19.08 88.98 34.32
C SER M 74 -19.54 87.56 34.01
N GLN M 75 -20.72 87.41 33.40
CA GLN M 75 -21.21 86.09 33.06
C GLN M 75 -20.71 85.60 31.70
N PHE M 76 -20.00 86.44 30.96
CA PHE M 76 -19.66 86.16 29.58
C PHE M 76 -18.51 85.16 29.43
N GLU M 77 -17.81 84.83 30.51
CA GLU M 77 -16.58 84.05 30.40
C GLU M 77 -16.81 82.56 30.13
N PRO M 78 -17.68 81.88 30.89
CA PRO M 78 -17.81 80.43 30.68
C PRO M 78 -18.22 80.02 29.27
N ILE M 79 -19.04 80.81 28.59
CA ILE M 79 -19.42 80.43 27.23
C ILE M 79 -18.22 80.53 26.29
N ARG M 80 -17.36 81.53 26.48
CA ARG M 80 -16.14 81.62 25.68
C ARG M 80 -15.23 80.42 25.94
N HIS M 81 -15.11 80.03 27.22
CA HIS M 81 -14.31 78.84 27.53
C HIS M 81 -14.87 77.59 26.86
N VAL M 82 -16.20 77.43 26.90
CA VAL M 82 -16.84 76.27 26.27
C VAL M 82 -16.59 76.28 24.77
N TYR M 83 -16.70 77.46 24.14
CA TYR M 83 -16.46 77.55 22.71
C TYR M 83 -15.03 77.17 22.35
N GLU M 84 -14.06 77.63 23.15
CA GLU M 84 -12.67 77.25 22.89
C GLU M 84 -12.48 75.74 23.05
N ALA M 85 -13.08 75.16 24.09
CA ALA M 85 -12.85 73.74 24.38
C ALA M 85 -13.64 72.80 23.50
N ILE M 86 -14.65 73.28 22.79
CA ILE M 86 -15.56 72.40 22.06
C ILE M 86 -15.11 72.14 20.63
N GLN M 87 -14.14 72.90 20.12
CA GLN M 87 -13.69 72.72 18.75
C GLN M 87 -12.87 71.45 18.55
N GLN M 88 -12.51 70.75 19.62
CA GLN M 88 -11.83 69.46 19.51
C GLN M 88 -12.78 68.30 19.74
N THR M 89 -13.46 68.26 20.90
CA THR M 89 -14.36 67.17 21.23
C THR M 89 -15.61 67.74 21.91
N SER M 90 -16.48 66.86 22.35
CA SER M 90 -17.71 67.23 23.04
C SER M 90 -17.52 67.05 24.56
N GLY M 91 -18.57 67.32 25.32
CA GLY M 91 -18.47 67.22 26.76
C GLY M 91 -19.80 67.48 27.43
N TYR M 92 -19.74 67.62 28.76
CA TYR M 92 -20.91 67.81 29.60
C TYR M 92 -20.71 69.04 30.48
N VAL M 93 -21.80 69.77 30.72
CA VAL M 93 -21.80 70.93 31.61
C VAL M 93 -22.98 70.84 32.56
N VAL M 94 -22.85 71.55 33.68
CA VAL M 94 -23.92 71.69 34.66
C VAL M 94 -24.15 73.18 34.87
N ARG M 95 -25.41 73.61 34.76
CA ARG M 95 -25.75 75.01 34.89
C ARG M 95 -26.13 75.37 36.31
N ALA M 96 -25.59 76.48 36.80
CA ALA M 96 -25.89 77.02 38.12
C ALA M 96 -26.65 78.34 37.95
N VAL M 97 -27.68 78.53 38.75
CA VAL M 97 -28.57 79.67 38.58
C VAL M 97 -28.76 80.37 39.93
N PRO M 98 -28.86 81.70 39.97
CA PRO M 98 -29.10 82.39 41.25
C PRO M 98 -30.48 82.15 41.80
N ASP M 99 -30.79 82.77 42.95
CA ASP M 99 -32.07 82.57 43.61
C ASP M 99 -33.19 83.39 43.00
N ASP M 100 -32.89 84.44 42.25
CA ASP M 100 -33.92 85.32 41.73
C ASP M 100 -34.63 84.76 40.51
N ALA M 101 -34.08 83.73 39.87
CA ALA M 101 -34.65 83.22 38.64
C ALA M 101 -35.96 82.47 38.89
N LYS M 102 -36.88 82.60 37.95
CA LYS M 102 -38.18 81.93 38.01
C LYS M 102 -38.54 81.41 36.63
N PHE M 103 -39.52 80.51 36.59
CA PHE M 103 -40.01 79.95 35.35
C PHE M 103 -41.52 80.13 35.24
N PRO M 104 -42.03 80.37 34.04
CA PRO M 104 -43.47 80.62 33.87
C PRO M 104 -44.29 79.35 33.94
N ILE M 105 -45.56 79.52 34.29
CA ILE M 105 -46.49 78.41 34.46
C ILE M 105 -47.90 78.93 34.16
N ILE M 106 -48.70 78.09 33.51
CA ILE M 106 -50.08 78.40 33.17
C ILE M 106 -50.98 77.38 33.85
N MET M 107 -51.94 77.86 34.63
CA MET M 107 -52.86 76.99 35.36
C MET M 107 -54.25 77.13 34.76
N PHE M 108 -54.82 76.01 34.33
CA PHE M 108 -56.20 75.93 33.90
C PHE M 108 -57.06 75.42 35.04
N ASP M 109 -58.38 75.44 34.82
CA ASP M 109 -59.32 74.90 35.79
C ASP M 109 -60.47 74.28 35.01
N GLU M 110 -61.57 74.01 35.72
CA GLU M 110 -62.78 73.52 35.08
C GLU M 110 -63.29 74.57 34.10
N SER M 111 -63.77 74.09 32.95
CA SER M 111 -64.23 74.90 31.81
C SER M 111 -63.08 75.63 31.10
N GLY M 112 -61.84 75.46 31.55
CA GLY M 112 -60.70 76.01 30.84
C GLY M 112 -60.51 77.51 30.94
N GLU M 113 -60.22 78.00 32.14
CA GLU M 113 -59.95 79.42 32.34
C GLU M 113 -58.49 79.60 32.78
N PRO M 114 -57.60 80.02 31.91
CA PRO M 114 -56.18 80.06 32.25
C PRO M 114 -55.83 81.17 33.24
N ALA M 115 -54.76 80.94 33.98
CA ALA M 115 -54.16 81.92 34.86
C ALA M 115 -52.64 81.82 34.75
N TYR M 116 -51.96 82.93 34.98
CA TYR M 116 -50.53 83.04 34.76
C TYR M 116 -49.82 83.39 36.07
N SER M 117 -48.64 82.80 36.27
CA SER M 117 -47.83 83.07 37.44
C SER M 117 -46.42 82.58 37.19
N ALA M 118 -45.55 82.76 38.19
CA ALA M 118 -44.17 82.32 38.15
C ALA M 118 -43.75 81.81 39.51
N LEU M 119 -42.84 80.84 39.51
CA LEU M 119 -42.35 80.23 40.74
C LEU M 119 -40.83 80.09 40.68
N PRO M 120 -40.17 80.08 41.83
CA PRO M 120 -38.73 79.82 41.84
C PRO M 120 -38.42 78.38 41.41
N TYR M 121 -37.19 78.19 40.94
CA TYR M 121 -36.82 76.89 40.37
C TYR M 121 -36.89 75.77 41.40
N GLY M 122 -36.42 76.04 42.62
CA GLY M 122 -36.39 74.98 43.63
C GLY M 122 -37.76 74.54 44.07
N SER M 123 -38.70 75.48 44.20
CA SER M 123 -40.01 75.18 44.77
C SER M 123 -40.82 74.26 43.86
N GLU M 124 -41.71 73.50 44.47
CA GLU M 124 -42.60 72.60 43.76
C GLU M 124 -43.99 73.22 43.61
N ILE M 125 -44.77 72.68 42.69
CA ILE M 125 -46.05 73.26 42.31
C ILE M 125 -47.14 72.68 43.18
N GLU M 126 -47.90 73.55 43.86
CA GLU M 126 -49.05 73.17 44.65
C GLU M 126 -50.30 73.76 44.03
N LEU M 127 -51.30 72.92 43.78
CA LEU M 127 -52.51 73.32 43.08
C LEU M 127 -53.60 73.65 44.09
N ASP M 128 -54.10 74.88 44.02
CA ASP M 128 -55.17 75.31 44.90
C ASP M 128 -56.48 74.63 44.52
N SER M 129 -57.38 74.53 45.50
CA SER M 129 -58.69 73.96 45.24
C SER M 129 -59.43 74.79 44.20
N GLY M 130 -60.03 74.11 43.23
CA GLY M 130 -60.67 74.77 42.12
C GLY M 130 -59.85 74.88 40.86
N GLU M 131 -58.72 74.17 40.79
CA GLU M 131 -57.88 74.15 39.59
C GLU M 131 -57.66 72.71 39.16
N ALA M 132 -57.67 72.49 37.84
CA ALA M 132 -57.61 71.14 37.29
C ALA M 132 -56.18 70.70 37.00
N PHE M 133 -55.46 71.45 36.18
CA PHE M 133 -54.12 71.06 35.77
C PHE M 133 -53.31 72.29 35.44
N ALA M 134 -51.99 72.13 35.38
CA ALA M 134 -51.07 73.21 35.09
C ALA M 134 -50.00 72.75 34.13
N ILE M 135 -49.54 73.65 33.28
CA ILE M 135 -48.49 73.39 32.31
C ILE M 135 -47.40 74.44 32.49
N TYR M 136 -46.15 73.99 32.60
CA TYR M 136 -45.03 74.88 32.82
C TYR M 136 -43.88 74.52 31.89
N VAL M 137 -43.01 75.49 31.65
CA VAL M 137 -41.86 75.30 30.77
C VAL M 137 -40.72 74.68 31.57
N ASP M 138 -40.26 73.51 31.14
CA ASP M 138 -39.17 72.81 31.80
C ASP M 138 -37.82 73.06 31.14
N ASP M 139 -37.78 73.87 30.08
CA ASP M 139 -36.54 74.09 29.35
C ASP M 139 -35.53 74.93 30.11
N GLY M 140 -35.93 75.58 31.19
CA GLY M 140 -35.02 76.49 31.87
C GLY M 140 -34.65 77.69 31.02
N ASP M 141 -35.62 78.24 30.30
CA ASP M 141 -35.38 79.37 29.41
C ASP M 141 -36.41 80.45 29.73
N PRO M 142 -35.99 81.64 30.15
CA PRO M 142 -36.94 82.75 30.25
C PRO M 142 -37.49 83.10 28.89
N CYS M 143 -38.77 83.45 28.84
CA CYS M 143 -39.45 83.74 27.58
C CYS M 143 -39.54 85.24 27.33
N ILE M 144 -38.48 85.98 27.65
CA ILE M 144 -38.51 87.43 27.55
C ILE M 144 -38.47 87.89 26.10
N SER M 145 -37.37 87.60 25.39
CA SER M 145 -37.28 88.18 24.05
C SER M 145 -38.00 87.33 23.00
N PRO M 146 -37.77 86.00 22.90
CA PRO M 146 -38.63 85.20 22.02
C PRO M 146 -39.82 84.65 22.77
N THR M 147 -41.03 85.06 22.41
CA THR M 147 -42.21 84.65 23.14
C THR M 147 -42.67 83.26 22.69
N ARG M 148 -43.40 82.60 23.59
CA ARG M 148 -43.95 81.27 23.32
C ARG M 148 -45.43 81.25 23.70
N GLU M 149 -46.24 80.61 22.86
CA GLU M 149 -47.69 80.60 23.03
C GLU M 149 -48.21 79.18 22.92
N LEU M 150 -49.40 78.95 23.49
CA LEU M 150 -50.11 77.69 23.39
C LEU M 150 -51.45 77.88 22.71
N THR M 151 -51.83 76.91 21.89
CA THR M 151 -53.17 76.84 21.32
C THR M 151 -53.75 75.48 21.60
N ILE M 152 -55.07 75.44 21.81
CA ILE M 152 -55.78 74.21 22.15
C ILE M 152 -56.90 74.02 21.13
N GLU M 153 -56.97 72.83 20.54
CA GLU M 153 -57.98 72.51 19.54
C GLU M 153 -58.52 71.12 19.84
N THR M 154 -59.84 71.00 19.91
CA THR M 154 -60.46 69.71 20.16
C THR M 154 -60.36 68.82 18.93
N ALA M 155 -60.45 67.51 19.15
CA ALA M 155 -60.33 66.53 18.08
C ALA M 155 -61.40 65.47 18.29
N THR M 156 -61.32 64.40 17.50
CA THR M 156 -62.27 63.31 17.57
C THR M 156 -62.07 62.51 18.85
N ALA M 157 -63.17 61.93 19.35
CA ALA M 157 -63.12 61.14 20.56
C ALA M 157 -62.38 59.83 20.31
N ASP M 158 -61.96 59.19 21.40
CA ASP M 158 -61.24 57.94 21.33
C ASP M 158 -62.18 56.80 20.97
N SER M 159 -61.59 55.64 20.67
CA SER M 159 -62.39 54.46 20.37
C SER M 159 -63.22 54.03 21.56
N ALA M 160 -62.70 54.20 22.77
CA ALA M 160 -63.42 53.87 23.99
C ALA M 160 -64.32 54.99 24.47
N GLY M 161 -64.35 56.12 23.77
CA GLY M 161 -65.20 57.23 24.13
C GLY M 161 -64.54 58.36 24.87
N ASN M 162 -63.26 58.24 25.20
CA ASN M 162 -62.55 59.31 25.90
C ASN M 162 -62.36 60.52 25.00
N GLU M 163 -62.36 61.69 25.62
CA GLU M 163 -62.18 62.95 24.91
C GLU M 163 -60.69 63.24 24.73
N ARG M 164 -60.37 63.92 23.63
CA ARG M 164 -58.99 64.24 23.30
C ARG M 164 -58.93 65.63 22.69
N PHE M 165 -57.74 66.24 22.75
CA PHE M 165 -57.53 67.56 22.15
C PHE M 165 -56.08 67.66 21.69
N LEU M 166 -55.80 68.70 20.91
CA LEU M 166 -54.48 68.95 20.35
C LEU M 166 -53.82 70.13 21.07
N LEU M 167 -52.56 69.95 21.43
CA LEU M 167 -51.76 70.99 22.07
C LEU M 167 -50.65 71.40 21.11
N LYS M 168 -50.56 72.69 20.81
CA LYS M 168 -49.60 73.21 19.83
C LYS M 168 -48.79 74.33 20.45
N LEU M 169 -47.49 74.34 20.18
CA LEU M 169 -46.57 75.33 20.72
C LEU M 169 -45.90 76.08 19.58
N THR M 170 -45.86 77.41 19.69
CA THR M 170 -45.26 78.26 18.67
C THR M 170 -44.34 79.28 19.32
N GLN M 171 -43.40 79.79 18.53
CA GLN M 171 -42.41 80.75 18.99
C GLN M 171 -42.47 81.98 18.09
N THR M 172 -42.54 83.16 18.70
CA THR M 172 -42.65 84.42 17.97
C THR M 172 -41.49 85.33 18.32
N THR M 173 -40.90 85.94 17.30
CA THR M 173 -39.77 86.85 17.48
C THR M 173 -40.29 88.27 17.72
N SER M 174 -39.37 89.23 17.79
CA SER M 174 -39.75 90.61 18.04
C SER M 174 -40.41 91.25 16.82
N LEU M 175 -39.95 90.91 15.62
CA LEU M 175 -40.51 91.50 14.40
C LEU M 175 -41.87 90.92 14.04
N GLY M 176 -42.30 89.84 14.68
CA GLY M 176 -43.59 89.25 14.41
C GLY M 176 -43.56 87.94 13.63
N VAL M 177 -42.38 87.40 13.34
CA VAL M 177 -42.29 86.12 12.65
C VAL M 177 -42.68 85.00 13.60
N VAL M 178 -43.59 84.14 13.16
CA VAL M 178 -44.11 83.05 13.98
C VAL M 178 -43.58 81.73 13.43
N THR M 179 -43.01 80.91 14.31
CA THR M 179 -42.43 79.63 13.95
C THR M 179 -43.09 78.53 14.77
N THR M 180 -43.34 77.40 14.12
CA THR M 180 -44.01 76.27 14.75
C THR M 180 -42.97 75.36 15.41
N LEU M 181 -43.25 74.95 16.66
CA LEU M 181 -42.31 74.15 17.43
C LEU M 181 -42.78 72.72 17.62
N GLU M 182 -43.98 72.49 18.14
CA GLU M 182 -44.41 71.14 18.50
C GLU M 182 -45.92 71.03 18.41
N THR M 183 -46.40 69.79 18.24
CA THR M 183 -47.81 69.44 18.31
C THR M 183 -47.96 68.12 19.05
N HIS M 184 -49.11 67.94 19.69
CA HIS M 184 -49.37 66.71 20.44
C HIS M 184 -50.85 66.40 20.42
N THR M 185 -51.19 65.14 20.67
CA THR M 185 -52.56 64.71 20.94
C THR M 185 -52.62 64.26 22.39
N VAL M 186 -53.48 64.90 23.17
CA VAL M 186 -53.48 64.75 24.63
C VAL M 186 -54.90 64.50 25.11
N SER M 187 -55.03 63.64 26.12
CA SER M 187 -56.31 63.36 26.76
C SER M 187 -56.18 63.54 28.27
N LEU M 188 -57.32 63.78 28.91
CA LEU M 188 -57.38 63.98 30.36
C LEU M 188 -57.81 62.71 31.09
N ALA M 189 -57.96 61.59 30.40
CA ALA M 189 -58.32 60.33 31.02
C ALA M 189 -57.10 59.42 31.11
N GLU M 190 -57.00 58.66 32.20
CA GLU M 190 -55.81 57.86 32.44
C GLU M 190 -55.65 56.75 31.40
N GLU M 191 -56.74 56.03 31.12
CA GLU M 191 -56.68 54.91 30.18
C GLU M 191 -57.19 55.37 28.80
N ALA M 192 -56.47 56.34 28.24
CA ALA M 192 -56.75 56.86 26.92
C ALA M 192 -55.57 56.57 26.01
N LYS M 193 -55.86 56.09 24.80
CA LYS M 193 -54.82 55.63 23.90
C LYS M 193 -54.85 56.42 22.60
N ASP M 194 -53.67 56.61 22.02
CA ASP M 194 -53.50 57.35 20.79
C ASP M 194 -53.88 56.49 19.58
N ASP M 195 -53.83 57.10 18.40
CA ASP M 195 -54.04 56.33 17.17
C ASP M 195 -52.94 55.29 16.98
N MET M 196 -51.69 55.67 17.21
CA MET M 196 -50.58 54.76 17.04
C MET M 196 -50.48 53.73 18.16
N GLY M 197 -51.24 53.89 19.24
CA GLY M 197 -51.22 52.95 20.34
C GLY M 197 -50.52 53.43 21.59
N ARG M 198 -50.05 54.67 21.62
CA ARG M 198 -49.43 55.21 22.80
C ARG M 198 -50.49 55.69 23.80
N LEU M 199 -50.03 56.24 24.91
CA LEU M 199 -50.92 56.77 25.94
C LEU M 199 -50.94 58.29 25.84
N CYS M 200 -52.15 58.87 25.88
CA CYS M 200 -52.34 60.30 25.70
C CYS M 200 -52.47 61.07 27.02
N TYR M 201 -52.32 60.40 28.16
CA TYR M 201 -52.47 61.10 29.43
C TYR M 201 -51.42 62.18 29.55
N LEU M 202 -51.86 63.38 29.94
CA LEU M 202 -51.07 64.59 29.72
C LEU M 202 -49.68 64.54 30.35
N PRO M 203 -49.52 64.26 31.65
CA PRO M 203 -48.14 64.20 32.19
C PRO M 203 -47.28 63.15 31.51
N THR M 204 -47.83 61.98 31.23
CA THR M 204 -47.05 60.91 30.60
C THR M 204 -46.62 61.30 29.19
N ALA M 205 -47.56 61.81 28.40
CA ALA M 205 -47.22 62.20 27.03
C ALA M 205 -46.18 63.30 27.01
N LEU M 206 -46.34 64.31 27.86
CA LEU M 206 -45.38 65.41 27.89
C LEU M 206 -44.01 64.93 28.37
N GLU M 207 -43.97 64.05 29.36
CA GLU M 207 -42.69 63.57 29.87
C GLU M 207 -42.01 62.63 28.89
N ALA M 208 -42.78 61.95 28.04
CA ALA M 208 -42.19 60.97 27.14
C ALA M 208 -41.76 61.56 25.80
N ARG M 209 -42.59 62.42 25.20
CA ARG M 209 -42.37 62.81 23.81
C ARG M 209 -42.27 64.32 23.62
N SER M 210 -41.88 65.07 24.65
CA SER M 210 -41.77 66.51 24.54
C SER M 210 -40.43 66.99 25.07
N LYS M 211 -39.98 68.14 24.56
CA LYS M 211 -38.68 68.69 24.91
C LYS M 211 -38.74 69.96 25.75
N TYR M 212 -39.87 70.66 25.77
CA TYR M 212 -39.99 71.93 26.47
C TYR M 212 -40.98 71.89 27.62
N LEU M 213 -42.14 71.29 27.42
CA LEU M 213 -43.26 71.44 28.34
C LEU M 213 -43.39 70.25 29.28
N ARG M 214 -43.94 70.51 30.47
CA ARG M 214 -44.28 69.49 31.44
C ARG M 214 -45.61 69.88 32.07
N ALA M 215 -46.29 68.90 32.66
CA ALA M 215 -47.62 69.13 33.21
C ALA M 215 -47.77 68.50 34.58
N VAL M 216 -48.65 69.10 35.39
CA VAL M 216 -48.99 68.59 36.72
C VAL M 216 -50.51 68.58 36.84
N VAL M 217 -51.04 67.49 37.37
CA VAL M 217 -52.49 67.23 37.37
C VAL M 217 -52.99 67.10 38.80
N ASN M 218 -54.11 67.78 39.08
CA ASN M 218 -54.79 67.68 40.36
C ASN M 218 -55.79 66.53 40.31
N GLU M 219 -55.55 65.49 41.11
CA GLU M 219 -56.35 64.28 41.01
C GLU M 219 -57.79 64.47 41.49
N GLU M 220 -58.07 65.55 42.22
CA GLU M 220 -59.40 65.72 42.81
C GLU M 220 -60.45 66.05 41.76
N LEU M 221 -60.14 66.99 40.85
CA LEU M 221 -61.15 67.56 39.98
C LEU M 221 -61.12 67.07 38.54
N ILE M 222 -60.13 66.27 38.15
CA ILE M 222 -60.07 65.80 36.77
C ILE M 222 -61.14 64.78 36.43
N SER M 223 -61.93 64.35 37.42
CA SER M 223 -63.08 63.51 37.12
C SER M 223 -64.08 64.25 36.25
N THR M 224 -64.28 65.55 36.52
CA THR M 224 -65.20 66.41 35.75
C THR M 224 -64.47 67.70 35.36
N ALA M 225 -63.73 67.63 34.25
CA ALA M 225 -63.01 68.77 33.73
C ALA M 225 -63.22 68.87 32.22
N LYS M 226 -63.25 70.09 31.72
CA LYS M 226 -63.52 70.36 30.31
C LYS M 226 -62.46 71.28 29.74
N VAL M 227 -62.29 71.21 28.42
CA VAL M 227 -61.33 72.04 27.71
C VAL M 227 -62.03 72.68 26.51
N THR M 228 -61.67 73.93 26.21
CA THR M 228 -62.25 74.67 25.10
C THR M 228 -61.14 75.17 24.19
N ASN M 229 -61.55 75.65 23.02
CA ASN M 229 -60.59 76.14 22.03
C ASN M 229 -60.06 77.50 22.45
N LYS M 230 -58.74 77.57 22.68
CA LYS M 230 -58.07 78.81 23.03
C LYS M 230 -56.94 79.06 22.03
N LYS M 231 -56.57 80.33 21.87
CA LYS M 231 -55.57 80.68 20.87
C LYS M 231 -54.55 81.65 21.47
N SER M 232 -53.27 81.30 21.34
CA SER M 232 -52.15 82.19 21.66
C SER M 232 -52.19 82.66 23.11
N LEU M 233 -52.04 81.71 24.03
CA LEU M 233 -51.82 82.01 25.43
C LEU M 233 -50.32 82.06 25.68
N ALA M 234 -49.82 83.22 26.08
CA ALA M 234 -48.38 83.47 26.16
C ALA M 234 -47.90 83.42 27.60
N PHE M 235 -46.75 82.76 27.81
CA PHE M 235 -46.14 82.72 29.13
C PHE M 235 -45.67 84.11 29.53
N THR M 236 -45.85 84.44 30.81
CA THR M 236 -45.37 85.69 31.37
C THR M 236 -44.78 85.44 32.75
N GLY M 237 -43.82 86.29 33.13
CA GLY M 237 -43.22 86.24 34.45
C GLY M 237 -41.89 85.52 34.52
N GLY M 238 -41.52 84.77 33.49
CA GLY M 238 -40.25 84.06 33.51
C GLY M 238 -39.08 85.03 33.47
N THR M 239 -38.19 84.94 34.45
CA THR M 239 -37.09 85.88 34.55
C THR M 239 -35.80 85.17 34.91
N ASN M 240 -34.68 85.78 34.53
CA ASN M 240 -33.35 85.39 34.96
C ASN M 240 -32.84 86.47 35.90
N GLY M 241 -32.48 86.09 37.11
CA GLY M 241 -32.04 87.05 38.10
C GLY M 241 -30.66 87.60 37.79
N ASP M 242 -30.20 88.47 38.68
CA ASP M 242 -28.85 89.03 38.57
C ASP M 242 -27.84 87.90 38.69
N GLN M 243 -27.18 87.57 37.58
CA GLN M 243 -26.25 86.45 37.54
C GLN M 243 -24.82 86.86 37.85
N SER M 244 -24.56 88.13 38.16
CA SER M 244 -23.24 88.56 38.58
C SER M 244 -22.98 88.31 40.05
N LYS M 245 -23.98 87.86 40.80
CA LYS M 245 -23.85 87.58 42.23
C LYS M 245 -24.43 86.20 42.49
N ILE M 246 -23.56 85.18 42.55
CA ILE M 246 -23.96 83.81 42.81
C ILE M 246 -23.22 83.32 44.04
N SER M 247 -23.96 82.80 45.02
CA SER M 247 -23.35 82.33 46.24
C SER M 247 -22.55 81.05 46.00
N THR M 248 -21.66 80.74 46.94
CA THR M 248 -20.86 79.53 46.84
C THR M 248 -21.70 78.27 47.03
N ALA M 249 -22.88 78.39 47.63
CA ALA M 249 -23.74 77.22 47.80
C ALA M 249 -24.15 76.63 46.46
N ALA M 250 -24.52 77.49 45.50
CA ALA M 250 -24.89 77.00 44.17
C ALA M 250 -23.72 76.31 43.49
N TYR M 251 -22.52 76.89 43.61
CA TYR M 251 -21.34 76.26 43.01
C TYR M 251 -21.07 74.89 43.63
N LEU M 252 -21.17 74.79 44.96
CA LEU M 252 -20.93 73.51 45.62
C LEU M 252 -21.99 72.48 45.23
N ARG M 253 -23.24 72.91 45.12
CA ARG M 253 -24.29 71.99 44.70
C ARG M 253 -24.04 71.49 43.29
N ALA M 254 -23.64 72.37 42.38
CA ALA M 254 -23.38 71.93 41.01
C ALA M 254 -22.15 71.02 40.93
N VAL M 255 -21.14 71.27 41.77
CA VAL M 255 -20.01 70.36 41.82
C VAL M 255 -20.45 68.98 42.32
N LYS M 256 -21.30 68.95 43.35
CA LYS M 256 -21.83 67.68 43.83
C LYS M 256 -22.59 66.95 42.73
N VAL M 257 -23.34 67.69 41.92
CA VAL M 257 -24.04 67.09 40.79
C VAL M 257 -23.05 66.50 39.80
N LEU M 258 -21.98 67.24 39.48
CA LEU M 258 -20.96 66.74 38.56
C LEU M 258 -20.29 65.48 39.10
N ASN M 259 -20.13 65.39 40.42
CA ASN M 259 -19.44 64.22 40.98
C ASN M 259 -20.19 62.94 40.70
N ASN M 260 -21.52 62.96 40.82
CA ASN M 260 -22.35 61.78 40.66
C ASN M 260 -22.88 61.60 39.24
N ALA M 261 -22.23 62.22 38.26
CA ALA M 261 -22.68 62.07 36.88
C ALA M 261 -22.43 60.65 36.41
N PRO M 262 -23.43 59.98 35.84
CA PRO M 262 -23.24 58.59 35.40
C PRO M 262 -22.38 58.46 34.14
N TYR M 263 -22.01 59.57 33.51
CA TYR M 263 -21.20 59.53 32.31
C TYR M 263 -19.72 59.48 32.66
N MET M 264 -18.90 59.22 31.65
CA MET M 264 -17.44 59.12 31.81
C MET M 264 -16.77 60.27 31.09
N TYR M 265 -15.90 60.99 31.80
CA TYR M 265 -15.10 62.05 31.22
C TYR M 265 -13.67 61.92 31.71
N THR M 266 -12.73 62.44 30.92
CA THR M 266 -11.31 62.31 31.21
C THR M 266 -10.64 63.66 31.46
N ALA M 267 -11.40 64.71 31.73
CA ALA M 267 -10.82 66.02 32.04
C ALA M 267 -11.85 66.85 32.77
N VAL M 268 -11.36 67.78 33.60
CA VAL M 268 -12.20 68.72 34.32
C VAL M 268 -11.68 70.13 34.04
N LEU M 269 -12.60 71.02 33.67
CA LEU M 269 -12.25 72.38 33.29
C LEU M 269 -12.85 73.38 34.29
N GLY M 270 -12.07 74.39 34.62
CA GLY M 270 -12.55 75.42 35.54
C GLY M 270 -13.67 76.25 34.97
N LEU M 271 -13.54 76.66 33.70
CA LEU M 271 -14.55 77.47 33.01
C LEU M 271 -14.81 78.79 33.74
N GLY M 272 -13.74 79.44 34.20
CA GLY M 272 -13.85 80.76 34.78
C GLY M 272 -14.66 80.87 36.06
N CYS M 273 -14.40 79.98 37.01
CA CYS M 273 -15.09 80.06 38.31
C CYS M 273 -14.47 81.11 39.20
N TYR M 274 -13.16 81.02 39.42
CA TYR M 274 -12.43 81.93 40.31
C TYR M 274 -13.00 81.93 41.73
N ASP M 275 -13.47 80.78 42.18
CA ASP M 275 -13.93 80.59 43.55
C ASP M 275 -13.13 79.46 44.18
N ASN M 276 -12.57 79.72 45.36
CA ASN M 276 -11.62 78.78 45.95
C ASN M 276 -12.29 77.46 46.34
N ALA M 277 -13.47 77.52 46.95
CA ALA M 277 -14.17 76.29 47.35
C ALA M 277 -14.52 75.44 46.15
N ALA M 278 -15.05 76.07 45.09
CA ALA M 278 -15.39 75.32 43.89
C ALA M 278 -14.14 74.70 43.26
N ILE M 279 -13.03 75.45 43.25
CA ILE M 279 -11.80 74.94 42.64
C ILE M 279 -11.28 73.74 43.42
N THR M 280 -11.28 73.82 44.75
CA THR M 280 -10.77 72.70 45.52
C THR M 280 -11.70 71.49 45.45
N ALA M 281 -13.02 71.71 45.33
CA ALA M 281 -13.93 70.60 45.13
C ALA M 281 -13.70 69.91 43.78
N LEU M 282 -13.48 70.70 42.73
CA LEU M 282 -13.16 70.12 41.43
C LEU M 282 -11.84 69.37 41.47
N GLY M 283 -10.87 69.88 42.21
CA GLY M 283 -9.62 69.15 42.40
C GLY M 283 -9.82 67.83 43.11
N LYS M 284 -10.72 67.81 44.10
CA LYS M 284 -11.06 66.55 44.76
C LYS M 284 -11.68 65.58 43.78
N ILE M 285 -12.53 66.07 42.87
CA ILE M 285 -13.10 65.20 41.84
C ILE M 285 -11.99 64.61 40.97
N CYS M 286 -11.04 65.45 40.56
CA CYS M 286 -9.94 64.97 39.73
C CYS M 286 -9.11 63.92 40.45
N ALA M 287 -8.84 64.13 41.73
CA ALA M 287 -8.09 63.14 42.49
C ALA M 287 -8.88 61.86 42.68
N ASP M 288 -10.20 61.95 42.77
CA ASP M 288 -11.03 60.77 42.96
C ASP M 288 -11.08 59.91 41.70
N ARG M 289 -11.34 60.52 40.56
CA ARG M 289 -11.53 59.73 39.33
C ARG M 289 -10.24 59.40 38.62
N LEU M 290 -9.10 59.92 39.05
CA LEU M 290 -7.82 59.74 38.38
C LEU M 290 -7.88 60.24 36.93
N ILE M 291 -8.18 61.54 36.80
CA ILE M 291 -8.21 62.22 35.52
C ILE M 291 -7.43 63.53 35.64
N ASP M 292 -7.27 64.21 34.52
CA ASP M 292 -6.53 65.47 34.48
C ASP M 292 -7.45 66.65 34.80
N GLY M 293 -6.84 67.73 35.27
CA GLY M 293 -7.58 68.94 35.58
C GLY M 293 -6.87 70.20 35.16
N PHE M 294 -7.59 71.12 34.54
CA PHE M 294 -7.04 72.39 34.09
C PHE M 294 -7.84 73.53 34.73
N PHE M 295 -7.19 74.29 35.60
CA PHE M 295 -7.84 75.35 36.35
C PHE M 295 -7.11 76.66 36.13
N ASP M 296 -7.78 77.76 36.45
CA ASP M 296 -7.26 79.09 36.15
C ASP M 296 -7.43 80.01 37.36
N VAL M 297 -6.55 80.99 37.44
CA VAL M 297 -6.64 82.03 38.45
C VAL M 297 -7.08 83.31 37.74
N LYS M 298 -7.55 84.28 38.52
CA LYS M 298 -8.14 85.49 37.96
C LYS M 298 -7.14 86.22 37.06
N PRO M 299 -7.47 86.48 35.80
CA PRO M 299 -6.49 87.10 34.90
C PRO M 299 -6.23 88.57 35.17
N THR M 300 -7.13 89.26 35.88
CA THR M 300 -6.93 90.68 36.13
C THR M 300 -5.84 90.95 37.16
N LEU M 301 -5.37 89.93 37.88
CA LEU M 301 -4.31 90.13 38.86
C LEU M 301 -3.00 90.48 38.16
N THR M 302 -2.19 91.28 38.82
CA THR M 302 -0.87 91.61 38.31
C THR M 302 0.08 90.44 38.55
N TYR M 303 1.33 90.59 38.06
CA TYR M 303 2.28 89.50 38.19
C TYR M 303 2.61 89.21 39.65
N ALA M 304 2.78 90.26 40.46
CA ALA M 304 3.16 90.06 41.85
C ALA M 304 2.04 89.42 42.66
N GLU M 305 0.80 89.77 42.36
CA GLU M 305 -0.34 89.24 43.11
C GLU M 305 -0.75 87.83 42.68
N ALA M 306 -0.28 87.35 41.53
CA ALA M 306 -0.73 86.05 41.05
C ALA M 306 -0.15 84.92 41.88
N LEU M 307 1.09 85.06 42.35
CA LEU M 307 1.73 83.97 43.08
C LEU M 307 1.02 83.61 44.37
N PRO M 308 0.66 84.54 45.26
CA PRO M 308 -0.11 84.14 46.45
C PRO M 308 -1.45 83.51 46.14
N ALA M 309 -2.07 83.89 45.01
CA ALA M 309 -3.38 83.34 44.68
C ALA M 309 -3.30 81.84 44.38
N VAL M 310 -2.19 81.38 43.80
CA VAL M 310 -2.03 79.95 43.54
C VAL M 310 -2.03 79.18 44.85
N GLU M 311 -1.34 79.70 45.87
CA GLU M 311 -1.40 79.09 47.18
C GLU M 311 -2.81 79.18 47.75
N ASP M 312 -3.50 80.30 47.53
CA ASP M 312 -4.86 80.45 48.03
C ASP M 312 -5.84 79.47 47.38
N THR M 313 -5.51 78.95 46.19
CA THR M 313 -6.39 77.96 45.57
C THR M 313 -6.51 76.70 46.40
N GLY M 314 -5.49 76.39 47.21
CA GLY M 314 -5.52 75.22 48.05
C GLY M 314 -5.10 73.93 47.39
N LEU M 315 -4.63 73.97 46.15
CA LEU M 315 -4.23 72.77 45.45
C LEU M 315 -2.77 72.40 45.69
N LEU M 316 -1.97 73.31 46.22
CA LEU M 316 -0.55 73.03 46.41
C LEU M 316 -0.35 71.98 47.49
N GLY M 317 0.54 71.04 47.22
CA GLY M 317 0.80 69.95 48.13
C GLY M 317 1.16 68.69 47.36
N THR M 318 0.65 67.56 47.86
CA THR M 318 0.90 66.26 47.24
C THR M 318 -0.36 65.50 46.87
N ASP M 319 -1.54 65.94 47.32
CA ASP M 319 -2.76 65.20 47.04
C ASP M 319 -3.18 65.35 45.58
N TYR M 320 -3.13 66.57 45.05
CA TYR M 320 -3.59 66.86 43.69
C TYR M 320 -2.36 67.04 42.80
N VAL M 321 -1.88 65.93 42.25
CA VAL M 321 -0.67 65.96 41.41
C VAL M 321 -0.97 66.05 39.93
N SER M 322 -2.22 65.87 39.52
CA SER M 322 -2.59 65.89 38.12
C SER M 322 -3.24 67.20 37.68
N CYS M 323 -3.21 68.23 38.54
CA CYS M 323 -3.85 69.51 38.25
C CYS M 323 -2.82 70.54 37.83
N SER M 324 -3.29 71.56 37.11
CA SER M 324 -2.44 72.64 36.61
C SER M 324 -3.15 73.96 36.84
N VAL M 325 -2.35 75.03 36.94
CA VAL M 325 -2.85 76.38 37.18
C VAL M 325 -2.24 77.30 36.14
N TYR M 326 -3.06 78.17 35.56
CA TYR M 326 -2.63 79.07 34.51
C TYR M 326 -2.91 80.51 34.90
N HIS M 327 -2.27 81.44 34.18
CA HIS M 327 -2.41 82.87 34.42
C HIS M 327 -2.11 83.60 33.12
N TYR M 328 -3.05 84.41 32.65
CA TYR M 328 -2.97 84.99 31.31
C TYR M 328 -3.56 86.40 31.31
N PRO M 329 -2.79 87.38 31.78
CA PRO M 329 -3.28 88.77 31.72
C PRO M 329 -3.06 89.39 30.35
N PHE M 330 -4.10 89.44 29.53
CA PHE M 330 -4.00 89.99 28.18
C PHE M 330 -5.41 90.33 27.71
N SER M 331 -5.49 91.17 26.68
CA SER M 331 -6.76 91.64 26.15
C SER M 331 -6.87 91.28 24.68
N CYS M 332 -8.10 91.00 24.25
CA CYS M 332 -8.34 90.57 22.87
C CYS M 332 -9.72 91.04 22.43
N LYS M 333 -9.92 91.05 21.11
CA LYS M 333 -11.22 91.40 20.55
C LYS M 333 -12.16 90.21 20.61
N ASP M 334 -13.35 90.41 21.18
CA ASP M 334 -14.33 89.34 21.25
C ASP M 334 -14.86 89.01 19.86
N LYS M 335 -15.19 87.74 19.66
CA LYS M 335 -15.66 87.29 18.35
C LYS M 335 -17.10 87.72 18.09
N TRP M 336 -17.90 87.93 19.13
CA TRP M 336 -19.32 88.20 18.98
C TRP M 336 -19.68 89.67 19.12
N THR M 337 -18.95 90.43 19.94
CA THR M 337 -19.26 91.84 20.15
C THR M 337 -18.18 92.78 19.67
N GLN M 338 -17.03 92.26 19.21
CA GLN M 338 -15.92 93.03 18.68
C GLN M 338 -15.30 93.97 19.71
N SER M 339 -15.70 93.89 20.97
CA SER M 339 -15.16 94.75 21.99
C SER M 339 -13.92 94.09 22.62
N ARG M 340 -13.34 94.76 23.62
CA ARG M 340 -12.14 94.28 24.28
C ARG M 340 -12.54 93.55 25.56
N VAL M 341 -12.16 92.27 25.65
CA VAL M 341 -12.51 91.42 26.78
C VAL M 341 -11.27 90.68 27.26
N VAL M 342 -11.32 90.21 28.50
CA VAL M 342 -10.24 89.44 29.11
C VAL M 342 -10.85 88.20 29.74
N PHE M 343 -10.32 87.02 29.39
CA PHE M 343 -10.79 85.78 29.99
C PHE M 343 -9.65 84.77 30.04
N GLY M 344 -9.99 83.54 30.40
CA GLY M 344 -9.01 82.57 30.86
C GLY M 344 -8.37 81.74 29.76
N LEU M 345 -7.77 80.62 30.19
CA LEU M 345 -6.91 79.82 29.32
C LEU M 345 -7.06 78.32 29.52
N SER M 346 -8.15 77.86 30.14
CA SER M 346 -8.31 76.42 30.39
C SER M 346 -8.69 75.67 29.12
N GLY M 347 -9.55 76.27 28.29
CA GLY M 347 -9.98 75.61 27.07
C GLY M 347 -8.83 75.32 26.13
N VAL M 348 -7.89 76.26 26.01
CA VAL M 348 -6.73 76.04 25.15
C VAL M 348 -5.90 74.86 25.65
N ALA M 349 -5.70 74.77 26.96
CA ALA M 349 -4.95 73.65 27.51
C ALA M 349 -5.64 72.33 27.24
N TYR M 350 -6.96 72.26 27.44
CA TYR M 350 -7.65 71.01 27.13
C TYR M 350 -7.57 70.68 25.65
N ALA M 351 -7.66 71.69 24.79
CA ALA M 351 -7.57 71.44 23.35
C ALA M 351 -6.20 70.87 22.99
N ALA M 352 -5.14 71.40 23.59
CA ALA M 352 -3.81 70.86 23.35
C ALA M 352 -3.71 69.42 23.83
N LYS M 353 -4.27 69.12 25.00
CA LYS M 353 -4.23 67.75 25.50
C LYS M 353 -4.99 66.80 24.57
N ALA M 354 -6.15 67.23 24.07
CA ALA M 354 -6.92 66.38 23.16
C ALA M 354 -6.18 66.17 21.84
N ARG M 355 -5.53 67.21 21.32
CA ARG M 355 -4.73 67.06 20.12
C ARG M 355 -3.59 66.07 20.34
N GLY M 356 -2.95 66.13 21.51
CA GLY M 356 -1.93 65.15 21.81
C GLY M 356 -2.47 63.74 21.88
N VAL M 357 -3.65 63.57 22.49
CA VAL M 357 -4.24 62.24 22.63
C VAL M 357 -4.62 61.67 21.27
N LYS M 358 -5.08 62.50 20.34
CA LYS M 358 -5.50 61.99 19.03
C LYS M 358 -4.36 61.35 18.23
N LYS M 359 -3.10 61.59 18.62
CA LYS M 359 -1.98 61.12 17.82
C LYS M 359 -1.90 59.59 17.78
N ASN M 360 -2.15 58.93 18.90
CA ASN M 360 -2.11 57.47 18.98
C ASN M 360 -3.53 56.95 19.14
N SER M 361 -3.90 55.99 18.29
CA SER M 361 -5.26 55.49 18.24
C SER M 361 -5.45 54.19 19.02
N ASP M 362 -4.38 53.48 19.35
CA ASP M 362 -4.52 52.21 20.06
C ASP M 362 -4.85 52.42 21.53
N VAL M 363 -3.92 53.03 22.28
CA VAL M 363 -4.09 53.22 23.71
C VAL M 363 -4.30 54.68 24.08
N GLY M 364 -4.02 55.62 23.19
CA GLY M 364 -4.30 57.03 23.42
C GLY M 364 -3.11 57.94 23.31
N GLY M 365 -1.90 57.47 23.60
CA GLY M 365 -0.75 58.35 23.55
C GLY M 365 -0.86 59.52 24.50
N TRP M 366 -0.83 59.23 25.80
CA TRP M 366 -0.96 60.26 26.84
C TRP M 366 0.38 60.86 27.26
N HIS M 367 1.48 60.47 26.63
CA HIS M 367 2.80 60.96 27.01
C HIS M 367 3.13 62.31 26.38
N TYR M 368 2.25 62.86 25.56
CA TYR M 368 2.52 64.14 24.92
C TYR M 368 2.14 65.28 25.86
N SER M 369 3.09 66.20 26.08
CA SER M 369 2.83 67.31 26.97
C SER M 369 1.83 68.29 26.34
N PRO M 370 0.98 68.92 27.15
CA PRO M 370 -0.07 69.78 26.60
C PRO M 370 0.39 71.19 26.27
N ALA M 371 1.69 71.40 26.10
CA ALA M 371 2.22 72.69 25.72
C ALA M 371 3.19 72.51 24.56
N GLY M 372 3.16 73.46 23.63
CA GLY M 372 4.05 73.40 22.49
C GLY M 372 3.63 74.36 21.41
N GLU M 373 4.50 74.47 20.41
CA GLU M 373 4.27 75.39 19.30
C GLU M 373 3.23 74.87 18.32
N GLU M 374 3.08 73.55 18.20
CA GLU M 374 2.15 72.97 17.25
C GLU M 374 0.83 72.55 17.87
N ARG M 375 0.81 72.22 19.16
CA ARG M 375 -0.42 71.81 19.83
C ARG M 375 -1.16 73.00 20.46
N ALA M 376 -0.50 73.69 21.38
CA ALA M 376 -1.13 74.76 22.14
C ALA M 376 -0.91 76.08 21.42
N VAL M 377 -1.90 76.50 20.65
CA VAL M 377 -1.89 77.80 19.97
C VAL M 377 -3.09 78.60 20.46
N ILE M 378 -2.87 79.86 20.78
CA ILE M 378 -3.92 80.76 21.25
C ILE M 378 -4.28 81.68 20.10
N ALA M 379 -5.51 81.54 19.60
CA ALA M 379 -5.97 82.29 18.42
C ALA M 379 -6.98 83.34 18.86
N ARG M 380 -6.54 84.60 18.92
CA ARG M 380 -7.41 85.73 19.20
C ARG M 380 -7.11 86.84 18.20
N ALA M 381 -8.05 87.77 18.09
CA ALA M 381 -7.99 88.75 17.02
C ALA M 381 -6.77 89.65 17.14
N SER M 382 -6.58 90.27 18.31
CA SER M 382 -5.44 91.16 18.52
C SER M 382 -5.17 91.23 20.01
N ILE M 383 -3.92 90.95 20.39
CA ILE M 383 -3.56 90.75 21.79
C ILE M 383 -2.63 91.88 22.23
N GLN M 384 -2.98 92.52 23.34
CA GLN M 384 -2.15 93.56 23.94
C GLN M 384 -2.00 93.28 25.43
N PRO M 385 -0.84 93.55 26.01
CA PRO M 385 -0.66 93.35 27.44
C PRO M 385 -1.62 94.22 28.25
N LEU M 386 -2.19 93.65 29.30
CA LEU M 386 -3.13 94.39 30.13
C LEU M 386 -2.40 95.36 31.04
N TYR M 387 -1.20 95.00 31.51
CA TYR M 387 -0.39 95.84 32.39
C TYR M 387 0.96 96.02 31.75
N PRO M 388 1.09 96.94 30.79
CA PRO M 388 2.41 97.25 30.24
C PRO M 388 3.28 97.91 31.29
N GLU M 389 4.55 98.10 30.94
CA GLU M 389 5.55 98.62 31.87
C GLU M 389 5.73 97.71 33.07
N ASP M 390 5.51 96.41 32.87
CA ASP M 390 5.64 95.42 33.93
C ASP M 390 6.43 94.23 33.41
N THR M 391 7.16 93.58 34.32
CA THR M 391 8.05 92.48 33.95
C THR M 391 7.78 91.27 34.84
N PRO M 392 7.63 90.08 34.27
CA PRO M 392 7.47 88.88 35.09
C PRO M 392 8.80 88.37 35.61
N ASP M 393 8.71 87.51 36.63
CA ASP M 393 9.86 86.83 37.21
C ASP M 393 9.69 85.34 36.97
N GLU M 394 10.55 84.77 36.12
CA GLU M 394 10.34 83.40 35.66
C GLU M 394 10.61 82.38 36.76
N GLU M 395 11.70 82.56 37.51
CA GLU M 395 12.06 81.57 38.53
C GLU M 395 11.02 81.52 39.63
N ALA M 396 10.46 82.67 40.01
CA ALA M 396 9.39 82.67 41.00
C ALA M 396 8.17 81.92 40.50
N MET M 397 7.84 82.07 39.22
CA MET M 397 6.73 81.31 38.64
C MET M 397 7.01 79.82 38.63
N VAL M 398 8.25 79.43 38.34
CA VAL M 398 8.59 78.01 38.35
C VAL M 398 8.49 77.44 39.75
N LYS M 399 8.96 78.18 40.75
CA LYS M 399 8.89 77.68 42.12
C LYS M 399 7.45 77.59 42.60
N GLY M 400 6.60 78.52 42.20
CA GLY M 400 5.21 78.57 42.62
C GLY M 400 4.24 77.80 41.76
N ARG M 401 4.72 77.02 40.80
CA ARG M 401 3.89 76.19 39.93
C ARG M 401 2.90 77.04 39.12
N LEU M 402 3.47 77.91 38.29
CA LEU M 402 2.70 78.72 37.35
C LEU M 402 3.26 78.54 35.95
N ASN M 403 2.39 78.54 34.96
CA ASN M 403 2.77 78.28 33.58
C ASN M 403 2.88 79.57 32.79
N LYS M 404 3.90 79.64 31.95
CA LYS M 404 4.23 80.84 31.19
C LYS M 404 3.77 80.71 29.75
N VAL M 405 3.85 81.83 29.02
CA VAL M 405 3.45 81.89 27.63
C VAL M 405 4.57 82.54 26.83
N SER M 406 4.59 82.26 25.53
CA SER M 406 5.62 82.78 24.64
C SER M 406 5.00 83.05 23.28
N VAL M 407 5.86 83.31 22.30
CA VAL M 407 5.43 83.69 20.95
C VAL M 407 5.90 82.63 19.97
N GLY M 408 5.01 82.17 19.11
CA GLY M 408 5.37 81.26 18.05
C GLY M 408 5.93 81.97 16.84
N THR M 409 6.34 81.16 15.86
CA THR M 409 6.96 81.72 14.66
C THR M 409 5.95 82.44 13.76
N SER M 410 4.66 82.23 13.98
CA SER M 410 3.62 82.87 13.17
C SER M 410 3.10 84.16 13.80
N GLY M 411 3.67 84.60 14.91
CA GLY M 411 3.19 85.78 15.58
C GLY M 411 2.01 85.58 16.50
N GLN M 412 1.68 84.34 16.83
CA GLN M 412 0.58 84.03 17.73
C GLN M 412 1.11 83.51 19.05
N MET M 413 0.36 83.80 20.12
CA MET M 413 0.79 83.43 21.46
C MET M 413 0.76 81.92 21.65
N ILE M 414 1.70 81.42 22.45
CA ILE M 414 1.90 79.99 22.65
C ILE M 414 2.06 79.72 24.14
N ILE M 415 1.44 78.66 24.63
CA ILE M 415 1.73 78.16 25.97
C ILE M 415 3.09 77.47 25.93
N ASP M 416 4.00 77.87 26.80
CA ASP M 416 5.39 77.44 26.73
C ASP M 416 5.83 76.65 27.95
N ASP M 417 4.89 76.17 28.76
CA ASP M 417 5.28 75.41 29.95
C ASP M 417 4.17 74.46 30.33
N ALA M 418 4.53 73.43 31.11
CA ALA M 418 3.57 72.43 31.57
C ALA M 418 4.08 71.90 32.90
N LEU M 419 3.53 72.43 33.99
CA LEU M 419 3.92 72.04 35.35
C LEU M 419 2.67 71.75 36.15
N THR M 420 2.76 70.77 37.05
CA THR M 420 1.64 70.37 37.89
C THR M 420 1.75 70.98 39.28
N CYS M 421 0.71 70.76 40.08
CA CYS M 421 0.66 71.30 41.44
C CYS M 421 1.23 70.31 42.44
N CYS M 422 2.45 69.84 42.17
CA CYS M 422 3.19 68.98 43.09
C CYS M 422 4.49 69.66 43.45
N THR M 423 4.75 69.79 44.75
CA THR M 423 5.93 70.48 45.24
C THR M 423 7.03 69.53 45.70
N GLN M 424 6.91 68.24 45.37
CA GLN M 424 7.84 67.23 45.86
C GLN M 424 9.13 67.16 45.06
N ASP M 425 9.24 67.90 43.96
CA ASP M 425 10.46 67.93 43.13
C ASP M 425 10.81 66.55 42.58
N ASN M 426 9.80 65.71 42.38
CA ASN M 426 10.00 64.38 41.84
C ASN M 426 9.93 64.41 40.31
N TYR M 427 9.79 63.25 39.70
CA TYR M 427 9.43 63.11 38.30
C TYR M 427 7.99 63.44 38.03
N LEU M 428 7.28 63.92 39.05
CA LEU M 428 5.86 64.21 38.98
C LEU M 428 5.55 65.67 38.68
N HIS M 429 6.57 66.48 38.38
CA HIS M 429 6.30 67.82 37.88
C HIS M 429 5.52 67.76 36.57
N PHE M 430 6.02 67.00 35.62
CA PHE M 430 5.58 67.10 34.24
C PHE M 430 4.21 66.47 34.08
N GLN M 431 3.37 67.12 33.26
CA GLN M 431 1.98 66.70 33.14
C GLN M 431 1.86 65.29 32.59
N HIS M 432 2.82 64.86 31.77
CA HIS M 432 2.63 63.60 31.05
C HIS M 432 2.86 62.37 31.93
N VAL M 433 3.70 62.46 32.95
CA VAL M 433 4.01 61.30 33.78
C VAL M 433 2.78 60.83 34.56
N PRO M 434 2.10 61.70 35.32
CA PRO M 434 0.83 61.25 35.93
C PRO M 434 -0.21 60.85 34.91
N SER M 435 -0.18 61.42 33.71
CA SER M 435 -1.12 60.99 32.68
C SER M 435 -0.90 59.52 32.31
N LEU M 436 0.36 59.13 32.11
CA LEU M 436 0.67 57.74 31.82
C LEU M 436 0.26 56.84 32.97
N MET M 437 0.61 57.24 34.20
CA MET M 437 0.29 56.39 35.34
C MET M 437 -1.22 56.21 35.50
N ASN M 438 -1.99 57.30 35.32
CA ASN M 438 -3.43 57.22 35.48
C ASN M 438 -4.07 56.43 34.35
N ALA M 439 -3.53 56.53 33.13
CA ALA M 439 -4.06 55.73 32.04
C ALA M 439 -3.86 54.24 32.30
N ILE M 440 -2.66 53.87 32.75
CA ILE M 440 -2.40 52.47 33.07
C ILE M 440 -3.31 52.01 34.21
N SER M 441 -3.49 52.85 35.22
CA SER M 441 -4.35 52.48 36.34
C SER M 441 -5.79 52.27 35.90
N ARG M 442 -6.31 53.15 35.04
CA ARG M 442 -7.68 53.01 34.57
C ARG M 442 -7.83 51.73 33.75
N PHE M 443 -6.85 51.42 32.91
CA PHE M 443 -6.91 50.18 32.14
C PHE M 443 -6.90 48.96 33.07
N PHE M 444 -6.07 49.00 34.11
CA PHE M 444 -6.04 47.89 35.05
C PHE M 444 -7.37 47.75 35.77
N VAL M 445 -7.98 48.86 36.15
CA VAL M 445 -9.26 48.80 36.86
C VAL M 445 -10.32 48.18 35.96
N GLN M 446 -10.35 48.58 34.68
CA GLN M 446 -11.30 47.98 33.75
C GLN M 446 -11.07 46.48 33.61
N LEU M 447 -9.80 46.09 33.45
CA LEU M 447 -9.49 44.66 33.29
C LEU M 447 -9.92 43.87 34.52
N ALA M 448 -9.66 44.40 35.71
CA ALA M 448 -10.05 43.71 36.94
C ALA M 448 -11.56 43.61 37.06
N ARG M 449 -12.27 44.69 36.70
CA ARG M 449 -13.72 44.66 36.77
C ARG M 449 -14.32 43.64 35.81
N GLN M 450 -13.62 43.36 34.71
CA GLN M 450 -14.10 42.32 33.79
C GLN M 450 -14.12 40.94 34.46
N MET M 451 -13.11 40.64 35.27
CA MET M 451 -12.90 39.30 35.81
C MET M 451 -13.31 39.18 37.27
N LYS M 452 -14.38 39.86 37.68
CA LYS M 452 -14.80 39.85 39.08
C LYS M 452 -15.76 38.70 39.36
N HIS M 453 -15.80 38.29 40.63
CA HIS M 453 -16.74 37.28 41.13
C HIS M 453 -16.59 35.95 40.37
N SER M 454 -15.39 35.39 40.45
CA SER M 454 -15.09 34.14 39.77
C SER M 454 -14.41 33.17 40.72
N PRO M 455 -14.60 31.88 40.52
CA PRO M 455 -14.00 30.89 41.42
C PRO M 455 -12.49 30.83 41.26
N ASP M 456 -11.87 29.98 42.09
CA ASP M 456 -10.42 29.90 42.15
C ASP M 456 -9.85 29.23 40.90
N GLY M 457 -8.56 29.47 40.66
CA GLY M 457 -7.84 28.87 39.56
C GLY M 457 -7.90 29.62 38.25
N ILE M 458 -8.59 30.76 38.19
CA ILE M 458 -8.79 31.50 36.96
C ILE M 458 -8.17 32.89 37.01
N THR M 459 -8.30 33.59 38.14
CA THR M 459 -8.03 35.02 38.19
C THR M 459 -6.54 35.33 38.01
N ALA M 460 -5.65 34.51 38.58
CA ALA M 460 -4.23 34.83 38.56
C ALA M 460 -3.69 34.88 37.14
N ALA M 461 -3.92 33.82 36.37
CA ALA M 461 -3.39 33.76 35.02
C ALA M 461 -3.99 34.85 34.13
N GLY M 462 -5.30 35.07 34.24
CA GLY M 462 -5.92 36.12 33.45
C GLY M 462 -5.34 37.50 33.78
N LEU M 463 -5.20 37.79 35.07
CA LEU M 463 -4.64 39.07 35.48
C LEU M 463 -3.24 39.26 34.94
N THR M 464 -2.36 38.27 35.13
CA THR M 464 -0.97 38.45 34.71
C THR M 464 -0.86 38.55 33.19
N LYS M 465 -1.63 37.74 32.46
CA LYS M 465 -1.55 37.78 31.01
C LYS M 465 -2.07 39.11 30.47
N GLY M 466 -3.23 39.55 30.95
CA GLY M 466 -3.76 40.82 30.48
C GLY M 466 -2.87 42.00 30.82
N MET M 467 -2.30 42.00 32.02
CA MET M 467 -1.44 43.12 32.40
C MET M 467 -0.15 43.11 31.58
N THR M 468 0.44 41.93 31.33
CA THR M 468 1.62 41.89 30.49
C THR M 468 1.32 42.40 29.10
N LYS M 469 0.18 42.00 28.52
CA LYS M 469 -0.17 42.48 27.19
C LYS M 469 -0.37 44.00 27.17
N LEU M 470 -1.03 44.54 28.19
CA LEU M 470 -1.27 45.97 28.24
C LEU M 470 0.03 46.76 28.36
N LEU M 471 0.91 46.35 29.26
CA LEU M 471 2.19 47.05 29.40
C LEU M 471 3.06 46.88 28.16
N ASP M 472 2.96 45.74 27.48
CA ASP M 472 3.65 45.60 26.20
C ASP M 472 3.12 46.59 25.17
N ARG M 473 1.81 46.79 25.14
CA ARG M 473 1.24 47.77 24.21
C ARG M 473 1.73 49.17 24.53
N PHE M 474 1.79 49.53 25.81
CA PHE M 474 2.34 50.86 26.17
C PHE M 474 3.80 50.98 25.80
N VAL M 475 4.59 49.91 25.97
CA VAL M 475 5.99 49.96 25.56
C VAL M 475 6.09 50.18 24.06
N ALA M 476 5.24 49.49 23.28
CA ALA M 476 5.27 49.64 21.84
C ALA M 476 4.87 51.05 21.42
N SER M 477 3.91 51.65 22.11
CA SER M 477 3.45 52.99 21.75
C SER M 477 4.51 54.07 21.98
N GLY M 478 5.57 53.76 22.73
CA GLY M 478 6.62 54.72 22.99
C GLY M 478 6.53 55.44 24.31
N ALA M 479 5.61 55.04 25.19
CA ALA M 479 5.43 55.73 26.46
C ALA M 479 6.52 55.39 27.47
N LEU M 480 6.97 54.14 27.49
CA LEU M 480 7.95 53.68 28.47
C LEU M 480 9.27 53.37 27.76
N VAL M 481 10.38 53.73 28.42
CA VAL M 481 11.72 53.54 27.87
C VAL M 481 12.58 52.85 28.92
N ALA M 482 13.80 52.50 28.51
CA ALA M 482 14.72 51.83 29.41
C ALA M 482 15.19 52.77 30.52
N PRO M 483 15.45 52.25 31.72
CA PRO M 483 15.83 53.11 32.83
C PRO M 483 17.16 53.79 32.60
N ARG M 484 17.31 54.98 33.21
CA ARG M 484 18.50 55.79 33.04
C ARG M 484 19.66 55.35 33.92
N ASP M 485 19.43 54.45 34.87
CA ASP M 485 20.48 53.97 35.78
C ASP M 485 20.60 52.46 35.64
N PRO M 486 21.46 51.97 34.75
CA PRO M 486 21.58 50.51 34.56
C PRO M 486 22.30 49.81 35.69
N ASP M 487 22.99 50.54 36.56
CA ASP M 487 23.63 49.91 37.70
C ASP M 487 22.60 49.50 38.76
N ALA M 488 21.67 50.41 39.08
CA ALA M 488 20.67 50.11 40.10
C ALA M 488 19.56 49.21 39.58
N ASP M 489 19.19 49.36 38.30
CA ASP M 489 18.09 48.61 37.71
C ASP M 489 18.57 47.95 36.43
N GLY M 490 17.85 46.91 36.02
CA GLY M 490 18.21 46.20 34.80
C GLY M 490 17.91 46.99 33.55
N THR M 491 17.66 46.27 32.45
CA THR M 491 17.29 46.91 31.19
C THR M 491 15.81 46.77 30.88
N GLU M 492 15.01 46.26 31.82
CA GLU M 492 13.60 46.03 31.56
C GLU M 492 12.79 47.28 31.84
N PRO M 493 12.00 47.78 30.88
CA PRO M 493 11.17 48.95 31.16
C PRO M 493 10.13 48.75 32.25
N TYR M 494 9.62 47.53 32.43
CA TYR M 494 8.57 47.28 33.40
C TYR M 494 8.76 45.92 34.06
N VAL M 495 8.16 45.77 35.25
CA VAL M 495 8.13 44.52 35.97
C VAL M 495 6.71 44.30 36.48
N LEU M 496 6.39 43.04 36.80
CA LEU M 496 5.05 42.68 37.23
C LEU M 496 5.12 41.56 38.27
N LYS M 497 4.12 41.54 39.15
CA LYS M 497 4.00 40.49 40.16
C LYS M 497 2.56 40.40 40.61
N VAL M 498 2.02 39.18 40.61
CA VAL M 498 0.63 38.92 41.01
C VAL M 498 0.63 37.84 42.09
N THR M 499 -0.05 38.11 43.20
CA THR M 499 -0.15 37.15 44.29
C THR M 499 -1.56 37.14 44.83
N GLN M 500 -1.92 36.05 45.51
CA GLN M 500 -3.21 35.93 46.19
C GLN M 500 -2.99 36.08 47.69
N ALA M 501 -3.77 36.95 48.32
CA ALA M 501 -3.54 37.31 49.71
C ALA M 501 -4.38 36.50 50.68
N GLU M 502 -5.69 36.43 50.46
CA GLU M 502 -6.61 35.84 51.43
C GLU M 502 -7.63 35.00 50.68
N PHE M 503 -8.71 34.66 51.40
CA PHE M 503 -9.77 33.85 50.82
C PHE M 503 -10.41 34.53 49.62
N ASP M 504 -10.57 35.85 49.68
CA ASP M 504 -11.25 36.60 48.63
C ASP M 504 -10.53 37.90 48.32
N LYS M 505 -9.20 37.85 48.25
CA LYS M 505 -8.42 39.05 48.01
C LYS M 505 -7.29 38.77 47.02
N TRP M 506 -6.93 39.78 46.25
CA TRP M 506 -5.82 39.71 45.32
C TRP M 506 -4.97 40.96 45.43
N GLU M 507 -3.70 40.85 45.05
CA GLU M 507 -2.80 41.99 45.05
C GLU M 507 -1.86 41.90 43.87
N VAL M 508 -1.78 42.98 43.09
CA VAL M 508 -0.92 43.07 41.92
C VAL M 508 -0.11 44.36 42.01
N VAL M 509 1.19 44.27 41.73
CA VAL M 509 2.10 45.40 41.79
C VAL M 509 2.88 45.48 40.49
N TRP M 510 3.15 46.70 40.04
CA TRP M 510 3.90 46.90 38.80
C TRP M 510 4.70 48.18 38.89
N ALA M 511 5.80 48.23 38.13
CA ALA M 511 6.66 49.40 38.06
C ALA M 511 7.00 49.67 36.60
N CYS M 512 7.19 50.96 36.27
CA CYS M 512 7.49 51.33 34.89
C CYS M 512 8.28 52.63 34.87
N CYS M 513 8.99 52.85 33.77
CA CYS M 513 9.88 53.99 33.59
C CYS M 513 9.33 54.94 32.55
N PRO M 514 9.19 56.23 32.87
CA PRO M 514 8.57 57.17 31.94
C PRO M 514 9.54 57.66 30.87
N THR M 515 9.00 58.46 29.96
CA THR M 515 9.75 59.07 28.88
C THR M 515 10.04 60.53 29.19
N GLY M 516 11.24 60.98 28.81
CA GLY M 516 11.63 62.35 29.07
C GLY M 516 10.98 63.35 28.13
N VAL M 517 11.15 64.62 28.45
CA VAL M 517 10.64 65.72 27.64
C VAL M 517 11.77 66.73 27.43
N ALA M 518 11.76 67.38 26.27
CA ALA M 518 12.75 68.41 25.95
C ALA M 518 12.13 69.76 26.25
N ARG M 519 12.62 70.41 27.32
CA ARG M 519 12.11 71.70 27.76
C ARG M 519 13.05 72.85 27.42
N ARG M 520 14.31 72.77 27.85
CA ARG M 520 15.25 73.88 27.74
C ARG M 520 16.44 73.48 26.89
N ILE M 521 16.78 74.34 25.93
CA ILE M 521 17.88 74.11 24.99
C ILE M 521 18.77 75.34 25.00
N GLN M 522 20.08 75.12 25.04
CA GLN M 522 21.05 76.21 25.03
C GLN M 522 22.03 76.06 23.87
N GLY M 523 22.33 77.17 23.21
CA GLY M 523 23.30 77.20 22.14
C GLY M 523 24.41 78.18 22.44
N VAL M 524 25.59 77.89 21.90
CA VAL M 524 26.76 78.74 22.14
C VAL M 524 27.45 79.06 20.82
N PRO M 525 27.44 80.32 20.38
CA PRO M 525 28.14 80.69 19.16
C PRO M 525 29.64 80.78 19.36
N LEU M 526 30.38 80.51 18.28
CA LEU M 526 31.83 80.60 18.28
C LEU M 526 32.28 81.28 17.00
N LEU M 527 33.48 81.86 17.06
CA LEU M 527 34.03 82.62 15.95
C LEU M 527 35.41 82.08 15.61
N ILE M 528 35.63 81.76 14.33
CA ILE M 528 36.92 81.25 13.89
C ILE M 528 37.86 82.39 13.57
N SER N 2 -46.11 39.32 -68.44
CA SER N 2 -47.40 38.89 -67.94
C SER N 2 -48.26 40.10 -67.60
N GLN N 3 -48.71 40.18 -66.35
CA GLN N 3 -49.63 41.22 -65.92
C GLN N 3 -48.97 42.08 -64.84
N TYR N 4 -49.09 43.40 -65.01
CA TYR N 4 -48.60 44.37 -64.03
C TYR N 4 -49.72 44.96 -63.19
N SER N 5 -50.94 44.42 -63.28
CA SER N 5 -52.07 44.95 -62.55
C SER N 5 -52.00 44.56 -61.08
N ILE N 6 -52.57 45.41 -60.23
CA ILE N 6 -52.61 45.20 -58.79
C ILE N 6 -54.06 45.24 -58.34
N GLN N 7 -54.48 44.20 -57.63
CA GLN N 7 -55.85 44.10 -57.14
C GLN N 7 -56.00 44.80 -55.79
N GLN N 8 -57.24 45.00 -55.37
CA GLN N 8 -57.55 45.65 -54.11
C GLN N 8 -57.89 44.66 -52.99
N SER N 9 -58.44 43.50 -53.33
CA SER N 9 -58.74 42.46 -52.36
C SER N 9 -58.06 41.17 -52.79
N LEU N 10 -57.91 40.25 -51.84
CA LEU N 10 -57.15 39.03 -52.09
C LEU N 10 -57.97 37.99 -52.86
N GLY N 11 -59.02 37.47 -52.26
CA GLY N 11 -59.68 36.32 -52.83
C GLY N 11 -58.89 35.04 -52.57
N ASN N 12 -59.08 34.07 -53.47
CA ASN N 12 -58.40 32.78 -53.36
C ASN N 12 -57.11 32.70 -54.18
N ALA N 13 -56.98 33.51 -55.22
CA ALA N 13 -55.77 33.47 -56.03
C ALA N 13 -54.58 34.04 -55.24
N SER N 14 -53.38 33.57 -55.60
CA SER N 14 -52.16 34.02 -54.95
C SER N 14 -51.67 35.30 -55.62
N GLY N 15 -51.39 36.32 -54.81
CA GLY N 15 -50.91 37.58 -55.33
C GLY N 15 -50.73 38.58 -54.21
N VAL N 16 -50.39 39.80 -54.60
CA VAL N 16 -50.22 40.91 -53.69
C VAL N 16 -51.25 41.97 -54.04
N ALA N 17 -52.00 42.43 -53.03
CA ALA N 17 -53.07 43.39 -53.24
C ALA N 17 -52.85 44.61 -52.34
N VAL N 18 -53.24 45.78 -52.86
CA VAL N 18 -53.15 47.03 -52.11
C VAL N 18 -54.50 47.72 -52.17
N SER N 19 -54.92 48.27 -51.03
CA SER N 19 -56.19 48.98 -50.95
C SER N 19 -56.03 50.44 -51.37
N PRO N 20 -57.12 51.09 -51.76
CA PRO N 20 -57.03 52.52 -52.07
C PRO N 20 -56.62 53.34 -50.85
N ILE N 21 -55.94 54.46 -51.11
CA ILE N 21 -55.42 55.27 -50.02
C ILE N 21 -56.56 55.80 -49.16
N ASN N 22 -56.41 55.67 -47.85
CA ASN N 22 -57.44 56.07 -46.90
C ASN N 22 -57.03 57.38 -46.24
N ALA N 23 -57.86 58.41 -46.38
CA ALA N 23 -57.51 59.73 -45.87
C ALA N 23 -57.66 59.82 -44.36
N ASP N 24 -58.74 59.25 -43.81
CA ASP N 24 -59.04 59.39 -42.38
C ASP N 24 -59.01 58.02 -41.72
N ALA N 25 -57.85 57.64 -41.20
CA ALA N 25 -57.70 56.43 -40.42
C ALA N 25 -56.44 56.56 -39.57
N THR N 26 -56.37 55.75 -38.52
CA THR N 26 -55.27 55.80 -37.57
C THR N 26 -54.65 54.43 -37.41
N LEU N 27 -53.38 54.41 -37.02
CA LEU N 27 -52.63 53.19 -36.76
C LEU N 27 -52.05 53.27 -35.35
N SER N 28 -52.26 52.21 -34.58
CA SER N 28 -51.77 52.14 -33.20
C SER N 28 -50.93 50.88 -33.04
N THR N 29 -49.74 51.04 -32.47
CA THR N 29 -48.82 49.93 -32.26
C THR N 29 -48.29 49.99 -30.83
N GLY N 30 -47.89 48.83 -30.32
CA GLY N 30 -47.35 48.76 -28.97
C GLY N 30 -47.07 47.32 -28.60
N VAL N 31 -46.64 47.15 -27.35
CA VAL N 31 -46.32 45.83 -26.80
C VAL N 31 -47.03 45.68 -25.46
N ALA N 32 -47.28 44.43 -25.09
CA ALA N 32 -47.98 44.10 -23.84
C ALA N 32 -46.95 43.74 -22.78
N LEU N 33 -46.99 44.44 -21.66
CA LEU N 33 -46.02 44.21 -20.59
C LEU N 33 -46.54 43.24 -19.53
N ASN N 34 -47.82 43.37 -19.16
CA ASN N 34 -48.52 42.38 -18.33
C ASN N 34 -47.94 42.25 -16.93
N SER N 35 -47.10 43.19 -16.49
CA SER N 35 -46.60 43.13 -15.12
C SER N 35 -47.67 43.46 -14.10
N SER N 36 -48.60 44.34 -14.45
CA SER N 36 -49.76 44.65 -13.62
C SER N 36 -50.97 44.79 -14.51
N LEU N 37 -52.15 44.51 -13.97
CA LEU N 37 -53.39 44.59 -14.72
C LEU N 37 -54.40 45.46 -13.97
N TRP N 38 -55.28 46.09 -14.73
CA TRP N 38 -56.32 46.94 -14.20
C TRP N 38 -57.68 46.46 -14.68
N ALA N 39 -58.72 46.81 -13.92
CA ALA N 39 -60.09 46.47 -14.25
C ALA N 39 -60.96 47.70 -14.10
N GLY N 40 -62.00 47.80 -14.93
CA GLY N 40 -62.84 48.98 -14.93
C GLY N 40 -64.22 48.71 -15.47
N ILE N 41 -65.04 49.75 -15.41
CA ILE N 41 -66.42 49.73 -15.86
C ILE N 41 -66.68 51.00 -16.67
N GLY N 42 -67.42 50.88 -17.77
CA GLY N 42 -67.62 52.05 -18.59
C GLY N 42 -68.62 51.84 -19.71
N VAL N 43 -68.79 52.89 -20.50
CA VAL N 43 -69.72 52.92 -21.64
C VAL N 43 -68.91 53.24 -22.89
N PHE N 44 -69.11 52.42 -23.93
CA PHE N 44 -68.32 52.54 -25.16
C PHE N 44 -69.26 52.43 -26.35
N ALA N 45 -68.67 52.33 -27.54
CA ALA N 45 -69.42 52.29 -28.79
C ALA N 45 -69.52 50.90 -29.39
N ARG N 46 -68.59 50.00 -29.10
CA ARG N 46 -68.59 48.66 -29.65
C ARG N 46 -68.01 47.68 -28.64
N GLY N 47 -68.53 46.47 -28.64
CA GLY N 47 -68.08 45.42 -27.75
C GLY N 47 -69.29 44.71 -27.18
N LYS N 48 -69.12 43.44 -26.85
CA LYS N 48 -70.23 42.65 -26.33
C LYS N 48 -70.58 43.13 -24.93
N PRO N 49 -71.82 43.56 -24.69
CA PRO N 49 -72.16 44.12 -23.38
C PRO N 49 -72.20 43.06 -22.29
N PHE N 50 -71.90 43.49 -21.07
CA PHE N 50 -71.99 42.66 -19.87
C PHE N 50 -71.13 41.40 -20.00
N THR N 51 -69.90 41.59 -20.47
CA THR N 51 -68.93 40.50 -20.58
C THR N 51 -67.54 41.09 -20.47
N VAL N 52 -66.65 40.40 -19.74
CA VAL N 52 -65.30 40.90 -19.54
C VAL N 52 -64.52 40.81 -20.85
N LEU N 53 -63.90 41.92 -21.23
CA LEU N 53 -63.14 42.02 -22.46
C LEU N 53 -61.68 42.30 -22.15
N ALA N 54 -60.78 41.54 -22.77
CA ALA N 54 -59.34 41.74 -22.61
C ALA N 54 -58.90 42.80 -23.61
N VAL N 55 -58.29 43.87 -23.10
CA VAL N 55 -57.94 45.03 -23.91
C VAL N 55 -56.46 45.31 -23.76
N THR N 56 -55.75 45.41 -24.89
CA THR N 56 -54.35 45.77 -24.92
C THR N 56 -54.16 47.01 -25.78
N GLU N 57 -52.91 47.49 -25.84
CA GLU N 57 -52.64 48.77 -26.50
C GLU N 57 -52.90 48.68 -28.00
N SER N 58 -52.61 47.53 -28.61
CA SER N 58 -52.73 47.42 -30.06
C SER N 58 -54.17 47.29 -30.52
N ASN N 59 -55.01 46.57 -29.78
CA ASN N 59 -56.34 46.22 -30.24
C ASN N 59 -57.46 46.98 -29.53
N TYR N 60 -57.13 48.02 -28.77
CA TYR N 60 -58.17 48.72 -28.02
C TYR N 60 -59.15 49.41 -28.95
N GLU N 61 -58.67 50.00 -30.04
CA GLU N 61 -59.55 50.66 -30.99
C GLU N 61 -60.49 49.66 -31.65
N ASP N 62 -59.99 48.48 -32.00
CA ASP N 62 -60.83 47.49 -32.68
C ASP N 62 -61.88 46.91 -31.74
N VAL N 63 -61.48 46.59 -30.50
CA VAL N 63 -62.41 46.00 -29.56
C VAL N 63 -63.44 47.01 -29.08
N LEU N 64 -63.01 48.22 -28.74
CA LEU N 64 -63.88 49.21 -28.13
C LEU N 64 -64.54 50.16 -29.13
N GLY N 65 -64.12 50.14 -30.39
CA GLY N 65 -64.70 51.02 -31.38
C GLY N 65 -64.07 52.41 -31.35
N GLU N 66 -64.59 53.27 -32.23
CA GLU N 66 -64.08 54.61 -32.34
C GLU N 66 -64.51 55.45 -31.13
N PRO N 67 -63.75 56.48 -30.80
CA PRO N 67 -64.13 57.34 -29.66
C PRO N 67 -65.44 58.07 -29.92
N LEU N 68 -66.15 58.35 -28.84
CA LEU N 68 -67.43 59.04 -28.94
C LEU N 68 -67.24 60.56 -28.84
N LYS N 69 -68.10 61.29 -29.54
CA LYS N 69 -67.93 62.73 -29.66
C LYS N 69 -68.28 63.43 -28.35
N PRO N 70 -67.41 64.29 -27.83
CA PRO N 70 -67.74 65.02 -26.60
C PRO N 70 -68.94 65.95 -26.74
N SER N 71 -69.24 66.42 -27.95
CA SER N 71 -70.36 67.34 -28.13
C SER N 71 -71.70 66.66 -27.93
N SER N 72 -71.74 65.34 -27.90
CA SER N 72 -72.97 64.58 -27.71
C SER N 72 -72.92 63.92 -26.35
N GLY N 73 -73.60 64.51 -25.37
CA GLY N 73 -73.69 63.88 -24.07
C GLY N 73 -72.36 63.86 -23.32
N SER N 74 -72.23 62.86 -22.44
CA SER N 74 -71.06 62.70 -21.58
C SER N 74 -70.51 61.28 -21.65
N GLN N 75 -70.59 60.64 -22.81
CA GLN N 75 -70.07 59.29 -22.95
C GLN N 75 -68.58 59.27 -23.30
N PHE N 76 -67.98 60.43 -23.52
CA PHE N 76 -66.63 60.50 -24.05
C PHE N 76 -65.55 60.26 -23.00
N GLU N 77 -65.89 60.23 -21.73
CA GLU N 77 -64.89 60.20 -20.66
C GLU N 77 -64.21 58.84 -20.49
N PRO N 78 -64.97 57.73 -20.38
CA PRO N 78 -64.30 56.45 -20.13
C PRO N 78 -63.26 56.05 -21.16
N ILE N 79 -63.48 56.37 -22.44
CA ILE N 79 -62.48 56.00 -23.44
C ILE N 79 -61.20 56.79 -23.24
N ARG N 80 -61.30 58.06 -22.86
CA ARG N 80 -60.11 58.83 -22.54
C ARG N 80 -59.38 58.24 -21.35
N HIS N 81 -60.12 57.82 -20.32
CA HIS N 81 -59.47 57.19 -19.17
C HIS N 81 -58.76 55.90 -19.57
N VAL N 82 -59.40 55.09 -20.42
CA VAL N 82 -58.80 53.84 -20.87
C VAL N 82 -57.53 54.13 -21.67
N TYR N 83 -57.57 55.14 -22.54
CA TYR N 83 -56.39 55.49 -23.30
C TYR N 83 -55.25 55.94 -22.39
N GLU N 84 -55.56 56.74 -21.38
CA GLU N 84 -54.51 57.17 -20.44
C GLU N 84 -53.92 55.99 -19.69
N ALA N 85 -54.76 55.05 -19.26
CA ALA N 85 -54.30 53.94 -18.44
C ALA N 85 -53.67 52.82 -19.25
N ILE N 86 -53.84 52.80 -20.58
CA ILE N 86 -53.38 51.69 -21.40
C ILE N 86 -51.95 51.86 -21.89
N GLN N 87 -51.36 53.04 -21.74
CA GLN N 87 -50.01 53.25 -22.25
C GLN N 87 -48.94 52.58 -21.39
N GLN N 88 -49.30 52.04 -20.22
CA GLN N 88 -48.37 51.30 -19.39
C GLN N 88 -48.57 49.79 -19.52
N THR N 89 -49.76 49.30 -19.21
CA THR N 89 -50.06 47.87 -19.25
C THR N 89 -51.43 47.66 -19.88
N SER N 90 -51.85 46.40 -19.93
CA SER N 90 -53.16 46.04 -20.44
C SER N 90 -54.14 45.84 -19.29
N GLY N 91 -55.37 45.45 -19.61
CA GLY N 91 -56.38 45.30 -18.58
C GLY N 91 -57.68 44.76 -19.14
N TYR N 92 -58.71 44.81 -18.30
CA TYR N 92 -60.03 44.29 -18.62
C TYR N 92 -61.09 45.36 -18.38
N VAL N 93 -62.13 45.37 -19.22
CA VAL N 93 -63.26 46.27 -19.05
C VAL N 93 -64.56 45.49 -19.20
N VAL N 94 -65.63 46.05 -18.65
CA VAL N 94 -66.97 45.51 -18.77
C VAL N 94 -67.88 46.61 -19.29
N ARG N 95 -68.63 46.33 -20.34
CA ARG N 95 -69.46 47.33 -21.01
C ARG N 95 -70.87 47.34 -20.44
N ALA N 96 -71.40 48.53 -20.20
CA ALA N 96 -72.77 48.73 -19.77
C ALA N 96 -73.53 49.47 -20.86
N VAL N 97 -74.77 49.04 -21.11
CA VAL N 97 -75.54 49.54 -22.24
C VAL N 97 -76.93 49.94 -21.76
N PRO N 98 -77.55 50.99 -22.33
CA PRO N 98 -78.91 51.34 -21.93
C PRO N 98 -79.95 50.35 -22.41
N ASP N 99 -81.23 50.65 -22.17
CA ASP N 99 -82.31 49.74 -22.55
C ASP N 99 -82.76 49.91 -24.00
N ASP N 100 -82.50 51.07 -24.61
CA ASP N 100 -82.97 51.30 -25.97
C ASP N 100 -82.12 50.56 -27.01
N ALA N 101 -80.95 50.08 -26.63
CA ALA N 101 -80.05 49.45 -27.60
C ALA N 101 -80.61 48.12 -28.09
N LYS N 102 -80.41 47.86 -29.37
CA LYS N 102 -80.87 46.63 -30.00
C LYS N 102 -79.81 46.13 -30.98
N PHE N 103 -79.91 44.85 -31.34
CA PHE N 103 -78.98 44.26 -32.28
C PHE N 103 -79.73 43.65 -33.46
N PRO N 104 -79.18 43.74 -34.67
CA PRO N 104 -79.86 43.24 -35.86
C PRO N 104 -79.84 41.72 -35.96
N ILE N 105 -80.81 41.20 -36.71
CA ILE N 105 -80.99 39.76 -36.88
C ILE N 105 -81.67 39.51 -38.21
N ILE N 106 -81.27 38.44 -38.89
CA ILE N 106 -81.84 38.03 -40.18
C ILE N 106 -82.44 36.65 -40.00
N MET N 107 -83.71 36.50 -40.34
CA MET N 107 -84.42 35.24 -40.21
C MET N 107 -84.70 34.66 -41.59
N PHE N 108 -84.24 33.45 -41.83
CA PHE N 108 -84.55 32.70 -43.04
C PHE N 108 -85.69 31.72 -42.75
N ASP N 109 -86.16 31.09 -43.81
CA ASP N 109 -87.19 30.05 -43.68
C ASP N 109 -86.92 28.98 -44.73
N GLU N 110 -87.90 28.12 -44.95
CA GLU N 110 -87.82 27.15 -46.03
C GLU N 110 -87.76 27.90 -47.36
N SER N 111 -86.97 27.35 -48.30
CA SER N 111 -86.65 27.93 -49.60
C SER N 111 -85.80 29.19 -49.49
N GLY N 112 -85.44 29.63 -48.29
CA GLY N 112 -84.50 30.73 -48.11
C GLY N 112 -85.04 32.10 -48.46
N GLU N 113 -86.04 32.57 -47.70
CA GLU N 113 -86.59 33.90 -47.87
C GLU N 113 -86.24 34.75 -46.66
N PRO N 114 -85.28 35.65 -46.75
CA PRO N 114 -84.85 36.40 -45.55
C PRO N 114 -85.89 37.38 -45.06
N ALA N 115 -85.87 37.62 -43.76
CA ALA N 115 -86.66 38.67 -43.12
C ALA N 115 -85.79 39.37 -42.10
N TYR N 116 -86.04 40.65 -41.89
CA TYR N 116 -85.19 41.50 -41.07
C TYR N 116 -85.93 41.97 -39.82
N SER N 117 -85.21 42.05 -38.71
CA SER N 117 -85.80 42.42 -37.43
C SER N 117 -84.70 42.92 -36.50
N ALA N 118 -85.12 43.35 -35.31
CA ALA N 118 -84.20 43.81 -34.28
C ALA N 118 -84.79 43.49 -32.91
N LEU N 119 -83.93 43.11 -31.97
CA LEU N 119 -84.34 42.72 -30.64
C LEU N 119 -83.47 43.39 -29.59
N PRO N 120 -83.99 43.61 -28.38
CA PRO N 120 -83.15 44.12 -27.29
C PRO N 120 -82.12 43.11 -26.85
N TYR N 121 -81.06 43.61 -26.22
CA TYR N 121 -79.93 42.75 -25.87
C TYR N 121 -80.33 41.67 -24.88
N GLY N 122 -81.14 42.02 -23.89
CA GLY N 122 -81.48 41.05 -22.85
C GLY N 122 -82.33 39.91 -23.37
N SER N 123 -83.28 40.21 -24.26
CA SER N 123 -84.25 39.23 -24.69
C SER N 123 -83.60 38.11 -25.50
N GLU N 124 -84.21 36.94 -25.47
CA GLU N 124 -83.79 35.79 -26.24
C GLU N 124 -84.63 35.64 -27.50
N ILE N 125 -84.09 34.89 -28.46
CA ILE N 125 -84.68 34.78 -29.78
C ILE N 125 -85.67 33.61 -29.80
N GLU N 126 -86.90 33.88 -30.19
CA GLU N 126 -87.93 32.86 -30.37
C GLU N 126 -88.31 32.79 -31.84
N LEU N 127 -88.26 31.59 -32.41
CA LEU N 127 -88.50 31.38 -33.83
C LEU N 127 -89.95 31.02 -34.06
N ASP N 128 -90.65 31.83 -34.85
CA ASP N 128 -92.04 31.58 -35.16
C ASP N 128 -92.18 30.36 -36.07
N SER N 129 -93.35 29.73 -36.01
CA SER N 129 -93.63 28.60 -36.89
C SER N 129 -93.55 29.04 -38.35
N GLY N 130 -92.86 28.25 -39.16
CA GLY N 130 -92.60 28.61 -40.54
C GLY N 130 -91.26 29.25 -40.80
N GLU N 131 -90.35 29.23 -39.82
CA GLU N 131 -89.00 29.75 -39.98
C GLU N 131 -87.99 28.66 -39.62
N ALA N 132 -86.91 28.58 -40.40
CA ALA N 132 -85.95 27.51 -40.25
C ALA N 132 -84.80 27.89 -39.32
N PHE N 133 -84.11 28.99 -39.62
CA PHE N 133 -82.94 29.38 -38.84
C PHE N 133 -82.77 30.89 -38.91
N ALA N 134 -81.94 31.41 -38.02
CA ALA N 134 -81.67 32.84 -37.95
C ALA N 134 -80.18 33.07 -37.70
N ILE N 135 -79.68 34.19 -38.21
CA ILE N 135 -78.30 34.61 -37.99
C ILE N 135 -78.33 36.05 -37.49
N TYR N 136 -77.61 36.30 -36.39
CA TYR N 136 -77.59 37.62 -35.76
C TYR N 136 -76.16 37.99 -35.38
N VAL N 137 -75.94 39.29 -35.21
CA VAL N 137 -74.62 39.83 -34.90
C VAL N 137 -74.41 39.79 -33.40
N ASP N 138 -73.39 39.06 -32.95
CA ASP N 138 -73.06 38.93 -31.54
C ASP N 138 -72.03 39.95 -31.08
N ASP N 139 -71.47 40.74 -31.99
CA ASP N 139 -70.40 41.67 -31.64
C ASP N 139 -70.87 42.84 -30.80
N GLY N 140 -72.18 43.06 -30.69
CA GLY N 140 -72.67 44.23 -29.99
C GLY N 140 -72.29 45.52 -30.67
N ASP N 141 -72.32 45.53 -32.01
CA ASP N 141 -71.95 46.71 -32.79
C ASP N 141 -73.11 47.07 -33.70
N PRO N 142 -73.72 48.25 -33.54
CA PRO N 142 -74.72 48.69 -34.51
C PRO N 142 -74.06 48.86 -35.87
N CYS N 143 -74.80 48.50 -36.92
CA CYS N 143 -74.28 48.54 -38.28
C CYS N 143 -74.71 49.81 -39.00
N ILE N 144 -74.69 50.94 -38.30
CA ILE N 144 -75.20 52.19 -38.85
C ILE N 144 -74.25 52.75 -39.89
N SER N 145 -73.04 53.14 -39.49
CA SER N 145 -72.20 53.81 -40.46
C SER N 145 -71.42 52.82 -41.33
N PRO N 146 -70.69 51.81 -40.78
CA PRO N 146 -70.15 50.78 -41.66
C PRO N 146 -71.13 49.63 -41.80
N THR N 147 -71.64 49.40 -43.00
CA THR N 147 -72.65 48.37 -43.21
C THR N 147 -72.00 47.00 -43.37
N ARG N 148 -72.76 45.96 -43.00
CA ARG N 148 -72.30 44.58 -43.11
C ARG N 148 -73.34 43.76 -43.86
N GLU N 149 -72.87 42.90 -44.75
CA GLU N 149 -73.76 42.16 -45.65
C GLU N 149 -73.39 40.68 -45.66
N LEU N 150 -74.36 39.85 -46.02
CA LEU N 150 -74.19 38.42 -46.14
C LEU N 150 -74.41 37.97 -47.59
N THR N 151 -73.58 37.05 -48.05
CA THR N 151 -73.76 36.38 -49.33
C THR N 151 -73.70 34.88 -49.10
N ILE N 152 -74.56 34.14 -49.79
CA ILE N 152 -74.66 32.69 -49.64
C ILE N 152 -74.42 32.04 -50.99
N GLU N 153 -73.51 31.06 -51.02
CA GLU N 153 -73.16 30.36 -52.24
C GLU N 153 -73.14 28.87 -51.97
N THR N 154 -73.78 28.10 -52.83
CA THR N 154 -73.81 26.65 -52.66
C THR N 154 -72.44 26.05 -53.00
N ALA N 155 -72.20 24.85 -52.45
CA ALA N 155 -70.95 24.16 -52.68
C ALA N 155 -71.20 22.67 -52.94
N THR N 156 -70.12 21.89 -53.06
CA THR N 156 -70.24 20.48 -53.32
C THR N 156 -70.67 19.73 -52.06
N ALA N 157 -71.48 18.70 -52.25
CA ALA N 157 -71.89 17.87 -51.13
C ALA N 157 -70.69 17.08 -50.59
N ASP N 158 -70.78 16.71 -49.32
CA ASP N 158 -69.69 16.03 -48.65
C ASP N 158 -69.69 14.54 -49.00
N SER N 159 -68.87 13.77 -48.28
CA SER N 159 -68.74 12.34 -48.56
C SER N 159 -70.05 11.60 -48.27
N ALA N 160 -70.74 11.99 -47.22
CA ALA N 160 -71.99 11.34 -46.83
C ALA N 160 -73.20 11.85 -47.60
N GLY N 161 -73.00 12.80 -48.50
CA GLY N 161 -74.09 13.33 -49.31
C GLY N 161 -74.85 14.49 -48.72
N ASN N 162 -74.44 15.00 -47.56
CA ASN N 162 -75.11 16.15 -46.96
C ASN N 162 -74.81 17.41 -47.76
N GLU N 163 -75.80 18.29 -47.85
CA GLU N 163 -75.64 19.55 -48.57
C GLU N 163 -74.83 20.54 -47.75
N ARG N 164 -74.03 21.35 -48.44
CA ARG N 164 -73.20 22.36 -47.81
C ARG N 164 -73.24 23.64 -48.63
N PHE N 165 -72.95 24.76 -47.98
CA PHE N 165 -72.91 26.05 -48.66
C PHE N 165 -71.86 26.93 -48.00
N LEU N 166 -71.51 28.02 -48.69
CA LEU N 166 -70.51 28.96 -48.22
C LEU N 166 -71.20 30.22 -47.70
N LEU N 167 -70.76 30.70 -46.54
CA LEU N 167 -71.26 31.92 -45.94
C LEU N 167 -70.11 32.93 -45.88
N LYS N 168 -70.32 34.10 -46.45
CA LYS N 168 -69.28 35.13 -46.56
C LYS N 168 -69.80 36.43 -45.99
N LEU N 169 -68.95 37.12 -45.23
CA LEU N 169 -69.30 38.39 -44.59
C LEU N 169 -68.39 39.48 -45.13
N THR N 170 -68.99 40.62 -45.49
CA THR N 170 -68.24 41.75 -46.03
C THR N 170 -68.72 43.03 -45.36
N GLN N 171 -67.86 44.04 -45.40
CA GLN N 171 -68.11 45.33 -44.77
C GLN N 171 -67.90 46.45 -45.78
N THR N 172 -68.87 47.36 -45.88
CA THR N 172 -68.81 48.46 -46.83
C THR N 172 -68.89 49.79 -46.09
N THR N 173 -68.06 50.74 -46.50
CA THR N 173 -68.02 52.05 -45.87
C THR N 173 -69.01 52.99 -46.56
N SER N 174 -68.96 54.28 -46.21
CA SER N 174 -69.87 55.25 -46.79
C SER N 174 -69.54 55.55 -48.24
N LEU N 175 -68.25 55.62 -48.57
CA LEU N 175 -67.84 55.93 -49.94
C LEU N 175 -68.04 54.77 -50.90
N GLY N 176 -68.31 53.56 -50.40
CA GLY N 176 -68.54 52.41 -51.26
C GLY N 176 -67.41 51.41 -51.33
N VAL N 177 -66.36 51.56 -50.52
CA VAL N 177 -65.28 50.61 -50.51
C VAL N 177 -65.73 49.32 -49.83
N VAL N 178 -65.49 48.19 -50.48
CA VAL N 178 -65.94 46.89 -49.99
C VAL N 178 -64.73 46.12 -49.47
N THR N 179 -64.84 45.58 -48.27
CA THR N 179 -63.76 44.83 -47.64
C THR N 179 -64.29 43.47 -47.19
N THR N 180 -63.43 42.46 -47.30
CA THR N 180 -63.80 41.09 -46.96
C THR N 180 -63.43 40.80 -45.51
N LEU N 181 -64.37 40.21 -44.77
CA LEU N 181 -64.18 39.95 -43.34
C LEU N 181 -63.96 38.47 -43.03
N GLU N 182 -64.88 37.61 -43.46
CA GLU N 182 -64.84 36.21 -43.07
C GLU N 182 -65.48 35.34 -44.14
N THR N 183 -65.09 34.06 -44.16
CA THR N 183 -65.71 33.04 -44.99
C THR N 183 -65.86 31.77 -44.18
N HIS N 184 -66.91 30.99 -44.47
CA HIS N 184 -67.14 29.74 -43.77
C HIS N 184 -67.78 28.73 -44.70
N THR N 185 -67.62 27.46 -44.36
CA THR N 185 -68.34 26.36 -45.00
C THR N 185 -69.20 25.68 -43.94
N VAL N 186 -70.52 25.83 -44.07
CA VAL N 186 -71.46 25.35 -43.06
C VAL N 186 -72.54 24.53 -43.72
N SER N 187 -73.21 23.71 -42.91
CA SER N 187 -74.26 22.81 -43.37
C SER N 187 -75.44 22.87 -42.40
N LEU N 188 -76.56 22.30 -42.84
CA LEU N 188 -77.78 22.26 -42.05
C LEU N 188 -78.08 20.89 -41.47
N ALA N 189 -77.14 19.96 -41.55
CA ALA N 189 -77.31 18.62 -40.99
C ALA N 189 -76.37 18.44 -39.81
N GLU N 190 -76.85 17.76 -38.77
CA GLU N 190 -76.08 17.65 -37.54
C GLU N 190 -74.79 16.86 -37.75
N GLU N 191 -74.87 15.74 -38.46
CA GLU N 191 -73.71 14.88 -38.67
C GLU N 191 -73.10 15.20 -40.04
N ALA N 192 -72.62 16.44 -40.16
CA ALA N 192 -71.97 16.90 -41.38
C ALA N 192 -70.55 17.31 -41.05
N LYS N 193 -69.60 16.89 -41.89
CA LYS N 193 -68.19 17.11 -41.61
C LYS N 193 -67.53 17.90 -42.73
N ASP N 194 -66.65 18.81 -42.35
CA ASP N 194 -65.90 19.62 -43.29
C ASP N 194 -64.83 18.75 -43.97
N ASP N 195 -64.23 19.31 -45.02
CA ASP N 195 -63.12 18.62 -45.67
C ASP N 195 -61.95 18.42 -44.71
N MET N 196 -61.65 19.44 -43.91
CA MET N 196 -60.52 19.37 -42.99
C MET N 196 -60.78 18.44 -41.81
N GLY N 197 -62.00 17.96 -41.64
CA GLY N 197 -62.32 17.02 -40.58
C GLY N 197 -63.17 17.57 -39.46
N ARG N 198 -63.57 18.83 -39.53
CA ARG N 198 -64.38 19.46 -38.49
C ARG N 198 -65.86 19.40 -38.88
N LEU N 199 -66.72 19.79 -37.93
CA LEU N 199 -68.16 19.74 -38.13
C LEU N 199 -68.66 21.03 -38.76
N CYS N 200 -69.65 20.89 -39.65
CA CYS N 200 -70.18 22.00 -40.42
C CYS N 200 -71.53 22.48 -39.94
N TYR N 201 -72.02 21.97 -38.81
CA TYR N 201 -73.32 22.42 -38.32
C TYR N 201 -73.25 23.92 -38.02
N LEU N 202 -74.28 24.65 -38.48
CA LEU N 202 -74.21 26.11 -38.49
C LEU N 202 -73.99 26.70 -37.09
N PRO N 203 -74.78 26.37 -36.06
CA PRO N 203 -74.53 26.97 -34.74
C PRO N 203 -73.15 26.62 -34.19
N THR N 204 -72.78 25.34 -34.28
CA THR N 204 -71.49 24.92 -33.74
C THR N 204 -70.33 25.57 -34.46
N ALA N 205 -70.37 25.59 -35.80
CA ALA N 205 -69.28 26.20 -36.56
C ALA N 205 -69.17 27.69 -36.27
N LEU N 206 -70.30 28.39 -36.25
CA LEU N 206 -70.27 29.82 -35.99
C LEU N 206 -69.77 30.12 -34.57
N GLU N 207 -70.19 29.32 -33.59
CA GLU N 207 -69.73 29.52 -32.23
C GLU N 207 -68.24 29.25 -32.09
N ALA N 208 -67.76 28.19 -32.74
CA ALA N 208 -66.36 27.79 -32.56
C ALA N 208 -65.40 28.70 -33.30
N ARG N 209 -65.70 29.08 -34.55
CA ARG N 209 -64.68 29.69 -35.40
C ARG N 209 -65.09 31.04 -35.98
N SER N 210 -65.96 31.78 -35.32
CA SER N 210 -66.38 33.09 -35.83
C SER N 210 -66.33 34.12 -34.70
N LYS N 211 -66.04 35.36 -35.08
CA LYS N 211 -65.88 36.45 -34.13
C LYS N 211 -67.09 37.40 -34.09
N TYR N 212 -67.88 37.45 -35.14
CA TYR N 212 -69.01 38.37 -35.22
C TYR N 212 -70.36 37.68 -35.17
N LEU N 213 -70.52 36.60 -35.92
CA LEU N 213 -71.85 36.04 -36.18
C LEU N 213 -72.17 34.88 -35.26
N ARG N 214 -73.46 34.69 -35.00
CA ARG N 214 -73.98 33.55 -34.26
C ARG N 214 -75.27 33.11 -34.93
N ALA N 215 -75.67 31.86 -34.67
CA ALA N 215 -76.83 31.29 -35.32
C ALA N 215 -77.72 30.58 -34.30
N VAL N 216 -79.02 30.60 -34.58
CA VAL N 216 -80.02 29.88 -33.80
C VAL N 216 -80.91 29.10 -34.77
N VAL N 217 -81.20 27.85 -34.43
CA VAL N 217 -81.85 26.93 -35.37
C VAL N 217 -83.16 26.44 -34.77
N ASN N 218 -84.12 26.16 -35.64
CA ASN N 218 -85.42 25.62 -35.27
C ASN N 218 -85.47 24.15 -35.66
N GLU N 219 -85.56 23.27 -34.67
CA GLU N 219 -85.42 21.84 -34.92
C GLU N 219 -86.63 21.23 -35.62
N GLU N 220 -87.74 21.96 -35.71
CA GLU N 220 -88.95 21.36 -36.28
C GLU N 220 -88.86 21.24 -37.79
N LEU N 221 -88.33 22.25 -38.47
CA LEU N 221 -88.42 22.34 -39.92
C LEU N 221 -87.10 22.05 -40.64
N ILE N 222 -85.98 21.94 -39.94
CA ILE N 222 -84.71 21.71 -40.61
C ILE N 222 -84.59 20.31 -41.20
N SER N 223 -85.59 19.44 -40.98
CA SER N 223 -85.61 18.16 -41.67
C SER N 223 -85.74 18.36 -43.18
N THR N 224 -86.55 19.34 -43.59
CA THR N 224 -86.74 19.69 -45.00
C THR N 224 -86.58 21.21 -45.17
N ALA N 225 -85.34 21.64 -45.33
CA ALA N 225 -85.03 23.05 -45.54
C ALA N 225 -84.06 23.19 -46.71
N LYS N 226 -84.20 24.29 -47.45
CA LYS N 226 -83.40 24.52 -48.64
C LYS N 226 -82.77 25.91 -48.56
N VAL N 227 -81.66 26.07 -49.28
CA VAL N 227 -80.96 27.35 -49.37
C VAL N 227 -80.68 27.66 -50.83
N THR N 228 -80.69 28.95 -51.16
CA THR N 228 -80.44 29.41 -52.51
C THR N 228 -79.36 30.49 -52.50
N ASN N 229 -78.83 30.79 -53.67
CA ASN N 229 -77.79 31.79 -53.80
C ASN N 229 -78.37 33.19 -53.60
N LYS N 230 -77.86 33.91 -52.61
CA LYS N 230 -78.27 35.27 -52.33
C LYS N 230 -77.03 36.15 -52.27
N LYS N 231 -77.21 37.45 -52.51
CA LYS N 231 -76.09 38.37 -52.56
C LYS N 231 -76.40 39.66 -51.82
N SER N 232 -75.48 40.04 -50.93
CA SER N 232 -75.50 41.34 -50.26
C SER N 232 -76.80 41.57 -49.48
N LEU N 233 -77.00 40.74 -48.46
CA LEU N 233 -78.11 40.91 -47.53
C LEU N 233 -77.64 41.74 -46.35
N ALA N 234 -78.20 42.93 -46.19
CA ALA N 234 -77.70 43.91 -45.23
C ALA N 234 -78.50 43.89 -43.94
N PHE N 235 -77.80 43.97 -42.81
CA PHE N 235 -78.44 44.09 -41.52
C PHE N 235 -79.07 45.47 -41.36
N THR N 236 -80.23 45.53 -40.72
CA THR N 236 -80.91 46.79 -40.47
C THR N 236 -81.51 46.78 -39.07
N GLY N 237 -81.69 47.97 -38.50
CA GLY N 237 -82.38 48.13 -37.24
C GLY N 237 -81.50 48.15 -36.01
N GLY N 238 -80.21 47.87 -36.13
CA GLY N 238 -79.33 47.87 -34.98
C GLY N 238 -78.97 49.26 -34.53
N THR N 239 -79.39 49.64 -33.32
CA THR N 239 -79.22 51.00 -32.83
C THR N 239 -78.62 51.00 -31.44
N ASN N 240 -77.94 52.10 -31.10
CA ASN N 240 -77.47 52.38 -29.76
C ASN N 240 -78.36 53.45 -29.17
N GLY N 241 -78.91 53.20 -27.98
CA GLY N 241 -79.84 54.12 -27.37
C GLY N 241 -79.15 55.37 -26.85
N ASP N 242 -79.95 56.20 -26.18
CA ASP N 242 -79.43 57.42 -25.57
C ASP N 242 -78.53 57.00 -24.41
N GLN N 243 -77.22 57.05 -24.65
CA GLN N 243 -76.25 56.58 -23.68
C GLN N 243 -75.89 57.63 -22.63
N SER N 244 -76.48 58.82 -22.70
CA SER N 244 -76.28 59.82 -21.66
C SER N 244 -77.16 59.59 -20.44
N LYS N 245 -78.11 58.67 -20.53
CA LYS N 245 -79.02 58.36 -19.42
C LYS N 245 -78.99 56.86 -19.20
N ILE N 246 -78.18 56.41 -18.24
CA ILE N 246 -78.06 55.01 -17.89
C ILE N 246 -78.39 54.85 -16.42
N SER N 247 -79.30 53.92 -16.11
CA SER N 247 -79.74 53.72 -14.74
C SER N 247 -78.63 53.07 -13.91
N THR N 248 -78.79 53.17 -12.59
CA THR N 248 -77.81 52.56 -11.68
C THR N 248 -77.88 51.04 -11.70
N ALA N 249 -78.99 50.47 -12.17
CA ALA N 249 -79.09 49.02 -12.26
C ALA N 249 -78.06 48.44 -13.22
N ALA N 250 -77.84 49.11 -14.36
CA ALA N 250 -76.84 48.64 -15.31
C ALA N 250 -75.44 48.68 -14.70
N TYR N 251 -75.12 49.77 -13.99
CA TYR N 251 -73.83 49.86 -13.33
C TYR N 251 -73.66 48.76 -12.28
N LEU N 252 -74.69 48.51 -11.49
CA LEU N 252 -74.58 47.46 -10.46
C LEU N 252 -74.43 46.08 -11.09
N ARG N 253 -75.15 45.82 -12.18
CA ARG N 253 -75.00 44.54 -12.87
C ARG N 253 -73.60 44.36 -13.43
N ALA N 254 -73.05 45.42 -14.03
CA ALA N 254 -71.70 45.31 -14.58
C ALA N 254 -70.66 45.17 -13.47
N VAL N 255 -70.88 45.81 -12.32
CA VAL N 255 -69.98 45.63 -11.19
C VAL N 255 -70.03 44.20 -10.69
N LYS N 256 -71.23 43.62 -10.60
CA LYS N 256 -71.36 42.22 -10.21
C LYS N 256 -70.64 41.31 -11.19
N VAL N 257 -70.74 41.61 -12.49
CA VAL N 257 -70.00 40.83 -13.49
C VAL N 257 -68.50 40.94 -13.24
N LEU N 258 -68.01 42.15 -12.98
CA LEU N 258 -66.58 42.35 -12.74
C LEU N 258 -66.11 41.64 -11.48
N ASN N 259 -66.99 41.50 -10.50
CA ASN N 259 -66.59 40.83 -9.26
C ASN N 259 -66.22 39.37 -9.50
N ASN N 260 -66.99 38.68 -10.33
CA ASN N 260 -66.80 37.25 -10.57
C ASN N 260 -65.95 36.96 -11.79
N ALA N 261 -65.15 37.92 -12.22
CA ALA N 261 -64.29 37.70 -13.38
C ALA N 261 -63.22 36.66 -13.03
N PRO N 262 -63.06 35.62 -13.85
CA PRO N 262 -62.07 34.58 -13.53
C PRO N 262 -60.63 35.05 -13.64
N TYR N 263 -60.38 36.21 -14.23
CA TYR N 263 -59.03 36.73 -14.38
C TYR N 263 -58.57 37.42 -13.09
N MET N 264 -57.28 37.73 -13.03
CA MET N 264 -56.67 38.36 -11.88
C MET N 264 -56.19 39.75 -12.26
N TYR N 265 -56.53 40.75 -11.44
CA TYR N 265 -56.08 42.11 -11.63
C TYR N 265 -55.63 42.67 -10.29
N THR N 266 -54.81 43.72 -10.34
CA THR N 266 -54.24 44.32 -9.14
C THR N 266 -54.64 45.78 -8.94
N ALA N 267 -55.64 46.27 -9.68
CA ALA N 267 -56.11 47.63 -9.47
C ALA N 267 -57.50 47.77 -10.07
N VAL N 268 -58.30 48.64 -9.47
CA VAL N 268 -59.65 48.94 -9.94
C VAL N 268 -59.72 50.43 -10.22
N LEU N 269 -60.21 50.80 -11.40
CA LEU N 269 -60.28 52.19 -11.84
C LEU N 269 -61.73 52.62 -11.95
N GLY N 270 -62.00 53.86 -11.52
CA GLY N 270 -63.35 54.37 -11.60
C GLY N 270 -63.82 54.57 -13.04
N LEU N 271 -62.95 55.11 -13.90
CA LEU N 271 -63.27 55.40 -15.29
C LEU N 271 -64.47 56.34 -15.42
N GLY N 272 -64.57 57.30 -14.51
CA GLY N 272 -65.57 58.34 -14.58
C GLY N 272 -67.02 57.92 -14.46
N CYS N 273 -67.34 57.07 -13.48
CA CYS N 273 -68.74 56.73 -13.23
C CYS N 273 -69.49 57.90 -12.59
N TYR N 274 -68.90 58.49 -11.55
CA TYR N 274 -69.53 59.57 -10.79
C TYR N 274 -70.90 59.15 -10.26
N ASP N 275 -71.01 57.89 -9.87
CA ASP N 275 -72.22 57.36 -9.24
C ASP N 275 -71.85 56.73 -7.92
N ASN N 276 -72.56 57.12 -6.86
CA ASN N 276 -72.15 56.72 -5.51
C ASN N 276 -72.28 55.22 -5.29
N ALA N 277 -73.38 54.62 -5.75
CA ALA N 277 -73.57 53.19 -5.56
C ALA N 277 -72.49 52.39 -6.28
N ALA N 278 -72.19 52.75 -7.53
CA ALA N 278 -71.14 52.05 -8.26
C ALA N 278 -69.79 52.22 -7.59
N ILE N 279 -69.51 53.44 -7.09
CA ILE N 279 -68.22 53.68 -6.45
C ILE N 279 -68.08 52.84 -5.19
N THR N 280 -69.12 52.76 -4.36
CA THR N 280 -69.00 51.97 -3.14
C THR N 280 -68.96 50.48 -3.44
N ALA N 281 -69.63 50.02 -4.51
CA ALA N 281 -69.50 48.63 -4.90
C ALA N 281 -68.09 48.30 -5.36
N LEU N 282 -67.47 49.19 -6.13
CA LEU N 282 -66.09 48.99 -6.53
C LEU N 282 -65.15 49.01 -5.32
N GLY N 283 -65.43 49.86 -4.34
CA GLY N 283 -64.66 49.84 -3.11
C GLY N 283 -64.80 48.53 -2.36
N LYS N 284 -66.00 47.95 -2.36
CA LYS N 284 -66.18 46.64 -1.75
C LYS N 284 -65.36 45.58 -2.49
N ILE N 285 -65.30 45.67 -3.83
CA ILE N 285 -64.46 44.74 -4.58
C ILE N 285 -63.00 44.89 -4.16
N CYS N 286 -62.53 46.13 -4.05
CA CYS N 286 -61.14 46.37 -3.66
C CYS N 286 -60.86 45.80 -2.28
N ALA N 287 -61.77 46.01 -1.34
CA ALA N 287 -61.59 45.46 0.01
C ALA N 287 -61.64 43.94 0.00
N ASP N 288 -62.40 43.34 -0.92
CA ASP N 288 -62.51 41.89 -0.96
C ASP N 288 -61.24 41.24 -1.50
N ARG N 289 -60.70 41.78 -2.58
CA ARG N 289 -59.56 41.15 -3.24
C ARG N 289 -58.21 41.61 -2.69
N LEU N 290 -58.18 42.60 -1.80
CA LEU N 290 -56.94 43.19 -1.29
C LEU N 290 -56.08 43.74 -2.43
N ILE N 291 -56.66 44.67 -3.18
CA ILE N 291 -55.95 45.38 -4.24
C ILE N 291 -56.21 46.87 -4.08
N ASP N 292 -55.46 47.66 -4.85
CA ASP N 292 -55.55 49.11 -4.77
C ASP N 292 -56.75 49.64 -5.55
N GLY N 293 -57.18 50.85 -5.19
CA GLY N 293 -58.30 51.48 -5.87
C GLY N 293 -58.06 52.96 -6.14
N PHE N 294 -58.35 53.41 -7.35
CA PHE N 294 -58.18 54.80 -7.74
C PHE N 294 -59.51 55.32 -8.27
N PHE N 295 -60.18 56.14 -7.48
CA PHE N 295 -61.51 56.66 -7.81
C PHE N 295 -61.44 58.17 -7.93
N ASP N 296 -62.51 58.75 -8.48
CA ASP N 296 -62.53 60.16 -8.81
C ASP N 296 -63.88 60.76 -8.45
N VAL N 297 -63.87 62.05 -8.15
CA VAL N 297 -65.08 62.83 -7.92
C VAL N 297 -65.29 63.72 -9.14
N LYS N 298 -66.49 64.27 -9.26
CA LYS N 298 -66.86 65.05 -10.44
C LYS N 298 -65.92 66.24 -10.59
N PRO N 299 -65.25 66.39 -11.73
CA PRO N 299 -64.29 67.50 -11.88
C PRO N 299 -64.94 68.86 -12.06
N THR N 300 -66.22 68.91 -12.44
CA THR N 300 -66.87 70.20 -12.65
C THR N 300 -67.25 70.89 -11.35
N LEU N 301 -67.14 70.21 -10.21
CA LEU N 301 -67.45 70.84 -8.94
C LEU N 301 -66.40 71.89 -8.59
N THR N 302 -66.83 72.88 -7.81
CA THR N 302 -65.90 73.90 -7.32
C THR N 302 -65.12 73.36 -6.13
N TYR N 303 -64.18 74.17 -5.62
CA TYR N 303 -63.36 73.72 -4.51
C TYR N 303 -64.19 73.49 -3.25
N ALA N 304 -65.15 74.37 -2.98
CA ALA N 304 -65.93 74.26 -1.75
C ALA N 304 -66.85 73.04 -1.79
N GLU N 305 -67.40 72.71 -2.96
CA GLU N 305 -68.32 71.60 -3.08
C GLU N 305 -67.63 70.25 -3.20
N ALA N 306 -66.32 70.22 -3.43
CA ALA N 306 -65.62 68.95 -3.59
C ALA N 306 -65.58 68.15 -2.30
N LEU N 307 -65.36 68.83 -1.17
CA LEU N 307 -65.21 68.12 0.10
C LEU N 307 -66.45 67.34 0.53
N PRO N 308 -67.67 67.90 0.51
CA PRO N 308 -68.83 67.09 0.90
C PRO N 308 -69.07 65.88 0.00
N ALA N 309 -68.72 65.98 -1.28
CA ALA N 309 -68.93 64.86 -2.19
C ALA N 309 -68.07 63.66 -1.80
N VAL N 310 -66.91 63.92 -1.18
CA VAL N 310 -66.05 62.82 -0.73
C VAL N 310 -66.78 61.99 0.32
N GLU N 311 -67.40 62.65 1.30
CA GLU N 311 -68.23 61.93 2.25
C GLU N 311 -69.44 61.30 1.58
N ASP N 312 -69.96 61.96 0.54
CA ASP N 312 -71.10 61.40 -0.19
C ASP N 312 -70.74 60.09 -0.88
N THR N 313 -69.47 59.91 -1.25
CA THR N 313 -69.07 58.65 -1.88
C THR N 313 -69.25 57.46 -0.94
N GLY N 314 -69.06 57.67 0.36
CA GLY N 314 -69.21 56.61 1.34
C GLY N 314 -67.96 55.83 1.64
N LEU N 315 -66.84 56.13 0.98
CA LEU N 315 -65.60 55.41 1.22
C LEU N 315 -64.91 55.83 2.52
N LEU N 316 -65.26 56.99 3.06
CA LEU N 316 -64.60 57.47 4.28
C LEU N 316 -64.95 56.56 5.46
N GLY N 317 -63.94 56.26 6.26
CA GLY N 317 -64.09 55.39 7.39
C GLY N 317 -62.82 54.57 7.60
N THR N 318 -63.02 53.31 8.02
CA THR N 318 -61.91 52.40 8.26
C THR N 318 -61.97 51.12 7.43
N ASP N 319 -63.07 50.85 6.73
CA ASP N 319 -63.19 49.61 5.99
C ASP N 319 -62.36 49.64 4.71
N TYR N 320 -62.35 50.76 4.01
CA TYR N 320 -61.64 50.90 2.73
C TYR N 320 -60.42 51.77 2.97
N VAL N 321 -59.28 51.12 3.25
CA VAL N 321 -58.05 51.84 3.55
C VAL N 321 -57.09 51.91 2.37
N SER N 322 -57.39 51.20 1.27
CA SER N 322 -56.53 51.19 0.10
C SER N 322 -57.05 52.03 -1.05
N CYS N 323 -58.17 52.71 -0.89
CA CYS N 323 -58.77 53.49 -1.95
C CYS N 323 -58.32 54.95 -1.88
N SER N 324 -58.36 55.62 -3.02
CA SER N 324 -57.95 57.02 -3.12
C SER N 324 -58.99 57.78 -3.95
N VAL N 325 -59.11 59.08 -3.65
CA VAL N 325 -60.08 59.95 -4.32
C VAL N 325 -59.36 61.19 -4.81
N TYR N 326 -59.64 61.58 -6.05
CA TYR N 326 -58.97 62.70 -6.70
C TYR N 326 -59.99 63.74 -7.15
N HIS N 327 -59.48 64.94 -7.45
CA HIS N 327 -60.30 66.06 -7.90
C HIS N 327 -59.44 66.96 -8.76
N TYR N 328 -59.88 67.21 -9.99
CA TYR N 328 -59.04 67.89 -10.99
C TYR N 328 -59.89 68.81 -11.85
N PRO N 329 -60.24 69.99 -11.34
CA PRO N 329 -60.97 70.94 -12.17
C PRO N 329 -60.07 71.72 -13.11
N PHE N 330 -60.00 71.32 -14.37
CA PHE N 330 -59.14 71.95 -15.36
C PHE N 330 -59.66 71.58 -16.75
N SER N 331 -59.27 72.36 -17.74
CA SER N 331 -59.72 72.16 -19.11
C SER N 331 -58.51 72.02 -20.04
N CYS N 332 -58.62 71.11 -21.00
CA CYS N 332 -57.53 70.79 -21.90
C CYS N 332 -58.07 70.54 -23.30
N LYS N 333 -57.19 70.62 -24.28
CA LYS N 333 -57.54 70.31 -25.66
C LYS N 333 -57.63 68.81 -25.85
N ASP N 334 -58.75 68.34 -26.41
CA ASP N 334 -58.90 66.92 -26.69
C ASP N 334 -57.97 66.50 -27.83
N LYS N 335 -57.51 65.25 -27.75
CA LYS N 335 -56.60 64.74 -28.76
C LYS N 335 -57.31 64.47 -30.08
N TRP N 336 -58.56 64.02 -30.03
CA TRP N 336 -59.25 63.55 -31.23
C TRP N 336 -60.08 64.62 -31.91
N THR N 337 -60.70 65.53 -31.15
CA THR N 337 -61.54 66.56 -31.72
C THR N 337 -60.96 67.96 -31.56
N GLN N 338 -59.82 68.11 -30.89
CA GLN N 338 -59.14 69.39 -30.73
C GLN N 338 -60.00 70.42 -29.99
N SER N 339 -61.11 69.99 -29.43
CA SER N 339 -61.99 70.89 -28.70
C SER N 339 -61.58 70.92 -27.22
N ARG N 340 -62.32 71.68 -26.41
CA ARG N 340 -62.02 71.83 -25.00
C ARG N 340 -62.91 70.88 -24.20
N VAL N 341 -62.28 69.96 -23.46
CA VAL N 341 -62.98 68.95 -22.69
C VAL N 341 -62.41 68.91 -21.28
N VAL N 342 -63.20 68.35 -20.36
CA VAL N 342 -62.80 68.18 -18.97
C VAL N 342 -63.10 66.74 -18.57
N PHE N 343 -62.09 66.04 -18.07
CA PHE N 343 -62.29 64.67 -17.61
C PHE N 343 -61.36 64.40 -16.43
N GLY N 344 -61.37 63.15 -15.98
CA GLY N 344 -60.82 62.78 -14.69
C GLY N 344 -59.34 62.52 -14.68
N LEU N 345 -58.88 61.86 -13.61
CA LEU N 345 -57.46 61.74 -13.33
C LEU N 345 -57.06 60.37 -12.79
N SER N 346 -57.96 59.37 -12.83
CA SER N 346 -57.64 58.06 -12.27
C SER N 346 -56.58 57.33 -13.09
N GLY N 347 -56.65 57.45 -14.41
CA GLY N 347 -55.71 56.74 -15.26
C GLY N 347 -54.27 57.17 -15.02
N VAL N 348 -54.06 58.46 -14.79
CA VAL N 348 -52.71 58.95 -14.51
C VAL N 348 -52.19 58.33 -13.22
N ALA N 349 -53.04 58.24 -12.20
CA ALA N 349 -52.63 57.64 -10.94
C ALA N 349 -52.25 56.17 -11.12
N TYR N 350 -53.06 55.42 -11.88
CA TYR N 350 -52.71 54.03 -12.12
C TYR N 350 -51.41 53.91 -12.90
N ALA N 351 -51.20 54.79 -13.88
CA ALA N 351 -49.95 54.75 -14.64
C ALA N 351 -48.75 55.01 -13.74
N ALA N 352 -48.89 55.95 -12.81
CA ALA N 352 -47.80 56.21 -11.86
C ALA N 352 -47.54 55.00 -10.98
N LYS N 353 -48.61 54.34 -10.52
CA LYS N 353 -48.42 53.15 -9.69
C LYS N 353 -47.72 52.04 -10.47
N ALA N 354 -48.11 51.84 -11.73
CA ALA N 354 -47.47 50.81 -12.54
C ALA N 354 -45.99 51.14 -12.79
N ARG N 355 -45.69 52.41 -13.05
CA ARG N 355 -44.30 52.81 -13.22
C ARG N 355 -43.49 52.53 -11.96
N GLY N 356 -44.07 52.83 -10.79
CA GLY N 356 -43.38 52.50 -9.55
C GLY N 356 -43.17 51.00 -9.38
N VAL N 357 -44.16 50.20 -9.78
CA VAL N 357 -44.05 48.76 -9.65
C VAL N 357 -42.96 48.20 -10.55
N LYS N 358 -42.79 48.77 -11.74
CA LYS N 358 -41.80 48.22 -12.69
C LYS N 358 -40.37 48.33 -12.19
N LYS N 359 -40.10 49.12 -11.16
CA LYS N 359 -38.72 49.36 -10.75
C LYS N 359 -38.05 48.10 -10.20
N ASN N 360 -38.77 47.29 -9.44
CA ASN N 360 -38.24 46.06 -8.86
C ASN N 360 -38.83 44.87 -9.59
N SER N 361 -37.95 43.96 -10.02
CA SER N 361 -38.36 42.81 -10.83
C SER N 361 -38.52 41.53 -10.03
N ASP N 362 -38.00 41.46 -8.80
CA ASP N 362 -38.10 40.23 -8.03
C ASP N 362 -39.49 40.07 -7.41
N VAL N 363 -39.84 40.98 -6.50
CA VAL N 363 -41.11 40.88 -5.79
C VAL N 363 -42.12 41.92 -6.27
N GLY N 364 -41.68 43.03 -6.85
CA GLY N 364 -42.56 44.06 -7.38
C GLY N 364 -42.20 45.46 -6.95
N GLY N 365 -41.72 45.62 -5.72
CA GLY N 365 -41.43 46.96 -5.23
C GLY N 365 -42.66 47.83 -5.18
N TRP N 366 -43.57 47.50 -4.28
CA TRP N 366 -44.81 48.24 -4.11
C TRP N 366 -44.70 49.39 -3.13
N HIS N 367 -43.51 49.66 -2.60
CA HIS N 367 -43.33 50.70 -1.60
C HIS N 367 -43.17 52.10 -2.21
N TYR N 368 -43.19 52.22 -3.53
CA TYR N 368 -43.07 53.52 -4.17
C TYR N 368 -44.42 54.21 -4.22
N SER N 369 -44.47 55.46 -3.75
CA SER N 369 -45.72 56.19 -3.74
C SER N 369 -46.14 56.57 -5.16
N PRO N 370 -47.44 56.62 -5.42
CA PRO N 370 -47.92 56.86 -6.79
C PRO N 370 -47.96 58.33 -7.17
N ALA N 371 -47.24 59.19 -6.45
CA ALA N 371 -47.19 60.61 -6.77
C ALA N 371 -45.74 61.07 -6.80
N GLY N 372 -45.46 62.05 -7.64
CA GLY N 372 -44.11 62.57 -7.77
C GLY N 372 -43.91 63.21 -9.13
N GLU N 373 -42.77 63.89 -9.25
CA GLU N 373 -42.47 64.62 -10.47
C GLU N 373 -42.02 63.69 -11.60
N GLU N 374 -41.32 62.61 -11.28
CA GLU N 374 -40.80 61.74 -12.32
C GLU N 374 -41.79 60.65 -12.75
N ARG N 375 -42.71 60.25 -11.86
CA ARG N 375 -43.65 59.18 -12.18
C ARG N 375 -45.02 59.70 -12.59
N ALA N 376 -45.66 60.51 -11.76
CA ALA N 376 -47.01 61.00 -12.04
C ALA N 376 -46.90 62.32 -12.80
N VAL N 377 -47.00 62.24 -14.13
CA VAL N 377 -46.99 63.42 -14.99
C VAL N 377 -48.29 63.42 -15.78
N ILE N 378 -48.86 64.60 -15.96
CA ILE N 378 -50.12 64.77 -16.68
C ILE N 378 -49.78 65.47 -17.99
N ALA N 379 -50.06 64.79 -19.11
CA ALA N 379 -49.68 65.29 -20.44
C ALA N 379 -50.94 65.69 -21.19
N ARG N 380 -51.21 66.99 -21.22
CA ARG N 380 -52.34 67.54 -21.98
C ARG N 380 -51.86 68.76 -22.76
N ALA N 381 -52.59 69.07 -23.83
CA ALA N 381 -52.10 70.04 -24.80
C ALA N 381 -51.96 71.43 -24.20
N SER N 382 -53.02 71.93 -23.57
CA SER N 382 -52.99 73.27 -22.99
C SER N 382 -54.01 73.32 -21.86
N ILE N 383 -53.53 73.57 -20.65
CA ILE N 383 -54.33 73.43 -19.44
C ILE N 383 -54.62 74.82 -18.87
N GLN N 384 -55.89 75.11 -18.65
CA GLN N 384 -56.32 76.35 -18.03
C GLN N 384 -57.27 76.04 -16.87
N PRO N 385 -57.23 76.83 -15.81
CA PRO N 385 -58.16 76.60 -14.70
C PRO N 385 -59.60 76.79 -15.15
N LEU N 386 -60.48 75.90 -14.67
CA LEU N 386 -61.88 75.98 -15.03
C LEU N 386 -62.59 77.09 -14.25
N TYR N 387 -62.16 77.35 -13.02
CA TYR N 387 -62.76 78.37 -12.17
C TYR N 387 -61.67 79.33 -11.71
N PRO N 388 -61.27 80.27 -12.55
CA PRO N 388 -60.32 81.30 -12.10
C PRO N 388 -60.95 82.19 -11.05
N GLU N 389 -60.10 82.98 -10.39
CA GLU N 389 -60.49 83.81 -9.26
C GLU N 389 -61.00 82.95 -8.09
N ASP N 390 -60.47 81.73 -7.96
CA ASP N 390 -60.83 80.84 -6.87
C ASP N 390 -59.57 80.28 -6.25
N THR N 391 -59.61 80.04 -4.95
CA THR N 391 -58.44 79.62 -4.19
C THR N 391 -58.76 78.35 -3.40
N PRO N 392 -57.93 77.32 -3.49
CA PRO N 392 -58.15 76.12 -2.68
C PRO N 392 -57.63 76.30 -1.26
N ASP N 393 -58.13 75.44 -0.37
CA ASP N 393 -57.69 75.39 1.03
C ASP N 393 -57.00 74.06 1.26
N GLU N 394 -55.70 74.10 1.50
CA GLU N 394 -54.91 72.86 1.54
C GLU N 394 -55.22 72.04 2.78
N GLU N 395 -55.31 72.68 3.94
CA GLU N 395 -55.55 71.94 5.18
C GLU N 395 -56.91 71.25 5.17
N ALA N 396 -57.94 71.92 4.63
CA ALA N 396 -59.24 71.29 4.51
C ALA N 396 -59.18 70.07 3.60
N MET N 397 -58.42 70.15 2.51
CA MET N 397 -58.27 69.01 1.62
C MET N 397 -57.55 67.86 2.32
N VAL N 398 -56.54 68.19 3.14
CA VAL N 398 -55.82 67.15 3.88
C VAL N 398 -56.76 66.47 4.87
N LYS N 399 -57.56 67.25 5.60
CA LYS N 399 -58.45 66.66 6.59
C LYS N 399 -59.55 65.82 5.95
N GLY N 400 -59.94 66.15 4.72
CA GLY N 400 -60.97 65.43 4.01
C GLY N 400 -60.48 64.38 3.03
N ARG N 401 -59.17 64.09 3.03
CA ARG N 401 -58.59 63.06 2.17
C ARG N 401 -58.81 63.36 0.68
N LEU N 402 -58.22 64.48 0.24
CA LEU N 402 -58.12 64.82 -1.18
C LEU N 402 -56.66 65.04 -1.56
N ASN N 403 -56.34 64.69 -2.80
CA ASN N 403 -54.98 64.79 -3.32
C ASN N 403 -54.85 66.04 -4.18
N LYS N 404 -53.76 66.77 -3.98
CA LYS N 404 -53.52 68.04 -4.65
C LYS N 404 -52.62 67.83 -5.87
N VAL N 405 -52.50 68.90 -6.66
CA VAL N 405 -51.70 68.90 -7.88
C VAL N 405 -50.78 70.11 -7.86
N SER N 406 -49.69 70.01 -8.61
CA SER N 406 -48.70 71.08 -8.67
C SER N 406 -48.07 71.09 -10.06
N VAL N 407 -47.02 71.90 -10.20
CA VAL N 407 -46.35 72.11 -11.48
C VAL N 407 -44.93 71.60 -11.38
N GLY N 408 -44.50 70.79 -12.36
CA GLY N 408 -43.14 70.32 -12.43
C GLY N 408 -42.21 71.33 -13.05
N THR N 409 -40.94 70.95 -13.14
CA THR N 409 -39.93 71.84 -13.69
C THR N 409 -40.04 72.01 -15.20
N SER N 410 -40.78 71.13 -15.88
CA SER N 410 -40.96 71.22 -17.32
C SER N 410 -42.22 71.97 -17.73
N GLY N 411 -42.96 72.50 -16.78
CA GLY N 411 -44.18 73.22 -17.09
C GLY N 411 -45.42 72.37 -17.24
N GLN N 412 -45.42 71.14 -16.72
CA GLN N 412 -46.56 70.26 -16.81
C GLN N 412 -47.09 69.94 -15.41
N MET N 413 -48.39 69.73 -15.33
CA MET N 413 -49.03 69.47 -14.04
C MET N 413 -48.58 68.14 -13.47
N ILE N 414 -48.46 68.10 -12.14
CA ILE N 414 -47.93 66.96 -11.41
C ILE N 414 -48.86 66.66 -10.24
N ILE N 415 -49.16 65.37 -10.03
CA ILE N 415 -49.84 64.97 -8.80
C ILE N 415 -48.86 65.10 -7.65
N ASP N 416 -49.27 65.82 -6.60
CA ASP N 416 -48.35 66.21 -5.54
C ASP N 416 -48.71 65.62 -4.18
N ASP N 417 -49.57 64.61 -4.14
CA ASP N 417 -49.93 64.04 -2.84
C ASP N 417 -50.43 62.62 -3.05
N ALA N 418 -50.40 61.84 -1.97
CA ALA N 418 -50.86 60.45 -1.99
C ALA N 418 -51.43 60.12 -0.61
N LEU N 419 -52.75 60.24 -0.47
CA LEU N 419 -53.43 59.95 0.78
C LEU N 419 -54.59 59.01 0.53
N THR N 420 -54.78 58.05 1.42
CA THR N 420 -55.86 57.08 1.28
C THR N 420 -57.07 57.53 2.10
N CYS N 421 -58.16 56.77 1.99
CA CYS N 421 -59.42 57.11 2.66
C CYS N 421 -59.51 56.47 4.04
N CYS N 422 -58.48 56.69 4.86
CA CYS N 422 -58.45 56.22 6.24
C CYS N 422 -58.36 57.43 7.15
N THR N 423 -59.29 57.53 8.10
CA THR N 423 -59.37 58.67 9.00
C THR N 423 -58.81 58.36 10.38
N GLN N 424 -58.10 57.25 10.54
CA GLN N 424 -57.62 56.79 11.83
C GLN N 424 -56.33 57.46 12.26
N ASP N 425 -55.73 58.30 11.43
CA ASP N 425 -54.50 59.03 11.74
C ASP N 425 -53.32 58.10 12.04
N ASN N 426 -53.36 56.87 11.54
CA ASN N 426 -52.29 55.90 11.76
C ASN N 426 -51.24 56.06 10.66
N TYR N 427 -50.38 55.06 10.54
CA TYR N 427 -49.46 54.91 9.44
C TYR N 427 -50.15 54.49 8.17
N LEU N 428 -51.48 54.47 8.16
CA LEU N 428 -52.26 53.97 7.03
C LEU N 428 -52.82 55.07 6.14
N HIS N 429 -52.45 56.33 6.35
CA HIS N 429 -52.75 57.36 5.36
C HIS N 429 -52.09 57.02 4.04
N PHE N 430 -50.81 56.70 4.09
CA PHE N 430 -49.96 56.65 2.91
C PHE N 430 -50.33 55.47 2.04
N GLN N 431 -50.16 55.64 0.73
CA GLN N 431 -50.58 54.60 -0.20
C GLN N 431 -49.66 53.38 -0.12
N HIS N 432 -48.38 53.59 0.19
CA HIS N 432 -47.41 52.52 0.06
C HIS N 432 -47.51 51.48 1.18
N VAL N 433 -47.92 51.89 2.38
CA VAL N 433 -47.96 50.96 3.50
C VAL N 433 -49.01 49.87 3.28
N PRO N 434 -50.28 50.20 2.99
CA PRO N 434 -51.23 49.13 2.65
C PRO N 434 -50.82 48.35 1.42
N SER N 435 -50.13 48.96 0.47
CA SER N 435 -49.66 48.21 -0.69
C SER N 435 -48.68 47.13 -0.27
N LEU N 436 -47.75 47.46 0.61
CA LEU N 436 -46.80 46.47 1.12
C LEU N 436 -47.53 45.35 1.85
N MET N 437 -48.43 45.71 2.76
CA MET N 437 -49.12 44.69 3.54
C MET N 437 -49.96 43.78 2.65
N ASN N 438 -50.65 44.36 1.66
CA ASN N 438 -51.48 43.57 0.77
C ASN N 438 -50.65 42.64 -0.11
N ALA N 439 -49.49 43.12 -0.59
CA ALA N 439 -48.63 42.26 -1.37
C ALA N 439 -48.12 41.08 -0.55
N ILE N 440 -47.71 41.35 0.70
CA ILE N 440 -47.24 40.26 1.56
C ILE N 440 -48.37 39.26 1.82
N SER N 441 -49.57 39.76 2.08
CA SER N 441 -50.70 38.87 2.36
C SER N 441 -51.05 38.02 1.14
N ARG N 442 -51.03 38.62 -0.05
CA ARG N 442 -51.33 37.86 -1.26
C ARG N 442 -50.29 36.77 -1.51
N PHE N 443 -49.01 37.10 -1.29
CA PHE N 443 -47.97 36.09 -1.44
C PHE N 443 -48.16 34.95 -0.43
N PHE N 444 -48.51 35.29 0.81
CA PHE N 444 -48.77 34.26 1.81
C PHE N 444 -49.95 33.39 1.40
N VAL N 445 -51.01 34.00 0.86
CA VAL N 445 -52.18 33.23 0.46
C VAL N 445 -51.80 32.24 -0.63
N GLN N 446 -51.03 32.68 -1.63
CA GLN N 446 -50.59 31.77 -2.67
C GLN N 446 -49.76 30.62 -2.09
N LEU N 447 -48.82 30.96 -1.21
CA LEU N 447 -47.96 29.93 -0.61
C LEU N 447 -48.78 28.91 0.17
N ALA N 448 -49.75 29.38 0.97
CA ALA N 448 -50.58 28.47 1.74
C ALA N 448 -51.45 27.60 0.82
N ARG N 449 -51.97 28.20 -0.25
CA ARG N 449 -52.79 27.43 -1.19
C ARG N 449 -52.00 26.33 -1.87
N GLN N 450 -50.71 26.54 -2.09
CA GLN N 450 -49.91 25.49 -2.73
C GLN N 450 -49.86 24.21 -1.89
N MET N 451 -49.70 24.34 -0.58
CA MET N 451 -49.50 23.19 0.30
C MET N 451 -50.74 22.83 1.10
N LYS N 452 -51.92 22.96 0.50
CA LYS N 452 -53.17 22.62 1.15
C LYS N 452 -53.44 21.12 1.04
N HIS N 453 -54.27 20.62 1.96
CA HIS N 453 -54.73 19.22 1.96
C HIS N 453 -53.56 18.24 2.01
N SER N 454 -52.78 18.33 3.08
CA SER N 454 -51.62 17.49 3.25
C SER N 454 -51.61 16.87 4.64
N PRO N 455 -51.02 15.69 4.79
CA PRO N 455 -51.01 15.02 6.10
C PRO N 455 -50.11 15.75 7.10
N ASP N 456 -50.09 15.24 8.31
CA ASP N 456 -49.40 15.91 9.42
C ASP N 456 -47.89 15.80 9.28
N GLY N 457 -47.20 16.75 9.92
CA GLY N 457 -45.75 16.75 10.00
C GLY N 457 -45.05 17.48 8.88
N ILE N 458 -45.78 18.02 7.90
CA ILE N 458 -45.19 18.63 6.73
C ILE N 458 -45.48 20.12 6.67
N THR N 459 -46.69 20.55 7.05
CA THR N 459 -47.13 21.90 6.75
C THR N 459 -46.39 22.95 7.57
N ALA N 460 -46.07 22.65 8.83
CA ALA N 460 -45.47 23.66 9.70
C ALA N 460 -44.12 24.13 9.18
N ALA N 461 -43.22 23.18 8.89
CA ALA N 461 -41.89 23.55 8.43
C ALA N 461 -41.95 24.27 7.09
N GLY N 462 -42.77 23.78 6.17
CA GLY N 462 -42.90 24.46 4.89
C GLY N 462 -43.40 25.87 5.04
N LEU N 463 -44.43 26.07 5.88
CA LEU N 463 -44.97 27.41 6.09
C LEU N 463 -43.91 28.35 6.67
N THR N 464 -43.21 27.91 7.71
CA THR N 464 -42.26 28.81 8.34
C THR N 464 -41.08 29.11 7.42
N LYS N 465 -40.59 28.10 6.68
CA LYS N 465 -39.48 28.34 5.78
C LYS N 465 -39.86 29.28 4.64
N GLY N 466 -41.03 29.04 4.03
CA GLY N 466 -41.47 29.90 2.94
C GLY N 466 -41.71 31.32 3.39
N MET N 467 -42.34 31.50 4.56
CA MET N 467 -42.58 32.84 5.06
C MET N 467 -41.28 33.57 5.39
N THR N 468 -40.32 32.86 6.01
CA THR N 468 -39.04 33.50 6.29
C THR N 468 -38.34 33.92 5.00
N LYS N 469 -38.36 33.06 3.98
CA LYS N 469 -37.71 33.43 2.72
C LYS N 469 -38.39 34.62 2.06
N LEU N 470 -39.73 34.65 2.09
CA LEU N 470 -40.45 35.77 1.47
C LEU N 470 -40.17 37.08 2.20
N LEU N 471 -40.19 37.06 3.54
CA LEU N 471 -39.91 38.28 4.27
C LEU N 471 -38.46 38.71 4.12
N ASP N 472 -37.53 37.76 3.98
CA ASP N 472 -36.14 38.12 3.70
C ASP N 472 -36.02 38.81 2.34
N ARG N 473 -36.75 38.31 1.34
CA ARG N 473 -36.73 38.97 0.03
C ARG N 473 -37.30 40.38 0.12
N PHE N 474 -38.38 40.56 0.88
CA PHE N 474 -38.95 41.90 1.02
C PHE N 474 -38.02 42.83 1.77
N VAL N 475 -37.28 42.32 2.76
CA VAL N 475 -36.29 43.15 3.44
C VAL N 475 -35.18 43.55 2.46
N ALA N 476 -34.73 42.61 1.64
CA ALA N 476 -33.68 42.91 0.67
C ALA N 476 -34.14 43.95 -0.35
N SER N 477 -35.41 43.90 -0.75
CA SER N 477 -35.89 44.85 -1.75
C SER N 477 -35.94 46.28 -1.23
N GLY N 478 -35.83 46.48 0.07
CA GLY N 478 -35.84 47.81 0.65
C GLY N 478 -37.17 48.28 1.20
N ALA N 479 -38.17 47.41 1.28
CA ALA N 479 -39.48 47.81 1.77
C ALA N 479 -39.50 47.94 3.29
N LEU N 480 -38.82 47.05 4.00
CA LEU N 480 -38.85 47.02 5.46
C LEU N 480 -37.53 47.53 6.02
N VAL N 481 -37.62 48.34 7.07
CA VAL N 481 -36.45 48.93 7.72
C VAL N 481 -36.53 48.69 9.21
N ALA N 482 -35.44 49.02 9.91
CA ALA N 482 -35.37 48.83 11.35
C ALA N 482 -36.33 49.79 12.05
N PRO N 483 -36.92 49.37 13.17
CA PRO N 483 -37.94 50.18 13.83
C PRO N 483 -37.36 51.48 14.37
N ARG N 484 -38.23 52.50 14.45
CA ARG N 484 -37.81 53.82 14.91
C ARG N 484 -37.72 53.92 16.42
N ASP N 485 -38.26 52.95 17.16
CA ASP N 485 -38.24 52.96 18.62
C ASP N 485 -37.49 51.71 19.09
N PRO N 486 -36.19 51.81 19.33
CA PRO N 486 -35.43 50.64 19.77
C PRO N 486 -35.62 50.28 21.23
N ASP N 487 -36.21 51.16 22.04
CA ASP N 487 -36.52 50.81 23.42
C ASP N 487 -37.71 49.86 23.48
N ALA N 488 -38.77 50.15 22.74
CA ALA N 488 -39.96 49.32 22.76
C ALA N 488 -39.79 48.04 21.96
N ASP N 489 -39.03 48.09 20.87
CA ASP N 489 -38.86 46.95 19.97
C ASP N 489 -37.37 46.72 19.73
N GLY N 490 -37.03 45.51 19.30
CA GLY N 490 -35.65 45.18 19.02
C GLY N 490 -35.11 45.85 17.78
N THR N 491 -34.13 45.22 17.14
CA THR N 491 -33.58 45.70 15.88
C THR N 491 -34.05 44.89 14.69
N GLU N 492 -34.84 43.86 14.90
CA GLU N 492 -35.26 42.98 13.81
C GLU N 492 -36.43 43.61 13.06
N PRO N 493 -36.33 43.78 11.74
CA PRO N 493 -37.45 44.36 10.98
C PRO N 493 -38.73 43.55 11.03
N TYR N 494 -38.66 42.24 11.26
CA TYR N 494 -39.85 41.40 11.23
C TYR N 494 -39.73 40.28 12.26
N VAL N 495 -40.87 39.71 12.63
CA VAL N 495 -40.95 38.53 13.48
C VAL N 495 -41.97 37.57 12.87
N LEU N 496 -41.90 36.31 13.27
CA LEU N 496 -42.75 35.27 12.72
C LEU N 496 -43.07 34.24 13.79
N LYS N 497 -44.25 33.61 13.67
CA LYS N 497 -44.65 32.56 14.58
C LYS N 497 -45.71 31.70 13.93
N VAL N 498 -45.53 30.38 13.96
CA VAL N 498 -46.48 29.42 13.41
C VAL N 498 -46.84 28.42 14.50
N THR N 499 -48.14 28.25 14.74
CA THR N 499 -48.64 27.30 15.72
C THR N 499 -49.81 26.54 15.13
N GLN N 500 -50.03 25.32 15.61
CA GLN N 500 -51.15 24.50 15.18
C GLN N 500 -52.25 24.56 16.23
N ALA N 501 -53.48 24.77 15.77
CA ALA N 501 -54.60 25.05 16.65
C ALA N 501 -55.47 23.83 16.94
N GLU N 502 -55.91 23.12 15.90
CA GLU N 502 -56.90 22.06 16.06
C GLU N 502 -56.50 20.89 15.16
N PHE N 503 -57.45 19.97 14.98
CA PHE N 503 -57.20 18.79 14.16
C PHE N 503 -56.86 19.16 12.72
N ASP N 504 -57.54 20.17 12.18
CA ASP N 504 -57.36 20.56 10.78
C ASP N 504 -57.28 22.07 10.63
N LYS N 505 -56.55 22.73 11.54
CA LYS N 505 -56.46 24.18 11.51
C LYS N 505 -55.01 24.61 11.69
N TRP N 506 -54.66 25.74 11.07
CA TRP N 506 -53.34 26.33 11.16
C TRP N 506 -53.47 27.82 11.45
N GLU N 507 -52.44 28.39 12.06
CA GLU N 507 -52.44 29.82 12.35
C GLU N 507 -51.02 30.36 12.31
N VAL N 508 -50.85 31.47 11.60
CA VAL N 508 -49.55 32.12 11.46
C VAL N 508 -49.73 33.62 11.66
N VAL N 509 -48.80 34.24 12.40
CA VAL N 509 -48.85 35.66 12.72
C VAL N 509 -47.48 36.26 12.41
N TRP N 510 -47.47 37.50 11.92
CA TRP N 510 -46.23 38.18 11.60
C TRP N 510 -46.40 39.68 11.78
N ALA N 511 -45.27 40.36 11.95
CA ALA N 511 -45.23 41.81 12.10
C ALA N 511 -44.04 42.36 11.32
N CYS N 512 -44.18 43.57 10.80
CA CYS N 512 -43.11 44.18 10.02
C CYS N 512 -43.20 45.69 10.11
N CYS N 513 -42.07 46.35 9.84
CA CYS N 513 -41.92 47.79 9.97
C CYS N 513 -41.77 48.43 8.60
N PRO N 514 -42.64 49.35 8.21
CA PRO N 514 -42.61 49.90 6.86
C PRO N 514 -41.55 50.99 6.72
N THR N 515 -41.44 51.51 5.50
CA THR N 515 -40.49 52.57 5.16
C THR N 515 -41.22 53.90 5.00
N GLY N 516 -40.57 54.96 5.49
CA GLY N 516 -41.16 56.27 5.42
C GLY N 516 -41.07 56.90 4.04
N VAL N 517 -41.69 58.06 3.89
CA VAL N 517 -41.69 58.82 2.65
C VAL N 517 -41.31 60.26 2.97
N ALA N 518 -40.76 60.95 1.97
CA ALA N 518 -40.40 62.36 2.10
C ALA N 518 -41.49 63.18 1.41
N ARG N 519 -42.36 63.79 2.21
CA ARG N 519 -43.48 64.57 1.70
C ARG N 519 -43.23 66.07 1.75
N ARG N 520 -42.87 66.59 2.92
CA ARG N 520 -42.72 68.03 3.12
C ARG N 520 -41.28 68.35 3.48
N ILE N 521 -40.72 69.36 2.81
CA ILE N 521 -39.35 69.80 3.03
C ILE N 521 -39.37 71.31 3.27
N GLN N 522 -38.59 71.78 4.23
CA GLN N 522 -38.49 73.20 4.52
C GLN N 522 -37.05 73.68 4.45
N GLY N 523 -36.86 74.87 3.91
CA GLY N 523 -35.54 75.50 3.89
C GLY N 523 -35.61 76.88 4.49
N VAL N 524 -34.48 77.30 5.06
CA VAL N 524 -34.39 78.60 5.71
C VAL N 524 -33.16 79.35 5.24
N PRO N 525 -33.30 80.50 4.57
CA PRO N 525 -32.14 81.28 4.17
C PRO N 525 -31.60 82.12 5.32
N LEU N 526 -30.30 82.40 5.25
CA LEU N 526 -29.63 83.25 6.23
C LEU N 526 -28.70 84.20 5.50
N LEU N 527 -28.40 85.31 6.15
CA LEU N 527 -27.57 86.36 5.57
C LEU N 527 -26.42 86.67 6.52
N ILE N 528 -25.21 86.70 5.99
CA ILE N 528 -24.03 87.01 6.81
C ILE N 528 -23.77 88.51 6.78
N SER O 2 13.34 16.76 -88.80
CA SER O 2 12.44 15.71 -89.25
C SER O 2 11.28 16.30 -90.04
N GLN O 3 10.06 16.01 -89.61
CA GLN O 3 8.86 16.40 -90.33
C GLN O 3 8.04 17.36 -89.49
N TYR O 4 7.63 18.47 -90.11
CA TYR O 4 6.77 19.45 -89.49
C TYR O 4 5.31 19.31 -89.93
N SER O 5 4.98 18.25 -90.65
CA SER O 5 3.63 18.06 -91.15
C SER O 5 2.70 17.62 -90.03
N ILE O 6 1.41 17.91 -90.22
CA ILE O 6 0.37 17.54 -89.27
C ILE O 6 -0.71 16.76 -90.00
N GLN O 7 -1.06 15.60 -89.48
CA GLN O 7 -2.09 14.76 -90.07
C GLN O 7 -3.47 15.17 -89.53
N GLN O 8 -4.51 14.71 -90.22
CA GLN O 8 -5.88 15.00 -89.84
C GLN O 8 -6.52 13.89 -89.03
N SER O 9 -6.25 12.63 -89.36
CA SER O 9 -6.73 11.48 -88.62
C SER O 9 -5.56 10.79 -87.92
N LEU O 10 -5.88 9.98 -86.92
CA LEU O 10 -4.85 9.42 -86.05
C LEU O 10 -4.22 8.17 -86.65
N GLY O 11 -5.00 7.11 -86.83
CA GLY O 11 -4.43 5.85 -87.25
C GLY O 11 -3.70 5.13 -86.12
N ASN O 12 -2.73 4.30 -86.49
CA ASN O 12 -1.97 3.53 -85.51
C ASN O 12 -0.65 4.18 -85.12
N ALA O 13 -0.11 5.07 -85.93
CA ALA O 13 1.15 5.72 -85.58
C ALA O 13 0.94 6.72 -84.44
N SER O 14 2.03 7.00 -83.73
CA SER O 14 1.98 7.94 -82.62
C SER O 14 2.24 9.35 -83.13
N GLY O 15 1.39 10.28 -82.72
CA GLY O 15 1.55 11.66 -83.14
C GLY O 15 0.34 12.48 -82.71
N VAL O 16 0.39 13.75 -83.11
CA VAL O 16 -0.68 14.69 -82.80
C VAL O 16 -1.35 15.09 -84.11
N ALA O 17 -2.68 14.99 -84.15
CA ALA O 17 -3.44 15.29 -85.35
C ALA O 17 -4.51 16.33 -85.04
N VAL O 18 -4.77 17.22 -85.99
CA VAL O 18 -5.79 18.24 -85.86
C VAL O 18 -6.71 18.17 -87.08
N SER O 19 -8.01 18.30 -86.83
CA SER O 19 -9.01 18.23 -87.88
C SER O 19 -9.17 19.58 -88.56
N PRO O 20 -9.69 19.61 -89.78
CA PRO O 20 -9.99 20.90 -90.42
C PRO O 20 -11.05 21.67 -89.66
N ILE O 21 -10.98 23.00 -89.76
CA ILE O 21 -11.88 23.85 -88.99
C ILE O 21 -13.32 23.63 -89.43
N ASN O 22 -14.20 23.40 -88.46
CA ASN O 22 -15.61 23.14 -88.71
C ASN O 22 -16.40 24.41 -88.43
N ALA O 23 -17.13 24.89 -89.43
CA ALA O 23 -17.86 26.14 -89.29
C ALA O 23 -19.12 25.99 -88.46
N ASP O 24 -19.86 24.90 -88.63
CA ASP O 24 -21.17 24.72 -87.99
C ASP O 24 -21.19 23.52 -87.06
N ALA O 25 -20.74 23.73 -85.83
CA ALA O 25 -20.81 22.71 -84.79
C ALA O 25 -20.83 23.40 -83.44
N THR O 26 -21.29 22.65 -82.43
CA THR O 26 -21.46 23.20 -81.09
C THR O 26 -20.75 22.30 -80.08
N LEU O 27 -20.40 22.90 -78.95
CA LEU O 27 -19.75 22.20 -77.85
C LEU O 27 -20.54 22.45 -76.57
N SER O 28 -20.87 21.38 -75.85
CA SER O 28 -21.62 21.46 -74.61
C SER O 28 -20.82 20.79 -73.50
N THR O 29 -20.74 21.46 -72.36
CA THR O 29 -20.00 20.96 -71.21
C THR O 29 -20.82 21.14 -69.94
N GLY O 30 -20.54 20.29 -68.95
CA GLY O 30 -21.25 20.37 -67.70
C GLY O 30 -20.82 19.26 -66.78
N VAL O 31 -21.49 19.18 -65.63
CA VAL O 31 -21.21 18.15 -64.63
C VAL O 31 -22.53 17.49 -64.24
N ALA O 32 -22.44 16.25 -63.77
CA ALA O 32 -23.59 15.46 -63.36
C ALA O 32 -23.75 15.56 -61.85
N LEU O 33 -24.90 16.07 -61.40
CA LEU O 33 -25.14 16.24 -59.98
C LEU O 33 -25.85 15.04 -59.37
N ASN O 34 -26.88 14.53 -60.04
CA ASN O 34 -27.51 13.25 -59.68
C ASN O 34 -28.13 13.30 -58.29
N SER O 35 -28.53 14.49 -57.84
CA SER O 35 -29.27 14.57 -56.58
C SER O 35 -30.72 14.15 -56.77
N SER O 36 -31.29 14.46 -57.93
CA SER O 36 -32.63 14.02 -58.31
C SER O 36 -32.60 13.62 -59.78
N LEU O 37 -33.49 12.71 -60.16
CA LEU O 37 -33.55 12.23 -61.53
C LEU O 37 -34.97 12.34 -62.05
N TRP O 38 -35.09 12.57 -63.37
CA TRP O 38 -36.38 12.71 -64.02
C TRP O 38 -36.54 11.63 -65.09
N ALA O 39 -37.79 11.35 -65.43
CA ALA O 39 -38.12 10.38 -66.46
C ALA O 39 -39.14 10.99 -67.41
N GLY O 40 -39.09 10.59 -68.67
CA GLY O 40 -39.97 11.17 -69.66
C GLY O 40 -40.15 10.29 -70.88
N ILE O 41 -41.07 10.71 -71.73
CA ILE O 41 -41.43 10.03 -72.97
C ILE O 41 -41.49 11.07 -74.09
N GLY O 42 -40.98 10.71 -75.26
CA GLY O 42 -40.96 11.70 -76.33
C GLY O 42 -40.53 11.13 -77.67
N VAL O 43 -40.41 12.03 -78.63
CA VAL O 43 -40.02 11.72 -80.01
C VAL O 43 -38.77 12.51 -80.34
N PHE O 44 -37.75 11.82 -80.85
CA PHE O 44 -36.45 12.44 -81.11
C PHE O 44 -35.97 12.00 -82.48
N ALA O 45 -34.71 12.34 -82.79
CA ALA O 45 -34.10 12.07 -84.09
C ALA O 45 -33.17 10.87 -84.07
N ARG O 46 -32.51 10.58 -82.95
CA ARG O 46 -31.58 9.47 -82.86
C ARG O 46 -31.66 8.84 -81.49
N GLY O 47 -31.42 7.54 -81.43
CA GLY O 47 -31.46 6.79 -80.19
C GLY O 47 -32.21 5.50 -80.46
N LYS O 48 -31.84 4.44 -79.74
CA LYS O 48 -32.47 3.15 -79.93
C LYS O 48 -33.92 3.22 -79.44
N PRO O 49 -34.90 2.93 -80.30
CA PRO O 49 -36.29 3.10 -79.88
C PRO O 49 -36.72 2.06 -78.86
N PHE O 50 -37.68 2.45 -78.02
CA PHE O 50 -38.29 1.58 -77.02
C PHE O 50 -37.25 0.96 -76.10
N THR O 51 -36.38 1.81 -75.55
CA THR O 51 -35.37 1.39 -74.60
C THR O 51 -34.96 2.59 -73.77
N VAL O 52 -34.79 2.38 -72.47
CA VAL O 52 -34.45 3.47 -71.56
C VAL O 52 -33.04 3.95 -71.84
N LEU O 53 -32.89 5.25 -72.05
CA LEU O 53 -31.60 5.87 -72.36
C LEU O 53 -31.23 6.83 -71.23
N ALA O 54 -30.03 6.69 -70.70
CA ALA O 54 -29.50 7.59 -69.69
C ALA O 54 -28.92 8.82 -70.37
N VAL O 55 -29.40 9.99 -69.98
CA VAL O 55 -29.07 11.25 -70.65
C VAL O 55 -28.48 12.20 -69.63
N THR O 56 -27.32 12.77 -69.94
CA THR O 56 -26.67 13.78 -69.11
C THR O 56 -26.50 15.07 -69.89
N GLU O 57 -26.04 16.11 -69.19
CA GLU O 57 -25.87 17.41 -69.82
C GLU O 57 -24.82 17.37 -70.92
N SER O 58 -23.73 16.64 -70.70
CA SER O 58 -22.62 16.68 -71.63
C SER O 58 -22.88 15.84 -72.89
N ASN O 59 -23.63 14.75 -72.78
CA ASN O 59 -23.77 13.80 -73.88
C ASN O 59 -25.19 13.72 -74.42
N TYR O 60 -26.03 14.73 -74.16
CA TYR O 60 -27.40 14.65 -74.64
C TYR O 60 -27.47 14.81 -76.15
N GLU O 61 -26.61 15.67 -76.72
CA GLU O 61 -26.62 15.87 -78.17
C GLU O 61 -26.23 14.60 -78.91
N ASP O 62 -25.21 13.89 -78.42
CA ASP O 62 -24.76 12.69 -79.10
C ASP O 62 -25.79 11.57 -79.01
N VAL O 63 -26.39 11.39 -77.84
CA VAL O 63 -27.37 10.31 -77.66
C VAL O 63 -28.65 10.61 -78.43
N LEU O 64 -29.16 11.83 -78.33
CA LEU O 64 -30.46 12.17 -78.89
C LEU O 64 -30.39 12.76 -80.30
N GLY O 65 -29.20 13.04 -80.82
CA GLY O 65 -29.08 13.60 -82.14
C GLY O 65 -29.36 15.10 -82.16
N GLU O 66 -29.26 15.66 -83.37
CA GLU O 66 -29.47 17.09 -83.54
C GLU O 66 -30.95 17.44 -83.34
N PRO O 67 -31.23 18.68 -82.94
CA PRO O 67 -32.63 19.08 -82.78
C PRO O 67 -33.40 19.05 -84.08
N LEU O 68 -34.69 18.77 -84.00
CA LEU O 68 -35.56 18.73 -85.16
C LEU O 68 -36.13 20.12 -85.43
N LYS O 69 -36.28 20.43 -86.73
CA LYS O 69 -36.63 21.78 -87.16
C LYS O 69 -38.10 22.07 -86.87
N PRO O 70 -38.41 23.20 -86.21
CA PRO O 70 -39.82 23.53 -85.95
C PRO O 70 -40.65 23.77 -87.21
N SER O 71 -40.02 24.13 -88.33
CA SER O 71 -40.78 24.39 -89.54
C SER O 71 -41.36 23.12 -90.15
N SER O 72 -40.89 21.95 -89.73
CA SER O 72 -41.37 20.67 -90.24
C SER O 72 -42.09 19.96 -89.08
N GLY O 73 -43.41 20.01 -89.11
CA GLY O 73 -44.19 19.26 -88.12
C GLY O 73 -44.12 19.86 -86.72
N SER O 74 -44.41 19.00 -85.75
CA SER O 74 -44.47 19.38 -84.34
C SER O 74 -43.59 18.48 -83.48
N GLN O 75 -42.47 18.01 -84.04
CA GLN O 75 -41.55 17.15 -83.29
C GLN O 75 -40.59 17.94 -82.42
N PHE O 76 -40.58 19.26 -82.53
CA PHE O 76 -39.52 20.07 -81.94
C PHE O 76 -39.69 20.29 -80.45
N GLU O 77 -40.82 19.94 -79.87
CA GLU O 77 -41.11 20.31 -78.49
C GLU O 77 -40.36 19.46 -77.47
N PRO O 78 -40.37 18.12 -77.56
CA PRO O 78 -39.72 17.32 -76.51
C PRO O 78 -38.24 17.62 -76.32
N ILE O 79 -37.51 17.93 -77.39
CA ILE O 79 -36.09 18.21 -77.21
C ILE O 79 -35.88 19.52 -76.46
N ARG O 80 -36.73 20.53 -76.72
CA ARG O 80 -36.65 21.76 -75.95
C ARG O 80 -36.96 21.51 -74.49
N HIS O 81 -37.96 20.67 -74.21
CA HIS O 81 -38.27 20.34 -72.83
C HIS O 81 -37.10 19.65 -72.15
N VAL O 82 -36.46 18.71 -72.84
CA VAL O 82 -35.31 18.00 -72.28
C VAL O 82 -34.17 18.96 -72.00
N TYR O 83 -33.91 19.88 -72.94
CA TYR O 83 -32.85 20.86 -72.72
C TYR O 83 -33.13 21.74 -71.52
N GLU O 84 -34.38 22.19 -71.36
CA GLU O 84 -34.73 23.00 -70.20
C GLU O 84 -34.55 22.23 -68.90
N ALA O 85 -34.98 20.96 -68.88
CA ALA O 85 -34.93 20.18 -67.65
C ALA O 85 -33.56 19.62 -67.35
N ILE O 86 -32.62 19.65 -68.30
CA ILE O 86 -31.33 18.98 -68.12
C ILE O 86 -30.27 19.89 -67.51
N GLN O 87 -30.52 21.19 -67.40
CA GLN O 87 -29.49 22.07 -66.86
C GLN O 87 -29.32 21.94 -65.37
N GLN O 88 -30.22 21.24 -64.67
CA GLN O 88 -30.09 20.98 -63.25
C GLN O 88 -29.48 19.61 -62.98
N THR O 89 -30.14 18.54 -63.42
CA THR O 89 -29.68 17.18 -63.17
C THR O 89 -29.87 16.35 -64.44
N SER O 90 -29.55 15.06 -64.33
CA SER O 90 -29.68 14.14 -65.44
C SER O 90 -30.99 13.35 -65.32
N GLY O 91 -31.21 12.44 -66.26
CA GLY O 91 -32.45 11.68 -66.26
C GLY O 91 -32.46 10.62 -67.34
N TYR O 92 -33.64 10.03 -67.53
CA TYR O 92 -33.84 8.94 -68.48
C TYR O 92 -35.00 9.27 -69.40
N VAL O 93 -34.89 8.85 -70.67
CA VAL O 93 -35.96 9.03 -71.64
C VAL O 93 -36.18 7.72 -72.39
N VAL O 94 -37.37 7.60 -72.98
CA VAL O 94 -37.74 6.47 -73.83
C VAL O 94 -38.24 7.03 -75.15
N ARG O 95 -37.74 6.49 -76.26
CA ARG O 95 -38.03 7.00 -77.59
C ARG O 95 -39.16 6.22 -78.23
N ALA O 96 -40.12 6.94 -78.81
CA ALA O 96 -41.23 6.35 -79.55
C ALA O 96 -41.10 6.72 -81.02
N VAL O 97 -41.34 5.75 -81.89
CA VAL O 97 -41.08 5.91 -83.32
C VAL O 97 -42.31 5.47 -84.11
N PRO O 98 -42.64 6.10 -85.24
CA PRO O 98 -43.78 5.65 -86.04
C PRO O 98 -43.54 4.32 -86.73
N ASP O 99 -44.52 3.87 -87.51
CA ASP O 99 -44.41 2.59 -88.20
C ASP O 99 -43.66 2.68 -89.52
N ASP O 100 -43.42 3.89 -90.03
CA ASP O 100 -42.74 4.04 -91.32
C ASP O 100 -41.23 3.91 -91.19
N ALA O 101 -40.69 4.09 -89.99
CA ALA O 101 -39.25 4.10 -89.82
C ALA O 101 -38.64 2.72 -90.03
N LYS O 102 -37.45 2.71 -90.64
CA LYS O 102 -36.72 1.48 -90.92
C LYS O 102 -35.24 1.70 -90.60
N PHE O 103 -34.49 0.61 -90.54
CA PHE O 103 -33.08 0.68 -90.27
C PHE O 103 -32.30 -0.11 -91.33
N PRO O 104 -31.11 0.36 -91.70
CA PRO O 104 -30.35 -0.30 -92.75
C PRO O 104 -29.64 -1.57 -92.30
N ILE O 105 -29.37 -2.43 -93.26
CA ILE O 105 -28.74 -3.73 -93.01
C ILE O 105 -27.98 -4.15 -94.25
N ILE O 106 -26.80 -4.73 -94.05
CA ILE O 106 -25.95 -5.24 -95.13
C ILE O 106 -25.84 -6.74 -94.95
N MET O 107 -26.17 -7.49 -96.01
CA MET O 107 -26.16 -8.95 -95.98
C MET O 107 -25.04 -9.45 -96.88
N PHE O 108 -24.17 -10.29 -96.31
CA PHE O 108 -23.12 -10.96 -97.06
C PHE O 108 -23.56 -12.40 -97.35
N ASP O 109 -22.71 -13.11 -98.09
CA ASP O 109 -22.93 -14.53 -98.36
C ASP O 109 -21.56 -15.20 -98.47
N GLU O 110 -21.56 -16.42 -99.00
CA GLU O 110 -20.30 -17.09 -99.30
C GLU O 110 -19.53 -16.29 -100.34
N SER O 111 -18.21 -16.28 -100.19
CA SER O 111 -17.27 -15.49 -100.99
C SER O 111 -17.43 -13.99 -100.80
N GLY O 112 -18.33 -13.55 -99.92
CA GLY O 112 -18.45 -12.15 -99.55
C GLY O 112 -19.01 -11.24 -100.62
N GLU O 113 -20.26 -11.45 -101.00
CA GLU O 113 -20.93 -10.57 -101.96
C GLU O 113 -22.01 -9.80 -101.24
N PRO O 114 -21.82 -8.52 -100.95
CA PRO O 114 -22.80 -7.77 -100.14
C PRO O 114 -24.09 -7.49 -100.89
N ALA O 115 -25.17 -7.38 -100.11
CA ALA O 115 -26.47 -6.95 -100.60
C ALA O 115 -27.08 -6.02 -99.57
N TYR O 116 -27.90 -5.09 -100.04
CA TYR O 116 -28.43 -4.01 -99.22
C TYR O 116 -29.95 -4.12 -99.10
N SER O 117 -30.46 -3.80 -97.92
CA SER O 117 -31.90 -3.87 -97.65
C SER O 117 -32.22 -3.02 -96.44
N ALA O 118 -33.51 -2.91 -96.13
CA ALA O 118 -33.99 -2.19 -94.97
C ALA O 118 -35.23 -2.90 -94.42
N LEU O 119 -35.37 -2.90 -93.10
CA LEU O 119 -36.46 -3.58 -92.43
C LEU O 119 -37.09 -2.68 -91.38
N PRO O 120 -38.36 -2.88 -91.08
CA PRO O 120 -39.00 -2.12 -89.98
C PRO O 120 -38.40 -2.51 -88.64
N TYR O 121 -38.54 -1.59 -87.67
CA TYR O 121 -37.89 -1.78 -86.38
C TYR O 121 -38.43 -3.01 -85.64
N GLY O 122 -39.73 -3.22 -85.68
CA GLY O 122 -40.31 -4.33 -84.94
C GLY O 122 -39.90 -5.69 -85.47
N SER O 123 -39.80 -5.82 -86.79
CA SER O 123 -39.54 -7.10 -87.41
C SER O 123 -38.15 -7.62 -87.08
N GLU O 124 -38.02 -8.94 -87.10
CA GLU O 124 -36.75 -9.62 -86.86
C GLU O 124 -36.14 -10.08 -88.18
N ILE O 125 -34.83 -10.28 -88.16
CA ILE O 125 -34.08 -10.57 -89.38
C ILE O 125 -34.13 -12.07 -89.67
N GLU O 126 -34.53 -12.43 -90.88
CA GLU O 126 -34.53 -13.80 -91.35
C GLU O 126 -33.55 -13.91 -92.51
N LEU O 127 -32.65 -14.89 -92.43
CA LEU O 127 -31.59 -15.05 -93.42
C LEU O 127 -32.04 -16.06 -94.46
N ASP O 128 -32.13 -15.62 -95.71
CA ASP O 128 -32.55 -16.48 -96.80
C ASP O 128 -31.43 -17.49 -97.09
N SER O 129 -31.83 -18.63 -97.67
CA SER O 129 -30.85 -19.67 -97.98
C SER O 129 -29.82 -19.17 -98.98
N GLY O 130 -28.55 -19.44 -98.70
CA GLY O 130 -27.48 -18.92 -99.52
C GLY O 130 -26.83 -17.66 -99.01
N GLU O 131 -27.13 -17.25 -97.79
CA GLU O 131 -26.54 -16.07 -97.17
C GLU O 131 -25.87 -16.47 -95.86
N ALA O 132 -24.69 -15.92 -95.61
CA ALA O 132 -23.87 -16.35 -94.48
C ALA O 132 -24.18 -15.53 -93.22
N PHE O 133 -24.08 -14.22 -93.29
CA PHE O 133 -24.25 -13.38 -92.12
C PHE O 133 -24.71 -11.99 -92.56
N ALA O 134 -25.20 -11.22 -91.60
CA ALA O 134 -25.68 -9.87 -91.85
C ALA O 134 -25.21 -8.95 -90.73
N ILE O 135 -24.97 -7.69 -91.08
CA ILE O 135 -24.57 -6.67 -90.13
C ILE O 135 -25.50 -5.49 -90.30
N TYR O 136 -26.07 -5.01 -89.19
CA TYR O 136 -27.06 -3.94 -89.22
C TYR O 136 -26.77 -2.93 -88.14
N VAL O 137 -27.28 -1.72 -88.33
CA VAL O 137 -27.06 -0.63 -87.39
C VAL O 137 -28.08 -0.72 -86.27
N ASP O 138 -27.59 -0.83 -85.03
CA ASP O 138 -28.45 -0.92 -83.85
C ASP O 138 -28.68 0.43 -83.18
N ASP O 139 -28.02 1.49 -83.65
CA ASP O 139 -28.11 2.78 -83.00
C ASP O 139 -29.46 3.46 -83.20
N GLY O 140 -30.30 2.95 -84.09
CA GLY O 140 -31.55 3.63 -84.40
C GLY O 140 -31.34 4.98 -85.03
N ASP O 141 -30.38 5.07 -85.95
CA ASP O 141 -30.04 6.33 -86.61
C ASP O 141 -30.11 6.13 -88.11
N PRO O 142 -31.00 6.82 -88.81
CA PRO O 142 -30.92 6.81 -90.28
C PRO O 142 -29.62 7.43 -90.73
N CYS O 143 -29.05 6.86 -91.79
CA CYS O 143 -27.75 7.30 -92.30
C CYS O 143 -27.91 8.25 -93.48
N ILE O 144 -28.89 9.15 -93.41
CA ILE O 144 -29.21 10.02 -94.53
C ILE O 144 -28.15 11.09 -94.72
N SER O 145 -27.99 11.99 -93.74
CA SER O 145 -27.08 13.09 -94.00
C SER O 145 -25.62 12.72 -93.71
N PRO O 146 -25.27 12.16 -92.53
CA PRO O 146 -23.90 11.63 -92.39
C PRO O 146 -23.84 10.16 -92.78
N THR O 147 -23.13 9.83 -93.85
CA THR O 147 -23.08 8.46 -94.31
C THR O 147 -22.11 7.64 -93.48
N ARG O 148 -22.34 6.33 -93.45
CA ARG O 148 -21.50 5.39 -92.71
C ARG O 148 -21.09 4.25 -93.63
N GLU O 149 -19.82 3.83 -93.54
CA GLU O 149 -19.26 2.85 -94.46
C GLU O 149 -18.51 1.78 -93.69
N LEU O 150 -18.37 0.62 -94.33
CA LEU O 150 -17.62 -0.50 -93.78
C LEU O 150 -16.48 -0.89 -94.70
N THR O 151 -15.34 -1.24 -94.10
CA THR O 151 -14.21 -1.79 -94.82
C THR O 151 -13.75 -3.06 -94.11
N ILE O 152 -13.34 -4.04 -94.91
CA ILE O 152 -12.93 -5.35 -94.40
C ILE O 152 -11.52 -5.63 -94.86
N GLU O 153 -10.65 -5.98 -93.92
CA GLU O 153 -9.24 -6.26 -94.21
C GLU O 153 -8.86 -7.55 -93.51
N THR O 154 -8.25 -8.47 -94.25
CA THR O 154 -7.85 -9.74 -93.68
C THR O 154 -6.64 -9.57 -92.77
N ALA O 155 -6.46 -10.51 -91.85
CA ALA O 155 -5.34 -10.47 -90.91
C ALA O 155 -4.70 -11.84 -90.77
N THR O 156 -3.72 -11.95 -89.89
CA THR O 156 -3.06 -13.22 -89.64
C THR O 156 -3.95 -14.13 -88.80
N ALA O 157 -3.87 -15.43 -89.10
CA ALA O 157 -4.64 -16.40 -88.34
C ALA O 157 -4.10 -16.51 -86.92
N ASP O 158 -4.98 -16.93 -86.01
CA ASP O 158 -4.61 -17.02 -84.61
C ASP O 158 -3.82 -18.31 -84.35
N SER O 159 -3.61 -18.61 -83.06
CA SER O 159 -2.80 -19.76 -82.69
C SER O 159 -3.42 -21.07 -83.16
N ALA O 160 -4.73 -21.19 -83.05
CA ALA O 160 -5.43 -22.41 -83.47
C ALA O 160 -5.56 -22.53 -84.98
N GLY O 161 -5.19 -21.49 -85.74
CA GLY O 161 -5.27 -21.53 -87.18
C GLY O 161 -6.56 -21.01 -87.78
N ASN O 162 -7.47 -20.50 -86.97
CA ASN O 162 -8.73 -19.96 -87.48
C ASN O 162 -8.49 -18.62 -88.16
N GLU O 163 -9.23 -18.37 -89.24
CA GLU O 163 -9.08 -17.13 -89.98
C GLU O 163 -9.68 -15.96 -89.21
N ARG O 164 -9.08 -14.79 -89.36
CA ARG O 164 -9.54 -13.57 -88.73
C ARG O 164 -9.43 -12.41 -89.71
N PHE O 165 -10.22 -11.36 -89.46
CA PHE O 165 -10.17 -10.16 -90.28
C PHE O 165 -10.46 -8.95 -89.41
N LEU O 166 -10.32 -7.77 -90.01
CA LEU O 166 -10.59 -6.51 -89.34
C LEU O 166 -11.84 -5.86 -89.92
N LEU O 167 -12.69 -5.35 -89.05
CA LEU O 167 -13.89 -4.60 -89.43
C LEU O 167 -13.73 -3.17 -88.94
N LYS O 168 -13.84 -2.22 -89.88
CA LYS O 168 -13.61 -0.81 -89.58
C LYS O 168 -14.82 0.01 -90.02
N LEU O 169 -15.22 0.96 -89.18
CA LEU O 169 -16.39 1.81 -89.44
C LEU O 169 -15.95 3.26 -89.50
N THR O 170 -16.41 3.96 -90.54
CA THR O 170 -16.07 5.36 -90.75
C THR O 170 -17.34 6.15 -91.05
N GLN O 171 -17.25 7.46 -90.83
CA GLN O 171 -18.37 8.37 -91.04
C GLN O 171 -17.94 9.50 -91.97
N THR O 172 -18.77 9.81 -92.95
CA THR O 172 -18.47 10.83 -93.94
C THR O 172 -19.57 11.90 -93.95
N THR O 173 -19.16 13.16 -93.96
CA THR O 173 -20.09 14.27 -93.96
C THR O 173 -20.46 14.64 -95.40
N SER O 174 -21.21 15.73 -95.56
CA SER O 174 -21.64 16.14 -96.89
C SER O 174 -20.51 16.78 -97.69
N LEU O 175 -19.56 17.43 -97.02
CA LEU O 175 -18.45 18.07 -97.72
C LEU O 175 -17.34 17.09 -98.09
N GLY O 176 -17.42 15.85 -97.65
CA GLY O 176 -16.41 14.86 -97.96
C GLY O 176 -15.42 14.58 -96.85
N VAL O 177 -15.60 15.16 -95.66
CA VAL O 177 -14.71 14.89 -94.55
C VAL O 177 -14.98 13.50 -94.01
N VAL O 178 -13.92 12.71 -93.83
CA VAL O 178 -14.03 11.33 -93.37
C VAL O 178 -13.45 11.24 -91.96
N THR O 179 -14.23 10.65 -91.05
CA THR O 179 -13.86 10.50 -89.66
C THR O 179 -13.89 9.04 -89.27
N THR O 180 -12.95 8.62 -88.43
CA THR O 180 -12.84 7.24 -87.99
C THR O 180 -13.66 7.03 -86.72
N LEU O 181 -14.38 5.90 -86.65
CA LEU O 181 -15.28 5.63 -85.54
C LEU O 181 -14.83 4.43 -84.71
N GLU O 182 -14.62 3.27 -85.33
CA GLU O 182 -14.37 2.04 -84.59
C GLU O 182 -13.53 1.09 -85.42
N THR O 183 -12.84 0.18 -84.73
CA THR O 183 -12.12 -0.92 -85.36
C THR O 183 -12.30 -2.16 -84.49
N HIS O 184 -12.25 -3.34 -85.12
CA HIS O 184 -12.40 -4.60 -84.41
C HIS O 184 -11.59 -5.69 -85.11
N THR O 185 -11.25 -6.73 -84.36
CA THR O 185 -10.71 -7.97 -84.91
C THR O 185 -11.76 -9.04 -84.72
N VAL O 186 -12.20 -9.65 -85.83
CA VAL O 186 -13.37 -10.51 -85.82
C VAL O 186 -13.03 -11.82 -86.52
N SER O 187 -13.71 -12.89 -86.11
CA SER O 187 -13.56 -14.20 -86.72
C SER O 187 -14.93 -14.83 -86.92
N LEU O 188 -14.99 -15.79 -87.84
CA LEU O 188 -16.23 -16.49 -88.17
C LEU O 188 -16.32 -17.87 -87.55
N ALA O 189 -15.44 -18.19 -86.60
CA ALA O 189 -15.45 -19.46 -85.91
C ALA O 189 -15.81 -19.26 -84.44
N GLU O 190 -16.55 -20.22 -83.89
CA GLU O 190 -17.01 -20.09 -82.51
C GLU O 190 -15.85 -20.08 -81.52
N GLU O 191 -14.90 -20.99 -81.70
CA GLU O 191 -13.77 -21.09 -80.78
C GLU O 191 -12.56 -20.35 -81.35
N ALA O 192 -12.69 -19.03 -81.41
CA ALA O 192 -11.63 -18.15 -81.88
C ALA O 192 -11.35 -17.13 -80.80
N LYS O 193 -10.06 -16.88 -80.54
CA LYS O 193 -9.65 -16.01 -79.46
C LYS O 193 -8.77 -14.88 -79.97
N ASP O 194 -8.96 -13.70 -79.41
CA ASP O 194 -8.19 -12.52 -79.78
C ASP O 194 -6.77 -12.62 -79.20
N ASP O 195 -5.94 -11.67 -79.58
CA ASP O 195 -4.59 -11.61 -79.02
C ASP O 195 -4.64 -11.41 -77.51
N MET O 196 -5.51 -10.52 -77.04
CA MET O 196 -5.63 -10.26 -75.60
C MET O 196 -6.32 -11.40 -74.85
N GLY O 197 -6.89 -12.37 -75.55
CA GLY O 197 -7.56 -13.50 -74.92
C GLY O 197 -9.07 -13.48 -75.00
N ARG O 198 -9.67 -12.41 -75.54
CA ARG O 198 -11.11 -12.35 -75.69
C ARG O 198 -11.54 -13.15 -76.91
N LEU O 199 -12.84 -13.46 -76.98
CA LEU O 199 -13.37 -14.21 -78.10
C LEU O 199 -13.68 -13.28 -79.28
N CYS O 200 -13.50 -13.81 -80.49
CA CYS O 200 -13.66 -13.02 -81.71
C CYS O 200 -14.90 -13.36 -82.52
N TYR O 201 -15.79 -14.20 -82.01
CA TYR O 201 -17.00 -14.52 -82.76
C TYR O 201 -17.78 -13.24 -83.03
N LEU O 202 -18.23 -13.10 -84.28
CA LEU O 202 -18.78 -11.82 -84.73
C LEU O 202 -19.97 -11.35 -83.90
N PRO O 203 -21.02 -12.15 -83.67
CA PRO O 203 -22.14 -11.65 -82.86
C PRO O 203 -21.72 -11.28 -81.44
N THR O 204 -20.95 -12.15 -80.79
CA THR O 204 -20.54 -11.90 -79.41
C THR O 204 -19.65 -10.67 -79.31
N ALA O 205 -18.66 -10.55 -80.21
CA ALA O 205 -17.77 -9.40 -80.17
C ALA O 205 -18.52 -8.10 -80.41
N LEU O 206 -19.42 -8.08 -81.41
CA LEU O 206 -20.16 -6.86 -81.69
C LEU O 206 -21.13 -6.52 -80.56
N GLU O 207 -21.68 -7.54 -79.90
CA GLU O 207 -22.60 -7.27 -78.79
C GLU O 207 -21.86 -6.81 -77.55
N ALA O 208 -20.62 -7.24 -77.37
CA ALA O 208 -19.89 -6.92 -76.14
C ALA O 208 -19.11 -5.61 -76.21
N ARG O 209 -18.45 -5.34 -77.34
CA ARG O 209 -17.50 -4.23 -77.38
C ARG O 209 -17.80 -3.23 -78.48
N SER O 210 -19.06 -3.08 -78.87
CA SER O 210 -19.42 -2.14 -79.92
C SER O 210 -20.63 -1.32 -79.50
N LYS O 211 -20.72 -0.11 -80.07
CA LYS O 211 -21.78 0.84 -79.72
C LYS O 211 -22.82 1.03 -80.82
N TYR O 212 -22.47 0.78 -82.09
CA TYR O 212 -23.37 1.01 -83.21
C TYR O 212 -23.84 -0.28 -83.87
N LEU O 213 -22.94 -1.23 -84.09
CA LEU O 213 -23.22 -2.35 -84.98
C LEU O 213 -23.60 -3.61 -84.20
N ARG O 214 -24.45 -4.42 -84.82
CA ARG O 214 -24.81 -5.74 -84.33
C ARG O 214 -24.83 -6.68 -85.53
N ALA O 215 -24.68 -7.98 -85.26
CA ALA O 215 -24.60 -8.95 -86.34
C ALA O 215 -25.47 -10.16 -86.05
N VAL O 216 -25.93 -10.81 -87.12
CA VAL O 216 -26.71 -12.03 -87.06
C VAL O 216 -26.12 -13.04 -88.03
N VAL O 217 -25.96 -14.29 -87.57
CA VAL O 217 -25.22 -15.31 -88.29
C VAL O 217 -26.14 -16.47 -88.64
N ASN O 218 -25.92 -17.06 -89.81
CA ASN O 218 -26.66 -18.23 -90.27
C ASN O 218 -25.80 -19.47 -90.01
N GLU O 219 -26.33 -20.38 -89.19
CA GLU O 219 -25.53 -21.52 -88.73
C GLU O 219 -25.34 -22.59 -89.80
N GLU O 220 -26.11 -22.53 -90.89
CA GLU O 220 -26.03 -23.59 -91.89
C GLU O 220 -24.77 -23.49 -92.74
N LEU O 221 -24.38 -22.27 -93.12
CA LEU O 221 -23.34 -22.08 -94.11
C LEU O 221 -22.01 -21.58 -93.57
N ILE O 222 -21.94 -21.21 -92.29
CA ILE O 222 -20.69 -20.69 -91.74
C ILE O 222 -19.59 -21.75 -91.65
N SER O 223 -19.93 -23.02 -91.86
CA SER O 223 -18.90 -24.05 -91.92
C SER O 223 -17.96 -23.81 -93.10
N THR O 224 -18.51 -23.36 -94.22
CA THR O 224 -17.73 -23.05 -95.43
C THR O 224 -18.09 -21.64 -95.92
N ALA O 225 -17.44 -20.64 -95.35
CA ALA O 225 -17.65 -19.25 -95.73
C ALA O 225 -16.31 -18.56 -95.89
N LYS O 226 -16.26 -17.59 -96.80
CA LYS O 226 -15.04 -16.87 -97.10
C LYS O 226 -15.32 -15.37 -97.08
N VAL O 227 -14.27 -14.59 -96.79
CA VAL O 227 -14.35 -13.14 -96.77
C VAL O 227 -13.20 -12.57 -97.58
N THR O 228 -13.47 -11.50 -98.31
CA THR O 228 -12.48 -10.83 -99.15
C THR O 228 -12.37 -9.37 -98.72
N ASN O 229 -11.35 -8.69 -99.26
CA ASN O 229 -11.13 -7.30 -98.93
C ASN O 229 -12.10 -6.41 -99.70
N LYS O 230 -12.93 -5.66 -98.96
CA LYS O 230 -13.88 -4.72 -99.55
C LYS O 230 -13.63 -3.35 -98.94
N LYS O 231 -14.03 -2.30 -99.66
CA LYS O 231 -13.79 -0.95 -99.22
C LYS O 231 -15.04 -0.09 -99.40
N SER O 232 -15.42 0.62 -98.33
CA SER O 232 -16.45 1.65 -98.37
C SER O 232 -17.79 1.13 -98.87
N LEU O 233 -18.37 0.22 -98.08
CA LEU O 233 -19.74 -0.23 -98.29
C LEU O 233 -20.67 0.62 -97.43
N ALA O 234 -21.54 1.40 -98.07
CA ALA O 234 -22.36 2.37 -97.38
C ALA O 234 -23.78 1.85 -97.20
N PHE O 235 -24.32 2.06 -96.00
CA PHE O 235 -25.69 1.67 -95.72
C PHE O 235 -26.66 2.56 -96.50
N THR O 236 -27.77 1.96 -96.94
CA THR O 236 -28.80 2.69 -97.66
C THR O 236 -30.17 2.18 -97.23
N GLY O 237 -31.17 3.05 -97.34
CA GLY O 237 -32.55 2.70 -97.06
C GLY O 237 -33.06 3.07 -95.68
N GLY O 238 -32.17 3.47 -94.76
CA GLY O 238 -32.61 3.82 -93.42
C GLY O 238 -33.34 5.15 -93.42
N THR O 239 -34.61 5.14 -93.02
CA THR O 239 -35.44 6.33 -93.06
C THR O 239 -36.17 6.52 -91.74
N ASN O 240 -36.49 7.78 -91.46
CA ASN O 240 -37.37 8.16 -90.37
C ASN O 240 -38.71 8.55 -90.97
N GLY O 241 -39.78 7.92 -90.51
CA GLY O 241 -41.09 8.16 -91.08
C GLY O 241 -41.64 9.51 -90.68
N ASP O 242 -42.88 9.75 -91.11
CA ASP O 242 -43.58 10.98 -90.74
C ASP O 242 -43.84 10.95 -89.24
N GLN O 243 -43.07 11.72 -88.49
CA GLN O 243 -43.13 11.70 -87.04
C GLN O 243 -44.16 12.66 -86.47
N SER O 244 -44.91 13.36 -87.32
CA SER O 244 -45.99 14.22 -86.86
C SER O 244 -47.28 13.44 -86.63
N LYS O 245 -47.34 12.18 -87.02
CA LYS O 245 -48.52 11.35 -86.85
C LYS O 245 -48.09 10.04 -86.19
N ILE O 246 -48.23 9.98 -84.86
CA ILE O 246 -47.89 8.80 -84.09
C ILE O 246 -49.12 8.35 -83.32
N SER O 247 -49.46 7.07 -83.45
CA SER O 247 -50.66 6.54 -82.82
C SER O 247 -50.48 6.46 -81.31
N THR O 248 -51.59 6.32 -80.60
CA THR O 248 -51.55 6.20 -79.15
C THR O 248 -50.95 4.88 -78.70
N ALA O 249 -50.92 3.87 -79.56
CA ALA O 249 -50.31 2.59 -79.20
C ALA O 249 -48.83 2.75 -78.90
N ALA O 250 -48.13 3.55 -79.70
CA ALA O 250 -46.70 3.78 -79.45
C ALA O 250 -46.47 4.47 -78.10
N TYR O 251 -47.28 5.48 -77.79
CA TYR O 251 -47.15 6.14 -76.49
C TYR O 251 -47.43 5.18 -75.35
N LEU O 252 -48.47 4.36 -75.48
CA LEU O 252 -48.78 3.41 -74.40
C LEU O 252 -47.68 2.38 -74.23
N ARG O 253 -47.11 1.90 -75.34
CA ARG O 253 -46.00 0.95 -75.26
C ARG O 253 -44.79 1.57 -74.57
N ALA O 254 -44.46 2.81 -74.93
CA ALA O 254 -43.31 3.45 -74.31
C ALA O 254 -43.56 3.75 -72.84
N VAL O 255 -44.80 4.08 -72.47
CA VAL O 255 -45.14 4.25 -71.06
C VAL O 255 -44.96 2.94 -70.31
N LYS O 256 -45.42 1.83 -70.89
CA LYS O 256 -45.22 0.54 -70.26
C LYS O 256 -43.73 0.23 -70.10
N VAL O 257 -42.92 0.58 -71.09
CA VAL O 257 -41.47 0.40 -70.96
C VAL O 257 -40.94 1.24 -69.80
N LEU O 258 -41.40 2.49 -69.69
CA LEU O 258 -40.92 3.36 -68.62
C LEU O 258 -41.33 2.85 -67.24
N ASN O 259 -42.48 2.20 -67.14
CA ASN O 259 -42.95 1.73 -65.84
C ASN O 259 -42.01 0.68 -65.25
N ASN O 260 -41.52 -0.24 -66.09
CA ASN O 260 -40.68 -1.35 -65.64
C ASN O 260 -39.20 -1.04 -65.72
N ALA O 261 -38.83 0.23 -65.78
CA ALA O 261 -37.42 0.59 -65.83
C ALA O 261 -36.77 0.26 -64.49
N PRO O 262 -35.66 -0.49 -64.47
CA PRO O 262 -35.03 -0.85 -63.20
C PRO O 262 -34.37 0.31 -62.48
N TYR O 263 -34.24 1.47 -63.12
CA TYR O 263 -33.61 2.62 -62.51
C TYR O 263 -34.57 3.33 -61.56
N MET O 264 -34.03 4.25 -60.77
CA MET O 264 -34.81 5.01 -59.80
C MET O 264 -34.85 6.47 -60.19
N TYR O 265 -36.06 7.04 -60.25
CA TYR O 265 -36.25 8.45 -60.51
C TYR O 265 -37.29 9.00 -59.56
N THR O 266 -37.26 10.31 -59.37
CA THR O 266 -38.15 10.96 -58.41
C THR O 266 -39.08 12.00 -59.05
N ALA O 267 -39.24 11.98 -60.37
CA ALA O 267 -40.16 12.88 -61.04
C ALA O 267 -40.51 12.32 -62.41
N VAL O 268 -41.69 12.71 -62.90
CA VAL O 268 -42.17 12.32 -64.22
C VAL O 268 -42.55 13.59 -64.98
N LEU O 269 -42.07 13.72 -66.20
CA LEU O 269 -42.29 14.90 -67.02
C LEU O 269 -43.12 14.56 -68.25
N GLY O 270 -44.06 15.44 -68.59
CA GLY O 270 -44.87 15.21 -69.78
C GLY O 270 -44.07 15.27 -71.08
N LEU O 271 -43.19 16.27 -71.20
CA LEU O 271 -42.39 16.47 -72.41
C LEU O 271 -43.25 16.63 -73.65
N GLY O 272 -44.32 17.41 -73.53
CA GLY O 272 -45.13 17.76 -74.69
C GLY O 272 -45.84 16.62 -75.38
N CYS O 273 -46.51 15.75 -74.63
CA CYS O 273 -47.27 14.67 -75.25
C CYS O 273 -48.63 15.16 -75.75
N TYR O 274 -49.39 15.82 -74.89
CA TYR O 274 -50.73 16.33 -75.24
C TYR O 274 -51.65 15.21 -75.71
N ASP O 275 -51.51 14.04 -75.10
CA ASP O 275 -52.38 12.90 -75.36
C ASP O 275 -52.96 12.42 -74.04
N ASN O 276 -54.29 12.31 -73.98
CA ASN O 276 -54.95 12.08 -72.70
C ASN O 276 -54.60 10.70 -72.12
N ALA O 277 -54.58 9.67 -72.97
CA ALA O 277 -54.25 8.33 -72.49
C ALA O 277 -52.83 8.26 -71.93
N ALA O 278 -51.87 8.85 -72.66
CA ALA O 278 -50.49 8.86 -72.17
C ALA O 278 -50.39 9.64 -70.86
N ILE O 279 -51.10 10.76 -70.75
CA ILE O 279 -51.03 11.57 -69.54
C ILE O 279 -51.58 10.81 -68.35
N THR O 280 -52.72 10.13 -68.52
CA THR O 280 -53.28 9.39 -67.39
C THR O 280 -52.43 8.18 -67.04
N ALA O 281 -51.78 7.56 -68.03
CA ALA O 281 -50.85 6.47 -67.72
C ALA O 281 -49.65 6.98 -66.91
N LEU O 282 -49.12 8.14 -67.27
CA LEU O 282 -48.03 8.73 -66.50
C LEU O 282 -48.48 9.09 -65.09
N GLY O 283 -49.73 9.56 -64.96
CA GLY O 283 -50.27 9.82 -63.62
C GLY O 283 -50.38 8.55 -62.80
N LYS O 284 -50.75 7.44 -63.44
CA LYS O 284 -50.76 6.16 -62.74
C LYS O 284 -49.37 5.77 -62.28
N ILE O 285 -48.36 6.01 -63.12
CA ILE O 285 -46.98 5.74 -62.71
C ILE O 285 -46.62 6.56 -61.48
N CYS O 286 -46.98 7.85 -61.49
CA CYS O 286 -46.68 8.72 -60.36
C CYS O 286 -47.36 8.23 -59.09
N ALA O 287 -48.63 7.83 -59.19
CA ALA O 287 -49.35 7.33 -58.03
C ALA O 287 -48.84 5.97 -57.57
N ASP O 288 -48.19 5.22 -58.47
CA ASP O 288 -47.64 3.92 -58.09
C ASP O 288 -46.32 4.07 -57.35
N ARG O 289 -45.39 4.85 -57.89
CA ARG O 289 -44.07 4.95 -57.29
C ARG O 289 -44.00 5.95 -56.14
N LEU O 290 -45.06 6.72 -55.89
CA LEU O 290 -45.05 7.79 -54.89
C LEU O 290 -43.97 8.82 -55.20
N ILE O 291 -44.10 9.47 -56.36
CA ILE O 291 -43.20 10.53 -56.78
C ILE O 291 -44.05 11.70 -57.28
N ASP O 292 -43.37 12.74 -57.76
CA ASP O 292 -44.03 13.93 -58.26
C ASP O 292 -44.24 13.86 -59.77
N GLY O 293 -45.23 14.61 -60.25
CA GLY O 293 -45.50 14.66 -61.67
C GLY O 293 -45.80 16.06 -62.15
N PHE O 294 -45.16 16.48 -63.24
CA PHE O 294 -45.36 17.80 -63.83
C PHE O 294 -45.85 17.62 -65.26
N PHE O 295 -47.14 17.89 -65.49
CA PHE O 295 -47.75 17.71 -66.79
C PHE O 295 -48.25 19.04 -67.32
N ASP O 296 -48.52 19.07 -68.61
CA ASP O 296 -48.86 20.31 -69.29
C ASP O 296 -50.01 20.08 -70.25
N VAL O 297 -50.78 21.15 -70.48
CA VAL O 297 -51.85 21.13 -71.45
C VAL O 297 -51.38 21.90 -72.68
N LYS O 298 -52.12 21.80 -73.77
CA LYS O 298 -51.71 22.40 -75.03
C LYS O 298 -51.59 23.91 -74.88
N PRO O 299 -50.43 24.49 -75.21
CA PRO O 299 -50.26 25.94 -74.99
C PRO O 299 -51.01 26.80 -76.01
N THR O 300 -51.41 26.24 -77.14
CA THR O 300 -52.12 27.03 -78.15
C THR O 300 -53.58 27.26 -77.82
N LEU O 301 -54.11 26.62 -76.78
CA LEU O 301 -55.47 26.86 -76.36
C LEU O 301 -55.62 28.26 -75.77
N THR O 302 -56.81 28.84 -75.91
CA THR O 302 -57.09 30.13 -75.32
C THR O 302 -57.40 29.97 -73.83
N TYR O 303 -57.64 31.09 -73.16
CA TYR O 303 -57.93 31.05 -71.73
C TYR O 303 -59.24 30.32 -71.46
N ALA O 304 -60.24 30.53 -72.29
CA ALA O 304 -61.55 29.93 -72.05
C ALA O 304 -61.52 28.41 -72.27
N GLU O 305 -60.73 27.95 -73.24
CA GLU O 305 -60.68 26.54 -73.58
C GLU O 305 -59.75 25.74 -72.67
N ALA O 306 -58.90 26.41 -71.88
CA ALA O 306 -57.93 25.68 -71.07
C ALA O 306 -58.61 24.90 -69.94
N LEU O 307 -59.64 25.47 -69.34
CA LEU O 307 -60.28 24.84 -68.18
C LEU O 307 -60.90 23.48 -68.51
N PRO O 308 -61.72 23.33 -69.56
CA PRO O 308 -62.25 21.99 -69.85
C PRO O 308 -61.19 20.95 -70.17
N ALA O 309 -60.06 21.37 -70.76
CA ALA O 309 -59.02 20.41 -71.12
C ALA O 309 -58.43 19.75 -69.88
N VAL O 310 -58.36 20.46 -68.76
CA VAL O 310 -57.83 19.87 -67.54
C VAL O 310 -58.70 18.71 -67.08
N GLU O 311 -60.02 18.89 -67.11
CA GLU O 311 -60.92 17.79 -66.81
C GLU O 311 -60.80 16.70 -67.86
N ASP O 312 -60.54 17.08 -69.12
CA ASP O 312 -60.35 16.09 -70.17
C ASP O 312 -59.13 15.23 -69.93
N THR O 313 -58.12 15.75 -69.21
CA THR O 313 -56.93 14.96 -68.93
C THR O 313 -57.26 13.75 -68.05
N GLY O 314 -58.25 13.87 -67.19
CA GLY O 314 -58.66 12.77 -66.34
C GLY O 314 -57.95 12.68 -65.01
N LEU O 315 -57.04 13.61 -64.71
CA LEU O 315 -56.30 13.58 -63.46
C LEU O 315 -57.05 14.20 -62.29
N LEU O 316 -58.13 14.94 -62.55
CA LEU O 316 -58.85 15.59 -61.46
C LEU O 316 -59.56 14.57 -60.59
N GLY O 317 -59.51 14.79 -59.28
CA GLY O 317 -60.11 13.87 -58.33
C GLY O 317 -59.29 13.72 -57.07
N THR O 318 -59.21 12.50 -56.54
CA THR O 318 -58.47 12.23 -55.33
C THR O 318 -57.36 11.19 -55.50
N ASP O 319 -57.31 10.49 -56.64
CA ASP O 319 -56.31 9.44 -56.80
C ASP O 319 -54.92 10.01 -57.02
N TYR O 320 -54.80 11.06 -57.84
CA TYR O 320 -53.52 11.65 -58.19
C TYR O 320 -53.40 12.99 -57.49
N VAL O 321 -52.85 12.98 -56.27
CA VAL O 321 -52.73 14.20 -55.47
C VAL O 321 -51.38 14.88 -55.63
N SER O 322 -50.43 14.25 -56.31
CA SER O 322 -49.09 14.81 -56.47
C SER O 322 -48.83 15.37 -57.86
N CYS O 323 -49.84 15.38 -58.73
CA CYS O 323 -49.67 15.85 -60.10
C CYS O 323 -50.02 17.33 -60.21
N SER O 324 -49.49 17.96 -61.26
CA SER O 324 -49.72 19.38 -61.51
C SER O 324 -49.90 19.60 -63.01
N VAL O 325 -50.70 20.61 -63.35
CA VAL O 325 -51.02 20.94 -64.73
C VAL O 325 -50.74 22.41 -64.97
N TYR O 326 -50.10 22.72 -66.10
CA TYR O 326 -49.70 24.09 -66.42
C TYR O 326 -50.31 24.50 -67.76
N HIS O 327 -50.23 25.80 -68.04
CA HIS O 327 -50.79 26.37 -69.25
C HIS O 327 -50.05 27.68 -69.55
N TYR O 328 -49.31 27.71 -70.65
CA TYR O 328 -48.40 28.83 -70.95
C TYR O 328 -48.57 29.28 -72.39
N PRO O 329 -49.62 30.06 -72.67
CA PRO O 329 -49.78 30.58 -74.03
C PRO O 329 -48.91 31.81 -74.28
N PHE O 330 -47.76 31.63 -74.91
CA PHE O 330 -46.81 32.72 -75.18
C PHE O 330 -45.86 32.26 -76.27
N SER O 331 -45.19 33.23 -76.89
CA SER O 331 -44.26 32.96 -77.98
C SER O 331 -42.89 33.53 -77.65
N CYS O 332 -41.85 32.87 -78.15
CA CYS O 332 -40.48 33.27 -77.86
C CYS O 332 -39.58 32.88 -79.03
N LYS O 333 -38.42 33.53 -79.08
CA LYS O 333 -37.41 33.20 -80.09
C LYS O 333 -36.72 31.90 -79.71
N ASP O 334 -36.58 31.00 -80.68
CA ASP O 334 -35.90 29.74 -80.42
C ASP O 334 -34.40 29.96 -80.29
N LYS O 335 -33.78 29.12 -79.47
CA LYS O 335 -32.34 29.20 -79.25
C LYS O 335 -31.56 28.77 -80.50
N TRP O 336 -32.09 27.81 -81.25
CA TRP O 336 -31.36 27.20 -82.36
C TRP O 336 -31.69 27.81 -83.71
N THR O 337 -32.96 27.86 -84.09
CA THR O 337 -33.36 28.37 -85.40
C THR O 337 -33.75 29.84 -85.39
N GLN O 338 -33.71 30.49 -84.22
CA GLN O 338 -33.97 31.92 -84.09
C GLN O 338 -35.37 32.33 -84.53
N SER O 339 -36.23 31.36 -84.84
CA SER O 339 -37.58 31.65 -85.27
C SER O 339 -38.50 31.75 -84.06
N ARG O 340 -39.79 31.94 -84.31
CA ARG O 340 -40.79 32.08 -83.26
C ARG O 340 -41.50 30.76 -83.04
N VAL O 341 -41.45 30.24 -81.81
CA VAL O 341 -42.02 28.95 -81.47
C VAL O 341 -42.79 29.08 -80.17
N VAL O 342 -43.67 28.10 -79.93
CA VAL O 342 -44.48 28.02 -78.71
C VAL O 342 -44.38 26.60 -78.17
N PHE O 343 -43.97 26.47 -76.91
CA PHE O 343 -43.91 25.15 -76.28
C PHE O 343 -44.20 25.30 -74.79
N GLY O 344 -44.07 24.18 -74.07
CA GLY O 344 -44.65 24.02 -72.76
C GLY O 344 -43.80 24.54 -71.60
N LEU O 345 -44.14 24.07 -70.41
CA LEU O 345 -43.60 24.64 -69.17
C LEU O 345 -43.27 23.60 -68.10
N SER O 346 -43.14 22.32 -68.45
CA SER O 346 -42.89 21.30 -67.43
C SER O 346 -41.44 21.33 -66.96
N GLY O 347 -40.50 21.57 -67.88
CA GLY O 347 -39.09 21.55 -67.52
C GLY O 347 -38.74 22.62 -66.50
N VAL O 348 -39.34 23.80 -66.64
CA VAL O 348 -39.07 24.87 -65.68
C VAL O 348 -39.54 24.48 -64.29
N ALA O 349 -40.72 23.85 -64.19
CA ALA O 349 -41.22 23.40 -62.90
C ALA O 349 -40.31 22.37 -62.28
N TYR O 350 -39.85 21.40 -63.09
CA TYR O 350 -38.93 20.41 -62.54
C TYR O 350 -37.62 21.06 -62.09
N ALA O 351 -37.12 22.03 -62.85
CA ALA O 351 -35.89 22.70 -62.47
C ALA O 351 -36.06 23.44 -61.14
N ALA O 352 -37.21 24.08 -60.94
CA ALA O 352 -37.47 24.74 -59.67
C ALA O 352 -37.53 23.73 -58.53
N LYS O 353 -38.15 22.57 -58.76
CA LYS O 353 -38.19 21.55 -57.72
C LYS O 353 -36.80 21.05 -57.38
N ALA O 354 -35.97 20.83 -58.39
CA ALA O 354 -34.60 20.36 -58.14
C ALA O 354 -33.79 21.40 -57.38
N ARG O 355 -33.95 22.68 -57.75
CA ARG O 355 -33.27 23.74 -57.01
C ARG O 355 -33.70 23.75 -55.56
N GLY O 356 -35.00 23.55 -55.30
CA GLY O 356 -35.46 23.46 -53.92
C GLY O 356 -34.87 22.27 -53.19
N VAL O 357 -34.77 21.13 -53.86
CA VAL O 357 -34.24 19.93 -53.22
C VAL O 357 -32.77 20.10 -52.88
N LYS O 358 -32.01 20.82 -53.71
CA LYS O 358 -30.58 20.97 -53.46
C LYS O 358 -30.28 21.75 -52.18
N LYS O 359 -31.26 22.45 -51.61
CA LYS O 359 -30.97 23.35 -50.49
C LYS O 359 -30.55 22.58 -49.24
N ASN O 360 -31.20 21.45 -48.95
CA ASN O 360 -30.89 20.64 -47.80
C ASN O 360 -30.16 19.38 -48.27
N SER O 361 -29.01 19.10 -47.66
CA SER O 361 -28.15 18.01 -48.09
C SER O 361 -28.34 16.74 -47.27
N ASP O 362 -29.03 16.82 -46.13
CA ASP O 362 -29.20 15.63 -45.29
C ASP O 362 -30.34 14.75 -45.79
N VAL O 363 -31.57 15.27 -45.76
CA VAL O 363 -32.72 14.50 -46.17
C VAL O 363 -33.33 14.97 -47.47
N GLY O 364 -33.02 16.19 -47.94
CA GLY O 364 -33.45 16.68 -49.23
C GLY O 364 -34.18 18.01 -49.17
N GLY O 365 -34.87 18.28 -48.08
CA GLY O 365 -35.63 19.51 -47.99
C GLY O 365 -36.69 19.61 -49.07
N TRP O 366 -37.71 18.75 -48.98
CA TRP O 366 -38.78 18.71 -49.96
C TRP O 366 -39.92 19.66 -49.64
N HIS O 367 -39.79 20.45 -48.57
CA HIS O 367 -40.86 21.36 -48.16
C HIS O 367 -40.88 22.66 -48.96
N TYR O 368 -39.92 22.87 -49.86
CA TYR O 368 -39.88 24.09 -50.65
C TYR O 368 -40.80 23.96 -51.86
N SER O 369 -41.68 24.94 -52.03
CA SER O 369 -42.61 24.91 -53.15
C SER O 369 -41.88 25.15 -54.47
N PRO O 370 -42.36 24.55 -55.56
CA PRO O 370 -41.66 24.65 -56.84
C PRO O 370 -41.97 25.92 -57.62
N ALA O 371 -42.48 26.95 -56.95
CA ALA O 371 -42.76 28.22 -57.58
C ALA O 371 -42.21 29.35 -56.72
N GLY O 372 -41.82 30.43 -57.38
CA GLY O 372 -41.28 31.57 -56.65
C GLY O 372 -40.44 32.44 -57.55
N GLU O 373 -40.06 33.59 -57.00
CA GLU O 373 -39.30 34.58 -57.76
C GLU O 373 -37.84 34.18 -57.94
N GLU O 374 -37.28 33.40 -57.01
CA GLU O 374 -35.88 33.02 -57.08
C GLU O 374 -35.64 31.63 -57.63
N ARG O 375 -36.59 30.70 -57.46
CA ARG O 375 -36.42 29.34 -57.95
C ARG O 375 -36.88 29.19 -59.40
N ALA O 376 -38.15 29.47 -59.66
CA ALA O 376 -38.77 29.22 -60.97
C ALA O 376 -38.69 30.49 -61.80
N VAL O 377 -37.73 30.54 -62.72
CA VAL O 377 -37.58 31.63 -63.66
C VAL O 377 -37.68 31.07 -65.07
N ILE O 378 -38.42 31.75 -65.93
CA ILE O 378 -38.61 31.34 -67.32
C ILE O 378 -37.76 32.26 -68.17
N ALA O 379 -36.63 31.73 -68.65
CA ALA O 379 -35.65 32.51 -69.40
C ALA O 379 -35.82 32.24 -70.89
N ARG O 380 -36.44 33.18 -71.59
CA ARG O 380 -36.62 33.10 -73.03
C ARG O 380 -36.25 34.43 -73.66
N ALA O 381 -35.95 34.39 -74.96
CA ALA O 381 -35.32 35.53 -75.62
C ALA O 381 -36.22 36.76 -75.62
N SER O 382 -37.45 36.60 -76.11
CA SER O 382 -38.39 37.74 -76.18
C SER O 382 -39.79 37.18 -76.19
N ILE O 383 -40.58 37.52 -75.18
CA ILE O 383 -41.86 36.89 -74.92
C ILE O 383 -42.98 37.87 -75.25
N GLN O 384 -43.93 37.42 -76.07
CA GLN O 384 -45.13 38.18 -76.40
C GLN O 384 -46.35 37.31 -76.24
N PRO O 385 -47.47 37.87 -75.79
CA PRO O 385 -48.69 37.06 -75.66
C PRO O 385 -49.14 36.53 -77.02
N LEU O 386 -49.59 35.27 -77.02
CA LEU O 386 -50.04 34.67 -78.27
C LEU O 386 -51.42 35.18 -78.64
N TYR O 387 -52.27 35.47 -77.66
CA TYR O 387 -53.61 36.00 -77.87
C TYR O 387 -53.73 37.32 -77.10
N PRO O 388 -53.27 38.42 -77.67
CA PRO O 388 -53.53 39.72 -77.05
C PRO O 388 -55.01 40.06 -77.12
N GLU O 389 -55.38 41.15 -76.45
CA GLU O 389 -56.77 41.57 -76.34
C GLU O 389 -57.61 40.54 -75.60
N ASP O 390 -56.98 39.77 -74.73
CA ASP O 390 -57.63 38.72 -73.97
C ASP O 390 -57.25 38.83 -72.50
N THR O 391 -58.17 38.42 -71.62
CA THR O 391 -57.98 38.57 -70.18
C THR O 391 -58.23 37.24 -69.48
N PRO O 392 -57.39 36.86 -68.53
CA PRO O 392 -57.62 35.63 -67.77
C PRO O 392 -58.59 35.85 -66.62
N ASP O 393 -59.08 34.73 -66.08
CA ASP O 393 -59.94 34.72 -64.90
C ASP O 393 -59.24 33.92 -63.82
N GLU O 394 -58.80 34.59 -62.75
CA GLU O 394 -57.95 33.95 -61.76
C GLU O 394 -58.73 32.96 -60.90
N GLU O 395 -59.92 33.36 -60.44
CA GLU O 395 -60.69 32.48 -59.57
C GLU O 395 -61.12 31.21 -60.29
N ALA O 396 -61.47 31.33 -61.57
CA ALA O 396 -61.81 30.15 -62.35
C ALA O 396 -60.64 29.18 -62.45
N MET O 397 -59.42 29.72 -62.64
CA MET O 397 -58.25 28.85 -62.67
C MET O 397 -57.99 28.21 -61.32
N VAL O 398 -58.19 28.96 -60.23
CA VAL O 398 -57.96 28.39 -58.91
C VAL O 398 -58.95 27.26 -58.63
N LYS O 399 -60.21 27.44 -59.02
CA LYS O 399 -61.19 26.38 -58.82
C LYS O 399 -60.94 25.18 -59.72
N GLY O 400 -60.28 25.40 -60.85
CA GLY O 400 -60.01 24.34 -61.81
C GLY O 400 -58.60 23.77 -61.78
N ARG O 401 -57.77 24.17 -60.81
CA ARG O 401 -56.41 23.67 -60.64
C ARG O 401 -55.55 23.97 -61.86
N LEU O 402 -55.35 25.26 -62.11
CA LEU O 402 -54.36 25.74 -63.08
C LEU O 402 -53.40 26.70 -62.40
N ASN O 403 -52.14 26.63 -62.81
CA ASN O 403 -51.09 27.47 -62.26
C ASN O 403 -50.86 28.68 -63.17
N LYS O 404 -50.65 29.83 -62.54
CA LYS O 404 -50.52 31.10 -63.23
C LYS O 404 -49.07 31.52 -63.32
N VAL O 405 -48.83 32.59 -64.07
CA VAL O 405 -47.50 33.15 -64.28
C VAL O 405 -47.54 34.64 -63.99
N SER O 406 -46.38 35.19 -63.67
CA SER O 406 -46.28 36.61 -63.33
C SER O 406 -44.91 37.11 -63.80
N VAL O 407 -44.55 38.31 -63.34
CA VAL O 407 -43.34 39.00 -63.78
C VAL O 407 -42.44 39.23 -62.57
N GLY O 408 -41.16 38.90 -62.71
CA GLY O 408 -40.19 39.17 -61.68
C GLY O 408 -39.67 40.59 -61.73
N THR O 409 -38.80 40.92 -60.79
CA THR O 409 -38.24 42.26 -60.71
C THR O 409 -37.21 42.54 -61.80
N SER O 410 -36.76 41.51 -62.52
CA SER O 410 -35.78 41.67 -63.59
C SER O 410 -36.42 41.69 -64.97
N GLY O 411 -37.74 41.71 -65.06
CA GLY O 411 -38.42 41.71 -66.34
C GLY O 411 -38.60 40.34 -66.96
N GLN O 412 -38.36 39.27 -66.22
CA GLN O 412 -38.52 37.91 -66.72
C GLN O 412 -39.73 37.27 -66.06
N MET O 413 -40.37 36.38 -66.81
CA MET O 413 -41.61 35.74 -66.34
C MET O 413 -41.32 34.77 -65.21
N ILE O 414 -42.29 34.63 -64.31
CA ILE O 414 -42.17 33.83 -63.09
C ILE O 414 -43.41 32.97 -62.96
N ILE O 415 -43.22 31.70 -62.57
CA ILE O 415 -44.34 30.88 -62.15
C ILE O 415 -44.76 31.34 -60.77
N ASP O 416 -46.04 31.70 -60.63
CA ASP O 416 -46.51 32.39 -59.44
C ASP O 416 -47.51 31.56 -58.62
N ASP O 417 -47.59 30.26 -58.85
CA ASP O 417 -48.54 29.46 -58.09
C ASP O 417 -48.09 28.00 -58.10
N ALA O 418 -48.60 27.24 -57.13
CA ALA O 418 -48.27 25.82 -57.00
C ALA O 418 -49.49 25.12 -56.41
N LEU O 419 -50.30 24.51 -57.28
CA LEU O 419 -51.51 23.81 -56.87
C LEU O 419 -51.52 22.41 -57.48
N THR O 420 -51.95 21.43 -56.71
CA THR O 420 -52.00 20.05 -57.17
C THR O 420 -53.39 19.71 -57.69
N CYS O 421 -53.51 18.52 -58.26
CA CYS O 421 -54.77 18.06 -58.84
C CYS O 421 -55.63 17.33 -57.82
N CYS O 422 -55.88 17.98 -56.68
CA CYS O 422 -56.75 17.46 -55.64
C CYS O 422 -57.89 18.46 -55.43
N THR O 423 -59.12 17.97 -55.49
CA THR O 423 -60.30 18.82 -55.36
C THR O 423 -60.94 18.74 -53.98
N GLN O 424 -60.23 18.19 -53.00
CA GLN O 424 -60.80 17.95 -51.68
C GLN O 424 -60.72 19.15 -50.75
N ASP O 425 -60.04 20.23 -51.15
CA ASP O 425 -59.93 21.44 -50.35
C ASP O 425 -59.25 21.19 -49.01
N ASN O 426 -58.41 20.16 -48.93
CA ASN O 426 -57.68 19.84 -47.73
C ASN O 426 -56.33 20.56 -47.74
N TYR O 427 -55.43 20.14 -46.85
CA TYR O 427 -54.04 20.57 -46.89
C TYR O 427 -53.28 19.96 -48.05
N LEU O 428 -53.95 19.22 -48.94
CA LEU O 428 -53.31 18.54 -50.05
C LEU O 428 -53.34 19.35 -51.34
N HIS O 429 -53.83 20.59 -51.31
CA HIS O 429 -53.63 21.49 -52.45
C HIS O 429 -52.16 21.72 -52.73
N PHE O 430 -51.42 22.13 -51.71
CA PHE O 430 -50.08 22.63 -51.90
C PHE O 430 -49.12 21.51 -52.25
N GLN O 431 -48.16 21.82 -53.12
CA GLN O 431 -47.28 20.79 -53.66
C GLN O 431 -46.39 20.18 -52.58
N HIS O 432 -46.01 20.97 -51.58
CA HIS O 432 -44.99 20.51 -50.65
C HIS O 432 -45.50 19.48 -49.66
N VAL O 433 -46.80 19.49 -49.33
CA VAL O 433 -47.34 18.57 -48.34
C VAL O 433 -47.25 17.12 -48.85
N PRO O 434 -47.76 16.79 -50.05
CA PRO O 434 -47.54 15.44 -50.56
C PRO O 434 -46.07 15.11 -50.75
N SER O 435 -45.23 16.09 -51.07
CA SER O 435 -43.81 15.82 -51.22
C SER O 435 -43.21 15.34 -49.90
N LEU O 436 -43.53 16.02 -48.79
CA LEU O 436 -43.03 15.59 -47.50
C LEU O 436 -43.56 14.21 -47.14
N MET O 437 -44.86 13.99 -47.33
CA MET O 437 -45.44 12.70 -46.97
C MET O 437 -44.80 11.57 -47.77
N ASN O 438 -44.60 11.78 -49.08
CA ASN O 438 -44.04 10.74 -49.93
C ASN O 438 -42.58 10.49 -49.62
N ALA O 439 -41.82 11.55 -49.27
CA ALA O 439 -40.43 11.36 -48.89
C ALA O 439 -40.33 10.51 -47.63
N ILE O 440 -41.15 10.82 -46.62
CA ILE O 440 -41.13 10.02 -45.39
C ILE O 440 -41.55 8.59 -45.69
N SER O 441 -42.56 8.40 -46.54
CA SER O 441 -42.99 7.05 -46.88
C SER O 441 -41.89 6.26 -47.57
N ARG O 442 -41.18 6.88 -48.50
CA ARG O 442 -40.09 6.19 -49.19
C ARG O 442 -38.97 5.82 -48.23
N PHE O 443 -38.62 6.72 -47.31
CA PHE O 443 -37.61 6.39 -46.32
C PHE O 443 -38.05 5.23 -45.44
N PHE O 444 -39.32 5.21 -45.04
CA PHE O 444 -39.83 4.10 -44.23
C PHE O 444 -39.76 2.79 -45.01
N VAL O 445 -40.08 2.84 -46.31
CA VAL O 445 -40.04 1.62 -47.12
C VAL O 445 -38.61 1.10 -47.19
N GLN O 446 -37.64 2.00 -47.35
CA GLN O 446 -36.23 1.58 -47.36
C GLN O 446 -35.85 0.92 -46.03
N LEU O 447 -36.24 1.55 -44.92
CA LEU O 447 -35.92 0.99 -43.60
C LEU O 447 -36.53 -0.39 -43.43
N ALA O 448 -37.79 -0.56 -43.80
CA ALA O 448 -38.47 -1.84 -43.63
C ALA O 448 -37.86 -2.90 -44.54
N ARG O 449 -37.47 -2.51 -45.75
CA ARG O 449 -36.85 -3.47 -46.66
C ARG O 449 -35.51 -3.95 -46.15
N GLN O 450 -34.77 -3.08 -45.43
CA GLN O 450 -33.46 -3.49 -44.95
C GLN O 450 -33.54 -4.62 -43.93
N MET O 451 -34.53 -4.59 -43.03
CA MET O 451 -34.63 -5.57 -41.96
C MET O 451 -35.74 -6.59 -42.19
N LYS O 452 -35.92 -7.03 -43.43
CA LYS O 452 -36.91 -8.03 -43.78
C LYS O 452 -36.37 -9.44 -43.51
N HIS O 453 -37.31 -10.37 -43.29
CA HIS O 453 -36.99 -11.79 -43.14
C HIS O 453 -36.03 -12.04 -41.99
N SER O 454 -36.46 -11.67 -40.79
CA SER O 454 -35.63 -11.79 -39.61
C SER O 454 -36.40 -12.49 -38.49
N PRO O 455 -35.69 -13.20 -37.61
CA PRO O 455 -36.38 -13.93 -36.54
C PRO O 455 -37.01 -12.98 -35.52
N ASP O 456 -37.93 -13.53 -34.74
CA ASP O 456 -38.75 -12.74 -33.84
C ASP O 456 -37.91 -12.15 -32.70
N GLY O 457 -38.37 -11.01 -32.19
CA GLY O 457 -37.74 -10.33 -31.07
C GLY O 457 -36.80 -9.22 -31.44
N ILE O 458 -36.64 -8.91 -32.72
CA ILE O 458 -35.67 -7.92 -33.19
C ILE O 458 -36.34 -6.78 -33.94
N THR O 459 -37.31 -7.09 -34.80
CA THR O 459 -37.78 -6.12 -35.79
C THR O 459 -38.45 -4.92 -35.15
N ALA O 460 -39.23 -5.12 -34.09
CA ALA O 460 -40.05 -4.03 -33.55
C ALA O 460 -39.17 -2.91 -32.99
N ALA O 461 -38.15 -3.26 -32.22
CA ALA O 461 -37.29 -2.24 -31.63
C ALA O 461 -36.53 -1.47 -32.70
N GLY O 462 -35.99 -2.19 -33.69
CA GLY O 462 -35.31 -1.50 -34.78
C GLY O 462 -36.23 -0.57 -35.54
N LEU O 463 -37.45 -1.04 -35.81
CA LEU O 463 -38.43 -0.21 -36.51
C LEU O 463 -38.71 1.08 -35.75
N THR O 464 -39.02 0.96 -34.46
CA THR O 464 -39.38 2.16 -33.71
C THR O 464 -38.18 3.10 -33.57
N LYS O 465 -36.99 2.57 -33.33
CA LYS O 465 -35.81 3.41 -33.17
C LYS O 465 -35.48 4.14 -34.46
N GLY O 466 -35.43 3.42 -35.58
CA GLY O 466 -35.14 4.07 -36.85
C GLY O 466 -36.19 5.08 -37.25
N MET O 467 -37.47 4.77 -37.01
CA MET O 467 -38.52 5.70 -37.38
C MET O 467 -38.43 6.97 -36.55
N THR O 468 -38.16 6.84 -35.23
CA THR O 468 -38.00 8.03 -34.41
C THR O 468 -36.82 8.86 -34.87
N LYS O 469 -35.70 8.21 -35.21
CA LYS O 469 -34.53 8.97 -35.67
C LYS O 469 -34.83 9.71 -36.96
N LEU O 470 -35.52 9.05 -37.90
CA LEU O 470 -35.84 9.69 -39.18
C LEU O 470 -36.78 10.89 -38.97
N LEU O 471 -37.79 10.73 -38.12
CA LEU O 471 -38.69 11.85 -37.88
C LEU O 471 -38.00 12.97 -37.12
N ASP O 472 -37.04 12.66 -36.26
CA ASP O 472 -36.26 13.70 -35.61
C ASP O 472 -35.43 14.47 -36.64
N ARG O 473 -34.84 13.77 -37.61
CA ARG O 473 -34.10 14.46 -38.66
C ARG O 473 -35.00 15.36 -39.47
N PHE O 474 -36.21 14.89 -39.80
CA PHE O 474 -37.14 15.74 -40.54
C PHE O 474 -37.59 16.95 -39.73
N VAL O 475 -37.77 16.80 -38.41
CA VAL O 475 -38.09 17.95 -37.58
C VAL O 475 -36.93 18.95 -37.58
N ALA O 476 -35.70 18.44 -37.48
CA ALA O 476 -34.54 19.33 -37.47
C ALA O 476 -34.40 20.07 -38.79
N SER O 477 -34.72 19.42 -39.91
CA SER O 477 -34.60 20.07 -41.20
C SER O 477 -35.55 21.25 -41.36
N GLY O 478 -36.60 21.32 -40.55
CA GLY O 478 -37.58 22.38 -40.64
C GLY O 478 -38.85 22.04 -41.36
N ALA O 479 -39.07 20.76 -41.69
CA ALA O 479 -40.23 20.37 -42.46
C ALA O 479 -41.49 20.32 -41.61
N LEU O 480 -41.39 19.89 -40.36
CA LEU O 480 -42.54 19.73 -39.49
C LEU O 480 -42.50 20.74 -38.36
N VAL O 481 -43.67 21.28 -38.02
CA VAL O 481 -43.79 22.32 -37.00
C VAL O 481 -44.89 21.92 -36.02
N ALA O 482 -45.02 22.71 -34.95
CA ALA O 482 -46.02 22.44 -33.93
C ALA O 482 -47.42 22.69 -34.47
N PRO O 483 -48.41 21.92 -34.00
CA PRO O 483 -49.77 22.05 -34.55
C PRO O 483 -50.39 23.40 -34.21
N ARG O 484 -51.29 23.84 -35.09
CA ARG O 484 -51.95 25.13 -34.94
C ARG O 484 -53.10 25.10 -33.95
N ASP O 485 -53.55 23.92 -33.52
CA ASP O 485 -54.67 23.79 -32.59
C ASP O 485 -54.15 23.06 -31.35
N PRO O 486 -53.69 23.79 -30.34
CA PRO O 486 -53.16 23.14 -29.14
C PRO O 486 -54.23 22.58 -28.20
N ASP O 487 -55.50 22.96 -28.39
CA ASP O 487 -56.56 22.38 -27.59
C ASP O 487 -56.85 20.95 -28.01
N ALA O 488 -56.96 20.72 -29.32
CA ALA O 488 -57.26 19.39 -29.82
C ALA O 488 -56.04 18.46 -29.80
N ASP O 489 -54.85 19.01 -30.03
CA ASP O 489 -53.64 18.22 -30.12
C ASP O 489 -52.58 18.80 -29.20
N GLY O 490 -51.60 17.97 -28.84
CA GLY O 490 -50.55 18.40 -27.95
C GLY O 490 -49.58 19.37 -28.60
N THR O 491 -48.35 19.42 -28.08
CA THR O 491 -47.29 20.23 -28.66
C THR O 491 -46.28 19.42 -29.45
N GLU O 492 -46.46 18.11 -29.54
CA GLU O 492 -45.51 17.25 -30.23
C GLU O 492 -45.76 17.29 -31.74
N PRO O 493 -44.75 17.61 -32.54
CA PRO O 493 -44.96 17.63 -34.01
C PRO O 493 -45.28 16.27 -34.60
N TYR O 494 -44.92 15.16 -33.94
CA TYR O 494 -45.16 13.84 -34.50
C TYR O 494 -45.42 12.84 -33.39
N VAL O 495 -46.08 11.74 -33.77
CA VAL O 495 -46.31 10.60 -32.89
C VAL O 495 -46.03 9.32 -33.65
N LEU O 496 -45.84 8.23 -32.92
CA LEU O 496 -45.47 6.96 -33.52
C LEU O 496 -46.05 5.80 -32.72
N LYS O 497 -46.24 4.66 -33.38
CA LYS O 497 -46.70 3.45 -32.71
C LYS O 497 -46.39 2.24 -33.60
N VAL O 498 -45.73 1.24 -33.02
CA VAL O 498 -45.41 0.01 -33.71
C VAL O 498 -45.99 -1.15 -32.93
N THR O 499 -46.70 -2.05 -33.62
CA THR O 499 -47.37 -3.16 -32.94
C THR O 499 -47.13 -4.45 -33.71
N GLN O 500 -47.33 -5.56 -33.01
CA GLN O 500 -47.29 -6.89 -33.59
C GLN O 500 -48.70 -7.34 -33.94
N ALA O 501 -48.90 -7.75 -35.19
CA ALA O 501 -50.24 -8.09 -35.68
C ALA O 501 -50.50 -9.59 -35.70
N GLU O 502 -49.66 -10.35 -36.41
CA GLU O 502 -49.91 -11.77 -36.61
C GLU O 502 -48.57 -12.50 -36.50
N PHE O 503 -48.55 -13.74 -37.00
CA PHE O 503 -47.33 -14.54 -36.96
C PHE O 503 -46.20 -13.89 -37.73
N ASP O 504 -46.52 -13.28 -38.87
CA ASP O 504 -45.50 -12.69 -39.74
C ASP O 504 -45.98 -11.34 -40.28
N LYS O 505 -46.49 -10.48 -39.40
CA LYS O 505 -47.01 -9.18 -39.82
C LYS O 505 -46.86 -8.17 -38.69
N TRP O 506 -46.24 -7.04 -38.98
CA TRP O 506 -46.22 -5.89 -38.09
C TRP O 506 -47.05 -4.77 -38.70
N GLU O 507 -47.21 -3.70 -37.93
CA GLU O 507 -47.94 -2.52 -38.40
C GLU O 507 -47.42 -1.30 -37.67
N VAL O 508 -47.16 -0.22 -38.42
CA VAL O 508 -46.64 1.02 -37.88
C VAL O 508 -47.51 2.17 -38.36
N VAL O 509 -47.81 3.10 -37.46
CA VAL O 509 -48.64 4.27 -37.76
C VAL O 509 -47.94 5.52 -37.23
N TRP O 510 -48.00 6.60 -38.01
CA TRP O 510 -47.40 7.85 -37.59
C TRP O 510 -48.22 9.02 -38.13
N ALA O 511 -48.14 10.15 -37.43
CA ALA O 511 -48.82 11.37 -37.82
C ALA O 511 -47.87 12.54 -37.63
N CYS O 512 -48.01 13.57 -38.47
CA CYS O 512 -47.11 14.71 -38.41
C CYS O 512 -47.81 15.95 -38.95
N CYS O 513 -47.27 17.11 -38.58
CA CYS O 513 -47.86 18.40 -38.92
C CYS O 513 -46.98 19.14 -39.90
N PRO O 514 -47.49 19.52 -41.08
CA PRO O 514 -46.64 20.13 -42.10
C PRO O 514 -46.39 21.62 -41.83
N THR O 515 -45.57 22.20 -42.69
CA THR O 515 -45.23 23.62 -42.62
C THR O 515 -46.05 24.41 -43.62
N GLY O 516 -46.45 25.62 -43.22
CA GLY O 516 -47.23 26.47 -44.07
C GLY O 516 -46.40 27.22 -45.09
N VAL O 517 -47.08 27.83 -46.06
CA VAL O 517 -46.44 28.62 -47.10
C VAL O 517 -47.10 29.99 -47.14
N ALA O 518 -46.34 30.99 -47.59
CA ALA O 518 -46.83 32.34 -47.76
C ALA O 518 -47.17 32.55 -49.23
N ARG O 519 -48.47 32.62 -49.53
CA ARG O 519 -48.95 32.75 -50.91
C ARG O 519 -49.45 34.15 -51.22
N ARG O 520 -50.35 34.68 -50.40
CA ARG O 520 -50.99 35.97 -50.65
C ARG O 520 -50.69 36.93 -49.52
N ILE O 521 -50.25 38.14 -49.89
CA ILE O 521 -49.90 39.19 -48.94
C ILE O 521 -50.73 40.43 -49.29
N GLN O 522 -51.31 41.05 -48.26
CA GLN O 522 -52.21 42.19 -48.46
C GLN O 522 -51.71 43.38 -47.66
N GLY O 523 -51.61 44.53 -48.31
CA GLY O 523 -51.16 45.73 -47.66
C GLY O 523 -52.13 46.87 -47.88
N VAL O 524 -52.18 47.78 -46.91
CA VAL O 524 -53.11 48.90 -46.91
C VAL O 524 -52.38 50.20 -46.59
N PRO O 525 -52.41 51.20 -47.48
CA PRO O 525 -51.81 52.49 -47.15
C PRO O 525 -52.74 53.38 -46.36
N LEU O 526 -52.13 54.25 -45.54
CA LEU O 526 -52.86 55.25 -44.78
C LEU O 526 -52.16 56.59 -44.94
N LEU O 527 -52.92 57.66 -44.74
CA LEU O 527 -52.41 59.02 -44.89
C LEU O 527 -52.68 59.80 -43.62
N ILE O 528 -51.66 60.47 -43.10
CA ILE O 528 -51.79 61.27 -41.89
C ILE O 528 -52.23 62.69 -42.24
N SER P 2 68.12 30.19 -53.15
CA SER P 2 68.38 28.84 -53.60
C SER P 2 68.24 28.73 -55.11
N GLN P 3 67.30 27.90 -55.55
CA GLN P 3 67.08 27.65 -56.97
C GLN P 3 65.65 27.94 -57.33
N TYR P 4 65.45 28.71 -58.41
CA TYR P 4 64.14 29.02 -58.93
C TYR P 4 63.80 28.21 -60.18
N SER P 5 64.59 27.19 -60.49
CA SER P 5 64.35 26.39 -61.68
C SER P 5 63.19 25.43 -61.46
N ILE P 6 62.53 25.07 -62.57
CA ILE P 6 61.41 24.15 -62.56
C ILE P 6 61.70 23.01 -63.52
N GLN P 7 61.57 21.78 -63.04
CA GLN P 7 61.83 20.60 -63.85
C GLN P 7 60.58 20.19 -64.62
N GLN P 8 60.77 19.30 -65.59
CA GLN P 8 59.67 18.78 -66.40
C GLN P 8 59.22 17.40 -65.96
N SER P 9 60.15 16.52 -65.59
CA SER P 9 59.83 15.20 -65.07
C SER P 9 60.11 15.14 -63.58
N LEU P 10 59.49 14.19 -62.90
CA LEU P 10 59.53 14.16 -61.44
C LEU P 10 60.80 13.50 -60.92
N GLY P 11 60.97 12.21 -61.21
CA GLY P 11 62.10 11.48 -60.65
C GLY P 11 61.88 11.14 -59.19
N ASN P 12 62.99 10.94 -58.47
CA ASN P 12 62.94 10.56 -57.06
C ASN P 12 63.09 11.74 -56.10
N ALA P 13 63.66 12.86 -56.55
CA ALA P 13 63.81 14.01 -55.67
C ALA P 13 62.46 14.65 -55.41
N SER P 14 62.36 15.35 -54.28
CA SER P 14 61.14 16.04 -53.93
C SER P 14 61.11 17.41 -54.60
N GLY P 15 60.01 17.72 -55.26
CA GLY P 15 59.88 19.01 -55.91
C GLY P 15 58.59 19.09 -56.68
N VAL P 16 58.41 20.22 -57.36
CA VAL P 16 57.25 20.47 -58.20
C VAL P 16 57.74 20.60 -59.64
N ALA P 17 57.06 19.92 -60.55
CA ALA P 17 57.45 19.87 -61.95
C ALA P 17 56.27 20.18 -62.84
N VAL P 18 56.53 20.89 -63.94
CA VAL P 18 55.50 21.21 -64.93
C VAL P 18 56.00 20.80 -66.31
N SER P 19 55.13 20.17 -67.08
CA SER P 19 55.45 19.74 -68.43
C SER P 19 55.32 20.90 -69.41
N PRO P 20 55.96 20.80 -70.58
CA PRO P 20 55.76 21.83 -71.60
C PRO P 20 54.32 21.88 -72.09
N ILE P 21 53.91 23.07 -72.53
CA ILE P 21 52.53 23.27 -72.95
C ILE P 21 52.22 22.39 -74.14
N ASN P 22 51.08 21.70 -74.09
CA ASN P 22 50.66 20.77 -75.13
C ASN P 22 49.58 21.42 -75.99
N ALA P 23 49.84 21.51 -77.29
CA ALA P 23 48.91 22.18 -78.20
C ALA P 23 47.67 21.34 -78.48
N ASP P 24 47.82 20.04 -78.68
CA ASP P 24 46.72 19.17 -79.11
C ASP P 24 46.52 18.05 -78.08
N ALA P 25 45.63 18.31 -77.13
CA ALA P 25 45.23 17.29 -76.15
C ALA P 25 43.89 17.69 -75.56
N THR P 26 43.21 16.71 -74.98
CA THR P 26 41.88 16.92 -74.43
C THR P 26 41.83 16.43 -72.99
N LEU P 27 40.92 17.02 -72.22
CA LEU P 27 40.68 16.65 -70.84
C LEU P 27 39.21 16.31 -70.66
N SER P 28 38.95 15.16 -70.04
CA SER P 28 37.58 14.71 -69.80
C SER P 28 37.40 14.43 -68.32
N THR P 29 36.32 14.95 -67.74
CA THR P 29 36.02 14.80 -66.33
C THR P 29 34.57 14.42 -66.15
N GLY P 30 34.28 13.74 -65.04
CA GLY P 30 32.91 13.33 -64.75
C GLY P 30 32.87 12.50 -63.49
N VAL P 31 31.67 11.98 -63.21
CA VAL P 31 31.44 11.14 -62.05
C VAL P 31 30.74 9.87 -62.49
N ALA P 32 30.91 8.80 -61.72
CA ALA P 32 30.31 7.51 -62.01
C ALA P 32 29.05 7.34 -61.16
N LEU P 33 27.93 7.11 -61.83
CA LEU P 33 26.65 6.99 -61.13
C LEU P 33 26.29 5.55 -60.80
N ASN P 34 26.53 4.62 -61.72
CA ASN P 34 26.44 3.18 -61.49
C ASN P 34 25.03 2.69 -61.18
N SER P 35 24.00 3.52 -61.35
CA SER P 35 22.64 3.05 -61.11
C SER P 35 22.25 1.98 -62.11
N SER P 36 22.63 2.14 -63.37
CA SER P 36 22.40 1.16 -64.41
C SER P 36 23.69 0.98 -65.20
N LEU P 37 23.87 -0.19 -65.78
CA LEU P 37 25.07 -0.50 -66.54
C LEU P 37 24.69 -1.06 -67.90
N TRP P 38 25.54 -0.79 -68.89
CA TRP P 38 25.35 -1.27 -70.24
C TRP P 38 26.49 -2.18 -70.65
N ALA P 39 26.23 -3.04 -71.61
CA ALA P 39 27.23 -3.95 -72.16
C ALA P 39 27.22 -3.85 -73.68
N GLY P 40 28.39 -4.01 -74.29
CA GLY P 40 28.49 -3.82 -75.72
C GLY P 40 29.66 -4.56 -76.32
N ILE P 41 29.72 -4.49 -77.64
CA ILE P 41 30.73 -5.14 -78.47
C ILE P 41 31.17 -4.16 -79.54
N GLY P 42 32.47 -4.14 -79.84
CA GLY P 42 32.93 -3.17 -80.82
C GLY P 42 34.38 -3.34 -81.20
N VAL P 43 34.84 -2.40 -82.03
CA VAL P 43 36.20 -2.36 -82.55
C VAL P 43 36.82 -1.02 -82.17
N PHE P 44 38.01 -1.05 -81.58
CA PHE P 44 38.65 0.17 -81.09
C PHE P 44 40.12 0.14 -81.45
N ALA P 45 40.86 1.14 -80.96
CA ALA P 45 42.27 1.29 -81.29
C ALA P 45 43.20 0.77 -80.21
N ARG P 46 42.73 0.71 -78.96
CA ARG P 46 43.56 0.27 -77.85
C ARG P 46 42.70 -0.45 -76.82
N GLY P 47 43.26 -1.48 -76.20
CA GLY P 47 42.57 -2.26 -75.20
C GLY P 47 42.91 -3.72 -75.43
N LYS P 48 42.94 -4.49 -74.35
CA LYS P 48 43.26 -5.91 -74.45
C LYS P 48 42.13 -6.63 -75.17
N PRO P 49 42.39 -7.29 -76.30
CA PRO P 49 41.31 -7.90 -77.06
C PRO P 49 40.72 -9.12 -76.37
N PHE P 50 39.43 -9.35 -76.63
CA PHE P 50 38.71 -10.52 -76.11
C PHE P 50 38.78 -10.60 -74.60
N THR P 51 38.56 -9.47 -73.94
CA THR P 51 38.51 -9.39 -72.49
C THR P 51 37.58 -8.24 -72.10
N VAL P 52 36.76 -8.47 -71.08
CA VAL P 52 35.80 -7.46 -70.64
C VAL P 52 36.54 -6.31 -69.99
N LEU P 53 36.27 -5.09 -70.45
CA LEU P 53 36.91 -3.88 -69.95
C LEU P 53 35.86 -2.98 -69.30
N ALA P 54 36.14 -2.52 -68.09
CA ALA P 54 35.26 -1.60 -67.39
C ALA P 54 35.57 -0.18 -67.84
N VAL P 55 34.55 0.52 -68.34
CA VAL P 55 34.72 1.84 -68.95
C VAL P 55 33.85 2.84 -68.20
N THR P 56 34.46 3.92 -67.74
CA THR P 56 33.75 5.03 -67.13
C THR P 56 34.05 6.32 -67.88
N GLU P 57 33.34 7.39 -67.52
CA GLU P 57 33.45 8.64 -68.27
C GLU P 57 34.84 9.25 -68.17
N SER P 58 35.49 9.12 -67.02
CA SER P 58 36.79 9.76 -66.84
C SER P 58 37.91 9.04 -67.55
N ASN P 59 37.84 7.71 -67.70
CA ASN P 59 38.95 6.92 -68.20
C ASN P 59 38.69 6.28 -69.56
N TYR P 60 37.61 6.67 -70.24
CA TYR P 60 37.27 5.98 -71.49
C TYR P 60 38.32 6.24 -72.56
N GLU P 61 38.85 7.46 -72.64
CA GLU P 61 39.87 7.77 -73.63
C GLU P 61 41.15 6.98 -73.37
N ASP P 62 41.55 6.86 -72.10
CA ASP P 62 42.77 6.14 -71.78
C ASP P 62 42.63 4.64 -72.06
N VAL P 63 41.49 4.07 -71.70
CA VAL P 63 41.30 2.63 -71.89
C VAL P 63 41.15 2.30 -73.37
N LEU P 64 40.35 3.08 -74.10
CA LEU P 64 40.02 2.76 -75.48
C LEU P 64 40.90 3.44 -76.51
N GLY P 65 41.75 4.37 -76.11
CA GLY P 65 42.61 5.06 -77.05
C GLY P 65 41.90 6.19 -77.77
N GLU P 66 42.63 6.83 -78.67
CA GLU P 66 42.09 7.95 -79.42
C GLU P 66 41.06 7.46 -80.44
N PRO P 67 40.11 8.32 -80.81
CA PRO P 67 39.11 7.92 -81.80
C PRO P 67 39.74 7.66 -83.17
N LEU P 68 39.10 6.78 -83.93
CA LEU P 68 39.57 6.43 -85.26
C LEU P 68 38.99 7.38 -86.30
N LYS P 69 39.79 7.65 -87.34
CA LYS P 69 39.41 8.63 -88.34
C LYS P 69 38.30 8.11 -89.23
N PRO P 70 37.20 8.85 -89.40
CA PRO P 70 36.14 8.38 -90.29
C PRO P 70 36.56 8.26 -91.74
N SER P 71 37.61 8.96 -92.17
CA SER P 71 38.03 8.90 -93.56
C SER P 71 38.70 7.57 -93.92
N SER P 72 39.01 6.74 -92.93
CA SER P 72 39.65 5.44 -93.15
C SER P 72 38.69 4.35 -92.70
N GLY P 73 37.96 3.77 -93.64
CA GLY P 73 37.11 2.65 -93.30
C GLY P 73 35.87 3.07 -92.51
N SER P 74 35.30 2.08 -91.82
CA SER P 74 34.06 2.25 -91.07
C SER P 74 34.22 1.82 -89.61
N GLN P 75 35.40 2.02 -89.04
CA GLN P 75 35.63 1.65 -87.64
C GLN P 75 35.23 2.76 -86.68
N PHE P 76 34.85 3.93 -87.18
CA PHE P 76 34.66 5.10 -86.35
C PHE P 76 33.34 5.09 -85.58
N GLU P 77 32.44 4.17 -85.88
CA GLU P 77 31.09 4.23 -85.32
C GLU P 77 31.01 3.79 -83.85
N PRO P 78 31.57 2.64 -83.47
CA PRO P 78 31.40 2.19 -82.08
C PRO P 78 31.89 3.17 -81.03
N ILE P 79 32.96 3.91 -81.29
CA ILE P 79 33.44 4.86 -80.30
C ILE P 79 32.45 6.01 -80.12
N ARG P 80 31.82 6.45 -81.21
CA ARG P 80 30.78 7.48 -81.10
C ARG P 80 29.60 6.96 -80.30
N HIS P 81 29.20 5.70 -80.55
CA HIS P 81 28.11 5.12 -79.77
C HIS P 81 28.46 5.06 -78.28
N VAL P 82 29.69 4.65 -77.97
CA VAL P 82 30.12 4.58 -76.57
C VAL P 82 30.10 5.96 -75.94
N TYR P 83 30.58 6.97 -76.67
CA TYR P 83 30.58 8.33 -76.13
C TYR P 83 29.16 8.81 -75.85
N GLU P 84 28.22 8.53 -76.75
CA GLU P 84 26.84 8.91 -76.49
C GLU P 84 26.28 8.20 -75.27
N ALA P 85 26.57 6.91 -75.14
CA ALA P 85 25.98 6.12 -74.06
C ALA P 85 26.65 6.31 -72.72
N ILE P 86 27.85 6.91 -72.68
CA ILE P 86 28.62 6.98 -71.43
C ILE P 86 28.32 8.23 -70.63
N GLN P 87 27.65 9.21 -71.21
CA GLN P 87 27.37 10.45 -70.50
C GLN P 87 26.32 10.29 -69.41
N GLN P 88 25.65 9.14 -69.32
CA GLN P 88 24.71 8.87 -68.24
C GLN P 88 25.33 7.96 -67.18
N THR P 89 25.78 6.78 -67.57
CA THR P 89 26.35 5.81 -66.64
C THR P 89 27.59 5.17 -67.27
N SER P 90 28.16 4.21 -66.56
CA SER P 90 29.32 3.47 -67.02
C SER P 90 28.89 2.12 -67.59
N GLY P 91 29.86 1.30 -67.99
CA GLY P 91 29.54 0.02 -68.59
C GLY P 91 30.77 -0.78 -68.93
N TYR P 92 30.55 -1.87 -69.66
CA TYR P 92 31.61 -2.80 -70.03
C TYR P 92 31.59 -3.02 -71.54
N VAL P 93 32.79 -3.17 -72.13
CA VAL P 93 32.91 -3.49 -73.55
C VAL P 93 33.91 -4.63 -73.72
N VAL P 94 33.81 -5.31 -74.86
CA VAL P 94 34.75 -6.34 -75.27
C VAL P 94 35.26 -6.00 -76.65
N ARG P 95 36.58 -6.01 -76.81
CA ARG P 95 37.21 -5.60 -78.06
C ARG P 95 37.44 -6.80 -78.97
N ALA P 96 37.10 -6.62 -80.25
CA ALA P 96 37.31 -7.62 -81.29
C ALA P 96 38.34 -7.11 -82.27
N VAL P 97 39.26 -7.98 -82.67
CA VAL P 97 40.41 -7.57 -83.46
C VAL P 97 40.56 -8.51 -84.65
N PRO P 98 40.98 -8.02 -85.83
CA PRO P 98 41.18 -8.91 -86.97
C PRO P 98 42.38 -9.83 -86.80
N ASP P 99 42.65 -10.65 -87.82
CA ASP P 99 43.73 -11.61 -87.77
C ASP P 99 45.10 -11.00 -88.05
N ASP P 100 45.15 -9.83 -88.68
CA ASP P 100 46.43 -9.25 -89.07
C ASP P 100 47.15 -8.57 -87.91
N ALA P 101 46.48 -8.31 -86.80
CA ALA P 101 47.08 -7.57 -85.71
C ALA P 101 48.12 -8.40 -84.98
N LYS P 102 49.18 -7.73 -84.52
CA LYS P 102 50.26 -8.36 -83.78
C LYS P 102 50.68 -7.45 -82.64
N PHE P 103 51.43 -8.02 -81.69
CA PHE P 103 51.96 -7.26 -80.57
C PHE P 103 53.45 -7.45 -80.46
N PRO P 104 54.18 -6.41 -80.05
CA PRO P 104 55.64 -6.49 -79.98
C PRO P 104 56.14 -7.26 -78.77
N ILE P 105 57.34 -7.80 -78.91
CA ILE P 105 57.97 -8.62 -77.88
C ILE P 105 59.48 -8.47 -77.98
N ILE P 106 60.14 -8.43 -76.83
CA ILE P 106 61.60 -8.33 -76.76
C ILE P 106 62.11 -9.56 -76.04
N MET P 107 63.04 -10.28 -76.68
CA MET P 107 63.62 -11.49 -76.12
C MET P 107 65.08 -11.24 -75.76
N PHE P 108 65.42 -11.47 -74.50
CA PHE P 108 66.79 -11.42 -74.03
C PHE P 108 67.35 -12.84 -73.98
N ASP P 109 68.64 -12.94 -73.70
CA ASP P 109 69.29 -14.24 -73.53
C ASP P 109 70.36 -14.08 -72.47
N GLU P 110 71.25 -15.07 -72.41
CA GLU P 110 72.39 -14.99 -71.50
C GLU P 110 73.27 -13.81 -71.90
N SER P 111 73.79 -13.11 -70.89
CA SER P 111 74.58 -11.89 -71.01
C SER P 111 73.75 -10.70 -71.50
N GLY P 112 72.46 -10.86 -71.74
CA GLY P 112 71.59 -9.74 -72.06
C GLY P 112 71.75 -9.17 -73.45
N GLU P 113 71.41 -9.95 -74.48
CA GLU P 113 71.44 -9.48 -75.85
C GLU P 113 70.03 -9.46 -76.42
N PRO P 114 69.39 -8.30 -76.52
CA PRO P 114 67.98 -8.26 -76.92
C PRO P 114 67.77 -8.58 -78.39
N ALA P 115 66.57 -9.09 -78.68
CA ALA P 115 66.09 -9.31 -80.03
C ALA P 115 64.62 -8.90 -80.11
N TYR P 116 64.19 -8.49 -81.29
CA TYR P 116 62.87 -7.93 -81.49
C TYR P 116 62.08 -8.76 -82.49
N SER P 117 60.78 -8.91 -82.21
CA SER P 117 59.90 -9.67 -83.09
C SER P 117 58.46 -9.30 -82.77
N ALA P 118 57.54 -9.92 -83.52
CA ALA P 118 56.11 -9.71 -83.33
C ALA P 118 55.38 -11.03 -83.56
N LEU P 119 54.28 -11.22 -82.82
CA LEU P 119 53.49 -12.44 -82.91
C LEU P 119 52.01 -12.09 -82.98
N PRO P 120 51.20 -12.95 -83.59
CA PRO P 120 49.75 -12.73 -83.58
C PRO P 120 49.18 -12.88 -82.17
N TYR P 121 48.02 -12.27 -81.95
CA TYR P 121 47.45 -12.22 -80.60
C TYR P 121 47.11 -13.61 -80.08
N GLY P 122 46.54 -14.46 -80.93
CA GLY P 122 46.12 -15.77 -80.47
C GLY P 122 47.28 -16.66 -80.08
N SER P 123 48.38 -16.61 -80.83
CA SER P 123 49.48 -17.55 -80.63
C SER P 123 50.18 -17.31 -79.30
N GLU P 124 50.77 -18.37 -78.76
CA GLU P 124 51.52 -18.33 -77.52
C GLU P 124 53.01 -18.26 -77.81
N ILE P 125 53.78 -17.85 -76.80
CA ILE P 125 55.20 -17.57 -76.96
C ILE P 125 55.99 -18.84 -76.68
N GLU P 126 56.82 -19.24 -77.65
CA GLU P 126 57.73 -20.37 -77.50
C GLU P 126 59.16 -19.86 -77.56
N LEU P 127 59.96 -20.22 -76.56
CA LEU P 127 61.32 -19.72 -76.43
C LEU P 127 62.29 -20.73 -77.01
N ASP P 128 63.07 -20.29 -78.00
CA ASP P 128 64.07 -21.12 -78.62
C ASP P 128 65.23 -21.38 -77.65
N SER P 129 65.93 -22.49 -77.87
CA SER P 129 67.10 -22.80 -77.07
C SER P 129 68.15 -21.70 -77.23
N GLY P 130 68.71 -21.27 -76.11
CA GLY P 130 69.64 -20.17 -76.10
C GLY P 130 69.06 -18.83 -75.72
N GLU P 131 67.82 -18.79 -75.24
CA GLU P 131 67.18 -17.56 -74.80
C GLU P 131 66.70 -17.72 -73.36
N ALA P 132 66.84 -16.66 -72.57
CA ALA P 132 66.55 -16.72 -71.14
C ALA P 132 65.11 -16.32 -70.83
N PHE P 133 64.72 -15.12 -71.23
CA PHE P 133 63.39 -14.61 -70.89
C PHE P 133 62.96 -13.61 -71.94
N ALA P 134 61.66 -13.33 -71.97
CA ALA P 134 61.06 -12.41 -72.92
C ALA P 134 60.07 -11.51 -72.23
N ILE P 135 59.95 -10.27 -72.72
CA ILE P 135 59.02 -9.29 -72.19
C ILE P 135 58.20 -8.76 -73.36
N TYR P 136 56.88 -8.75 -73.19
CA TYR P 136 55.97 -8.31 -74.24
C TYR P 136 54.92 -7.38 -73.66
N VAL P 137 54.33 -6.56 -74.53
CA VAL P 137 53.31 -5.60 -74.13
C VAL P 137 51.96 -6.30 -74.12
N ASP P 138 51.30 -6.30 -72.96
CA ASP P 138 50.00 -6.91 -72.79
C ASP P 138 48.86 -5.92 -72.91
N ASP P 139 49.15 -4.64 -73.15
CA ASP P 139 48.12 -3.61 -73.19
C ASP P 139 47.24 -3.70 -74.42
N GLY P 140 47.61 -4.48 -75.43
CA GLY P 140 46.86 -4.49 -76.67
C GLY P 140 46.90 -3.16 -77.39
N ASP P 141 48.06 -2.52 -77.41
CA ASP P 141 48.23 -1.21 -78.04
C ASP P 141 49.42 -1.27 -78.99
N PRO P 142 49.23 -1.06 -80.28
CA PRO P 142 50.40 -0.91 -81.16
C PRO P 142 51.19 0.31 -80.78
N CYS P 143 52.52 0.20 -80.87
CA CYS P 143 53.43 1.26 -80.47
C CYS P 143 53.89 2.08 -81.66
N ILE P 144 53.00 2.37 -82.61
CA ILE P 144 53.38 3.04 -83.84
C ILE P 144 53.66 4.52 -83.59
N SER P 145 52.64 5.28 -83.17
CA SER P 145 52.88 6.71 -83.09
C SER P 145 53.53 7.11 -81.75
N PRO P 146 53.01 6.70 -80.57
CA PRO P 146 53.78 6.95 -79.35
C PRO P 146 54.69 5.78 -79.02
N THR P 147 56.00 6.00 -79.06
CA THR P 147 56.94 4.91 -78.86
C THR P 147 57.13 4.62 -77.38
N ARG P 148 57.54 3.39 -77.08
CA ARG P 148 57.79 2.95 -75.71
C ARG P 148 59.15 2.26 -75.65
N GLU P 149 59.90 2.54 -74.58
CA GLU P 149 61.27 2.04 -74.45
C GLU P 149 61.47 1.44 -73.06
N LEU P 150 62.46 0.56 -72.96
CA LEU P 150 62.87 -0.04 -71.70
C LEU P 150 64.31 0.33 -71.37
N THR P 151 64.56 0.57 -70.09
CA THR P 151 65.92 0.75 -69.58
C THR P 151 66.12 -0.20 -68.41
N ILE P 152 67.34 -0.73 -68.30
CA ILE P 152 67.69 -1.69 -67.27
C ILE P 152 68.87 -1.15 -66.48
N GLU P 153 68.73 -1.12 -65.16
CA GLU P 153 69.78 -0.62 -64.28
C GLU P 153 69.95 -1.59 -63.12
N THR P 154 71.19 -2.01 -62.87
CA THR P 154 71.45 -2.91 -61.76
C THR P 154 71.31 -2.19 -60.43
N ALA P 155 71.06 -2.97 -59.37
CA ALA P 155 70.88 -2.42 -58.04
C ALA P 155 71.62 -3.32 -57.04
N THR P 156 71.46 -3.03 -55.76
CA THR P 156 72.11 -3.79 -54.71
C THR P 156 71.42 -5.14 -54.52
N ALA P 157 72.23 -6.15 -54.22
CA ALA P 157 71.69 -7.48 -53.95
C ALA P 157 70.87 -7.48 -52.66
N ASP P 158 69.92 -8.39 -52.60
CA ASP P 158 69.04 -8.48 -51.44
C ASP P 158 69.76 -9.17 -50.28
N SER P 159 69.02 -9.41 -49.20
CA SER P 159 69.62 -9.97 -47.98
C SER P 159 70.16 -11.37 -48.23
N ALA P 160 69.43 -12.19 -48.97
CA ALA P 160 69.84 -13.56 -49.23
C ALA P 160 70.97 -13.67 -50.24
N GLY P 161 71.35 -12.57 -50.89
CA GLY P 161 72.43 -12.59 -51.86
C GLY P 161 72.00 -12.65 -53.31
N ASN P 162 70.71 -12.77 -53.59
CA ASN P 162 70.24 -12.79 -54.98
C ASN P 162 70.43 -11.43 -55.63
N GLU P 163 70.70 -11.47 -56.93
CA GLU P 163 70.88 -10.25 -57.73
C GLU P 163 69.53 -9.64 -58.09
N ARG P 164 69.53 -8.32 -58.24
CA ARG P 164 68.32 -7.59 -58.57
C ARG P 164 68.66 -6.45 -59.51
N PHE P 165 67.65 -5.98 -60.25
CA PHE P 165 67.82 -4.87 -61.17
C PHE P 165 66.52 -4.08 -61.26
N LEU P 166 66.61 -2.89 -61.84
CA LEU P 166 65.49 -1.98 -62.00
C LEU P 166 65.02 -1.97 -63.45
N LEU P 167 63.71 -2.07 -63.64
CA LEU P 167 63.10 -2.01 -64.96
C LEU P 167 62.26 -0.76 -65.06
N LYS P 168 62.51 0.06 -66.06
CA LYS P 168 61.86 1.36 -66.22
C LYS P 168 61.24 1.46 -67.60
N LEU P 169 60.04 2.01 -67.68
CA LEU P 169 59.30 2.16 -68.93
C LEU P 169 59.00 3.63 -69.17
N THR P 170 59.26 4.09 -70.39
CA THR P 170 59.04 5.48 -70.77
C THR P 170 58.27 5.55 -72.09
N GLN P 171 57.62 6.68 -72.30
CA GLN P 171 56.81 6.91 -73.50
C GLN P 171 57.28 8.19 -74.17
N THR P 172 57.53 8.11 -75.48
CA THR P 172 58.04 9.24 -76.24
C THR P 172 57.08 9.59 -77.38
N THR P 173 56.80 10.88 -77.54
CA THR P 173 55.91 11.35 -78.59
C THR P 173 56.69 11.60 -79.87
N SER P 174 56.03 12.18 -80.87
CA SER P 174 56.69 12.43 -82.14
C SER P 174 57.64 13.63 -82.05
N LEU P 175 57.28 14.64 -81.28
CA LEU P 175 58.12 15.83 -81.16
C LEU P 175 59.35 15.61 -80.29
N GLY P 176 59.44 14.47 -79.59
CA GLY P 176 60.59 14.18 -78.76
C GLY P 176 60.37 14.32 -77.27
N VAL P 177 59.15 14.63 -76.83
CA VAL P 177 58.88 14.73 -75.40
C VAL P 177 58.85 13.34 -74.80
N VAL P 178 59.58 13.16 -73.69
CA VAL P 178 59.71 11.86 -73.03
C VAL P 178 58.96 11.93 -71.70
N THR P 179 58.11 10.95 -71.46
CA THR P 179 57.31 10.87 -70.26
C THR P 179 57.56 9.54 -69.56
N THR P 180 57.64 9.58 -68.23
CA THR P 180 57.92 8.40 -67.42
C THR P 180 56.62 7.68 -67.07
N LEU P 181 56.61 6.36 -67.24
CA LEU P 181 55.42 5.55 -67.03
C LEU P 181 55.50 4.69 -65.77
N GLU P 182 56.53 3.85 -65.64
CA GLU P 182 56.58 2.89 -64.56
C GLU P 182 58.02 2.56 -64.18
N THR P 183 58.21 2.09 -62.95
CA THR P 183 59.48 1.57 -62.48
C THR P 183 59.21 0.33 -61.63
N HIS P 184 60.17 -0.59 -61.59
CA HIS P 184 60.02 -1.81 -60.82
C HIS P 184 61.39 -2.27 -60.32
N THR P 185 61.38 -3.08 -59.27
CA THR P 185 62.56 -3.81 -58.82
C THR P 185 62.31 -5.29 -59.07
N VAL P 186 63.16 -5.91 -59.86
CA VAL P 186 62.92 -7.25 -60.41
C VAL P 186 64.16 -8.11 -60.20
N SER P 187 63.94 -9.39 -59.89
CA SER P 187 65.01 -10.36 -59.75
C SER P 187 64.72 -11.57 -60.61
N LEU P 188 65.79 -12.32 -60.94
CA LEU P 188 65.69 -13.52 -61.75
C LEU P 188 65.72 -14.79 -60.92
N ALA P 189 65.64 -14.70 -59.60
CA ALA P 189 65.63 -15.85 -58.72
C ALA P 189 64.25 -16.00 -58.09
N GLU P 190 63.81 -17.26 -57.96
CA GLU P 190 62.45 -17.51 -57.50
C GLU P 190 62.23 -17.03 -56.06
N GLU P 191 63.17 -17.33 -55.18
CA GLU P 191 63.03 -16.97 -53.76
C GLU P 191 63.75 -15.65 -53.49
N ALA P 192 63.31 -14.61 -54.20
CA ALA P 192 63.87 -13.28 -54.04
C ALA P 192 62.79 -12.35 -53.52
N LYS P 193 63.14 -11.52 -52.54
CA LYS P 193 62.18 -10.68 -51.86
C LYS P 193 62.58 -9.21 -51.97
N ASP P 194 61.58 -8.35 -52.04
CA ASP P 194 61.77 -6.91 -52.14
C ASP P 194 62.09 -6.31 -50.77
N ASP P 195 62.42 -5.03 -50.77
CA ASP P 195 62.58 -4.31 -49.52
C ASP P 195 61.26 -4.26 -48.74
N MET P 196 60.16 -3.98 -49.44
CA MET P 196 58.86 -3.91 -48.78
C MET P 196 58.41 -5.27 -48.28
N GLY P 197 58.96 -6.35 -48.84
CA GLY P 197 58.60 -7.70 -48.45
C GLY P 197 57.92 -8.52 -49.51
N ARG P 198 57.68 -7.96 -50.70
CA ARG P 198 57.04 -8.70 -51.77
C ARG P 198 58.07 -9.56 -52.50
N LEU P 199 57.58 -10.35 -53.45
CA LEU P 199 58.44 -11.19 -54.26
C LEU P 199 58.86 -10.44 -55.52
N CYS P 200 60.12 -10.61 -55.91
CA CYS P 200 60.73 -9.88 -57.02
C CYS P 200 60.85 -10.70 -58.29
N TYR P 201 60.26 -11.90 -58.33
CA TYR P 201 60.35 -12.71 -59.54
C TYR P 201 59.67 -11.98 -60.69
N LEU P 202 60.31 -11.99 -61.85
CA LEU P 202 59.85 -11.16 -62.97
C LEU P 202 58.42 -11.44 -63.40
N PRO P 203 58.02 -12.69 -63.68
CA PRO P 203 56.61 -12.90 -64.07
C PRO P 203 55.62 -12.52 -62.98
N THR P 204 55.89 -12.91 -61.73
CA THR P 204 54.97 -12.61 -60.65
C THR P 204 54.87 -11.11 -60.41
N ALA P 205 56.01 -10.41 -60.38
CA ALA P 205 55.97 -8.97 -60.15
C ALA P 205 55.23 -8.25 -61.26
N LEU P 206 55.51 -8.62 -62.52
CA LEU P 206 54.82 -7.97 -63.63
C LEU P 206 53.33 -8.27 -63.63
N GLU P 207 52.95 -9.50 -63.30
CA GLU P 207 51.54 -9.86 -63.29
C GLU P 207 50.79 -9.22 -62.13
N ALA P 208 51.48 -8.94 -61.03
CA ALA P 208 50.80 -8.41 -59.86
C ALA P 208 50.73 -6.89 -59.84
N ARG P 209 51.83 -6.21 -60.17
CA ARG P 209 51.91 -4.77 -59.92
C ARG P 209 52.19 -3.96 -61.18
N SER P 210 51.83 -4.45 -62.36
CA SER P 210 52.08 -3.73 -63.59
C SER P 210 50.82 -3.70 -64.45
N LYS P 211 50.74 -2.66 -65.29
CA LYS P 211 49.57 -2.44 -66.13
C LYS P 211 49.79 -2.68 -67.61
N TYR P 212 51.05 -2.66 -68.07
CA TYR P 212 51.35 -2.79 -69.50
C TYR P 212 52.13 -4.05 -69.83
N LEU P 213 53.16 -4.38 -69.06
CA LEU P 213 54.13 -5.39 -69.44
C LEU P 213 53.83 -6.74 -68.79
N ARG P 214 54.24 -7.79 -69.48
CA ARG P 214 54.20 -9.16 -68.98
C ARG P 214 55.46 -9.86 -69.41
N ALA P 215 55.81 -10.95 -68.72
CA ALA P 215 57.06 -11.64 -68.98
C ALA P 215 56.86 -13.15 -69.03
N VAL P 216 57.73 -13.83 -69.79
CA VAL P 216 57.75 -15.28 -69.90
C VAL P 216 59.19 -15.74 -69.73
N VAL P 217 59.38 -16.79 -68.94
CA VAL P 217 60.71 -17.22 -68.50
C VAL P 217 60.96 -18.65 -68.95
N ASN P 218 62.14 -18.89 -69.51
CA ASN P 218 62.59 -20.21 -69.90
C ASN P 218 63.30 -20.86 -68.72
N GLU P 219 62.70 -21.94 -68.19
CA GLU P 219 63.21 -22.54 -66.96
C GLU P 219 64.56 -23.21 -67.15
N GLU P 220 64.98 -23.47 -68.39
CA GLU P 220 66.21 -24.23 -68.61
C GLU P 220 67.45 -23.41 -68.27
N LEU P 221 67.51 -22.15 -68.74
CA LEU P 221 68.74 -21.39 -68.72
C LEU P 221 68.81 -20.31 -67.64
N ILE P 222 67.72 -20.09 -66.88
CA ILE P 222 67.75 -19.04 -65.86
C ILE P 222 68.59 -19.42 -64.65
N SER P 223 69.12 -20.65 -64.61
CA SER P 223 70.07 -21.00 -63.56
C SER P 223 71.34 -20.17 -63.67
N THR P 224 71.78 -19.92 -64.91
CA THR P 224 72.97 -19.09 -65.19
C THR P 224 72.63 -18.04 -66.25
N ALA P 225 72.07 -16.93 -65.79
CA ALA P 225 71.71 -15.82 -66.67
C ALA P 225 72.16 -14.52 -66.04
N LYS P 226 72.53 -13.57 -66.90
CA LYS P 226 73.07 -12.29 -66.45
C LYS P 226 72.34 -11.15 -67.15
N VAL P 227 72.36 -9.98 -66.51
CA VAL P 227 71.73 -8.78 -67.06
C VAL P 227 72.72 -7.63 -66.98
N THR P 228 72.71 -6.77 -67.98
CA THR P 228 73.60 -5.62 -68.06
C THR P 228 72.77 -4.35 -68.22
N ASN P 229 73.46 -3.21 -68.10
CA ASN P 229 72.79 -1.92 -68.21
C ASN P 229 72.53 -1.60 -69.67
N LYS P 230 71.25 -1.47 -70.03
CA LYS P 230 70.84 -1.10 -71.38
C LYS P 230 69.96 0.14 -71.30
N LYS P 231 69.91 0.90 -72.40
CA LYS P 231 69.17 2.15 -72.41
C LYS P 231 68.34 2.26 -73.68
N SER P 232 67.05 2.53 -73.50
CA SER P 232 66.12 2.88 -74.59
C SER P 232 66.07 1.79 -75.65
N LEU P 233 65.57 0.62 -75.25
CA LEU P 233 65.22 -0.44 -76.18
C LEU P 233 63.76 -0.30 -76.55
N ALA P 234 63.49 -0.03 -77.83
CA ALA P 234 62.16 0.33 -78.29
C ALA P 234 61.47 -0.85 -78.97
N PHE P 235 60.18 -1.04 -78.65
CA PHE P 235 59.40 -2.07 -79.30
C PHE P 235 59.20 -1.75 -80.78
N THR P 236 59.27 -2.78 -81.61
CA THR P 236 59.02 -2.63 -83.04
C THR P 236 58.20 -3.82 -83.53
N GLY P 237 57.42 -3.58 -84.59
CA GLY P 237 56.64 -4.62 -85.23
C GLY P 237 55.19 -4.67 -84.81
N GLY P 238 54.79 -3.99 -83.75
CA GLY P 238 53.41 -4.01 -83.31
C GLY P 238 52.52 -3.30 -84.31
N THR P 239 51.49 -3.98 -84.80
CA THR P 239 50.64 -3.43 -85.84
C THR P 239 49.18 -3.74 -85.56
N ASN P 240 48.32 -2.90 -86.10
CA ASN P 240 46.88 -3.13 -86.15
C ASN P 240 46.49 -3.39 -87.60
N GLY P 241 45.88 -4.54 -87.86
CA GLY P 241 45.54 -4.91 -89.22
C GLY P 241 44.39 -4.08 -89.76
N ASP P 242 44.02 -4.39 -90.99
CA ASP P 242 42.87 -3.75 -91.62
C ASP P 242 41.60 -4.08 -90.83
N GLN P 243 41.06 -3.10 -90.13
CA GLN P 243 39.91 -3.31 -89.27
C GLN P 243 38.58 -3.08 -89.97
N SER P 244 38.59 -2.77 -91.26
CA SER P 244 37.36 -2.65 -92.03
C SER P 244 36.84 -3.99 -92.51
N LYS P 245 37.59 -5.07 -92.32
CA LYS P 245 37.19 -6.41 -92.72
C LYS P 245 37.39 -7.35 -91.55
N ILE P 246 36.31 -7.61 -90.81
CA ILE P 246 36.33 -8.51 -89.66
C ILE P 246 35.33 -9.62 -89.89
N SER P 247 35.78 -10.86 -89.78
CA SER P 247 34.91 -11.99 -90.00
C SER P 247 33.90 -12.13 -88.88
N THR P 248 32.83 -12.88 -89.16
CA THR P 248 31.78 -13.09 -88.16
C THR P 248 32.26 -13.97 -87.01
N ALA P 249 33.34 -14.73 -87.21
CA ALA P 249 33.86 -15.57 -86.13
C ALA P 249 34.32 -14.74 -84.94
N ALA P 250 35.01 -13.63 -85.20
CA ALA P 250 35.44 -12.76 -84.11
C ALA P 250 34.25 -12.17 -83.37
N TYR P 251 33.22 -11.75 -84.11
CA TYR P 251 32.03 -11.21 -83.47
C TYR P 251 31.35 -12.25 -82.58
N LEU P 252 31.23 -13.48 -83.08
CA LEU P 252 30.61 -14.54 -82.29
C LEU P 252 31.44 -14.86 -81.06
N ARG P 253 32.76 -14.88 -81.19
CA ARG P 253 33.62 -15.14 -80.05
C ARG P 253 33.46 -14.06 -78.98
N ALA P 254 33.40 -12.79 -79.41
CA ALA P 254 33.26 -11.72 -78.43
C ALA P 254 31.87 -11.72 -77.79
N VAL P 255 30.83 -12.12 -78.54
CA VAL P 255 29.51 -12.28 -77.93
C VAL P 255 29.55 -13.38 -76.89
N LYS P 256 30.21 -14.49 -77.19
CA LYS P 256 30.37 -15.56 -76.21
C LYS P 256 31.09 -15.05 -74.97
N VAL P 257 32.08 -14.18 -75.16
CA VAL P 257 32.77 -13.58 -74.03
C VAL P 257 31.81 -12.76 -73.18
N LEU P 258 30.97 -11.94 -73.82
CA LEU P 258 29.96 -11.17 -73.07
C LEU P 258 29.00 -12.06 -72.31
N ASN P 259 28.66 -13.23 -72.88
CA ASN P 259 27.66 -14.08 -72.23
C ASN P 259 28.14 -14.54 -70.86
N ASN P 260 29.41 -14.92 -70.75
CA ASN P 260 29.97 -15.44 -69.51
C ASN P 260 30.62 -14.38 -68.65
N ALA P 261 30.28 -13.12 -68.85
CA ALA P 261 30.89 -12.06 -68.05
C ALA P 261 30.38 -12.15 -66.61
N PRO P 262 31.28 -12.15 -65.62
CA PRO P 262 30.83 -12.27 -64.23
C PRO P 262 30.17 -11.02 -63.69
N TYR P 263 30.18 -9.92 -64.42
CA TYR P 263 29.58 -8.68 -63.96
C TYR P 263 28.09 -8.66 -64.29
N MET P 264 27.39 -7.69 -63.71
CA MET P 264 25.95 -7.54 -63.86
C MET P 264 25.65 -6.27 -64.64
N TYR P 265 24.88 -6.40 -65.72
CA TYR P 265 24.44 -5.27 -66.51
C TYR P 265 22.96 -5.43 -66.84
N THR P 266 22.30 -4.30 -67.09
CA THR P 266 20.85 -4.28 -67.32
C THR P 266 20.48 -3.80 -68.71
N ALA P 267 21.41 -3.76 -69.65
CA ALA P 267 21.11 -3.35 -71.01
C ALA P 267 22.19 -3.89 -71.94
N VAL P 268 21.82 -4.12 -73.19
CA VAL P 268 22.74 -4.56 -74.24
C VAL P 268 22.61 -3.60 -75.41
N LEU P 269 23.76 -3.13 -75.91
CA LEU P 269 23.80 -2.15 -76.99
C LEU P 269 24.44 -2.75 -78.22
N GLY P 270 23.88 -2.44 -79.39
CA GLY P 270 24.45 -2.94 -80.64
C GLY P 270 25.82 -2.35 -80.94
N LEU P 271 25.97 -1.04 -80.75
CA LEU P 271 27.22 -0.33 -81.02
C LEU P 271 27.68 -0.49 -82.46
N GLY P 272 26.74 -0.37 -83.40
CA GLY P 272 27.08 -0.36 -84.81
C GLY P 272 27.69 -1.62 -85.37
N CYS P 273 27.10 -2.78 -85.06
CA CYS P 273 27.58 -4.02 -85.62
C CYS P 273 27.09 -4.23 -87.06
N TYR P 274 25.78 -4.15 -87.26
CA TYR P 274 25.15 -4.38 -88.57
C TYR P 274 25.50 -5.76 -89.12
N ASP P 275 25.61 -6.74 -88.24
CA ASP P 275 25.82 -8.14 -88.64
C ASP P 275 24.70 -8.97 -88.03
N ASN P 276 24.07 -9.80 -88.86
CA ASN P 276 22.85 -10.49 -88.43
C ASN P 276 23.13 -11.53 -87.35
N ALA P 277 24.20 -12.31 -87.51
CA ALA P 277 24.51 -13.33 -86.52
C ALA P 277 24.84 -12.71 -85.17
N ALA P 278 25.64 -11.65 -85.17
CA ALA P 278 25.96 -10.98 -83.91
C ALA P 278 24.71 -10.40 -83.26
N ILE P 279 23.83 -9.81 -84.08
CA ILE P 279 22.61 -9.20 -83.53
C ILE P 279 21.72 -10.27 -82.91
N THR P 280 21.54 -11.41 -83.58
CA THR P 280 20.68 -12.43 -83.01
C THR P 280 21.31 -13.08 -81.79
N ALA P 281 22.64 -13.19 -81.73
CA ALA P 281 23.28 -13.70 -80.53
C ALA P 281 23.09 -12.74 -79.35
N LEU P 282 23.22 -11.43 -79.61
CA LEU P 282 22.97 -10.46 -78.55
C LEU P 282 21.51 -10.50 -78.09
N GLY P 283 20.59 -10.71 -79.03
CA GLY P 283 19.20 -10.89 -78.65
C GLY P 283 18.98 -12.11 -77.78
N LYS P 284 19.69 -13.19 -78.08
CA LYS P 284 19.63 -14.37 -77.22
C LYS P 284 20.15 -14.06 -75.83
N ILE P 285 21.21 -13.26 -75.73
CA ILE P 285 21.71 -12.84 -74.42
C ILE P 285 20.63 -12.06 -73.66
N CYS P 286 19.96 -11.13 -74.36
CA CYS P 286 18.92 -10.34 -73.72
C CYS P 286 17.77 -11.22 -73.23
N ALA P 287 17.37 -12.19 -74.04
CA ALA P 287 16.31 -13.10 -73.62
C ALA P 287 16.74 -13.99 -72.46
N ASP P 288 18.03 -14.33 -72.40
CA ASP P 288 18.52 -15.18 -71.32
C ASP P 288 18.55 -14.44 -69.99
N ARG P 289 19.11 -13.24 -69.97
CA ARG P 289 19.29 -12.54 -68.70
C ARG P 289 18.07 -11.74 -68.25
N LEU P 290 17.03 -11.66 -69.08
CA LEU P 290 15.86 -10.84 -68.80
C LEU P 290 16.25 -9.36 -68.59
N ILE P 291 16.85 -8.79 -69.62
CA ILE P 291 17.23 -7.37 -69.64
C ILE P 291 16.76 -6.77 -70.96
N ASP P 292 16.93 -5.46 -71.08
CA ASP P 292 16.52 -4.73 -72.28
C ASP P 292 17.62 -4.75 -73.33
N GLY P 293 17.22 -4.54 -74.58
CA GLY P 293 18.17 -4.49 -75.68
C GLY P 293 17.84 -3.43 -76.70
N PHE P 294 18.84 -2.67 -77.13
CA PHE P 294 18.67 -1.62 -78.12
C PHE P 294 19.61 -1.89 -79.29
N PHE P 295 19.04 -2.23 -80.44
CA PHE P 295 19.80 -2.59 -81.63
C PHE P 295 19.43 -1.67 -82.78
N ASP P 296 20.29 -1.65 -83.79
CA ASP P 296 20.13 -0.72 -84.90
C ASP P 296 20.34 -1.44 -86.22
N VAL P 297 19.71 -0.91 -87.26
CA VAL P 297 19.90 -1.38 -88.62
C VAL P 297 20.72 -0.33 -89.37
N LYS P 298 21.28 -0.72 -90.50
CA LYS P 298 22.21 0.14 -91.23
C LYS P 298 21.55 1.46 -91.61
N PRO P 299 22.11 2.60 -91.22
CA PRO P 299 21.44 3.88 -91.50
C PRO P 299 21.50 4.31 -92.95
N THR P 300 22.41 3.76 -93.75
CA THR P 300 22.52 4.17 -95.14
C THR P 300 21.38 3.64 -96.01
N LEU P 301 20.60 2.69 -95.50
CA LEU P 301 19.48 2.16 -96.27
C LEU P 301 18.40 3.22 -96.45
N THR P 302 17.71 3.16 -97.58
CA THR P 302 16.59 4.06 -97.83
C THR P 302 15.37 3.59 -97.04
N TYR P 303 14.28 4.36 -97.13
CA TYR P 303 13.08 4.02 -96.37
C TYR P 303 12.49 2.69 -96.82
N ALA P 304 12.45 2.45 -98.13
CA ALA P 304 11.84 1.23 -98.65
C ALA P 304 12.65 -0.01 -98.29
N GLU P 305 13.97 0.12 -98.27
CA GLU P 305 14.84 -1.02 -97.99
C GLU P 305 14.97 -1.33 -96.50
N ALA P 306 14.57 -0.41 -95.62
CA ALA P 306 14.77 -0.63 -94.19
C ALA P 306 13.83 -1.69 -93.65
N LEU P 307 12.61 -1.76 -94.17
CA LEU P 307 11.62 -2.70 -93.64
C LEU P 307 12.04 -4.16 -93.81
N PRO P 308 12.48 -4.63 -94.97
CA PRO P 308 12.94 -6.03 -95.04
C PRO P 308 14.14 -6.33 -94.16
N ALA P 309 14.98 -5.32 -93.89
CA ALA P 309 16.16 -5.56 -93.06
C ALA P 309 15.78 -5.90 -91.62
N VAL P 310 14.69 -5.32 -91.12
CA VAL P 310 14.24 -5.65 -89.77
C VAL P 310 13.87 -7.12 -89.67
N GLU P 311 13.18 -7.64 -90.69
CA GLU P 311 12.91 -9.07 -90.75
C GLU P 311 14.21 -9.86 -90.88
N ASP P 312 15.16 -9.35 -91.66
CA ASP P 312 16.43 -10.04 -91.82
C ASP P 312 17.24 -10.11 -90.53
N THR P 313 16.97 -9.21 -89.58
CA THR P 313 17.68 -9.27 -88.30
C THR P 313 17.38 -10.56 -87.55
N GLY P 314 16.21 -11.16 -87.79
CA GLY P 314 15.85 -12.40 -87.14
C GLY P 314 15.24 -12.25 -85.76
N LEU P 315 14.98 -11.03 -85.31
CA LEU P 315 14.41 -10.83 -83.98
C LEU P 315 12.89 -10.84 -83.98
N LEU P 316 12.25 -10.74 -85.14
CA LEU P 316 10.79 -10.70 -85.19
C LEU P 316 10.20 -12.04 -84.78
N GLY P 317 9.17 -11.98 -83.96
CA GLY P 317 8.53 -13.18 -83.45
C GLY P 317 8.01 -12.93 -82.05
N THR P 318 8.16 -13.96 -81.21
CA THR P 318 7.71 -13.90 -79.82
C THR P 318 8.80 -14.18 -78.80
N ASP P 319 9.97 -14.67 -79.22
CA ASP P 319 11.01 -15.01 -78.26
C ASP P 319 11.66 -13.76 -77.67
N TYR P 320 11.97 -12.78 -78.51
CA TYR P 320 12.68 -11.57 -78.08
C TYR P 320 11.66 -10.43 -78.01
N VAL P 321 11.01 -10.28 -76.86
CA VAL P 321 9.99 -9.26 -76.69
C VAL P 321 10.51 -7.99 -76.04
N SER P 322 11.73 -8.00 -75.52
CA SER P 322 12.30 -6.83 -74.85
C SER P 322 13.28 -6.06 -75.72
N CYS P 323 13.38 -6.38 -77.01
CA CYS P 323 14.33 -5.75 -77.91
C CYS P 323 13.64 -4.71 -78.79
N SER P 324 14.43 -3.77 -79.28
CA SER P 324 13.93 -2.70 -80.14
C SER P 324 14.90 -2.49 -81.30
N VAL P 325 14.36 -1.98 -82.40
CA VAL P 325 15.12 -1.73 -83.62
C VAL P 325 14.90 -0.29 -84.06
N TYR P 326 15.97 0.39 -84.44
CA TYR P 326 15.92 1.80 -84.82
C TYR P 326 16.46 1.99 -86.22
N HIS P 327 16.17 3.15 -86.80
CA HIS P 327 16.60 3.50 -88.15
C HIS P 327 16.67 5.01 -88.24
N TYR P 328 17.82 5.55 -88.63
CA TYR P 328 18.08 6.98 -88.54
C TYR P 328 18.97 7.43 -89.70
N PRO P 329 18.41 7.60 -90.88
CA PRO P 329 19.21 8.12 -91.99
C PRO P 329 19.33 9.63 -91.95
N PHE P 330 20.46 10.13 -91.48
CA PHE P 330 20.69 11.57 -91.36
C PHE P 330 22.20 11.79 -91.25
N SER P 331 22.61 13.03 -91.50
CA SER P 331 24.02 13.40 -91.49
C SER P 331 24.26 14.51 -90.50
N CYS P 332 25.44 14.50 -89.87
CA CYS P 332 25.77 15.47 -88.84
C CYS P 332 27.26 15.73 -88.85
N LYS P 333 27.65 16.85 -88.24
CA LYS P 333 29.07 17.19 -88.10
C LYS P 333 29.68 16.43 -86.94
N ASP P 334 30.78 15.74 -87.21
CA ASP P 334 31.47 15.00 -86.15
C ASP P 334 32.11 15.96 -85.16
N LYS P 335 32.16 15.53 -83.90
CA LYS P 335 32.70 16.39 -82.85
C LYS P 335 34.22 16.47 -82.89
N TRP P 336 34.89 15.44 -83.44
CA TRP P 336 36.34 15.36 -83.41
C TRP P 336 37.01 15.76 -84.71
N THR P 337 36.36 15.52 -85.86
CA THR P 337 36.96 15.85 -87.15
C THR P 337 36.21 16.92 -87.91
N GLN P 338 35.05 17.37 -87.41
CA GLN P 338 34.23 18.42 -88.01
C GLN P 338 33.71 18.06 -89.39
N SER P 339 33.90 16.82 -89.83
CA SER P 339 33.42 16.39 -91.14
C SER P 339 31.99 15.86 -91.03
N ARG P 340 31.45 15.38 -92.14
CA ARG P 340 30.09 14.87 -92.19
C ARG P 340 30.11 13.36 -92.07
N VAL P 341 29.44 12.83 -91.04
CA VAL P 341 29.41 11.41 -90.76
C VAL P 341 27.97 10.98 -90.50
N VAL P 342 27.73 9.67 -90.64
CA VAL P 342 26.43 9.06 -90.39
C VAL P 342 26.63 7.85 -89.49
N PHE P 343 25.91 7.81 -88.37
CA PHE P 343 25.99 6.66 -87.48
C PHE P 343 24.65 6.46 -86.79
N GLY P 344 24.63 5.55 -85.83
CA GLY P 344 23.39 4.97 -85.32
C GLY P 344 22.75 5.73 -84.18
N LEU P 345 21.84 5.04 -83.49
CA LEU P 345 20.96 5.67 -82.51
C LEU P 345 20.73 4.84 -81.25
N SER P 346 21.58 3.85 -80.98
CA SER P 346 21.36 3.00 -79.80
C SER P 346 21.73 3.71 -78.51
N GLY P 347 22.81 4.49 -78.54
CA GLY P 347 23.25 5.19 -77.34
C GLY P 347 22.22 6.17 -76.83
N VAL P 348 21.55 6.88 -77.74
CA VAL P 348 20.51 7.82 -77.33
C VAL P 348 19.37 7.08 -76.63
N ALA P 349 18.97 5.93 -77.17
CA ALA P 349 17.90 5.16 -76.55
C ALA P 349 18.30 4.69 -75.16
N TYR P 350 19.52 4.19 -74.99
CA TYR P 350 19.94 3.77 -73.66
C TYR P 350 20.00 4.96 -72.71
N ALA P 351 20.45 6.12 -73.19
CA ALA P 351 20.50 7.30 -72.33
C ALA P 351 19.11 7.70 -71.87
N ALA P 352 18.13 7.64 -72.76
CA ALA P 352 16.76 7.94 -72.37
C ALA P 352 16.25 6.94 -71.33
N LYS P 353 16.56 5.66 -71.52
CA LYS P 353 16.14 4.66 -70.54
C LYS P 353 16.77 4.90 -69.18
N ALA P 354 18.06 5.25 -69.16
CA ALA P 354 18.73 5.52 -67.89
C ALA P 354 18.16 6.76 -67.21
N ARG P 355 17.86 7.80 -67.99
CA ARG P 355 17.23 8.99 -67.42
C ARG P 355 15.88 8.65 -66.82
N GLY P 356 15.11 7.79 -67.49
CA GLY P 356 13.84 7.36 -66.92
C GLY P 356 14.03 6.58 -65.62
N VAL P 357 15.04 5.71 -65.59
CA VAL P 357 15.28 4.89 -64.39
C VAL P 357 15.70 5.76 -63.21
N LYS P 358 16.46 6.83 -63.47
CA LYS P 358 16.94 7.66 -62.37
C LYS P 358 15.81 8.36 -61.62
N LYS P 359 14.61 8.43 -62.18
CA LYS P 359 13.54 9.19 -61.56
C LYS P 359 13.10 8.62 -60.22
N ASN P 360 13.03 7.29 -60.10
CA ASN P 360 12.64 6.63 -58.86
C ASN P 360 13.86 5.94 -58.26
N SER P 361 14.12 6.21 -56.99
CA SER P 361 15.32 5.72 -56.32
C SER P 361 15.09 4.46 -55.51
N ASP P 362 13.85 4.11 -55.18
CA ASP P 362 13.59 2.93 -54.37
C ASP P 362 13.74 1.65 -55.17
N VAL P 363 12.89 1.46 -56.18
CA VAL P 363 12.88 0.25 -56.97
C VAL P 363 13.36 0.47 -58.39
N GLY P 364 13.44 1.71 -58.86
CA GLY P 364 14.00 2.03 -60.16
C GLY P 364 13.09 2.78 -61.09
N GLY P 365 11.78 2.61 -60.98
CA GLY P 365 10.87 3.27 -61.89
C GLY P 365 11.12 2.90 -63.33
N TRP P 366 10.82 1.65 -63.68
CA TRP P 366 11.05 1.14 -65.03
C TRP P 366 9.84 1.33 -65.94
N HIS P 367 8.78 1.97 -65.47
CA HIS P 367 7.57 2.15 -66.27
C HIS P 367 7.66 3.34 -67.22
N TYR P 368 8.75 4.08 -67.20
CA TYR P 368 8.88 5.24 -68.09
C TYR P 368 9.38 4.80 -69.46
N SER P 369 8.65 5.20 -70.50
CA SER P 369 9.03 4.82 -71.86
C SER P 369 10.31 5.55 -72.28
N PRO P 370 11.15 4.90 -73.08
CA PRO P 370 12.44 5.49 -73.43
C PRO P 370 12.37 6.48 -74.59
N ALA P 371 11.20 7.01 -74.88
CA ALA P 371 11.04 8.02 -75.93
C ALA P 371 10.24 9.19 -75.39
N GLY P 372 10.62 10.38 -75.79
CA GLY P 372 9.91 11.57 -75.35
C GLY P 372 10.70 12.82 -75.64
N GLU P 373 10.03 13.95 -75.41
CA GLU P 373 10.63 15.25 -75.69
C GLU P 373 11.66 15.65 -74.64
N GLU P 374 11.50 15.19 -73.40
CA GLU P 374 12.41 15.56 -72.33
C GLU P 374 13.48 14.53 -72.05
N ARG P 375 13.24 13.26 -72.34
CA ARG P 375 14.23 12.22 -72.10
C ARG P 375 15.12 11.98 -73.32
N ALA P 376 14.51 11.60 -74.45
CA ALA P 376 15.27 11.24 -75.64
C ALA P 376 15.46 12.47 -76.51
N VAL P 377 16.63 13.10 -76.40
CA VAL P 377 17.02 14.23 -77.23
C VAL P 377 18.29 13.86 -77.97
N ILE P 378 18.32 14.14 -79.27
CA ILE P 378 19.47 13.85 -80.11
C ILE P 378 20.20 15.16 -80.36
N ALA P 379 21.42 15.28 -79.83
CA ALA P 379 22.21 16.51 -79.89
C ALA P 379 23.36 16.32 -80.87
N ARG P 380 23.22 16.90 -82.05
CA ARG P 380 24.28 16.91 -83.06
C ARG P 380 24.38 18.32 -83.62
N ALA P 381 25.52 18.59 -84.26
CA ALA P 381 25.85 19.96 -84.65
C ALA P 381 24.86 20.50 -85.68
N SER P 382 24.65 19.76 -86.77
CA SER P 382 23.74 20.22 -87.81
C SER P 382 23.28 19.00 -88.61
N ILE P 383 21.96 18.82 -88.69
CA ILE P 383 21.36 17.60 -89.19
C ILE P 383 20.67 17.90 -90.52
N GLN P 384 20.99 17.11 -91.54
CA GLN P 384 20.36 17.20 -92.85
C GLN P 384 19.93 15.81 -93.30
N PRO P 385 18.79 15.69 -93.97
CA PRO P 385 18.37 14.38 -94.46
C PRO P 385 19.37 13.81 -95.46
N LEU P 386 19.62 12.52 -95.35
CA LEU P 386 20.59 11.88 -96.23
C LEU P 386 19.99 11.64 -97.61
N TYR P 387 18.68 11.36 -97.68
CA TYR P 387 17.97 11.12 -98.93
C TYR P 387 16.80 12.08 -99.00
N PRO P 388 17.03 13.33 -99.39
CA PRO P 388 15.91 14.25 -99.61
C PRO P 388 15.08 13.81 -100.79
N GLU P 389 13.96 14.49 -100.98
CA GLU P 389 12.98 14.12 -102.00
C GLU P 389 12.42 12.73 -101.77
N ASP P 390 12.36 12.31 -100.51
CA ASP P 390 11.85 11.00 -100.13
C ASP P 390 10.88 11.15 -98.96
N THR P 391 9.90 10.25 -98.91
CA THR P 391 8.84 10.32 -97.90
C THR P 391 8.69 8.98 -97.20
N PRO P 392 8.64 8.95 -95.88
CA PRO P 392 8.41 7.70 -95.17
C PRO P 392 6.93 7.33 -95.15
N ASP P 393 6.67 6.06 -94.84
CA ASP P 393 5.32 5.54 -94.67
C ASP P 393 5.17 5.08 -93.23
N GLU P 394 4.33 5.80 -92.47
CA GLU P 394 4.28 5.58 -91.02
C GLU P 394 3.63 4.26 -90.66
N GLU P 395 2.51 3.93 -91.31
CA GLU P 395 1.79 2.71 -90.96
C GLU P 395 2.62 1.47 -91.27
N ALA P 396 3.37 1.48 -92.36
CA ALA P 396 4.25 0.36 -92.66
C ALA P 396 5.33 0.21 -91.59
N MET P 397 5.87 1.32 -91.10
CA MET P 397 6.84 1.25 -90.02
C MET P 397 6.22 0.71 -88.74
N VAL P 398 4.99 1.10 -88.44
CA VAL P 398 4.33 0.59 -87.24
C VAL P 398 4.09 -0.91 -87.36
N LYS P 399 3.66 -1.38 -88.53
CA LYS P 399 3.41 -2.81 -88.72
C LYS P 399 4.71 -3.61 -88.63
N GLY P 400 5.80 -3.06 -89.16
CA GLY P 400 7.09 -3.73 -89.19
C GLY P 400 7.97 -3.53 -87.98
N ARG P 401 7.45 -2.88 -86.92
CA ARG P 401 8.19 -2.66 -85.68
C ARG P 401 9.45 -1.83 -85.93
N LEU P 402 9.24 -0.59 -86.39
CA LEU P 402 10.30 0.38 -86.57
C LEU P 402 9.92 1.67 -85.86
N ASN P 403 10.91 2.34 -85.28
CA ASN P 403 10.68 3.53 -84.48
C ASN P 403 10.99 4.80 -85.27
N LYS P 404 10.15 5.80 -85.11
CA LYS P 404 10.21 7.04 -85.87
C LYS P 404 10.83 8.14 -85.03
N VAL P 405 11.12 9.26 -85.70
CA VAL P 405 11.73 10.43 -85.06
C VAL P 405 10.91 11.66 -85.44
N SER P 406 11.02 12.69 -84.60
CA SER P 406 10.27 13.93 -84.81
C SER P 406 11.12 15.10 -84.33
N VAL P 407 10.51 16.27 -84.24
CA VAL P 407 11.21 17.51 -83.91
C VAL P 407 10.64 18.05 -82.60
N GLY P 408 11.52 18.41 -81.68
CA GLY P 408 11.13 19.04 -80.45
C GLY P 408 10.92 20.53 -80.60
N THR P 409 10.48 21.15 -79.51
CA THR P 409 10.19 22.59 -79.55
C THR P 409 11.45 23.44 -79.63
N SER P 410 12.62 22.87 -79.36
CA SER P 410 13.87 23.60 -79.41
C SER P 410 14.60 23.44 -80.74
N GLY P 411 13.98 22.78 -81.72
CA GLY P 411 14.62 22.57 -83.00
C GLY P 411 15.57 21.40 -83.06
N GLN P 412 15.56 20.52 -82.07
CA GLN P 412 16.42 19.35 -82.04
C GLN P 412 15.59 18.09 -82.26
N MET P 413 16.21 17.10 -82.89
CA MET P 413 15.51 15.87 -83.23
C MET P 413 15.16 15.07 -81.98
N ILE P 414 14.03 14.37 -82.04
CA ILE P 414 13.47 13.65 -80.90
C ILE P 414 13.05 12.26 -81.36
N ILE P 415 13.32 11.25 -80.55
CA ILE P 415 12.75 9.93 -80.77
C ILE P 415 11.29 9.99 -80.33
N ASP P 416 10.38 9.63 -81.24
CA ASP P 416 8.95 9.83 -81.02
C ASP P 416 8.17 8.53 -80.94
N ASP P 417 8.84 7.39 -80.75
CA ASP P 417 8.12 6.13 -80.67
C ASP P 417 8.92 5.14 -79.84
N ALA P 418 8.21 4.11 -79.35
CA ALA P 418 8.84 3.06 -78.53
C ALA P 418 8.03 1.78 -78.74
N LEU P 419 8.52 0.93 -79.63
CA LEU P 419 7.87 -0.34 -79.95
C LEU P 419 8.88 -1.46 -79.89
N THR P 420 8.44 -2.63 -79.44
CA THR P 420 9.30 -3.79 -79.29
C THR P 420 9.12 -4.74 -80.47
N CYS P 421 9.98 -5.76 -80.52
CA CYS P 421 9.96 -6.75 -81.59
C CYS P 421 9.03 -7.91 -81.26
N CYS P 422 7.79 -7.58 -80.90
CA CYS P 422 6.75 -8.57 -80.66
C CYS P 422 5.60 -8.31 -81.61
N THR P 423 5.19 -9.34 -82.36
CA THR P 423 4.15 -9.19 -83.36
C THR P 423 2.81 -9.74 -82.88
N GLN P 424 2.67 -10.01 -81.59
CA GLN P 424 1.48 -10.64 -81.05
C GLN P 424 0.32 -9.67 -80.82
N ASP P 425 0.54 -8.37 -80.99
CA ASP P 425 -0.51 -7.35 -80.83
C ASP P 425 -1.10 -7.34 -79.43
N ASN P 426 -0.31 -7.76 -78.44
CA ASN P 426 -0.74 -7.78 -77.05
C ASN P 426 -0.41 -6.46 -76.38
N TYR P 427 -0.46 -6.43 -75.06
CA TYR P 427 0.06 -5.35 -74.23
C TYR P 427 1.57 -5.33 -74.20
N LEU P 428 2.21 -6.19 -74.99
CA LEU P 428 3.65 -6.34 -74.99
C LEU P 428 4.34 -5.54 -76.09
N HIS P 429 3.60 -4.70 -76.81
CA HIS P 429 4.24 -3.76 -77.73
C HIS P 429 5.16 -2.82 -76.97
N PHE P 430 4.63 -2.18 -75.95
CA PHE P 430 5.28 -1.03 -75.34
C PHE P 430 6.48 -1.45 -74.52
N GLN P 431 7.55 -0.66 -74.59
CA GLN P 431 8.81 -1.05 -73.99
C GLN P 431 8.68 -1.19 -72.47
N HIS P 432 7.79 -0.42 -71.85
CA HIS P 432 7.76 -0.37 -70.40
C HIS P 432 7.14 -1.60 -69.75
N VAL P 433 6.18 -2.26 -70.41
CA VAL P 433 5.50 -3.41 -69.80
C VAL P 433 6.46 -4.56 -69.57
N PRO P 434 7.22 -5.03 -70.58
CA PRO P 434 8.23 -6.04 -70.29
C PRO P 434 9.29 -5.55 -69.32
N SER P 435 9.58 -4.25 -69.28
CA SER P 435 10.53 -3.74 -68.30
C SER P 435 10.02 -3.97 -66.88
N LEU P 436 8.75 -3.66 -66.62
CA LEU P 436 8.17 -3.92 -65.31
C LEU P 436 8.20 -5.40 -64.97
N MET P 437 7.77 -6.24 -65.93
CA MET P 437 7.72 -7.66 -65.66
C MET P 437 9.10 -8.22 -65.35
N ASN P 438 10.12 -7.80 -66.11
CA ASN P 438 11.47 -8.31 -65.91
C ASN P 438 12.07 -7.78 -64.61
N ALA P 439 11.75 -6.55 -64.23
CA ALA P 439 12.23 -6.03 -62.95
C ALA P 439 11.65 -6.83 -61.79
N ILE P 440 10.34 -7.11 -61.84
CA ILE P 440 9.72 -7.91 -60.79
C ILE P 440 10.32 -9.31 -60.76
N SER P 441 10.55 -9.91 -61.94
CA SER P 441 11.12 -11.24 -62.00
C SER P 441 12.53 -11.27 -61.41
N ARG P 442 13.35 -10.27 -61.72
CA ARG P 442 14.71 -10.23 -61.18
C ARG P 442 14.69 -10.07 -59.66
N PHE P 443 13.79 -9.23 -59.16
CA PHE P 443 13.67 -9.09 -57.70
C PHE P 443 13.23 -10.40 -57.05
N PHE P 444 12.29 -11.10 -57.67
CA PHE P 444 11.87 -12.39 -57.12
C PHE P 444 13.01 -13.39 -57.12
N VAL P 445 13.81 -13.42 -58.20
CA VAL P 445 14.91 -14.36 -58.27
C VAL P 445 15.92 -14.07 -57.17
N GLN P 446 16.23 -12.79 -56.95
CA GLN P 446 17.14 -12.44 -55.86
C GLN P 446 16.59 -12.89 -54.51
N LEU P 447 15.30 -12.62 -54.27
CA LEU P 447 14.69 -12.99 -53.00
C LEU P 447 14.74 -14.50 -52.79
N ALA P 448 14.45 -15.27 -53.83
CA ALA P 448 14.48 -16.73 -53.73
C ALA P 448 15.90 -17.22 -53.48
N ARG P 449 16.88 -16.63 -54.16
CA ARG P 449 18.26 -17.04 -53.96
C ARG P 449 18.74 -16.75 -52.54
N GLN P 450 18.16 -15.74 -51.89
CA GLN P 450 18.51 -15.47 -50.49
C GLN P 450 18.13 -16.63 -49.59
N MET P 451 16.95 -17.24 -49.83
CA MET P 451 16.38 -18.23 -48.92
C MET P 451 16.53 -19.66 -49.43
N LYS P 452 17.65 -19.98 -50.06
CA LYS P 452 17.86 -21.30 -50.63
C LYS P 452 18.48 -22.24 -49.61
N HIS P 453 18.23 -23.55 -49.80
CA HIS P 453 18.84 -24.61 -49.00
C HIS P 453 18.50 -24.46 -47.52
N SER P 454 17.21 -24.49 -47.22
CA SER P 454 16.73 -24.31 -45.86
C SER P 454 15.74 -25.41 -45.52
N PRO P 455 15.66 -25.79 -44.24
CA PRO P 455 14.74 -26.87 -43.85
C PRO P 455 13.29 -26.45 -43.95
N ASP P 456 12.41 -27.39 -43.65
CA ASP P 456 10.98 -27.18 -43.82
C ASP P 456 10.43 -26.22 -42.79
N GLY P 457 9.28 -25.61 -43.12
CA GLY P 457 8.56 -24.74 -42.23
C GLY P 457 8.96 -23.29 -42.27
N ILE P 458 9.90 -22.91 -43.14
CA ILE P 458 10.44 -21.55 -43.18
C ILE P 458 10.15 -20.86 -44.51
N THR P 459 10.29 -21.59 -45.62
CA THR P 459 10.34 -20.95 -46.93
C THR P 459 9.00 -20.33 -47.34
N ALA P 460 7.88 -20.96 -47.01
CA ALA P 460 6.59 -20.49 -47.50
C ALA P 460 6.29 -19.09 -46.97
N ALA P 461 6.37 -18.90 -45.66
CA ALA P 461 6.04 -17.61 -45.07
C ALA P 461 6.99 -16.52 -45.54
N GLY P 462 8.29 -16.83 -45.58
CA GLY P 462 9.25 -15.85 -46.07
C GLY P 462 8.97 -15.43 -47.50
N LEU P 463 8.71 -16.42 -48.37
CA LEU P 463 8.42 -16.13 -49.76
C LEU P 463 7.19 -15.23 -49.89
N THR P 464 6.10 -15.61 -49.23
CA THR P 464 4.86 -14.85 -49.41
C THR P 464 5.00 -13.45 -48.82
N LYS P 465 5.65 -13.31 -47.66
CA LYS P 465 5.80 -11.99 -47.05
C LYS P 465 6.68 -11.08 -47.90
N GLY P 466 7.83 -11.59 -48.34
CA GLY P 466 8.71 -10.78 -49.16
C GLY P 466 8.07 -10.39 -50.48
N MET P 467 7.36 -11.32 -51.12
CA MET P 467 6.74 -11.01 -52.39
C MET P 467 5.62 -9.98 -52.22
N THR P 468 4.81 -10.11 -51.17
CA THR P 468 3.78 -9.11 -50.93
C THR P 468 4.40 -7.74 -50.70
N LYS P 469 5.48 -7.67 -49.92
CA LYS P 469 6.11 -6.37 -49.68
C LYS P 469 6.66 -5.78 -50.96
N LEU P 470 7.27 -6.60 -51.80
CA LEU P 470 7.84 -6.10 -53.06
C LEU P 470 6.76 -5.58 -53.99
N LEU P 471 5.66 -6.34 -54.15
CA LEU P 471 4.59 -5.87 -55.02
C LEU P 471 3.89 -4.64 -54.44
N ASP P 472 3.82 -4.53 -53.11
CA ASP P 472 3.30 -3.31 -52.51
C ASP P 472 4.19 -2.11 -52.83
N ARG P 473 5.51 -2.31 -52.81
CA ARG P 473 6.41 -1.23 -53.17
C ARG P 473 6.22 -0.80 -54.62
N PHE P 474 6.06 -1.77 -55.54
CA PHE P 474 5.79 -1.41 -56.93
C PHE P 474 4.46 -0.69 -57.09
N VAL P 475 3.44 -1.10 -56.34
CA VAL P 475 2.16 -0.39 -56.40
C VAL P 475 2.33 1.04 -55.92
N ALA P 476 3.09 1.23 -54.84
CA ALA P 476 3.31 2.58 -54.32
C ALA P 476 4.08 3.45 -55.32
N SER P 477 5.05 2.86 -56.03
CA SER P 477 5.85 3.62 -56.98
C SER P 477 5.04 4.11 -58.17
N GLY P 478 3.84 3.58 -58.39
CA GLY P 478 3.02 3.98 -59.50
C GLY P 478 3.09 3.10 -60.72
N ALA P 479 3.75 1.94 -60.63
CA ALA P 479 3.91 1.08 -61.79
C ALA P 479 2.64 0.31 -62.11
N LEU P 480 1.90 -0.13 -61.09
CA LEU P 480 0.71 -0.95 -61.27
C LEU P 480 -0.52 -0.16 -60.87
N VAL P 481 -1.60 -0.33 -61.64
CA VAL P 481 -2.86 0.39 -61.43
C VAL P 481 -3.99 -0.62 -61.41
N ALA P 482 -5.19 -0.13 -61.10
CA ALA P 482 -6.36 -0.98 -61.04
C ALA P 482 -6.75 -1.45 -62.44
N PRO P 483 -7.30 -2.67 -62.57
CA PRO P 483 -7.63 -3.20 -63.88
C PRO P 483 -8.72 -2.41 -64.57
N ARG P 484 -8.67 -2.42 -65.91
CA ARG P 484 -9.60 -1.65 -66.72
C ARG P 484 -10.95 -2.34 -66.90
N ASP P 485 -11.08 -3.60 -66.50
CA ASP P 485 -12.32 -4.36 -66.65
C ASP P 485 -12.76 -4.83 -65.27
N PRO P 486 -13.58 -4.05 -64.56
CA PRO P 486 -14.00 -4.47 -63.22
C PRO P 486 -15.04 -5.58 -63.21
N ASP P 487 -15.65 -5.87 -64.35
CA ASP P 487 -16.58 -7.00 -64.40
C ASP P 487 -15.84 -8.33 -64.37
N ALA P 488 -14.79 -8.46 -65.18
CA ALA P 488 -14.04 -9.71 -65.23
C ALA P 488 -13.11 -9.89 -64.05
N ASP P 489 -12.54 -8.79 -63.55
CA ASP P 489 -11.56 -8.83 -62.46
C ASP P 489 -11.99 -7.87 -61.37
N GLY P 490 -11.48 -8.10 -60.16
CA GLY P 490 -11.81 -7.25 -59.05
C GLY P 490 -11.16 -5.89 -59.12
N THR P 491 -10.92 -5.27 -57.96
CA THR P 491 -10.23 -3.98 -57.89
C THR P 491 -8.80 -4.12 -57.42
N GLU P 492 -8.29 -5.34 -57.28
CA GLU P 492 -6.95 -5.54 -56.75
C GLU P 492 -5.91 -5.45 -57.87
N PRO P 493 -4.91 -4.58 -57.76
CA PRO P 493 -3.87 -4.54 -58.80
C PRO P 493 -3.09 -5.83 -58.95
N TYR P 494 -2.89 -6.59 -57.89
CA TYR P 494 -2.07 -7.80 -57.95
C TYR P 494 -2.68 -8.90 -57.09
N VAL P 495 -2.30 -10.14 -57.42
CA VAL P 495 -2.67 -11.31 -56.63
C VAL P 495 -1.43 -12.19 -56.46
N LEU P 496 -1.46 -13.07 -55.46
CA LEU P 496 -0.32 -13.90 -55.15
C LEU P 496 -0.80 -15.26 -54.65
N LYS P 497 0.03 -16.28 -54.87
CA LYS P 497 -0.24 -17.63 -54.38
C LYS P 497 1.06 -18.40 -54.30
N VAL P 498 1.30 -19.03 -53.15
CA VAL P 498 2.50 -19.81 -52.91
C VAL P 498 2.10 -21.20 -52.44
N THR P 499 2.66 -22.23 -53.08
CA THR P 499 2.37 -23.61 -52.72
C THR P 499 3.65 -24.42 -52.74
N GLN P 500 3.65 -25.55 -52.05
CA GLN P 500 4.75 -26.50 -52.07
C GLN P 500 4.37 -27.70 -52.90
N ALA P 501 5.23 -28.08 -53.84
CA ALA P 501 4.89 -29.10 -54.82
C ALA P 501 5.37 -30.49 -54.42
N GLU P 502 6.64 -30.63 -54.06
CA GLU P 502 7.25 -31.93 -53.85
C GLU P 502 8.14 -31.88 -52.63
N PHE P 503 9.01 -32.89 -52.50
CA PHE P 503 9.92 -32.96 -51.36
C PHE P 503 10.87 -31.76 -51.33
N ASP P 504 11.32 -31.30 -52.50
CA ASP P 504 12.28 -30.22 -52.56
C ASP P 504 11.93 -29.25 -53.68
N LYS P 505 10.66 -28.90 -53.81
CA LYS P 505 10.22 -28.02 -54.88
C LYS P 505 9.21 -27.01 -54.34
N TRP P 506 9.22 -25.81 -54.93
CA TRP P 506 8.27 -24.77 -54.60
C TRP P 506 7.73 -24.16 -55.89
N GLU P 507 6.54 -23.57 -55.80
CA GLU P 507 5.94 -22.90 -56.95
C GLU P 507 5.19 -21.67 -56.46
N VAL P 508 5.48 -20.53 -57.07
CA VAL P 508 4.84 -19.26 -56.75
C VAL P 508 4.35 -18.62 -58.03
N VAL P 509 3.11 -18.11 -58.01
CA VAL P 509 2.50 -17.48 -59.18
C VAL P 509 1.95 -16.13 -58.77
N TRP P 510 2.02 -15.15 -59.67
CA TRP P 510 1.54 -13.81 -59.39
C TRP P 510 1.05 -13.16 -60.68
N ALA P 511 0.12 -12.22 -60.54
CA ALA P 511 -0.41 -11.47 -61.66
C ALA P 511 -0.47 -9.99 -61.29
N CYS P 512 -0.32 -9.12 -62.29
CA CYS P 512 -0.32 -7.69 -62.04
C CYS P 512 -0.78 -6.94 -63.29
N CYS P 513 -1.25 -5.72 -63.09
CA CYS P 513 -1.83 -4.88 -64.13
C CYS P 513 -0.92 -3.71 -64.43
N PRO P 514 -0.54 -3.48 -65.68
CA PRO P 514 0.43 -2.42 -66.00
C PRO P 514 -0.24 -1.06 -66.08
N THR P 515 0.60 -0.04 -66.30
CA THR P 515 0.18 1.33 -66.45
C THR P 515 0.19 1.73 -67.93
N GLY P 516 -0.80 2.53 -68.32
CA GLY P 516 -0.90 2.96 -69.70
C GLY P 516 0.10 4.06 -70.05
N VAL P 517 0.18 4.34 -71.35
CA VAL P 517 1.05 5.39 -71.88
C VAL P 517 0.23 6.25 -72.84
N ALA P 518 0.55 7.54 -72.88
CA ALA P 518 -0.11 8.48 -73.78
C ALA P 518 0.74 8.63 -75.03
N ARG P 519 0.28 8.08 -76.14
CA ARG P 519 1.00 8.11 -77.40
C ARG P 519 0.42 9.09 -78.40
N ARG P 520 -0.88 8.98 -78.70
CA ARG P 520 -1.50 9.75 -79.77
C ARG P 520 -2.62 10.62 -79.21
N ILE P 521 -2.61 11.89 -79.58
CA ILE P 521 -3.59 12.88 -79.11
C ILE P 521 -4.16 13.58 -80.33
N GLN P 522 -5.48 13.77 -80.34
CA GLN P 522 -6.15 14.45 -81.43
C GLN P 522 -6.96 15.64 -80.92
N GLY P 523 -6.89 16.75 -81.64
CA GLY P 523 -7.66 17.93 -81.32
C GLY P 523 -8.55 18.33 -82.48
N VAL P 524 -9.67 18.96 -82.15
CA VAL P 524 -10.64 19.37 -83.17
C VAL P 524 -11.03 20.83 -82.96
N PRO P 525 -10.67 21.73 -83.87
CA PRO P 525 -11.08 23.12 -83.74
C PRO P 525 -12.53 23.33 -84.13
N LEU P 526 -13.15 24.34 -83.52
CA LEU P 526 -14.53 24.71 -83.80
C LEU P 526 -14.62 26.23 -83.89
N LEU P 527 -15.64 26.69 -84.60
CA LEU P 527 -15.83 28.12 -84.84
C LEU P 527 -17.23 28.51 -84.40
N ILE P 528 -17.33 29.55 -83.58
CA ILE P 528 -18.63 30.03 -83.11
C ILE P 528 -19.23 31.00 -84.12
N SER Q 2 63.38 65.81 3.04
CA SER Q 2 64.46 64.89 3.38
C SER Q 2 65.52 64.90 2.29
N GLN Q 3 65.77 63.72 1.71
CA GLN Q 3 66.84 63.55 0.74
C GLN Q 3 66.26 63.12 -0.60
N TYR Q 4 66.71 63.77 -1.67
CA TYR Q 4 66.32 63.43 -3.03
C TYR Q 4 67.41 62.69 -3.78
N SER Q 5 68.46 62.25 -3.08
CA SER Q 5 69.57 61.56 -3.73
C SER Q 5 69.19 60.12 -4.06
N ILE Q 6 69.84 59.59 -5.10
CA ILE Q 6 69.61 58.23 -5.55
C ILE Q 6 70.96 57.50 -5.59
N GLN Q 7 71.02 56.35 -4.93
CA GLN Q 7 72.23 55.56 -4.87
C GLN Q 7 72.34 54.62 -6.08
N GLN Q 8 73.53 54.05 -6.26
CA GLN Q 8 73.78 53.13 -7.37
C GLN Q 8 73.72 51.67 -6.96
N SER Q 9 74.06 51.35 -5.72
CA SER Q 9 73.96 50.01 -5.18
C SER Q 9 73.07 50.02 -3.93
N LEU Q 10 72.57 48.83 -3.56
CA LEU Q 10 71.59 48.76 -2.48
C LEU Q 10 72.23 48.83 -1.11
N GLY Q 11 73.06 47.84 -0.76
CA GLY Q 11 73.50 47.71 0.61
C GLY Q 11 72.42 47.12 1.49
N ASN Q 12 72.49 47.44 2.79
CA ASN Q 12 71.51 46.96 3.74
C ASN Q 12 70.37 47.94 3.99
N ALA Q 13 70.58 49.23 3.75
CA ALA Q 13 69.52 50.20 3.96
C ALA Q 13 68.40 50.03 2.95
N SER Q 14 67.20 50.42 3.34
CA SER Q 14 66.03 50.32 2.47
C SER Q 14 65.96 51.55 1.58
N GLY Q 15 65.79 51.33 0.28
CA GLY Q 15 65.69 52.43 -0.66
C GLY Q 15 65.59 51.90 -2.07
N VAL Q 16 65.60 52.83 -3.02
CA VAL Q 16 65.57 52.53 -4.44
C VAL Q 16 66.86 53.03 -5.06
N ALA Q 17 67.54 52.17 -5.80
CA ALA Q 17 68.82 52.50 -6.40
C ALA Q 17 68.77 52.27 -7.90
N VAL Q 18 69.49 53.10 -8.65
CA VAL Q 18 69.59 52.97 -10.10
C VAL Q 18 71.06 53.00 -10.49
N SER Q 19 71.43 52.13 -11.43
CA SER Q 19 72.80 52.06 -11.91
C SER Q 19 73.04 53.08 -13.02
N PRO Q 20 74.29 53.43 -13.28
CA PRO Q 20 74.58 54.32 -14.41
C PRO Q 20 74.20 53.68 -15.74
N ILE Q 21 73.84 54.52 -16.70
CA ILE Q 21 73.37 54.03 -17.99
C ILE Q 21 74.48 53.23 -18.67
N ASN Q 22 74.12 52.05 -19.18
CA ASN Q 22 75.06 51.15 -19.81
C ASN Q 22 74.88 51.20 -21.32
N ALA Q 23 75.93 51.57 -22.04
CA ALA Q 23 75.83 51.75 -23.48
C ALA Q 23 75.77 50.42 -24.22
N ASP Q 24 76.60 49.45 -23.82
CA ASP Q 24 76.72 48.18 -24.54
C ASP Q 24 76.28 47.04 -23.63
N ALA Q 25 74.99 46.69 -23.70
CA ALA Q 25 74.45 45.54 -23.00
C ALA Q 25 73.15 45.14 -23.69
N THR Q 26 72.75 43.90 -23.46
CA THR Q 26 71.57 43.34 -24.09
C THR Q 26 70.62 42.76 -23.05
N LEU Q 27 69.34 42.72 -23.41
CA LEU Q 27 68.30 42.16 -22.56
C LEU Q 27 67.56 41.08 -23.35
N SER Q 28 67.40 39.91 -22.74
CA SER Q 28 66.71 38.79 -23.36
C SER Q 28 65.59 38.33 -22.46
N THR Q 29 64.40 38.16 -23.03
CA THR Q 29 63.23 37.74 -22.29
C THR Q 29 62.52 36.63 -23.05
N GLY Q 30 61.80 35.78 -22.32
CA GLY Q 30 61.07 34.69 -22.95
C GLY Q 30 60.41 33.83 -21.89
N VAL Q 31 59.77 32.77 -22.36
CA VAL Q 31 59.08 31.81 -21.50
C VAL Q 31 59.55 30.40 -21.87
N ALA Q 32 59.42 29.50 -20.90
CA ALA Q 32 59.83 28.11 -21.08
C ALA Q 32 58.60 27.26 -21.39
N LEU Q 33 58.64 26.55 -22.52
CA LEU Q 33 57.50 25.75 -22.94
C LEU Q 33 57.62 24.30 -22.49
N ASN Q 34 58.82 23.72 -22.56
CA ASN Q 34 59.13 22.44 -21.94
C ASN Q 34 58.35 21.28 -22.54
N SER Q 35 57.76 21.48 -23.72
CA SER Q 35 57.05 20.37 -24.37
C SER Q 35 58.02 19.35 -24.96
N SER Q 36 59.18 19.80 -25.44
CA SER Q 36 60.23 18.93 -25.92
C SER Q 36 61.58 19.49 -25.47
N LEU Q 37 62.56 18.61 -25.33
CA LEU Q 37 63.88 19.01 -24.86
C LEU Q 37 64.95 18.48 -25.82
N TRP Q 38 66.04 19.22 -25.91
CA TRP Q 38 67.17 18.86 -26.76
C TRP Q 38 68.44 18.76 -25.91
N ALA Q 39 69.40 18.00 -26.41
CA ALA Q 39 70.69 17.84 -25.76
C ALA Q 39 71.79 18.02 -26.79
N GLY Q 40 72.94 18.52 -26.34
CA GLY Q 40 74.02 18.80 -27.26
C GLY Q 40 75.38 18.85 -26.57
N ILE Q 41 76.40 19.02 -27.39
CA ILE Q 41 77.80 19.09 -26.96
C ILE Q 41 78.45 20.26 -27.68
N GLY Q 42 79.26 21.04 -26.96
CA GLY Q 42 79.83 22.21 -27.59
C GLY Q 42 80.90 22.88 -26.76
N VAL Q 43 81.43 23.97 -27.32
CA VAL Q 43 82.48 24.77 -26.70
C VAL Q 43 81.97 26.19 -26.52
N PHE Q 44 82.11 26.72 -25.30
CA PHE Q 44 81.56 28.02 -24.97
C PHE Q 44 82.61 28.81 -24.19
N ALA Q 45 82.19 29.95 -23.65
CA ALA Q 45 83.09 30.87 -22.94
C ALA Q 45 82.95 30.80 -21.43
N ARG Q 46 81.79 30.38 -20.91
CA ARG Q 46 81.57 30.31 -19.48
C ARG Q 46 80.64 29.15 -19.16
N GLY Q 47 80.86 28.53 -18.02
CA GLY Q 47 80.05 27.41 -17.56
C GLY Q 47 80.96 26.33 -17.03
N LYS Q 48 80.46 25.57 -16.07
CA LYS Q 48 81.27 24.53 -15.45
C LYS Q 48 81.52 23.42 -16.47
N PRO Q 49 82.78 23.09 -16.77
CA PRO Q 49 83.04 22.08 -17.80
C PRO Q 49 82.68 20.69 -17.35
N PHE Q 50 82.31 19.85 -18.33
CA PHE Q 50 82.03 18.43 -18.13
C PHE Q 50 80.93 18.23 -17.08
N THR Q 51 79.85 19.00 -17.22
CA THR Q 51 78.69 18.87 -16.35
C THR Q 51 77.47 19.36 -17.12
N VAL Q 52 76.35 18.62 -16.98
CA VAL Q 52 75.14 18.96 -17.70
C VAL Q 52 74.56 20.26 -17.15
N LEU Q 53 74.27 21.20 -18.04
CA LEU Q 53 73.74 22.50 -17.68
C LEU Q 53 72.35 22.68 -18.28
N ALA Q 54 71.41 23.12 -17.46
CA ALA Q 54 70.05 23.40 -17.92
C ALA Q 54 70.00 24.82 -18.46
N VAL Q 55 69.60 24.96 -19.71
CA VAL Q 55 69.65 26.23 -20.44
C VAL Q 55 68.27 26.56 -20.95
N THR Q 56 67.78 27.76 -20.63
CA THR Q 56 66.51 28.26 -21.14
C THR Q 56 66.75 29.58 -21.87
N GLU Q 57 65.67 30.11 -22.44
CA GLU Q 57 65.80 31.29 -23.30
C GLU Q 57 66.26 32.52 -22.51
N SER Q 58 65.80 32.64 -21.27
CA SER Q 58 66.08 33.85 -20.50
C SER Q 58 67.51 33.86 -19.97
N ASN Q 59 68.04 32.71 -19.54
CA ASN Q 59 69.31 32.67 -18.83
C ASN Q 59 70.45 32.10 -19.67
N TYR Q 60 70.28 31.94 -20.98
CA TYR Q 60 71.32 31.32 -21.78
C TYR Q 60 72.57 32.20 -21.83
N GLU Q 61 72.39 33.52 -21.92
CA GLU Q 61 73.53 34.42 -21.94
C GLU Q 61 74.31 34.38 -20.63
N ASP Q 62 73.59 34.31 -19.50
CA ASP Q 62 74.27 34.30 -18.20
C ASP Q 62 75.00 32.98 -17.98
N VAL Q 63 74.37 31.85 -18.31
CA VAL Q 63 75.00 30.56 -18.08
C VAL Q 63 76.15 30.33 -19.03
N LEU Q 64 75.97 30.63 -20.31
CA LEU Q 64 76.95 30.29 -21.34
C LEU Q 64 77.94 31.41 -21.62
N GLY Q 65 77.72 32.61 -21.09
CA GLY Q 65 78.62 33.71 -21.34
C GLY Q 65 78.35 34.41 -22.66
N GLU Q 66 79.17 35.41 -22.94
CA GLU Q 66 79.01 36.20 -24.15
C GLU Q 66 79.44 35.38 -25.37
N PRO Q 67 78.90 35.69 -26.55
CA PRO Q 67 79.30 34.95 -27.76
C PRO Q 67 80.76 35.19 -28.10
N LEU Q 68 81.37 34.19 -28.72
CA LEU Q 68 82.77 34.26 -29.11
C LEU Q 68 82.92 34.85 -30.50
N LYS Q 69 84.02 35.56 -30.71
CA LYS Q 69 84.21 36.30 -31.95
C LYS Q 69 84.51 35.37 -33.11
N PRO Q 70 83.80 35.47 -34.24
CA PRO Q 70 84.11 34.61 -35.39
C PRO Q 70 85.50 34.82 -35.95
N SER Q 71 86.07 36.01 -35.81
CA SER Q 71 87.39 36.29 -36.37
C SER Q 71 88.49 35.52 -35.66
N SER Q 72 88.22 34.97 -34.48
CA SER Q 72 89.20 34.21 -33.71
C SER Q 72 88.80 32.74 -33.75
N GLY Q 73 89.44 31.98 -34.63
CA GLY Q 73 89.19 30.55 -34.67
C GLY Q 73 87.80 30.19 -35.17
N SER Q 74 87.33 29.03 -34.71
CA SER Q 74 86.04 28.47 -35.13
C SER Q 74 85.20 28.06 -33.93
N GLN Q 75 85.29 28.79 -32.82
CA GLN Q 75 84.49 28.48 -31.65
C GLN Q 75 83.11 29.12 -31.69
N PHE Q 76 82.83 29.94 -32.70
CA PHE Q 76 81.62 30.75 -32.72
C PHE Q 76 80.38 29.98 -33.14
N GLU Q 77 80.51 28.76 -33.63
CA GLU Q 77 79.39 28.05 -34.24
C GLU Q 77 78.40 27.49 -33.22
N PRO Q 78 78.85 26.76 -32.18
CA PRO Q 78 77.87 26.15 -31.26
C PRO Q 78 76.93 27.14 -30.59
N ILE Q 79 77.40 28.35 -30.27
CA ILE Q 79 76.50 29.31 -29.63
C ILE Q 79 75.42 29.76 -30.60
N ARG Q 80 75.76 29.92 -31.88
CA ARG Q 80 74.75 30.25 -32.88
C ARG Q 80 73.74 29.12 -33.00
N HIS Q 81 74.20 27.87 -32.99
CA HIS Q 81 73.27 26.74 -33.04
C HIS Q 81 72.34 26.74 -31.83
N VAL Q 82 72.89 26.99 -30.64
CA VAL Q 82 72.09 27.01 -29.43
C VAL Q 82 71.05 28.12 -29.50
N TYR Q 83 71.45 29.30 -29.99
CA TYR Q 83 70.50 30.39 -30.12
C TYR Q 83 69.38 30.04 -31.10
N GLU Q 84 69.72 29.41 -32.22
CA GLU Q 84 68.68 29.01 -33.17
C GLU Q 84 67.73 27.99 -32.55
N ALA Q 85 68.25 27.03 -31.81
CA ALA Q 85 67.43 25.96 -31.26
C ALA Q 85 66.68 26.35 -30.00
N ILE Q 86 67.03 27.48 -29.36
CA ILE Q 86 66.45 27.84 -28.08
C ILE Q 86 65.19 28.68 -28.20
N GLN Q 87 64.87 29.17 -29.40
CA GLN Q 87 63.69 30.01 -29.55
C GLN Q 87 62.40 29.24 -29.50
N GLN Q 88 62.44 27.90 -29.51
CA GLN Q 88 61.25 27.08 -29.36
C GLN Q 88 61.11 26.52 -27.95
N THR Q 89 62.10 25.77 -27.49
CA THR Q 89 62.06 25.14 -26.18
C THR Q 89 63.42 25.29 -25.50
N SER Q 90 63.54 24.70 -24.32
CA SER Q 90 64.79 24.71 -23.57
C SER Q 90 65.52 23.38 -23.79
N GLY Q 91 66.67 23.22 -23.12
CA GLY Q 91 67.44 22.01 -23.30
C GLY Q 91 68.65 21.99 -22.39
N TYR Q 92 69.53 21.02 -22.66
CA TYR Q 92 70.74 20.78 -21.87
C TYR Q 92 71.96 20.77 -22.76
N VAL Q 93 73.09 21.26 -22.23
CA VAL Q 93 74.36 21.23 -22.94
C VAL Q 93 75.45 20.74 -21.99
N VAL Q 94 76.52 20.24 -22.59
CA VAL Q 94 77.72 19.81 -21.86
C VAL Q 94 78.92 20.52 -22.47
N ARG Q 95 79.73 21.15 -21.63
CA ARG Q 95 80.85 21.96 -22.10
C ARG Q 95 82.13 21.13 -22.16
N ALA Q 96 82.88 21.30 -23.24
CA ALA Q 96 84.19 20.68 -23.41
C ALA Q 96 85.25 21.76 -23.45
N VAL Q 97 86.38 21.52 -22.78
CA VAL Q 97 87.40 22.55 -22.62
C VAL Q 97 88.76 21.96 -22.97
N PRO Q 98 89.68 22.74 -23.56
CA PRO Q 98 91.02 22.20 -23.86
C PRO Q 98 91.86 21.99 -22.61
N ASP Q 99 93.10 21.54 -22.80
CA ASP Q 99 93.99 21.25 -21.68
C ASP Q 99 94.69 22.48 -21.14
N ASP Q 100 94.71 23.59 -21.88
CA ASP Q 100 95.41 24.78 -21.42
C ASP Q 100 94.61 25.60 -20.43
N ALA Q 101 93.31 25.35 -20.30
CA ALA Q 101 92.48 26.17 -19.44
C ALA Q 101 92.79 25.91 -17.97
N LYS Q 102 92.73 26.99 -17.18
CA LYS Q 102 92.98 26.93 -15.75
C LYS Q 102 91.98 27.83 -15.03
N PHE Q 103 91.83 27.59 -13.73
CA PHE Q 103 90.93 28.38 -12.91
C PHE Q 103 91.67 29.00 -11.73
N PRO Q 104 91.34 30.23 -11.35
CA PRO Q 104 92.05 30.90 -10.27
C PRO Q 104 91.69 30.38 -8.89
N ILE Q 105 92.61 30.60 -7.95
CA ILE Q 105 92.48 30.10 -6.59
C ILE Q 105 93.26 31.02 -5.67
N ILE Q 106 92.72 31.27 -4.48
CA ILE Q 106 93.37 32.10 -3.45
C ILE Q 106 93.58 31.23 -2.22
N MET Q 107 94.83 31.16 -1.76
CA MET Q 107 95.20 30.35 -0.61
C MET Q 107 95.54 31.27 0.57
N PHE Q 108 94.84 31.07 1.67
CA PHE Q 108 95.14 31.75 2.92
C PHE Q 108 95.97 30.84 3.82
N ASP Q 109 96.43 31.40 4.93
CA ASP Q 109 97.16 30.63 5.93
C ASP Q 109 96.81 31.17 7.30
N GLU Q 110 97.58 30.78 8.31
CA GLU Q 110 97.44 31.35 9.63
C GLU Q 110 97.74 32.84 9.59
N SER Q 111 96.99 33.62 10.37
CA SER Q 111 97.01 35.07 10.40
C SER Q 111 96.45 35.71 9.13
N GLY Q 112 96.04 34.91 8.14
CA GLY Q 112 95.37 35.43 6.97
C GLY Q 112 96.25 36.17 5.98
N GLU Q 113 97.23 35.48 5.40
CA GLU Q 113 98.08 36.06 4.37
C GLU Q 113 97.78 35.41 3.03
N PRO Q 114 97.07 36.08 2.12
CA PRO Q 114 96.67 35.43 0.87
C PRO Q 114 97.83 35.19 -0.08
N ALA Q 115 97.67 34.13 -0.88
CA ALA Q 115 98.58 33.82 -1.98
C ALA Q 115 97.75 33.41 -3.18
N TYR Q 116 98.27 33.71 -4.37
CA TYR Q 116 97.52 33.53 -5.61
C TYR Q 116 98.16 32.46 -6.47
N SER Q 117 97.33 31.68 -7.16
CA SER Q 117 97.81 30.58 -7.98
C SER Q 117 96.72 30.21 -9.00
N ALA Q 118 97.05 29.25 -9.85
CA ALA Q 118 96.12 28.74 -10.85
C ALA Q 118 96.42 27.27 -11.10
N LEU Q 119 95.36 26.48 -11.33
CA LEU Q 119 95.49 25.04 -11.53
C LEU Q 119 94.65 24.61 -12.73
N PRO Q 120 95.02 23.52 -13.39
CA PRO Q 120 94.18 22.97 -14.45
C PRO Q 120 92.88 22.41 -13.90
N TYR Q 121 91.89 22.31 -14.78
CA TYR Q 121 90.55 21.90 -14.35
C TYR Q 121 90.54 20.49 -13.79
N GLY Q 122 91.25 19.57 -14.44
CA GLY Q 122 91.21 18.18 -14.01
C GLY Q 122 91.84 17.96 -12.65
N SER Q 123 92.96 18.64 -12.38
CA SER Q 123 93.72 18.38 -11.16
C SER Q 123 92.95 18.81 -9.92
N GLU Q 124 93.26 18.15 -8.81
CA GLU Q 124 92.69 18.45 -7.51
C GLU Q 124 93.64 19.32 -6.70
N ILE Q 125 93.11 19.94 -5.65
CA ILE Q 125 93.85 20.92 -4.87
C ILE Q 125 94.51 20.23 -3.69
N GLU Q 126 95.83 20.40 -3.58
CA GLU Q 126 96.60 19.90 -2.46
C GLU Q 126 97.17 21.07 -1.67
N LEU Q 127 96.92 21.10 -0.36
CA LEU Q 127 97.30 22.20 0.49
C LEU Q 127 98.65 21.92 1.14
N ASP Q 128 99.63 22.79 0.88
CA ASP Q 128 100.96 22.64 1.44
C ASP Q 128 100.93 22.89 2.94
N SER Q 129 101.91 22.31 3.64
CA SER Q 129 102.04 22.55 5.08
C SER Q 129 102.28 24.04 5.33
N GLY Q 130 101.55 24.59 6.29
CA GLY Q 130 101.59 26.01 6.56
C GLY Q 130 100.47 26.81 5.93
N GLU Q 131 99.46 26.15 5.37
CA GLU Q 131 98.30 26.82 4.79
C GLU Q 131 97.03 26.29 5.43
N ALA Q 132 96.09 27.19 5.71
CA ALA Q 132 94.88 26.83 6.44
C ALA Q 132 93.73 26.43 5.52
N PHE Q 133 93.38 27.30 4.57
CA PHE Q 133 92.23 27.05 3.71
C PHE Q 133 92.42 27.80 2.40
N ALA Q 134 91.61 27.42 1.41
CA ALA Q 134 91.67 28.02 0.09
C ALA Q 134 90.26 28.24 -0.43
N ILE Q 135 90.11 29.26 -1.28
CA ILE Q 135 88.85 29.57 -1.95
C ILE Q 135 89.12 29.72 -3.43
N TYR Q 136 88.34 29.02 -4.26
CA TYR Q 136 88.55 29.03 -5.70
C TYR Q 136 87.20 29.18 -6.40
N VAL Q 137 87.27 29.61 -7.67
CA VAL Q 137 86.08 29.87 -8.46
C VAL Q 137 85.64 28.57 -9.15
N ASP Q 138 84.43 28.12 -8.84
CA ASP Q 138 83.87 26.90 -9.42
C ASP Q 138 83.05 27.16 -10.68
N ASP Q 139 82.83 28.42 -11.04
CA ASP Q 139 81.96 28.74 -12.17
C ASP Q 139 82.58 28.38 -13.52
N GLY Q 140 83.87 28.07 -13.56
CA GLY Q 140 84.52 27.83 -14.84
C GLY Q 140 84.54 29.06 -15.71
N ASP Q 141 84.77 30.23 -15.12
CA ASP Q 141 84.80 31.49 -15.86
C ASP Q 141 86.14 32.16 -15.60
N PRO Q 142 86.97 32.37 -16.61
CA PRO Q 142 88.17 33.18 -16.41
C PRO Q 142 87.78 34.60 -16.05
N CYS Q 143 88.56 35.20 -15.15
CA CYS Q 143 88.26 36.53 -14.64
C CYS Q 143 89.07 37.60 -15.38
N ILE Q 144 89.22 37.45 -16.69
CA ILE Q 144 90.08 38.34 -17.46
C ILE Q 144 89.45 39.70 -17.63
N SER Q 145 88.31 39.79 -18.33
CA SER Q 145 87.80 41.12 -18.60
C SER Q 145 86.94 41.66 -17.44
N PRO Q 146 85.93 40.92 -16.91
CA PRO Q 146 85.30 41.39 -15.68
C PRO Q 146 85.99 40.81 -14.46
N THR Q 147 86.61 41.66 -13.65
CA THR Q 147 87.38 41.17 -12.51
C THR Q 147 86.46 40.89 -11.32
N ARG Q 148 86.89 39.98 -10.46
CA ARG Q 148 86.15 39.61 -9.27
C ARG Q 148 87.07 39.70 -8.05
N GLU Q 149 86.54 40.21 -6.95
CA GLU Q 149 87.34 40.50 -5.77
C GLU Q 149 86.64 39.97 -4.51
N LEU Q 150 87.44 39.74 -3.48
CA LEU Q 150 86.96 39.29 -2.17
C LEU Q 150 87.28 40.31 -1.10
N THR Q 151 86.33 40.54 -0.20
CA THR Q 151 86.53 41.34 0.99
C THR Q 151 86.08 40.53 2.21
N ILE Q 152 86.84 40.64 3.30
CA ILE Q 152 86.58 39.88 4.51
C ILE Q 152 86.38 40.86 5.67
N GLU Q 153 85.29 40.69 6.40
CA GLU Q 153 84.97 41.56 7.53
C GLU Q 153 84.54 40.70 8.71
N THR Q 154 85.09 40.99 9.88
CA THR Q 154 84.74 40.23 11.07
C THR Q 154 83.33 40.56 11.54
N ALA Q 155 82.76 39.66 12.33
CA ALA Q 155 81.41 39.85 12.85
C ALA Q 155 81.33 39.45 14.32
N THR Q 156 80.12 39.39 14.86
CA THR Q 156 79.92 39.03 16.25
C THR Q 156 80.11 37.53 16.45
N ALA Q 157 80.51 37.16 17.67
CA ALA Q 157 80.70 35.76 17.99
C ALA Q 157 79.35 35.05 18.10
N ASP Q 158 79.41 33.71 18.05
CA ASP Q 158 78.22 32.89 18.13
C ASP Q 158 77.73 32.80 19.57
N SER Q 159 76.52 32.26 19.75
CA SER Q 159 75.97 32.10 21.09
C SER Q 159 76.83 31.16 21.93
N ALA Q 160 77.24 30.03 21.35
CA ALA Q 160 78.12 29.12 22.07
C ALA Q 160 79.52 29.71 22.21
N GLY Q 161 79.89 30.62 21.31
CA GLY Q 161 81.21 31.22 21.31
C GLY Q 161 82.06 30.69 20.18
N ASN Q 162 82.08 31.41 19.06
CA ASN Q 162 82.78 30.96 17.86
C ASN Q 162 83.01 32.17 16.98
N GLU Q 163 84.23 32.28 16.44
CA GLU Q 163 84.56 33.40 15.59
C GLU Q 163 83.88 33.26 14.23
N ARG Q 164 83.29 34.36 13.76
CA ARG Q 164 82.59 34.39 12.48
C ARG Q 164 83.00 35.63 11.73
N PHE Q 165 82.91 35.57 10.40
CA PHE Q 165 83.26 36.70 9.56
C PHE Q 165 82.35 36.72 8.33
N LEU Q 166 82.31 37.87 7.67
CA LEU Q 166 81.51 38.08 6.48
C LEU Q 166 82.38 37.98 5.24
N LEU Q 167 81.90 37.23 4.25
CA LEU Q 167 82.58 37.08 2.97
C LEU Q 167 81.71 37.69 1.89
N LYS Q 168 82.27 38.66 1.16
CA LYS Q 168 81.53 39.41 0.15
C LYS Q 168 82.25 39.34 -1.18
N LEU Q 169 81.48 39.14 -2.25
CA LEU Q 169 82.02 39.02 -3.60
C LEU Q 169 81.48 40.16 -4.45
N THR Q 170 82.36 40.83 -5.19
CA THR Q 170 82.00 41.94 -6.05
C THR Q 170 82.66 41.77 -7.41
N GLN Q 171 82.07 42.43 -8.41
CA GLN Q 171 82.53 42.35 -9.80
C GLN Q 171 82.73 43.75 -10.34
N THR Q 172 83.88 43.99 -10.96
CA THR Q 172 84.22 45.29 -11.51
C THR Q 172 84.50 45.17 -13.01
N THR Q 173 83.97 46.12 -13.77
CA THR Q 173 84.14 46.12 -15.22
C THR Q 173 85.42 46.88 -15.59
N SER Q 174 85.61 47.12 -16.89
CA SER Q 174 86.82 47.82 -17.34
C SER Q 174 86.78 49.30 -17.01
N LEU Q 175 85.60 49.92 -17.08
CA LEU Q 175 85.47 51.34 -16.79
C LEU Q 175 85.52 51.67 -15.31
N GLY Q 176 85.44 50.67 -14.43
CA GLY Q 176 85.52 50.91 -13.01
C GLY Q 176 84.21 50.80 -12.26
N VAL Q 177 83.12 50.40 -12.92
CA VAL Q 177 81.84 50.25 -12.22
C VAL Q 177 81.89 49.01 -11.34
N VAL Q 178 81.49 49.16 -10.09
CA VAL Q 178 81.55 48.09 -9.10
C VAL Q 178 80.13 47.60 -8.82
N THR Q 179 79.94 46.29 -8.88
CA THR Q 179 78.64 45.67 -8.67
C THR Q 179 78.76 44.60 -7.59
N THR Q 180 77.72 44.47 -6.78
CA THR Q 180 77.69 43.52 -5.68
C THR Q 180 77.07 42.22 -6.13
N LEU Q 181 77.73 41.09 -5.82
CA LEU Q 181 77.28 39.77 -6.27
C LEU Q 181 76.69 38.94 -5.14
N GLU Q 182 77.43 38.75 -4.05
CA GLU Q 182 77.01 37.83 -2.99
C GLU Q 182 77.57 38.27 -1.65
N THR Q 183 76.92 37.84 -0.57
CA THR Q 183 77.40 38.01 0.78
C THR Q 183 77.12 36.73 1.56
N HIS Q 184 77.99 36.44 2.53
CA HIS Q 184 77.82 35.24 3.35
C HIS Q 184 78.32 35.50 4.76
N THR Q 185 77.84 34.69 5.70
CA THR Q 185 78.36 34.63 7.06
C THR Q 185 78.88 33.23 7.29
N VAL Q 186 80.19 33.10 7.47
CA VAL Q 186 80.85 31.80 7.54
C VAL Q 186 81.78 31.77 8.74
N SER Q 187 82.13 30.56 9.15
CA SER Q 187 82.99 30.34 10.31
C SER Q 187 84.00 29.23 10.00
N LEU Q 188 85.03 29.15 10.83
CA LEU Q 188 86.09 28.16 10.66
C LEU Q 188 85.97 27.00 11.65
N ALA Q 189 84.87 26.91 12.38
CA ALA Q 189 84.64 25.82 13.32
C ALA Q 189 83.52 24.92 12.81
N GLU Q 190 83.68 23.62 13.01
CA GLU Q 190 82.74 22.65 12.45
C GLU Q 190 81.34 22.82 13.05
N GLU Q 191 81.27 22.98 14.37
CA GLU Q 191 79.98 23.06 15.07
C GLU Q 191 79.64 24.53 15.33
N ALA Q 192 79.47 25.27 14.25
CA ALA Q 192 79.12 26.69 14.31
C ALA Q 192 77.80 26.90 13.58
N LYS Q 193 76.92 27.69 14.17
CA LYS Q 193 75.57 27.87 13.66
C LYS Q 193 75.30 29.33 13.37
N ASP Q 194 74.60 29.57 12.27
CA ASP Q 194 74.21 30.91 11.87
C ASP Q 194 73.08 31.41 12.76
N ASP Q 195 72.77 32.70 12.65
CA ASP Q 195 71.63 33.26 13.38
C ASP Q 195 70.33 32.60 12.96
N MET Q 196 70.15 32.40 11.66
CA MET Q 196 68.91 31.81 11.15
C MET Q 196 68.79 30.32 11.46
N GLY Q 197 69.83 29.69 11.98
CA GLY Q 197 69.77 28.30 12.37
C GLY Q 197 70.50 27.33 11.49
N ARG Q 198 71.27 27.82 10.52
CA ARG Q 198 72.03 26.98 9.61
C ARG Q 198 73.50 26.94 10.04
N LEU Q 199 74.28 26.10 9.36
CA LEU Q 199 75.68 25.88 9.71
C LEU Q 199 76.57 26.84 8.93
N CYS Q 200 77.58 27.38 9.61
CA CYS Q 200 78.47 28.39 9.05
C CYS Q 200 79.80 27.83 8.59
N TYR Q 201 80.00 26.52 8.67
CA TYR Q 201 81.28 25.95 8.31
C TYR Q 201 81.56 26.19 6.83
N LEU Q 202 82.75 26.71 6.53
CA LEU Q 202 82.98 27.35 5.23
C LEU Q 202 82.71 26.46 4.03
N PRO Q 203 83.29 25.26 3.92
CA PRO Q 203 82.96 24.42 2.74
C PRO Q 203 81.49 24.08 2.63
N THR Q 204 80.84 23.73 3.74
CA THR Q 204 79.43 23.37 3.68
C THR Q 204 78.56 24.55 3.28
N ALA Q 205 78.80 25.72 3.87
CA ALA Q 205 78.00 26.90 3.53
C ALA Q 205 78.21 27.29 2.08
N LEU Q 206 79.46 27.29 1.61
CA LEU Q 206 79.71 27.66 0.22
C LEU Q 206 79.09 26.67 -0.74
N GLU Q 207 79.18 25.37 -0.43
CA GLU Q 207 78.58 24.36 -1.31
C GLU Q 207 77.07 24.48 -1.33
N ALA Q 208 76.44 24.74 -0.18
CA ALA Q 208 74.99 24.75 -0.11
C ALA Q 208 74.37 25.99 -0.72
N ARG Q 209 74.94 27.17 -0.45
CA ARG Q 209 74.23 28.41 -0.75
C ARG Q 209 75.04 29.39 -1.60
N SER Q 210 75.94 28.90 -2.45
CA SER Q 210 76.71 29.79 -3.30
C SER Q 210 76.74 29.25 -4.73
N LYS Q 211 76.81 30.17 -5.69
CA LYS Q 211 76.79 29.83 -7.10
C LYS Q 211 78.15 29.89 -7.79
N TYR Q 212 79.09 30.67 -7.23
CA TYR Q 212 80.39 30.85 -7.85
C TYR Q 212 81.52 30.20 -7.06
N LEU Q 213 81.54 30.37 -5.75
CA LEU Q 213 82.71 30.07 -4.95
C LEU Q 213 82.62 28.70 -4.29
N ARG Q 214 83.78 28.09 -4.07
CA ARG Q 214 83.91 26.85 -3.32
C ARG Q 214 85.14 26.95 -2.44
N ALA Q 215 85.20 26.11 -1.41
CA ALA Q 215 86.28 26.17 -0.44
C ALA Q 215 86.83 24.77 -0.16
N VAL Q 216 88.13 24.72 0.13
CA VAL Q 216 88.81 23.51 0.55
C VAL Q 216 89.62 23.83 1.80
N VAL Q 217 89.56 22.95 2.80
CA VAL Q 217 90.10 23.23 4.12
C VAL Q 217 91.17 22.21 4.48
N ASN Q 218 92.16 22.64 5.25
CA ASN Q 218 93.23 21.79 5.75
C ASN Q 218 92.98 21.51 7.22
N GLU Q 219 92.73 20.25 7.56
CA GLU Q 219 92.29 19.91 8.90
C GLU Q 219 93.42 19.99 9.94
N GLU Q 220 94.67 20.11 9.51
CA GLU Q 220 95.77 20.09 10.48
C GLU Q 220 95.86 21.39 11.25
N LEU Q 221 95.70 22.54 10.59
CA LEU Q 221 96.00 23.83 11.18
C LEU Q 221 94.78 24.66 11.57
N ILE Q 222 93.57 24.24 11.20
CA ILE Q 222 92.39 25.03 11.52
C ILE Q 222 92.04 25.00 13.00
N SER Q 223 92.76 24.21 13.80
CA SER Q 223 92.59 24.30 15.24
C SER Q 223 92.97 25.67 15.76
N THR Q 224 94.04 26.25 15.21
CA THR Q 224 94.50 27.59 15.57
C THR Q 224 94.73 28.41 14.30
N ALA Q 225 93.67 29.02 13.80
CA ALA Q 225 93.72 29.86 12.62
C ALA Q 225 92.99 31.17 12.89
N LYS Q 226 93.49 32.24 12.28
CA LYS Q 226 92.94 33.58 12.49
C LYS Q 226 92.65 34.23 11.14
N VAL Q 227 91.73 35.19 11.16
CA VAL Q 227 91.37 35.96 9.98
C VAL Q 227 91.37 37.43 10.33
N THR Q 228 91.72 38.26 9.35
CA THR Q 228 91.80 39.70 9.52
C THR Q 228 91.01 40.38 8.40
N ASN Q 229 90.74 41.67 8.60
CA ASN Q 229 89.99 42.43 7.62
C ASN Q 229 90.84 42.70 6.39
N LYS Q 230 90.37 42.25 5.23
CA LYS Q 230 91.05 42.46 3.96
C LYS Q 230 90.05 43.07 2.98
N LYS Q 231 90.56 43.78 1.98
CA LYS Q 231 89.70 44.47 1.03
C LYS Q 231 90.19 44.26 -0.39
N SER Q 232 89.27 43.85 -1.27
CA SER Q 232 89.50 43.80 -2.71
C SER Q 232 90.69 42.91 -3.08
N LEU Q 233 90.54 41.63 -2.79
CA LEU Q 233 91.51 40.63 -3.19
C LEU Q 233 91.08 40.03 -4.53
N ALA Q 234 91.88 40.26 -5.58
CA ALA Q 234 91.48 39.94 -6.94
C ALA Q 234 92.06 38.62 -7.39
N PHE Q 235 91.23 37.81 -8.05
CA PHE Q 235 91.70 36.57 -8.66
C PHE Q 235 92.59 36.87 -9.85
N THR Q 236 93.65 36.08 -10.02
CA THR Q 236 94.55 36.21 -11.15
C THR Q 236 94.95 34.83 -11.64
N GLY Q 237 95.24 34.74 -12.95
CA GLY Q 237 95.76 33.53 -13.55
C GLY Q 237 94.75 32.70 -14.30
N GLY Q 238 93.45 32.98 -14.17
CA GLY Q 238 92.45 32.18 -14.84
C GLY Q 238 92.39 32.44 -16.33
N THR Q 239 92.71 31.44 -17.13
CA THR Q 239 92.80 31.59 -18.58
C THR Q 239 92.01 30.51 -19.30
N ASN Q 240 91.55 30.85 -20.50
CA ASN Q 240 90.97 29.89 -21.44
C ASN Q 240 92.00 29.62 -22.52
N GLY Q 241 92.29 28.34 -22.75
CA GLY Q 241 93.32 27.98 -23.70
C GLY Q 241 92.89 28.19 -25.13
N ASP Q 242 93.75 27.76 -26.05
CA ASP Q 242 93.43 27.83 -27.47
C ASP Q 242 92.31 26.86 -27.75
N GLN Q 243 91.09 27.39 -27.89
CA GLN Q 243 89.91 26.56 -28.05
C GLN Q 243 89.66 26.15 -29.50
N SER Q 244 90.51 26.58 -30.43
CA SER Q 244 90.41 26.13 -31.81
C SER Q 244 91.02 24.76 -32.03
N LYS Q 245 91.73 24.22 -31.04
CA LYS Q 245 92.37 22.91 -31.13
C LYS Q 245 91.96 22.10 -29.91
N ILE Q 246 90.95 21.24 -30.08
CA ILE Q 246 90.45 20.38 -29.02
C ILE Q 246 90.53 18.95 -29.49
N SER Q 247 91.13 18.09 -28.69
CA SER Q 247 91.32 16.69 -29.06
C SER Q 247 89.98 15.95 -29.04
N THR Q 248 89.96 14.79 -29.69
CA THR Q 248 88.76 13.96 -29.71
C THR Q 248 88.46 13.34 -28.36
N ALA Q 249 89.45 13.26 -27.48
CA ALA Q 249 89.22 12.72 -26.14
C ALA Q 249 88.24 13.56 -25.35
N ALA Q 250 88.35 14.89 -25.46
CA ALA Q 250 87.42 15.77 -24.77
C ALA Q 250 85.99 15.58 -25.28
N TYR Q 251 85.83 15.47 -26.61
CA TYR Q 251 84.52 15.23 -27.17
C TYR Q 251 83.95 13.89 -26.70
N LEU Q 252 84.77 12.84 -26.69
CA LEU Q 252 84.27 11.55 -26.25
C LEU Q 252 83.89 11.56 -24.77
N ARG Q 253 84.68 12.24 -23.94
CA ARG Q 253 84.34 12.34 -22.53
C ARG Q 253 83.03 13.10 -22.33
N ALA Q 254 82.84 14.20 -23.06
CA ALA Q 254 81.59 14.95 -22.93
C ALA Q 254 80.40 14.14 -23.44
N VAL Q 255 80.60 13.34 -24.50
CA VAL Q 255 79.51 12.48 -24.98
C VAL Q 255 79.16 11.44 -23.94
N LYS Q 256 80.18 10.85 -23.30
CA LYS Q 256 79.91 9.89 -22.23
C LYS Q 256 79.14 10.55 -21.09
N VAL Q 257 79.51 11.79 -20.74
CA VAL Q 257 78.76 12.51 -19.72
C VAL Q 257 77.31 12.69 -20.14
N LEU Q 258 77.08 13.08 -21.39
CA LEU Q 258 75.72 13.29 -21.87
C LEU Q 258 74.92 12.00 -21.90
N ASN Q 259 75.58 10.86 -22.09
CA ASN Q 259 74.87 9.59 -22.12
C ASN Q 259 74.21 9.28 -20.78
N ASN Q 260 74.92 9.55 -19.67
CA ASN Q 260 74.44 9.21 -18.35
C ASN Q 260 73.73 10.36 -17.66
N ALA Q 261 73.24 11.33 -18.42
CA ALA Q 261 72.53 12.45 -17.83
C ALA Q 261 71.21 11.96 -17.22
N PRO Q 262 70.93 12.29 -15.96
CA PRO Q 262 69.69 11.81 -15.33
C PRO Q 262 68.44 12.44 -15.90
N TYR Q 263 68.55 13.50 -16.68
CA TYR Q 263 67.39 14.15 -17.28
C TYR Q 263 66.93 13.40 -18.52
N MET Q 264 65.76 13.79 -19.02
CA MET Q 264 65.14 13.17 -20.19
C MET Q 264 65.05 14.20 -21.31
N TYR Q 265 65.50 13.81 -22.50
CA TYR Q 265 65.39 14.66 -23.68
C TYR Q 265 64.90 13.81 -24.84
N THR Q 266 64.39 14.48 -25.87
CA THR Q 266 63.80 13.80 -27.01
C THR Q 266 64.49 14.14 -28.33
N ALA Q 267 65.67 14.75 -28.30
CA ALA Q 267 66.42 15.04 -29.51
C ALA Q 267 67.86 15.29 -29.16
N VAL Q 268 68.75 14.94 -30.08
CA VAL Q 268 70.19 15.16 -29.95
C VAL Q 268 70.64 16.01 -31.13
N LEU Q 269 71.36 17.09 -30.83
CA LEU Q 269 71.81 18.03 -31.85
C LEU Q 269 73.33 17.97 -31.98
N GLY Q 270 73.81 18.06 -33.23
CA GLY Q 270 75.25 18.04 -33.45
C GLY Q 270 75.94 19.27 -32.90
N LEU Q 271 75.36 20.44 -33.10
CA LEU Q 271 75.92 21.72 -32.66
C LEU Q 271 77.32 21.94 -33.23
N GLY Q 272 77.51 21.58 -34.49
CA GLY Q 272 78.74 21.89 -35.19
C GLY Q 272 80.00 21.24 -34.67
N CYS Q 273 79.96 19.92 -34.40
CA CYS Q 273 81.17 19.22 -33.99
C CYS Q 273 82.07 18.93 -35.18
N TYR Q 274 81.50 18.37 -36.25
CA TYR Q 274 82.25 17.97 -37.45
C TYR Q 274 83.39 17.01 -37.12
N ASP Q 275 83.18 16.14 -36.15
CA ASP Q 275 84.14 15.09 -35.81
C ASP Q 275 83.44 13.74 -35.92
N ASN Q 276 84.05 12.82 -36.65
CA ASN Q 276 83.37 11.56 -36.98
C ASN Q 276 83.12 10.72 -35.75
N ALA Q 277 84.11 10.62 -34.84
CA ALA Q 277 83.93 9.81 -33.64
C ALA Q 277 82.81 10.38 -32.77
N ALA Q 278 82.78 11.69 -32.57
CA ALA Q 278 81.73 12.30 -31.77
C ALA Q 278 80.36 12.09 -32.43
N ILE Q 279 80.30 12.22 -33.75
CA ILE Q 279 79.03 12.06 -34.46
C ILE Q 279 78.51 10.64 -34.30
N THR Q 280 79.38 9.64 -34.46
CA THR Q 280 78.90 8.26 -34.33
C THR Q 280 78.55 7.92 -32.89
N ALA Q 281 79.25 8.51 -31.91
CA ALA Q 281 78.86 8.30 -30.51
C ALA Q 281 77.49 8.90 -30.23
N LEU Q 282 77.21 10.09 -30.77
CA LEU Q 282 75.89 10.69 -30.60
C LEU Q 282 74.83 9.85 -31.29
N GLY Q 283 75.15 9.28 -32.45
CA GLY Q 283 74.23 8.37 -33.10
C GLY Q 283 73.95 7.13 -32.27
N LYS Q 284 74.97 6.61 -31.58
CA LYS Q 284 74.75 5.49 -30.67
C LYS Q 284 73.82 5.89 -29.53
N ILE Q 285 73.98 7.11 -29.01
CA ILE Q 285 73.06 7.59 -27.97
C ILE Q 285 71.63 7.62 -28.51
N CYS Q 286 71.45 8.14 -29.72
CA CYS Q 286 70.11 8.23 -30.30
C CYS Q 286 69.51 6.84 -30.47
N ALA Q 287 70.30 5.88 -30.95
CA ALA Q 287 69.80 4.51 -31.10
C ALA Q 287 69.50 3.88 -29.75
N ASP Q 288 70.23 4.26 -28.70
CA ASP Q 288 70.00 3.67 -27.39
C ASP Q 288 68.71 4.18 -26.76
N ARG Q 289 68.47 5.48 -26.82
CA ARG Q 289 67.32 6.06 -26.14
C ARG Q 289 66.04 6.08 -26.97
N LEU Q 290 66.12 5.71 -28.25
CA LEU Q 290 64.99 5.79 -29.18
C LEU Q 290 64.45 7.22 -29.28
N ILE Q 291 65.34 8.14 -29.68
CA ILE Q 291 64.98 9.53 -29.92
C ILE Q 291 65.54 9.95 -31.27
N ASP Q 292 65.12 11.13 -31.72
CA ASP Q 292 65.54 11.64 -33.02
C ASP Q 292 66.93 12.25 -32.95
N GLY Q 293 67.57 12.34 -34.12
CA GLY Q 293 68.88 12.94 -34.21
C GLY Q 293 69.04 13.84 -35.42
N PHE Q 294 69.60 15.03 -35.23
CA PHE Q 294 69.81 16.00 -36.30
C PHE Q 294 71.29 16.36 -36.32
N PHE Q 295 72.02 15.85 -37.32
CA PHE Q 295 73.45 16.06 -37.43
C PHE Q 295 73.77 16.81 -38.71
N ASP Q 296 75.01 17.28 -38.80
CA ASP Q 296 75.41 18.16 -39.89
C ASP Q 296 76.79 17.77 -40.40
N VAL Q 297 77.04 18.05 -41.67
CA VAL Q 297 78.35 17.88 -42.28
C VAL Q 297 78.93 19.26 -42.48
N LYS Q 298 80.23 19.32 -42.75
CA LYS Q 298 80.93 20.60 -42.85
C LYS Q 298 80.33 21.44 -43.96
N PRO Q 299 79.89 22.67 -43.67
CA PRO Q 299 79.24 23.48 -44.72
C PRO Q 299 80.21 24.05 -45.74
N THR Q 300 81.50 24.12 -45.43
CA THR Q 300 82.46 24.68 -46.37
C THR Q 300 82.80 23.74 -47.52
N LEU Q 301 82.37 22.48 -47.45
CA LEU Q 301 82.63 21.55 -48.53
C LEU Q 301 81.82 21.92 -49.76
N THR Q 302 82.34 21.54 -50.94
CA THR Q 302 81.62 21.75 -52.18
C THR Q 302 80.57 20.66 -52.36
N TYR Q 303 79.79 20.76 -53.44
CA TYR Q 303 78.73 19.79 -53.67
C TYR Q 303 79.29 18.40 -53.91
N ALA Q 304 80.38 18.30 -54.68
CA ALA Q 304 80.93 16.99 -55.01
C ALA Q 304 81.53 16.31 -53.79
N GLU Q 305 82.16 17.07 -52.89
CA GLU Q 305 82.80 16.50 -51.73
C GLU Q 305 81.83 16.20 -50.59
N ALA Q 306 80.59 16.70 -50.65
CA ALA Q 306 79.66 16.48 -49.55
C ALA Q 306 79.23 15.02 -49.45
N LEU Q 307 79.03 14.36 -50.58
CA LEU Q 307 78.53 12.99 -50.57
C LEU Q 307 79.48 12.01 -49.89
N PRO Q 308 80.78 11.96 -50.20
CA PRO Q 308 81.65 11.01 -49.49
C PRO Q 308 81.73 11.25 -47.99
N ALA Q 309 81.61 12.51 -47.55
CA ALA Q 309 81.68 12.78 -46.12
C ALA Q 309 80.51 12.16 -45.36
N VAL Q 310 79.37 11.97 -46.03
CA VAL Q 310 78.23 11.33 -45.39
C VAL Q 310 78.58 9.89 -45.03
N GLU Q 311 79.19 9.15 -45.95
CA GLU Q 311 79.68 7.82 -45.63
C GLU Q 311 80.81 7.88 -44.62
N ASP Q 312 81.61 8.95 -44.65
CA ASP Q 312 82.67 9.11 -43.67
C ASP Q 312 82.13 9.25 -42.26
N THR Q 313 80.92 9.78 -42.10
CA THR Q 313 80.34 9.91 -40.77
C THR Q 313 80.10 8.55 -40.13
N GLY Q 314 79.77 7.53 -40.93
CA GLY Q 314 79.53 6.20 -40.41
C GLY Q 314 78.10 5.90 -40.02
N LEU Q 315 77.19 6.86 -40.17
CA LEU Q 315 75.79 6.64 -39.83
C LEU Q 315 75.04 5.84 -40.89
N LEU Q 316 75.57 5.74 -42.10
CA LEU Q 316 74.87 5.03 -43.15
C LEU Q 316 74.80 3.54 -42.86
N GLY Q 317 73.65 2.95 -43.09
CA GLY Q 317 73.42 1.55 -42.80
C GLY Q 317 71.98 1.34 -42.35
N THR Q 318 71.81 0.39 -41.44
CA THR Q 318 70.50 0.06 -40.90
C THR Q 318 70.38 0.24 -39.40
N ASP Q 319 71.49 0.48 -38.68
CA ASP Q 319 71.43 0.60 -37.23
C ASP Q 319 70.82 1.92 -36.80
N TYR Q 320 71.19 3.01 -37.47
CA TYR Q 320 70.73 4.35 -37.12
C TYR Q 320 69.71 4.78 -38.16
N VAL Q 321 68.43 4.54 -37.89
CA VAL Q 321 67.36 4.86 -38.84
C VAL Q 321 66.63 6.14 -38.48
N SER Q 322 66.93 6.76 -37.35
CA SER Q 322 66.26 7.98 -36.92
C SER Q 322 67.13 9.23 -37.07
N CYS Q 323 68.35 9.09 -37.56
CA CYS Q 323 69.26 10.22 -37.69
C CYS Q 323 69.15 10.86 -39.06
N SER Q 324 69.51 12.14 -39.13
CA SER Q 324 69.45 12.90 -40.37
C SER Q 324 70.73 13.71 -40.52
N VAL Q 325 71.11 13.96 -41.78
CA VAL Q 325 72.34 14.68 -42.11
C VAL Q 325 72.01 15.81 -43.08
N TYR Q 326 72.55 16.99 -42.83
CA TYR Q 326 72.26 18.18 -43.62
C TYR Q 326 73.54 18.76 -44.17
N HIS Q 327 73.39 19.63 -45.18
CA HIS Q 327 74.50 20.30 -45.83
C HIS Q 327 73.99 21.63 -46.36
N TYR Q 328 74.66 22.72 -45.98
CA TYR Q 328 74.17 24.07 -46.25
C TYR Q 328 75.33 25.01 -46.54
N PRO Q 329 75.86 24.98 -47.77
CA PRO Q 329 76.91 25.95 -48.11
C PRO Q 329 76.34 27.30 -48.50
N PHE Q 330 76.38 28.25 -47.57
CA PHE Q 330 75.83 29.59 -47.80
C PHE Q 330 76.44 30.53 -46.78
N SER Q 331 76.39 31.83 -47.08
CA SER Q 331 76.97 32.84 -46.22
C SER Q 331 75.91 33.88 -45.84
N CYS Q 332 75.95 34.32 -44.59
CA CYS Q 332 74.96 35.24 -44.06
C CYS Q 332 75.62 36.23 -43.12
N LYS Q 333 74.93 37.35 -42.87
CA LYS Q 333 75.40 38.34 -41.92
C LYS Q 333 75.16 37.86 -40.50
N ASP Q 334 76.21 37.91 -39.69
CA ASP Q 334 76.08 37.53 -38.29
C ASP Q 334 75.23 38.57 -37.54
N LYS Q 335 74.50 38.10 -36.53
CA LYS Q 335 73.64 38.99 -35.76
C LYS Q 335 74.44 39.87 -34.82
N TRP Q 336 75.54 39.34 -34.26
CA TRP Q 336 76.27 40.03 -33.21
C TRP Q 336 77.42 40.89 -33.73
N THR Q 337 78.11 40.45 -34.79
CA THR Q 337 79.25 41.19 -35.31
C THR Q 337 79.00 41.77 -36.70
N GLN Q 338 77.84 41.50 -37.30
CA GLN Q 338 77.45 42.06 -38.59
C GLN Q 338 78.40 41.64 -39.71
N SER Q 339 79.29 40.70 -39.43
CA SER Q 339 80.23 40.23 -40.44
C SER Q 339 79.64 39.04 -41.19
N ARG Q 340 80.42 38.47 -42.10
CA ARG Q 340 79.96 37.35 -42.93
C ARG Q 340 80.48 36.05 -42.32
N VAL Q 341 79.56 35.16 -41.95
CA VAL Q 341 79.90 33.90 -41.31
C VAL Q 341 79.13 32.78 -41.99
N VAL Q 342 79.62 31.56 -41.80
CA VAL Q 342 79.00 30.35 -42.32
C VAL Q 342 78.89 29.34 -41.21
N PHE Q 343 77.68 28.84 -40.95
CA PHE Q 343 77.49 27.82 -39.93
C PHE Q 343 76.37 26.88 -40.35
N GLY Q 344 76.02 25.96 -39.46
CA GLY Q 344 75.22 24.80 -39.80
C GLY Q 344 73.73 25.04 -39.79
N LEU Q 345 72.98 23.93 -39.76
CA LEU Q 345 71.54 23.97 -39.99
C LEU Q 345 70.77 23.02 -39.08
N SER Q 346 71.40 22.42 -38.07
CA SER Q 346 70.70 21.45 -37.21
C SER Q 346 69.64 22.13 -36.36
N GLY Q 347 69.93 23.32 -35.84
CA GLY Q 347 68.98 24.00 -34.98
C GLY Q 347 67.66 24.29 -35.67
N VAL Q 348 67.72 24.68 -36.94
CA VAL Q 348 66.50 24.94 -37.69
C VAL Q 348 65.66 23.68 -37.82
N ALA Q 349 66.31 22.55 -38.07
CA ALA Q 349 65.59 21.27 -38.17
C ALA Q 349 64.92 20.92 -36.85
N TYR Q 350 65.63 21.10 -35.73
CA TYR Q 350 65.01 20.81 -34.45
C TYR Q 350 63.83 21.74 -34.17
N ALA Q 351 63.98 23.01 -34.53
CA ALA Q 351 62.89 23.96 -34.34
C ALA Q 351 61.66 23.55 -35.14
N ALA Q 352 61.87 23.09 -36.38
CA ALA Q 352 60.76 22.62 -37.18
C ALA Q 352 60.10 21.40 -36.55
N LYS Q 353 60.90 20.47 -36.03
CA LYS Q 353 60.32 19.30 -35.38
C LYS Q 353 59.51 19.68 -34.15
N ALA Q 354 60.02 20.62 -33.35
CA ALA Q 354 59.28 21.06 -32.17
C ALA Q 354 57.98 21.76 -32.56
N ARG Q 355 58.02 22.58 -33.61
CA ARG Q 355 56.78 23.22 -34.08
C ARG Q 355 55.77 22.19 -34.52
N GLY Q 356 56.22 21.15 -35.23
CA GLY Q 356 55.31 20.08 -35.60
C GLY Q 356 54.73 19.36 -34.39
N VAL Q 357 55.55 19.15 -33.36
CA VAL Q 357 55.09 18.46 -32.17
C VAL Q 357 54.04 19.27 -31.42
N LYS Q 358 54.19 20.60 -31.41
CA LYS Q 358 53.26 21.43 -30.64
C LYS Q 358 51.83 21.38 -31.16
N LYS Q 359 51.60 20.85 -32.37
CA LYS Q 359 50.27 20.91 -32.97
C LYS Q 359 49.25 20.07 -32.21
N ASN Q 360 49.65 18.89 -31.73
CA ASN Q 360 48.77 18.00 -31.00
C ASN Q 360 49.16 18.01 -29.53
N SER Q 361 48.18 18.20 -28.66
CA SER Q 361 48.43 18.33 -27.22
C SER Q 361 48.17 17.06 -26.43
N ASP Q 362 47.45 16.09 -27.00
CA ASP Q 362 47.14 14.87 -26.26
C ASP Q 362 48.34 13.93 -26.19
N VAL Q 363 48.78 13.43 -27.35
CA VAL Q 363 49.88 12.49 -27.40
C VAL Q 363 51.16 13.10 -27.95
N GLY Q 364 51.08 14.18 -28.73
CA GLY Q 364 52.24 14.87 -29.26
C GLY Q 364 52.16 15.14 -30.76
N GLY Q 365 51.56 14.24 -31.52
CA GLY Q 365 51.52 14.44 -32.95
C GLY Q 365 52.89 14.46 -33.57
N TRP Q 366 53.56 13.32 -33.56
CA TRP Q 366 54.91 13.19 -34.11
C TRP Q 366 54.93 12.83 -35.58
N HIS Q 367 53.77 12.76 -36.23
CA HIS Q 367 53.69 12.35 -37.63
C HIS Q 367 53.95 13.49 -38.60
N TYR Q 368 54.19 14.71 -38.11
CA TYR Q 368 54.47 15.84 -38.98
C TYR Q 368 55.93 15.86 -39.37
N SER Q 369 56.20 15.94 -40.68
CA SER Q 369 57.57 15.95 -41.14
C SER Q 369 58.27 17.25 -40.77
N PRO Q 370 59.58 17.20 -40.50
CA PRO Q 370 60.29 18.41 -40.03
C PRO Q 370 60.72 19.34 -41.15
N ALA Q 371 60.13 19.23 -42.33
CA ALA Q 371 60.44 20.11 -43.45
C ALA Q 371 59.17 20.67 -44.03
N GLY Q 372 59.25 21.89 -44.55
CA GLY Q 372 58.09 22.53 -45.15
C GLY Q 372 58.24 24.02 -45.13
N GLU Q 373 57.31 24.67 -45.85
CA GLU Q 373 57.37 26.12 -45.99
C GLU Q 373 56.89 26.84 -44.73
N GLU Q 374 55.94 26.26 -44.00
CA GLU Q 374 55.39 26.94 -42.83
C GLU Q 374 56.15 26.63 -41.55
N ARG Q 375 56.81 25.48 -41.46
CA ARG Q 375 57.51 25.09 -40.24
C ARG Q 375 59.00 25.36 -40.32
N ALA Q 376 59.69 24.81 -41.32
CA ALA Q 376 61.14 24.94 -41.43
C ALA Q 376 61.45 26.19 -42.26
N VAL Q 377 61.71 27.31 -41.58
CA VAL Q 377 62.11 28.54 -42.22
C VAL Q 377 63.47 28.95 -41.68
N ILE Q 378 64.32 29.45 -42.56
CA ILE Q 378 65.67 29.88 -42.20
C ILE Q 378 65.69 31.39 -42.27
N ALA Q 379 65.96 32.04 -41.13
CA ALA Q 379 65.92 33.49 -41.01
C ALA Q 379 67.33 34.03 -40.85
N ARG Q 380 67.90 34.54 -41.94
CA ARG Q 380 69.21 35.16 -41.92
C ARG Q 380 69.15 36.47 -42.70
N ALA Q 381 70.08 37.37 -42.38
CA ALA Q 381 69.98 38.74 -42.87
C ALA Q 381 70.09 38.82 -44.39
N SER Q 382 71.13 38.22 -44.95
CA SER Q 382 71.33 38.28 -46.40
C SER Q 382 72.15 37.07 -46.81
N ILE Q 383 71.57 36.21 -47.65
CA ILE Q 383 72.14 34.90 -47.96
C ILE Q 383 72.66 34.91 -49.39
N GLN Q 384 73.92 34.54 -49.56
CA GLN Q 384 74.52 34.41 -50.87
C GLN Q 384 75.20 33.05 -50.99
N PRO Q 385 75.19 32.44 -52.18
CA PRO Q 385 75.87 31.16 -52.34
C PRO Q 385 77.37 31.30 -52.09
N LEU Q 386 77.93 30.30 -51.40
CA LEU Q 386 79.35 30.33 -51.11
C LEU Q 386 80.18 29.94 -52.33
N TYR Q 387 79.65 29.07 -53.18
CA TYR Q 387 80.34 28.60 -54.38
C TYR Q 387 79.44 28.84 -55.58
N PRO Q 388 79.40 30.07 -56.09
CA PRO Q 388 78.66 30.32 -57.34
C PRO Q 388 79.32 29.61 -58.51
N GLU Q 389 78.59 29.56 -59.62
CA GLU Q 389 79.00 28.82 -60.81
C GLU Q 389 79.12 27.32 -60.52
N ASP Q 390 78.32 26.83 -59.57
CA ASP Q 390 78.29 25.41 -59.23
C ASP Q 390 76.85 24.93 -59.19
N THR Q 391 76.66 23.67 -59.57
CA THR Q 391 75.32 23.10 -59.71
C THR Q 391 75.22 21.81 -58.90
N PRO Q 392 74.19 21.65 -58.08
CA PRO Q 392 74.01 20.39 -57.36
C PRO Q 392 73.34 19.32 -58.23
N ASP Q 393 73.49 18.08 -57.81
CA ASP Q 393 72.88 16.93 -58.46
C ASP Q 393 71.86 16.33 -57.49
N GLU Q 394 70.58 16.43 -57.84
CA GLU Q 394 69.53 16.07 -56.88
C GLU Q 394 69.44 14.57 -56.66
N GLU Q 395 69.53 13.79 -57.74
CA GLU Q 395 69.40 12.34 -57.61
C GLU Q 395 70.55 11.75 -56.80
N ALA Q 396 71.76 12.26 -57.00
CA ALA Q 396 72.89 11.80 -56.20
C ALA Q 396 72.68 12.11 -54.72
N MET Q 397 72.14 13.29 -54.42
CA MET Q 397 71.84 13.63 -53.03
C MET Q 397 70.78 12.72 -52.44
N VAL Q 398 69.77 12.36 -53.24
CA VAL Q 398 68.74 11.45 -52.76
C VAL Q 398 69.32 10.07 -52.47
N LYS Q 399 70.17 9.57 -53.36
CA LYS Q 399 70.75 8.24 -53.16
C LYS Q 399 71.71 8.22 -51.98
N GLY Q 400 72.37 9.33 -51.69
CA GLY Q 400 73.29 9.44 -50.58
C GLY Q 400 72.70 9.95 -49.29
N ARG Q 401 71.39 10.14 -49.22
CA ARG Q 401 70.70 10.61 -48.02
C ARG Q 401 71.20 11.98 -47.57
N LEU Q 402 70.95 12.97 -48.44
CA LEU Q 402 71.14 14.38 -48.10
C LEU Q 402 69.84 15.15 -48.33
N ASN Q 403 69.63 16.17 -47.51
CA ASN Q 403 68.42 16.98 -47.55
C ASN Q 403 68.71 18.28 -48.29
N LYS Q 404 67.80 18.67 -49.17
CA LYS Q 404 67.95 19.84 -50.02
C LYS Q 404 67.22 21.04 -49.43
N VAL Q 405 67.47 22.20 -50.02
CA VAL Q 405 66.88 23.46 -49.58
C VAL Q 405 66.27 24.16 -50.80
N SER Q 406 65.32 25.05 -50.52
CA SER Q 406 64.63 25.77 -51.59
C SER Q 406 64.21 27.14 -51.05
N VAL Q 407 63.42 27.85 -51.86
CA VAL Q 407 63.02 29.21 -51.56
C VAL Q 407 61.51 29.24 -51.35
N GLY Q 408 61.07 29.87 -50.26
CA GLY Q 408 59.66 30.04 -50.01
C GLY Q 408 59.08 31.22 -50.76
N THR Q 409 57.78 31.44 -50.55
CA THR Q 409 57.10 32.52 -51.25
C THR Q 409 57.45 33.89 -50.69
N SER Q 410 58.06 33.96 -49.52
CA SER Q 410 58.45 35.23 -48.91
C SER Q 410 59.89 35.60 -49.19
N GLY Q 411 60.60 34.82 -49.99
CA GLY Q 411 61.98 35.11 -50.30
C GLY Q 411 62.99 34.61 -49.30
N GLN Q 412 62.64 33.64 -48.47
CA GLN Q 412 63.54 33.08 -47.47
C GLN Q 412 63.77 31.60 -47.76
N MET Q 413 64.97 31.13 -47.41
CA MET Q 413 65.34 29.75 -47.68
C MET Q 413 64.51 28.79 -46.84
N ILE Q 414 64.19 27.64 -47.42
CA ILE Q 414 63.32 26.64 -46.83
C ILE Q 414 63.97 25.28 -46.96
N ILE Q 415 63.93 24.49 -45.88
CA ILE Q 415 64.31 23.09 -45.97
C ILE Q 415 63.23 22.36 -46.76
N ASP Q 416 63.64 21.63 -47.80
CA ASP Q 416 62.69 21.08 -48.76
C ASP Q 416 62.71 19.55 -48.81
N ASP Q 417 63.29 18.89 -47.81
CA ASP Q 417 63.32 17.44 -47.84
C ASP Q 417 63.50 16.91 -46.43
N ALA Q 418 63.14 15.64 -46.25
CA ALA Q 418 63.26 14.98 -44.94
C ALA Q 418 63.53 13.50 -45.19
N LEU Q 419 64.80 13.11 -45.15
CA LEU Q 419 65.21 11.73 -45.37
C LEU Q 419 66.15 11.31 -44.25
N THR Q 420 65.98 10.07 -43.78
CA THR Q 420 66.81 9.54 -42.72
C THR Q 420 67.96 8.74 -43.30
N CYS Q 421 68.86 8.28 -42.43
CA CYS Q 421 70.05 7.54 -42.85
C CYS Q 421 69.77 6.03 -42.91
N CYS Q 422 68.72 5.64 -43.61
CA CYS Q 422 68.39 4.24 -43.82
C CYS Q 422 68.45 3.95 -45.32
N THR Q 423 69.22 2.95 -45.70
CA THR Q 423 69.40 2.60 -47.09
C THR Q 423 68.59 1.39 -47.51
N GLN Q 424 67.62 0.98 -46.70
CA GLN Q 424 66.86 -0.25 -46.93
C GLN Q 424 65.71 -0.07 -47.91
N ASP Q 425 65.43 1.15 -48.35
CA ASP Q 425 64.38 1.43 -49.34
C ASP Q 425 62.98 1.06 -48.84
N ASN Q 426 62.77 1.02 -47.53
CA ASN Q 426 61.48 0.72 -46.94
C ASN Q 426 60.70 2.02 -46.72
N TYR Q 427 59.64 1.95 -45.93
CA TYR Q 427 59.01 3.16 -45.40
C TYR Q 427 59.85 3.85 -44.36
N LEU Q 428 61.10 3.45 -44.15
CA LEU Q 428 61.92 4.01 -43.09
C LEU Q 428 62.83 5.14 -43.57
N HIS Q 429 62.70 5.58 -44.82
CA HIS Q 429 63.34 6.83 -45.22
C HIS Q 429 62.78 8.00 -44.43
N PHE Q 430 61.46 8.09 -44.39
CA PHE Q 430 60.79 9.29 -43.94
C PHE Q 430 61.00 9.49 -42.44
N GLN Q 431 61.09 10.75 -42.04
CA GLN Q 431 61.37 11.05 -40.64
C GLN Q 431 60.20 10.68 -39.75
N HIS Q 432 58.98 10.80 -40.25
CA HIS Q 432 57.81 10.71 -39.38
C HIS Q 432 57.50 9.26 -38.97
N VAL Q 433 57.81 8.28 -39.80
CA VAL Q 433 57.48 6.89 -39.49
C VAL Q 433 58.27 6.40 -38.27
N PRO Q 434 59.60 6.49 -38.25
CA PRO Q 434 60.31 6.12 -37.01
C PRO Q 434 59.92 6.97 -35.83
N SER Q 435 59.54 8.23 -36.04
CA SER Q 435 59.07 9.04 -34.93
C SER Q 435 57.81 8.45 -34.30
N LEU Q 436 56.87 8.03 -35.14
CA LEU Q 436 55.65 7.39 -34.63
C LEU Q 436 55.99 6.12 -33.87
N MET Q 437 56.82 5.25 -34.47
CA MET Q 437 57.12 3.99 -33.82
C MET Q 437 57.85 4.20 -32.50
N ASN Q 438 58.78 5.15 -32.46
CA ASN Q 438 59.53 5.41 -31.24
C ASN Q 438 58.64 6.00 -30.15
N ALA Q 439 57.71 6.88 -30.52
CA ALA Q 439 56.78 7.42 -29.54
C ALA Q 439 55.91 6.32 -28.95
N ILE Q 440 55.40 5.43 -29.80
CA ILE Q 440 54.57 4.33 -29.30
C ILE Q 440 55.38 3.43 -28.38
N SER Q 441 56.62 3.13 -28.76
CA SER Q 441 57.46 2.25 -27.94
C SER Q 441 57.78 2.88 -26.59
N ARG Q 442 58.06 4.19 -26.58
CA ARG Q 442 58.35 4.86 -25.32
C ARG Q 442 57.13 4.88 -24.40
N PHE Q 443 55.95 5.12 -24.97
CA PHE Q 443 54.73 5.07 -24.17
C PHE Q 443 54.51 3.67 -23.59
N PHE Q 444 54.75 2.64 -24.41
CA PHE Q 444 54.61 1.27 -23.91
C PHE Q 444 55.60 0.99 -22.79
N VAL Q 445 56.84 1.48 -22.93
CA VAL Q 445 57.84 1.24 -21.90
C VAL Q 445 57.41 1.88 -20.59
N GLN Q 446 56.92 3.11 -20.64
CA GLN Q 446 56.43 3.76 -19.42
C GLN Q 446 55.27 2.97 -18.80
N LEU Q 447 54.32 2.55 -19.64
CA LEU Q 447 53.17 1.80 -19.13
C LEU Q 447 53.60 0.51 -18.46
N ALA Q 448 54.52 -0.23 -19.10
CA ALA Q 448 55.00 -1.48 -18.51
C ALA Q 448 55.76 -1.22 -17.21
N ARG Q 449 56.56 -0.15 -17.17
CA ARG Q 449 57.31 0.16 -15.96
C ARG Q 449 56.41 0.49 -14.80
N GLN Q 450 55.23 1.07 -15.06
CA GLN Q 450 54.34 1.39 -13.94
C GLN Q 450 53.86 0.14 -13.21
N MET Q 451 53.54 -0.93 -13.94
CA MET Q 451 52.95 -2.13 -13.34
C MET Q 451 53.96 -3.28 -13.23
N LYS Q 452 55.21 -2.98 -12.94
CA LYS Q 452 56.24 -3.98 -12.74
C LYS Q 452 56.15 -4.58 -11.34
N HIS Q 453 56.70 -5.80 -11.20
CA HIS Q 453 56.84 -6.47 -9.91
C HIS Q 453 55.48 -6.65 -9.22
N SER Q 454 54.59 -7.37 -9.90
CA SER Q 454 53.25 -7.60 -9.40
C SER Q 454 52.90 -9.08 -9.49
N PRO Q 455 52.04 -9.56 -8.59
CA PRO Q 455 51.68 -10.99 -8.60
C PRO Q 455 50.84 -11.34 -9.82
N ASP Q 456 50.54 -12.63 -9.92
CA ASP Q 456 49.88 -13.16 -11.10
C ASP Q 456 48.42 -12.75 -11.17
N GLY Q 457 47.86 -12.76 -12.38
CA GLY Q 457 46.46 -12.50 -12.61
C GLY Q 457 46.11 -11.04 -12.86
N ILE Q 458 47.09 -10.13 -12.80
CA ILE Q 458 46.82 -8.70 -12.90
C ILE Q 458 47.45 -8.10 -14.15
N THR Q 459 48.65 -8.55 -14.52
CA THR Q 459 49.44 -7.83 -15.51
C THR Q 459 48.83 -7.94 -16.91
N ALA Q 460 48.26 -9.09 -17.26
CA ALA Q 460 47.79 -9.31 -18.63
C ALA Q 460 46.69 -8.33 -19.01
N ALA Q 461 45.65 -8.26 -18.18
CA ALA Q 461 44.51 -7.39 -18.48
C ALA Q 461 44.93 -5.93 -18.50
N GLY Q 462 45.75 -5.52 -17.53
CA GLY Q 462 46.22 -4.15 -17.51
C GLY Q 462 47.01 -3.79 -18.76
N LEU Q 463 47.93 -4.68 -19.17
CA LEU Q 463 48.73 -4.43 -20.35
C LEU Q 463 47.86 -4.31 -21.59
N THR Q 464 46.93 -5.26 -21.78
CA THR Q 464 46.13 -5.22 -23.00
C THR Q 464 45.20 -4.01 -23.03
N LYS Q 465 44.60 -3.66 -21.89
CA LYS Q 465 43.71 -2.51 -21.85
C LYS Q 465 44.47 -1.21 -22.09
N GLY Q 466 45.62 -1.04 -21.44
CA GLY Q 466 46.40 0.16 -21.64
C GLY Q 466 46.90 0.30 -23.06
N MET Q 467 47.37 -0.80 -23.65
CA MET Q 467 47.86 -0.74 -25.02
C MET Q 467 46.73 -0.42 -26.00
N THR Q 468 45.55 -1.03 -25.80
CA THR Q 468 44.43 -0.72 -26.68
C THR Q 468 44.04 0.74 -26.57
N LYS Q 469 44.01 1.28 -25.35
CA LYS Q 469 43.65 2.70 -25.20
C LYS Q 469 44.68 3.61 -25.85
N LEU Q 470 45.96 3.29 -25.69
CA LEU Q 470 47.01 4.13 -26.29
C LEU Q 470 46.94 4.10 -27.81
N LEU Q 471 46.76 2.91 -28.39
CA LEU Q 471 46.66 2.83 -29.85
C LEU Q 471 45.39 3.48 -30.37
N ASP Q 472 44.30 3.42 -29.60
CA ASP Q 472 43.09 4.15 -29.99
C ASP Q 472 43.33 5.65 -30.00
N ARG Q 473 44.06 6.16 -29.00
CA ARG Q 473 44.39 7.58 -29.00
C ARG Q 473 45.24 7.96 -30.19
N PHE Q 474 46.22 7.11 -30.54
CA PHE Q 474 47.06 7.41 -31.70
C PHE Q 474 46.26 7.36 -33.00
N VAL Q 475 45.29 6.44 -33.09
CA VAL Q 475 44.44 6.42 -34.27
C VAL Q 475 43.61 7.70 -34.35
N ALA Q 476 43.07 8.14 -33.21
CA ALA Q 476 42.28 9.36 -33.19
C ALA Q 476 43.10 10.58 -33.58
N SER Q 477 44.37 10.63 -33.17
CA SER Q 477 45.20 11.79 -33.48
C SER Q 477 45.51 11.92 -34.96
N GLY Q 478 45.26 10.87 -35.76
CA GLY Q 478 45.48 10.91 -37.18
C GLY Q 478 46.79 10.31 -37.65
N ALA Q 479 47.54 9.65 -36.77
CA ALA Q 479 48.82 9.08 -37.15
C ALA Q 479 48.67 7.79 -37.95
N LEU Q 480 47.70 6.96 -37.60
CA LEU Q 480 47.51 5.66 -38.24
C LEU Q 480 46.28 5.68 -39.12
N VAL Q 481 46.40 5.06 -40.30
CA VAL Q 481 45.32 5.01 -41.27
C VAL Q 481 45.13 3.58 -41.74
N ALA Q 482 44.05 3.36 -42.49
CA ALA Q 482 43.73 2.03 -42.99
C ALA Q 482 44.78 1.58 -44.01
N PRO Q 483 45.09 0.29 -44.05
CA PRO Q 483 46.16 -0.19 -44.94
C PRO Q 483 45.83 0.00 -46.41
N ARG Q 484 46.88 0.16 -47.21
CA ARG Q 484 46.72 0.39 -48.64
C ARG Q 484 46.44 -0.88 -49.42
N ASP Q 485 46.62 -2.06 -48.82
CA ASP Q 485 46.39 -3.33 -49.49
C ASP Q 485 45.32 -4.09 -48.72
N PRO Q 486 44.04 -3.95 -49.11
CA PRO Q 486 42.97 -4.65 -48.38
C PRO Q 486 42.87 -6.13 -48.70
N ASP Q 487 43.52 -6.61 -49.77
CA ASP Q 487 43.54 -8.04 -50.03
C ASP Q 487 44.45 -8.77 -49.05
N ALA Q 488 45.65 -8.23 -48.82
CA ALA Q 488 46.60 -8.87 -47.93
C ALA Q 488 46.26 -8.66 -46.46
N ASP Q 489 45.70 -7.50 -46.12
CA ASP Q 489 45.40 -7.15 -44.73
C ASP Q 489 43.96 -6.69 -44.64
N GLY Q 490 43.41 -6.73 -43.43
CA GLY Q 490 42.05 -6.31 -43.22
C GLY Q 490 41.86 -4.81 -43.31
N THR Q 491 40.86 -4.28 -42.61
CA THR Q 491 40.63 -2.84 -42.55
C THR Q 491 41.06 -2.24 -41.23
N GLU Q 492 41.55 -3.03 -40.29
CA GLU Q 492 41.91 -2.53 -38.97
C GLU Q 492 43.29 -1.87 -39.02
N PRO Q 493 43.42 -0.62 -38.58
CA PRO Q 493 44.74 0.04 -38.59
C PRO Q 493 45.78 -0.63 -37.71
N TYR Q 494 45.37 -1.38 -36.68
CA TYR Q 494 46.33 -1.98 -35.76
C TYR Q 494 45.79 -3.32 -35.26
N VAL Q 495 46.72 -4.14 -34.76
CA VAL Q 495 46.40 -5.40 -34.10
C VAL Q 495 47.25 -5.51 -32.84
N LEU Q 496 46.82 -6.37 -31.92
CA LEU Q 496 47.49 -6.51 -30.63
C LEU Q 496 47.40 -7.95 -30.16
N LYS Q 497 48.39 -8.38 -29.39
CA LYS Q 497 48.40 -9.72 -28.82
C LYS Q 497 49.33 -9.75 -27.61
N VAL Q 498 48.82 -10.26 -26.49
CA VAL Q 498 49.59 -10.38 -25.26
C VAL Q 498 49.54 -11.83 -24.80
N THR Q 499 50.72 -12.42 -24.59
CA THR Q 499 50.83 -13.79 -24.11
C THR Q 499 51.88 -13.85 -23.02
N GLN Q 500 51.73 -14.83 -22.13
CA GLN Q 500 52.68 -15.05 -21.04
C GLN Q 500 53.60 -16.20 -21.41
N ALA Q 501 54.90 -16.00 -21.21
CA ALA Q 501 55.92 -16.92 -21.69
C ALA Q 501 56.41 -17.89 -20.62
N GLU Q 502 56.84 -17.38 -19.47
CA GLU Q 502 57.51 -18.19 -18.47
C GLU Q 502 57.00 -17.80 -17.08
N PHE Q 503 57.72 -18.23 -16.05
CA PHE Q 503 57.34 -17.96 -14.68
C PHE Q 503 57.32 -16.45 -14.41
N ASP Q 504 58.30 -15.72 -14.94
CA ASP Q 504 58.42 -14.29 -14.66
C ASP Q 504 58.72 -13.52 -15.94
N LYS Q 505 58.06 -13.87 -17.04
CA LYS Q 505 58.31 -13.22 -18.31
C LYS Q 505 56.99 -12.87 -18.98
N TRP Q 506 57.00 -11.78 -19.75
CA TRP Q 506 55.83 -11.32 -20.49
C TRP Q 506 56.25 -10.99 -21.91
N GLU Q 507 55.29 -11.04 -22.83
CA GLU Q 507 55.58 -10.70 -24.22
C GLU Q 507 54.35 -10.10 -24.88
N VAL Q 508 54.54 -8.99 -25.58
CA VAL Q 508 53.46 -8.28 -26.28
C VAL Q 508 53.96 -7.90 -27.67
N VAL Q 509 53.10 -8.07 -28.67
CA VAL Q 509 53.42 -7.77 -30.06
C VAL Q 509 52.30 -6.93 -30.65
N TRP Q 510 52.65 -5.98 -31.52
CA TRP Q 510 51.66 -5.13 -32.15
C TRP Q 510 52.14 -4.71 -33.53
N ALA Q 511 51.19 -4.32 -34.37
CA ALA Q 511 51.48 -3.84 -35.72
C ALA Q 511 50.57 -2.65 -36.02
N CYS Q 512 51.08 -1.71 -36.81
CA CYS Q 512 50.29 -0.53 -37.15
C CYS Q 512 50.72 -0.01 -38.52
N CYS Q 513 49.82 0.76 -39.14
CA CYS Q 513 50.01 1.29 -40.49
C CYS Q 513 50.20 2.80 -40.45
N PRO Q 514 51.31 3.31 -40.98
CA PRO Q 514 51.61 4.74 -40.86
C PRO Q 514 50.84 5.56 -41.90
N THR Q 515 51.05 6.87 -41.82
CA THR Q 515 50.43 7.83 -42.73
C THR Q 515 51.45 8.34 -43.73
N GLY Q 516 51.02 8.52 -44.97
CA GLY Q 516 51.89 8.99 -46.02
C GLY Q 516 52.14 10.49 -45.95
N VAL Q 517 53.05 10.94 -46.81
CA VAL Q 517 53.39 12.35 -46.92
C VAL Q 517 53.32 12.76 -48.39
N ALA Q 518 53.08 14.05 -48.63
CA ALA Q 518 53.06 14.59 -49.98
C ALA Q 518 54.39 15.29 -50.24
N ARG Q 519 55.26 14.63 -51.00
CA ARG Q 519 56.60 15.14 -51.30
C ARG Q 519 56.69 15.78 -52.67
N ARG Q 520 56.29 15.07 -53.72
CA ARG Q 520 56.45 15.51 -55.10
C ARG Q 520 55.08 15.67 -55.75
N ILE Q 521 54.88 16.80 -56.41
CA ILE Q 521 53.63 17.12 -57.10
C ILE Q 521 53.97 17.53 -58.53
N GLN Q 522 53.19 17.06 -59.50
CA GLN Q 522 53.38 17.41 -60.89
C GLN Q 522 52.12 18.00 -61.48
N GLY Q 523 52.29 19.02 -62.31
CA GLY Q 523 51.18 19.60 -63.05
C GLY Q 523 51.47 19.63 -64.53
N VAL Q 524 50.40 19.57 -65.32
CA VAL Q 524 50.52 19.56 -66.78
C VAL Q 524 49.58 20.58 -67.39
N PRO Q 525 50.08 21.59 -68.09
CA PRO Q 525 49.20 22.54 -68.76
C PRO Q 525 48.72 22.01 -70.10
N LEU Q 526 47.54 22.48 -70.50
CA LEU Q 526 46.96 22.13 -71.78
C LEU Q 526 46.38 23.38 -72.43
N LEU Q 527 46.26 23.34 -73.75
CA LEU Q 527 45.78 24.47 -74.52
C LEU Q 527 44.61 24.04 -75.39
N ILE Q 528 43.53 24.80 -75.36
CA ILE Q 528 42.36 24.48 -76.17
C ILE Q 528 42.46 25.18 -77.52
N SER R 2 3.90 88.17 23.52
CA SER R 2 4.60 87.92 24.78
C SER R 2 5.95 88.59 24.78
N GLN R 3 7.01 87.82 25.02
CA GLN R 3 8.36 88.34 25.18
C GLN R 3 9.25 87.82 24.06
N TYR R 4 9.99 88.72 23.43
CA TYR R 4 10.96 88.37 22.40
C TYR R 4 12.39 88.37 22.95
N SER R 5 12.57 88.48 24.25
CA SER R 5 13.89 88.53 24.84
C SER R 5 14.53 87.15 24.86
N ILE R 6 15.86 87.12 24.88
CA ILE R 6 16.64 85.90 24.92
C ILE R 6 17.60 85.96 26.10
N GLN R 7 17.58 84.94 26.94
CA GLN R 7 18.48 84.87 28.09
C GLN R 7 19.82 84.26 27.68
N GLN R 8 20.81 84.44 28.54
CA GLN R 8 22.15 83.91 28.31
C GLN R 8 22.40 82.58 29.02
N SER R 9 21.86 82.41 30.22
CA SER R 9 21.95 81.17 30.97
C SER R 9 20.57 80.54 31.11
N LEU R 10 20.55 79.24 31.40
CA LEU R 10 19.29 78.49 31.35
C LEU R 10 18.48 78.65 32.63
N GLY R 11 19.01 78.18 33.76
CA GLY R 11 18.24 78.17 34.99
C GLY R 11 17.20 77.05 35.00
N ASN R 12 16.13 77.25 35.76
CA ASN R 12 15.08 76.25 35.88
C ASN R 12 13.90 76.47 34.94
N ALA R 13 13.71 77.69 34.45
CA ALA R 13 12.60 77.94 33.53
C ALA R 13 12.87 77.30 32.17
N SER R 14 11.79 77.05 31.44
CA SER R 14 11.89 76.44 30.12
C SER R 14 12.04 77.54 29.07
N GLY R 15 13.02 77.37 28.19
CA GLY R 15 13.24 78.34 27.14
C GLY R 15 14.53 78.03 26.41
N VAL R 16 14.84 78.91 25.46
CA VAL R 16 16.04 78.79 24.65
C VAL R 16 16.97 79.95 24.98
N ALA R 17 18.23 79.64 25.27
CA ALA R 17 19.21 80.64 25.68
C ALA R 17 20.44 80.55 24.77
N VAL R 18 21.02 81.70 24.47
CA VAL R 18 22.23 81.77 23.65
C VAL R 18 23.27 82.59 24.39
N SER R 19 24.51 82.12 24.36
CA SER R 19 25.62 82.79 25.04
C SER R 19 26.18 83.91 24.18
N PRO R 20 26.86 84.87 24.78
CA PRO R 20 27.54 85.90 23.98
C PRO R 20 28.63 85.30 23.11
N ILE R 21 28.89 85.96 21.98
CA ILE R 21 29.84 85.42 21.01
C ILE R 21 31.23 85.38 21.61
N ASN R 22 31.89 84.23 21.50
CA ASN R 22 33.22 84.02 22.05
C ASN R 22 34.24 84.11 20.92
N ALA R 23 35.19 85.03 21.05
CA ALA R 23 36.17 85.25 19.99
C ALA R 23 37.22 84.16 19.93
N ASP R 24 37.71 83.69 21.08
CA ASP R 24 38.83 82.75 21.13
C ASP R 24 38.43 81.42 21.77
N ALA R 25 37.88 80.53 20.96
CA ALA R 25 37.56 79.18 21.40
C ALA R 25 37.54 78.27 20.19
N THR R 26 37.66 76.97 20.45
CA THR R 26 37.76 75.97 19.39
C THR R 26 36.72 74.88 19.62
N LEU R 27 36.36 74.21 18.53
CA LEU R 27 35.42 73.10 18.56
C LEU R 27 36.06 71.91 17.88
N SER R 28 36.01 70.75 18.53
CA SER R 28 36.57 69.52 18.01
C SER R 28 35.49 68.45 17.98
N THR R 29 35.40 67.75 16.86
CA THR R 29 34.40 66.70 16.67
C THR R 29 35.05 65.46 16.06
N GLY R 30 34.45 64.32 16.32
CA GLY R 30 34.96 63.07 15.79
C GLY R 30 34.14 61.90 16.29
N VAL R 31 34.60 60.71 15.93
CA VAL R 31 33.96 59.47 16.34
C VAL R 31 35.02 58.54 16.94
N ALA R 32 34.57 57.64 17.81
CA ALA R 32 35.44 56.68 18.47
C ALA R 32 35.39 55.36 17.73
N LEU R 33 36.55 54.91 17.24
CA LEU R 33 36.63 53.68 16.48
C LEU R 33 36.94 52.48 17.36
N ASN R 34 37.93 52.62 18.25
CA ASN R 34 38.22 51.64 19.30
C ASN R 34 38.57 50.28 18.71
N SER R 35 39.19 50.26 17.53
CA SER R 35 39.73 49.01 17.02
C SER R 35 41.05 48.66 17.70
N SER R 36 41.84 49.68 18.04
CA SER R 36 43.07 49.52 18.80
C SER R 36 43.16 50.65 19.80
N LEU R 37 43.86 50.41 20.90
CA LEU R 37 44.01 51.42 21.94
C LEU R 37 45.48 51.59 22.28
N TRP R 38 45.84 52.80 22.68
CA TRP R 38 47.21 53.15 23.05
C TRP R 38 47.26 53.60 24.51
N ALA R 39 48.45 53.49 25.10
CA ALA R 39 48.69 53.92 26.46
C ALA R 39 49.95 54.76 26.50
N GLY R 40 49.99 55.73 27.42
CA GLY R 40 51.12 56.63 27.48
C GLY R 40 51.27 57.29 28.84
N ILE R 41 52.37 58.02 28.99
CA ILE R 41 52.73 58.74 30.19
C ILE R 41 53.18 60.13 29.79
N GLY R 42 52.79 61.15 30.57
CA GLY R 42 53.16 62.49 30.18
C GLY R 42 52.81 63.53 31.22
N VAL R 43 53.03 64.79 30.84
CA VAL R 43 52.79 65.95 31.68
C VAL R 43 51.81 66.87 30.97
N PHE R 44 50.74 67.26 31.65
CA PHE R 44 49.68 68.05 31.03
C PHE R 44 49.30 69.20 31.97
N ALA R 45 48.22 69.89 31.63
CA ALA R 45 47.75 71.07 32.37
C ALA R 45 46.59 70.77 33.28
N ARG R 46 45.73 69.82 32.94
CA ARG R 46 44.55 69.50 33.73
C ARG R 46 44.28 68.01 33.68
N GLY R 47 43.75 67.47 34.76
CA GLY R 47 43.44 66.06 34.88
C GLY R 47 43.89 65.58 36.24
N LYS R 48 43.19 64.60 36.78
CA LYS R 48 43.52 64.08 38.10
C LYS R 48 44.86 63.35 38.03
N PRO R 49 45.86 63.76 38.81
CA PRO R 49 47.18 63.14 38.68
C PRO R 49 47.20 61.71 39.20
N PHE R 50 48.09 60.91 38.59
CA PHE R 50 48.33 59.53 39.01
C PHE R 50 47.06 58.70 38.98
N THR R 51 46.34 58.77 37.86
CA THR R 51 45.13 58.00 37.66
C THR R 51 44.90 57.86 36.16
N VAL R 52 44.50 56.66 35.74
CA VAL R 52 44.30 56.39 34.32
C VAL R 52 43.08 57.16 33.82
N LEU R 53 43.27 57.92 32.74
CA LEU R 53 42.22 58.74 32.16
C LEU R 53 41.92 58.25 30.75
N ALA R 54 40.64 58.00 30.47
CA ALA R 54 40.22 57.60 29.13
C ALA R 54 40.03 58.85 28.28
N VAL R 55 40.72 58.89 27.14
CA VAL R 55 40.79 60.07 26.28
C VAL R 55 40.31 59.70 24.90
N THR R 56 39.36 60.48 24.37
CA THR R 56 38.85 60.31 23.02
C THR R 56 39.10 61.57 22.21
N GLU R 57 38.79 61.49 20.91
CA GLU R 57 39.03 62.63 20.04
C GLU R 57 38.17 63.83 20.41
N SER R 58 36.92 63.59 20.79
CA SER R 58 35.99 64.69 21.02
C SER R 58 36.24 65.38 22.36
N ASN R 59 36.67 64.64 23.39
CA ASN R 59 36.74 65.18 24.74
C ASN R 59 38.16 65.31 25.26
N TYR R 60 39.16 65.29 24.38
CA TYR R 60 40.53 65.37 24.88
C TYR R 60 40.86 66.76 25.42
N GLU R 61 40.32 67.81 24.78
CA GLU R 61 40.58 69.16 25.26
C GLU R 61 40.02 69.38 26.66
N ASP R 62 38.81 68.90 26.92
CA ASP R 62 38.20 69.10 28.23
C ASP R 62 38.92 68.32 29.31
N VAL R 63 39.30 67.07 29.03
CA VAL R 63 39.95 66.25 30.03
C VAL R 63 41.37 66.73 30.31
N LEU R 64 42.12 67.05 29.26
CA LEU R 64 43.53 67.38 29.40
C LEU R 64 43.81 68.87 29.52
N GLY R 65 42.80 69.72 29.33
CA GLY R 65 43.01 71.15 29.41
C GLY R 65 43.62 71.73 28.15
N GLU R 66 43.83 73.04 28.19
CA GLU R 66 44.39 73.74 27.04
C GLU R 66 45.86 73.37 26.85
N PRO R 67 46.37 73.46 25.63
CA PRO R 67 47.79 73.16 25.39
C PRO R 67 48.70 74.12 26.13
N LEU R 68 49.88 73.63 26.51
CA LEU R 68 50.86 74.44 27.20
C LEU R 68 51.79 75.12 26.19
N LYS R 69 52.19 76.34 26.52
CA LYS R 69 52.90 77.20 25.57
C LYS R 69 54.34 76.73 25.40
N PRO R 70 54.81 76.54 24.16
CA PRO R 70 56.21 76.12 23.96
C PRO R 70 57.23 77.13 24.44
N SER R 71 56.87 78.42 24.53
CA SER R 71 57.84 79.42 24.96
C SER R 71 58.19 79.29 26.44
N SER R 72 57.40 78.55 27.21
CA SER R 72 57.65 78.34 28.63
C SER R 72 58.00 76.88 28.84
N GLY R 73 59.29 76.61 29.00
CA GLY R 73 59.71 75.25 29.32
C GLY R 73 59.59 74.28 28.16
N SER R 74 59.53 73.00 28.52
CA SER R 74 59.46 71.91 27.54
C SER R 74 58.29 70.98 27.82
N GLN R 75 57.17 71.54 28.32
CA GLN R 75 56.00 70.73 28.62
C GLN R 75 55.13 70.52 27.39
N PHE R 76 55.44 71.17 26.28
CA PHE R 76 54.53 71.23 25.15
C PHE R 76 54.52 69.97 24.30
N GLU R 77 55.45 69.05 24.51
CA GLU R 77 55.61 67.93 23.60
C GLU R 77 54.55 66.84 23.78
N PRO R 78 54.25 66.37 25.00
CA PRO R 78 53.29 65.26 25.13
C PRO R 78 51.91 65.57 24.56
N ILE R 79 51.43 66.81 24.67
CA ILE R 79 50.10 67.10 24.15
C ILE R 79 50.10 67.04 22.63
N ARG R 80 51.18 67.48 21.98
CA ARG R 80 51.29 67.34 20.54
C ARG R 80 51.32 65.87 20.13
N HIS R 81 52.05 65.04 20.89
CA HIS R 81 52.07 63.61 20.60
C HIS R 81 50.68 63.00 20.73
N VAL R 82 49.95 63.37 21.78
CA VAL R 82 48.60 62.85 21.98
C VAL R 82 47.69 63.27 20.84
N TYR R 83 47.78 64.53 20.42
CA TYR R 83 46.96 65.01 19.31
C TYR R 83 47.26 64.24 18.03
N GLU R 84 48.54 64.00 17.75
CA GLU R 84 48.90 63.24 16.56
C GLU R 84 48.36 61.81 16.63
N ALA R 85 48.47 61.17 17.79
CA ALA R 85 48.07 59.77 17.92
C ALA R 85 46.57 59.59 18.07
N ILE R 86 45.82 60.66 18.34
CA ILE R 86 44.39 60.52 18.66
C ILE R 86 43.50 60.60 17.44
N GLN R 87 44.01 60.99 16.27
CA GLN R 87 43.16 61.12 15.11
C GLN R 87 42.74 59.78 14.52
N GLN R 88 43.36 58.68 14.96
CA GLN R 88 42.96 57.34 14.52
C GLN R 88 42.02 56.68 15.52
N THR R 89 42.47 56.48 16.75
CA THR R 89 41.69 55.80 17.78
C THR R 89 41.85 56.52 19.11
N SER R 90 41.22 55.99 20.14
CA SER R 90 41.29 56.55 21.48
C SER R 90 42.35 55.81 22.30
N GLY R 91 42.49 56.20 23.57
CA GLY R 91 43.50 55.59 24.41
C GLY R 91 43.43 56.10 25.83
N TYR R 92 44.45 55.74 26.60
CA TYR R 92 44.53 56.08 28.02
C TYR R 92 45.86 56.78 28.31
N VAL R 93 45.83 57.73 29.25
CA VAL R 93 47.03 58.42 29.68
C VAL R 93 47.06 58.48 31.20
N VAL R 94 48.26 58.68 31.74
CA VAL R 94 48.48 58.87 33.17
C VAL R 94 49.28 60.15 33.36
N ARG R 95 48.83 61.01 34.26
CA ARG R 95 49.43 62.33 34.45
C ARG R 95 50.42 62.31 35.61
N ALA R 96 51.59 62.90 35.37
CA ALA R 96 52.63 63.04 36.38
C ALA R 96 52.81 64.52 36.71
N VAL R 97 52.94 64.82 37.99
CA VAL R 97 52.94 66.21 38.45
C VAL R 97 54.13 66.43 39.38
N PRO R 98 54.75 67.62 39.38
CA PRO R 98 55.87 67.86 40.29
C PRO R 98 55.43 67.98 41.75
N ASP R 99 56.38 68.25 42.64
CA ASP R 99 56.08 68.36 44.07
C ASP R 99 55.57 69.73 44.47
N ASP R 100 55.69 70.74 43.60
CA ASP R 100 55.25 72.08 43.96
C ASP R 100 53.75 72.27 43.79
N ALA R 101 53.09 71.42 43.02
CA ALA R 101 51.68 71.60 42.71
C ALA R 101 50.81 71.37 43.94
N LYS R 102 49.76 72.18 44.06
CA LYS R 102 48.80 72.08 45.16
C LYS R 102 47.39 72.25 44.61
N PHE R 103 46.41 71.90 45.43
CA PHE R 103 45.01 72.02 45.05
C PHE R 103 44.25 72.80 46.10
N PRO R 104 43.25 73.60 45.69
CA PRO R 104 42.52 74.44 46.63
C PRO R 104 41.49 73.67 47.44
N ILE R 105 41.17 74.23 48.60
CA ILE R 105 40.24 73.61 49.53
C ILE R 105 39.58 74.71 50.36
N ILE R 106 38.27 74.56 50.60
CA ILE R 106 37.50 75.50 51.42
C ILE R 106 37.02 74.75 52.65
N MET R 107 37.31 75.29 53.83
CA MET R 107 36.96 74.66 55.10
C MET R 107 35.89 75.50 55.79
N PHE R 108 34.78 74.87 56.15
CA PHE R 108 33.72 75.48 56.93
C PHE R 108 33.84 75.04 58.38
N ASP R 109 33.00 75.62 59.23
CA ASP R 109 32.92 75.22 60.62
C ASP R 109 31.47 75.35 61.07
N GLU R 110 31.26 75.31 62.38
CA GLU R 110 29.92 75.57 62.92
C GLU R 110 29.51 77.00 62.58
N SER R 111 28.22 77.17 62.29
CA SER R 111 27.61 78.42 61.84
C SER R 111 28.05 78.82 60.44
N GLY R 112 28.91 78.05 59.79
CA GLY R 112 29.26 78.29 58.40
C GLY R 112 30.17 79.48 58.15
N GLU R 113 31.40 79.42 58.65
CA GLU R 113 32.38 80.47 58.41
C GLU R 113 33.53 79.92 57.57
N PRO R 114 33.59 80.22 56.28
CA PRO R 114 34.60 79.59 55.42
C PRO R 114 36.01 80.07 55.71
N ALA R 115 36.97 79.17 55.45
CA ALA R 115 38.39 79.47 55.48
C ALA R 115 39.05 78.80 54.28
N TYR R 116 40.11 79.43 53.79
CA TYR R 116 40.75 79.03 52.54
C TYR R 116 42.17 78.53 52.81
N SER R 117 42.58 77.50 52.07
CA SER R 117 43.90 76.91 52.22
C SER R 117 44.23 76.12 50.96
N ALA R 118 45.45 75.60 50.93
CA ALA R 118 45.92 74.75 49.83
C ALA R 118 46.86 73.70 50.38
N LEU R 119 46.80 72.50 49.81
CA LEU R 119 47.60 71.37 50.26
C LEU R 119 48.26 70.68 49.08
N PRO R 120 49.40 70.03 49.30
CA PRO R 120 50.02 69.23 48.23
C PRO R 120 49.17 68.03 47.88
N TYR R 121 49.37 67.53 46.66
CA TYR R 121 48.52 66.46 46.14
C TYR R 121 48.64 65.19 46.96
N GLY R 122 49.86 64.81 47.36
CA GLY R 122 50.04 63.57 48.08
C GLY R 122 49.41 63.57 49.46
N SER R 123 49.47 64.70 50.15
CA SER R 123 49.02 64.78 51.53
C SER R 123 47.51 64.59 51.64
N GLU R 124 47.07 64.09 52.79
CA GLU R 124 45.67 63.90 53.10
C GLU R 124 45.17 65.01 54.01
N ILE R 125 43.85 65.22 53.99
CA ILE R 125 43.24 66.34 54.70
C ILE R 125 42.98 65.96 56.14
N GLU R 126 43.48 66.79 57.06
CA GLU R 126 43.23 66.63 58.49
C GLU R 126 42.43 67.83 58.98
N LEU R 127 41.31 67.57 59.64
CA LEU R 127 40.40 68.62 60.10
C LEU R 127 40.74 69.01 61.52
N ASP R 128 41.11 70.27 61.71
CA ASP R 128 41.47 70.77 63.03
C ASP R 128 40.21 70.88 63.88
N SER R 129 40.39 70.82 65.20
CA SER R 129 39.27 70.89 66.12
C SER R 129 38.54 72.22 65.97
N GLY R 130 37.22 72.17 65.91
CA GLY R 130 36.42 73.34 65.66
C GLY R 130 36.01 73.56 64.22
N GLU R 131 36.23 72.59 63.36
CA GLU R 131 35.84 72.66 61.95
C GLU R 131 34.92 71.50 61.63
N ALA R 132 33.87 71.77 60.85
CA ALA R 132 32.84 70.79 60.60
C ALA R 132 33.12 69.95 59.35
N PHE R 133 33.34 70.60 58.21
CA PHE R 133 33.54 69.87 56.96
C PHE R 133 34.37 70.73 56.02
N ALA R 134 34.88 70.09 54.97
CA ALA R 134 35.69 70.75 53.97
C ALA R 134 35.29 70.26 52.59
N ILE R 135 35.39 71.15 51.60
CA ILE R 135 35.10 70.83 50.20
C ILE R 135 36.32 71.25 49.37
N TYR R 136 36.81 70.34 48.55
CA TYR R 136 38.01 70.58 47.77
C TYR R 136 37.81 70.11 46.34
N VAL R 137 38.60 70.68 45.44
CA VAL R 137 38.51 70.35 44.01
C VAL R 137 39.30 69.08 43.75
N ASP R 138 38.64 68.07 43.19
CA ASP R 138 39.28 66.80 42.87
C ASP R 138 39.71 66.71 41.41
N ASP R 139 39.39 67.70 40.59
CA ASP R 139 39.69 67.64 39.16
C ASP R 139 41.18 67.79 38.86
N GLY R 140 41.99 68.17 39.84
CA GLY R 140 43.39 68.43 39.57
C GLY R 140 43.60 69.61 38.63
N ASP R 141 42.81 70.67 38.82
CA ASP R 141 42.88 71.85 37.97
C ASP R 141 43.12 73.07 38.84
N PRO R 142 44.24 73.77 38.67
CA PRO R 142 44.39 75.07 39.34
C PRO R 142 43.34 76.03 38.81
N CYS R 143 42.81 76.86 39.70
CA CYS R 143 41.74 77.79 39.37
C CYS R 143 42.29 79.19 39.08
N ILE R 144 43.43 79.27 38.40
CA ILE R 144 44.10 80.54 38.20
C ILE R 144 43.36 81.40 37.18
N SER R 145 43.28 80.94 35.93
CA SER R 145 42.70 81.85 34.94
C SER R 145 41.17 81.77 34.93
N PRO R 146 40.52 80.58 34.83
CA PRO R 146 39.07 80.55 35.04
C PRO R 146 38.74 80.29 36.50
N THR R 147 38.13 81.26 37.18
CA THR R 147 37.84 81.10 38.60
C THR R 147 36.58 80.28 38.79
N ARG R 148 36.49 79.65 39.97
CA ARG R 148 35.35 78.82 40.33
C ARG R 148 34.82 79.25 41.69
N GLU R 149 33.50 79.30 41.83
CA GLU R 149 32.86 79.82 43.02
C GLU R 149 31.78 78.87 43.52
N LEU R 150 31.45 78.98 44.80
CA LEU R 150 30.40 78.21 45.44
C LEU R 150 29.34 79.13 46.03
N THR R 151 28.08 78.72 45.89
CA THR R 151 26.96 79.39 46.53
C THR R 151 26.13 78.35 47.27
N ILE R 152 25.63 78.74 48.44
CA ILE R 152 24.86 77.84 49.31
C ILE R 152 23.50 78.45 49.55
N GLU R 153 22.44 77.68 49.31
CA GLU R 153 21.07 78.15 49.49
C GLU R 153 20.29 77.09 50.25
N THR R 154 19.59 77.50 51.31
CA THR R 154 18.82 76.56 52.10
C THR R 154 17.57 76.12 51.35
N ALA R 155 17.04 74.96 51.74
CA ALA R 155 15.85 74.42 51.12
C ALA R 155 14.89 73.87 52.16
N THR R 156 13.81 73.24 51.71
CA THR R 156 12.84 72.64 52.61
C THR R 156 13.38 71.35 53.20
N ALA R 157 13.00 71.07 54.44
CA ALA R 157 13.42 69.85 55.09
C ALA R 157 12.73 68.64 54.44
N ASP R 158 13.33 67.48 54.62
CA ASP R 158 12.81 66.25 54.02
C ASP R 158 11.63 65.72 54.85
N SER R 159 11.21 64.50 54.52
CA SER R 159 10.07 63.90 55.20
C SER R 159 10.38 63.65 56.68
N ALA R 160 11.60 63.21 56.98
CA ALA R 160 11.98 62.92 58.36
C ALA R 160 12.34 64.17 59.15
N GLY R 161 12.40 65.33 58.51
CA GLY R 161 12.71 66.57 59.21
C GLY R 161 14.16 66.99 59.19
N ASN R 162 15.02 66.29 58.45
CA ASN R 162 16.43 66.67 58.36
C ASN R 162 16.60 67.90 57.48
N GLU R 163 17.52 68.76 57.87
CA GLU R 163 17.78 69.98 57.10
C GLU R 163 18.52 69.65 55.81
N ARG R 164 18.23 70.41 54.76
CA ARG R 164 18.86 70.24 53.47
C ARG R 164 19.16 71.60 52.87
N PHE R 165 20.12 71.64 51.96
CA PHE R 165 20.48 72.87 51.26
C PHE R 165 20.91 72.54 49.84
N LEU R 166 21.12 73.58 49.05
CA LEU R 166 21.59 73.45 47.67
C LEU R 166 23.02 73.95 47.55
N LEU R 167 23.83 73.18 46.84
CA LEU R 167 25.21 73.55 46.53
C LEU R 167 25.33 73.76 45.03
N LYS R 168 25.78 74.94 44.62
CA LYS R 168 25.86 75.32 43.22
C LYS R 168 27.27 75.76 42.88
N LEU R 169 27.76 75.33 41.72
CA LEU R 169 29.11 75.63 41.26
C LEU R 169 29.03 76.40 39.95
N THR R 170 29.79 77.49 39.86
CA THR R 170 29.82 78.33 38.67
C THR R 170 31.28 78.66 38.32
N GLN R 171 31.49 79.00 37.05
CA GLN R 171 32.81 79.31 36.52
C GLN R 171 32.77 80.66 35.83
N THR R 172 33.73 81.52 36.15
CA THR R 172 33.81 82.87 35.59
C THR R 172 35.12 83.06 34.84
N THR R 173 35.05 83.67 33.67
CA THR R 173 36.22 83.91 32.84
C THR R 173 36.85 85.25 33.24
N SER R 174 37.87 85.67 32.49
CA SER R 174 38.56 86.92 32.80
C SER R 174 37.75 88.14 32.43
N LEU R 175 36.89 88.04 31.41
CA LEU R 175 36.08 89.18 31.00
C LEU R 175 34.83 89.35 31.85
N GLY R 176 34.54 88.42 32.76
CA GLY R 176 33.38 88.52 33.63
C GLY R 176 32.20 87.67 33.22
N VAL R 177 32.34 86.82 32.19
CA VAL R 177 31.25 85.95 31.79
C VAL R 177 31.11 84.83 32.81
N VAL R 178 29.89 84.59 33.28
CA VAL R 178 29.60 83.60 34.30
C VAL R 178 28.85 82.44 33.65
N THR R 179 29.31 81.23 33.91
CA THR R 179 28.75 80.01 33.33
C THR R 179 28.38 79.05 34.46
N THR R 180 27.26 78.36 34.30
CA THR R 180 26.77 77.43 35.31
C THR R 180 27.31 76.03 35.04
N LEU R 181 27.75 75.35 36.11
CA LEU R 181 28.37 74.04 35.98
C LEU R 181 27.54 72.92 36.58
N GLU R 182 27.16 73.04 37.86
CA GLU R 182 26.52 71.94 38.56
C GLU R 182 25.61 72.47 39.65
N THR R 183 24.63 71.65 40.05
CA THR R 183 23.77 71.91 41.19
C THR R 183 23.54 70.60 41.92
N HIS R 184 23.32 70.69 43.24
CA HIS R 184 23.07 69.50 44.05
C HIS R 184 22.15 69.86 45.20
N THR R 185 21.47 68.83 45.72
CA THR R 185 20.74 68.92 46.98
C THR R 185 21.46 68.06 48.00
N VAL R 186 21.91 68.68 49.10
CA VAL R 186 22.83 68.06 50.02
C VAL R 186 22.30 68.20 51.44
N SER R 187 22.65 67.24 52.29
CA SER R 187 22.29 67.28 53.70
C SER R 187 23.49 66.87 54.55
N LEU R 188 23.46 67.26 55.82
CA LEU R 188 24.53 66.98 56.76
C LEU R 188 24.20 65.83 57.71
N ALA R 189 23.15 65.07 57.44
CA ALA R 189 22.76 63.93 58.25
C ALA R 189 22.95 62.64 57.45
N GLU R 190 23.34 61.56 58.14
CA GLU R 190 23.64 60.31 57.45
C GLU R 190 22.39 59.72 56.81
N GLU R 191 21.27 59.71 57.52
CA GLU R 191 20.05 59.11 57.01
C GLU R 191 19.14 60.20 56.44
N ALA R 192 19.59 60.76 55.32
CA ALA R 192 18.85 61.80 54.61
C ALA R 192 18.58 61.32 53.20
N LYS R 193 17.34 61.52 52.73
CA LYS R 193 16.90 61.02 51.44
C LYS R 193 16.50 62.18 50.54
N ASP R 194 16.80 62.04 49.25
CA ASP R 194 16.45 63.06 48.27
C ASP R 194 14.98 62.96 47.90
N ASP R 195 14.55 63.88 47.04
CA ASP R 195 13.20 63.82 46.51
C ASP R 195 12.99 62.56 45.68
N MET R 196 14.00 62.16 44.92
CA MET R 196 13.93 60.99 44.07
C MET R 196 14.20 59.68 44.81
N GLY R 197 14.54 59.75 46.09
CA GLY R 197 14.77 58.57 46.89
C GLY R 197 16.21 58.21 47.14
N ARG R 198 17.15 58.93 46.55
CA ARG R 198 18.56 58.67 46.80
C ARG R 198 19.03 59.45 48.02
N LEU R 199 20.23 59.10 48.50
CA LEU R 199 20.76 59.70 49.72
C LEU R 199 21.40 61.05 49.44
N CYS R 200 21.42 61.91 50.46
CA CYS R 200 21.92 63.26 50.33
C CYS R 200 23.14 63.56 51.19
N TYR R 201 23.73 62.57 51.85
CA TYR R 201 24.91 62.83 52.65
C TYR R 201 26.02 63.41 51.78
N LEU R 202 26.66 64.46 52.30
CA LEU R 202 27.56 65.27 51.47
C LEU R 202 28.69 64.47 50.84
N PRO R 203 29.49 63.68 51.59
CA PRO R 203 30.56 62.93 50.94
C PRO R 203 30.05 61.93 49.92
N THR R 204 29.01 61.18 50.28
CA THR R 204 28.48 60.16 49.36
C THR R 204 27.89 60.80 48.11
N ALA R 205 27.10 61.86 48.28
CA ALA R 205 26.50 62.52 47.11
C ALA R 205 27.57 63.09 46.19
N LEU R 206 28.57 63.76 46.75
CA LEU R 206 29.62 64.35 45.93
C LEU R 206 30.45 63.27 45.26
N GLU R 207 30.66 62.14 45.92
CA GLU R 207 31.45 61.07 45.32
C GLU R 207 30.67 60.33 44.24
N ALA R 208 29.34 60.29 44.35
CA ALA R 208 28.54 59.50 43.42
C ALA R 208 28.11 60.30 42.19
N ARG R 209 27.72 61.57 42.35
CA ARG R 209 27.08 62.28 41.26
C ARG R 209 27.75 63.60 40.94
N SER R 210 29.05 63.72 41.17
CA SER R 210 29.78 64.95 40.87
C SER R 210 31.06 64.63 40.13
N LYS R 211 31.50 65.60 39.31
CA LYS R 211 32.68 65.44 38.49
C LYS R 211 33.89 66.26 38.96
N TYR R 212 33.67 67.33 39.72
CA TYR R 212 34.75 68.20 40.15
C TYR R 212 35.01 68.15 41.65
N LEU R 213 33.95 68.16 42.46
CA LEU R 213 34.07 68.40 43.89
C LEU R 213 34.04 67.11 44.69
N ARG R 214 34.75 67.13 45.82
CA ARG R 214 34.72 66.06 46.81
C ARG R 214 34.69 66.71 48.18
N ALA R 215 34.21 65.98 49.18
CA ALA R 215 34.06 66.54 50.51
C ALA R 215 34.58 65.58 51.57
N VAL R 216 35.02 66.16 52.69
CA VAL R 216 35.49 65.40 53.85
C VAL R 216 34.81 65.98 55.10
N VAL R 217 34.31 65.10 55.96
CA VAL R 217 33.46 65.48 57.07
C VAL R 217 34.14 65.09 58.39
N ASN R 218 33.95 65.92 59.41
CA ASN R 218 34.45 65.68 60.75
C ASN R 218 33.31 65.13 61.60
N GLU R 219 33.48 63.91 62.11
CA GLU R 219 32.39 63.22 62.79
C GLU R 219 32.11 63.77 64.18
N GLU R 220 33.03 64.56 64.74
CA GLU R 220 32.84 65.02 66.11
C GLU R 220 31.78 66.11 66.22
N LEU R 221 31.75 67.04 65.27
CA LEU R 221 30.94 68.24 65.40
C LEU R 221 29.70 68.28 64.52
N ILE R 222 29.53 67.31 63.61
CA ILE R 222 28.37 67.34 62.72
C ILE R 222 27.05 67.07 63.45
N SER R 223 27.11 66.65 64.71
CA SER R 223 25.89 66.52 65.50
C SER R 223 25.21 67.86 65.68
N THR R 224 25.99 68.92 65.87
CA THR R 224 25.48 70.29 66.04
C THR R 224 26.24 71.23 65.08
N ALA R 225 25.76 71.29 63.84
CA ALA R 225 26.35 72.15 62.82
C ALA R 225 25.24 72.88 62.08
N LYS R 226 25.54 74.10 61.65
CA LYS R 226 24.58 74.95 60.97
C LYS R 226 25.20 75.49 59.68
N VAL R 227 24.33 75.79 58.72
CA VAL R 227 24.75 76.36 57.45
C VAL R 227 23.88 77.58 57.13
N THR R 228 24.50 78.61 56.56
CA THR R 228 23.82 79.84 56.20
C THR R 228 23.98 80.10 54.72
N ASN R 229 23.24 81.09 54.22
CA ASN R 229 23.30 81.44 52.80
C ASN R 229 24.55 82.25 52.51
N LYS R 230 25.42 81.72 51.66
CA LYS R 230 26.62 82.41 51.23
C LYS R 230 26.62 82.49 49.71
N LYS R 231 27.34 83.46 49.18
CA LYS R 231 27.36 83.69 47.73
C LYS R 231 28.79 83.92 47.25
N SER R 232 29.17 83.19 46.20
CA SER R 232 30.41 83.42 45.45
C SER R 232 31.65 83.33 46.35
N LEU R 233 31.90 82.12 46.85
CA LEU R 233 33.14 81.80 47.54
C LEU R 233 34.10 81.18 46.55
N ALA R 234 35.21 81.87 46.28
CA ALA R 234 36.14 81.47 45.22
C ALA R 234 37.34 80.77 45.80
N PHE R 235 37.75 79.67 45.16
CA PHE R 235 38.94 78.94 45.57
C PHE R 235 40.18 79.77 45.29
N THR R 236 41.17 79.68 46.19
CA THR R 236 42.43 80.37 46.02
C THR R 236 43.57 79.47 46.48
N GLY R 237 44.74 79.67 45.90
CA GLY R 237 45.95 78.97 46.31
C GLY R 237 46.34 77.80 45.42
N GLY R 238 45.47 77.37 44.51
CA GLY R 238 45.78 76.24 43.66
C GLY R 238 46.77 76.58 42.57
N THR R 239 47.95 75.96 42.60
CA THR R 239 49.02 76.30 41.68
C THR R 239 49.59 75.05 41.02
N ASN R 240 50.13 75.23 39.83
CA ASN R 240 50.91 74.21 39.15
C ASN R 240 52.39 74.59 39.25
N GLY R 241 53.20 73.68 39.76
CA GLY R 241 54.59 73.96 40.00
C GLY R 241 55.39 74.05 38.70
N ASP R 242 56.69 74.24 38.86
CA ASP R 242 57.59 74.26 37.71
C ASP R 242 57.63 72.88 37.09
N GLN R 243 56.93 72.72 35.97
CA GLN R 243 56.79 71.41 35.34
C GLN R 243 57.92 71.07 34.39
N SER R 244 58.92 71.93 34.26
CA SER R 244 60.09 71.63 33.45
C SER R 244 61.12 70.81 34.21
N LYS R 245 60.94 70.62 35.51
CA LYS R 245 61.86 69.84 36.34
C LYS R 245 61.04 68.82 37.11
N ILE R 246 60.99 67.59 36.61
CA ILE R 246 60.27 66.50 37.25
C ILE R 246 61.24 65.35 37.49
N SER R 247 61.29 64.85 38.72
CA SER R 247 62.22 63.80 39.07
C SER R 247 61.80 62.48 38.43
N THR R 248 62.75 61.55 38.38
CA THR R 248 62.48 60.23 37.81
C THR R 248 61.52 59.42 38.69
N ALA R 249 61.38 59.78 39.96
CA ALA R 249 60.46 59.07 40.84
C ALA R 249 59.01 59.21 40.35
N ALA R 250 58.64 60.42 39.89
CA ALA R 250 57.29 60.62 39.38
C ALA R 250 57.04 59.77 38.14
N TYR R 251 58.00 59.73 37.22
CA TYR R 251 57.84 58.89 36.04
C TYR R 251 57.72 57.42 36.41
N LEU R 252 58.55 56.95 37.34
CA LEU R 252 58.47 55.54 37.73
C LEU R 252 57.15 55.22 38.39
N ARG R 253 56.65 56.13 39.24
CA ARG R 253 55.35 55.91 39.87
C ARG R 253 54.23 55.86 38.85
N ALA R 254 54.25 56.76 37.87
CA ALA R 254 53.20 56.75 36.86
C ALA R 254 53.31 55.52 35.96
N VAL R 255 54.52 55.04 35.69
CA VAL R 255 54.67 53.80 34.94
C VAL R 255 54.10 52.63 35.73
N LYS R 256 54.36 52.59 37.03
CA LYS R 256 53.78 51.54 37.87
C LYS R 256 52.26 51.60 37.84
N VAL R 257 51.70 52.82 37.87
CA VAL R 257 50.25 52.96 37.76
C VAL R 257 49.76 52.41 36.42
N LEU R 258 50.47 52.74 35.33
CA LEU R 258 50.07 52.27 34.01
C LEU R 258 50.14 50.75 33.90
N ASN R 259 51.08 50.11 34.60
CA ASN R 259 51.23 48.66 34.48
C ASN R 259 49.98 47.94 35.00
N ASN R 260 49.41 48.41 36.10
CA ASN R 260 48.28 47.75 36.75
C ASN R 260 46.94 48.30 36.29
N ALA R 261 46.90 48.94 35.13
CA ALA R 261 45.63 49.46 34.61
C ALA R 261 44.73 48.30 34.23
N PRO R 262 43.49 48.26 34.73
CA PRO R 262 42.60 47.14 34.40
C PRO R 262 42.14 47.12 32.95
N TYR R 263 42.37 48.19 32.20
CA TYR R 263 41.94 48.26 30.81
C TYR R 263 42.91 47.51 29.92
N MET R 264 42.50 47.30 28.67
CA MET R 264 43.30 46.58 27.68
C MET R 264 43.73 47.52 26.58
N TYR R 265 45.03 47.53 26.29
CA TYR R 265 45.58 48.31 25.18
C TYR R 265 46.57 47.46 24.42
N THR R 266 46.83 47.84 23.17
CA THR R 266 47.69 47.06 22.28
C THR R 266 48.91 47.84 21.81
N ALA R 267 49.26 48.96 22.45
CA ALA R 267 50.45 49.70 22.09
C ALA R 267 50.86 50.60 23.25
N VAL R 268 52.15 50.92 23.31
CA VAL R 268 52.71 51.81 24.32
C VAL R 268 53.48 52.92 23.60
N LEU R 269 53.22 54.16 23.97
CA LEU R 269 53.83 55.32 23.33
C LEU R 269 54.72 56.06 24.32
N GLY R 270 55.88 56.51 23.83
CA GLY R 270 56.78 57.27 24.69
C GLY R 270 56.22 58.62 25.10
N LEU R 271 55.62 59.34 24.16
CA LEU R 271 55.06 60.68 24.41
C LEU R 271 56.11 61.64 24.95
N GLY R 272 57.31 61.61 24.37
CA GLY R 272 58.33 62.59 24.70
C GLY R 272 58.85 62.56 26.12
N CYS R 273 59.18 61.39 26.64
CA CYS R 273 59.76 61.30 27.98
C CYS R 273 61.25 61.64 27.98
N TYR R 274 62.02 60.97 27.12
CA TYR R 274 63.47 61.17 27.01
C TYR R 274 64.16 60.92 28.35
N ASP R 275 63.68 59.92 29.08
CA ASP R 275 64.28 59.49 30.33
C ASP R 275 64.53 57.99 30.24
N ASN R 276 65.77 57.57 30.50
CA ASN R 276 66.17 56.20 30.22
C ASN R 276 65.43 55.20 31.12
N ALA R 277 65.29 55.53 32.41
CA ALA R 277 64.60 54.63 33.32
C ALA R 277 63.14 54.44 32.93
N ALA R 278 62.46 55.54 32.60
CA ALA R 278 61.06 55.44 32.17
C ALA R 278 60.95 54.63 30.88
N ILE R 279 61.88 54.84 29.94
CA ILE R 279 61.82 54.13 28.67
C ILE R 279 62.00 52.63 28.88
N THR R 280 62.97 52.23 29.72
CA THR R 280 63.17 50.80 29.94
C THR R 280 62.02 50.19 30.73
N ALA R 281 61.39 50.95 31.62
CA ALA R 281 60.20 50.45 32.31
C ALA R 281 59.06 50.22 31.32
N LEU R 282 58.86 51.16 30.38
CA LEU R 282 57.84 50.97 29.36
C LEU R 282 58.16 49.77 28.48
N GLY R 283 59.44 49.56 28.18
CA GLY R 283 59.82 48.37 27.43
C GLY R 283 59.52 47.09 28.18
N LYS R 284 59.72 47.11 29.51
CA LYS R 284 59.34 45.96 30.32
C LYS R 284 57.83 45.72 30.25
N ILE R 285 57.04 46.79 30.27
CA ILE R 285 55.59 46.64 30.13
C ILE R 285 55.26 45.98 28.79
N CYS R 286 55.90 46.44 27.71
CA CYS R 286 55.65 45.87 26.39
C CYS R 286 56.01 44.39 26.34
N ALA R 287 57.15 44.03 26.94
CA ALA R 287 57.56 42.63 26.95
C ALA R 287 56.69 41.78 27.86
N ASP R 288 56.02 42.41 28.84
CA ASP R 288 55.13 41.66 29.73
C ASP R 288 53.79 41.38 29.07
N ARG R 289 53.16 42.40 28.49
CA ARG R 289 51.83 42.21 27.94
C ARG R 289 51.82 41.64 26.54
N LEU R 290 52.98 41.49 25.90
CA LEU R 290 53.08 41.05 24.50
C LEU R 290 52.31 42.01 23.57
N ILE R 291 52.76 43.26 23.55
CA ILE R 291 52.21 44.28 22.68
C ILE R 291 53.37 45.01 22.00
N ASP R 292 53.03 46.02 21.20
CA ASP R 292 54.01 46.80 20.48
C ASP R 292 54.41 48.05 21.25
N GLY R 293 55.60 48.55 20.95
CA GLY R 293 56.09 49.76 21.59
C GLY R 293 56.78 50.70 20.62
N PHE R 294 56.41 51.98 20.65
CA PHE R 294 57.00 53.00 19.79
C PHE R 294 57.63 54.06 20.66
N PHE R 295 58.96 54.08 20.72
CA PHE R 295 59.70 55.01 21.55
C PHE R 295 60.56 55.91 20.69
N ASP R 296 61.02 57.00 21.29
CA ASP R 296 61.73 58.04 20.56
C ASP R 296 62.93 58.51 21.36
N VAL R 297 63.94 58.98 20.64
CA VAL R 297 65.12 59.58 21.24
C VAL R 297 65.02 61.09 21.05
N LYS R 298 65.87 61.83 21.74
CA LYS R 298 65.79 63.28 21.72
C LYS R 298 66.00 63.81 20.32
N PRO R 299 65.07 64.60 19.77
CA PRO R 299 65.22 65.05 18.38
C PRO R 299 66.28 66.13 18.20
N THR R 300 66.72 66.80 19.26
CA THR R 300 67.71 67.85 19.12
C THR R 300 69.13 67.31 18.97
N LEU R 301 69.33 66.01 19.16
CA LEU R 301 70.65 65.43 18.95
C LEU R 301 71.02 65.46 17.47
N THR R 302 72.32 65.54 17.20
CA THR R 302 72.80 65.49 15.84
C THR R 302 72.86 64.04 15.35
N TYR R 303 73.25 63.86 14.09
CA TYR R 303 73.31 62.52 13.52
C TYR R 303 74.36 61.66 14.22
N ALA R 304 75.49 62.25 14.56
CA ALA R 304 76.57 61.49 15.18
C ALA R 304 76.23 61.06 16.60
N GLU R 305 75.50 61.91 17.33
CA GLU R 305 75.17 61.63 18.72
C GLU R 305 73.95 60.73 18.88
N ALA R 306 73.19 60.50 17.81
CA ALA R 306 71.96 59.71 17.93
C ALA R 306 72.28 58.24 18.20
N LEU R 307 73.31 57.70 17.57
CA LEU R 307 73.61 56.27 17.69
C LEU R 307 73.95 55.85 19.12
N PRO R 308 74.84 56.53 19.86
CA PRO R 308 75.09 56.09 21.25
C PRO R 308 73.87 56.19 22.14
N ALA R 309 72.97 57.14 21.88
CA ALA R 309 71.80 57.30 22.73
C ALA R 309 70.88 56.09 22.67
N VAL R 310 70.83 55.41 21.51
CA VAL R 310 70.00 54.21 21.39
C VAL R 310 70.50 53.13 22.35
N GLU R 311 71.82 52.93 22.39
CA GLU R 311 72.38 52.01 23.37
C GLU R 311 72.15 52.51 24.79
N ASP R 312 72.18 53.82 24.98
CA ASP R 312 71.92 54.38 26.30
C ASP R 312 70.50 54.10 26.78
N THR R 313 69.56 53.94 25.85
CA THR R 313 68.18 53.62 26.25
C THR R 313 68.10 52.28 26.97
N GLY R 314 68.97 51.34 26.62
CA GLY R 314 68.99 50.05 27.26
C GLY R 314 68.08 49.00 26.65
N LEU R 315 67.40 49.32 25.55
CA LEU R 315 66.49 48.38 24.91
C LEU R 315 67.18 47.44 23.94
N LEU R 316 68.42 47.71 23.57
CA LEU R 316 69.11 46.86 22.60
C LEU R 316 69.43 45.49 23.21
N GLY R 317 69.25 44.45 22.41
CA GLY R 317 69.47 43.10 22.88
C GLY R 317 68.47 42.11 22.33
N THR R 318 68.03 41.16 23.15
CA THR R 318 67.08 40.16 22.74
C THR R 318 65.80 40.13 23.57
N ASP R 319 65.74 40.85 24.69
CA ASP R 319 64.56 40.80 25.54
C ASP R 319 63.39 41.56 24.94
N TYR R 320 63.64 42.73 24.37
CA TYR R 320 62.60 43.59 23.83
C TYR R 320 62.70 43.56 22.30
N VAL R 321 61.99 42.61 21.69
CA VAL R 321 62.04 42.44 20.23
C VAL R 321 60.92 43.17 19.52
N SER R 322 59.95 43.73 20.24
CA SER R 322 58.81 44.40 19.62
C SER R 322 58.90 45.92 19.73
N CYS R 323 60.00 46.46 20.24
CA CYS R 323 60.13 47.90 20.42
C CYS R 323 60.80 48.53 19.20
N SER R 324 60.64 49.85 19.08
CA SER R 324 61.22 50.61 17.98
C SER R 324 61.67 51.97 18.49
N VAL R 325 62.71 52.51 17.87
CA VAL R 325 63.30 53.79 18.26
C VAL R 325 63.42 54.67 17.02
N TYR R 326 63.03 55.94 17.16
CA TYR R 326 63.00 56.88 16.05
C TYR R 326 63.87 58.09 16.37
N HIS R 327 64.16 58.88 15.34
CA HIS R 327 65.01 60.06 15.47
C HIS R 327 64.63 61.03 14.36
N TYR R 328 64.09 62.19 14.72
CA TYR R 328 63.51 63.12 13.74
C TYR R 328 63.99 64.55 14.02
N PRO R 329 65.22 64.87 13.62
CA PRO R 329 65.69 66.25 13.79
C PRO R 329 65.18 67.17 12.70
N PHE R 330 64.12 67.92 12.98
CA PHE R 330 63.50 68.82 12.01
C PHE R 330 62.64 69.82 12.77
N SER R 331 62.31 70.92 12.10
CA SER R 331 61.51 71.98 12.69
C SER R 331 60.27 72.26 11.84
N CYS R 332 59.19 72.66 12.50
CA CYS R 332 57.93 72.88 11.82
C CYS R 332 57.14 73.97 12.55
N LYS R 333 56.18 74.56 11.84
CA LYS R 333 55.28 75.53 12.44
C LYS R 333 54.26 74.82 13.32
N ASP R 334 54.05 75.34 14.52
CA ASP R 334 53.07 74.75 15.42
C ASP R 334 51.66 75.07 14.96
N LYS R 335 50.74 74.14 15.23
CA LYS R 335 49.35 74.32 14.85
C LYS R 335 48.68 75.41 15.68
N TRP R 336 49.07 75.56 16.94
CA TRP R 336 48.39 76.45 17.88
C TRP R 336 49.04 77.82 18.00
N THR R 337 50.34 77.88 18.31
CA THR R 337 51.03 79.14 18.51
C THR R 337 51.74 79.66 17.27
N GLN R 338 51.69 78.90 16.17
CA GLN R 338 52.25 79.32 14.88
C GLN R 338 53.76 79.56 14.93
N SER R 339 54.40 79.23 16.05
CA SER R 339 55.83 79.41 16.18
C SER R 339 56.57 78.17 15.68
N ARG R 340 57.89 78.18 15.81
CA ARG R 340 58.73 77.07 15.35
C ARG R 340 59.08 76.17 16.52
N VAL R 341 58.72 74.88 16.42
CA VAL R 341 58.92 73.92 17.48
C VAL R 341 59.51 72.65 16.89
N VAL R 342 60.10 71.82 17.76
CA VAL R 342 60.67 70.54 17.40
C VAL R 342 60.17 69.49 18.39
N PHE R 343 59.56 68.42 17.87
CA PHE R 343 59.10 67.34 18.74
C PHE R 343 59.21 66.02 17.98
N GLY R 344 58.72 64.96 18.62
CA GLY R 344 59.04 63.59 18.25
C GLY R 344 58.19 63.00 17.15
N LEU R 345 58.23 61.66 17.07
CA LEU R 345 57.66 60.94 15.93
C LEU R 345 56.95 59.64 16.32
N SER R 346 56.58 59.44 17.58
CA SER R 346 55.95 58.19 17.97
C SER R 346 54.50 58.13 17.53
N GLY R 347 53.79 59.24 17.61
CA GLY R 347 52.37 59.25 17.25
C GLY R 347 52.13 58.89 15.80
N VAL R 348 53.01 59.34 14.91
CA VAL R 348 52.86 59.01 13.50
C VAL R 348 53.02 57.52 13.28
N ALA R 349 54.00 56.90 13.96
CA ALA R 349 54.19 55.46 13.84
C ALA R 349 52.97 54.70 14.34
N TYR R 350 52.42 55.11 15.49
CA TYR R 350 51.23 54.44 15.97
C TYR R 350 50.06 54.61 15.02
N ALA R 351 49.91 55.80 14.43
CA ALA R 351 48.82 56.03 13.48
C ALA R 351 48.97 55.13 12.26
N ALA R 352 50.20 54.96 11.77
CA ALA R 352 50.42 54.04 10.66
C ALA R 352 50.07 52.61 11.03
N LYS R 353 50.44 52.19 12.25
CA LYS R 353 50.09 50.84 12.68
C LYS R 353 48.58 50.66 12.77
N ALA R 354 47.88 51.65 13.30
CA ALA R 354 46.42 51.55 13.41
C ALA R 354 45.77 51.50 12.03
N ARG R 355 46.28 52.32 11.09
CA ARG R 355 45.76 52.27 9.72
C ARG R 355 45.97 50.89 9.12
N GLY R 356 47.13 50.28 9.36
CA GLY R 356 47.36 48.93 8.89
C GLY R 356 46.39 47.93 9.52
N VAL R 357 46.14 48.07 10.82
CA VAL R 357 45.26 47.13 11.51
C VAL R 357 43.84 47.24 10.98
N LYS R 358 43.40 48.45 10.62
CA LYS R 358 42.02 48.63 10.16
C LYS R 358 41.72 47.89 8.86
N LYS R 359 42.75 47.45 8.13
CA LYS R 359 42.52 46.90 6.79
C LYS R 359 41.75 45.58 6.84
N ASN R 360 42.07 44.71 7.79
CA ASN R 360 41.42 43.43 7.94
C ASN R 360 40.48 43.49 9.15
N SER R 361 39.22 43.11 8.95
CA SER R 361 38.22 43.23 9.99
C SER R 361 37.98 41.93 10.76
N ASP R 362 38.50 40.80 10.27
CA ASP R 362 38.26 39.53 10.95
C ASP R 362 39.22 39.34 12.13
N VAL R 363 40.52 39.26 11.84
CA VAL R 363 41.52 39.02 12.87
C VAL R 363 42.39 40.24 13.13
N GLY R 364 42.44 41.22 12.22
CA GLY R 364 43.15 42.46 12.44
C GLY R 364 44.16 42.79 11.36
N GLY R 365 44.74 41.78 10.73
CA GLY R 365 45.75 42.03 9.72
C GLY R 365 46.94 42.77 10.28
N TRP R 366 47.70 42.11 11.15
CA TRP R 366 48.87 42.70 11.78
C TRP R 366 50.14 42.54 10.97
N HIS R 367 50.05 41.97 9.76
CA HIS R 367 51.23 41.74 8.94
C HIS R 367 51.65 42.97 8.15
N TYR R 368 50.92 44.08 8.24
CA TYR R 368 51.27 45.28 7.51
C TYR R 368 52.30 46.08 8.29
N SER R 369 53.40 46.44 7.63
CA SER R 369 54.46 47.19 8.30
C SER R 369 54.01 48.62 8.58
N PRO R 370 54.49 49.23 9.66
CA PRO R 370 54.01 50.55 10.05
C PRO R 370 54.73 51.70 9.34
N ALA R 371 55.36 51.41 8.20
CA ALA R 371 56.02 52.43 7.41
C ALA R 371 55.63 52.27 5.95
N GLY R 372 55.58 53.38 5.24
CA GLY R 372 55.23 53.34 3.84
C GLY R 372 54.75 54.69 3.35
N GLU R 373 54.58 54.77 2.03
CA GLU R 373 54.18 56.02 1.39
C GLU R 373 52.72 56.35 1.61
N GLU R 374 51.87 55.35 1.82
CA GLU R 374 50.44 55.57 1.97
C GLU R 374 49.95 55.53 3.42
N ARG R 375 50.63 54.78 4.28
CA ARG R 375 50.23 54.68 5.68
C ARG R 375 50.84 55.79 6.53
N ALA R 376 52.17 55.84 6.59
CA ALA R 376 52.88 56.74 7.48
C ALA R 376 53.24 58.03 6.74
N VAL R 377 52.46 59.07 6.97
CA VAL R 377 52.72 60.40 6.41
C VAL R 377 52.88 61.37 7.56
N ILE R 378 53.87 62.24 7.46
CA ILE R 378 54.16 63.24 8.48
C ILE R 378 53.67 64.57 7.93
N ALA R 379 52.53 65.04 8.44
CA ALA R 379 51.89 66.26 7.95
C ALA R 379 52.21 67.40 8.90
N ARG R 380 53.12 68.27 8.48
CA ARG R 380 53.48 69.47 9.23
C ARG R 380 53.53 70.66 8.29
N ALA R 381 53.42 71.85 8.86
CA ALA R 381 53.18 73.05 8.06
C ALA R 381 54.34 73.35 7.12
N SER R 382 55.55 73.42 7.65
CA SER R 382 56.72 73.74 6.82
C SER R 382 57.94 73.19 7.52
N ILE R 383 58.63 72.24 6.88
CA ILE R 383 59.67 71.44 7.51
C ILE R 383 61.02 71.87 6.96
N GLN R 384 61.93 72.22 7.86
CA GLN R 384 63.30 72.56 7.52
C GLN R 384 64.26 71.76 8.38
N PRO R 385 65.40 71.34 7.84
CA PRO R 385 66.38 70.61 8.67
C PRO R 385 66.89 71.48 9.81
N LEU R 386 67.03 70.87 10.98
CA LEU R 386 67.51 71.60 12.14
C LEU R 386 69.01 71.82 12.07
N TYR R 387 69.74 70.87 11.48
CA TYR R 387 71.19 70.97 11.31
C TYR R 387 71.51 70.82 9.83
N PRO R 388 71.40 71.89 9.04
CA PRO R 388 71.86 71.82 7.66
C PRO R 388 73.37 71.67 7.61
N GLU R 389 73.88 71.45 6.40
CA GLU R 389 75.31 71.21 6.17
C GLU R 389 75.77 69.93 6.87
N ASP R 390 74.85 68.99 7.07
CA ASP R 390 75.13 67.74 7.75
C ASP R 390 74.57 66.57 6.94
N THR R 391 75.24 65.43 7.04
CA THR R 391 74.86 64.27 6.24
C THR R 391 74.71 63.04 7.12
N PRO R 392 73.67 62.24 6.88
CA PRO R 392 73.49 61.00 7.65
C PRO R 392 74.30 59.86 7.08
N ASP R 393 74.43 58.81 7.89
CA ASP R 393 75.09 57.57 7.48
C ASP R 393 74.07 56.44 7.60
N GLU R 394 73.65 55.89 6.46
CA GLU R 394 72.55 54.94 6.46
C GLU R 394 72.94 53.59 7.05
N GLU R 395 74.11 53.07 6.67
CA GLU R 395 74.52 51.76 7.16
C GLU R 395 74.75 51.78 8.66
N ALA R 396 75.29 52.88 9.19
CA ALA R 396 75.46 52.99 10.63
C ALA R 396 74.12 52.95 11.34
N MET R 397 73.11 53.63 10.79
CA MET R 397 71.78 53.57 11.39
C MET R 397 71.19 52.18 11.32
N VAL R 398 71.40 51.48 10.20
CA VAL R 398 70.86 50.13 10.06
C VAL R 398 71.51 49.20 11.09
N LYS R 399 72.82 49.32 11.29
CA LYS R 399 73.49 48.47 12.27
C LYS R 399 73.09 48.83 13.70
N GLY R 400 72.67 50.07 13.94
CA GLY R 400 72.29 50.54 15.25
C GLY R 400 70.80 50.60 15.54
N ARG R 401 69.96 50.11 14.62
CA ARG R 401 68.51 50.06 14.80
C ARG R 401 67.90 51.46 14.96
N LEU R 402 68.08 52.27 13.91
CA LEU R 402 67.38 53.55 13.79
C LEU R 402 66.59 53.58 12.50
N ASN R 403 65.42 54.21 12.55
CA ASN R 403 64.53 54.30 11.41
C ASN R 403 64.70 55.66 10.73
N LYS R 404 64.69 55.63 9.40
CA LYS R 404 64.97 56.79 8.58
C LYS R 404 63.68 57.38 8.03
N VAL R 405 63.80 58.54 7.39
CA VAL R 405 62.68 59.25 6.81
C VAL R 405 63.03 59.61 5.37
N SER R 406 61.99 59.82 4.57
CA SER R 406 62.17 60.13 3.15
C SER R 406 61.06 61.08 2.72
N VAL R 407 60.92 61.25 1.40
CA VAL R 407 59.97 62.20 0.82
C VAL R 407 58.99 61.44 -0.06
N GLY R 408 57.70 61.73 0.10
CA GLY R 408 56.69 61.16 -0.74
C GLY R 408 56.52 61.91 -2.05
N THR R 409 55.60 61.42 -2.87
CA THR R 409 55.38 62.05 -4.17
C THR R 409 54.62 63.37 -4.08
N SER R 410 54.05 63.68 -2.91
CA SER R 410 53.31 64.92 -2.72
C SER R 410 54.12 65.99 -2.00
N GLY R 411 55.42 65.77 -1.81
CA GLY R 411 56.26 66.73 -1.12
C GLY R 411 56.20 66.66 0.39
N GLN R 412 55.59 65.63 0.96
CA GLN R 412 55.50 65.46 2.41
C GLN R 412 56.43 64.34 2.86
N MET R 413 56.94 64.47 4.07
CA MET R 413 57.91 63.52 4.58
C MET R 413 57.25 62.18 4.90
N ILE R 414 58.03 61.10 4.75
CA ILE R 414 57.54 59.74 4.88
C ILE R 414 58.51 58.97 5.77
N ILE R 415 57.99 58.16 6.67
CA ILE R 415 58.81 57.18 7.37
C ILE R 415 59.13 56.05 6.40
N ASP R 416 60.42 55.79 6.20
CA ASP R 416 60.86 54.90 5.12
C ASP R 416 61.51 53.62 5.62
N ASP R 417 61.32 53.26 6.89
CA ASP R 417 61.94 52.04 7.39
C ASP R 417 61.18 51.56 8.61
N ALA R 418 61.35 50.28 8.92
CA ALA R 418 60.68 49.65 10.07
C ALA R 418 61.60 48.55 10.59
N LEU R 419 62.37 48.87 11.63
CA LEU R 419 63.30 47.93 12.24
C LEU R 419 63.08 47.90 13.74
N THR R 420 63.16 46.72 14.32
CA THR R 420 62.95 46.54 15.75
C THR R 420 64.28 46.52 16.49
N CYS R 421 64.21 46.51 17.82
CA CYS R 421 65.39 46.53 18.67
C CYS R 421 65.90 45.13 18.97
N CYS R 422 66.11 44.35 17.93
CA CYS R 422 66.68 43.01 18.04
C CYS R 422 67.97 42.96 17.22
N THR R 423 69.05 42.53 17.86
CA THR R 423 70.37 42.50 17.23
C THR R 423 70.76 41.10 16.77
N GLN R 424 69.81 40.17 16.74
CA GLN R 424 70.10 38.77 16.44
C GLN R 424 70.16 38.48 14.95
N ASP R 425 69.81 39.43 14.10
CA ASP R 425 69.88 39.28 12.64
C ASP R 425 68.98 38.14 12.13
N ASN R 426 67.92 37.85 12.87
CA ASN R 426 66.98 36.81 12.48
C ASN R 426 65.85 37.42 11.64
N TYR R 427 64.78 36.68 11.48
CA TYR R 427 63.53 37.18 10.92
C TYR R 427 62.80 38.12 11.85
N LEU R 428 63.39 38.41 13.01
CA LEU R 428 62.81 39.28 14.01
C LEU R 428 63.23 40.73 13.84
N HIS R 429 63.96 41.05 12.77
CA HIS R 429 64.23 42.45 12.46
C HIS R 429 62.93 43.22 12.24
N PHE R 430 62.08 42.72 11.38
CA PHE R 430 60.96 43.47 10.86
C PHE R 430 59.83 43.53 11.88
N GLN R 431 59.06 44.62 11.82
CA GLN R 431 58.05 44.87 12.85
C GLN R 431 56.90 43.87 12.76
N HIS R 432 56.59 43.40 11.56
CA HIS R 432 55.35 42.64 11.38
C HIS R 432 55.46 41.22 11.92
N VAL R 433 56.67 40.63 11.94
CA VAL R 433 56.81 39.24 12.39
C VAL R 433 56.48 39.10 13.87
N PRO R 434 57.08 39.89 14.78
CA PRO R 434 56.62 39.82 16.18
C PRO R 434 55.17 40.21 16.34
N SER R 435 54.64 41.10 15.50
CA SER R 435 53.22 41.44 15.61
C SER R 435 52.34 40.23 15.34
N LEU R 436 52.65 39.47 14.29
CA LEU R 436 51.89 38.25 14.00
C LEU R 436 52.01 37.25 15.14
N MET R 437 53.24 37.01 15.60
CA MET R 437 53.42 36.02 16.65
C MET R 437 52.69 36.41 17.93
N ASN R 438 52.74 37.69 18.30
CA ASN R 438 52.10 38.14 19.52
C ASN R 438 50.58 38.11 19.38
N ALA R 439 50.05 38.44 18.20
CA ALA R 439 48.60 38.34 18.01
C ALA R 439 48.13 36.91 18.15
N ILE R 440 48.84 35.96 17.54
CA ILE R 440 48.45 34.56 17.68
C ILE R 440 48.55 34.11 19.13
N SER R 441 49.61 34.54 19.83
CA SER R 441 49.76 34.17 21.24
C SER R 441 48.62 34.71 22.09
N ARG R 442 48.22 35.96 21.85
CA ARG R 442 47.12 36.54 22.62
C ARG R 442 45.82 35.80 22.36
N PHE R 443 45.56 35.45 21.09
CA PHE R 443 44.36 34.67 20.79
C PHE R 443 44.39 33.31 21.47
N PHE R 444 45.55 32.65 21.48
CA PHE R 444 45.66 31.37 22.17
C PHE R 444 45.40 31.52 23.66
N VAL R 445 45.92 32.60 24.27
CA VAL R 445 45.70 32.81 25.69
C VAL R 445 44.22 32.98 25.98
N GLN R 446 43.51 33.73 25.13
CA GLN R 446 42.07 33.89 25.31
C GLN R 446 41.35 32.54 25.21
N LEU R 447 41.71 31.74 24.21
CA LEU R 447 41.08 30.43 24.04
C LEU R 447 41.32 29.55 25.26
N ALA R 448 42.56 29.52 25.76
CA ALA R 448 42.89 28.68 26.89
C ALA R 448 42.16 29.14 28.14
N ARG R 449 42.06 30.46 28.34
CA ARG R 449 41.37 30.97 29.52
C ARG R 449 39.88 30.67 29.48
N GLN R 450 39.29 30.59 28.29
CA GLN R 450 37.85 30.31 28.22
C GLN R 450 37.52 28.91 28.77
N MET R 451 38.36 27.92 28.48
CA MET R 451 38.09 26.55 28.88
C MET R 451 38.94 26.08 30.06
N LYS R 452 39.16 26.95 31.03
CA LYS R 452 39.94 26.60 32.21
C LYS R 452 39.06 25.92 33.25
N HIS R 453 39.71 25.12 34.10
CA HIS R 453 39.05 24.46 35.24
C HIS R 453 37.90 23.56 34.79
N SER R 454 38.23 22.57 33.97
CA SER R 454 37.24 21.67 33.43
C SER R 454 37.66 20.22 33.65
N PRO R 455 36.69 19.32 33.80
CA PRO R 455 37.02 17.91 34.06
C PRO R 455 37.70 17.27 32.86
N ASP R 456 38.37 16.15 33.13
CA ASP R 456 39.20 15.49 32.14
C ASP R 456 38.37 14.91 30.99
N GLY R 457 38.99 14.87 29.81
CA GLY R 457 38.37 14.31 28.62
C GLY R 457 37.78 15.31 27.67
N ILE R 458 37.88 16.62 27.96
CA ILE R 458 37.25 17.65 27.16
C ILE R 458 38.28 18.62 26.58
N THR R 459 39.28 19.01 27.38
CA THR R 459 40.10 20.18 27.04
C THR R 459 40.93 19.96 25.79
N ALA R 460 41.48 18.76 25.60
CA ALA R 460 42.43 18.54 24.51
C ALA R 460 41.77 18.73 23.15
N ALA R 461 40.59 18.14 22.96
CA ALA R 461 39.91 18.24 21.68
C ALA R 461 39.52 19.67 21.37
N GLY R 462 38.98 20.38 22.37
CA GLY R 462 38.64 21.77 22.17
C GLY R 462 39.86 22.61 21.83
N LEU R 463 40.97 22.38 22.53
CA LEU R 463 42.20 23.11 22.27
C LEU R 463 42.65 22.91 20.83
N THR R 464 42.74 21.65 20.38
CA THR R 464 43.25 21.41 19.04
C THR R 464 42.30 21.95 17.98
N LYS R 465 40.99 21.79 18.17
CA LYS R 465 40.03 22.27 17.19
C LYS R 465 40.06 23.79 17.08
N GLY R 466 40.02 24.49 18.22
CA GLY R 466 40.07 25.95 18.19
C GLY R 466 41.36 26.47 17.62
N MET R 467 42.49 25.84 17.97
CA MET R 467 43.77 26.29 17.47
C MET R 467 43.87 26.11 15.96
N THR R 468 43.39 24.97 15.44
CA THR R 468 43.39 24.77 14.00
C THR R 468 42.50 25.79 13.31
N LYS R 469 41.33 26.08 13.87
CA LYS R 469 40.46 27.07 13.24
C LYS R 469 41.10 28.45 13.22
N LEU R 470 41.74 28.85 14.32
CA LEU R 470 42.39 30.16 14.38
C LEU R 470 43.53 30.25 13.37
N LEU R 471 44.35 29.20 13.28
CA LEU R 471 45.44 29.24 12.31
C LEU R 471 44.93 29.22 10.87
N ASP R 472 43.81 28.54 10.63
CA ASP R 472 43.20 28.58 9.30
C ASP R 472 42.74 30.00 8.97
N ARG R 473 42.15 30.70 9.94
CA ARG R 473 41.74 32.08 9.70
C ARG R 473 42.94 32.96 9.41
N PHE R 474 44.04 32.77 10.14
CA PHE R 474 45.24 33.55 9.86
C PHE R 474 45.83 33.24 8.49
N VAL R 475 45.78 31.98 8.06
CA VAL R 475 46.24 31.65 6.72
C VAL R 475 45.36 32.32 5.67
N ALA R 476 44.05 32.32 5.90
CA ALA R 476 43.14 32.94 4.94
C ALA R 476 43.37 34.45 4.86
N SER R 477 43.69 35.09 5.99
CA SER R 477 43.90 36.53 5.98
C SER R 477 45.12 36.93 5.17
N GLY R 478 46.01 35.99 4.86
CA GLY R 478 47.22 36.29 4.11
C GLY R 478 48.46 36.49 4.95
N ALA R 479 48.40 36.20 6.26
CA ALA R 479 49.53 36.45 7.13
C ALA R 479 50.63 35.39 6.96
N LEU R 480 50.26 34.14 6.75
CA LEU R 480 51.21 33.04 6.67
C LEU R 480 51.25 32.48 5.26
N VAL R 481 52.45 32.13 4.80
CA VAL R 481 52.65 31.62 3.44
C VAL R 481 53.47 30.34 3.52
N ALA R 482 53.62 29.71 2.35
CA ALA R 482 54.37 28.46 2.27
C ALA R 482 55.86 28.72 2.50
N PRO R 483 56.58 27.76 3.09
CA PRO R 483 57.99 27.98 3.42
C PRO R 483 58.85 28.10 2.17
N ARG R 484 59.96 28.84 2.32
CA ARG R 484 60.86 29.08 1.21
C ARG R 484 61.83 27.93 0.95
N ASP R 485 61.92 26.96 1.87
CA ASP R 485 62.82 25.82 1.73
C ASP R 485 61.99 24.54 1.73
N PRO R 486 61.56 24.06 0.56
CA PRO R 486 60.73 22.86 0.52
C PRO R 486 61.49 21.57 0.73
N ASP R 487 62.83 21.59 0.67
CA ASP R 487 63.60 20.39 0.97
C ASP R 487 63.61 20.11 2.47
N ALA R 488 63.84 21.14 3.28
CA ALA R 488 63.90 20.96 4.73
C ALA R 488 62.51 20.85 5.35
N ASP R 489 61.52 21.55 4.80
CA ASP R 489 60.18 21.59 5.35
C ASP R 489 59.16 21.26 4.27
N GLY R 490 57.98 20.83 4.70
CA GLY R 490 56.94 20.47 3.75
C GLY R 490 56.32 21.67 3.06
N THR R 491 55.08 21.52 2.61
CA THR R 491 54.34 22.62 2.01
C THR R 491 53.28 23.21 2.94
N GLU R 492 53.18 22.69 4.16
CA GLU R 492 52.16 23.16 5.09
C GLU R 492 52.62 24.44 5.78
N PRO R 493 51.84 25.52 5.72
CA PRO R 493 52.26 26.76 6.40
C PRO R 493 52.35 26.64 7.91
N TYR R 494 51.67 25.68 8.53
CA TYR R 494 51.66 25.57 9.99
C TYR R 494 51.53 24.12 10.41
N VAL R 495 51.92 23.86 11.65
CA VAL R 495 51.76 22.56 12.29
C VAL R 495 51.25 22.78 13.72
N LEU R 496 50.74 21.72 14.33
CA LEU R 496 50.15 21.81 15.66
C LEU R 496 50.33 20.49 16.39
N LYS R 497 50.33 20.55 17.72
CA LYS R 497 50.43 19.36 18.55
C LYS R 497 50.00 19.68 19.98
N VAL R 498 49.06 18.92 20.51
CA VAL R 498 48.60 19.07 21.88
C VAL R 498 48.79 17.73 22.60
N THR R 499 49.40 17.77 23.78
CA THR R 499 49.75 16.54 24.48
C THR R 499 49.23 16.57 25.91
N GLN R 500 49.42 15.43 26.58
CA GLN R 500 49.06 15.24 27.98
C GLN R 500 50.33 15.28 28.82
N ALA R 501 50.40 16.23 29.76
CA ALA R 501 51.62 16.40 30.54
C ALA R 501 51.55 15.76 31.92
N GLU R 502 50.62 16.18 32.76
CA GLU R 502 50.55 15.72 34.15
C GLU R 502 49.08 15.62 34.54
N PHE R 503 48.84 15.55 35.85
CA PHE R 503 47.48 15.47 36.36
C PHE R 503 46.66 16.70 35.97
N ASP R 504 47.26 17.88 36.02
CA ASP R 504 46.56 19.12 35.75
C ASP R 504 47.41 20.05 34.89
N LYS R 505 47.98 19.52 33.82
CA LYS R 505 48.83 20.32 32.94
C LYS R 505 48.72 19.82 31.51
N TRP R 506 48.51 20.73 30.57
CA TRP R 506 48.59 20.43 29.15
C TRP R 506 49.77 21.16 28.55
N GLU R 507 50.02 20.92 27.26
CA GLU R 507 51.08 21.60 26.54
C GLU R 507 50.75 21.59 25.05
N VAL R 508 50.87 22.75 24.41
CA VAL R 508 50.57 22.91 23.00
C VAL R 508 51.75 23.62 22.33
N VAL R 509 52.12 23.14 21.14
CA VAL R 509 53.24 23.69 20.38
C VAL R 509 52.79 23.89 18.94
N TRP R 510 53.20 25.01 18.34
CA TRP R 510 52.86 25.31 16.96
C TRP R 510 53.99 26.08 16.29
N ALA R 511 54.09 25.95 14.98
CA ALA R 511 55.08 26.64 14.18
C ALA R 511 54.40 27.19 12.93
N CYS R 512 54.88 28.33 12.44
CA CYS R 512 54.28 28.97 11.28
C CYS R 512 55.32 29.78 10.52
N CYS R 513 55.02 30.06 9.25
CA CYS R 513 55.93 30.74 8.35
C CYS R 513 55.41 32.13 8.02
N PRO R 514 56.16 33.19 8.29
CA PRO R 514 55.64 34.55 8.09
C PRO R 514 55.69 34.98 6.62
N THR R 515 55.17 36.17 6.38
CA THR R 515 55.15 36.77 5.05
C THR R 515 56.28 37.79 4.92
N GLY R 516 56.88 37.84 3.73
CA GLY R 516 57.96 38.77 3.48
C GLY R 516 57.48 40.17 3.16
N VAL R 517 58.41 41.11 3.16
CA VAL R 517 58.13 42.50 2.86
C VAL R 517 59.09 42.96 1.76
N ALA R 518 58.65 43.95 0.98
CA ALA R 518 59.47 44.54 -0.08
C ALA R 518 60.06 45.84 0.44
N ARG R 519 61.36 45.83 0.71
CA ARG R 519 62.05 46.99 1.27
C ARG R 519 62.90 47.72 0.25
N ARG R 520 63.78 47.01 -0.44
CA ARG R 520 64.74 47.61 -1.36
C ARG R 520 64.50 47.10 -2.78
N ILE R 521 64.43 48.01 -3.73
CA ILE R 521 64.20 47.71 -5.14
C ILE R 521 65.33 48.33 -5.94
N GLN R 522 65.87 47.57 -6.90
CA GLN R 522 67.02 48.01 -7.67
C GLN R 522 66.69 47.94 -9.15
N GLY R 523 66.97 49.03 -9.87
CA GLY R 523 66.70 49.10 -11.30
C GLY R 523 67.96 49.45 -12.07
N VAL R 524 68.03 48.96 -13.31
CA VAL R 524 69.21 49.17 -14.14
C VAL R 524 68.81 49.59 -15.56
N PRO R 525 69.14 50.81 -15.97
CA PRO R 525 68.85 51.23 -17.35
C PRO R 525 69.84 50.67 -18.35
N LEU R 526 69.35 50.48 -19.57
CA LEU R 526 70.17 50.04 -20.69
C LEU R 526 69.83 50.88 -21.92
N LEU R 527 70.77 50.97 -22.84
CA LEU R 527 70.62 51.79 -24.03
C LEU R 527 70.89 50.93 -25.26
N ILE R 528 69.98 50.99 -26.23
CA ILE R 528 70.12 50.21 -27.46
C ILE R 528 70.93 51.00 -28.48
N GLN S 3 -56.45 35.03 -9.36
CA GLN S 3 -56.79 35.25 -7.96
C GLN S 3 -58.29 35.39 -7.77
N TYR S 4 -58.73 35.32 -6.51
CA TYR S 4 -60.15 35.35 -6.21
C TYR S 4 -60.33 36.01 -4.83
N SER S 5 -61.52 35.85 -4.27
CA SER S 5 -61.87 36.53 -3.04
C SER S 5 -61.14 35.96 -1.84
N ILE S 6 -60.96 36.78 -0.81
CA ILE S 6 -60.27 36.41 0.41
C ILE S 6 -61.16 36.75 1.60
N GLN S 7 -61.39 35.77 2.48
CA GLN S 7 -62.22 35.96 3.65
C GLN S 7 -61.42 36.51 4.82
N GLN S 8 -62.13 37.04 5.81
CA GLN S 8 -61.51 37.62 6.99
C GLN S 8 -61.43 36.65 8.16
N SER S 9 -62.41 35.76 8.31
CA SER S 9 -62.44 34.80 9.39
C SER S 9 -62.77 33.41 8.84
N LEU S 10 -62.24 32.39 9.50
CA LEU S 10 -62.44 31.01 9.08
C LEU S 10 -63.74 30.47 9.66
N GLY S 11 -64.44 29.67 8.87
CA GLY S 11 -65.64 28.99 9.32
C GLY S 11 -65.45 27.49 9.30
N ASN S 12 -66.30 26.79 8.56
CA ASN S 12 -66.18 25.35 8.39
C ASN S 12 -65.68 24.96 7.01
N ALA S 13 -65.68 25.90 6.06
CA ALA S 13 -65.23 25.60 4.72
C ALA S 13 -63.71 25.57 4.66
N SER S 14 -63.18 24.96 3.60
CA SER S 14 -61.74 24.84 3.39
C SER S 14 -61.25 26.08 2.65
N GLY S 15 -60.47 26.90 3.34
CA GLY S 15 -59.98 28.13 2.72
C GLY S 15 -58.89 28.76 3.55
N VAL S 16 -58.33 29.83 2.99
CA VAL S 16 -57.28 30.62 3.63
C VAL S 16 -57.82 32.01 3.88
N ALA S 17 -57.70 32.50 5.11
CA ALA S 17 -58.25 33.78 5.51
C ALA S 17 -57.16 34.66 6.08
N VAL S 18 -57.27 35.97 5.85
CA VAL S 18 -56.36 36.97 6.38
C VAL S 18 -57.17 38.01 7.14
N SER S 19 -56.83 38.21 8.41
CA SER S 19 -57.52 39.20 9.22
C SER S 19 -57.09 40.61 8.83
N PRO S 20 -57.90 41.62 9.15
CA PRO S 20 -57.52 43.00 8.81
C PRO S 20 -56.24 43.42 9.50
N ILE S 21 -55.53 44.36 8.87
CA ILE S 21 -54.27 44.85 9.41
C ILE S 21 -54.52 45.49 10.77
N ASN S 22 -53.67 45.14 11.74
CA ASN S 22 -53.78 45.68 13.10
C ASN S 22 -52.72 46.74 13.31
N ALA S 23 -53.15 47.94 13.72
CA ALA S 23 -52.22 49.05 13.88
C ALA S 23 -51.29 48.87 15.07
N ASP S 24 -51.77 48.22 16.13
CA ASP S 24 -50.96 48.01 17.33
C ASP S 24 -51.22 46.62 17.89
N ALA S 25 -50.14 45.87 18.10
CA ALA S 25 -50.18 44.55 18.70
C ALA S 25 -48.75 44.12 18.96
N THR S 26 -48.59 43.10 19.82
CA THR S 26 -47.28 42.61 20.21
C THR S 26 -47.23 41.10 20.02
N LEU S 27 -46.10 40.62 19.49
CA LEU S 27 -45.88 39.20 19.25
C LEU S 27 -44.80 38.70 20.20
N SER S 28 -45.09 37.61 20.91
CA SER S 28 -44.19 37.05 21.90
C SER S 28 -43.97 35.56 21.61
N THR S 29 -42.73 35.11 21.74
CA THR S 29 -42.35 33.72 21.51
C THR S 29 -41.71 33.17 22.78
N GLY S 30 -42.10 31.95 23.14
CA GLY S 30 -41.63 31.33 24.37
C GLY S 30 -40.93 30.00 24.12
N VAL S 31 -40.41 29.44 25.22
CA VAL S 31 -39.71 28.17 25.19
C VAL S 31 -39.81 27.56 26.58
N ALA S 32 -39.66 26.23 26.66
CA ALA S 32 -39.84 25.51 27.91
C ALA S 32 -38.52 24.91 28.38
N LEU S 33 -38.29 24.97 29.69
CA LEU S 33 -37.11 24.38 30.30
C LEU S 33 -37.39 24.14 31.78
N ASN S 34 -36.83 23.06 32.32
CA ASN S 34 -37.11 22.62 33.68
C ASN S 34 -35.81 22.28 34.41
N SER S 35 -34.81 23.16 34.30
CA SER S 35 -33.56 22.95 35.02
C SER S 35 -33.75 23.12 36.52
N SER S 36 -34.38 24.21 36.94
CA SER S 36 -34.65 24.48 38.34
C SER S 36 -36.05 25.05 38.48
N LEU S 37 -36.68 24.77 39.61
CA LEU S 37 -38.06 25.18 39.84
C LEU S 37 -38.11 26.17 41.00
N TRP S 38 -38.79 27.29 40.78
CA TRP S 38 -38.96 28.30 41.81
C TRP S 38 -40.38 28.29 42.36
N ALA S 39 -40.66 29.19 43.29
CA ALA S 39 -41.98 29.28 43.91
C ALA S 39 -42.17 30.67 44.49
N GLY S 40 -43.42 31.00 44.80
CA GLY S 40 -43.73 32.29 45.37
C GLY S 40 -45.23 32.47 45.52
N ILE S 41 -45.60 33.67 45.96
CA ILE S 41 -46.99 34.07 46.12
C ILE S 41 -47.17 35.46 45.51
N GLY S 42 -48.41 35.79 45.18
CA GLY S 42 -48.67 37.09 44.58
C GLY S 42 -50.14 37.31 44.34
N VAL S 43 -50.44 38.48 43.77
CA VAL S 43 -51.80 38.90 43.43
C VAL S 43 -51.87 39.11 41.92
N PHE S 44 -52.86 38.51 41.28
CA PHE S 44 -52.98 38.57 39.84
C PHE S 44 -54.44 38.78 39.45
N ALA S 45 -54.68 38.85 38.14
CA ALA S 45 -56.02 39.15 37.65
C ALA S 45 -56.96 37.96 37.83
N ARG S 46 -56.68 36.84 37.17
CA ARG S 46 -57.53 35.66 37.25
C ARG S 46 -56.69 34.45 37.63
N GLY S 47 -57.33 33.48 38.28
CA GLY S 47 -56.67 32.26 38.69
C GLY S 47 -57.37 31.61 39.85
N LYS S 48 -57.27 30.30 39.96
CA LYS S 48 -57.90 29.60 41.07
C LYS S 48 -57.16 29.93 42.36
N PRO S 49 -57.80 30.55 43.34
CA PRO S 49 -57.06 31.02 44.51
C PRO S 49 -56.70 29.88 45.46
N PHE S 50 -55.58 30.07 46.17
CA PHE S 50 -55.13 29.16 47.22
C PHE S 50 -54.95 27.73 46.71
N THR S 51 -54.49 27.61 45.46
CA THR S 51 -54.10 26.33 44.90
C THR S 51 -52.79 26.52 44.15
N VAL S 52 -52.00 25.46 44.06
CA VAL S 52 -50.71 25.52 43.38
C VAL S 52 -50.94 25.51 41.88
N LEU S 53 -50.38 26.51 41.18
CA LEU S 53 -50.51 26.63 39.74
C LEU S 53 -49.13 26.53 39.10
N ALA S 54 -49.01 25.67 38.09
CA ALA S 54 -47.76 25.50 37.37
C ALA S 54 -47.80 26.34 36.10
N VAL S 55 -46.81 27.22 35.94
CA VAL S 55 -46.78 28.18 34.84
C VAL S 55 -45.47 28.03 34.09
N THR S 56 -45.56 28.02 32.76
CA THR S 56 -44.40 28.03 31.87
C THR S 56 -44.39 29.33 31.08
N GLU S 57 -43.44 29.45 30.16
CA GLU S 57 -43.31 30.66 29.37
C GLU S 57 -44.48 30.87 28.42
N SER S 58 -45.16 29.79 28.02
CA SER S 58 -46.30 29.89 27.12
C SER S 58 -47.65 29.89 27.85
N ASN S 59 -47.67 29.64 29.16
CA ASN S 59 -48.90 29.60 29.92
C ASN S 59 -49.09 30.78 30.86
N TYR S 60 -48.05 31.58 31.10
CA TYR S 60 -48.17 32.65 32.08
C TYR S 60 -49.10 33.77 31.65
N GLU S 61 -49.55 33.76 30.39
CA GLU S 61 -50.57 34.70 29.96
C GLU S 61 -51.98 34.12 30.07
N ASP S 62 -52.16 32.87 29.65
CA ASP S 62 -53.46 32.21 29.82
C ASP S 62 -53.72 31.91 31.28
N VAL S 63 -52.88 31.06 31.88
CA VAL S 63 -52.84 31.01 33.34
C VAL S 63 -52.32 32.35 33.82
N LEU S 64 -52.63 32.67 35.08
CA LEU S 64 -52.47 34.03 35.60
C LEU S 64 -53.37 34.88 34.70
N GLY S 65 -52.94 36.03 34.22
CA GLY S 65 -53.81 36.79 33.34
C GLY S 65 -53.09 37.97 32.72
N GLU S 66 -53.87 38.82 32.08
CA GLU S 66 -53.32 40.03 31.50
C GLU S 66 -52.76 40.91 32.61
N PRO S 67 -51.57 41.49 32.44
CA PRO S 67 -50.97 42.28 33.51
C PRO S 67 -51.85 43.45 33.92
N LEU S 68 -51.90 43.71 35.22
CA LEU S 68 -52.69 44.81 35.74
C LEU S 68 -52.02 46.14 35.43
N LYS S 69 -52.83 47.15 35.17
CA LYS S 69 -52.30 48.45 34.77
C LYS S 69 -51.58 49.10 35.96
N PRO S 70 -50.44 49.75 35.71
CA PRO S 70 -49.73 50.40 36.82
C PRO S 70 -50.49 51.56 37.44
N SER S 71 -51.49 52.11 36.75
CA SER S 71 -52.28 53.19 37.33
C SER S 71 -53.13 52.73 38.50
N SER S 72 -53.44 51.44 38.58
CA SER S 72 -54.17 50.92 39.73
C SER S 72 -53.35 51.05 41.01
N GLY S 73 -52.06 50.72 40.94
CA GLY S 73 -51.17 50.95 42.06
C GLY S 73 -50.95 49.75 42.96
N SER S 74 -49.68 49.37 43.15
CA SER S 74 -49.24 48.32 44.06
C SER S 74 -49.82 46.96 43.72
N GLN S 75 -50.33 46.78 42.51
CA GLN S 75 -50.88 45.50 42.07
C GLN S 75 -50.16 44.94 40.86
N PHE S 76 -49.18 45.65 40.34
CA PHE S 76 -48.52 45.27 39.10
C PHE S 76 -47.18 44.57 39.30
N GLU S 77 -46.57 44.70 40.47
CA GLU S 77 -45.24 44.14 40.69
C GLU S 77 -45.17 42.62 40.52
N PRO S 78 -46.07 41.82 41.10
CA PRO S 78 -45.88 40.36 41.04
C PRO S 78 -45.79 39.80 39.63
N ILE S 79 -46.60 40.31 38.70
CA ILE S 79 -46.56 39.77 37.34
C ILE S 79 -45.25 40.13 36.65
N ARG S 80 -44.73 41.33 36.92
CA ARG S 80 -43.43 41.70 36.37
C ARG S 80 -42.32 40.81 36.93
N HIS S 81 -42.37 40.52 38.23
CA HIS S 81 -41.38 39.62 38.82
C HIS S 81 -41.48 38.23 38.20
N VAL S 82 -42.70 37.74 38.01
CA VAL S 82 -42.90 36.42 37.40
C VAL S 82 -42.35 36.39 35.99
N TYR S 83 -42.62 37.44 35.22
CA TYR S 83 -42.11 37.49 33.84
C TYR S 83 -40.59 37.51 33.83
N GLU S 84 -39.97 38.28 34.72
CA GLU S 84 -38.52 38.33 34.77
C GLU S 84 -37.93 36.98 35.14
N ALA S 85 -38.54 36.29 36.11
CA ALA S 85 -37.99 35.03 36.59
C ALA S 85 -38.26 33.88 35.63
N ILE S 86 -39.30 33.97 34.80
CA ILE S 86 -39.72 32.84 33.97
C ILE S 86 -38.91 32.74 32.68
N GLN S 87 -38.02 33.70 32.40
CA GLN S 87 -37.20 33.62 31.21
C GLN S 87 -36.19 32.48 31.26
N GLN S 88 -35.88 31.98 32.46
CA GLN S 88 -34.96 30.85 32.58
C GLN S 88 -35.71 29.52 32.65
N THR S 89 -36.53 29.35 33.68
CA THR S 89 -37.23 28.09 33.90
C THR S 89 -38.60 28.36 34.50
N SER S 90 -39.44 27.32 34.51
CA SER S 90 -40.80 27.44 35.03
C SER S 90 -40.80 27.35 36.55
N GLY S 91 -41.99 27.49 37.13
CA GLY S 91 -42.13 27.48 38.56
C GLY S 91 -43.56 27.27 38.99
N TYR S 92 -43.83 27.57 40.26
CA TYR S 92 -45.15 27.42 40.86
C TYR S 92 -45.57 28.70 41.55
N VAL S 93 -46.87 29.01 41.49
CA VAL S 93 -47.41 30.23 42.05
C VAL S 93 -48.72 29.91 42.78
N VAL S 94 -48.92 30.55 43.93
CA VAL S 94 -50.16 30.47 44.69
C VAL S 94 -50.78 31.86 44.75
N ARG S 95 -52.05 31.97 44.38
CA ARG S 95 -52.72 33.25 44.28
C ARG S 95 -53.44 33.57 45.58
N ALA S 96 -53.27 34.81 46.05
CA ALA S 96 -53.95 35.32 47.23
C ALA S 96 -54.99 36.34 46.80
N VAL S 97 -56.18 36.25 47.39
CA VAL S 97 -57.31 37.10 47.00
C VAL S 97 -57.94 37.69 48.26
N PRO S 98 -58.43 38.92 48.22
CA PRO S 98 -59.09 39.49 49.40
C PRO S 98 -60.42 38.80 49.68
N ASP S 99 -60.93 39.06 50.88
CA ASP S 99 -62.15 38.39 51.33
C ASP S 99 -63.36 38.79 50.50
N ASP S 100 -63.47 40.07 50.14
CA ASP S 100 -64.64 40.53 49.41
C ASP S 100 -64.54 40.19 47.92
N ALA S 101 -64.31 38.92 47.61
CA ALA S 101 -64.21 38.44 46.24
C ALA S 101 -65.26 37.38 46.01
N LYS S 102 -65.95 37.47 44.87
CA LYS S 102 -67.05 36.56 44.55
C LYS S 102 -66.92 36.08 43.12
N PHE S 103 -67.50 34.90 42.86
CA PHE S 103 -67.54 34.33 41.53
C PHE S 103 -68.99 34.15 41.08
N PRO S 104 -69.27 34.34 39.79
CA PRO S 104 -70.65 34.29 39.32
C PRO S 104 -71.15 32.85 39.19
N ILE S 105 -72.48 32.74 39.09
CA ILE S 105 -73.14 31.45 38.98
C ILE S 105 -74.54 31.68 38.42
N ILE S 106 -75.01 30.76 37.59
CA ILE S 106 -76.34 30.83 36.99
C ILE S 106 -77.10 29.57 37.36
N MET S 107 -78.28 29.73 37.95
CA MET S 107 -79.15 28.61 38.28
C MET S 107 -80.27 28.51 37.25
N PHE S 108 -80.74 27.28 37.03
CA PHE S 108 -81.76 27.00 36.02
C PHE S 108 -82.99 26.41 36.68
N ASP S 109 -84.16 26.96 36.33
CA ASP S 109 -85.44 26.46 36.81
C ASP S 109 -85.82 25.20 36.04
N GLU S 110 -86.88 24.54 36.52
CA GLU S 110 -87.38 23.36 35.83
C GLU S 110 -87.86 23.70 34.43
N SER S 111 -88.53 24.85 34.28
CA SER S 111 -88.90 25.32 32.95
C SER S 111 -87.68 25.64 32.12
N GLY S 112 -86.67 26.26 32.72
CA GLY S 112 -85.43 26.54 32.02
C GLY S 112 -84.95 27.98 32.10
N GLU S 113 -85.64 28.80 32.88
CA GLU S 113 -85.24 30.20 33.00
C GLU S 113 -84.02 30.34 33.91
N PRO S 114 -83.16 31.32 33.64
CA PRO S 114 -81.96 31.50 34.45
C PRO S 114 -82.14 32.50 35.59
N ALA S 115 -81.33 32.30 36.63
CA ALA S 115 -81.26 33.21 37.76
C ALA S 115 -79.79 33.47 38.07
N TYR S 116 -79.45 34.73 38.29
CA TYR S 116 -78.05 35.13 38.49
C TYR S 116 -77.79 35.47 39.94
N SER S 117 -76.59 35.12 40.40
CA SER S 117 -76.14 35.46 41.75
C SER S 117 -74.62 35.27 41.80
N ALA S 118 -74.05 35.56 42.97
CA ALA S 118 -72.61 35.38 43.19
C ALA S 118 -72.39 34.90 44.63
N LEU S 119 -71.28 34.22 44.84
CA LEU S 119 -70.95 33.66 46.14
C LEU S 119 -69.48 33.86 46.44
N PRO S 120 -69.10 33.95 47.71
CA PRO S 120 -67.69 34.04 48.07
C PRO S 120 -66.94 32.75 47.71
N TYR S 121 -65.63 32.89 47.54
CA TYR S 121 -64.82 31.78 47.07
C TYR S 121 -64.83 30.61 48.05
N GLY S 122 -64.79 30.91 49.35
CA GLY S 122 -64.77 29.84 50.33
C GLY S 122 -66.05 29.04 50.37
N SER S 123 -67.19 29.69 50.15
CA SER S 123 -68.49 29.06 50.31
C SER S 123 -68.72 27.98 49.27
N GLU S 124 -69.67 27.09 49.55
CA GLU S 124 -70.05 26.02 48.66
C GLU S 124 -71.49 26.21 48.20
N ILE S 125 -71.76 25.78 46.97
CA ILE S 125 -73.06 26.02 46.34
C ILE S 125 -74.09 25.09 46.95
N GLU S 126 -75.23 25.65 47.34
CA GLU S 126 -76.38 24.89 47.81
C GLU S 126 -77.57 25.20 46.92
N LEU S 127 -78.18 24.17 46.37
CA LEU S 127 -79.26 24.32 45.40
C LEU S 127 -80.59 24.44 46.12
N ASP S 128 -81.30 25.53 45.87
CA ASP S 128 -82.63 25.72 46.43
C ASP S 128 -83.62 24.75 45.80
N SER S 129 -84.64 24.40 46.57
CA SER S 129 -85.70 23.56 46.03
C SER S 129 -86.42 24.30 44.90
N GLY S 130 -86.80 23.55 43.87
CA GLY S 130 -87.35 24.14 42.66
C GLY S 130 -86.33 24.48 41.60
N GLU S 131 -85.05 24.27 41.87
CA GLU S 131 -83.98 24.50 40.91
C GLU S 131 -83.35 23.17 40.51
N ALA S 132 -83.12 22.99 39.21
CA ALA S 132 -82.61 21.71 38.71
C ALA S 132 -81.09 21.64 38.79
N PHE S 133 -80.40 22.60 38.18
CA PHE S 133 -78.95 22.57 38.12
C PHE S 133 -78.42 23.99 38.03
N ALA S 134 -77.13 24.14 38.36
CA ALA S 134 -76.45 25.42 38.30
C ALA S 134 -75.11 25.25 37.61
N ILE S 135 -74.69 26.30 36.90
CA ILE S 135 -73.42 26.34 36.21
C ILE S 135 -72.66 27.57 36.68
N TYR S 136 -71.42 27.37 37.11
CA TYR S 136 -70.58 28.47 37.59
C TYR S 136 -69.21 28.39 36.94
N VAL S 137 -68.38 29.38 37.25
CA VAL S 137 -67.05 29.50 36.65
C VAL S 137 -66.01 29.00 37.64
N ASP S 138 -65.29 27.95 37.25
CA ASP S 138 -64.25 27.39 38.12
C ASP S 138 -63.03 28.30 38.18
N ASP S 139 -62.62 28.82 37.03
CA ASP S 139 -61.48 29.74 36.99
C ASP S 139 -61.79 30.99 37.79
N GLY S 140 -60.82 31.43 38.59
CA GLY S 140 -61.01 32.61 39.40
C GLY S 140 -60.97 33.90 38.59
N ASP S 141 -61.82 33.98 37.59
CA ASP S 141 -61.83 35.12 36.65
C ASP S 141 -63.15 35.87 36.74
N PRO S 142 -63.18 37.07 37.33
CA PRO S 142 -64.37 37.90 37.21
C PRO S 142 -64.60 38.30 35.77
N CYS S 143 -65.88 38.40 35.40
CA CYS S 143 -66.27 38.71 34.03
C CYS S 143 -66.61 40.20 33.86
N ILE S 144 -65.88 41.07 34.54
CA ILE S 144 -66.23 42.49 34.54
C ILE S 144 -65.86 43.13 33.21
N SER S 145 -64.57 43.17 32.88
CA SER S 145 -64.18 43.84 31.64
C SER S 145 -64.38 42.93 30.43
N PRO S 146 -63.91 41.65 30.44
CA PRO S 146 -64.34 40.75 29.36
C PRO S 146 -65.61 40.02 29.74
N THR S 147 -66.66 40.18 28.94
CA THR S 147 -67.95 39.57 29.26
C THR S 147 -68.03 38.17 28.66
N ARG S 148 -68.49 37.22 29.48
CA ARG S 148 -68.63 35.83 29.07
C ARG S 148 -70.11 35.49 29.00
N GLU S 149 -70.54 34.95 27.87
CA GLU S 149 -71.95 34.66 27.62
C GLU S 149 -72.13 33.16 27.40
N LEU S 150 -73.29 32.65 27.81
CA LEU S 150 -73.62 31.24 27.73
C LEU S 150 -74.83 31.07 26.81
N THR S 151 -74.73 30.11 25.88
CA THR S 151 -75.76 29.87 24.89
C THR S 151 -76.19 28.42 24.92
N ILE S 152 -77.49 28.18 24.81
CA ILE S 152 -78.06 26.84 24.83
C ILE S 152 -78.91 26.64 23.58
N GLU S 153 -78.72 25.51 22.91
CA GLU S 153 -79.56 25.12 21.79
C GLU S 153 -79.65 23.61 21.74
N THR S 154 -80.69 23.11 21.08
CA THR S 154 -80.97 21.68 21.05
C THR S 154 -80.16 20.98 19.98
N ALA S 155 -80.01 19.66 20.14
CA ALA S 155 -79.27 18.82 19.21
C ALA S 155 -80.06 17.54 18.99
N THR S 156 -79.55 16.69 18.11
CA THR S 156 -80.22 15.44 17.81
C THR S 156 -80.21 14.51 19.02
N ALA S 157 -81.29 13.76 19.18
CA ALA S 157 -81.41 12.87 20.31
C ALA S 157 -80.41 11.71 20.19
N ASP S 158 -80.17 11.06 21.33
CA ASP S 158 -79.21 9.97 21.38
C ASP S 158 -79.75 8.74 20.64
N SER S 159 -78.86 7.78 20.39
CA SER S 159 -79.26 6.55 19.73
C SER S 159 -80.22 5.75 20.60
N ALA S 160 -80.07 5.82 21.92
CA ALA S 160 -80.91 5.09 22.85
C ALA S 160 -82.13 5.90 23.30
N GLY S 161 -82.44 7.00 22.61
CA GLY S 161 -83.59 7.80 22.95
C GLY S 161 -83.36 8.90 23.94
N ASN S 162 -82.15 9.05 24.47
CA ASN S 162 -81.86 10.13 25.40
C ASN S 162 -81.81 11.47 24.65
N GLU S 163 -82.03 12.54 25.41
CA GLU S 163 -82.05 13.89 24.85
C GLU S 163 -80.77 14.62 25.20
N ARG S 164 -80.20 15.31 24.21
CA ARG S 164 -78.94 16.03 24.35
C ARG S 164 -79.08 17.43 23.77
N PHE S 165 -78.28 18.36 24.27
CA PHE S 165 -78.27 19.73 23.80
C PHE S 165 -76.84 20.24 23.73
N LEU S 166 -76.67 21.32 22.97
CA LEU S 166 -75.37 21.94 22.76
C LEU S 166 -75.19 23.11 23.74
N LEU S 167 -74.07 23.11 24.45
CA LEU S 167 -73.71 24.19 25.36
C LEU S 167 -72.49 24.91 24.80
N LYS S 168 -72.61 26.22 24.61
CA LYS S 168 -71.56 27.01 24.00
C LYS S 168 -71.21 28.20 24.89
N LEU S 169 -69.93 28.56 24.89
CA LEU S 169 -69.41 29.66 25.67
C LEU S 169 -68.72 30.66 24.74
N THR S 170 -68.98 31.94 24.96
CA THR S 170 -68.45 33.00 24.12
C THR S 170 -67.88 34.12 24.98
N GLN S 171 -66.94 34.86 24.40
CA GLN S 171 -66.29 35.98 25.07
C GLN S 171 -66.47 37.23 24.23
N THR S 172 -66.93 38.31 24.88
CA THR S 172 -67.15 39.58 24.21
C THR S 172 -66.39 40.67 24.94
N THR S 173 -65.67 41.49 24.19
CA THR S 173 -64.92 42.60 24.77
C THR S 173 -65.84 43.80 24.97
N SER S 174 -65.26 44.88 25.50
CA SER S 174 -66.03 46.11 25.70
C SER S 174 -66.43 46.74 24.37
N LEU S 175 -65.55 46.67 23.37
CA LEU S 175 -65.85 47.27 22.07
C LEU S 175 -67.02 46.56 21.40
N GLY S 176 -67.05 45.24 21.44
CA GLY S 176 -68.14 44.50 20.82
C GLY S 176 -67.67 43.31 20.00
N VAL S 177 -66.37 43.04 20.00
CA VAL S 177 -65.83 41.91 19.27
C VAL S 177 -66.19 40.62 20.00
N VAL S 178 -66.77 39.67 19.29
CA VAL S 178 -67.26 38.43 19.86
C VAL S 178 -66.38 37.28 19.38
N THR S 179 -65.93 36.45 20.32
CA THR S 179 -65.11 35.29 20.02
C THR S 179 -65.71 34.06 20.68
N THR S 180 -65.35 32.90 20.15
CA THR S 180 -65.86 31.62 20.62
C THR S 180 -64.80 30.92 21.46
N LEU S 181 -65.20 30.43 22.64
CA LEU S 181 -64.27 29.78 23.55
C LEU S 181 -64.40 28.26 23.54
N GLU S 182 -65.59 27.73 23.86
CA GLU S 182 -65.76 26.29 23.99
C GLU S 182 -67.14 25.89 23.50
N THR S 183 -67.28 24.64 23.08
CA THR S 183 -68.55 24.04 22.73
C THR S 183 -68.59 22.61 23.27
N HIS S 184 -69.78 22.17 23.69
CA HIS S 184 -69.93 20.83 24.24
C HIS S 184 -71.31 20.29 23.87
N THR S 185 -71.42 18.96 23.89
CA THR S 185 -72.70 18.27 23.81
C THR S 185 -72.98 17.66 25.17
N VAL S 186 -74.10 18.04 25.79
CA VAL S 186 -74.38 17.70 27.17
C VAL S 186 -75.78 17.11 27.26
N SER S 187 -75.92 16.06 28.06
CA SER S 187 -77.21 15.41 28.30
C SER S 187 -77.52 15.41 29.78
N LEU S 188 -78.79 15.68 30.12
CA LEU S 188 -79.21 15.65 31.51
C LEU S 188 -79.35 14.24 32.06
N ALA S 189 -79.55 13.25 31.19
CA ALA S 189 -79.70 11.88 31.64
C ALA S 189 -78.39 11.33 32.18
N GLU S 190 -78.49 10.47 33.19
CA GLU S 190 -77.30 9.90 33.81
C GLU S 190 -76.54 9.00 32.85
N GLU S 191 -77.26 8.17 32.09
CA GLU S 191 -76.64 7.20 31.18
C GLU S 191 -76.87 7.69 29.75
N ALA S 192 -75.93 8.49 29.26
CA ALA S 192 -75.97 9.00 27.89
C ALA S 192 -74.55 8.99 27.34
N LYS S 193 -74.45 8.94 26.01
CA LYS S 193 -73.16 8.84 25.35
C LYS S 193 -73.06 9.86 24.23
N ASP S 194 -71.83 10.31 23.99
CA ASP S 194 -71.54 11.29 22.95
C ASP S 194 -71.47 10.61 21.59
N ASP S 195 -71.37 11.44 20.54
CA ASP S 195 -71.17 10.91 19.20
C ASP S 195 -69.82 10.20 19.08
N MET S 196 -68.85 10.59 19.90
CA MET S 196 -67.55 9.92 19.93
C MET S 196 -67.50 8.79 20.93
N GLY S 197 -68.58 8.53 21.66
CA GLY S 197 -68.64 7.47 22.64
C GLY S 197 -68.41 7.92 24.07
N ARG S 198 -68.00 9.16 24.28
CA ARG S 198 -67.77 9.66 25.63
C ARG S 198 -69.09 9.93 26.34
N LEU S 199 -69.00 10.06 27.67
CA LEU S 199 -70.18 10.33 28.47
C LEU S 199 -70.61 11.79 28.34
N CYS S 200 -71.93 12.01 28.40
CA CYS S 200 -72.50 13.35 28.24
C CYS S 200 -73.17 13.85 29.50
N TYR S 201 -73.00 13.19 30.64
CA TYR S 201 -73.56 13.70 31.88
C TYR S 201 -72.90 15.03 32.22
N LEU S 202 -73.71 16.01 32.59
CA LEU S 202 -73.23 17.39 32.66
C LEU S 202 -72.08 17.58 33.64
N PRO S 203 -72.18 17.18 34.91
CA PRO S 203 -71.02 17.38 35.81
C PRO S 203 -69.78 16.64 35.37
N THR S 204 -69.91 15.40 34.93
CA THR S 204 -68.75 14.61 34.53
C THR S 204 -68.08 15.21 33.30
N ALA S 205 -68.87 15.58 32.29
CA ALA S 205 -68.31 16.17 31.09
C ALA S 205 -67.62 17.49 31.39
N LEU S 206 -68.25 18.33 32.21
CA LEU S 206 -67.65 19.63 32.54
C LEU S 206 -66.36 19.44 33.34
N GLU S 207 -66.33 18.48 34.25
CA GLU S 207 -65.09 18.22 34.99
C GLU S 207 -64.01 17.67 34.06
N ALA S 208 -64.38 16.86 33.08
CA ALA S 208 -63.38 16.20 32.25
C ALA S 208 -62.79 17.14 31.20
N ARG S 209 -63.64 17.65 30.30
CA ARG S 209 -63.13 18.33 29.10
C ARG S 209 -63.48 19.81 29.06
N SER S 210 -63.50 20.49 30.21
CA SER S 210 -63.71 21.92 30.24
C SER S 210 -62.79 22.55 31.29
N LYS S 211 -62.13 23.64 30.93
CA LYS S 211 -61.24 24.34 31.84
C LYS S 211 -61.83 25.66 32.34
N TYR S 212 -63.08 25.95 32.01
CA TYR S 212 -63.72 27.20 32.42
C TYR S 212 -64.90 27.00 33.35
N LEU S 213 -65.75 26.00 33.10
CA LEU S 213 -67.03 25.88 33.77
C LEU S 213 -67.11 24.59 34.59
N ARG S 214 -67.97 24.62 35.59
CA ARG S 214 -68.36 23.44 36.36
C ARG S 214 -69.86 23.51 36.61
N ALA S 215 -70.44 22.37 37.00
CA ALA S 215 -71.88 22.31 37.21
C ALA S 215 -72.21 21.48 38.45
N VAL S 216 -73.31 21.84 39.09
CA VAL S 216 -73.84 21.12 40.25
C VAL S 216 -75.32 20.87 40.00
N VAL S 217 -75.76 19.62 40.19
CA VAL S 217 -77.13 19.23 39.89
C VAL S 217 -77.83 18.80 41.18
N ASN S 218 -79.15 18.95 41.19
CA ASN S 218 -80.00 18.48 42.27
C ASN S 218 -80.52 17.10 41.90
N GLU S 219 -80.12 16.08 42.66
CA GLU S 219 -80.41 14.71 42.27
C GLU S 219 -81.90 14.41 42.31
N GLU S 220 -82.63 14.99 43.26
CA GLU S 220 -84.04 14.65 43.43
C GLU S 220 -84.88 15.08 42.23
N LEU S 221 -84.63 16.30 41.72
CA LEU S 221 -85.49 16.89 40.70
C LEU S 221 -84.85 16.89 39.31
N ILE S 222 -83.71 16.23 39.14
CA ILE S 222 -83.05 16.25 37.84
C ILE S 222 -83.83 15.47 36.79
N SER S 223 -84.58 14.46 37.21
CA SER S 223 -85.21 13.56 36.25
C SER S 223 -86.24 14.28 35.38
N THR S 224 -87.15 15.02 36.01
CA THR S 224 -88.23 15.69 35.28
C THR S 224 -87.85 17.15 35.03
N ALA S 225 -86.81 17.32 34.21
CA ALA S 225 -86.28 18.64 33.87
C ALA S 225 -86.29 18.83 32.37
N LYS S 226 -86.62 20.05 31.94
CA LYS S 226 -86.67 20.41 30.53
C LYS S 226 -85.82 21.64 30.28
N VAL S 227 -85.15 21.66 29.13
CA VAL S 227 -84.27 22.76 28.74
C VAL S 227 -84.73 23.28 27.38
N THR S 228 -84.86 24.59 27.26
CA THR S 228 -85.27 25.23 26.02
C THR S 228 -84.15 26.13 25.51
N ASN S 229 -84.20 26.41 24.21
CA ASN S 229 -83.17 27.23 23.58
C ASN S 229 -83.17 28.63 24.17
N LYS S 230 -81.98 29.13 24.50
CA LYS S 230 -81.82 30.46 25.05
C LYS S 230 -80.69 31.18 24.33
N LYS S 231 -80.81 32.50 24.24
CA LYS S 231 -79.78 33.31 23.60
C LYS S 231 -78.64 33.53 24.59
N SER S 232 -77.74 34.46 24.28
CA SER S 232 -76.59 34.70 25.13
C SER S 232 -77.02 35.19 26.51
N LEU S 233 -76.51 34.53 27.55
CA LEU S 233 -76.74 34.92 28.93
C LEU S 233 -75.39 35.20 29.58
N ALA S 234 -75.25 36.39 30.16
CA ALA S 234 -73.97 36.85 30.68
C ALA S 234 -73.92 36.68 32.20
N PHE S 235 -72.78 36.19 32.69
CA PHE S 235 -72.58 36.09 34.12
C PHE S 235 -72.49 37.48 34.73
N THR S 236 -73.10 37.65 35.90
CA THR S 236 -73.12 38.94 36.60
C THR S 236 -72.83 38.71 38.08
N GLY S 237 -72.30 39.76 38.71
CA GLY S 237 -72.05 39.75 40.14
C GLY S 237 -70.68 39.29 40.55
N GLY S 238 -69.87 38.79 39.63
CA GLY S 238 -68.52 38.37 39.96
C GLY S 238 -67.54 39.52 39.98
N THR S 239 -66.91 39.75 41.12
CA THR S 239 -66.03 40.90 41.28
C THR S 239 -64.85 40.53 42.17
N ASN S 240 -63.79 41.33 42.04
CA ASN S 240 -62.62 41.24 42.91
C ASN S 240 -62.55 42.51 43.75
N GLY S 241 -62.36 42.34 45.05
CA GLY S 241 -62.28 43.50 45.94
C GLY S 241 -61.05 44.33 45.67
N ASP S 242 -60.85 45.40 46.44
CA ASP S 242 -59.64 46.20 46.26
C ASP S 242 -58.40 45.38 46.53
N GLN S 243 -57.64 45.08 45.47
CA GLN S 243 -56.50 44.18 45.58
C GLN S 243 -55.24 44.88 46.06
N SER S 244 -55.27 46.21 46.22
CA SER S 244 -54.14 46.91 46.80
C SER S 244 -54.08 46.74 48.31
N LYS S 245 -55.18 46.34 48.94
CA LYS S 245 -55.25 46.15 50.40
C LYS S 245 -55.48 44.67 50.66
N ILE S 246 -54.42 43.96 51.01
CA ILE S 246 -54.47 42.53 51.32
C ILE S 246 -54.05 42.35 52.77
N SER S 247 -54.89 41.68 53.55
CA SER S 247 -54.58 41.44 54.95
C SER S 247 -53.49 40.38 55.08
N THR S 248 -52.90 40.32 56.27
CA THR S 248 -51.81 39.38 56.51
C THR S 248 -52.33 37.94 56.57
N ALA S 249 -53.61 37.75 56.92
CA ALA S 249 -54.15 36.40 57.03
C ALA S 249 -54.13 35.69 55.68
N ALA S 250 -54.52 36.38 54.61
CA ALA S 250 -54.50 35.77 53.29
C ALA S 250 -53.09 35.42 52.86
N TYR S 251 -52.13 36.31 53.14
CA TYR S 251 -50.74 36.03 52.81
C TYR S 251 -50.23 34.79 53.55
N LEU S 252 -50.55 34.70 54.85
CA LEU S 252 -50.10 33.55 55.62
C LEU S 252 -50.76 32.27 55.13
N ARG S 253 -52.03 32.35 54.73
CA ARG S 253 -52.70 31.17 54.18
C ARG S 253 -52.03 30.71 52.88
N ALA S 254 -51.67 31.65 52.01
CA ALA S 254 -50.97 31.29 50.78
C ALA S 254 -49.61 30.67 51.09
N VAL S 255 -48.89 31.22 52.07
CA VAL S 255 -47.60 30.66 52.44
C VAL S 255 -47.77 29.23 52.95
N LYS S 256 -48.79 29.01 53.79
CA LYS S 256 -49.04 27.66 54.29
C LYS S 256 -49.39 26.70 53.16
N VAL S 257 -50.10 27.20 52.14
CA VAL S 257 -50.38 26.37 50.97
C VAL S 257 -49.09 25.99 50.26
N LEU S 258 -48.17 26.94 50.12
CA LEU S 258 -46.86 26.61 49.52
C LEU S 258 -46.13 25.56 50.35
N ASN S 259 -46.18 25.67 51.68
CA ASN S 259 -45.40 24.77 52.52
C ASN S 259 -45.76 23.31 52.27
N ASN S 260 -47.05 23.03 52.07
CA ASN S 260 -47.52 21.65 51.91
C ASN S 260 -47.68 21.32 50.43
N ALA S 261 -46.55 21.36 49.72
CA ALA S 261 -46.53 21.04 48.30
C ALA S 261 -45.45 20.02 48.02
N PRO S 262 -45.77 18.97 47.26
CA PRO S 262 -44.80 17.89 47.00
C PRO S 262 -43.94 18.05 45.75
N TYR S 263 -43.97 19.21 45.11
CA TYR S 263 -43.33 19.35 43.80
C TYR S 263 -41.81 19.52 43.88
N MET S 264 -41.26 19.78 45.06
CA MET S 264 -39.81 19.78 45.28
C MET S 264 -39.12 20.81 44.38
N TYR S 265 -39.43 22.07 44.65
CA TYR S 265 -38.78 23.18 43.97
C TYR S 265 -37.39 23.43 44.58
N THR S 266 -36.61 24.27 43.90
CA THR S 266 -35.23 24.51 44.30
C THR S 266 -34.95 25.98 44.65
N ALA S 267 -35.97 26.83 44.71
CA ALA S 267 -35.79 28.21 45.13
C ALA S 267 -37.14 28.78 45.54
N VAL S 268 -37.10 29.77 46.44
CA VAL S 268 -38.29 30.47 46.88
C VAL S 268 -38.06 31.96 46.67
N LEU S 269 -39.06 32.64 46.09
CA LEU S 269 -38.92 34.03 45.67
C LEU S 269 -40.03 34.86 46.30
N GLY S 270 -39.68 36.06 46.75
CA GLY S 270 -40.69 36.99 47.20
C GLY S 270 -41.09 37.94 46.10
N LEU S 271 -42.19 37.63 45.40
CA LEU S 271 -42.60 38.37 44.21
C LEU S 271 -43.37 39.62 44.63
N GLY S 272 -42.62 40.66 44.97
CA GLY S 272 -43.24 41.93 45.29
C GLY S 272 -44.06 41.96 46.55
N CYS S 273 -43.86 41.00 47.45
CA CYS S 273 -44.57 40.96 48.73
C CYS S 273 -43.72 41.69 49.76
N TYR S 274 -44.25 42.76 50.32
CA TYR S 274 -43.54 43.59 51.29
C TYR S 274 -44.20 43.55 52.66
N ASP S 275 -44.63 42.36 53.08
CA ASP S 275 -45.17 42.15 54.42
C ASP S 275 -44.16 41.34 55.23
N ASN S 276 -43.83 41.85 56.43
CA ASN S 276 -42.76 41.24 57.21
C ASN S 276 -43.10 39.83 57.67
N ALA S 277 -44.33 39.61 58.13
CA ALA S 277 -44.72 38.29 58.60
C ALA S 277 -44.64 37.26 57.47
N ALA S 278 -45.12 37.64 56.28
CA ALA S 278 -45.05 36.74 55.14
C ALA S 278 -43.60 36.43 54.76
N ILE S 279 -42.73 37.44 54.84
CA ILE S 279 -41.32 37.23 54.50
C ILE S 279 -40.68 36.27 55.51
N THR S 280 -40.98 36.43 56.80
CA THR S 280 -40.41 35.51 57.78
C THR S 280 -40.93 34.10 57.59
N ALA S 281 -42.21 33.95 57.24
CA ALA S 281 -42.74 32.62 56.96
C ALA S 281 -42.07 31.99 55.74
N LEU S 282 -41.86 32.80 54.70
CA LEU S 282 -41.16 32.29 53.51
C LEU S 282 -39.73 31.90 53.84
N GLY S 283 -39.07 32.66 54.72
CA GLY S 283 -37.73 32.30 55.14
C GLY S 283 -37.71 31.01 55.95
N LYS S 284 -38.72 30.79 56.77
CA LYS S 284 -38.83 29.52 57.49
C LYS S 284 -38.99 28.36 56.50
N ILE S 285 -39.82 28.55 55.48
CA ILE S 285 -39.95 27.53 54.43
C ILE S 285 -38.61 27.30 53.75
N CYS S 286 -37.88 28.38 53.47
CA CYS S 286 -36.59 28.29 52.80
C CYS S 286 -35.59 27.50 53.62
N ALA S 287 -35.55 27.73 54.93
CA ALA S 287 -34.62 27.01 55.79
C ALA S 287 -35.07 25.57 56.03
N ASP S 288 -36.37 25.30 55.94
CA ASP S 288 -36.87 23.95 56.21
C ASP S 288 -36.39 22.97 55.15
N ARG S 289 -36.45 23.34 53.88
CA ARG S 289 -36.21 22.41 52.78
C ARG S 289 -34.76 22.42 52.31
N LEU S 290 -33.86 23.11 53.00
CA LEU S 290 -32.47 23.24 52.59
C LEU S 290 -32.38 23.79 51.17
N ILE S 291 -32.94 25.00 51.01
CA ILE S 291 -33.10 25.63 49.71
C ILE S 291 -32.62 27.08 49.83
N ASP S 292 -32.22 27.65 48.70
CA ASP S 292 -31.87 29.06 48.65
C ASP S 292 -33.14 29.91 48.66
N GLY S 293 -32.96 31.19 48.98
CA GLY S 293 -34.08 32.11 49.02
C GLY S 293 -33.70 33.53 48.71
N PHE S 294 -34.53 34.24 47.96
CA PHE S 294 -34.27 35.61 47.56
C PHE S 294 -35.45 36.49 47.92
N PHE S 295 -35.18 37.60 48.60
CA PHE S 295 -36.22 38.49 49.07
C PHE S 295 -35.81 39.92 48.79
N ASP S 296 -36.75 40.84 48.92
CA ASP S 296 -36.57 42.21 48.48
C ASP S 296 -37.23 43.17 49.47
N VAL S 297 -36.52 44.26 49.78
CA VAL S 297 -37.06 45.33 50.60
C VAL S 297 -37.73 46.35 49.69
N LYS S 298 -38.56 47.20 50.28
CA LYS S 298 -39.32 48.17 49.50
C LYS S 298 -38.36 49.10 48.74
N PRO S 299 -38.53 49.27 47.43
CA PRO S 299 -37.53 50.01 46.65
C PRO S 299 -37.59 51.51 46.84
N THR S 300 -38.76 52.07 47.17
CA THR S 300 -38.88 53.52 47.28
C THR S 300 -38.14 54.10 48.47
N LEU S 301 -37.74 53.27 49.43
CA LEU S 301 -37.03 53.77 50.60
C LEU S 301 -35.67 54.35 50.20
N THR S 302 -35.26 55.40 50.90
CA THR S 302 -33.97 56.00 50.64
C THR S 302 -32.85 55.12 51.21
N TYR S 303 -31.61 55.54 50.95
CA TYR S 303 -30.47 54.77 51.41
C TYR S 303 -30.41 54.70 52.92
N ALA S 304 -30.71 55.81 53.59
CA ALA S 304 -30.63 55.84 55.05
C ALA S 304 -31.66 54.91 55.69
N GLU S 305 -32.89 54.90 55.15
CA GLU S 305 -33.97 54.11 55.75
C GLU S 305 -33.92 52.64 55.36
N ALA S 306 -33.13 52.27 54.35
CA ALA S 306 -33.10 50.89 53.89
C ALA S 306 -32.48 49.97 54.93
N LEU S 307 -31.41 50.41 55.59
CA LEU S 307 -30.71 49.54 56.53
C LEU S 307 -31.58 49.11 57.71
N PRO S 308 -32.30 50.00 58.41
CA PRO S 308 -33.22 49.52 59.45
C PRO S 308 -34.31 48.60 58.91
N ALA S 309 -34.73 48.80 57.66
CA ALA S 309 -35.77 47.95 57.09
C ALA S 309 -35.31 46.50 56.96
N VAL S 310 -34.01 46.28 56.76
CA VAL S 310 -33.49 44.91 56.76
C VAL S 310 -33.64 44.29 58.13
N GLU S 311 -33.33 45.04 59.19
CA GLU S 311 -33.50 44.53 60.55
C GLU S 311 -34.96 44.35 60.93
N ASP S 312 -35.87 45.08 60.27
CA ASP S 312 -37.29 44.92 60.58
C ASP S 312 -37.76 43.51 60.32
N THR S 313 -37.38 42.93 59.18
CA THR S 313 -37.67 41.53 58.92
C THR S 313 -36.83 40.64 59.84
N GLY S 314 -37.38 39.49 60.20
CA GLY S 314 -36.70 38.61 61.12
C GLY S 314 -35.60 37.76 60.52
N LEU S 315 -35.25 37.98 59.25
CA LEU S 315 -34.28 37.12 58.59
C LEU S 315 -32.88 37.30 59.16
N LEU S 316 -32.53 38.50 59.60
CA LEU S 316 -31.17 38.80 60.04
C LEU S 316 -30.88 38.05 61.33
N GLY S 317 -30.06 37.00 61.23
CA GLY S 317 -29.74 36.20 62.39
C GLY S 317 -28.95 34.98 61.98
N THR S 318 -28.97 33.96 62.84
CA THR S 318 -28.29 32.71 62.58
C THR S 318 -29.20 31.60 62.10
N ASP S 319 -30.52 31.74 62.30
CA ASP S 319 -31.44 30.68 61.90
C ASP S 319 -31.60 30.60 60.38
N TYR S 320 -31.75 31.76 59.73
CA TYR S 320 -32.05 31.81 58.30
C TYR S 320 -30.75 32.08 57.55
N VAL S 321 -30.07 31.00 57.16
CA VAL S 321 -28.89 31.10 56.33
C VAL S 321 -29.30 30.90 54.87
N SER S 322 -28.57 31.55 53.96
CA SER S 322 -28.83 31.47 52.53
C SER S 322 -30.16 32.14 52.16
N CYS S 323 -30.41 33.32 52.75
CA CYS S 323 -31.50 34.20 52.36
C CYS S 323 -30.91 35.57 52.08
N SER S 324 -31.17 36.09 50.89
CA SER S 324 -30.59 37.35 50.45
C SER S 324 -31.65 38.43 50.33
N VAL S 325 -31.28 39.65 50.71
CA VAL S 325 -32.17 40.81 50.67
C VAL S 325 -31.55 41.87 49.79
N TYR S 326 -32.33 42.38 48.83
CA TYR S 326 -31.85 43.34 47.85
C TYR S 326 -32.59 44.66 48.00
N HIS S 327 -32.02 45.72 47.43
CA HIS S 327 -32.61 47.05 47.43
C HIS S 327 -32.28 47.73 46.11
N TYR S 328 -33.31 48.25 45.44
CA TYR S 328 -33.15 48.79 44.09
C TYR S 328 -34.00 50.05 43.94
N PRO S 329 -33.44 51.22 44.24
CA PRO S 329 -34.25 52.45 44.24
C PRO S 329 -34.31 53.16 42.89
N PHE S 330 -34.00 52.46 41.80
CA PHE S 330 -33.99 53.10 40.49
C PHE S 330 -35.36 52.99 39.83
N SER S 331 -35.46 53.52 38.61
CA SER S 331 -36.71 53.55 37.86
C SER S 331 -36.44 53.15 36.41
N CYS S 332 -37.48 52.63 35.76
CA CYS S 332 -37.34 52.10 34.41
C CYS S 332 -38.67 52.13 33.69
N LYS S 333 -38.62 52.00 32.37
CA LYS S 333 -39.82 51.96 31.55
C LYS S 333 -40.38 50.55 31.51
N ASP S 334 -41.69 50.42 31.77
CA ASP S 334 -42.32 49.12 31.78
C ASP S 334 -42.37 48.52 30.37
N LYS S 335 -42.33 47.19 30.31
CA LYS S 335 -42.30 46.51 29.02
C LYS S 335 -43.63 46.61 28.30
N TRP S 336 -44.73 46.31 29.01
CA TRP S 336 -46.03 46.24 28.36
C TRP S 336 -46.52 47.62 27.96
N THR S 337 -46.46 48.59 28.88
CA THR S 337 -46.82 49.97 28.60
C THR S 337 -45.69 50.86 29.07
N GLN S 338 -45.19 51.71 28.17
CA GLN S 338 -44.03 52.54 28.48
C GLN S 338 -44.47 53.63 29.44
N SER S 339 -44.47 53.28 30.74
CA SER S 339 -45.12 54.14 31.73
C SER S 339 -44.24 54.45 32.95
N ARG S 340 -42.96 54.12 32.92
CA ARG S 340 -42.00 54.52 33.95
C ARG S 340 -42.45 54.03 35.34
N VAL S 341 -42.39 52.71 35.50
CA VAL S 341 -42.77 52.07 36.75
C VAL S 341 -41.51 51.80 37.57
N VAL S 342 -41.71 51.51 38.85
CA VAL S 342 -40.61 51.17 39.75
C VAL S 342 -40.96 49.85 40.45
N PHE S 343 -40.04 48.88 40.38
CA PHE S 343 -40.21 47.63 41.09
C PHE S 343 -38.83 47.05 41.38
N GLY S 344 -38.79 46.12 42.33
CA GLY S 344 -37.53 45.67 42.90
C GLY S 344 -36.88 44.54 42.12
N LEU S 345 -35.84 43.97 42.75
CA LEU S 345 -35.00 42.95 42.15
C LEU S 345 -35.28 41.61 42.82
N SER S 346 -36.31 40.91 42.33
CA SER S 346 -36.57 39.53 42.72
C SER S 346 -36.99 38.79 41.46
N GLY S 347 -36.25 37.76 41.12
CA GLY S 347 -36.35 37.14 39.81
C GLY S 347 -35.22 37.53 38.88
N VAL S 348 -34.52 38.60 39.17
CA VAL S 348 -33.27 38.91 38.49
C VAL S 348 -32.10 38.20 39.16
N ALA S 349 -32.10 38.13 40.49
CA ALA S 349 -31.10 37.35 41.20
C ALA S 349 -31.25 35.87 40.91
N TYR S 350 -32.49 35.36 40.92
CA TYR S 350 -32.70 33.96 40.61
C TYR S 350 -32.28 33.63 39.20
N ALA S 351 -32.44 34.56 38.27
CA ALA S 351 -31.98 34.34 36.91
C ALA S 351 -30.47 34.16 36.88
N ALA S 352 -29.73 34.96 37.64
CA ALA S 352 -28.29 34.81 37.72
C ALA S 352 -27.91 33.47 38.33
N LYS S 353 -28.60 33.06 39.39
CA LYS S 353 -28.31 31.76 39.99
C LYS S 353 -28.58 30.62 39.01
N ALA S 354 -29.69 30.70 38.27
CA ALA S 354 -30.01 29.66 37.30
C ALA S 354 -28.98 29.63 36.16
N ARG S 355 -28.54 30.80 35.71
CA ARG S 355 -27.50 30.86 34.69
C ARG S 355 -26.21 30.20 35.18
N GLY S 356 -25.86 30.46 36.45
CA GLY S 356 -24.69 29.80 37.01
C GLY S 356 -24.85 28.30 37.13
N VAL S 357 -26.06 27.85 37.48
CA VAL S 357 -26.30 26.42 37.64
C VAL S 357 -26.24 25.70 36.29
N LYS S 358 -26.74 26.34 35.23
CA LYS S 358 -26.78 25.68 33.93
C LYS S 358 -25.39 25.38 33.35
N LYS S 359 -24.31 25.77 34.03
CA LYS S 359 -22.99 25.57 33.46
C LYS S 359 -22.55 24.11 33.53
N ASN S 360 -22.90 23.42 34.61
CA ASN S 360 -22.52 22.03 34.81
C ASN S 360 -23.76 21.14 34.70
N SER S 361 -23.60 19.97 34.10
CA SER S 361 -24.71 19.08 33.84
C SER S 361 -24.77 17.86 34.75
N ASP S 362 -23.65 17.49 35.38
CA ASP S 362 -23.64 16.32 36.25
C ASP S 362 -24.33 16.60 37.58
N VAL S 363 -23.75 17.52 38.36
CA VAL S 363 -24.29 17.86 39.68
C VAL S 363 -24.86 19.25 39.75
N GLY S 364 -24.62 20.09 38.73
CA GLY S 364 -25.22 21.41 38.65
C GLY S 364 -24.25 22.56 38.87
N GLY S 365 -23.17 22.35 39.60
CA GLY S 365 -22.22 23.43 39.82
C GLY S 365 -22.81 24.59 40.58
N TRP S 366 -23.10 24.37 41.86
CA TRP S 366 -23.72 25.39 42.70
C TRP S 366 -22.72 26.37 43.28
N HIS S 367 -21.42 26.21 43.00
CA HIS S 367 -20.42 27.08 43.58
C HIS S 367 -20.36 28.45 42.94
N TYR S 368 -21.05 28.67 41.82
CA TYR S 368 -21.05 29.96 41.17
C TYR S 368 -21.90 30.95 41.94
N SER S 369 -21.34 32.12 42.23
CA SER S 369 -22.05 33.15 42.98
C SER S 369 -22.99 33.93 42.06
N PRO S 370 -24.16 34.31 42.54
CA PRO S 370 -25.10 35.06 41.68
C PRO S 370 -24.56 36.38 41.17
N ALA S 371 -23.77 37.08 41.98
CA ALA S 371 -23.25 38.36 41.55
C ALA S 371 -22.20 38.20 40.45
N GLY S 372 -21.98 39.27 39.71
CA GLY S 372 -20.99 39.28 38.65
C GLY S 372 -21.50 40.03 37.43
N GLU S 373 -20.56 40.42 36.57
CA GLU S 373 -20.91 41.17 35.37
C GLU S 373 -21.34 40.26 34.22
N GLU S 374 -21.14 38.95 34.34
CA GLU S 374 -21.53 38.03 33.27
C GLU S 374 -22.85 37.33 33.59
N ARG S 375 -22.97 36.78 34.81
CA ARG S 375 -24.20 36.07 35.16
C ARG S 375 -25.35 37.02 35.43
N ALA S 376 -25.10 38.11 36.14
CA ALA S 376 -26.15 39.00 36.63
C ALA S 376 -26.12 40.31 35.83
N VAL S 377 -27.14 40.51 35.01
CA VAL S 377 -27.34 41.77 34.29
C VAL S 377 -28.80 42.16 34.41
N ILE S 378 -29.05 43.46 34.54
CA ILE S 378 -30.41 43.99 34.62
C ILE S 378 -30.76 44.55 33.25
N ALA S 379 -31.72 43.94 32.58
CA ALA S 379 -32.10 44.31 31.22
C ALA S 379 -33.42 45.08 31.30
N ARG S 380 -33.31 46.40 31.35
CA ARG S 380 -34.48 47.28 31.38
C ARG S 380 -34.22 48.47 30.46
N ALA S 381 -35.31 49.12 30.06
CA ALA S 381 -35.27 50.11 28.99
C ALA S 381 -34.37 51.30 29.29
N SER S 382 -34.73 52.13 30.27
CA SER S 382 -33.95 53.32 30.59
C SER S 382 -33.96 53.52 32.10
N ILE S 383 -32.77 53.56 32.69
CA ILE S 383 -32.61 53.63 34.14
C ILE S 383 -32.38 55.06 34.56
N GLN S 384 -33.14 55.52 35.54
CA GLN S 384 -32.98 56.86 36.09
C GLN S 384 -33.02 56.80 37.61
N PRO S 385 -31.98 57.25 38.30
CA PRO S 385 -31.98 57.19 39.76
C PRO S 385 -33.10 58.02 40.36
N LEU S 386 -33.72 57.49 41.41
CA LEU S 386 -34.77 58.21 42.10
C LEU S 386 -34.22 59.31 43.00
N TYR S 387 -33.07 59.07 43.62
CA TYR S 387 -32.45 60.01 44.55
C TYR S 387 -31.03 60.28 44.06
N PRO S 388 -30.86 61.15 43.07
CA PRO S 388 -29.51 61.46 42.60
C PRO S 388 -28.72 62.26 43.63
N GLU S 389 -27.46 62.55 43.33
CA GLU S 389 -26.55 63.30 44.20
C GLU S 389 -26.54 62.74 45.63
N ASP S 390 -26.86 61.46 45.78
CA ASP S 390 -26.78 60.75 47.05
C ASP S 390 -25.88 59.54 46.90
N THR S 391 -25.10 59.25 47.93
CA THR S 391 -24.14 58.17 47.91
C THR S 391 -24.37 57.22 49.07
N PRO S 392 -24.48 55.92 48.83
CA PRO S 392 -24.64 54.97 49.93
C PRO S 392 -23.33 54.73 50.66
N ASP S 393 -23.47 54.23 51.89
CA ASP S 393 -22.31 53.87 52.73
C ASP S 393 -22.07 52.37 52.55
N GLU S 394 -21.08 52.04 51.72
CA GLU S 394 -20.87 50.64 51.32
C GLU S 394 -20.47 49.78 52.51
N GLU S 395 -19.61 50.29 53.39
CA GLU S 395 -19.18 49.50 54.55
C GLU S 395 -20.36 49.23 55.49
N ALA S 396 -21.23 50.23 55.69
CA ALA S 396 -22.42 50.01 56.50
C ALA S 396 -23.33 48.97 55.88
N MET S 397 -23.47 48.99 54.55
CA MET S 397 -24.27 47.99 53.87
C MET S 397 -23.68 46.60 54.06
N VAL S 398 -22.36 46.47 53.98
CA VAL S 398 -21.73 45.17 54.19
C VAL S 398 -21.95 44.69 55.62
N LYS S 399 -21.82 45.59 56.58
CA LYS S 399 -22.12 45.23 57.97
C LYS S 399 -23.59 44.88 58.15
N GLY S 400 -24.47 45.49 57.37
CA GLY S 400 -25.89 45.25 57.44
C GLY S 400 -26.41 44.13 56.58
N ARG S 401 -25.52 43.42 55.88
CA ARG S 401 -25.90 42.29 55.03
C ARG S 401 -26.92 42.70 53.97
N LEU S 402 -26.66 43.84 53.33
CA LEU S 402 -27.48 44.35 52.25
C LEU S 402 -26.65 44.38 50.97
N ASN S 403 -27.23 43.87 49.88
CA ASN S 403 -26.52 43.78 48.62
C ASN S 403 -26.71 45.05 47.79
N LYS S 404 -25.74 45.31 46.92
CA LYS S 404 -25.71 46.54 46.15
C LYS S 404 -25.63 46.24 44.66
N VAL S 405 -25.92 47.26 43.86
CA VAL S 405 -25.87 47.18 42.41
C VAL S 405 -24.98 48.28 41.88
N SER S 406 -24.44 48.09 40.68
CA SER S 406 -23.51 49.04 40.10
C SER S 406 -23.57 48.95 38.59
N VAL S 407 -23.01 49.97 37.93
CA VAL S 407 -22.92 49.98 36.47
C VAL S 407 -21.70 49.18 36.03
N GLY S 408 -21.90 48.32 35.04
CA GLY S 408 -20.83 47.48 34.55
C GLY S 408 -19.97 48.17 33.50
N THR S 409 -18.98 47.42 33.01
CA THR S 409 -18.09 47.95 31.98
C THR S 409 -18.84 48.21 30.69
N SER S 410 -19.75 47.31 30.32
CA SER S 410 -20.51 47.48 29.09
C SER S 410 -21.41 48.70 29.16
N GLY S 411 -22.02 48.96 30.31
CA GLY S 411 -22.89 50.10 30.47
C GLY S 411 -24.18 49.79 31.19
N GLN S 412 -24.56 48.52 31.19
CA GLN S 412 -25.80 48.08 31.83
C GLN S 412 -25.59 47.89 33.32
N MET S 413 -26.69 47.85 34.06
CA MET S 413 -26.64 47.71 35.51
C MET S 413 -26.29 46.27 35.90
N ILE S 414 -25.52 46.15 36.98
CA ILE S 414 -24.94 44.88 37.42
C ILE S 414 -25.17 44.74 38.91
N ILE S 415 -25.41 43.52 39.36
CA ILE S 415 -25.38 43.20 40.79
C ILE S 415 -23.94 42.87 41.16
N ASP S 416 -23.37 43.65 42.08
CA ASP S 416 -21.95 43.58 42.37
C ASP S 416 -21.61 42.86 43.67
N ASP S 417 -22.58 42.26 44.35
CA ASP S 417 -22.26 41.55 45.58
C ASP S 417 -23.33 40.51 45.85
N ALA S 418 -22.99 39.54 46.70
CA ALA S 418 -23.90 38.47 47.07
C ALA S 418 -23.59 38.06 48.50
N LEU S 419 -24.47 38.42 49.43
CA LEU S 419 -24.28 38.14 50.85
C LEU S 419 -25.56 37.54 51.42
N THR S 420 -25.39 36.58 52.32
CA THR S 420 -26.53 35.96 52.99
C THR S 420 -26.75 36.60 54.36
N CYS S 421 -27.90 36.30 54.96
CA CYS S 421 -28.29 36.90 56.23
C CYS S 421 -27.74 36.06 57.39
N CYS S 422 -26.42 36.18 57.57
CA CYS S 422 -25.74 35.53 58.70
C CYS S 422 -24.74 36.51 59.27
N THR S 423 -24.96 36.92 60.52
CA THR S 423 -24.11 37.95 61.13
C THR S 423 -22.75 37.42 61.54
N GLN S 424 -22.64 36.14 61.88
CA GLN S 424 -21.37 35.59 62.33
C GLN S 424 -20.36 35.51 61.19
N ASP S 425 -19.08 35.53 61.56
CA ASP S 425 -17.99 35.43 60.59
C ASP S 425 -17.58 33.96 60.45
N ASN S 426 -18.32 33.24 59.62
CA ASN S 426 -18.21 31.80 59.51
C ASN S 426 -17.94 31.31 58.09
N TYR S 427 -17.45 32.18 57.21
CA TYR S 427 -17.38 31.89 55.78
C TYR S 427 -18.75 31.53 55.21
N LEU S 428 -19.81 31.86 55.94
CA LEU S 428 -21.16 31.48 55.55
C LEU S 428 -21.95 32.64 54.94
N HIS S 429 -21.55 33.89 55.18
CA HIS S 429 -22.22 35.01 54.55
C HIS S 429 -21.93 35.10 53.06
N PHE S 430 -20.98 34.35 52.55
CA PHE S 430 -20.82 34.18 51.12
C PHE S 430 -21.88 33.22 50.60
N GLN S 431 -22.48 33.56 49.45
CA GLN S 431 -23.68 32.87 49.02
C GLN S 431 -23.44 31.40 48.71
N HIS S 432 -22.33 31.07 48.04
CA HIS S 432 -22.17 29.72 47.52
C HIS S 432 -21.85 28.71 48.61
N VAL S 433 -21.21 29.13 49.69
CA VAL S 433 -20.79 28.18 50.72
C VAL S 433 -21.96 27.40 51.32
N PRO S 434 -23.07 28.03 51.72
CA PRO S 434 -24.23 27.21 52.10
C PRO S 434 -24.83 26.44 50.94
N SER S 435 -24.70 26.95 49.71
CA SER S 435 -25.33 26.30 48.57
C SER S 435 -24.71 24.93 48.29
N LEU S 436 -23.38 24.83 48.32
CA LEU S 436 -22.74 23.53 48.12
C LEU S 436 -23.20 22.53 49.16
N MET S 437 -23.20 22.92 50.43
CA MET S 437 -23.53 21.98 51.50
C MET S 437 -24.99 21.58 51.42
N ASN S 438 -25.87 22.51 51.05
CA ASN S 438 -27.29 22.16 50.89
C ASN S 438 -27.48 21.17 49.74
N ALA S 439 -26.78 21.37 48.63
CA ALA S 439 -26.88 20.42 47.51
C ALA S 439 -26.38 19.05 47.92
N ILE S 440 -25.25 18.99 48.63
CA ILE S 440 -24.70 17.71 49.06
C ILE S 440 -25.67 17.03 50.05
N SER S 441 -26.28 17.81 50.93
CA SER S 441 -27.22 17.26 51.90
C SER S 441 -28.44 16.68 51.20
N ARG S 442 -28.97 17.39 50.19
CA ARG S 442 -30.10 16.87 49.44
C ARG S 442 -29.74 15.58 48.72
N PHE S 443 -28.55 15.54 48.11
CA PHE S 443 -28.11 14.31 47.45
C PHE S 443 -27.98 13.16 48.44
N PHE S 444 -27.45 13.44 49.64
CA PHE S 444 -27.34 12.40 50.65
C PHE S 444 -28.72 11.90 51.09
N VAL S 445 -29.67 12.81 51.23
CA VAL S 445 -31.02 12.42 51.64
C VAL S 445 -31.63 11.49 50.59
N GLN S 446 -31.46 11.84 49.31
CA GLN S 446 -31.98 10.98 48.25
C GLN S 446 -31.28 9.62 48.24
N LEU S 447 -29.97 9.61 48.52
CA LEU S 447 -29.24 8.34 48.60
C LEU S 447 -29.75 7.47 49.74
N ALA S 448 -29.94 8.07 50.92
CA ALA S 448 -30.36 7.31 52.09
C ALA S 448 -31.80 6.83 51.99
N ARG S 449 -32.67 7.58 51.29
CA ARG S 449 -34.04 7.10 51.11
C ARG S 449 -34.09 5.84 50.27
N GLN S 450 -33.26 5.77 49.23
CA GLN S 450 -33.27 4.66 48.29
C GLN S 450 -32.71 3.37 48.88
N MET S 451 -31.66 3.44 49.69
CA MET S 451 -31.03 2.23 50.22
C MET S 451 -31.73 1.68 51.45
N LYS S 452 -32.79 2.35 51.94
CA LYS S 452 -33.60 1.74 52.99
C LYS S 452 -34.35 0.52 52.46
N HIS S 453 -34.68 0.54 51.17
CA HIS S 453 -35.38 -0.58 50.52
C HIS S 453 -34.37 -1.61 50.02
N SER S 454 -33.59 -2.13 50.96
CA SER S 454 -32.50 -3.06 50.66
C SER S 454 -32.58 -4.25 51.62
N PRO S 455 -31.98 -5.40 51.29
CA PRO S 455 -32.12 -6.56 52.20
C PRO S 455 -31.54 -6.32 53.57
N ASP S 456 -30.49 -5.52 53.68
CA ASP S 456 -29.89 -5.18 54.97
C ASP S 456 -30.52 -3.94 55.58
N GLY S 457 -30.55 -2.83 54.83
CA GLY S 457 -31.06 -1.57 55.30
C GLY S 457 -29.97 -0.54 55.29
N ILE S 458 -30.04 0.38 56.25
CA ILE S 458 -29.04 1.41 56.41
C ILE S 458 -27.89 0.84 57.22
N THR S 459 -26.68 0.85 56.65
CA THR S 459 -25.51 0.30 57.30
C THR S 459 -24.35 1.28 57.15
N ALA S 460 -23.41 1.23 58.10
CA ALA S 460 -22.27 2.13 58.06
C ALA S 460 -21.39 1.87 56.84
N ALA S 461 -21.19 0.59 56.48
CA ALA S 461 -20.40 0.28 55.30
C ALA S 461 -21.08 0.79 54.04
N GLY S 462 -22.40 0.64 53.95
CA GLY S 462 -23.11 1.11 52.77
C GLY S 462 -23.07 2.62 52.61
N LEU S 463 -23.14 3.34 53.73
CA LEU S 463 -23.17 4.80 53.69
C LEU S 463 -21.83 5.43 53.33
N THR S 464 -20.75 4.65 53.26
CA THR S 464 -19.46 5.23 52.92
C THR S 464 -19.19 5.22 51.43
N LYS S 465 -19.58 4.13 50.73
CA LYS S 465 -19.29 4.02 49.31
C LYS S 465 -20.03 5.08 48.50
N GLY S 466 -21.32 5.24 48.76
CA GLY S 466 -22.09 6.24 48.04
C GLY S 466 -21.59 7.65 48.30
N MET S 467 -21.26 7.95 49.56
CA MET S 467 -20.75 9.28 49.88
C MET S 467 -19.42 9.52 49.20
N THR S 468 -18.54 8.51 49.15
CA THR S 468 -17.28 8.69 48.45
C THR S 468 -17.52 8.97 46.97
N LYS S 469 -18.45 8.25 46.35
CA LYS S 469 -18.74 8.50 44.93
C LYS S 469 -19.25 9.92 44.71
N LEU S 470 -20.20 10.36 45.55
CA LEU S 470 -20.77 11.69 45.38
C LEU S 470 -19.74 12.78 45.63
N LEU S 471 -18.90 12.62 46.66
CA LEU S 471 -17.88 13.62 46.93
C LEU S 471 -16.83 13.65 45.84
N ASP S 472 -16.50 12.50 45.26
CA ASP S 472 -15.58 12.49 44.11
C ASP S 472 -16.19 13.23 42.92
N ARG S 473 -17.49 13.04 42.68
CA ARG S 473 -18.15 13.78 41.62
C ARG S 473 -18.10 15.28 41.88
N PHE S 474 -18.33 15.70 43.13
CA PHE S 474 -18.31 17.11 43.45
C PHE S 474 -16.90 17.70 43.32
N VAL S 475 -15.87 16.90 43.66
CA VAL S 475 -14.50 17.33 43.43
C VAL S 475 -14.24 17.49 41.94
N ALA S 476 -14.75 16.56 41.13
CA ALA S 476 -14.56 16.65 39.69
C ALA S 476 -15.22 17.90 39.12
N SER S 477 -16.39 18.27 39.64
CA SER S 477 -17.07 19.46 39.14
C SER S 477 -16.31 20.74 39.48
N GLY S 478 -15.36 20.69 40.40
CA GLY S 478 -14.60 21.85 40.77
C GLY S 478 -15.08 22.60 41.99
N ALA S 479 -16.08 22.06 42.71
CA ALA S 479 -16.62 22.75 43.88
C ALA S 479 -15.70 22.67 45.08
N LEU S 480 -14.96 21.57 45.23
CA LEU S 480 -14.08 21.37 46.37
C LEU S 480 -12.62 21.43 45.91
N VAL S 481 -11.79 22.16 46.66
CA VAL S 481 -10.39 22.35 46.31
C VAL S 481 -9.51 21.96 47.49
N ALA S 482 -8.24 21.70 47.18
CA ALA S 482 -7.29 21.30 48.20
C ALA S 482 -6.99 22.45 49.15
N PRO S 483 -6.59 22.16 50.39
CA PRO S 483 -6.30 23.23 51.35
C PRO S 483 -5.15 24.11 50.87
N ARG S 484 -5.22 25.40 51.23
CA ARG S 484 -4.24 26.36 50.75
C ARG S 484 -2.85 26.06 51.28
N ASP S 485 -2.73 25.64 52.54
CA ASP S 485 -1.43 25.35 53.12
C ASP S 485 -1.18 23.86 53.12
N PRO S 486 -0.29 23.35 52.27
CA PRO S 486 -0.08 21.89 52.21
C PRO S 486 0.69 21.34 53.40
N ASP S 487 1.50 22.17 54.06
CA ASP S 487 2.28 21.69 55.20
C ASP S 487 1.38 21.42 56.41
N ALA S 488 0.49 22.36 56.73
CA ALA S 488 -0.33 22.22 57.93
C ALA S 488 -1.41 21.18 57.75
N ASP S 489 -2.02 21.11 56.57
CA ASP S 489 -3.16 20.24 56.31
C ASP S 489 -2.87 19.32 55.14
N GLY S 490 -3.55 18.19 55.11
CA GLY S 490 -3.34 17.23 54.05
C GLY S 490 -3.81 17.75 52.70
N THR S 491 -3.35 17.06 51.65
CA THR S 491 -3.67 17.49 50.30
C THR S 491 -5.07 17.07 49.86
N GLU S 492 -5.73 16.21 50.61
CA GLU S 492 -7.04 15.72 50.19
C GLU S 492 -8.08 16.83 50.32
N PRO S 493 -9.01 16.96 49.37
CA PRO S 493 -10.03 18.01 49.49
C PRO S 493 -11.06 17.73 50.56
N TYR S 494 -11.42 16.46 50.76
CA TYR S 494 -12.43 16.10 51.74
C TYR S 494 -11.93 14.95 52.58
N VAL S 495 -12.40 14.88 53.83
CA VAL S 495 -12.03 13.82 54.76
C VAL S 495 -13.31 13.17 55.26
N LEU S 496 -13.47 11.89 54.94
CA LEU S 496 -14.63 11.11 55.39
C LEU S 496 -14.14 10.02 56.33
N LYS S 497 -14.71 9.96 57.52
CA LYS S 497 -14.29 9.01 58.54
C LYS S 497 -15.47 8.55 59.35
N VAL S 498 -15.33 7.38 59.96
CA VAL S 498 -16.35 6.79 60.81
C VAL S 498 -15.72 6.48 62.17
N THR S 499 -16.36 6.95 63.24
CA THR S 499 -15.90 6.72 64.60
C THR S 499 -16.77 5.66 65.26
N GLN S 500 -16.13 4.80 66.06
CA GLN S 500 -16.80 3.65 66.64
C GLN S 500 -17.47 3.95 67.98
N ALA S 501 -16.71 4.39 68.97
CA ALA S 501 -17.19 4.59 70.35
C ALA S 501 -17.77 3.24 70.80
N GLU S 502 -18.97 3.24 71.41
CA GLU S 502 -19.61 1.99 71.79
C GLU S 502 -20.26 1.33 70.57
N PHE S 503 -20.73 0.10 70.76
CA PHE S 503 -21.39 -0.61 69.66
C PHE S 503 -22.69 0.08 69.27
N ASP S 504 -23.45 0.55 70.25
CA ASP S 504 -24.76 1.12 69.96
C ASP S 504 -24.66 2.41 69.15
N LYS S 505 -23.70 3.27 69.48
CA LYS S 505 -23.60 4.60 68.88
C LYS S 505 -22.50 4.62 67.83
N TRP S 506 -22.89 4.91 66.59
CA TRP S 506 -21.96 5.17 65.49
C TRP S 506 -22.01 6.64 65.13
N GLU S 507 -21.09 7.06 64.26
CA GLU S 507 -21.04 8.43 63.81
C GLU S 507 -20.34 8.51 62.46
N VAL S 508 -20.97 9.20 61.52
CA VAL S 508 -20.42 9.41 60.19
C VAL S 508 -20.33 10.91 59.95
N VAL S 509 -19.12 11.38 59.63
CA VAL S 509 -18.86 12.80 59.42
C VAL S 509 -18.01 12.96 58.18
N TRP S 510 -18.24 14.03 57.43
CA TRP S 510 -17.38 14.41 56.32
C TRP S 510 -17.12 15.91 56.37
N ALA S 511 -15.89 16.29 56.07
CA ALA S 511 -15.49 17.68 56.02
C ALA S 511 -15.17 18.08 54.59
N CYS S 512 -15.29 19.38 54.31
CA CYS S 512 -15.11 19.88 52.96
C CYS S 512 -14.38 21.21 52.99
N CYS S 513 -13.68 21.50 51.89
CA CYS S 513 -12.93 22.75 51.71
C CYS S 513 -13.52 23.47 50.52
N PRO S 514 -14.42 24.43 50.74
CA PRO S 514 -15.14 25.05 49.62
C PRO S 514 -14.24 25.94 48.78
N THR S 515 -14.65 26.11 47.52
CA THR S 515 -13.97 27.01 46.61
C THR S 515 -14.18 28.46 47.05
N GLY S 516 -13.14 29.28 46.84
CA GLY S 516 -13.21 30.69 47.16
C GLY S 516 -13.71 31.51 45.98
N VAL S 517 -14.06 32.76 46.29
CA VAL S 517 -14.50 33.71 45.28
C VAL S 517 -13.54 34.91 45.31
N ALA S 518 -13.43 35.59 44.18
CA ALA S 518 -12.55 36.75 44.04
C ALA S 518 -13.42 38.00 43.96
N ARG S 519 -13.40 38.79 45.03
CA ARG S 519 -14.23 39.98 45.12
C ARG S 519 -13.49 41.26 45.46
N ARG S 520 -12.32 41.20 46.10
CA ARG S 520 -11.53 42.38 46.42
C ARG S 520 -10.18 42.28 45.74
N ILE S 521 -9.83 43.29 44.95
CA ILE S 521 -8.57 43.34 44.22
C ILE S 521 -7.93 44.70 44.45
N GLN S 522 -6.61 44.72 44.63
CA GLN S 522 -5.87 45.95 44.84
C GLN S 522 -4.67 46.02 43.92
N GLY S 523 -4.43 47.20 43.37
CA GLY S 523 -3.25 47.44 42.53
C GLY S 523 -2.37 48.51 43.14
N VAL S 524 -1.06 48.33 43.01
CA VAL S 524 -0.09 49.24 43.61
C VAL S 524 0.88 49.75 42.56
N PRO S 525 0.66 50.92 41.98
CA PRO S 525 1.60 51.46 41.00
C PRO S 525 2.91 51.89 41.65
N LEU S 526 3.99 51.77 40.88
CA LEU S 526 5.31 52.21 41.31
C LEU S 526 5.96 53.01 40.18
N LEU S 527 7.10 53.62 40.48
CA LEU S 527 7.83 54.41 39.51
C LEU S 527 9.32 54.11 39.64
N ILE S 528 9.96 53.81 38.51
CA ILE S 528 11.39 53.50 38.51
C ILE S 528 12.21 54.78 38.47
N GLN T 3 -35.71 2.36 -56.60
CA GLN T 3 -37.07 2.25 -56.11
C GLN T 3 -37.93 1.44 -57.07
N TYR T 4 -39.08 0.98 -56.59
CA TYR T 4 -39.98 0.17 -57.39
C TYR T 4 -41.43 0.43 -56.94
N SER T 5 -42.35 -0.41 -57.40
CA SER T 5 -43.76 -0.22 -57.12
C SER T 5 -44.07 -0.43 -55.64
N ILE T 6 -45.06 0.32 -55.15
CA ILE T 6 -45.50 0.24 -53.76
C ILE T 6 -46.99 -0.05 -53.74
N GLN T 7 -47.39 -1.08 -53.01
CA GLN T 7 -48.79 -1.46 -52.92
C GLN T 7 -49.51 -0.71 -51.81
N GLN T 8 -50.84 -0.68 -51.90
CA GLN T 8 -51.65 0.01 -50.91
C GLN T 8 -52.11 -0.90 -49.77
N SER T 9 -52.29 -2.19 -50.05
CA SER T 9 -52.72 -3.15 -49.04
C SER T 9 -51.91 -4.42 -49.17
N LEU T 10 -51.79 -5.14 -48.06
CA LEU T 10 -51.05 -6.39 -48.04
C LEU T 10 -51.93 -7.57 -48.46
N GLY T 11 -51.30 -8.55 -49.08
CA GLY T 11 -51.99 -9.77 -49.44
C GLY T 11 -51.34 -10.98 -48.80
N ASN T 12 -50.88 -11.91 -49.63
CA ASN T 12 -50.12 -13.05 -49.13
C ASN T 12 -48.65 -13.01 -49.51
N ALA T 13 -48.28 -12.17 -50.48
CA ALA T 13 -46.89 -12.04 -50.87
C ALA T 13 -46.11 -11.23 -49.84
N SER T 14 -44.79 -11.32 -49.91
CA SER T 14 -43.91 -10.63 -48.99
C SER T 14 -43.59 -9.24 -49.54
N GLY T 15 -44.03 -8.21 -48.85
CA GLY T 15 -43.79 -6.86 -49.31
C GLY T 15 -44.16 -5.84 -48.25
N VAL T 16 -43.82 -4.58 -48.56
CA VAL T 16 -44.11 -3.45 -47.69
C VAL T 16 -45.14 -2.57 -48.40
N ALA T 17 -46.21 -2.23 -47.69
CA ALA T 17 -47.30 -1.45 -48.26
C ALA T 17 -47.54 -0.20 -47.43
N VAL T 18 -47.88 0.90 -48.10
CA VAL T 18 -48.22 2.16 -47.46
C VAL T 18 -49.62 2.55 -47.89
N SER T 19 -50.51 2.75 -46.92
CA SER T 19 -51.86 3.16 -47.22
C SER T 19 -51.90 4.62 -47.65
N PRO T 20 -52.95 5.03 -48.37
CA PRO T 20 -53.04 6.44 -48.79
C PRO T 20 -53.14 7.38 -47.60
N ILE T 21 -52.69 8.62 -47.80
CA ILE T 21 -52.68 9.60 -46.72
C ILE T 21 -54.11 9.88 -46.28
N ASN T 22 -54.31 9.93 -44.96
CA ASN T 22 -55.61 10.21 -44.37
C ASN T 22 -55.64 11.64 -43.89
N ALA T 23 -56.66 12.40 -44.32
CA ALA T 23 -56.74 13.81 -43.96
C ALA T 23 -57.07 14.00 -42.49
N ASP T 24 -57.86 13.11 -41.90
CA ASP T 24 -58.24 13.24 -40.50
C ASP T 24 -58.25 11.87 -39.83
N ALA T 25 -57.48 11.73 -38.76
CA ALA T 25 -57.45 10.52 -37.95
C ALA T 25 -56.72 10.86 -36.65
N THR T 26 -56.87 9.98 -35.67
CA THR T 26 -56.29 10.18 -34.35
C THR T 26 -55.54 8.94 -33.91
N LEU T 27 -54.37 9.14 -33.33
CA LEU T 27 -53.52 8.06 -32.84
C LEU T 27 -53.49 8.11 -31.32
N SER T 28 -53.74 6.98 -30.68
CA SER T 28 -53.81 6.87 -29.23
C SER T 28 -52.91 5.75 -28.75
N THR T 29 -52.19 6.00 -27.66
CA THR T 29 -51.29 5.02 -27.06
C THR T 29 -51.82 4.62 -25.69
N GLY T 30 -51.62 3.35 -25.32
CA GLY T 30 -52.16 2.82 -24.09
C GLY T 30 -51.09 2.10 -23.28
N VAL T 31 -51.42 1.90 -22.01
CA VAL T 31 -50.55 1.19 -21.06
C VAL T 31 -51.44 0.54 -20.01
N ALA T 32 -50.96 -0.56 -19.43
CA ALA T 32 -51.75 -1.37 -18.51
C ALA T 32 -51.18 -1.27 -17.10
N LEU T 33 -52.08 -1.24 -16.12
CA LEU T 33 -51.70 -1.22 -14.71
C LEU T 33 -52.86 -1.75 -13.88
N ASN T 34 -52.54 -2.42 -12.78
CA ASN T 34 -53.54 -3.09 -11.95
C ASN T 34 -53.34 -2.79 -10.48
N SER T 35 -53.10 -1.51 -10.15
CA SER T 35 -52.94 -1.13 -8.76
C SER T 35 -54.26 -1.24 -8.00
N SER T 36 -55.32 -0.68 -8.56
CA SER T 36 -56.64 -0.74 -7.97
C SER T 36 -57.67 -1.03 -9.06
N LEU T 37 -58.79 -1.60 -8.66
CA LEU T 37 -59.85 -1.99 -9.58
C LEU T 37 -61.13 -1.26 -9.21
N TRP T 38 -61.84 -0.76 -10.21
CA TRP T 38 -63.10 -0.05 -10.02
C TRP T 38 -64.25 -0.76 -10.72
N ALA T 39 -65.46 -0.32 -10.41
CA ALA T 39 -66.66 -0.90 -10.97
C ALA T 39 -67.67 0.20 -11.29
N GLY T 40 -68.62 -0.11 -12.15
CA GLY T 40 -69.60 0.88 -12.54
C GLY T 40 -70.66 0.28 -13.44
N ILE T 41 -71.57 1.15 -13.88
CA ILE T 41 -72.68 0.77 -14.74
C ILE T 41 -72.88 1.86 -15.79
N GLY T 42 -73.05 1.44 -17.05
CA GLY T 42 -73.21 2.42 -18.11
C GLY T 42 -73.95 1.85 -19.30
N VAL T 43 -74.20 2.72 -20.27
CA VAL T 43 -74.85 2.37 -21.53
C VAL T 43 -73.88 2.66 -22.66
N PHE T 44 -73.63 1.67 -23.50
CA PHE T 44 -72.64 1.78 -24.56
C PHE T 44 -73.19 1.23 -25.86
N ALA T 45 -72.43 1.45 -26.94
CA ALA T 45 -72.89 1.06 -28.26
C ALA T 45 -73.00 -0.47 -28.39
N ARG T 46 -71.94 -1.19 -28.03
CA ARG T 46 -71.95 -2.64 -28.12
C ARG T 46 -71.28 -3.24 -26.90
N GLY T 47 -71.71 -4.45 -26.55
CA GLY T 47 -71.19 -5.17 -25.40
C GLY T 47 -72.17 -6.23 -24.94
N LYS T 48 -71.67 -7.32 -24.38
CA LYS T 48 -72.55 -8.38 -23.93
C LYS T 48 -73.34 -7.89 -22.72
N PRO T 49 -74.67 -7.82 -22.79
CA PRO T 49 -75.42 -7.18 -21.70
C PRO T 49 -75.50 -8.06 -20.47
N PHE T 50 -75.52 -7.39 -19.31
CA PHE T 50 -75.72 -8.03 -18.01
C PHE T 50 -74.66 -9.09 -17.71
N THR T 51 -73.43 -8.87 -18.18
CA THR T 51 -72.31 -9.72 -17.84
C THR T 51 -71.11 -8.83 -17.53
N VAL T 52 -70.27 -9.28 -16.60
CA VAL T 52 -69.12 -8.49 -16.18
C VAL T 52 -68.09 -8.47 -17.30
N LEU T 53 -67.62 -7.27 -17.65
CA LEU T 53 -66.63 -7.09 -18.69
C LEU T 53 -65.39 -6.42 -18.10
N ALA T 54 -64.22 -6.95 -18.43
CA ALA T 54 -62.95 -6.40 -17.95
C ALA T 54 -62.33 -5.55 -19.06
N VAL T 55 -62.04 -4.28 -18.75
CA VAL T 55 -61.56 -3.32 -19.73
C VAL T 55 -60.23 -2.77 -19.28
N THR T 56 -59.27 -2.71 -20.19
CA THR T 56 -57.98 -2.06 -19.99
C THR T 56 -57.90 -0.83 -20.88
N GLU T 57 -56.74 -0.18 -20.87
CA GLU T 57 -56.56 1.01 -21.69
C GLU T 57 -56.55 0.69 -23.18
N SER T 58 -56.12 -0.51 -23.55
CA SER T 58 -56.06 -0.89 -24.96
C SER T 58 -57.30 -1.63 -25.43
N ASN T 59 -58.23 -1.97 -24.53
CA ASN T 59 -59.42 -2.72 -24.90
C ASN T 59 -60.71 -1.93 -24.79
N TYR T 60 -60.68 -0.72 -24.22
CA TYR T 60 -61.93 0.01 -24.01
C TYR T 60 -62.55 0.51 -25.30
N GLU T 61 -61.85 0.39 -26.43
CA GLU T 61 -62.44 0.71 -27.72
C GLU T 61 -63.03 -0.52 -28.42
N ASP T 62 -62.32 -1.65 -28.40
CA ASP T 62 -62.87 -2.88 -28.96
C ASP T 62 -63.98 -3.42 -28.08
N VAL T 63 -63.65 -3.77 -26.84
CA VAL T 63 -64.68 -3.92 -25.83
C VAL T 63 -65.32 -2.56 -25.61
N LEU T 64 -66.55 -2.55 -25.12
CA LEU T 64 -67.38 -1.34 -25.13
C LEU T 64 -67.53 -1.00 -26.60
N GLY T 65 -67.27 0.22 -27.03
CA GLY T 65 -67.34 0.50 -28.46
C GLY T 65 -66.97 1.92 -28.76
N GLU T 66 -67.23 2.31 -30.01
CA GLU T 66 -66.98 3.68 -30.43
C GLU T 66 -67.86 4.64 -29.63
N PRO T 67 -67.32 5.75 -29.15
CA PRO T 67 -68.12 6.65 -28.31
C PRO T 67 -69.35 7.17 -29.05
N LEU T 68 -70.45 7.26 -28.33
CA LEU T 68 -71.71 7.72 -28.91
C LEU T 68 -71.68 9.23 -29.11
N LYS T 69 -72.30 9.69 -30.20
CA LYS T 69 -72.28 11.10 -30.52
C LYS T 69 -73.07 11.91 -29.49
N PRO T 70 -72.57 13.06 -29.07
CA PRO T 70 -73.31 13.87 -28.09
C PRO T 70 -74.62 14.43 -28.62
N SER T 71 -74.81 14.44 -29.95
CA SER T 71 -76.08 14.94 -30.49
C SER T 71 -77.25 14.06 -30.12
N SER T 72 -77.01 12.76 -29.88
CA SER T 72 -78.08 11.88 -29.45
C SER T 72 -78.60 12.28 -28.07
N GLY T 73 -77.70 12.61 -27.15
CA GLY T 73 -78.09 13.16 -25.86
C GLY T 73 -78.28 12.13 -24.77
N SER T 74 -77.67 12.38 -23.62
CA SER T 74 -77.80 11.58 -22.40
C SER T 74 -77.31 10.14 -22.57
N GLN T 75 -76.65 9.84 -23.68
CA GLN T 75 -76.11 8.50 -23.93
C GLN T 75 -74.60 8.49 -23.99
N PHE T 76 -73.95 9.64 -23.84
CA PHE T 76 -72.51 9.75 -24.03
C PHE T 76 -71.72 9.83 -22.74
N GLU T 77 -72.34 10.24 -21.63
CA GLU T 77 -71.60 10.44 -20.39
C GLU T 77 -70.83 9.20 -19.93
N PRO T 78 -71.39 7.98 -19.93
CA PRO T 78 -70.66 6.85 -19.36
C PRO T 78 -69.31 6.58 -20.00
N ILE T 79 -69.20 6.71 -21.32
CA ILE T 79 -67.93 6.40 -21.97
C ILE T 79 -66.89 7.45 -21.64
N ARG T 80 -67.29 8.73 -21.53
CA ARG T 80 -66.35 9.75 -21.11
C ARG T 80 -65.89 9.52 -19.67
N HIS T 81 -66.81 9.12 -18.79
CA HIS T 81 -66.41 8.82 -17.41
C HIS T 81 -65.43 7.65 -17.37
N VAL T 82 -65.70 6.61 -18.16
CA VAL T 82 -64.81 5.46 -18.20
C VAL T 82 -63.44 5.85 -18.73
N TYR T 83 -63.41 6.67 -19.77
CA TYR T 83 -62.13 7.12 -20.32
C TYR T 83 -61.34 7.94 -19.29
N GLU T 84 -62.01 8.81 -18.56
CA GLU T 84 -61.33 9.59 -17.55
C GLU T 84 -60.79 8.70 -16.43
N ALA T 85 -61.57 7.71 -16.01
CA ALA T 85 -61.16 6.87 -14.89
C ALA T 85 -60.12 5.84 -15.27
N ILE T 86 -60.01 5.51 -16.57
CA ILE T 86 -59.13 4.41 -16.98
C ILE T 86 -57.69 4.84 -17.19
N GLN T 87 -57.40 6.14 -17.10
CA GLN T 87 -56.03 6.60 -17.27
C GLN T 87 -55.12 6.13 -16.14
N GLN T 88 -55.69 5.75 -15.00
CA GLN T 88 -54.89 5.25 -13.88
C GLN T 88 -54.79 3.73 -13.88
N THR T 89 -55.91 3.04 -13.75
CA THR T 89 -55.94 1.59 -13.66
C THR T 89 -57.18 1.06 -14.35
N SER T 90 -57.21 -0.26 -14.56
CA SER T 90 -58.32 -0.91 -15.22
C SER T 90 -59.48 -1.13 -14.25
N GLY T 91 -60.55 -1.74 -14.75
CA GLY T 91 -61.72 -1.94 -13.95
C GLY T 91 -62.71 -2.89 -14.60
N TYR T 92 -63.93 -2.91 -14.06
CA TYR T 92 -64.99 -3.77 -14.52
C TYR T 92 -66.25 -2.96 -14.78
N VAL T 93 -66.98 -3.31 -15.83
CA VAL T 93 -68.19 -2.59 -16.24
C VAL T 93 -69.27 -3.61 -16.59
N VAL T 94 -70.51 -3.30 -16.20
CA VAL T 94 -71.68 -4.09 -16.56
C VAL T 94 -72.59 -3.23 -17.41
N ARG T 95 -73.02 -3.75 -18.56
CA ARG T 95 -73.82 -3.00 -19.52
C ARG T 95 -75.30 -3.23 -19.29
N ALA T 96 -76.08 -2.15 -19.37
CA ALA T 96 -77.52 -2.19 -19.27
C ALA T 96 -78.13 -1.83 -20.61
N VAL T 97 -79.21 -2.52 -20.98
CA VAL T 97 -79.82 -2.35 -22.30
C VAL T 97 -81.33 -2.25 -22.14
N PRO T 98 -82.01 -1.43 -22.94
CA PRO T 98 -83.48 -1.38 -22.86
C PRO T 98 -84.10 -2.68 -23.34
N ASP T 99 -85.38 -2.86 -22.98
CA ASP T 99 -86.08 -4.11 -23.28
C ASP T 99 -86.24 -4.32 -24.78
N ASP T 100 -86.53 -3.25 -25.53
CA ASP T 100 -86.79 -3.40 -26.96
C ASP T 100 -85.49 -3.50 -27.75
N ALA T 101 -84.62 -4.43 -27.36
CA ALA T 101 -83.34 -4.64 -28.02
C ALA T 101 -83.27 -6.07 -28.56
N LYS T 102 -82.75 -6.21 -29.77
CA LYS T 102 -82.69 -7.50 -30.44
C LYS T 102 -81.32 -7.70 -31.08
N PHE T 103 -80.97 -8.97 -31.29
CA PHE T 103 -79.72 -9.33 -31.95
C PHE T 103 -80.00 -10.19 -33.18
N PRO T 104 -79.23 -10.01 -34.26
CA PRO T 104 -79.54 -10.71 -35.50
C PRO T 104 -79.15 -12.18 -35.45
N ILE T 105 -79.71 -12.95 -36.38
CA ILE T 105 -79.44 -14.37 -36.49
C ILE T 105 -79.85 -14.82 -37.89
N ILE T 106 -79.07 -15.74 -38.46
CA ILE T 106 -79.35 -16.31 -39.78
C ILE T 106 -79.49 -17.81 -39.62
N MET T 107 -80.61 -18.36 -40.09
CA MET T 107 -80.84 -19.79 -40.07
C MET T 107 -80.61 -20.36 -41.47
N PHE T 108 -80.14 -21.61 -41.51
CA PHE T 108 -79.78 -22.27 -42.76
C PHE T 108 -80.66 -23.48 -42.98
N ASP T 109 -81.21 -23.59 -44.18
CA ASP T 109 -82.00 -24.75 -44.59
C ASP T 109 -81.09 -25.91 -44.96
N GLU T 110 -81.68 -27.12 -45.00
CA GLU T 110 -80.93 -28.29 -45.41
C GLU T 110 -80.42 -28.15 -46.84
N SER T 111 -81.19 -27.50 -47.72
CA SER T 111 -80.69 -27.21 -49.06
C SER T 111 -79.52 -26.24 -49.01
N GLY T 112 -79.58 -25.25 -48.14
CA GLY T 112 -78.48 -24.32 -47.96
C GLY T 112 -78.84 -22.86 -48.03
N GLU T 113 -80.13 -22.56 -48.23
CA GLU T 113 -80.56 -21.18 -48.32
C GLU T 113 -80.67 -20.54 -46.93
N PRO T 114 -80.43 -19.24 -46.82
CA PRO T 114 -80.50 -18.56 -45.53
C PRO T 114 -81.86 -17.92 -45.27
N ALA T 115 -82.14 -17.73 -43.98
CA ALA T 115 -83.33 -17.04 -43.50
C ALA T 115 -82.93 -16.13 -42.35
N TYR T 116 -83.39 -14.88 -42.39
CA TYR T 116 -82.99 -13.88 -41.42
C TYR T 116 -84.10 -13.62 -40.41
N SER T 117 -83.71 -13.29 -39.18
CA SER T 117 -84.65 -12.92 -38.13
C SER T 117 -83.86 -12.25 -37.01
N ALA T 118 -84.58 -11.91 -35.93
CA ALA T 118 -83.97 -11.31 -34.75
C ALA T 118 -84.80 -11.69 -33.53
N LEU T 119 -84.14 -11.73 -32.37
CA LEU T 119 -84.80 -12.10 -31.12
C LEU T 119 -84.30 -11.20 -30.00
N PRO T 120 -85.12 -11.02 -28.96
CA PRO T 120 -84.66 -10.26 -27.79
C PRO T 120 -83.51 -10.96 -27.07
N TYR T 121 -82.74 -10.17 -26.33
CA TYR T 121 -81.53 -10.69 -25.68
C TYR T 121 -81.87 -11.77 -24.67
N GLY T 122 -82.94 -11.59 -23.90
CA GLY T 122 -83.31 -12.59 -22.91
C GLY T 122 -83.75 -13.91 -23.51
N SER T 123 -84.40 -13.85 -24.67
CA SER T 123 -85.00 -15.05 -25.25
C SER T 123 -83.92 -16.06 -25.66
N GLU T 124 -84.32 -17.33 -25.69
CA GLU T 124 -83.45 -18.43 -26.06
C GLU T 124 -83.86 -18.97 -27.42
N ILE T 125 -82.87 -19.22 -28.28
CA ILE T 125 -83.12 -19.64 -29.65
C ILE T 125 -83.56 -21.11 -29.68
N GLU T 126 -84.61 -21.38 -30.45
CA GLU T 126 -85.09 -22.74 -30.68
C GLU T 126 -85.20 -22.95 -32.19
N LEU T 127 -84.63 -24.04 -32.68
CA LEU T 127 -84.58 -24.29 -34.12
C LEU T 127 -85.87 -24.93 -34.60
N ASP T 128 -86.46 -24.33 -35.62
CA ASP T 128 -87.66 -24.88 -36.24
C ASP T 128 -87.31 -26.16 -37.00
N SER T 129 -88.29 -27.05 -37.11
CA SER T 129 -88.11 -28.26 -37.91
C SER T 129 -87.92 -27.87 -39.37
N GLY T 130 -87.04 -28.61 -40.05
CA GLY T 130 -86.65 -28.27 -41.41
C GLY T 130 -85.45 -27.35 -41.51
N GLU T 131 -84.90 -26.91 -40.39
CA GLU T 131 -83.71 -26.07 -40.37
C GLU T 131 -82.57 -26.84 -39.71
N ALA T 132 -81.39 -26.80 -40.33
CA ALA T 132 -80.26 -27.58 -39.85
C ALA T 132 -79.52 -26.85 -38.73
N PHE T 133 -79.08 -25.62 -38.99
CA PHE T 133 -78.28 -24.89 -38.02
C PHE T 133 -78.52 -23.40 -38.19
N ALA T 134 -78.20 -22.65 -37.15
CA ALA T 134 -78.32 -21.20 -37.16
C ALA T 134 -77.05 -20.58 -36.60
N ILE T 135 -76.70 -19.40 -37.11
CA ILE T 135 -75.53 -18.65 -36.67
C ILE T 135 -75.99 -17.26 -36.27
N TYR T 136 -75.64 -16.83 -35.06
CA TYR T 136 -75.99 -15.51 -34.56
C TYR T 136 -74.76 -14.82 -34.02
N VAL T 137 -74.94 -13.58 -33.56
CA VAL T 137 -73.85 -12.75 -33.08
C VAL T 137 -73.88 -12.74 -31.56
N ASP T 138 -72.84 -13.31 -30.95
CA ASP T 138 -72.76 -13.31 -29.49
C ASP T 138 -72.48 -11.92 -28.94
N ASP T 139 -71.59 -11.17 -29.59
CA ASP T 139 -71.31 -9.81 -29.18
C ASP T 139 -72.58 -8.96 -29.26
N GLY T 140 -72.84 -8.18 -28.21
CA GLY T 140 -74.03 -7.35 -28.19
C GLY T 140 -73.89 -6.13 -29.09
N ASP T 141 -73.64 -6.38 -30.37
CA ASP T 141 -73.40 -5.31 -31.34
C ASP T 141 -74.44 -5.32 -32.43
N PRO T 142 -75.35 -4.34 -32.48
CA PRO T 142 -76.22 -4.21 -33.65
C PRO T 142 -75.39 -3.89 -34.88
N CYS T 143 -75.82 -4.40 -36.02
CA CYS T 143 -75.10 -4.23 -37.27
C CYS T 143 -75.72 -3.13 -38.13
N ILE T 144 -76.18 -2.05 -37.49
CA ILE T 144 -76.91 -1.02 -38.22
C ILE T 144 -75.96 -0.16 -39.04
N SER T 145 -75.05 0.55 -38.38
CA SER T 145 -74.17 1.42 -39.14
C SER T 145 -73.00 0.66 -39.77
N PRO T 146 -72.26 -0.20 -39.03
CA PRO T 146 -71.31 -1.08 -39.72
C PRO T 146 -71.97 -2.39 -40.10
N THR T 147 -71.96 -2.72 -41.39
CA THR T 147 -72.62 -3.92 -41.87
C THR T 147 -71.66 -5.10 -41.86
N ARG T 148 -72.12 -6.23 -41.34
CA ARG T 148 -71.32 -7.44 -41.23
C ARG T 148 -71.89 -8.50 -42.16
N GLU T 149 -71.04 -9.07 -43.01
CA GLU T 149 -71.45 -10.04 -44.01
C GLU T 149 -70.80 -11.39 -43.76
N LEU T 150 -71.49 -12.44 -44.17
CA LEU T 150 -71.03 -13.81 -44.01
C LEU T 150 -70.86 -14.45 -45.37
N THR T 151 -69.73 -15.12 -45.58
CA THR T 151 -69.40 -15.76 -46.84
C THR T 151 -69.01 -17.22 -46.60
N ILE T 152 -69.49 -18.11 -47.47
CA ILE T 152 -69.22 -19.53 -47.37
C ILE T 152 -68.56 -20.00 -48.66
N GLU T 153 -67.45 -20.72 -48.53
CA GLU T 153 -66.78 -21.34 -49.67
C GLU T 153 -66.40 -22.76 -49.30
N THR T 154 -66.27 -23.60 -50.32
CA THR T 154 -65.89 -24.99 -50.13
C THR T 154 -64.38 -25.13 -49.95
N ALA T 155 -63.99 -26.17 -49.22
CA ALA T 155 -62.59 -26.46 -48.94
C ALA T 155 -62.33 -27.94 -49.22
N THR T 156 -61.04 -28.30 -49.19
CA THR T 156 -60.66 -29.68 -49.43
C THR T 156 -61.17 -30.59 -48.32
N ALA T 157 -61.53 -31.81 -48.69
CA ALA T 157 -62.07 -32.75 -47.73
C ALA T 157 -60.99 -33.18 -46.73
N ASP T 158 -61.45 -33.69 -45.59
CA ASP T 158 -60.54 -34.15 -44.55
C ASP T 158 -59.83 -35.42 -44.99
N SER T 159 -58.78 -35.77 -44.24
CA SER T 159 -58.05 -36.99 -44.52
C SER T 159 -58.93 -38.22 -44.34
N ALA T 160 -59.75 -38.23 -43.30
CA ALA T 160 -60.65 -39.37 -43.07
C ALA T 160 -61.81 -39.40 -44.07
N GLY T 161 -62.08 -38.28 -44.74
CA GLY T 161 -63.17 -38.21 -45.70
C GLY T 161 -64.28 -37.25 -45.34
N ASN T 162 -64.26 -36.63 -44.16
CA ASN T 162 -65.29 -35.66 -43.80
C ASN T 162 -65.15 -34.40 -44.63
N GLU T 163 -66.29 -33.79 -44.97
CA GLU T 163 -66.29 -32.55 -45.73
C GLU T 163 -66.24 -31.34 -44.80
N ARG T 164 -65.71 -30.24 -45.31
CA ARG T 164 -65.60 -29.01 -44.53
C ARG T 164 -65.63 -27.82 -45.47
N PHE T 165 -65.95 -26.66 -44.91
CA PHE T 165 -66.08 -25.43 -45.68
C PHE T 165 -65.44 -24.27 -44.90
N LEU T 166 -65.07 -23.23 -45.63
CA LEU T 166 -64.48 -22.04 -45.03
C LEU T 166 -65.56 -21.03 -44.70
N LEU T 167 -65.57 -20.53 -43.47
CA LEU T 167 -66.50 -19.51 -43.03
C LEU T 167 -65.72 -18.22 -42.78
N LYS T 168 -66.15 -17.14 -43.43
CA LYS T 168 -65.44 -15.87 -43.36
C LYS T 168 -66.39 -14.77 -42.92
N LEU T 169 -65.84 -13.82 -42.16
CA LEU T 169 -66.57 -12.66 -41.67
C LEU T 169 -65.96 -11.39 -42.21
N THR T 170 -66.81 -10.46 -42.65
CA THR T 170 -66.36 -9.21 -43.24
C THR T 170 -67.15 -8.05 -42.65
N GLN T 171 -66.53 -6.88 -42.66
CA GLN T 171 -67.15 -5.66 -42.13
C GLN T 171 -67.09 -4.59 -43.21
N THR T 172 -68.25 -3.98 -43.49
CA THR T 172 -68.35 -2.92 -44.49
C THR T 172 -68.94 -1.68 -43.84
N THR T 173 -68.31 -0.53 -44.07
CA THR T 173 -68.81 0.73 -43.56
C THR T 173 -69.91 1.27 -44.45
N SER T 174 -70.44 2.44 -44.09
CA SER T 174 -71.47 3.07 -44.90
C SER T 174 -70.93 3.53 -46.24
N LEU T 175 -69.68 4.02 -46.26
CA LEU T 175 -69.10 4.49 -47.51
C LEU T 175 -68.92 3.35 -48.51
N GLY T 176 -68.43 2.20 -48.06
CA GLY T 176 -68.24 1.07 -48.94
C GLY T 176 -66.92 0.37 -48.75
N VAL T 177 -66.13 0.81 -47.76
CA VAL T 177 -64.85 0.18 -47.50
C VAL T 177 -65.08 -1.16 -46.81
N VAL T 178 -64.46 -2.21 -47.36
CA VAL T 178 -64.66 -3.58 -46.90
C VAL T 178 -63.36 -4.08 -46.28
N THR T 179 -63.47 -4.64 -45.07
CA THR T 179 -62.33 -5.19 -44.37
C THR T 179 -62.67 -6.60 -43.89
N THR T 180 -61.61 -7.39 -43.66
CA THR T 180 -61.75 -8.78 -43.25
C THR T 180 -61.58 -8.89 -41.75
N LEU T 181 -62.49 -9.61 -41.10
CA LEU T 181 -62.47 -9.78 -39.65
C LEU T 181 -61.93 -11.14 -39.22
N GLU T 182 -62.57 -12.23 -39.66
CA GLU T 182 -62.20 -13.56 -39.21
C GLU T 182 -62.36 -14.56 -40.34
N THR T 183 -61.60 -15.65 -40.27
CA THR T 183 -61.74 -16.79 -41.16
C THR T 183 -61.61 -18.07 -40.35
N HIS T 184 -62.43 -19.07 -40.68
CA HIS T 184 -62.41 -20.33 -39.96
C HIS T 184 -62.60 -21.48 -40.93
N THR T 185 -62.08 -22.65 -40.56
CA THR T 185 -62.33 -23.89 -41.26
C THR T 185 -63.27 -24.74 -40.40
N VAL T 186 -64.46 -25.02 -40.92
CA VAL T 186 -65.53 -25.62 -40.15
C VAL T 186 -66.08 -26.84 -40.89
N SER T 187 -66.35 -27.91 -40.14
CA SER T 187 -66.95 -29.12 -40.68
C SER T 187 -68.24 -29.43 -39.93
N LEU T 188 -69.26 -29.83 -40.68
CA LEU T 188 -70.54 -30.20 -40.08
C LEU T 188 -70.48 -31.54 -39.37
N ALA T 189 -69.56 -32.42 -39.76
CA ALA T 189 -69.46 -33.74 -39.15
C ALA T 189 -68.99 -33.62 -37.70
N GLU T 190 -69.52 -34.51 -36.85
CA GLU T 190 -69.18 -34.45 -35.43
C GLU T 190 -67.71 -34.77 -35.20
N GLU T 191 -67.17 -35.77 -35.89
CA GLU T 191 -65.80 -36.21 -35.71
C GLU T 191 -64.99 -35.76 -36.93
N ALA T 192 -64.43 -34.56 -36.83
CA ALA T 192 -63.58 -34.02 -37.89
C ALA T 192 -62.45 -33.25 -37.24
N LYS T 193 -61.35 -33.10 -37.98
CA LYS T 193 -60.16 -32.43 -37.47
C LYS T 193 -59.66 -31.41 -38.48
N ASP T 194 -59.07 -30.34 -37.97
CA ASP T 194 -58.51 -29.28 -38.77
C ASP T 194 -57.15 -29.72 -39.35
N ASP T 195 -56.57 -28.87 -40.20
CA ASP T 195 -55.22 -29.13 -40.68
C ASP T 195 -54.22 -29.12 -39.53
N MET T 196 -54.38 -28.19 -38.60
CA MET T 196 -53.50 -28.08 -37.45
C MET T 196 -53.78 -29.12 -36.39
N GLY T 197 -54.84 -29.92 -36.53
CA GLY T 197 -55.20 -30.94 -35.58
C GLY T 197 -56.36 -30.59 -34.68
N ARG T 198 -56.83 -29.34 -34.71
CA ARG T 198 -57.94 -28.93 -33.88
C ARG T 198 -59.26 -29.48 -34.42
N LEU T 199 -60.28 -29.47 -33.57
CA LEU T 199 -61.60 -29.93 -33.95
C LEU T 199 -62.29 -28.89 -34.83
N CYS T 200 -63.12 -29.37 -35.75
CA CYS T 200 -63.81 -28.51 -36.71
C CYS T 200 -65.32 -28.51 -36.54
N TYR T 201 -65.84 -29.10 -35.46
CA TYR T 201 -67.28 -29.05 -35.22
C TYR T 201 -67.70 -27.59 -35.03
N LEU T 202 -68.79 -27.20 -35.69
CA LEU T 202 -69.14 -25.78 -35.76
C LEU T 202 -69.39 -25.16 -34.40
N PRO T 203 -70.24 -25.70 -33.53
CA PRO T 203 -70.42 -25.05 -32.22
C PRO T 203 -69.15 -25.00 -31.39
N THR T 204 -68.39 -26.10 -31.36
CA THR T 204 -67.17 -26.13 -30.56
C THR T 204 -66.13 -25.15 -31.10
N ALA T 205 -65.95 -25.12 -32.42
CA ALA T 205 -64.98 -24.19 -33.01
C ALA T 205 -65.36 -22.75 -32.75
N LEU T 206 -66.65 -22.42 -32.91
CA LEU T 206 -67.09 -21.05 -32.69
C LEU T 206 -66.96 -20.65 -31.22
N GLU T 207 -67.27 -21.58 -30.30
CA GLU T 207 -67.08 -21.27 -28.88
C GLU T 207 -65.61 -21.10 -28.53
N ALA T 208 -64.73 -21.85 -29.19
CA ALA T 208 -63.32 -21.82 -28.82
C ALA T 208 -62.61 -20.60 -29.40
N ARG T 209 -62.55 -20.50 -30.73
CA ARG T 209 -61.66 -19.54 -31.38
C ARG T 209 -62.41 -18.45 -32.14
N SER T 210 -63.52 -17.95 -31.61
CA SER T 210 -64.23 -16.84 -32.20
C SER T 210 -64.78 -15.93 -31.11
N LYS T 211 -64.63 -14.63 -31.30
CA LYS T 211 -65.14 -13.64 -30.36
C LYS T 211 -66.34 -12.87 -30.89
N TYR T 212 -66.87 -13.25 -32.05
CA TYR T 212 -68.00 -12.56 -32.67
C TYR T 212 -69.24 -13.42 -32.80
N LEU T 213 -69.10 -14.68 -33.19
CA LEU T 213 -70.24 -15.51 -33.57
C LEU T 213 -70.33 -16.75 -32.71
N ARG T 214 -71.56 -17.29 -32.62
CA ARG T 214 -71.83 -18.60 -32.05
C ARG T 214 -72.83 -19.30 -32.95
N ALA T 215 -72.97 -20.62 -32.75
CA ALA T 215 -73.86 -21.40 -33.59
C ALA T 215 -74.66 -22.38 -32.75
N VAL T 216 -75.84 -22.74 -33.25
CA VAL T 216 -76.72 -23.73 -32.64
C VAL T 216 -77.20 -24.67 -33.73
N VAL T 217 -77.10 -25.98 -33.49
CA VAL T 217 -77.42 -26.98 -34.50
C VAL T 217 -78.62 -27.79 -34.05
N ASN T 218 -79.29 -28.40 -35.03
CA ASN T 218 -80.41 -29.31 -34.79
C ASN T 218 -79.88 -30.74 -34.87
N GLU T 219 -79.93 -31.46 -33.74
CA GLU T 219 -79.19 -32.71 -33.64
C GLU T 219 -79.72 -33.77 -34.60
N GLU T 220 -81.04 -33.91 -34.72
CA GLU T 220 -81.60 -35.03 -35.46
C GLU T 220 -81.48 -34.87 -36.97
N LEU T 221 -81.50 -33.64 -37.47
CA LEU T 221 -81.39 -33.40 -38.91
C LEU T 221 -80.03 -32.83 -39.33
N ILE T 222 -79.01 -32.93 -38.47
CA ILE T 222 -77.70 -32.41 -38.84
C ILE T 222 -76.99 -33.36 -39.80
N SER T 223 -77.37 -34.64 -39.80
CA SER T 223 -76.62 -35.63 -40.56
C SER T 223 -76.72 -35.41 -42.06
N THR T 224 -77.95 -35.25 -42.56
CA THR T 224 -78.17 -35.11 -44.00
C THR T 224 -78.32 -33.63 -44.36
N ALA T 225 -77.22 -32.90 -44.21
CA ALA T 225 -77.18 -31.47 -44.46
C ALA T 225 -76.12 -31.16 -45.51
N LYS T 226 -76.47 -30.27 -46.44
CA LYS T 226 -75.57 -29.86 -47.51
C LYS T 226 -75.42 -28.34 -47.50
N VAL T 227 -74.19 -27.88 -47.74
CA VAL T 227 -73.87 -26.46 -47.75
C VAL T 227 -73.22 -26.14 -49.09
N THR T 228 -73.68 -25.08 -49.74
CA THR T 228 -73.17 -24.64 -51.03
C THR T 228 -72.55 -23.26 -50.91
N ASN T 229 -71.71 -22.92 -51.89
CA ASN T 229 -71.04 -21.63 -51.89
C ASN T 229 -72.06 -20.50 -51.95
N LYS T 230 -71.86 -19.50 -51.09
CA LYS T 230 -72.75 -18.34 -51.02
C LYS T 230 -71.92 -17.07 -50.95
N LYS T 231 -72.47 -15.99 -51.48
CA LYS T 231 -71.82 -14.69 -51.45
C LYS T 231 -72.11 -14.02 -50.11
N SER T 232 -71.83 -12.72 -50.01
CA SER T 232 -72.02 -12.01 -48.76
C SER T 232 -73.48 -11.97 -48.36
N LEU T 233 -73.76 -12.35 -47.12
CA LEU T 233 -75.09 -12.25 -46.53
C LEU T 233 -75.02 -11.37 -45.29
N ALA T 234 -75.87 -10.36 -45.24
CA ALA T 234 -75.80 -9.35 -44.19
C ALA T 234 -76.82 -9.66 -43.09
N PHE T 235 -76.39 -9.55 -41.84
CA PHE T 235 -77.30 -9.68 -40.72
C PHE T 235 -78.30 -8.51 -40.72
N THR T 236 -79.57 -8.83 -40.47
CA THR T 236 -80.62 -7.83 -40.48
C THR T 236 -81.52 -8.01 -39.27
N GLY T 237 -82.17 -6.93 -38.87
CA GLY T 237 -83.11 -6.96 -37.77
C GLY T 237 -82.53 -6.68 -36.40
N GLY T 238 -81.21 -6.56 -36.30
CA GLY T 238 -80.59 -6.27 -35.02
C GLY T 238 -80.58 -4.78 -34.72
N THR T 239 -81.22 -4.38 -33.63
CA THR T 239 -81.34 -2.97 -33.30
C THR T 239 -81.28 -2.78 -31.79
N ASN T 240 -80.97 -1.55 -31.38
CA ASN T 240 -81.00 -1.13 -29.99
C ASN T 240 -82.08 -0.07 -29.83
N GLY T 241 -82.93 -0.24 -28.83
CA GLY T 241 -83.98 0.73 -28.59
C GLY T 241 -83.44 2.09 -28.21
N ASP T 242 -84.35 3.04 -28.01
CA ASP T 242 -83.95 4.37 -27.58
C ASP T 242 -83.24 4.27 -26.24
N GLN T 243 -81.94 4.54 -26.23
CA GLN T 243 -81.13 4.37 -25.04
C GLN T 243 -81.14 5.58 -24.13
N SER T 244 -81.83 6.66 -24.51
CA SER T 244 -81.98 7.79 -23.62
C SER T 244 -83.00 7.55 -22.52
N LYS T 245 -83.82 6.50 -22.65
CA LYS T 245 -84.83 6.16 -21.64
C LYS T 245 -84.62 4.72 -21.21
N ILE T 246 -83.99 4.53 -20.05
CA ILE T 246 -83.76 3.21 -19.47
C ILE T 246 -84.55 3.15 -18.16
N SER T 247 -85.37 2.12 -18.03
CA SER T 247 -86.19 1.97 -16.84
C SER T 247 -85.32 1.58 -15.64
N THR T 248 -85.88 1.77 -14.44
CA THR T 248 -85.12 1.48 -13.22
C THR T 248 -84.88 -0.01 -13.03
N ALA T 249 -85.73 -0.85 -13.61
CA ALA T 249 -85.56 -2.30 -13.45
C ALA T 249 -84.26 -2.78 -14.06
N ALA T 250 -83.91 -2.28 -15.24
CA ALA T 250 -82.65 -2.68 -15.87
C ALA T 250 -81.46 -2.21 -15.04
N TYR T 251 -81.53 -1.00 -14.50
CA TYR T 251 -80.45 -0.49 -13.66
C TYR T 251 -80.28 -1.36 -12.40
N LEU T 252 -81.40 -1.73 -11.77
CA LEU T 252 -81.33 -2.58 -10.59
C LEU T 252 -80.77 -3.96 -10.94
N ARG T 253 -81.13 -4.49 -12.10
CA ARG T 253 -80.59 -5.78 -12.53
C ARG T 253 -79.08 -5.70 -12.73
N ALA T 254 -78.60 -4.61 -13.34
CA ALA T 254 -77.16 -4.43 -13.49
C ALA T 254 -76.46 -4.30 -12.14
N VAL T 255 -77.09 -3.58 -11.20
CA VAL T 255 -76.53 -3.48 -9.86
C VAL T 255 -76.41 -4.85 -9.22
N LYS T 256 -77.46 -5.66 -9.34
CA LYS T 256 -77.42 -7.00 -8.76
C LYS T 256 -76.37 -7.87 -9.43
N VAL T 257 -76.13 -7.66 -10.73
CA VAL T 257 -75.05 -8.37 -11.40
C VAL T 257 -73.70 -7.97 -10.82
N LEU T 258 -73.49 -6.68 -10.57
CA LEU T 258 -72.25 -6.23 -9.94
C LEU T 258 -72.08 -6.86 -8.56
N ASN T 259 -73.16 -6.92 -7.78
CA ASN T 259 -73.04 -7.37 -6.40
C ASN T 259 -72.47 -8.78 -6.31
N ASN T 260 -72.86 -9.65 -7.24
CA ASN T 260 -72.44 -11.06 -7.21
C ASN T 260 -71.26 -11.29 -8.16
N ALA T 261 -70.15 -10.63 -7.86
CA ALA T 261 -68.93 -10.81 -8.63
C ALA T 261 -67.76 -11.04 -7.69
N PRO T 262 -66.88 -11.99 -8.02
CA PRO T 262 -65.78 -12.35 -7.11
C PRO T 262 -64.46 -11.61 -7.35
N TYR T 263 -64.44 -10.60 -8.21
CA TYR T 263 -63.18 -10.02 -8.65
C TYR T 263 -62.53 -9.10 -7.62
N MET T 264 -63.25 -8.72 -6.57
CA MET T 264 -62.67 -8.00 -5.43
C MET T 264 -62.02 -6.68 -5.87
N TYR T 265 -62.89 -5.79 -6.34
CA TYR T 265 -62.48 -4.44 -6.69
C TYR T 265 -62.39 -3.56 -5.43
N THR T 266 -61.85 -2.36 -5.60
CA THR T 266 -61.58 -1.46 -4.48
C THR T 266 -62.27 -0.11 -4.59
N ALA T 267 -63.18 0.08 -5.54
CA ALA T 267 -63.95 1.30 -5.63
C ALA T 267 -65.18 1.05 -6.49
N VAL T 268 -66.24 1.83 -6.23
CA VAL T 268 -67.46 1.78 -7.01
C VAL T 268 -67.76 3.19 -7.50
N LEU T 269 -68.11 3.31 -8.77
CA LEU T 269 -68.28 4.61 -9.43
C LEU T 269 -69.65 4.69 -10.08
N GLY T 270 -70.28 5.85 -9.96
CA GLY T 270 -71.53 6.08 -10.67
C GLY T 270 -71.27 6.83 -11.97
N LEU T 271 -71.18 6.09 -13.07
CA LEU T 271 -70.78 6.66 -14.36
C LEU T 271 -71.99 7.30 -15.03
N GLY T 272 -72.29 8.53 -14.63
CA GLY T 272 -73.37 9.27 -15.24
C GLY T 272 -74.74 8.71 -14.98
N CYS T 273 -74.90 7.88 -13.95
CA CYS T 273 -76.19 7.32 -13.58
C CYS T 273 -76.85 8.27 -12.59
N TYR T 274 -77.93 8.93 -13.03
CA TYR T 274 -78.64 9.90 -12.21
C TYR T 274 -80.00 9.35 -11.76
N ASP T 275 -80.05 8.07 -11.43
CA ASP T 275 -81.24 7.43 -10.90
C ASP T 275 -81.05 7.20 -9.40
N ASN T 276 -81.99 7.66 -8.60
CA ASN T 276 -81.82 7.63 -7.14
C ASN T 276 -81.79 6.20 -6.61
N ALA T 277 -82.68 5.34 -7.11
CA ALA T 277 -82.71 3.95 -6.63
C ALA T 277 -81.40 3.24 -6.95
N ALA T 278 -80.88 3.43 -8.16
CA ALA T 278 -79.61 2.82 -8.52
C ALA T 278 -78.47 3.36 -7.66
N ILE T 279 -78.52 4.66 -7.35
CA ILE T 279 -77.48 5.25 -6.51
C ILE T 279 -77.52 4.65 -5.11
N THR T 280 -78.71 4.49 -4.54
CA THR T 280 -78.80 3.88 -3.21
C THR T 280 -78.34 2.43 -3.23
N ALA T 281 -78.68 1.68 -4.28
CA ALA T 281 -78.21 0.30 -4.39
C ALA T 281 -76.69 0.23 -4.50
N LEU T 282 -76.10 1.14 -5.29
CA LEU T 282 -74.65 1.19 -5.40
C LEU T 282 -74.02 1.56 -4.06
N GLY T 283 -74.66 2.44 -3.30
CA GLY T 283 -74.16 2.76 -1.97
C GLY T 283 -74.23 1.57 -1.03
N LYS T 284 -75.29 0.77 -1.14
CA LYS T 284 -75.37 -0.45 -0.34
C LYS T 284 -74.25 -1.42 -0.70
N ILE T 285 -73.96 -1.56 -1.99
CA ILE T 285 -72.83 -2.39 -2.40
C ILE T 285 -71.53 -1.83 -1.83
N CYS T 286 -71.37 -0.51 -1.86
CA CYS T 286 -70.17 0.14 -1.36
C CYS T 286 -69.98 -0.11 0.13
N ALA T 287 -71.05 -0.02 0.90
CA ALA T 287 -70.96 -0.23 2.34
C ALA T 287 -70.81 -1.71 2.70
N ASP T 288 -71.33 -2.61 1.86
CA ASP T 288 -71.26 -4.04 2.17
C ASP T 288 -69.82 -4.55 2.13
N ARG T 289 -69.05 -4.12 1.13
CA ARG T 289 -67.73 -4.67 0.87
C ARG T 289 -66.61 -3.91 1.56
N LEU T 290 -66.93 -2.94 2.41
CA LEU T 290 -65.94 -2.08 3.07
C LEU T 290 -65.02 -1.42 2.03
N ILE T 291 -65.66 -0.66 1.15
CA ILE T 291 -65.01 -0.06 -0.01
C ILE T 291 -65.42 1.41 -0.07
N ASP T 292 -64.58 2.21 -0.72
CA ASP T 292 -64.92 3.61 -0.97
C ASP T 292 -65.90 3.72 -2.13
N GLY T 293 -66.54 4.88 -2.25
CA GLY T 293 -67.49 5.10 -3.32
C GLY T 293 -67.66 6.56 -3.70
N PHE T 294 -67.75 6.84 -5.00
CA PHE T 294 -67.88 8.20 -5.50
C PHE T 294 -69.09 8.29 -6.41
N PHE T 295 -69.92 9.31 -6.19
CA PHE T 295 -71.15 9.48 -6.95
C PHE T 295 -71.31 10.93 -7.35
N ASP T 296 -72.25 11.17 -8.26
CA ASP T 296 -72.42 12.48 -8.88
C ASP T 296 -73.88 12.87 -8.90
N VAL T 297 -74.15 14.14 -8.60
CA VAL T 297 -75.47 14.71 -8.77
C VAL T 297 -75.54 15.32 -10.18
N LYS T 298 -76.76 15.58 -10.64
CA LYS T 298 -76.93 16.08 -12.01
C LYS T 298 -76.23 17.43 -12.16
N PRO T 299 -75.38 17.60 -13.19
CA PRO T 299 -74.55 18.81 -13.26
C PRO T 299 -75.31 20.05 -13.68
N THR T 300 -76.37 19.92 -14.48
CA THR T 300 -77.06 21.10 -14.99
C THR T 300 -77.84 21.84 -13.92
N LEU T 301 -78.06 21.22 -12.76
CA LEU T 301 -78.79 21.88 -11.69
C LEU T 301 -78.02 23.10 -11.18
N THR T 302 -78.76 24.13 -10.79
CA THR T 302 -78.14 25.34 -10.27
C THR T 302 -77.64 25.11 -8.85
N TYR T 303 -77.00 26.13 -8.28
CA TYR T 303 -76.47 26.01 -6.92
C TYR T 303 -77.59 25.81 -5.90
N ALA T 304 -78.70 26.55 -6.06
CA ALA T 304 -79.78 26.47 -5.10
C ALA T 304 -80.44 25.09 -5.12
N GLU T 305 -80.64 24.52 -6.30
CA GLU T 305 -81.32 23.23 -6.42
C GLU T 305 -80.41 22.04 -6.15
N ALA T 306 -79.09 22.25 -6.09
CA ALA T 306 -78.18 21.13 -5.91
C ALA T 306 -78.27 20.55 -4.51
N LEU T 307 -78.40 21.39 -3.49
CA LEU T 307 -78.41 20.90 -2.12
C LEU T 307 -79.59 19.97 -1.83
N PRO T 308 -80.84 20.29 -2.16
CA PRO T 308 -81.91 19.31 -1.96
C PRO T 308 -81.72 18.03 -2.75
N ALA T 309 -81.05 18.10 -3.90
CA ALA T 309 -80.82 16.91 -4.70
C ALA T 309 -79.91 15.92 -3.98
N VAL T 310 -79.02 16.41 -3.13
CA VAL T 310 -78.20 15.50 -2.32
C VAL T 310 -79.08 14.76 -1.31
N GLU T 311 -80.02 15.46 -0.68
CA GLU T 311 -80.92 14.82 0.26
C GLU T 311 -81.90 13.89 -0.43
N ASP T 312 -82.16 14.09 -1.73
CA ASP T 312 -83.06 13.20 -2.44
C ASP T 312 -82.52 11.78 -2.48
N THR T 313 -81.21 11.63 -2.72
CA THR T 313 -80.59 10.32 -2.62
C THR T 313 -80.53 9.89 -1.15
N GLY T 314 -80.60 8.58 -0.92
CA GLY T 314 -80.62 8.07 0.43
C GLY T 314 -79.28 7.98 1.11
N LEU T 315 -78.22 8.50 0.49
CA LEU T 315 -76.88 8.33 1.05
C LEU T 315 -76.66 9.18 2.30
N LEU T 316 -77.38 10.28 2.45
CA LEU T 316 -77.13 11.22 3.53
C LEU T 316 -77.63 10.62 4.83
N GLY T 317 -76.72 10.03 5.60
CA GLY T 317 -77.10 9.41 6.86
C GLY T 317 -75.89 8.81 7.53
N THR T 318 -76.15 7.92 8.48
CA THR T 318 -75.08 7.23 9.19
C THR T 318 -74.76 5.85 8.62
N ASP T 319 -75.65 5.30 7.78
CA ASP T 319 -75.43 3.96 7.26
C ASP T 319 -74.33 3.95 6.21
N TYR T 320 -74.34 4.90 5.28
CA TYR T 320 -73.42 4.91 4.14
C TYR T 320 -72.30 5.90 4.44
N VAL T 321 -71.24 5.41 5.07
CA VAL T 321 -70.04 6.21 5.29
C VAL T 321 -69.08 5.94 4.14
N SER T 322 -68.14 6.86 3.93
CA SER T 322 -67.15 6.76 2.86
C SER T 322 -67.82 6.78 1.48
N CYS T 323 -68.80 7.66 1.31
CA CYS T 323 -69.42 7.91 0.01
C CYS T 323 -69.46 9.42 -0.21
N SER T 324 -68.95 9.86 -1.35
CA SER T 324 -68.86 11.28 -1.67
C SER T 324 -69.76 11.62 -2.85
N VAL T 325 -70.31 12.84 -2.82
CA VAL T 325 -71.19 13.34 -3.86
C VAL T 325 -70.61 14.64 -4.39
N TYR T 326 -70.51 14.76 -5.71
CA TYR T 326 -69.89 15.90 -6.36
C TYR T 326 -70.90 16.61 -7.26
N HIS T 327 -70.59 17.88 -7.56
CA HIS T 327 -71.44 18.70 -8.41
C HIS T 327 -70.56 19.59 -9.25
N TYR T 328 -70.73 19.54 -10.58
CA TYR T 328 -69.85 20.23 -11.51
C TYR T 328 -70.67 20.88 -12.61
N PRO T 329 -71.08 22.14 -12.41
CA PRO T 329 -71.97 22.79 -13.38
C PRO T 329 -71.25 23.51 -14.51
N PHE T 330 -69.97 23.19 -14.73
CA PHE T 330 -69.21 23.87 -15.77
C PHE T 330 -69.33 23.12 -17.10
N SER T 331 -68.77 23.72 -18.16
CA SER T 331 -68.84 23.17 -19.50
C SER T 331 -67.46 23.16 -20.13
N CYS T 332 -67.20 22.17 -20.98
CA CYS T 332 -65.89 21.99 -21.56
C CYS T 332 -66.01 21.41 -22.96
N LYS T 333 -64.96 21.60 -23.75
CA LYS T 333 -64.91 21.03 -25.09
C LYS T 333 -64.63 19.53 -25.02
N ASP T 334 -65.38 18.75 -25.78
CA ASP T 334 -65.20 17.31 -25.76
C ASP T 334 -63.91 16.91 -26.45
N LYS T 335 -63.45 15.69 -26.14
CA LYS T 335 -62.18 15.20 -26.67
C LYS T 335 -62.34 14.66 -28.08
N TRP T 336 -63.26 13.70 -28.27
CA TRP T 336 -63.39 13.04 -29.56
C TRP T 336 -63.89 14.01 -30.64
N THR T 337 -64.98 14.72 -30.36
CA THR T 337 -65.51 15.74 -31.25
C THR T 337 -65.69 17.02 -30.46
N GLN T 338 -65.09 18.11 -30.95
CA GLN T 338 -65.10 19.36 -30.19
C GLN T 338 -66.49 19.97 -30.22
N SER T 339 -67.35 19.58 -29.27
CA SER T 339 -68.76 19.94 -29.33
C SER T 339 -69.31 20.56 -28.04
N ARG T 340 -68.45 20.91 -27.08
CA ARG T 340 -68.86 21.66 -25.89
C ARG T 340 -69.95 20.91 -25.11
N VAL T 341 -69.55 19.78 -24.55
CA VAL T 341 -70.44 18.92 -23.79
C VAL T 341 -70.29 19.20 -22.31
N VAL T 342 -71.23 18.68 -21.52
CA VAL T 342 -71.24 18.82 -20.06
C VAL T 342 -71.40 17.46 -19.43
N PHE T 343 -70.55 17.13 -18.46
CA PHE T 343 -70.69 15.90 -17.71
C PHE T 343 -70.03 16.06 -16.35
N GLY T 344 -70.37 15.16 -15.43
CA GLY T 344 -70.02 15.30 -14.03
C GLY T 344 -68.61 14.82 -13.70
N LEU T 345 -68.30 14.87 -12.40
CA LEU T 345 -66.97 14.52 -11.89
C LEU T 345 -67.05 13.16 -11.20
N SER T 346 -67.02 12.11 -12.01
CA SER T 346 -66.88 10.73 -11.52
C SER T 346 -65.81 10.07 -12.37
N GLY T 347 -64.77 9.57 -11.71
CA GLY T 347 -63.58 9.13 -12.39
C GLY T 347 -62.45 10.12 -12.35
N VAL T 348 -62.75 11.39 -12.07
CA VAL T 348 -61.71 12.36 -11.74
C VAL T 348 -61.34 12.28 -10.27
N ALA T 349 -62.32 12.08 -9.39
CA ALA T 349 -62.02 11.85 -7.98
C ALA T 349 -61.31 10.52 -7.78
N TYR T 350 -61.74 9.48 -8.48
CA TYR T 350 -61.09 8.18 -8.34
C TYR T 350 -59.65 8.25 -8.81
N ALA T 351 -59.37 9.05 -9.83
CA ALA T 351 -57.99 9.23 -10.27
C ALA T 351 -57.14 9.86 -9.17
N ALA T 352 -57.69 10.84 -8.47
CA ALA T 352 -56.97 11.44 -7.34
C ALA T 352 -56.71 10.42 -6.25
N LYS T 353 -57.71 9.59 -5.95
CA LYS T 353 -57.51 8.56 -4.93
C LYS T 353 -56.45 7.55 -5.36
N ALA T 354 -56.45 7.16 -6.64
CA ALA T 354 -55.44 6.23 -7.12
C ALA T 354 -54.05 6.83 -7.07
N ARG T 355 -53.92 8.11 -7.42
CA ARG T 355 -52.64 8.78 -7.32
C ARG T 355 -52.15 8.83 -5.88
N GLY T 356 -53.07 9.06 -4.94
CA GLY T 356 -52.70 9.02 -3.53
C GLY T 356 -52.25 7.64 -3.10
N VAL T 357 -52.94 6.60 -3.57
CA VAL T 357 -52.60 5.23 -3.19
C VAL T 357 -51.24 4.82 -3.76
N LYS T 358 -50.90 5.30 -4.95
CA LYS T 358 -49.64 4.86 -5.57
C LYS T 358 -48.40 5.36 -4.84
N LYS T 359 -48.54 6.28 -3.88
CA LYS T 359 -47.36 6.83 -3.22
C LYS T 359 -46.63 5.79 -2.39
N ASN T 360 -47.36 4.90 -1.71
CA ASN T 360 -46.78 3.88 -0.86
C ASN T 360 -46.99 2.51 -1.50
N SER T 361 -45.98 1.64 -1.35
CA SER T 361 -46.00 0.34 -2.00
C SER T 361 -46.18 -0.83 -1.06
N ASP T 362 -45.92 -0.66 0.25
CA ASP T 362 -46.08 -1.76 1.19
C ASP T 362 -47.55 -2.05 1.43
N VAL T 363 -48.27 -1.09 1.99
CA VAL T 363 -49.68 -1.26 2.34
C VAL T 363 -50.60 -0.38 1.52
N GLY T 364 -50.09 0.62 0.81
CA GLY T 364 -50.87 1.45 -0.08
C GLY T 364 -50.92 2.92 0.33
N GLY T 365 -51.04 3.19 1.62
CA GLY T 365 -51.14 4.57 2.05
C GLY T 365 -52.47 5.19 1.67
N TRP T 366 -53.54 4.71 2.30
CA TRP T 366 -54.89 5.18 2.05
C TRP T 366 -55.22 6.47 2.80
N HIS T 367 -54.27 7.05 3.52
CA HIS T 367 -54.53 8.25 4.32
C HIS T 367 -54.51 9.53 3.49
N TYR T 368 -54.12 9.46 2.22
CA TYR T 368 -54.10 10.65 1.40
C TYR T 368 -55.51 10.99 0.94
N SER T 369 -55.92 12.25 1.15
CA SER T 369 -57.26 12.68 0.76
C SER T 369 -57.32 12.97 -0.74
N PRO T 370 -58.41 12.61 -1.41
CA PRO T 370 -58.52 12.88 -2.85
C PRO T 370 -58.43 14.35 -3.21
N ALA T 371 -58.93 15.24 -2.37
CA ALA T 371 -58.85 16.66 -2.66
C ALA T 371 -57.40 17.15 -2.53
N GLY T 372 -57.11 18.24 -3.22
CA GLY T 372 -55.79 18.84 -3.19
C GLY T 372 -55.43 19.45 -4.52
N GLU T 373 -54.49 20.40 -4.47
CA GLU T 373 -54.06 21.12 -5.67
C GLU T 373 -53.11 20.31 -6.52
N GLU T 374 -52.51 19.25 -5.98
CA GLU T 374 -51.54 18.44 -6.70
C GLU T 374 -52.10 17.11 -7.19
N ARG T 375 -52.82 16.39 -6.33
CA ARG T 375 -53.32 15.08 -6.69
C ARG T 375 -54.54 15.16 -7.60
N ALA T 376 -55.42 16.14 -7.38
CA ALA T 376 -56.69 16.24 -8.08
C ALA T 376 -56.66 17.45 -9.00
N VAL T 377 -56.51 17.20 -10.30
CA VAL T 377 -56.56 18.24 -11.32
C VAL T 377 -57.54 17.80 -12.40
N ILE T 378 -58.27 18.76 -12.95
CA ILE T 378 -59.23 18.50 -14.02
C ILE T 378 -58.58 18.93 -15.33
N ALA T 379 -58.36 17.97 -16.22
CA ALA T 379 -57.69 18.21 -17.49
C ALA T 379 -58.74 18.22 -18.60
N ARG T 380 -59.25 19.41 -18.90
CA ARG T 380 -60.25 19.59 -19.94
C ARG T 380 -59.90 20.83 -20.75
N ALA T 381 -60.41 20.88 -21.98
CA ALA T 381 -59.96 21.86 -22.96
C ALA T 381 -60.19 23.30 -22.54
N SER T 382 -61.44 23.73 -22.44
CA SER T 382 -61.76 25.11 -22.11
C SER T 382 -63.00 25.13 -21.23
N ILE T 383 -62.87 25.67 -20.02
CA ILE T 383 -63.94 25.65 -19.03
C ILE T 383 -64.67 26.98 -19.09
N GLN T 384 -66.00 26.92 -19.20
CA GLN T 384 -66.84 28.10 -19.20
C GLN T 384 -67.99 27.86 -18.23
N PRO T 385 -68.18 28.71 -17.22
CA PRO T 385 -69.26 28.48 -16.27
C PRO T 385 -70.62 28.55 -16.94
N LEU T 386 -71.53 27.69 -16.48
CA LEU T 386 -72.90 27.69 -17.02
C LEU T 386 -73.71 28.86 -16.46
N TYR T 387 -73.51 29.19 -15.19
CA TYR T 387 -74.25 30.24 -14.50
C TYR T 387 -73.24 31.22 -13.93
N PRO T 388 -72.76 32.16 -14.73
CA PRO T 388 -71.83 33.17 -14.21
C PRO T 388 -72.54 34.13 -13.28
N GLU T 389 -71.79 35.07 -12.68
CA GLU T 389 -72.32 36.07 -11.75
C GLU T 389 -73.19 35.45 -10.66
N ASP T 390 -72.96 34.17 -10.36
CA ASP T 390 -73.63 33.46 -9.27
C ASP T 390 -72.57 32.88 -8.34
N THR T 391 -72.86 32.92 -7.04
CA THR T 391 -71.92 32.49 -6.02
C THR T 391 -72.56 31.44 -5.12
N PRO T 392 -71.91 30.31 -4.88
CA PRO T 392 -72.47 29.31 -3.96
C PRO T 392 -72.26 29.71 -2.50
N ASP T 393 -73.00 29.05 -1.63
CA ASP T 393 -72.90 29.24 -0.18
C ASP T 393 -72.02 28.12 0.36
N GLU T 394 -70.76 28.45 0.66
CA GLU T 394 -69.80 27.41 1.04
C GLU T 394 -70.16 26.77 2.37
N GLU T 395 -70.59 27.55 3.35
CA GLU T 395 -70.94 26.99 4.65
C GLU T 395 -72.16 26.08 4.54
N ALA T 396 -73.15 26.46 3.75
CA ALA T 396 -74.31 25.61 3.54
C ALA T 396 -73.91 24.32 2.84
N MET T 397 -72.98 24.41 1.88
CA MET T 397 -72.50 23.21 1.21
C MET T 397 -71.79 22.28 2.18
N VAL T 398 -71.00 22.84 3.09
CA VAL T 398 -70.33 22.02 4.10
C VAL T 398 -71.35 21.35 5.00
N LYS T 399 -72.37 22.10 5.43
CA LYS T 399 -73.43 21.51 6.25
C LYS T 399 -74.21 20.45 5.47
N GLY T 400 -74.36 20.64 4.17
CA GLY T 400 -75.08 19.72 3.32
C GLY T 400 -74.27 18.58 2.74
N ARG T 401 -72.99 18.49 3.09
CA ARG T 401 -72.11 17.40 2.65
C ARG T 401 -72.02 17.35 1.12
N LEU T 402 -71.68 18.51 0.54
CA LEU T 402 -71.46 18.64 -0.89
C LEU T 402 -70.09 19.22 -1.12
N ASN T 403 -69.33 18.61 -2.03
CA ASN T 403 -67.95 19.01 -2.29
C ASN T 403 -67.89 20.09 -3.37
N LYS T 404 -66.90 20.96 -3.24
CA LYS T 404 -66.77 22.12 -4.10
C LYS T 404 -65.55 21.99 -5.00
N VAL T 405 -65.56 22.76 -6.08
CA VAL T 405 -64.50 22.79 -7.07
C VAL T 405 -64.03 24.23 -7.24
N SER T 406 -62.72 24.43 -7.29
CA SER T 406 -62.17 25.78 -7.34
C SER T 406 -60.99 25.82 -8.29
N VAL T 407 -60.64 27.04 -8.71
CA VAL T 407 -59.48 27.24 -9.58
C VAL T 407 -58.21 27.26 -8.75
N GLY T 408 -57.21 26.53 -9.21
CA GLY T 408 -55.95 26.41 -8.48
C GLY T 408 -54.99 27.55 -8.77
N THR T 409 -53.81 27.45 -8.16
CA THR T 409 -52.79 28.47 -8.34
C THR T 409 -52.21 28.44 -9.75
N SER T 410 -52.04 27.24 -10.31
CA SER T 410 -51.48 27.14 -11.65
C SER T 410 -52.43 27.68 -12.70
N GLY T 411 -53.73 27.61 -12.46
CA GLY T 411 -54.74 28.09 -13.39
C GLY T 411 -55.79 27.07 -13.75
N GLN T 412 -55.53 25.79 -13.54
CA GLN T 412 -56.48 24.74 -13.87
C GLN T 412 -57.45 24.50 -12.70
N MET T 413 -58.59 23.90 -13.02
CA MET T 413 -59.59 23.65 -12.01
C MET T 413 -59.15 22.53 -11.07
N ILE T 414 -59.54 22.65 -9.81
CA ILE T 414 -59.07 21.80 -8.72
C ILE T 414 -60.25 21.39 -7.86
N ILE T 415 -60.26 20.14 -7.43
CA ILE T 415 -61.17 19.69 -6.37
C ILE T 415 -60.57 20.12 -5.05
N ASP T 416 -61.29 20.96 -4.30
CA ASP T 416 -60.70 21.67 -3.18
C ASP T 416 -61.14 21.10 -1.85
N ASP T 417 -62.11 20.18 -1.82
CA ASP T 417 -62.61 19.65 -0.57
C ASP T 417 -63.03 18.20 -0.76
N ALA T 418 -63.05 17.45 0.34
CA ALA T 418 -63.36 16.03 0.31
C ALA T 418 -64.12 15.67 1.59
N LEU T 419 -65.41 15.42 1.47
CA LEU T 419 -66.26 15.07 2.59
C LEU T 419 -67.09 13.84 2.25
N THR T 420 -67.31 12.99 3.25
CA THR T 420 -68.17 11.83 3.09
C THR T 420 -69.59 12.17 3.54
N CYS T 421 -70.50 11.21 3.37
CA CYS T 421 -71.91 11.41 3.70
C CYS T 421 -72.18 10.86 5.10
N CYS T 422 -71.81 11.65 6.10
CA CYS T 422 -72.06 11.31 7.50
C CYS T 422 -72.39 12.60 8.24
N THR T 423 -73.62 12.70 8.73
CA THR T 423 -74.08 13.94 9.35
C THR T 423 -73.46 14.14 10.73
N GLN T 424 -73.20 13.06 11.46
CA GLN T 424 -72.67 13.17 12.81
C GLN T 424 -71.23 13.67 12.79
N ASP T 425 -70.79 14.20 13.93
CA ASP T 425 -69.43 14.75 14.07
C ASP T 425 -68.54 13.70 14.75
N ASN T 426 -68.16 12.69 13.98
CA ASN T 426 -67.39 11.57 14.49
C ASN T 426 -65.97 11.53 13.94
N TYR T 427 -65.44 12.66 13.46
CA TYR T 427 -64.21 12.68 12.68
C TYR T 427 -64.29 11.78 11.45
N LEU T 428 -65.51 11.43 11.04
CA LEU T 428 -65.71 10.51 9.93
C LEU T 428 -66.09 11.20 8.64
N HIS T 429 -66.53 12.46 8.68
CA HIS T 429 -66.80 13.18 7.45
C HIS T 429 -65.53 13.45 6.66
N PHE T 430 -64.36 13.40 7.31
CA PHE T 430 -63.11 13.41 6.57
C PHE T 430 -62.94 12.09 5.83
N GLN T 431 -62.40 12.18 4.62
CA GLN T 431 -62.42 11.02 3.72
C GLN T 431 -61.48 9.91 4.20
N HIS T 432 -60.28 10.26 4.64
CA HIS T 432 -59.25 9.25 4.87
C HIS T 432 -59.51 8.42 6.13
N VAL T 433 -60.22 8.97 7.12
CA VAL T 433 -60.42 8.26 8.38
C VAL T 433 -61.18 6.95 8.18
N PRO T 434 -62.31 6.91 7.47
CA PRO T 434 -62.92 5.60 7.19
C PRO T 434 -62.08 4.73 6.28
N SER T 435 -61.32 5.32 5.35
CA SER T 435 -60.53 4.54 4.41
C SER T 435 -59.44 3.74 5.11
N LEU T 436 -58.78 4.35 6.10
CA LEU T 436 -57.76 3.64 6.86
C LEU T 436 -58.34 2.43 7.56
N MET T 437 -59.46 2.61 8.26
CA MET T 437 -60.07 1.51 9.00
C MET T 437 -60.55 0.43 8.05
N ASN T 438 -61.10 0.82 6.91
CA ASN T 438 -61.55 -0.17 5.94
C ASN T 438 -60.38 -1.00 5.41
N ALA T 439 -59.25 -0.36 5.13
CA ALA T 439 -58.08 -1.10 4.66
C ALA T 439 -57.56 -2.06 5.72
N ILE T 440 -57.51 -1.59 6.98
CA ILE T 440 -57.04 -2.46 8.06
C ILE T 440 -57.98 -3.65 8.22
N SER T 441 -59.29 -3.41 8.14
CA SER T 441 -60.26 -4.49 8.26
C SER T 441 -60.11 -5.49 7.12
N ARG T 442 -59.87 -4.99 5.91
CA ARG T 442 -59.69 -5.89 4.77
C ARG T 442 -58.45 -6.77 4.95
N PHE T 443 -57.37 -6.19 5.46
CA PHE T 443 -56.19 -7.00 5.76
C PHE T 443 -56.48 -8.05 6.83
N PHE T 444 -57.21 -7.64 7.88
CA PHE T 444 -57.53 -8.58 8.96
C PHE T 444 -58.39 -9.73 8.46
N VAL T 445 -59.30 -9.46 7.51
CA VAL T 445 -60.15 -10.53 7.00
C VAL T 445 -59.32 -11.61 6.32
N GLN T 446 -58.36 -11.21 5.49
CA GLN T 446 -57.49 -12.19 4.86
C GLN T 446 -56.64 -12.92 5.88
N LEU T 447 -56.14 -12.20 6.90
CA LEU T 447 -55.35 -12.87 7.93
C LEU T 447 -56.16 -13.94 8.65
N ALA T 448 -57.41 -13.61 9.02
CA ALA T 448 -58.25 -14.56 9.73
C ALA T 448 -58.64 -15.73 8.83
N ARG T 449 -58.88 -15.46 7.54
CA ARG T 449 -59.20 -16.54 6.62
C ARG T 449 -58.03 -17.51 6.47
N GLN T 450 -56.81 -16.98 6.39
CA GLN T 450 -55.64 -17.83 6.30
C GLN T 450 -55.42 -18.60 7.60
N MET T 451 -55.69 -17.98 8.74
CA MET T 451 -55.42 -18.63 10.02
C MET T 451 -56.33 -19.83 10.27
N LYS T 452 -57.48 -19.91 9.58
CA LYS T 452 -58.39 -21.03 9.80
C LYS T 452 -57.77 -22.34 9.36
N HIS T 453 -56.95 -22.32 8.31
CA HIS T 453 -56.31 -23.52 7.79
C HIS T 453 -55.02 -23.83 8.57
N SER T 454 -55.18 -24.01 9.87
CA SER T 454 -54.06 -24.21 10.77
C SER T 454 -54.37 -25.38 11.69
N PRO T 455 -53.36 -26.03 12.29
CA PRO T 455 -53.66 -27.19 13.16
C PRO T 455 -54.53 -26.83 14.35
N ASP T 456 -54.39 -25.62 14.89
CA ASP T 456 -55.22 -25.19 16.01
C ASP T 456 -56.48 -24.49 15.54
N GLY T 457 -56.34 -23.43 14.73
CA GLY T 457 -57.45 -22.66 14.25
C GLY T 457 -57.33 -21.22 14.74
N ILE T 458 -58.48 -20.59 14.95
CA ILE T 458 -58.51 -19.23 15.47
C ILE T 458 -58.23 -19.26 16.96
N THR T 459 -57.23 -18.50 17.39
CA THR T 459 -56.83 -18.47 18.80
C THR T 459 -56.49 -17.04 19.18
N ALA T 460 -56.76 -16.70 20.45
CA ALA T 460 -56.49 -15.35 20.93
C ALA T 460 -55.01 -15.01 20.86
N ALA T 461 -54.14 -15.96 21.20
CA ALA T 461 -52.71 -15.72 21.07
C ALA T 461 -52.32 -15.53 19.61
N GLY T 462 -52.92 -16.31 18.70
CA GLY T 462 -52.59 -16.17 17.29
C GLY T 462 -53.03 -14.84 16.71
N LEU T 463 -54.16 -14.31 17.18
CA LEU T 463 -54.73 -13.08 16.65
C LEU T 463 -54.02 -11.83 17.14
N THR T 464 -53.07 -11.96 18.06
CA THR T 464 -52.36 -10.77 18.55
C THR T 464 -51.08 -10.50 17.77
N LYS T 465 -50.32 -11.56 17.45
CA LYS T 465 -49.04 -11.36 16.77
C LYS T 465 -49.22 -10.76 15.38
N GLY T 466 -50.13 -11.34 14.59
CA GLY T 466 -50.35 -10.83 13.25
C GLY T 466 -50.88 -9.41 13.26
N MET T 467 -51.80 -9.11 14.17
CA MET T 467 -52.34 -7.76 14.25
C MET T 467 -51.26 -6.77 14.68
N THR T 468 -50.38 -7.16 15.60
CA THR T 468 -49.29 -6.28 15.98
C THR T 468 -48.38 -5.99 14.79
N LYS T 469 -48.06 -7.03 14.01
CA LYS T 469 -47.23 -6.81 12.82
C LYS T 469 -47.91 -5.87 11.84
N LEU T 470 -49.19 -6.09 11.58
CA LEU T 470 -49.92 -5.27 10.62
C LEU T 470 -50.00 -3.81 11.07
N LEU T 471 -50.32 -3.60 12.35
CA LEU T 471 -50.43 -2.24 12.86
C LEU T 471 -49.08 -1.55 12.91
N ASP T 472 -48.00 -2.30 13.17
CA ASP T 472 -46.66 -1.71 13.08
C ASP T 472 -46.37 -1.28 11.65
N ARG T 473 -46.78 -2.07 10.67
CA ARG T 473 -46.58 -1.68 9.28
C ARG T 473 -47.34 -0.40 8.95
N PHE T 474 -48.60 -0.29 9.41
CA PHE T 474 -49.34 0.95 9.19
C PHE T 474 -48.71 2.14 9.91
N VAL T 475 -48.17 1.92 11.11
CA VAL T 475 -47.48 3.00 11.81
C VAL T 475 -46.27 3.46 11.01
N ALA T 476 -45.51 2.50 10.46
CA ALA T 476 -44.35 2.86 9.66
C ALA T 476 -44.76 3.63 8.40
N SER T 477 -45.88 3.25 7.79
CA SER T 477 -46.32 3.94 6.58
C SER T 477 -46.73 5.38 6.84
N GLY T 478 -46.98 5.75 8.09
CA GLY T 478 -47.35 7.11 8.44
C GLY T 478 -48.82 7.36 8.65
N ALA T 479 -49.65 6.31 8.65
CA ALA T 479 -51.09 6.51 8.81
C ALA T 479 -51.46 6.84 10.25
N LEU T 480 -50.75 6.24 11.21
CA LEU T 480 -51.04 6.42 12.62
C LEU T 480 -49.96 7.29 13.27
N VAL T 481 -50.38 8.26 14.07
CA VAL T 481 -49.46 9.17 14.74
C VAL T 481 -49.76 9.18 16.23
N ALA T 482 -48.80 9.65 17.01
CA ALA T 482 -48.94 9.71 18.45
C ALA T 482 -50.01 10.74 18.84
N PRO T 483 -50.65 10.56 19.99
CA PRO T 483 -51.68 11.52 20.42
C PRO T 483 -51.09 12.90 20.62
N ARG T 484 -51.94 13.91 20.41
CA ARG T 484 -51.48 15.30 20.47
C ARG T 484 -51.01 15.68 21.86
N ASP T 485 -51.71 15.22 22.90
CA ASP T 485 -51.36 15.57 24.27
C ASP T 485 -50.67 14.40 24.95
N PRO T 486 -49.35 14.45 25.15
CA PRO T 486 -48.66 13.32 25.79
C PRO T 486 -48.97 13.16 27.27
N ASP T 487 -49.45 14.20 27.94
CA ASP T 487 -49.78 14.08 29.36
C ASP T 487 -51.04 13.25 29.56
N ALA T 488 -52.09 13.55 28.80
CA ALA T 488 -53.36 12.86 28.99
C ALA T 488 -53.30 11.43 28.47
N ASP T 489 -52.73 11.24 27.28
CA ASP T 489 -52.69 9.94 26.62
C ASP T 489 -51.26 9.46 26.46
N GLY T 490 -51.11 8.15 26.35
CA GLY T 490 -49.79 7.57 26.20
C GLY T 490 -49.18 7.88 24.84
N THR T 491 -47.88 7.65 24.74
CA THR T 491 -47.14 7.96 23.52
C THR T 491 -47.41 6.95 22.41
N GLU T 492 -47.99 5.80 22.73
CA GLU T 492 -48.18 4.77 21.72
C GLU T 492 -49.24 5.20 20.71
N PRO T 493 -49.03 4.95 19.41
CA PRO T 493 -50.07 5.32 18.43
C PRO T 493 -51.30 4.44 18.50
N TYR T 494 -51.12 3.14 18.76
CA TYR T 494 -52.24 2.20 18.81
C TYR T 494 -52.15 1.37 20.08
N VAL T 495 -53.31 0.97 20.58
CA VAL T 495 -53.41 0.16 21.80
C VAL T 495 -54.18 -1.10 21.46
N LEU T 496 -53.56 -2.24 21.67
CA LEU T 496 -54.16 -3.54 21.43
C LEU T 496 -54.27 -4.30 22.75
N LYS T 497 -55.48 -4.69 23.12
CA LYS T 497 -55.73 -5.34 24.40
C LYS T 497 -56.72 -6.47 24.24
N VAL T 498 -56.57 -7.49 25.07
CA VAL T 498 -57.43 -8.67 25.06
C VAL T 498 -57.96 -8.88 26.47
N THR T 499 -59.27 -9.12 26.60
CA THR T 499 -59.92 -9.24 27.89
C THR T 499 -60.67 -10.56 27.98
N GLN T 500 -60.96 -10.97 29.23
CA GLN T 500 -61.57 -12.25 29.52
C GLN T 500 -62.90 -12.01 30.25
N ALA T 501 -63.89 -12.86 29.96
CA ALA T 501 -65.19 -12.77 30.62
C ALA T 501 -65.81 -14.16 30.70
N GLU T 502 -65.78 -14.74 31.90
CA GLU T 502 -66.47 -16.00 32.25
C GLU T 502 -65.99 -17.19 31.44
N PHE T 503 -64.75 -17.18 30.94
CA PHE T 503 -64.15 -18.31 30.23
C PHE T 503 -64.84 -18.61 28.92
N ASP T 504 -65.93 -17.89 28.62
CA ASP T 504 -66.66 -18.16 27.39
C ASP T 504 -66.57 -16.98 26.43
N LYS T 505 -66.51 -15.77 26.96
CA LYS T 505 -66.49 -14.55 26.15
C LYS T 505 -65.06 -14.06 26.02
N TRP T 506 -64.57 -14.02 24.78
CA TRP T 506 -63.29 -13.40 24.45
C TRP T 506 -63.56 -12.09 23.74
N GLU T 507 -62.56 -11.22 23.71
CA GLU T 507 -62.72 -9.94 23.05
C GLU T 507 -61.35 -9.40 22.66
N VAL T 508 -61.19 -9.07 21.38
CA VAL T 508 -59.97 -8.46 20.86
C VAL T 508 -60.35 -7.12 20.27
N VAL T 509 -59.75 -6.05 20.79
CA VAL T 509 -60.04 -4.69 20.35
C VAL T 509 -58.73 -3.96 20.13
N TRP T 510 -58.69 -3.12 19.10
CA TRP T 510 -57.55 -2.25 18.85
C TRP T 510 -58.04 -0.85 18.55
N ALA T 511 -57.37 0.14 19.11
CA ALA T 511 -57.68 1.55 18.92
C ALA T 511 -56.59 2.21 18.10
N CYS T 512 -56.99 3.23 17.34
CA CYS T 512 -56.06 3.89 16.43
C CYS T 512 -56.24 5.41 16.52
N CYS T 513 -55.16 6.13 16.24
CA CYS T 513 -55.14 7.59 16.23
C CYS T 513 -54.73 8.05 14.84
N PRO T 514 -55.69 8.36 13.98
CA PRO T 514 -55.37 8.64 12.58
C PRO T 514 -54.66 9.98 12.40
N THR T 515 -54.00 10.10 11.24
CA THR T 515 -53.35 11.34 10.85
C THR T 515 -54.41 12.39 10.50
N GLY T 516 -54.07 13.66 10.76
CA GLY T 516 -54.94 14.77 10.45
C GLY T 516 -54.59 15.38 9.11
N VAL T 517 -55.53 16.14 8.56
CA VAL T 517 -55.34 16.85 7.30
C VAL T 517 -55.34 18.34 7.58
N ALA T 518 -54.68 19.11 6.72
CA ALA T 518 -54.59 20.56 6.85
C ALA T 518 -55.50 21.19 5.79
N ARG T 519 -56.58 21.82 6.24
CA ARG T 519 -57.55 22.37 5.29
C ARG T 519 -57.92 23.81 5.58
N ARG T 520 -57.78 24.26 6.83
CA ARG T 520 -58.10 25.64 7.20
C ARG T 520 -56.85 26.31 7.74
N ILE T 521 -56.48 27.43 7.13
CA ILE T 521 -55.29 28.20 7.52
C ILE T 521 -55.68 29.67 7.65
N GLN T 522 -55.14 30.33 8.67
CA GLN T 522 -55.41 31.74 8.90
C GLN T 522 -54.13 32.51 9.13
N GLY T 523 -54.03 33.70 8.56
CA GLY T 523 -52.90 34.58 8.77
C GLY T 523 -53.34 35.88 9.39
N VAL T 524 -52.53 36.42 10.29
CA VAL T 524 -52.86 37.62 11.04
C VAL T 524 -51.74 38.65 10.89
N PRO T 525 -51.82 39.56 9.93
CA PRO T 525 -50.78 40.59 9.80
C PRO T 525 -50.86 41.62 10.92
N LEU T 526 -49.70 42.15 11.29
CA LEU T 526 -49.60 43.19 12.29
C LEU T 526 -48.75 44.33 11.72
N LEU T 527 -48.53 45.36 12.53
CA LEU T 527 -47.74 46.51 12.14
C LEU T 527 -46.92 46.99 13.34
N ILE T 528 -45.62 47.16 13.13
CA ILE T 528 -44.74 47.61 14.20
C ILE T 528 -44.76 49.12 14.31
N GLN U 3 24.64 -10.63 -61.57
CA GLN U 3 23.57 -11.53 -61.98
C GLN U 3 24.07 -12.52 -63.02
N TYR U 4 23.23 -13.50 -63.34
CA TYR U 4 23.62 -14.58 -64.24
C TYR U 4 22.39 -15.04 -65.01
N SER U 5 22.51 -16.19 -65.68
CA SER U 5 21.45 -16.70 -66.54
C SER U 5 20.26 -17.18 -65.74
N ILE U 6 19.09 -17.15 -66.38
CA ILE U 6 17.84 -17.59 -65.78
C ILE U 6 17.20 -18.62 -66.69
N GLN U 7 16.80 -19.76 -66.14
CA GLN U 7 16.19 -20.82 -66.93
C GLN U 7 14.67 -20.66 -66.97
N GLN U 8 14.05 -21.34 -67.94
CA GLN U 8 12.61 -21.28 -68.11
C GLN U 8 11.88 -22.40 -67.37
N SER U 9 12.48 -23.58 -67.32
CA SER U 9 11.89 -24.73 -66.65
C SER U 9 12.93 -25.40 -65.77
N LEU U 10 12.44 -26.08 -64.73
CA LEU U 10 13.31 -26.75 -63.78
C LEU U 10 13.58 -28.18 -64.20
N GLY U 11 14.81 -28.64 -63.96
CA GLY U 11 15.18 -30.01 -64.21
C GLY U 11 15.49 -30.74 -62.91
N ASN U 12 16.74 -31.17 -62.76
CA ASN U 12 17.19 -31.79 -61.52
C ASN U 12 18.19 -30.95 -60.76
N ALA U 13 18.76 -29.91 -61.38
CA ALA U 13 19.72 -29.06 -60.72
C ALA U 13 19.02 -28.10 -59.77
N SER U 14 19.80 -27.51 -58.88
CA SER U 14 19.29 -26.56 -57.89
C SER U 14 19.34 -25.16 -58.49
N GLY U 15 18.18 -24.56 -58.69
CA GLY U 15 18.13 -23.24 -59.27
C GLY U 15 16.74 -22.67 -59.22
N VAL U 16 16.63 -21.42 -59.65
CA VAL U 16 15.37 -20.68 -59.70
C VAL U 16 15.04 -20.41 -61.16
N ALA U 17 13.83 -20.76 -61.58
CA ALA U 17 13.41 -20.62 -62.96
C ALA U 17 12.16 -19.76 -63.06
N VAL U 18 12.07 -18.96 -64.11
CA VAL U 18 10.91 -18.10 -64.38
C VAL U 18 10.39 -18.44 -65.76
N SER U 19 9.12 -18.80 -65.84
CA SER U 19 8.48 -19.12 -67.10
C SER U 19 8.18 -17.84 -67.89
N PRO U 20 8.04 -17.95 -69.21
CA PRO U 20 7.74 -16.76 -70.00
C PRO U 20 6.42 -16.12 -69.63
N ILE U 21 6.31 -14.81 -69.84
CA ILE U 21 5.11 -14.08 -69.48
C ILE U 21 3.93 -14.60 -70.28
N ASN U 22 2.81 -14.81 -69.60
CA ASN U 22 1.58 -15.27 -70.23
C ASN U 22 0.60 -14.12 -70.35
N ALA U 23 0.11 -13.90 -71.57
CA ALA U 23 -0.78 -12.76 -71.81
C ALA U 23 -2.16 -12.98 -71.21
N ASP U 24 -2.62 -14.22 -71.15
CA ASP U 24 -3.94 -14.52 -70.61
C ASP U 24 -3.90 -15.76 -69.72
N ALA U 25 -4.44 -15.62 -68.51
CA ALA U 25 -4.56 -16.70 -67.52
C ALA U 25 -5.33 -16.14 -66.33
N THR U 26 -5.76 -17.05 -65.46
CA THR U 26 -6.54 -16.67 -64.28
C THR U 26 -5.97 -17.37 -63.05
N LEU U 27 -5.89 -16.62 -61.95
CA LEU U 27 -5.40 -17.13 -60.68
C LEU U 27 -6.57 -17.21 -59.71
N SER U 28 -6.72 -18.36 -59.05
CA SER U 28 -7.80 -18.61 -58.11
C SER U 28 -7.26 -19.15 -56.81
N THR U 29 -7.78 -18.65 -55.69
CA THR U 29 -7.40 -19.10 -54.35
C THR U 29 -8.60 -19.72 -53.67
N GLY U 30 -8.38 -20.85 -53.00
CA GLY U 30 -9.44 -21.60 -52.37
C GLY U 30 -9.22 -21.80 -50.88
N VAL U 31 -10.25 -22.36 -50.25
CA VAL U 31 -10.24 -22.64 -48.81
C VAL U 31 -11.21 -23.79 -48.56
N ALA U 32 -10.98 -24.53 -47.48
CA ALA U 32 -11.74 -25.72 -47.17
C ALA U 32 -12.56 -25.53 -45.90
N LEU U 33 -13.79 -26.05 -45.90
CA LEU U 33 -14.67 -26.00 -44.75
C LEU U 33 -15.69 -27.12 -44.87
N ASN U 34 -16.12 -27.65 -43.72
CA ASN U 34 -16.99 -28.82 -43.67
C ASN U 34 -18.12 -28.60 -42.68
N SER U 35 -18.76 -27.42 -42.73
CA SER U 35 -19.89 -27.16 -41.84
C SER U 35 -21.11 -27.98 -42.23
N SER U 36 -21.46 -27.98 -43.52
CA SER U 36 -22.61 -28.72 -44.01
C SER U 36 -22.26 -29.31 -45.37
N LEU U 37 -22.66 -30.56 -45.59
CA LEU U 37 -22.31 -31.30 -46.79
C LEU U 37 -23.53 -31.41 -47.69
N TRP U 38 -23.35 -31.08 -48.97
CA TRP U 38 -24.43 -31.16 -49.94
C TRP U 38 -24.23 -32.33 -50.89
N ALA U 39 -25.17 -32.49 -51.83
CA ALA U 39 -25.12 -33.58 -52.79
C ALA U 39 -25.89 -33.17 -54.04
N GLY U 40 -25.65 -33.88 -55.12
CA GLY U 40 -26.32 -33.56 -56.37
C GLY U 40 -25.92 -34.51 -57.47
N ILE U 41 -26.39 -34.20 -58.68
CA ILE U 41 -26.13 -35.01 -59.87
C ILE U 41 -25.90 -34.07 -61.04
N GLY U 42 -24.90 -34.40 -61.86
CA GLY U 42 -24.61 -33.56 -63.01
C GLY U 42 -23.81 -34.30 -64.06
N VAL U 43 -23.54 -33.60 -65.15
CA VAL U 43 -22.74 -34.11 -66.27
C VAL U 43 -21.52 -33.22 -66.42
N PHE U 44 -20.33 -33.83 -66.42
CA PHE U 44 -19.09 -33.06 -66.49
C PHE U 44 -18.14 -33.62 -67.54
N ALA U 45 -16.92 -33.12 -67.59
CA ALA U 45 -15.96 -33.55 -68.60
C ALA U 45 -15.37 -34.90 -68.28
N ARG U 46 -14.71 -35.02 -67.12
CA ARG U 46 -14.04 -36.26 -66.74
C ARG U 46 -14.33 -36.57 -65.27
N GLY U 47 -14.24 -37.84 -64.94
CA GLY U 47 -14.51 -38.34 -63.61
C GLY U 47 -15.03 -39.76 -63.69
N LYS U 48 -14.80 -40.52 -62.62
CA LYS U 48 -15.26 -41.89 -62.59
C LYS U 48 -16.78 -41.93 -62.55
N PRO U 49 -17.44 -42.54 -63.52
CA PRO U 49 -18.91 -42.48 -63.57
C PRO U 49 -19.56 -43.39 -62.54
N PHE U 50 -20.72 -42.95 -62.05
CA PHE U 50 -21.58 -43.72 -61.16
C PHE U 50 -20.86 -44.12 -59.87
N THR U 51 -19.97 -43.26 -59.38
CA THR U 51 -19.35 -43.44 -58.07
C THR U 51 -19.36 -42.10 -57.35
N VAL U 52 -19.47 -42.15 -56.03
CA VAL U 52 -19.53 -40.93 -55.23
C VAL U 52 -18.15 -40.28 -55.20
N LEU U 53 -18.09 -39.01 -55.56
CA LEU U 53 -16.85 -38.25 -55.58
C LEU U 53 -16.94 -37.09 -54.61
N ALA U 54 -15.90 -36.94 -53.77
CA ALA U 54 -15.84 -35.85 -52.80
C ALA U 54 -15.01 -34.72 -53.37
N VAL U 55 -15.59 -33.53 -53.46
CA VAL U 55 -14.95 -32.38 -54.08
C VAL U 55 -14.89 -31.23 -53.07
N THR U 56 -13.72 -30.60 -52.99
CA THR U 56 -13.53 -29.39 -52.20
C THR U 56 -13.24 -28.23 -53.15
N GLU U 57 -12.99 -27.06 -52.56
CA GLU U 57 -12.73 -25.87 -53.37
C GLU U 57 -11.44 -25.98 -54.17
N SER U 58 -10.45 -26.72 -53.68
CA SER U 58 -9.19 -26.87 -54.38
C SER U 58 -9.14 -28.12 -55.26
N ASN U 59 -10.19 -28.95 -55.27
CA ASN U 59 -10.20 -30.16 -56.06
C ASN U 59 -11.23 -30.17 -57.18
N TYR U 60 -12.15 -29.21 -57.20
CA TYR U 60 -13.23 -29.25 -58.18
C TYR U 60 -12.75 -29.01 -59.60
N GLU U 61 -11.49 -28.61 -59.79
CA GLU U 61 -10.91 -28.50 -61.12
C GLU U 61 -10.16 -29.77 -61.53
N ASP U 62 -9.35 -30.31 -60.63
CA ASP U 62 -8.66 -31.56 -60.91
C ASP U 62 -9.65 -32.73 -60.95
N VAL U 63 -10.32 -33.00 -59.82
CA VAL U 63 -11.51 -33.81 -59.86
C VAL U 63 -12.55 -33.03 -60.68
N LEU U 64 -13.51 -33.74 -61.25
CA LEU U 64 -14.39 -33.16 -62.28
C LEU U 64 -13.44 -32.73 -63.42
N GLY U 65 -13.66 -31.59 -64.05
CA GLY U 65 -12.76 -31.21 -65.12
C GLY U 65 -12.89 -29.75 -65.47
N GLU U 66 -12.23 -29.36 -66.55
CA GLU U 66 -12.35 -28.02 -67.06
C GLU U 66 -13.79 -27.76 -67.48
N PRO U 67 -14.36 -26.60 -67.16
CA PRO U 67 -15.77 -26.35 -67.49
C PRO U 67 -16.02 -26.44 -68.98
N LEU U 68 -17.16 -27.02 -69.34
CA LEU U 68 -17.54 -27.17 -70.74
C LEU U 68 -18.00 -25.85 -71.32
N LYS U 69 -17.68 -25.64 -72.59
CA LYS U 69 -17.99 -24.37 -73.23
C LYS U 69 -19.50 -24.22 -73.42
N PRO U 70 -20.03 -23.02 -73.20
CA PRO U 70 -21.48 -22.82 -73.39
C PRO U 70 -21.95 -22.98 -74.81
N SER U 71 -21.04 -22.92 -75.79
CA SER U 71 -21.45 -23.07 -77.19
C SER U 71 -21.93 -24.48 -77.48
N SER U 72 -21.47 -25.47 -76.70
CA SER U 72 -21.96 -26.83 -76.88
C SER U 72 -23.44 -26.94 -76.55
N GLY U 73 -23.88 -26.31 -75.46
CA GLY U 73 -25.28 -26.23 -75.15
C GLY U 73 -25.78 -27.23 -74.13
N SER U 74 -26.38 -26.73 -73.05
CA SER U 74 -27.05 -27.52 -72.01
C SER U 74 -26.11 -28.46 -71.26
N GLN U 75 -24.81 -28.37 -71.51
CA GLN U 75 -23.83 -29.20 -70.82
C GLN U 75 -23.00 -28.41 -69.82
N PHE U 76 -23.30 -27.13 -69.62
CA PHE U 76 -22.47 -26.26 -68.81
C PHE U 76 -23.10 -25.86 -67.48
N GLU U 77 -24.41 -26.04 -67.32
CA GLU U 77 -25.06 -25.63 -66.08
C GLU U 77 -24.54 -26.35 -64.84
N PRO U 78 -24.36 -27.67 -64.81
CA PRO U 78 -23.98 -28.33 -63.55
C PRO U 78 -22.68 -27.82 -62.95
N ILE U 79 -21.67 -27.54 -63.76
CA ILE U 79 -20.40 -27.08 -63.19
C ILE U 79 -20.55 -25.68 -62.61
N ARG U 80 -21.37 -24.83 -63.25
CA ARG U 80 -21.62 -23.50 -62.70
C ARG U 80 -22.35 -23.61 -61.37
N HIS U 81 -23.35 -24.51 -61.28
CA HIS U 81 -24.05 -24.69 -60.01
C HIS U 81 -23.10 -25.19 -58.93
N VAL U 82 -22.23 -26.15 -59.28
CA VAL U 82 -21.28 -26.68 -58.31
C VAL U 82 -20.33 -25.58 -57.83
N TYR U 83 -19.85 -24.75 -58.75
CA TYR U 83 -18.95 -23.66 -58.37
C TYR U 83 -19.65 -22.67 -57.45
N GLU U 84 -20.91 -22.33 -57.75
CA GLU U 84 -21.63 -21.41 -56.89
C GLU U 84 -21.86 -21.99 -55.50
N ALA U 85 -22.19 -23.28 -55.42
CA ALA U 85 -22.51 -23.89 -54.14
C ALA U 85 -21.26 -24.19 -53.32
N ILE U 86 -20.10 -24.39 -53.96
CA ILE U 86 -18.93 -24.89 -53.25
C ILE U 86 -18.16 -23.79 -52.54
N GLN U 87 -18.51 -22.52 -52.76
CA GLN U 87 -17.82 -21.44 -52.07
C GLN U 87 -18.11 -21.41 -50.58
N GLN U 88 -19.11 -22.14 -50.12
CA GLN U 88 -19.37 -22.23 -48.68
C GLN U 88 -18.73 -23.48 -48.09
N THR U 89 -19.15 -24.66 -48.53
CA THR U 89 -18.64 -25.92 -48.00
C THR U 89 -18.55 -26.95 -49.11
N SER U 90 -17.88 -28.05 -48.82
CA SER U 90 -17.68 -29.12 -49.79
C SER U 90 -18.93 -30.01 -49.87
N GLY U 91 -18.86 -31.01 -50.73
CA GLY U 91 -20.00 -31.88 -50.93
C GLY U 91 -19.62 -33.12 -51.73
N TYR U 92 -20.65 -33.82 -52.20
CA TYR U 92 -20.49 -35.06 -52.96
C TYR U 92 -21.26 -34.97 -54.27
N VAL U 93 -20.70 -35.55 -55.31
CA VAL U 93 -21.28 -35.50 -56.66
C VAL U 93 -21.20 -36.88 -57.30
N VAL U 94 -22.25 -37.26 -58.01
CA VAL U 94 -22.30 -38.50 -58.78
C VAL U 94 -22.45 -38.14 -60.24
N ARG U 95 -21.60 -38.73 -61.09
CA ARG U 95 -21.56 -38.40 -62.51
C ARG U 95 -22.39 -39.37 -63.32
N ALA U 96 -23.16 -38.84 -64.27
CA ALA U 96 -23.97 -39.62 -65.18
C ALA U 96 -23.43 -39.46 -66.60
N VAL U 97 -23.35 -40.57 -67.33
CA VAL U 97 -22.73 -40.56 -68.65
C VAL U 97 -23.64 -41.31 -69.63
N PRO U 98 -23.72 -40.88 -70.89
CA PRO U 98 -24.54 -41.61 -71.87
C PRO U 98 -23.96 -42.99 -72.16
N ASP U 99 -24.79 -43.81 -72.81
CA ASP U 99 -24.42 -45.19 -73.07
C ASP U 99 -23.24 -45.30 -74.04
N ASP U 100 -23.21 -44.44 -75.06
CA ASP U 100 -22.16 -44.52 -76.07
C ASP U 100 -20.88 -43.84 -75.61
N ALA U 101 -20.37 -44.24 -74.44
CA ALA U 101 -19.14 -43.71 -73.89
C ALA U 101 -18.14 -44.84 -73.71
N LYS U 102 -16.89 -44.59 -74.06
CA LYS U 102 -15.84 -45.60 -74.00
C LYS U 102 -14.58 -45.01 -73.39
N PHE U 103 -13.76 -45.90 -72.83
CA PHE U 103 -12.46 -45.53 -72.29
C PHE U 103 -11.35 -46.30 -73.00
N PRO U 104 -10.21 -45.67 -73.25
CA PRO U 104 -9.15 -46.32 -74.03
C PRO U 104 -8.41 -47.37 -73.21
N ILE U 105 -7.69 -48.22 -73.93
CA ILE U 105 -6.93 -49.31 -73.33
C ILE U 105 -5.89 -49.78 -74.34
N ILE U 106 -4.72 -50.14 -73.84
CA ILE U 106 -3.62 -50.63 -74.68
C ILE U 106 -3.22 -52.01 -74.19
N MET U 107 -3.20 -52.98 -75.11
CA MET U 107 -2.75 -54.32 -74.80
C MET U 107 -1.33 -54.52 -75.33
N PHE U 108 -0.56 -55.35 -74.62
CA PHE U 108 0.84 -55.59 -74.93
C PHE U 108 1.05 -57.05 -75.30
N ASP U 109 1.75 -57.27 -76.41
CA ASP U 109 2.11 -58.62 -76.85
C ASP U 109 3.30 -59.14 -76.05
N GLU U 110 3.56 -60.43 -76.20
CA GLU U 110 4.72 -61.04 -75.52
C GLU U 110 6.02 -60.41 -76.01
N SER U 111 6.12 -60.15 -77.32
CA SER U 111 7.29 -59.45 -77.83
C SER U 111 7.37 -58.03 -77.29
N GLY U 112 6.24 -57.34 -77.19
CA GLY U 112 6.21 -56.03 -76.59
C GLY U 112 5.48 -54.96 -77.41
N GLU U 113 4.91 -55.37 -78.54
CA GLU U 113 4.21 -54.40 -79.38
C GLU U 113 2.84 -54.06 -78.80
N PRO U 114 2.37 -52.83 -78.99
CA PRO U 114 1.08 -52.43 -78.43
C PRO U 114 -0.07 -52.59 -79.43
N ALA U 115 -1.26 -52.73 -78.87
CA ALA U 115 -2.50 -52.79 -79.63
C ALA U 115 -3.55 -51.95 -78.94
N TYR U 116 -4.20 -51.06 -79.68
CA TYR U 116 -5.15 -50.11 -79.11
C TYR U 116 -6.59 -50.56 -79.34
N SER U 117 -7.45 -50.22 -78.39
CA SER U 117 -8.88 -50.48 -78.51
C SER U 117 -9.61 -49.64 -77.47
N ALA U 118 -10.93 -49.81 -77.40
CA ALA U 118 -11.76 -49.12 -76.43
C ALA U 118 -12.96 -49.99 -76.08
N LEU U 119 -13.48 -49.80 -74.88
CA LEU U 119 -14.61 -50.58 -74.39
C LEU U 119 -15.57 -49.68 -73.62
N PRO U 120 -16.85 -50.05 -73.56
CA PRO U 120 -17.79 -49.27 -72.75
C PRO U 120 -17.49 -49.37 -71.26
N TYR U 121 -17.99 -48.39 -70.52
CA TYR U 121 -17.67 -48.29 -69.09
C TYR U 121 -18.19 -49.50 -68.31
N GLY U 122 -19.37 -49.99 -68.68
CA GLY U 122 -19.92 -51.13 -67.96
C GLY U 122 -19.13 -52.41 -68.16
N SER U 123 -18.58 -52.59 -69.36
CA SER U 123 -17.91 -53.84 -69.70
C SER U 123 -16.63 -54.02 -68.89
N GLU U 124 -16.23 -55.28 -68.75
CA GLU U 124 -15.01 -55.65 -68.04
C GLU U 124 -14.01 -56.25 -69.03
N ILE U 125 -12.73 -56.00 -68.78
CA ILE U 125 -11.67 -56.32 -69.73
C ILE U 125 -11.39 -57.82 -69.69
N GLU U 126 -11.34 -58.44 -70.87
CA GLU U 126 -10.95 -59.84 -71.01
C GLU U 126 -9.72 -59.91 -71.90
N LEU U 127 -8.67 -60.55 -71.42
CA LEU U 127 -7.40 -60.61 -72.12
C LEU U 127 -7.41 -61.77 -73.12
N ASP U 128 -7.17 -61.45 -74.38
CA ASP U 128 -7.07 -62.48 -75.41
C ASP U 128 -5.80 -63.30 -75.22
N SER U 129 -5.86 -64.56 -75.65
CA SER U 129 -4.68 -65.41 -75.63
C SER U 129 -3.62 -64.83 -76.56
N GLY U 130 -2.36 -64.96 -76.14
CA GLY U 130 -1.27 -64.33 -76.86
C GLY U 130 -0.95 -62.92 -76.40
N GLU U 131 -1.70 -62.37 -75.45
CA GLU U 131 -1.45 -61.06 -74.89
C GLU U 131 -1.10 -61.21 -73.41
N ALA U 132 -0.05 -60.49 -72.99
CA ALA U 132 0.46 -60.62 -71.64
C ALA U 132 -0.30 -59.74 -70.65
N PHE U 133 -0.35 -58.44 -70.90
CA PHE U 133 -0.96 -57.50 -69.97
C PHE U 133 -1.53 -56.31 -70.74
N ALA U 134 -2.46 -55.61 -70.09
CA ALA U 134 -3.08 -54.43 -70.67
C ALA U 134 -3.11 -53.31 -69.65
N ILE U 135 -3.03 -52.08 -70.13
CA ILE U 135 -3.10 -50.88 -69.31
C ILE U 135 -4.21 -49.99 -69.84
N TYR U 136 -5.10 -49.55 -68.96
CA TYR U 136 -6.21 -48.67 -69.33
C TYR U 136 -6.26 -47.49 -68.38
N VAL U 137 -7.25 -46.62 -68.59
CA VAL U 137 -7.40 -45.39 -67.83
C VAL U 137 -8.58 -45.56 -66.87
N ASP U 138 -8.28 -45.52 -65.57
CA ASP U 138 -9.35 -45.63 -64.57
C ASP U 138 -10.23 -44.40 -64.54
N ASP U 139 -9.62 -43.21 -64.59
CA ASP U 139 -10.38 -41.98 -64.62
C ASP U 139 -11.23 -41.90 -65.88
N GLY U 140 -12.49 -41.48 -65.72
CA GLY U 140 -13.38 -41.36 -66.86
C GLY U 140 -13.06 -40.16 -67.72
N ASP U 141 -11.84 -40.09 -68.21
CA ASP U 141 -11.36 -38.94 -68.99
C ASP U 141 -11.06 -39.36 -70.42
N PRO U 142 -11.90 -39.01 -71.40
CA PRO U 142 -11.50 -39.19 -72.79
C PRO U 142 -10.28 -38.34 -73.10
N CYS U 143 -9.39 -38.88 -73.94
CA CYS U 143 -8.14 -38.22 -74.29
C CYS U 143 -8.26 -37.51 -75.63
N ILE U 144 -9.40 -36.91 -75.93
CA ILE U 144 -9.62 -36.32 -77.25
C ILE U 144 -8.79 -35.05 -77.40
N SER U 145 -9.09 -34.02 -76.61
CA SER U 145 -8.36 -32.77 -76.77
C SER U 145 -7.00 -32.80 -76.08
N PRO U 146 -6.89 -33.19 -74.79
CA PRO U 146 -5.55 -33.38 -74.22
C PRO U 146 -5.05 -34.80 -74.46
N THR U 147 -3.98 -34.94 -75.24
CA THR U 147 -3.49 -36.26 -75.58
C THR U 147 -2.55 -36.77 -74.49
N ARG U 148 -2.73 -38.04 -74.13
CA ARG U 148 -1.93 -38.69 -73.10
C ARG U 148 -1.08 -39.78 -73.74
N GLU U 149 0.22 -39.74 -73.48
CA GLU U 149 1.17 -40.67 -74.09
C GLU U 149 1.84 -41.51 -73.01
N LEU U 150 2.26 -42.70 -73.40
CA LEU U 150 2.91 -43.66 -72.52
C LEU U 150 4.31 -43.96 -73.04
N THR U 151 5.30 -43.91 -72.15
CA THR U 151 6.69 -44.14 -72.50
C THR U 151 7.26 -45.25 -71.63
N ILE U 152 8.02 -46.16 -72.24
CA ILE U 152 8.62 -47.29 -71.55
C ILE U 152 10.12 -47.28 -71.81
N GLU U 153 10.91 -47.41 -70.75
CA GLU U 153 12.34 -47.59 -70.85
C GLU U 153 12.82 -48.50 -69.72
N THR U 154 13.98 -49.09 -69.90
CA THR U 154 14.50 -50.05 -68.95
C THR U 154 15.24 -49.35 -67.81
N ALA U 155 15.36 -50.07 -66.70
CA ALA U 155 16.04 -49.57 -65.51
C ALA U 155 16.96 -50.67 -64.98
N THR U 156 17.71 -50.34 -63.93
CA THR U 156 18.62 -51.30 -63.34
C THR U 156 17.85 -52.44 -62.71
N ALA U 157 18.42 -53.65 -62.80
CA ALA U 157 17.76 -54.83 -62.27
C ALA U 157 17.72 -54.78 -60.75
N ASP U 158 16.85 -55.62 -60.18
CA ASP U 158 16.68 -55.67 -58.74
C ASP U 158 17.89 -56.30 -58.08
N SER U 159 17.98 -56.12 -56.75
CA SER U 159 19.06 -56.72 -55.99
C SER U 159 19.00 -58.25 -56.06
N ALA U 160 17.80 -58.82 -55.98
CA ALA U 160 17.64 -60.26 -56.05
C ALA U 160 17.79 -60.80 -57.47
N GLY U 161 17.82 -59.94 -58.48
CA GLY U 161 17.96 -60.36 -59.86
C GLY U 161 16.74 -60.14 -60.72
N ASN U 162 15.62 -59.69 -60.15
CA ASN U 162 14.42 -59.43 -60.94
C ASN U 162 14.63 -58.22 -61.84
N GLU U 163 13.97 -58.23 -62.99
CA GLU U 163 14.03 -57.11 -63.91
C GLU U 163 12.87 -56.15 -63.67
N ARG U 164 13.09 -54.90 -64.07
CA ARG U 164 12.07 -53.86 -63.92
C ARG U 164 12.33 -52.77 -64.95
N PHE U 165 11.32 -51.91 -65.13
CA PHE U 165 11.38 -50.88 -66.15
C PHE U 165 10.62 -49.65 -65.65
N LEU U 166 10.84 -48.53 -66.31
CA LEU U 166 10.23 -47.26 -65.95
C LEU U 166 8.99 -47.01 -66.79
N LEU U 167 7.89 -46.67 -66.14
CA LEU U 167 6.65 -46.32 -66.81
C LEU U 167 6.34 -44.85 -66.53
N LYS U 168 6.20 -44.06 -67.59
CA LYS U 168 6.00 -42.63 -67.46
C LYS U 168 4.76 -42.21 -68.25
N LEU U 169 4.03 -41.25 -67.69
CA LEU U 169 2.84 -40.70 -68.31
C LEU U 169 3.08 -39.24 -68.65
N THR U 170 2.69 -38.83 -69.86
CA THR U 170 2.89 -37.47 -70.33
C THR U 170 1.60 -36.94 -70.93
N GLN U 171 1.46 -35.62 -70.90
CA GLN U 171 0.28 -34.94 -71.41
C GLN U 171 0.70 -33.92 -72.44
N THR U 172 0.09 -33.96 -73.62
CA THR U 172 0.38 -33.03 -74.69
C THR U 172 -0.91 -32.32 -75.12
N THR U 173 -0.84 -31.01 -75.24
CA THR U 173 -1.99 -30.23 -75.67
C THR U 173 -2.10 -30.24 -77.20
N SER U 174 -3.12 -29.55 -77.71
CA SER U 174 -3.29 -29.45 -79.15
C SER U 174 -2.16 -28.63 -79.79
N LEU U 175 -1.73 -27.57 -79.10
CA LEU U 175 -0.67 -26.73 -79.65
C LEU U 175 0.65 -27.48 -79.77
N GLY U 176 1.00 -28.27 -78.76
CA GLY U 176 2.25 -29.02 -78.80
C GLY U 176 3.04 -28.95 -77.51
N VAL U 177 2.48 -28.29 -76.49
CA VAL U 177 3.16 -28.19 -75.20
C VAL U 177 3.07 -29.53 -74.49
N VAL U 178 4.21 -30.06 -74.07
CA VAL U 178 4.31 -31.37 -73.46
C VAL U 178 4.67 -31.20 -71.99
N THR U 179 3.95 -31.88 -71.11
CA THR U 179 4.20 -31.86 -69.68
C THR U 179 4.24 -33.28 -69.15
N THR U 180 4.82 -33.43 -67.96
CA THR U 180 4.99 -34.73 -67.32
C THR U 180 3.97 -34.89 -66.20
N LEU U 181 3.30 -36.04 -66.18
CA LEU U 181 2.27 -36.30 -65.18
C LEU U 181 2.75 -37.22 -64.06
N GLU U 182 3.19 -38.43 -64.40
CA GLU U 182 3.56 -39.42 -63.39
C GLU U 182 4.73 -40.26 -63.89
N THR U 183 5.49 -40.82 -62.94
CA THR U 183 6.55 -41.77 -63.23
C THR U 183 6.49 -42.89 -62.20
N HIS U 184 6.84 -44.10 -62.64
CA HIS U 184 6.82 -45.26 -61.76
C HIS U 184 7.92 -46.23 -62.16
N THR U 185 8.36 -47.03 -61.20
CA THR U 185 9.22 -48.18 -61.45
C THR U 185 8.41 -49.44 -61.14
N VAL U 186 8.13 -50.24 -62.15
CA VAL U 186 7.26 -51.41 -62.02
C VAL U 186 7.98 -52.62 -62.59
N SER U 187 7.73 -53.78 -61.99
CA SER U 187 8.35 -55.03 -62.38
C SER U 187 7.26 -56.06 -62.72
N LEU U 188 7.51 -56.84 -63.77
CA LEU U 188 6.57 -57.89 -64.15
C LEU U 188 6.63 -59.08 -63.20
N ALA U 189 7.74 -59.25 -62.49
CA ALA U 189 7.87 -60.36 -61.55
C ALA U 189 6.97 -60.17 -60.34
N GLU U 190 6.41 -61.27 -59.85
CA GLU U 190 5.48 -61.19 -58.71
C GLU U 190 6.17 -60.72 -57.45
N GLU U 191 7.37 -61.23 -57.18
CA GLU U 191 8.11 -60.91 -55.95
C GLU U 191 9.27 -60.00 -56.34
N ALA U 192 9.01 -58.69 -56.36
CA ALA U 192 10.03 -57.70 -56.63
C ALA U 192 9.82 -56.53 -55.68
N LYS U 193 10.89 -55.80 -55.40
CA LYS U 193 10.86 -54.70 -54.46
C LYS U 193 11.50 -53.46 -55.07
N ASP U 194 11.01 -52.30 -54.66
CA ASP U 194 11.51 -51.02 -55.15
C ASP U 194 12.77 -50.63 -54.40
N ASP U 195 13.38 -49.52 -54.82
CA ASP U 195 14.51 -48.98 -54.09
C ASP U 195 14.09 -48.56 -52.68
N MET U 196 12.90 -47.98 -52.56
CA MET U 196 12.38 -47.55 -51.26
C MET U 196 11.78 -48.69 -50.46
N GLY U 197 11.73 -49.89 -51.00
CA GLY U 197 11.21 -51.05 -50.30
C GLY U 197 9.79 -51.43 -50.68
N ARG U 198 9.10 -50.60 -51.45
CA ARG U 198 7.74 -50.90 -51.86
C ARG U 198 7.73 -51.98 -52.93
N LEU U 199 6.56 -52.59 -53.13
CA LEU U 199 6.39 -53.60 -54.16
C LEU U 199 6.29 -52.96 -55.54
N CYS U 200 6.73 -53.70 -56.55
CA CYS U 200 6.71 -53.22 -57.92
C CYS U 200 5.85 -54.07 -58.85
N TYR U 201 5.04 -54.97 -58.31
CA TYR U 201 4.11 -55.71 -59.16
C TYR U 201 3.16 -54.73 -59.83
N LEU U 202 3.01 -54.85 -61.14
CA LEU U 202 2.35 -53.80 -61.91
C LEU U 202 0.93 -53.51 -61.46
N PRO U 203 0.03 -54.50 -61.32
CA PRO U 203 -1.32 -54.17 -60.83
C PRO U 203 -1.33 -53.57 -59.43
N THR U 204 -0.56 -54.15 -58.51
CA THR U 204 -0.55 -53.64 -57.14
C THR U 204 0.01 -52.23 -57.07
N ALA U 205 1.13 -51.99 -57.77
CA ALA U 205 1.72 -50.66 -57.75
C ALA U 205 0.78 -49.62 -58.36
N LEU U 206 0.13 -49.96 -59.48
CA LEU U 206 -0.78 -49.02 -60.11
C LEU U 206 -1.99 -48.75 -59.22
N GLU U 207 -2.51 -49.78 -58.56
CA GLU U 207 -3.63 -49.55 -57.64
C GLU U 207 -3.21 -48.72 -56.45
N ALA U 208 -1.96 -48.86 -55.99
CA ALA U 208 -1.54 -48.17 -54.79
C ALA U 208 -1.20 -46.70 -55.06
N ARG U 209 -0.21 -46.45 -55.91
CA ARG U 209 0.35 -45.11 -56.02
C ARG U 209 0.13 -44.48 -57.40
N SER U 210 -1.06 -44.65 -57.97
CA SER U 210 -1.40 -44.01 -59.22
C SER U 210 -2.88 -43.67 -59.24
N LYS U 211 -3.20 -42.45 -59.71
CA LYS U 211 -4.58 -42.00 -59.80
C LYS U 211 -5.07 -41.88 -61.23
N TYR U 212 -4.28 -42.29 -62.22
CA TYR U 212 -4.67 -42.17 -63.62
C TYR U 212 -4.86 -43.52 -64.31
N LEU U 213 -4.02 -44.50 -64.02
CA LEU U 213 -3.97 -45.74 -64.79
C LEU U 213 -4.16 -46.95 -63.89
N ARG U 214 -4.60 -48.04 -64.51
CA ARG U 214 -4.66 -49.35 -63.88
C ARG U 214 -4.19 -50.39 -64.89
N ALA U 215 -3.98 -51.62 -64.41
CA ALA U 215 -3.47 -52.67 -65.28
C ALA U 215 -4.13 -54.00 -64.96
N VAL U 216 -4.20 -54.85 -65.97
CA VAL U 216 -4.73 -56.21 -65.84
C VAL U 216 -3.76 -57.15 -66.55
N VAL U 217 -3.39 -58.24 -65.87
CA VAL U 217 -2.39 -59.17 -66.39
C VAL U 217 -3.03 -60.54 -66.61
N ASN U 218 -2.45 -61.29 -67.54
CA ASN U 218 -2.84 -62.68 -67.78
C ASN U 218 -1.90 -63.58 -67.00
N GLU U 219 -2.46 -64.32 -66.03
CA GLU U 219 -1.63 -65.09 -65.11
C GLU U 219 -0.85 -66.19 -65.82
N GLU U 220 -1.48 -66.84 -66.80
CA GLU U 220 -0.86 -68.00 -67.43
C GLU U 220 0.42 -67.63 -68.17
N LEU U 221 0.41 -66.52 -68.92
CA LEU U 221 1.52 -66.17 -69.81
C LEU U 221 2.37 -65.03 -69.29
N ILE U 222 2.16 -64.60 -68.04
CA ILE U 222 2.93 -63.46 -67.52
C ILE U 222 4.39 -63.82 -67.34
N SER U 223 4.69 -65.09 -67.06
CA SER U 223 6.05 -65.48 -66.68
C SER U 223 7.04 -65.23 -67.82
N THR U 224 6.72 -65.72 -69.02
CA THR U 224 7.63 -65.62 -70.15
C THR U 224 7.29 -64.41 -71.03
N ALA U 225 7.41 -63.23 -70.44
CA ALA U 225 7.08 -61.98 -71.10
C ALA U 225 8.28 -61.04 -71.09
N LYS U 226 8.48 -60.33 -72.19
CA LYS U 226 9.58 -59.38 -72.32
C LYS U 226 9.04 -58.02 -72.73
N VAL U 227 9.67 -56.96 -72.23
CA VAL U 227 9.28 -55.59 -72.51
C VAL U 227 10.49 -54.85 -73.07
N THR U 228 10.28 -54.15 -74.19
CA THR U 228 11.33 -53.39 -74.83
C THR U 228 10.99 -51.90 -74.80
N ASN U 229 12.03 -51.08 -74.96
CA ASN U 229 11.84 -49.64 -74.91
C ASN U 229 10.95 -49.17 -76.03
N LYS U 230 9.98 -48.33 -75.71
CA LYS U 230 9.05 -47.77 -76.68
C LYS U 230 8.93 -46.27 -76.46
N LYS U 231 8.73 -45.54 -77.55
CA LYS U 231 8.54 -44.10 -77.48
C LYS U 231 7.09 -43.81 -77.06
N SER U 232 6.66 -42.56 -77.23
CA SER U 232 5.33 -42.17 -76.80
C SER U 232 4.26 -42.95 -77.57
N LEU U 233 3.31 -43.52 -76.84
CA LEU U 233 2.16 -44.21 -77.41
C LEU U 233 0.91 -43.54 -76.88
N ALA U 234 0.03 -43.12 -77.80
CA ALA U 234 -1.14 -42.33 -77.46
C ALA U 234 -2.37 -43.22 -77.36
N PHE U 235 -3.16 -43.02 -76.30
CA PHE U 235 -4.44 -43.70 -76.19
C PHE U 235 -5.39 -43.21 -77.28
N THR U 236 -6.17 -44.14 -77.83
CA THR U 236 -7.11 -43.82 -78.89
C THR U 236 -8.43 -44.53 -78.63
N GLY U 237 -9.50 -43.97 -79.19
CA GLY U 237 -10.81 -44.58 -79.12
C GLY U 237 -11.64 -44.17 -77.93
N GLY U 238 -11.10 -43.40 -77.00
CA GLY U 238 -11.86 -42.96 -75.85
C GLY U 238 -12.67 -41.72 -76.15
N THR U 239 -14.00 -41.84 -76.10
CA THR U 239 -14.88 -40.75 -76.47
C THR U 239 -16.08 -40.70 -75.54
N ASN U 240 -16.71 -39.53 -75.50
CA ASN U 240 -17.96 -39.32 -74.78
C ASN U 240 -19.04 -38.99 -75.80
N GLY U 241 -20.18 -39.66 -75.70
CA GLY U 241 -21.27 -39.40 -76.62
C GLY U 241 -21.84 -38.01 -76.48
N ASP U 242 -22.86 -37.68 -77.26
CA ASP U 242 -23.50 -36.38 -77.13
C ASP U 242 -24.10 -36.24 -75.73
N GLN U 243 -23.50 -35.39 -74.91
CA GLN U 243 -23.92 -35.27 -73.51
C GLN U 243 -25.13 -34.37 -73.33
N SER U 244 -25.63 -33.76 -74.40
CA SER U 244 -26.87 -33.00 -74.31
C SER U 244 -28.10 -33.89 -74.34
N LYS U 245 -27.95 -35.15 -74.76
CA LYS U 245 -29.06 -36.10 -74.79
C LYS U 245 -28.74 -37.22 -73.81
N ILE U 246 -29.28 -37.13 -72.60
CA ILE U 246 -29.12 -38.14 -71.57
C ILE U 246 -30.49 -38.72 -71.26
N SER U 247 -30.62 -40.04 -71.38
CA SER U 247 -31.89 -40.69 -71.10
C SER U 247 -32.17 -40.69 -69.60
N THR U 248 -33.44 -40.93 -69.26
CA THR U 248 -33.84 -40.92 -67.86
C THR U 248 -33.27 -42.10 -67.08
N ALA U 249 -32.93 -43.19 -67.76
CA ALA U 249 -32.40 -44.35 -67.05
C ALA U 249 -31.08 -44.04 -66.37
N ALA U 250 -30.20 -43.31 -67.05
CA ALA U 250 -28.93 -42.94 -66.45
C ALA U 250 -29.12 -42.03 -65.25
N TYR U 251 -30.05 -41.07 -65.36
CA TYR U 251 -30.34 -40.19 -64.24
C TYR U 251 -30.87 -40.97 -63.04
N LEU U 252 -31.77 -41.92 -63.29
CA LEU U 252 -32.32 -42.73 -62.20
C LEU U 252 -31.24 -43.60 -61.57
N ARG U 253 -30.32 -44.12 -62.39
CA ARG U 253 -29.21 -44.90 -61.85
C ARG U 253 -28.33 -44.05 -60.94
N ALA U 254 -28.03 -42.82 -61.36
CA ALA U 254 -27.25 -41.92 -60.53
C ALA U 254 -27.98 -41.59 -59.23
N VAL U 255 -29.29 -41.39 -59.30
CA VAL U 255 -30.07 -41.14 -58.09
C VAL U 255 -29.98 -42.32 -57.14
N LYS U 256 -30.12 -43.53 -57.68
CA LYS U 256 -30.02 -44.72 -56.83
C LYS U 256 -28.63 -44.84 -56.21
N VAL U 257 -27.59 -44.45 -56.96
CA VAL U 257 -26.24 -44.46 -56.40
C VAL U 257 -26.15 -43.48 -55.23
N LEU U 258 -26.73 -42.28 -55.38
CA LEU U 258 -26.73 -41.34 -54.26
C LEU U 258 -27.48 -41.89 -53.05
N ASN U 259 -28.60 -42.56 -53.28
CA ASN U 259 -29.43 -43.01 -52.15
C ASN U 259 -28.65 -43.93 -51.23
N ASN U 260 -27.80 -44.78 -51.78
CA ASN U 260 -27.06 -45.77 -51.00
C ASN U 260 -25.64 -45.29 -50.71
N ALA U 261 -25.54 -44.17 -49.98
CA ALA U 261 -24.27 -43.63 -49.58
C ALA U 261 -24.29 -43.32 -48.08
N PRO U 262 -23.22 -43.64 -47.35
CA PRO U 262 -23.23 -43.49 -45.89
C PRO U 262 -22.64 -42.17 -45.37
N TYR U 263 -22.35 -41.21 -46.24
CA TYR U 263 -21.60 -40.03 -45.83
C TYR U 263 -22.43 -39.03 -45.01
N MET U 264 -23.75 -39.18 -44.98
CA MET U 264 -24.63 -38.38 -44.13
C MET U 264 -24.46 -36.88 -44.40
N TYR U 265 -24.84 -36.51 -45.61
CA TYR U 265 -24.92 -35.12 -46.03
C TYR U 265 -26.21 -34.48 -45.52
N THR U 266 -26.25 -33.14 -45.56
CA THR U 266 -27.34 -32.39 -44.95
C THR U 266 -28.13 -31.54 -45.94
N ALA U 267 -27.93 -31.73 -47.24
CA ALA U 267 -28.71 -31.04 -48.25
C ALA U 267 -28.58 -31.77 -49.58
N VAL U 268 -29.63 -31.69 -50.38
CA VAL U 268 -29.65 -32.27 -51.72
C VAL U 268 -30.03 -31.18 -52.71
N LEU U 269 -29.27 -31.11 -53.80
CA LEU U 269 -29.39 -30.02 -54.77
C LEU U 269 -29.60 -30.59 -56.16
N GLY U 270 -30.49 -29.96 -56.92
CA GLY U 270 -30.65 -30.33 -58.32
C GLY U 270 -29.80 -29.45 -59.21
N LEU U 271 -28.61 -29.95 -59.58
CA LEU U 271 -27.62 -29.15 -60.29
C LEU U 271 -27.97 -29.14 -61.78
N GLY U 272 -28.89 -28.25 -62.15
CA GLY U 272 -29.25 -28.10 -63.54
C GLY U 272 -29.94 -29.29 -64.15
N CYS U 273 -30.56 -30.14 -63.33
CA CYS U 273 -31.29 -31.31 -63.81
C CYS U 273 -32.74 -30.91 -63.99
N TYR U 274 -33.21 -30.92 -65.25
CA TYR U 274 -34.57 -30.53 -65.59
C TYR U 274 -35.39 -31.72 -66.07
N ASP U 275 -35.21 -32.87 -65.43
CA ASP U 275 -35.99 -34.06 -65.72
C ASP U 275 -36.92 -34.32 -64.55
N ASN U 276 -38.21 -34.52 -64.84
CA ASN U 276 -39.22 -34.62 -63.79
C ASN U 276 -39.05 -35.87 -62.94
N ALA U 277 -38.78 -37.02 -63.58
CA ALA U 277 -38.63 -38.26 -62.83
C ALA U 277 -37.44 -38.19 -61.88
N ALA U 278 -36.32 -37.67 -62.36
CA ALA U 278 -35.15 -37.50 -61.50
C ALA U 278 -35.44 -36.54 -60.36
N ILE U 279 -36.20 -35.48 -60.64
CA ILE U 279 -36.53 -34.52 -59.60
C ILE U 279 -37.39 -35.17 -58.52
N THR U 280 -38.39 -35.97 -58.92
CA THR U 280 -39.22 -36.65 -57.92
C THR U 280 -38.40 -37.65 -57.12
N ALA U 281 -37.48 -38.37 -57.76
CA ALA U 281 -36.63 -39.30 -57.02
C ALA U 281 -35.73 -38.57 -56.03
N LEU U 282 -35.17 -37.43 -56.44
CA LEU U 282 -34.36 -36.63 -55.54
C LEU U 282 -35.19 -36.12 -54.37
N GLY U 283 -36.44 -35.74 -54.63
CA GLY U 283 -37.32 -35.32 -53.55
C GLY U 283 -37.63 -36.45 -52.59
N LYS U 284 -37.79 -37.67 -53.12
CA LYS U 284 -38.00 -38.82 -52.24
C LYS U 284 -36.78 -39.06 -51.36
N ILE U 285 -35.58 -38.92 -51.93
CA ILE U 285 -34.37 -39.01 -51.11
C ILE U 285 -34.36 -37.93 -50.04
N CYS U 286 -34.76 -36.71 -50.43
CA CYS U 286 -34.78 -35.59 -49.49
C CYS U 286 -35.73 -35.85 -48.32
N ALA U 287 -36.91 -36.40 -48.61
CA ALA U 287 -37.88 -36.67 -47.55
C ALA U 287 -37.50 -37.90 -46.73
N ASP U 288 -36.75 -38.84 -47.31
CA ASP U 288 -36.39 -40.05 -46.58
C ASP U 288 -35.44 -39.76 -45.42
N ARG U 289 -34.45 -38.90 -45.64
CA ARG U 289 -33.38 -38.68 -44.68
C ARG U 289 -33.66 -37.51 -43.74
N LEU U 290 -34.85 -36.93 -43.78
CA LEU U 290 -35.19 -35.76 -42.97
C LEU U 290 -34.19 -34.62 -43.23
N ILE U 291 -34.13 -34.22 -44.49
CA ILE U 291 -33.14 -33.27 -44.97
C ILE U 291 -33.86 -32.21 -45.80
N ASP U 292 -33.27 -31.02 -45.88
CA ASP U 292 -33.78 -29.98 -46.77
C ASP U 292 -33.41 -30.28 -48.22
N GLY U 293 -34.09 -29.60 -49.14
CA GLY U 293 -33.81 -29.80 -50.55
C GLY U 293 -34.19 -28.61 -51.41
N PHE U 294 -33.35 -28.29 -52.39
CA PHE U 294 -33.58 -27.14 -53.27
C PHE U 294 -33.55 -27.59 -54.71
N PHE U 295 -34.53 -27.13 -55.49
CA PHE U 295 -34.68 -27.57 -56.88
C PHE U 295 -34.98 -26.36 -57.75
N ASP U 296 -34.89 -26.58 -59.06
CA ASP U 296 -34.99 -25.51 -60.04
C ASP U 296 -35.91 -25.92 -61.19
N VAL U 297 -36.75 -25.00 -61.61
CA VAL U 297 -37.53 -25.15 -62.83
C VAL U 297 -36.75 -24.52 -63.98
N LYS U 298 -37.13 -24.88 -65.21
CA LYS U 298 -36.38 -24.40 -66.37
C LYS U 298 -36.41 -22.87 -66.42
N PRO U 299 -35.25 -22.22 -66.57
CA PRO U 299 -35.23 -20.75 -66.46
C PRO U 299 -35.79 -20.03 -67.67
N THR U 300 -35.66 -20.60 -68.87
CA THR U 300 -36.10 -19.89 -70.07
C THR U 300 -37.61 -19.75 -70.17
N LEU U 301 -38.37 -20.48 -69.36
CA LEU U 301 -39.82 -20.39 -69.39
C LEU U 301 -40.29 -19.01 -68.95
N THR U 302 -41.39 -18.56 -69.55
CA THR U 302 -41.96 -17.27 -69.20
C THR U 302 -42.71 -17.36 -67.87
N TYR U 303 -43.21 -16.20 -67.42
CA TYR U 303 -43.93 -16.16 -66.15
C TYR U 303 -45.22 -17.00 -66.20
N ALA U 304 -45.95 -16.90 -67.31
CA ALA U 304 -47.21 -17.61 -67.42
C ALA U 304 -47.02 -19.13 -67.40
N GLU U 305 -46.00 -19.62 -68.10
CA GLU U 305 -45.79 -21.06 -68.21
C GLU U 305 -45.07 -21.65 -67.01
N ALA U 306 -44.51 -20.82 -66.13
CA ALA U 306 -43.76 -21.35 -64.98
C ALA U 306 -44.68 -22.05 -63.99
N LEU U 307 -45.86 -21.48 -63.74
CA LEU U 307 -46.75 -22.05 -62.73
C LEU U 307 -47.20 -23.47 -63.05
N PRO U 308 -47.66 -23.80 -64.26
CA PRO U 308 -47.94 -25.21 -64.56
C PRO U 308 -46.72 -26.11 -64.47
N ALA U 309 -45.53 -25.58 -64.75
CA ALA U 309 -44.32 -26.39 -64.69
C ALA U 309 -44.03 -26.85 -63.27
N VAL U 310 -44.41 -26.06 -62.26
CA VAL U 310 -44.26 -26.51 -60.88
C VAL U 310 -45.15 -27.71 -60.60
N GLU U 311 -46.40 -27.66 -61.09
CA GLU U 311 -47.31 -28.79 -60.92
C GLU U 311 -46.90 -29.99 -61.73
N ASP U 312 -46.12 -29.80 -62.80
CA ASP U 312 -45.65 -30.93 -63.60
C ASP U 312 -44.80 -31.87 -62.75
N THR U 313 -43.89 -31.32 -61.95
CA THR U 313 -43.16 -32.13 -60.99
C THR U 313 -44.07 -32.60 -59.88
N GLY U 314 -43.79 -33.77 -59.34
CA GLY U 314 -44.63 -34.35 -58.31
C GLY U 314 -44.43 -33.80 -56.92
N LEU U 315 -43.63 -32.75 -56.76
CA LEU U 315 -43.30 -32.26 -55.43
C LEU U 315 -44.47 -31.55 -54.77
N LEU U 316 -45.42 -31.03 -55.53
CA LEU U 316 -46.53 -30.26 -54.96
C LEU U 316 -47.48 -31.22 -54.26
N GLY U 317 -47.40 -31.25 -52.94
CA GLY U 317 -48.25 -32.14 -52.16
C GLY U 317 -47.86 -32.09 -50.70
N THR U 318 -48.38 -33.06 -49.96
CA THR U 318 -48.09 -33.18 -48.54
C THR U 318 -46.94 -34.14 -48.23
N ASP U 319 -46.54 -34.97 -49.20
CA ASP U 319 -45.49 -35.95 -48.94
C ASP U 319 -44.12 -35.28 -48.84
N TYR U 320 -43.81 -34.37 -49.76
CA TYR U 320 -42.48 -33.75 -49.82
C TYR U 320 -42.56 -32.36 -49.20
N VAL U 321 -42.31 -32.30 -47.91
CA VAL U 321 -42.19 -31.03 -47.19
C VAL U 321 -40.72 -30.63 -47.21
N SER U 322 -40.46 -29.33 -47.04
CA SER U 322 -39.11 -28.78 -47.04
C SER U 322 -38.41 -29.00 -48.37
N CYS U 323 -39.14 -28.80 -49.47
CA CYS U 323 -38.59 -28.80 -50.81
C CYS U 323 -39.04 -27.52 -51.52
N SER U 324 -38.08 -26.75 -52.01
CA SER U 324 -38.36 -25.45 -52.62
C SER U 324 -38.03 -25.48 -54.11
N VAL U 325 -38.83 -24.77 -54.89
CA VAL U 325 -38.66 -24.66 -56.34
C VAL U 325 -38.45 -23.21 -56.69
N TYR U 326 -37.39 -22.91 -57.45
CA TYR U 326 -37.03 -21.55 -57.81
C TYR U 326 -37.10 -21.36 -59.31
N HIS U 327 -37.37 -20.12 -59.72
CA HIS U 327 -37.44 -19.75 -61.13
C HIS U 327 -36.66 -18.46 -61.32
N TYR U 328 -35.80 -18.43 -62.34
CA TYR U 328 -34.88 -17.30 -62.53
C TYR U 328 -34.67 -17.08 -64.02
N PRO U 329 -35.48 -16.22 -64.64
CA PRO U 329 -35.41 -16.00 -66.09
C PRO U 329 -34.44 -14.93 -66.55
N PHE U 330 -33.49 -14.49 -65.71
CA PHE U 330 -32.59 -13.42 -66.09
C PHE U 330 -31.33 -13.98 -66.75
N SER U 331 -30.50 -13.08 -67.28
CA SER U 331 -29.29 -13.43 -68.00
C SER U 331 -28.10 -12.70 -67.40
N CYS U 332 -26.92 -13.33 -67.49
CA CYS U 332 -25.73 -12.79 -66.86
C CYS U 332 -24.50 -13.23 -67.64
N LYS U 333 -23.40 -12.51 -67.43
CA LYS U 333 -22.13 -12.85 -68.06
C LYS U 333 -21.45 -13.98 -67.30
N ASP U 334 -21.00 -15.00 -68.04
CA ASP U 334 -20.36 -16.14 -67.41
C ASP U 334 -19.00 -15.75 -66.86
N LYS U 335 -18.61 -16.43 -65.77
CA LYS U 335 -17.36 -16.10 -65.09
C LYS U 335 -16.15 -16.51 -65.92
N TRP U 336 -16.14 -17.75 -66.42
CA TRP U 336 -14.97 -18.26 -67.11
C TRP U 336 -14.76 -17.58 -68.46
N THR U 337 -15.82 -17.50 -69.26
CA THR U 337 -15.78 -16.81 -70.54
C THR U 337 -16.98 -15.88 -70.62
N GLN U 338 -16.73 -14.61 -70.90
CA GLN U 338 -17.79 -13.61 -70.85
C GLN U 338 -18.73 -13.80 -72.03
N SER U 339 -19.72 -14.69 -71.89
CA SER U 339 -20.53 -15.10 -73.04
C SER U 339 -22.03 -15.02 -72.82
N ARG U 340 -22.49 -14.37 -71.75
CA ARG U 340 -23.91 -14.09 -71.53
C ARG U 340 -24.74 -15.36 -71.53
N VAL U 341 -24.51 -16.18 -70.50
CA VAL U 341 -25.20 -17.45 -70.35
C VAL U 341 -26.38 -17.28 -69.41
N VAL U 342 -27.27 -18.27 -69.40
CA VAL U 342 -28.45 -18.28 -68.54
C VAL U 342 -28.50 -19.61 -67.80
N PHE U 343 -28.63 -19.56 -66.48
CA PHE U 343 -28.81 -20.76 -65.69
C PHE U 343 -29.55 -20.42 -64.41
N GLY U 344 -30.12 -21.44 -63.78
CA GLY U 344 -31.04 -21.26 -62.67
C GLY U 344 -30.35 -21.03 -61.34
N LEU U 345 -31.18 -20.97 -60.30
CA LEU U 345 -30.75 -20.67 -58.94
C LEU U 345 -30.80 -21.94 -58.09
N SER U 346 -29.73 -22.74 -58.21
CA SER U 346 -29.53 -23.88 -57.34
C SER U 346 -28.07 -23.86 -56.91
N GLY U 347 -27.84 -23.79 -55.60
CA GLY U 347 -26.53 -23.51 -55.07
C GLY U 347 -26.36 -22.08 -54.59
N VAL U 348 -27.24 -21.18 -55.01
CA VAL U 348 -27.32 -19.85 -54.41
C VAL U 348 -28.21 -19.87 -53.18
N ALA U 349 -29.34 -20.57 -53.25
CA ALA U 349 -30.19 -20.74 -52.07
C ALA U 349 -29.48 -21.53 -50.98
N TYR U 350 -28.80 -22.62 -51.37
CA TYR U 350 -28.07 -23.40 -50.38
C TYR U 350 -26.97 -22.58 -49.73
N ALA U 351 -26.36 -21.66 -50.48
CA ALA U 351 -25.36 -20.78 -49.89
C ALA U 351 -25.97 -19.91 -48.80
N ALA U 352 -27.18 -19.39 -49.04
CA ALA U 352 -27.86 -18.60 -48.01
C ALA U 352 -28.19 -19.46 -46.80
N LYS U 353 -28.63 -20.70 -47.02
CA LYS U 353 -28.91 -21.58 -45.88
C LYS U 353 -27.65 -21.87 -45.08
N ALA U 354 -26.52 -22.11 -45.77
CA ALA U 354 -25.27 -22.37 -45.07
C ALA U 354 -24.81 -21.14 -44.29
N ARG U 355 -24.96 -19.96 -44.89
CA ARG U 355 -24.61 -18.73 -44.19
C ARG U 355 -25.44 -18.56 -42.93
N GLY U 356 -26.74 -18.87 -43.02
CA GLY U 356 -27.58 -18.81 -41.82
C GLY U 356 -27.17 -19.82 -40.77
N VAL U 357 -26.82 -21.04 -41.20
CA VAL U 357 -26.43 -22.09 -40.26
C VAL U 357 -25.13 -21.74 -39.56
N LYS U 358 -24.21 -21.06 -40.23
CA LYS U 358 -22.92 -20.75 -39.63
C LYS U 358 -23.02 -19.77 -38.46
N LYS U 359 -24.18 -19.14 -38.25
CA LYS U 359 -24.30 -18.13 -37.20
C LYS U 359 -24.13 -18.74 -35.82
N ASN U 360 -24.71 -19.92 -35.57
CA ASN U 360 -24.66 -20.57 -34.27
C ASN U 360 -23.73 -21.77 -34.32
N SER U 361 -22.96 -21.97 -33.26
CA SER U 361 -21.95 -23.01 -33.22
C SER U 361 -22.32 -24.20 -32.34
N ASP U 362 -23.34 -24.08 -31.50
CA ASP U 362 -23.72 -25.20 -30.64
C ASP U 362 -24.57 -26.21 -31.39
N VAL U 363 -25.75 -25.79 -31.83
CA VAL U 363 -26.68 -26.69 -32.52
C VAL U 363 -26.87 -26.33 -33.98
N GLY U 364 -26.48 -25.13 -34.42
CA GLY U 364 -26.51 -24.74 -35.80
C GLY U 364 -27.41 -23.55 -36.10
N GLY U 365 -28.51 -23.42 -35.37
CA GLY U 365 -29.43 -22.33 -35.66
C GLY U 365 -30.08 -22.47 -37.02
N TRP U 366 -30.92 -23.49 -37.17
CA TRP U 366 -31.61 -23.76 -38.41
C TRP U 366 -32.86 -22.92 -38.60
N HIS U 367 -33.19 -22.05 -37.66
CA HIS U 367 -34.41 -21.25 -37.75
C HIS U 367 -34.28 -20.06 -38.69
N TYR U 368 -33.09 -19.78 -39.21
CA TYR U 368 -32.92 -18.68 -40.14
C TYR U 368 -33.45 -19.07 -41.53
N SER U 369 -34.31 -18.24 -42.09
CA SER U 369 -34.86 -18.51 -43.41
C SER U 369 -33.86 -18.16 -44.50
N PRO U 370 -33.79 -18.94 -45.58
CA PRO U 370 -32.82 -18.65 -46.65
C PRO U 370 -33.01 -17.29 -47.30
N ALA U 371 -34.23 -16.83 -47.45
CA ALA U 371 -34.46 -15.54 -48.08
C ALA U 371 -34.00 -14.41 -47.16
N GLY U 372 -33.72 -13.27 -47.75
CA GLY U 372 -33.30 -12.09 -47.00
C GLY U 372 -32.28 -11.28 -47.79
N GLU U 373 -32.18 -10.01 -47.43
CA GLU U 373 -31.27 -9.10 -48.12
C GLU U 373 -29.81 -9.31 -47.74
N GLU U 374 -29.52 -9.78 -46.54
CA GLU U 374 -28.15 -9.98 -46.09
C GLU U 374 -27.64 -11.39 -46.37
N ARG U 375 -28.45 -12.42 -46.13
CA ARG U 375 -27.99 -13.78 -46.30
C ARG U 375 -27.99 -14.22 -47.76
N ALA U 376 -29.03 -13.87 -48.51
CA ALA U 376 -29.21 -14.34 -49.88
C ALA U 376 -28.94 -13.19 -50.85
N VAL U 377 -27.79 -13.22 -51.50
CA VAL U 377 -27.40 -12.23 -52.50
C VAL U 377 -26.88 -12.96 -53.72
N ILE U 378 -27.35 -12.55 -54.90
CA ILE U 378 -26.91 -13.14 -56.16
C ILE U 378 -25.76 -12.29 -56.69
N ALA U 379 -24.60 -12.91 -56.85
CA ALA U 379 -23.38 -12.22 -57.26
C ALA U 379 -23.06 -12.64 -58.70
N ARG U 380 -23.53 -11.85 -59.65
CA ARG U 380 -23.27 -12.09 -61.07
C ARG U 380 -22.96 -10.77 -61.74
N ALA U 381 -22.29 -10.86 -62.89
CA ALA U 381 -21.68 -9.69 -63.54
C ALA U 381 -22.68 -8.61 -63.92
N SER U 382 -23.55 -8.91 -64.89
CA SER U 382 -24.50 -7.92 -65.38
C SER U 382 -25.81 -8.62 -65.69
N ILE U 383 -26.87 -8.20 -65.01
CA ILE U 383 -28.17 -8.86 -65.10
C ILE U 383 -29.05 -8.11 -66.09
N GLN U 384 -29.62 -8.83 -67.04
CA GLN U 384 -30.52 -8.25 -68.02
C GLN U 384 -31.74 -9.16 -68.12
N PRO U 385 -32.96 -8.64 -67.88
CA PRO U 385 -34.14 -9.50 -67.95
C PRO U 385 -34.34 -10.05 -69.35
N LEU U 386 -34.80 -11.30 -69.42
CA LEU U 386 -35.09 -11.93 -70.69
C LEU U 386 -36.40 -11.44 -71.30
N TYR U 387 -37.40 -11.18 -70.46
CA TYR U 387 -38.72 -10.75 -70.90
C TYR U 387 -39.06 -9.45 -70.19
N PRO U 388 -38.56 -8.33 -70.70
CA PRO U 388 -38.87 -7.04 -70.07
C PRO U 388 -40.33 -6.67 -70.27
N GLU U 389 -40.75 -5.55 -69.68
CA GLU U 389 -42.14 -5.04 -69.76
C GLU U 389 -43.16 -6.13 -69.44
N ASP U 390 -42.76 -7.11 -68.65
CA ASP U 390 -43.65 -8.16 -68.16
C ASP U 390 -43.62 -8.18 -66.64
N THR U 391 -44.78 -8.44 -66.03
CA THR U 391 -44.91 -8.42 -64.59
C THR U 391 -45.48 -9.74 -64.10
N PRO U 392 -44.87 -10.37 -63.10
CA PRO U 392 -45.44 -11.61 -62.55
C PRO U 392 -46.64 -11.32 -61.66
N ASP U 393 -47.45 -12.36 -61.47
CA ASP U 393 -48.61 -12.31 -60.58
C ASP U 393 -48.19 -12.91 -59.23
N GLU U 394 -47.89 -12.04 -58.27
CA GLU U 394 -47.29 -12.49 -57.02
C GLU U 394 -48.24 -13.37 -56.22
N GLU U 395 -49.53 -13.03 -56.18
CA GLU U 395 -50.49 -13.83 -55.43
C GLU U 395 -50.63 -15.22 -56.02
N ALA U 396 -50.64 -15.33 -57.35
CA ALA U 396 -50.68 -16.64 -57.98
C ALA U 396 -49.43 -17.44 -57.66
N MET U 397 -48.27 -16.77 -57.63
CA MET U 397 -47.03 -17.45 -57.27
C MET U 397 -47.09 -17.97 -55.84
N VAL U 398 -47.64 -17.18 -54.92
CA VAL U 398 -47.77 -17.62 -53.53
C VAL U 398 -48.71 -18.82 -53.44
N LYS U 399 -49.83 -18.76 -54.17
CA LYS U 399 -50.74 -19.91 -54.20
C LYS U 399 -50.10 -21.11 -54.87
N GLY U 400 -49.15 -20.88 -55.78
CA GLY U 400 -48.47 -21.93 -56.49
C GLY U 400 -47.18 -22.41 -55.87
N ARG U 401 -46.79 -21.87 -54.72
CA ARG U 401 -45.59 -22.27 -54.00
C ARG U 401 -44.34 -22.12 -54.87
N LEU U 402 -44.18 -20.93 -55.43
CA LEU U 402 -43.04 -20.57 -56.25
C LEU U 402 -42.37 -19.33 -55.66
N ASN U 403 -41.06 -19.39 -55.49
CA ASN U 403 -40.32 -18.31 -54.83
C ASN U 403 -39.85 -17.29 -55.85
N LYS U 404 -39.80 -16.03 -55.42
CA LYS U 404 -39.52 -14.91 -56.30
C LYS U 404 -38.21 -14.25 -55.92
N VAL U 405 -37.68 -13.44 -56.84
CA VAL U 405 -36.45 -12.69 -56.65
C VAL U 405 -36.75 -11.23 -56.87
N SER U 406 -35.92 -10.35 -56.30
CA SER U 406 -36.15 -8.92 -56.38
C SER U 406 -34.83 -8.19 -56.22
N VAL U 407 -34.83 -6.91 -56.59
CA VAL U 407 -33.67 -6.06 -56.44
C VAL U 407 -33.61 -5.51 -55.03
N GLY U 408 -32.43 -5.60 -54.41
CA GLY U 408 -32.24 -5.15 -53.05
C GLY U 408 -31.96 -3.66 -52.95
N THR U 409 -31.82 -3.21 -51.70
CA THR U 409 -31.54 -1.81 -51.46
C THR U 409 -30.19 -1.39 -52.03
N SER U 410 -29.17 -2.22 -51.85
CA SER U 410 -27.84 -1.89 -52.38
C SER U 410 -27.84 -1.85 -53.90
N GLY U 411 -28.69 -2.63 -54.55
CA GLY U 411 -28.79 -2.68 -55.99
C GLY U 411 -28.66 -4.06 -56.59
N GLN U 412 -28.11 -5.01 -55.85
CA GLN U 412 -27.94 -6.36 -56.36
C GLN U 412 -29.21 -7.18 -56.17
N MET U 413 -29.32 -8.25 -56.95
CA MET U 413 -30.51 -9.10 -56.90
C MET U 413 -30.56 -9.90 -55.61
N ILE U 414 -31.76 -10.09 -55.10
CA ILE U 414 -32.00 -10.70 -53.80
C ILE U 414 -33.11 -11.74 -53.94
N ILE U 415 -32.96 -12.88 -53.26
CA ILE U 415 -34.04 -13.83 -53.10
C ILE U 415 -34.94 -13.30 -52.00
N ASP U 416 -36.21 -13.05 -52.32
CA ASP U 416 -37.07 -12.26 -51.45
C ASP U 416 -38.10 -13.12 -50.72
N ASP U 417 -38.15 -14.42 -50.98
CA ASP U 417 -39.15 -15.26 -50.34
C ASP U 417 -38.64 -16.69 -50.22
N ALA U 418 -39.23 -17.44 -49.29
CA ALA U 418 -38.84 -18.82 -49.02
C ALA U 418 -40.07 -19.62 -48.65
N LEU U 419 -40.52 -20.48 -49.57
CA LEU U 419 -41.70 -21.31 -49.37
C LEU U 419 -41.38 -22.75 -49.74
N THR U 420 -41.96 -23.68 -48.99
CA THR U 420 -41.81 -25.10 -49.29
C THR U 420 -43.02 -25.62 -50.06
N CYS U 421 -42.90 -26.83 -50.58
CA CYS U 421 -43.94 -27.44 -51.41
C CYS U 421 -44.93 -28.17 -50.51
N CYS U 422 -45.77 -27.39 -49.83
CA CYS U 422 -46.81 -27.93 -48.97
C CYS U 422 -48.05 -27.07 -49.11
N THR U 423 -49.12 -27.64 -49.67
CA THR U 423 -50.31 -26.87 -49.99
C THR U 423 -51.14 -26.54 -48.76
N GLN U 424 -51.16 -27.41 -47.76
CA GLN U 424 -51.98 -27.19 -46.58
C GLN U 424 -51.48 -25.99 -45.77
N ASP U 425 -52.40 -25.34 -45.07
CA ASP U 425 -52.09 -24.20 -44.21
C ASP U 425 -51.77 -24.73 -42.82
N ASN U 426 -50.51 -25.15 -42.65
CA ASN U 426 -50.08 -25.83 -41.43
C ASN U 426 -48.86 -25.17 -40.80
N TYR U 427 -48.59 -23.90 -41.09
CA TYR U 427 -47.34 -23.25 -40.71
C TYR U 427 -46.13 -23.99 -41.26
N LEU U 428 -46.34 -24.87 -42.25
CA LEU U 428 -45.28 -25.69 -42.80
C LEU U 428 -44.74 -25.16 -44.13
N HIS U 429 -45.46 -24.26 -44.80
CA HIS U 429 -44.94 -23.67 -46.02
C HIS U 429 -43.82 -22.69 -45.73
N PHE U 430 -43.65 -22.25 -44.49
CA PHE U 430 -42.48 -21.48 -44.10
C PHE U 430 -41.29 -22.42 -43.96
N GLN U 431 -40.15 -22.01 -44.50
CA GLN U 431 -39.03 -22.95 -44.68
C GLN U 431 -38.47 -23.45 -43.34
N HIS U 432 -38.31 -22.55 -42.36
CA HIS U 432 -37.57 -22.92 -41.17
C HIS U 432 -38.34 -23.86 -40.24
N VAL U 433 -39.67 -23.86 -40.32
CA VAL U 433 -40.46 -24.70 -39.40
C VAL U 433 -40.17 -26.18 -39.59
N PRO U 434 -40.20 -26.74 -40.80
CA PRO U 434 -39.75 -28.14 -40.95
C PRO U 434 -38.29 -28.34 -40.60
N SER U 435 -37.44 -27.33 -40.84
CA SER U 435 -36.02 -27.47 -40.60
C SER U 435 -35.71 -27.67 -39.12
N LEU U 436 -36.37 -26.90 -38.25
CA LEU U 436 -36.15 -27.06 -36.82
C LEU U 436 -36.50 -28.46 -36.36
N MET U 437 -37.68 -28.94 -36.73
CA MET U 437 -38.12 -30.26 -36.29
C MET U 437 -37.25 -31.36 -36.89
N ASN U 438 -36.79 -31.19 -38.12
CA ASN U 438 -35.89 -32.17 -38.72
C ASN U 438 -34.56 -32.24 -37.97
N ALA U 439 -34.01 -31.08 -37.60
CA ALA U 439 -32.77 -31.08 -36.83
C ALA U 439 -32.96 -31.75 -35.47
N ILE U 440 -34.07 -31.43 -34.80
CA ILE U 440 -34.34 -32.07 -33.51
C ILE U 440 -34.49 -33.58 -33.67
N SER U 441 -35.16 -34.00 -34.74
CA SER U 441 -35.35 -35.44 -34.98
C SER U 441 -34.02 -36.14 -35.22
N ARG U 442 -33.14 -35.53 -36.00
CA ARG U 442 -31.83 -36.12 -36.22
C ARG U 442 -31.03 -36.22 -34.93
N PHE U 443 -31.07 -35.17 -34.10
CA PHE U 443 -30.39 -35.21 -32.81
C PHE U 443 -30.96 -36.32 -31.93
N PHE U 444 -32.28 -36.49 -31.94
CA PHE U 444 -32.91 -37.55 -31.16
C PHE U 444 -32.49 -38.93 -31.66
N VAL U 445 -32.39 -39.09 -32.98
CA VAL U 445 -31.98 -40.38 -33.53
C VAL U 445 -30.57 -40.72 -33.07
N GLN U 446 -29.66 -39.74 -33.14
CA GLN U 446 -28.30 -39.99 -32.70
C GLN U 446 -28.25 -40.27 -31.20
N LEU U 447 -29.10 -39.60 -30.42
CA LEU U 447 -29.15 -39.87 -28.98
C LEU U 447 -29.64 -41.28 -28.70
N ALA U 448 -30.68 -41.73 -29.43
CA ALA U 448 -31.25 -43.05 -29.18
C ALA U 448 -30.33 -44.17 -29.64
N ARG U 449 -29.57 -43.95 -30.71
CA ARG U 449 -28.61 -44.95 -31.14
C ARG U 449 -27.53 -45.17 -30.08
N GLN U 450 -27.09 -44.11 -29.43
CA GLN U 450 -26.12 -44.21 -28.35
C GLN U 450 -26.75 -44.68 -27.04
N MET U 451 -28.06 -44.47 -26.85
CA MET U 451 -28.71 -44.89 -25.61
C MET U 451 -28.67 -46.40 -25.44
N LYS U 452 -28.94 -47.15 -26.51
CA LYS U 452 -28.70 -48.57 -26.47
C LYS U 452 -27.20 -48.84 -26.41
N HIS U 453 -26.84 -50.12 -26.27
CA HIS U 453 -25.49 -50.60 -25.96
C HIS U 453 -25.15 -50.29 -24.52
N SER U 454 -26.12 -49.84 -23.73
CA SER U 454 -25.97 -49.55 -22.31
C SER U 454 -26.51 -50.73 -21.50
N PRO U 455 -26.24 -50.81 -20.20
CA PRO U 455 -26.74 -51.97 -19.44
C PRO U 455 -28.25 -52.12 -19.46
N ASP U 456 -29.00 -51.02 -19.48
CA ASP U 456 -30.45 -51.08 -19.44
C ASP U 456 -31.10 -50.85 -20.80
N GLY U 457 -30.35 -50.40 -21.78
CA GLY U 457 -30.92 -50.16 -23.10
C GLY U 457 -31.89 -48.99 -23.11
N ILE U 458 -32.85 -49.07 -24.03
CA ILE U 458 -33.85 -48.02 -24.19
C ILE U 458 -34.83 -48.10 -23.03
N THR U 459 -35.04 -46.98 -22.35
CA THR U 459 -35.99 -46.90 -21.25
C THR U 459 -36.65 -45.53 -21.25
N ALA U 460 -37.84 -45.47 -20.67
CA ALA U 460 -38.61 -44.23 -20.67
C ALA U 460 -37.93 -43.16 -19.83
N ALA U 461 -37.36 -43.54 -18.68
CA ALA U 461 -36.71 -42.57 -17.82
C ALA U 461 -35.49 -41.96 -18.50
N GLY U 462 -34.73 -42.77 -19.23
CA GLY U 462 -33.52 -42.27 -19.87
C GLY U 462 -33.79 -41.25 -20.95
N LEU U 463 -34.85 -41.47 -21.74
CA LEU U 463 -35.17 -40.58 -22.84
C LEU U 463 -35.54 -39.18 -22.37
N THR U 464 -36.26 -39.06 -21.26
CA THR U 464 -36.72 -37.75 -20.80
C THR U 464 -35.55 -36.83 -20.49
N LYS U 465 -34.50 -37.36 -19.84
CA LYS U 465 -33.36 -36.52 -19.46
C LYS U 465 -32.63 -35.97 -20.68
N GLY U 466 -32.30 -36.85 -21.63
CA GLY U 466 -31.63 -36.40 -22.83
C GLY U 466 -32.47 -35.45 -23.64
N MET U 467 -33.78 -35.73 -23.74
CA MET U 467 -34.66 -34.83 -24.48
C MET U 467 -34.75 -33.46 -23.81
N THR U 468 -34.80 -33.43 -22.47
CA THR U 468 -34.82 -32.14 -21.78
C THR U 468 -33.55 -31.36 -22.04
N LYS U 469 -32.40 -32.03 -21.99
CA LYS U 469 -31.14 -31.33 -22.28
C LYS U 469 -31.13 -30.78 -23.69
N LEU U 470 -31.56 -31.59 -24.66
CA LEU U 470 -31.57 -31.18 -26.06
C LEU U 470 -32.50 -29.98 -26.27
N LEU U 471 -33.71 -30.04 -25.72
CA LEU U 471 -34.66 -28.97 -25.91
C LEU U 471 -34.24 -27.70 -25.17
N ASP U 472 -33.58 -27.84 -24.01
CA ASP U 472 -33.03 -26.67 -23.34
C ASP U 472 -31.97 -26.01 -24.20
N ARG U 473 -31.11 -26.80 -24.85
CA ARG U 473 -30.11 -26.23 -25.74
C ARG U 473 -30.77 -25.51 -26.90
N PHE U 474 -31.81 -26.11 -27.49
CA PHE U 474 -32.49 -25.45 -28.61
C PHE U 474 -33.18 -24.16 -28.17
N VAL U 475 -33.75 -24.14 -26.97
CA VAL U 475 -34.34 -22.90 -26.45
C VAL U 475 -33.26 -21.85 -26.25
N ALA U 476 -32.09 -22.26 -25.75
CA ALA U 476 -31.00 -21.31 -25.56
C ALA U 476 -30.54 -20.71 -26.88
N SER U 477 -30.49 -21.53 -27.94
CA SER U 477 -30.09 -21.01 -29.25
C SER U 477 -31.09 -20.03 -29.82
N GLY U 478 -32.31 -19.98 -29.29
CA GLY U 478 -33.31 -19.04 -29.73
C GLY U 478 -34.32 -19.58 -30.72
N ALA U 479 -34.34 -20.88 -30.97
CA ALA U 479 -35.26 -21.44 -31.95
C ALA U 479 -36.70 -21.48 -31.43
N LEU U 480 -36.87 -21.79 -30.15
CA LEU U 480 -38.20 -21.91 -29.56
C LEU U 480 -38.47 -20.71 -28.65
N VAL U 481 -39.70 -20.19 -28.73
CA VAL U 481 -40.08 -18.99 -27.99
C VAL U 481 -41.37 -19.28 -27.22
N ALA U 482 -41.62 -18.44 -26.22
CA ALA U 482 -42.80 -18.57 -25.40
C ALA U 482 -44.06 -18.28 -26.20
N PRO U 483 -45.21 -18.85 -25.81
CA PRO U 483 -46.45 -18.60 -26.54
C PRO U 483 -46.84 -17.13 -26.51
N ARG U 484 -47.49 -16.68 -27.59
CA ARG U 484 -47.84 -15.28 -27.70
C ARG U 484 -48.86 -14.86 -26.65
N ASP U 485 -49.83 -15.73 -26.36
CA ASP U 485 -50.87 -15.39 -25.39
C ASP U 485 -50.56 -16.06 -24.06
N PRO U 486 -50.14 -15.30 -23.03
CA PRO U 486 -49.80 -15.96 -21.76
C PRO U 486 -51.00 -16.42 -20.97
N ASP U 487 -52.16 -15.82 -21.16
CA ASP U 487 -53.34 -16.21 -20.41
C ASP U 487 -53.85 -17.58 -20.85
N ALA U 488 -53.96 -17.79 -22.17
CA ALA U 488 -54.53 -19.03 -22.67
C ALA U 488 -53.55 -20.19 -22.55
N ASP U 489 -52.26 -19.93 -22.78
CA ASP U 489 -51.25 -20.97 -22.81
C ASP U 489 -50.15 -20.68 -21.80
N GLY U 490 -49.52 -21.74 -21.31
CA GLY U 490 -48.48 -21.58 -20.32
C GLY U 490 -47.25 -20.88 -20.87
N THR U 491 -46.42 -20.38 -19.95
CA THR U 491 -45.23 -19.63 -20.34
C THR U 491 -44.12 -20.53 -20.87
N GLU U 492 -44.21 -21.83 -20.65
CA GLU U 492 -43.15 -22.73 -21.06
C GLU U 492 -43.07 -22.81 -22.58
N PRO U 493 -41.87 -22.80 -23.17
CA PRO U 493 -41.77 -22.90 -24.64
C PRO U 493 -42.11 -24.28 -25.17
N TYR U 494 -41.74 -25.33 -24.45
CA TYR U 494 -41.98 -26.69 -24.89
C TYR U 494 -42.55 -27.51 -23.74
N VAL U 495 -43.32 -28.54 -24.08
CA VAL U 495 -43.94 -29.42 -23.10
C VAL U 495 -43.56 -30.85 -23.43
N LEU U 496 -42.89 -31.52 -22.49
CA LEU U 496 -42.49 -32.91 -22.62
C LEU U 496 -43.21 -33.74 -21.58
N LYS U 497 -43.92 -34.78 -22.01
CA LYS U 497 -44.72 -35.58 -21.12
C LYS U 497 -44.66 -37.05 -21.54
N VAL U 498 -44.87 -37.93 -20.57
CA VAL U 498 -44.95 -39.36 -20.79
C VAL U 498 -46.29 -39.85 -20.25
N THR U 499 -47.03 -40.58 -21.08
CA THR U 499 -48.35 -41.06 -20.71
C THR U 499 -48.36 -42.59 -20.66
N GLN U 500 -49.28 -43.14 -19.88
CA GLN U 500 -49.36 -44.56 -19.61
C GLN U 500 -50.73 -45.09 -20.03
N ALA U 501 -50.73 -46.13 -20.85
CA ALA U 501 -51.93 -46.89 -21.19
C ALA U 501 -51.63 -48.36 -21.02
N GLU U 502 -52.38 -49.02 -20.14
CA GLU U 502 -52.10 -50.41 -19.76
C GLU U 502 -50.66 -50.45 -19.22
N PHE U 503 -49.92 -51.51 -19.54
CA PHE U 503 -48.51 -51.60 -19.17
C PHE U 503 -47.56 -51.69 -20.34
N ASP U 504 -47.98 -52.29 -21.46
CA ASP U 504 -47.05 -52.49 -22.57
C ASP U 504 -47.03 -51.31 -23.53
N LYS U 505 -47.95 -50.36 -23.35
CA LYS U 505 -47.95 -49.13 -24.14
C LYS U 505 -47.26 -48.00 -23.38
N TRP U 506 -46.25 -47.40 -24.00
CA TRP U 506 -45.62 -46.18 -23.54
C TRP U 506 -45.61 -45.18 -24.68
N GLU U 507 -45.67 -43.90 -24.34
CA GLU U 507 -45.67 -42.85 -25.34
C GLU U 507 -44.88 -41.65 -24.83
N VAL U 508 -43.95 -41.17 -25.64
CA VAL U 508 -43.16 -39.98 -25.35
C VAL U 508 -43.47 -38.94 -26.40
N VAL U 509 -44.00 -37.80 -25.98
CA VAL U 509 -44.41 -36.73 -26.89
C VAL U 509 -43.86 -35.41 -26.38
N TRP U 510 -43.33 -34.61 -27.31
CA TRP U 510 -42.93 -33.25 -26.98
C TRP U 510 -43.51 -32.30 -28.01
N ALA U 511 -44.00 -31.15 -27.54
CA ALA U 511 -44.55 -30.10 -28.38
C ALA U 511 -43.65 -28.86 -28.32
N CYS U 512 -43.67 -28.09 -29.40
CA CYS U 512 -42.76 -26.96 -29.53
C CYS U 512 -43.47 -25.78 -30.14
N CYS U 513 -42.99 -24.58 -29.80
CA CYS U 513 -43.54 -23.32 -30.34
C CYS U 513 -42.46 -22.63 -31.16
N PRO U 514 -42.49 -22.75 -32.49
CA PRO U 514 -41.39 -22.22 -33.30
C PRO U 514 -41.37 -20.70 -33.35
N THR U 515 -40.18 -20.18 -33.68
CA THR U 515 -39.99 -18.76 -33.86
C THR U 515 -40.69 -18.29 -35.14
N GLY U 516 -41.18 -17.06 -35.11
CA GLY U 516 -41.83 -16.44 -36.25
C GLY U 516 -40.85 -15.73 -37.15
N VAL U 517 -41.29 -15.46 -38.37
CA VAL U 517 -40.51 -14.71 -39.34
C VAL U 517 -41.25 -13.41 -39.64
N ALA U 518 -40.53 -12.42 -40.18
CA ALA U 518 -41.09 -11.12 -40.50
C ALA U 518 -41.02 -10.91 -42.00
N ARG U 519 -42.16 -11.01 -42.68
CA ARG U 519 -42.20 -10.88 -44.12
C ARG U 519 -43.21 -9.87 -44.65
N ARG U 520 -44.26 -9.53 -43.90
CA ARG U 520 -45.25 -8.55 -44.34
C ARG U 520 -45.26 -7.39 -43.35
N ILE U 521 -45.03 -6.18 -43.86
CA ILE U 521 -45.01 -4.97 -43.06
C ILE U 521 -45.88 -3.93 -43.74
N GLN U 522 -46.69 -3.21 -42.97
CA GLN U 522 -47.56 -2.18 -43.50
C GLN U 522 -47.41 -0.89 -42.69
N GLY U 523 -47.34 0.23 -43.40
CA GLY U 523 -47.29 1.54 -42.77
C GLY U 523 -48.52 2.36 -43.13
N VAL U 524 -49.02 3.12 -42.16
CA VAL U 524 -50.21 3.92 -42.32
C VAL U 524 -49.87 5.37 -41.99
N PRO U 525 -49.75 6.23 -42.99
CA PRO U 525 -49.46 7.65 -42.72
C PRO U 525 -50.73 8.43 -42.43
N LEU U 526 -50.59 9.40 -41.51
CA LEU U 526 -51.68 10.28 -41.13
C LEU U 526 -51.20 11.72 -41.23
N LEU U 527 -52.15 12.65 -41.08
CA LEU U 527 -51.83 14.08 -41.15
C LEU U 527 -52.61 14.80 -40.06
N ILE U 528 -51.90 15.53 -39.20
CA ILE U 528 -52.52 16.24 -38.10
C ILE U 528 -53.31 17.44 -38.63
N GLN V 3 63.80 9.64 -18.41
CA GLN V 3 63.96 8.41 -19.19
C GLN V 3 65.42 7.96 -19.19
N TYR V 4 65.64 6.72 -19.63
CA TYR V 4 66.97 6.13 -19.60
C TYR V 4 67.09 5.17 -20.77
N SER V 5 68.12 4.32 -20.72
CA SER V 5 68.45 3.44 -21.83
C SER V 5 67.43 2.31 -21.97
N ILE V 6 67.30 1.79 -23.19
CA ILE V 6 66.37 0.71 -23.51
C ILE V 6 67.15 -0.40 -24.21
N GLN V 7 67.00 -1.62 -23.72
CA GLN V 7 67.69 -2.76 -24.30
C GLN V 7 66.87 -3.38 -25.44
N GLN V 8 67.53 -4.21 -26.23
CA GLN V 8 66.90 -4.86 -27.37
C GLN V 8 66.43 -6.29 -27.07
N SER V 9 67.15 -7.01 -26.20
CA SER V 9 66.79 -8.36 -25.84
C SER V 9 66.86 -8.52 -24.33
N LEU V 10 66.02 -9.40 -23.80
CA LEU V 10 65.96 -9.66 -22.38
C LEU V 10 66.99 -10.70 -21.97
N GLY V 11 67.60 -10.48 -20.80
CA GLY V 11 68.52 -11.44 -20.24
C GLY V 11 68.00 -12.01 -18.93
N ASN V 12 68.76 -11.85 -17.86
CA ASN V 12 68.32 -12.26 -16.53
C ASN V 12 67.96 -11.09 -15.64
N ALA V 13 68.32 -9.86 -16.03
CA ALA V 13 68.00 -8.69 -15.23
C ALA V 13 66.53 -8.31 -15.39
N SER V 14 66.05 -7.51 -14.46
CA SER V 14 64.67 -7.04 -14.47
C SER V 14 64.60 -5.77 -15.30
N GLY V 15 63.93 -5.85 -16.45
CA GLY V 15 63.85 -4.69 -17.32
C GLY V 15 62.83 -4.90 -18.41
N VAL V 16 62.60 -3.83 -19.17
CA VAL V 16 61.68 -3.82 -20.30
C VAL V 16 62.50 -3.59 -21.57
N ALA V 17 62.31 -4.43 -22.57
CA ALA V 17 63.08 -4.38 -23.80
C ALA V 17 62.16 -4.27 -25.00
N VAL V 18 62.60 -3.54 -26.02
CA VAL V 18 61.87 -3.40 -27.27
C VAL V 18 62.79 -3.82 -28.41
N SER V 19 62.33 -4.77 -29.21
CA SER V 19 63.10 -5.24 -30.35
C SER V 19 63.07 -4.21 -31.48
N PRO V 20 64.04 -4.26 -32.39
CA PRO V 20 64.05 -3.30 -33.50
C PRO V 20 62.81 -3.44 -34.38
N ILE V 21 62.44 -2.33 -35.02
CA ILE V 21 61.26 -2.32 -35.87
C ILE V 21 61.45 -3.30 -37.02
N ASN V 22 60.42 -4.10 -37.28
CA ASN V 22 60.45 -5.09 -38.35
C ASN V 22 59.65 -4.60 -39.54
N ALA V 23 60.29 -4.55 -40.70
CA ALA V 23 59.63 -4.01 -41.89
C ALA V 23 58.54 -4.92 -42.40
N ASP V 24 58.71 -6.24 -42.28
CA ASP V 24 57.72 -7.19 -42.76
C ASP V 24 57.55 -8.32 -41.76
N ALA V 25 56.31 -8.57 -41.36
CA ALA V 25 55.94 -9.64 -40.45
C ALA V 25 54.43 -9.70 -40.39
N THR V 26 53.91 -10.84 -39.90
CA THR V 26 52.47 -11.07 -39.84
C THR V 26 52.10 -11.51 -38.43
N LEU V 27 50.99 -10.97 -37.92
CA LEU V 27 50.48 -11.31 -36.60
C LEU V 27 49.20 -12.10 -36.76
N SER V 28 49.13 -13.27 -36.13
CA SER V 28 47.98 -14.16 -36.23
C SER V 28 47.49 -14.53 -34.85
N THR V 29 46.19 -14.41 -34.61
CA THR V 29 45.59 -14.79 -33.35
C THR V 29 45.10 -16.24 -33.42
N GLY V 30 44.35 -16.68 -32.41
CA GLY V 30 43.85 -18.03 -32.39
C GLY V 30 42.86 -18.23 -31.27
N VAL V 31 42.09 -19.32 -31.39
CA VAL V 31 41.09 -19.68 -30.41
C VAL V 31 40.86 -21.18 -30.50
N ALA V 32 40.40 -21.78 -29.41
CA ALA V 32 40.23 -23.22 -29.32
C ALA V 32 38.76 -23.58 -29.20
N LEU V 33 38.37 -24.68 -29.86
CA LEU V 33 37.01 -25.18 -29.80
C LEU V 33 37.03 -26.66 -30.18
N ASN V 34 36.15 -27.44 -29.53
CA ASN V 34 36.12 -28.89 -29.67
C ASN V 34 34.70 -29.38 -29.90
N SER V 35 33.99 -28.76 -30.84
CA SER V 35 32.64 -29.21 -31.16
C SER V 35 32.66 -30.50 -31.97
N SER V 36 33.33 -30.49 -33.12
CA SER V 36 33.43 -31.67 -33.97
C SER V 36 34.89 -31.86 -34.36
N LEU V 37 35.30 -33.12 -34.46
CA LEU V 37 36.70 -33.46 -34.69
C LEU V 37 36.83 -34.08 -36.08
N TRP V 38 37.74 -33.57 -36.89
CA TRP V 38 38.00 -34.09 -38.22
C TRP V 38 39.29 -34.91 -38.23
N ALA V 39 39.63 -35.43 -39.41
CA ALA V 39 40.82 -36.25 -39.57
C ALA V 39 41.26 -36.23 -41.03
N GLY V 40 42.49 -36.65 -41.28
CA GLY V 40 43.01 -36.71 -42.63
C GLY V 40 44.46 -37.11 -42.63
N ILE V 41 45.04 -37.09 -43.83
CA ILE V 41 46.45 -37.38 -44.06
C ILE V 41 47.03 -36.33 -44.98
N GLY V 42 48.34 -36.16 -44.92
CA GLY V 42 48.98 -35.16 -45.76
C GLY V 42 50.48 -35.20 -45.65
N VAL V 43 51.12 -34.28 -46.37
CA VAL V 43 52.57 -34.13 -46.39
C VAL V 43 52.91 -32.74 -45.90
N PHE V 44 53.82 -32.65 -44.93
CA PHE V 44 54.16 -31.38 -44.31
C PHE V 44 55.67 -31.30 -44.11
N ALA V 45 56.12 -30.17 -43.54
CA ALA V 45 57.55 -29.93 -43.39
C ALA V 45 58.14 -30.80 -42.29
N ARG V 46 57.70 -30.61 -41.04
CA ARG V 46 58.24 -31.37 -39.92
C ARG V 46 57.09 -32.01 -39.15
N GLY V 47 57.39 -33.13 -38.50
CA GLY V 47 56.41 -33.84 -37.71
C GLY V 47 56.76 -35.30 -37.56
N LYS V 48 56.35 -35.92 -36.46
CA LYS V 48 56.64 -37.34 -36.25
C LYS V 48 55.81 -38.15 -37.24
N PRO V 49 56.44 -38.91 -38.14
CA PRO V 49 55.66 -39.58 -39.20
C PRO V 49 54.92 -40.80 -38.67
N PHE V 50 53.78 -41.07 -39.34
CA PHE V 50 52.97 -42.26 -39.08
C PHE V 50 52.53 -42.36 -37.62
N THR V 51 52.26 -41.22 -37.00
CA THR V 51 51.65 -41.17 -35.67
C THR V 51 50.55 -40.12 -35.68
N VAL V 52 49.56 -40.31 -34.82
CA VAL V 52 48.43 -39.39 -34.76
C VAL V 52 48.87 -38.12 -34.04
N LEU V 53 48.66 -36.97 -34.67
CA LEU V 53 49.02 -35.68 -34.10
C LEU V 53 47.77 -34.83 -33.94
N ALA V 54 47.60 -34.27 -32.74
CA ALA V 54 46.45 -33.42 -32.45
C ALA V 54 46.88 -31.96 -32.61
N VAL V 55 46.15 -31.23 -33.46
CA VAL V 55 46.51 -29.86 -33.80
C VAL V 55 45.32 -28.94 -33.52
N THR V 56 45.60 -27.80 -32.90
CA THR V 56 44.61 -26.75 -32.68
C THR V 56 45.03 -25.50 -33.46
N GLU V 57 44.26 -24.43 -33.28
CA GLU V 57 44.55 -23.20 -34.01
C GLU V 57 45.86 -22.56 -33.59
N SER V 58 46.32 -22.81 -32.36
CA SER V 58 47.57 -22.24 -31.88
C SER V 58 48.76 -23.19 -32.01
N ASN V 59 48.53 -24.45 -32.38
CA ASN V 59 49.60 -25.43 -32.52
C ASN V 59 49.92 -25.80 -33.95
N TYR V 60 49.07 -25.44 -34.92
CA TYR V 60 49.29 -25.90 -36.28
C TYR V 60 50.50 -25.26 -36.93
N GLU V 61 51.12 -24.26 -36.30
CA GLU V 61 52.38 -23.72 -36.78
C GLU V 61 53.58 -24.39 -36.12
N ASP V 62 53.53 -24.60 -34.80
CA ASP V 62 54.60 -25.32 -34.12
C ASP V 62 54.56 -26.80 -34.47
N VAL V 63 53.48 -27.49 -34.12
CA VAL V 63 53.21 -28.78 -34.73
C VAL V 63 52.95 -28.53 -36.22
N LEU V 64 53.15 -29.57 -37.03
CA LEU V 64 53.25 -29.42 -38.48
C LEU V 64 54.44 -28.48 -38.69
N GLY V 65 54.35 -27.48 -39.54
CA GLY V 65 55.49 -26.59 -39.69
C GLY V 65 55.16 -25.39 -40.55
N GLU V 66 56.20 -24.64 -40.89
CA GLU V 66 56.03 -23.51 -41.78
C GLU V 66 55.53 -24.00 -43.14
N PRO V 67 54.55 -23.33 -43.74
CA PRO V 67 53.99 -23.81 -45.01
C PRO V 67 55.06 -23.89 -46.09
N LEU V 68 54.98 -24.93 -46.89
CA LEU V 68 55.93 -25.12 -47.98
C LEU V 68 55.63 -24.15 -49.11
N LYS V 69 56.69 -23.68 -49.76
CA LYS V 69 56.53 -22.68 -50.81
C LYS V 69 55.83 -23.28 -52.01
N PRO V 70 54.92 -22.53 -52.65
CA PRO V 70 54.21 -23.07 -53.82
C PRO V 70 55.12 -23.32 -55.02
N SER V 71 56.31 -22.71 -55.05
CA SER V 71 57.24 -22.95 -56.15
C SER V 71 57.79 -24.36 -56.13
N SER V 72 57.77 -25.05 -54.98
CA SER V 72 58.20 -26.44 -54.95
C SER V 72 57.27 -27.33 -55.76
N GLY V 73 55.96 -27.13 -55.64
CA GLY V 73 55.02 -27.82 -56.49
C GLY V 73 54.37 -29.05 -55.87
N SER V 74 53.04 -29.04 -55.80
CA SER V 74 52.22 -30.16 -55.35
C SER V 74 52.50 -30.57 -53.91
N GLN V 75 53.15 -29.71 -53.13
CA GLN V 75 53.44 -29.99 -51.74
C GLN V 75 52.78 -29.00 -50.79
N PHE V 76 52.07 -28.00 -51.33
CA PHE V 76 51.53 -26.91 -50.53
C PHE V 76 50.05 -27.08 -50.20
N GLU V 77 49.33 -27.92 -50.93
CA GLU V 77 47.89 -28.03 -50.72
C GLU V 77 47.49 -28.50 -49.32
N PRO V 78 48.09 -29.55 -48.75
CA PRO V 78 47.57 -30.05 -47.46
C PRO V 78 47.57 -29.02 -46.34
N ILE V 79 48.59 -28.18 -46.25
CA ILE V 79 48.63 -27.21 -45.15
C ILE V 79 47.56 -26.15 -45.36
N ARG V 80 47.30 -25.76 -46.61
CA ARG V 80 46.22 -24.82 -46.87
C ARG V 80 44.86 -25.42 -46.51
N HIS V 81 44.65 -26.69 -46.83
CA HIS V 81 43.40 -27.35 -46.45
C HIS V 81 43.26 -27.42 -44.94
N VAL V 82 44.35 -27.73 -44.24
CA VAL V 82 44.32 -27.80 -42.77
C VAL V 82 43.99 -26.43 -42.19
N TYR V 83 44.60 -25.38 -42.72
CA TYR V 83 44.33 -24.03 -42.22
C TYR V 83 42.87 -23.65 -42.45
N GLU V 84 42.33 -23.98 -43.62
CA GLU V 84 40.93 -23.65 -43.90
C GLU V 84 39.99 -24.41 -42.96
N ALA V 85 40.28 -25.69 -42.70
CA ALA V 85 39.40 -26.50 -41.89
C ALA V 85 39.53 -26.20 -40.40
N ILE V 86 40.68 -25.68 -39.96
CA ILE V 86 40.92 -25.51 -38.53
C ILE V 86 40.31 -24.24 -37.97
N GLN V 87 39.72 -23.39 -38.82
CA GLN V 87 39.08 -22.18 -38.33
C GLN V 87 37.85 -22.46 -37.50
N GLN V 88 37.26 -23.65 -37.64
CA GLN V 88 36.09 -24.01 -36.84
C GLN V 88 36.50 -24.79 -35.59
N THR V 89 37.08 -25.97 -35.78
CA THR V 89 37.44 -26.85 -34.68
C THR V 89 38.73 -27.59 -34.99
N SER V 90 39.30 -28.20 -33.96
CA SER V 90 40.56 -28.93 -34.09
C SER V 90 40.33 -30.31 -34.70
N GLY V 91 41.42 -31.03 -34.91
CA GLY V 91 41.33 -32.34 -35.54
C GLY V 91 42.60 -33.13 -35.34
N TYR V 92 42.75 -34.18 -36.15
CA TYR V 92 43.89 -35.08 -36.08
C TYR V 92 44.49 -35.26 -37.47
N VAL V 93 45.82 -35.38 -37.52
CA VAL V 93 46.55 -35.49 -38.78
C VAL V 93 47.62 -36.57 -38.64
N VAL V 94 47.79 -37.36 -39.69
CA VAL V 94 48.86 -38.35 -39.78
C VAL V 94 49.77 -37.97 -40.94
N ARG V 95 51.07 -37.90 -40.68
CA ARG V 95 52.04 -37.45 -41.67
C ARG V 95 52.60 -38.62 -42.45
N ALA V 96 52.69 -38.46 -43.76
CA ALA V 96 53.28 -39.45 -44.65
C ALA V 96 54.58 -38.90 -45.21
N VAL V 97 55.62 -39.72 -45.23
CA VAL V 97 56.95 -39.30 -45.64
C VAL V 97 57.51 -40.30 -46.63
N PRO V 98 58.28 -39.88 -47.64
CA PRO V 98 58.87 -40.84 -48.57
C PRO V 98 59.95 -41.68 -47.90
N ASP V 99 60.34 -42.76 -48.59
CA ASP V 99 61.28 -43.72 -48.03
C ASP V 99 62.66 -43.09 -47.82
N ASP V 100 63.11 -42.27 -48.77
CA ASP V 100 64.45 -41.70 -48.69
C ASP V 100 64.49 -40.51 -47.73
N ALA V 101 64.02 -40.71 -46.51
CA ALA V 101 64.01 -39.68 -45.48
C ALA V 101 64.81 -40.16 -44.28
N LYS V 102 65.66 -39.29 -43.75
CA LYS V 102 66.54 -39.63 -42.65
C LYS V 102 66.52 -38.55 -41.59
N PHE V 103 66.84 -38.94 -40.36
CA PHE V 103 66.94 -38.01 -39.25
C PHE V 103 68.34 -38.02 -38.67
N PRO V 104 68.85 -36.88 -38.22
CA PRO V 104 70.24 -36.81 -37.75
C PRO V 104 70.41 -37.41 -36.36
N ILE V 105 71.66 -37.68 -36.02
CA ILE V 105 72.02 -38.26 -34.73
C ILE V 105 73.49 -38.01 -34.50
N ILE V 106 73.86 -37.76 -33.24
CA ILE V 106 75.24 -37.52 -32.83
C ILE V 106 75.61 -38.53 -31.77
N MET V 107 76.69 -39.28 -32.00
CA MET V 107 77.21 -40.23 -31.02
C MET V 107 78.41 -39.61 -30.31
N PHE V 108 78.63 -40.06 -29.08
CA PHE V 108 79.68 -39.51 -28.23
C PHE V 108 80.64 -40.62 -27.83
N ASP V 109 81.94 -40.35 -27.97
CA ASP V 109 82.99 -41.28 -27.58
C ASP V 109 83.20 -41.21 -26.05
N GLU V 110 83.99 -42.15 -25.55
CA GLU V 110 84.31 -42.15 -24.12
C GLU V 110 85.05 -40.89 -23.73
N SER V 111 85.98 -40.44 -24.58
CA SER V 111 86.65 -39.16 -24.34
C SER V 111 85.66 -38.00 -24.41
N GLY V 112 84.75 -38.04 -25.37
CA GLY V 112 83.72 -37.03 -25.48
C GLY V 112 83.59 -36.40 -26.85
N GLU V 113 84.33 -36.89 -27.83
CA GLU V 113 84.25 -36.33 -29.17
C GLU V 113 82.98 -36.79 -29.88
N PRO V 114 82.41 -35.95 -30.75
CA PRO V 114 81.18 -36.30 -31.45
C PRO V 114 81.42 -36.94 -32.81
N ALA V 115 80.45 -37.76 -33.22
CA ALA V 115 80.42 -38.36 -34.54
C ALA V 115 79.04 -38.18 -35.13
N TYR V 116 78.96 -37.78 -36.39
CA TYR V 116 77.69 -37.47 -37.03
C TYR V 116 77.28 -38.57 -38.01
N SER V 117 75.97 -38.78 -38.09
CA SER V 117 75.41 -39.74 -39.03
C SER V 117 73.92 -39.48 -39.16
N ALA V 118 73.26 -40.28 -40.00
CA ALA V 118 71.82 -40.22 -40.18
C ALA V 118 71.29 -41.62 -40.45
N LEU V 119 70.03 -41.84 -40.12
CA LEU V 119 69.39 -43.14 -40.25
C LEU V 119 67.98 -42.97 -40.78
N PRO V 120 67.46 -43.98 -41.49
CA PRO V 120 66.05 -43.92 -41.92
C PRO V 120 65.10 -43.97 -40.74
N TYR V 121 63.89 -43.46 -40.96
CA TYR V 121 62.92 -43.32 -39.89
C TYR V 121 62.52 -44.67 -39.31
N GLY V 122 62.36 -45.68 -40.16
CA GLY V 122 61.96 -46.99 -39.67
C GLY V 122 63.01 -47.65 -38.80
N SER V 123 64.28 -47.44 -39.11
CA SER V 123 65.36 -48.15 -38.44
C SER V 123 65.47 -47.72 -36.98
N GLU V 124 66.14 -48.57 -36.20
CA GLU V 124 66.39 -48.32 -34.78
C GLU V 124 67.89 -48.17 -34.54
N ILE V 125 68.23 -47.33 -33.57
CA ILE V 125 69.62 -46.97 -33.30
C ILE V 125 70.32 -48.13 -32.61
N GLU V 126 71.49 -48.51 -33.12
CA GLU V 126 72.35 -49.51 -32.51
C GLU V 126 73.70 -48.86 -32.21
N LEU V 127 74.12 -48.95 -30.95
CA LEU V 127 75.33 -48.29 -30.50
C LEU V 127 76.54 -49.18 -30.75
N ASP V 128 77.52 -48.68 -31.49
CA ASP V 128 78.75 -49.40 -31.72
C ASP V 128 79.57 -49.48 -30.44
N SER V 129 80.37 -50.54 -30.33
CA SER V 129 81.27 -50.67 -29.20
C SER V 129 82.28 -49.53 -29.22
N GLY V 130 82.63 -49.04 -28.02
CA GLY V 130 83.47 -47.87 -27.92
C GLY V 130 82.73 -46.55 -27.87
N GLU V 131 81.40 -46.57 -28.00
CA GLU V 131 80.57 -45.38 -27.91
C GLU V 131 79.70 -45.45 -26.66
N ALA V 132 79.61 -44.33 -25.95
CA ALA V 132 78.90 -44.27 -24.68
C ALA V 132 77.40 -44.02 -24.87
N PHE V 133 77.06 -42.92 -25.55
CA PHE V 133 75.67 -42.54 -25.70
C PHE V 133 75.50 -41.76 -27.00
N ALA V 134 74.26 -41.68 -27.46
CA ALA V 134 73.91 -40.94 -28.66
C ALA V 134 72.68 -40.08 -28.40
N ILE V 135 72.62 -38.93 -29.05
CA ILE V 135 71.50 -38.01 -28.95
C ILE V 135 70.99 -37.74 -30.35
N TYR V 136 69.69 -37.92 -30.56
CA TYR V 136 69.07 -37.69 -31.87
C TYR V 136 67.83 -36.83 -31.69
N VAL V 137 67.21 -36.49 -32.82
CA VAL V 137 66.05 -35.61 -32.85
C VAL V 137 64.79 -36.45 -33.00
N ASP V 138 63.91 -36.37 -32.01
CA ASP V 138 62.66 -37.13 -32.07
C ASP V 138 61.68 -36.52 -33.07
N ASP V 139 61.57 -35.20 -33.07
CA ASP V 139 60.70 -34.51 -34.02
C ASP V 139 61.16 -34.77 -35.44
N GLY V 140 60.22 -35.06 -36.33
CA GLY V 140 60.56 -35.33 -37.72
C GLY V 140 60.94 -34.08 -38.48
N ASP V 141 61.93 -33.35 -37.97
CA ASP V 141 62.34 -32.07 -38.55
C ASP V 141 63.76 -32.15 -39.06
N PRO V 142 63.98 -32.17 -40.38
CA PRO V 142 65.35 -32.00 -40.89
C PRO V 142 65.87 -30.62 -40.55
N CYS V 143 67.17 -30.55 -40.29
CA CYS V 143 67.82 -29.31 -39.89
C CYS V 143 68.51 -28.62 -41.06
N ILE V 144 67.92 -28.69 -42.25
CA ILE V 144 68.59 -28.17 -43.44
C ILE V 144 68.57 -26.65 -43.45
N SER V 145 67.38 -26.05 -43.54
CA SER V 145 67.33 -24.59 -43.62
C SER V 145 67.49 -23.95 -42.24
N PRO V 146 66.75 -24.38 -41.19
CA PRO V 146 67.11 -23.90 -39.85
C PRO V 146 68.11 -24.83 -39.19
N THR V 147 69.27 -24.31 -38.81
CA THR V 147 70.32 -25.14 -38.24
C THR V 147 70.16 -25.22 -36.72
N ARG V 148 70.26 -26.43 -36.19
CA ARG V 148 70.14 -26.68 -34.76
C ARG V 148 71.49 -27.11 -34.22
N GLU V 149 71.94 -26.44 -33.17
CA GLU V 149 73.26 -26.66 -32.59
C GLU V 149 73.12 -27.13 -31.15
N LEU V 150 74.06 -27.98 -30.72
CA LEU V 150 74.06 -28.56 -29.39
C LEU V 150 75.31 -28.10 -28.64
N THR V 151 75.13 -27.67 -27.40
CA THR V 151 76.21 -27.13 -26.59
C THR V 151 76.28 -27.86 -25.27
N ILE V 152 77.50 -28.16 -24.81
CA ILE V 152 77.73 -28.85 -23.56
C ILE V 152 78.68 -28.03 -22.70
N GLU V 153 78.33 -27.86 -21.43
CA GLU V 153 79.21 -27.23 -20.46
C GLU V 153 78.95 -27.84 -19.09
N THR V 154 79.93 -27.72 -18.21
CA THR V 154 79.87 -28.35 -16.90
C THR V 154 79.08 -27.49 -15.91
N ALA V 155 78.62 -28.16 -14.85
CA ALA V 155 77.86 -27.52 -13.78
C ALA V 155 78.35 -28.04 -12.44
N THR V 156 77.77 -27.51 -11.37
CA THR V 156 78.16 -27.93 -10.03
C THR V 156 77.75 -29.37 -9.78
N ALA V 157 78.58 -30.09 -9.04
CA ALA V 157 78.32 -31.49 -8.75
C ALA V 157 77.11 -31.63 -7.83
N ASP V 158 76.56 -32.84 -7.78
CA ASP V 158 75.39 -33.11 -6.97
C ASP V 158 75.75 -33.08 -5.50
N SER V 159 74.70 -33.02 -4.66
CA SER V 159 74.91 -33.04 -3.22
C SER V 159 75.53 -34.36 -2.77
N ALA V 160 75.08 -35.47 -3.33
CA ALA V 160 75.63 -36.77 -2.98
C ALA V 160 77.00 -37.03 -3.56
N GLY V 161 77.44 -36.21 -4.52
CA GLY V 161 78.74 -36.38 -5.14
C GLY V 161 78.70 -36.72 -6.62
N ASN V 162 77.52 -36.90 -7.20
CA ASN V 162 77.42 -37.19 -8.62
C ASN V 162 77.76 -35.96 -9.45
N GLU V 163 78.19 -36.19 -10.68
CA GLU V 163 78.55 -35.12 -11.61
C GLU V 163 77.46 -34.92 -12.63
N ARG V 164 77.20 -33.65 -12.97
CA ARG V 164 76.16 -33.29 -13.92
C ARG V 164 76.65 -32.12 -14.77
N PHE V 165 76.05 -31.99 -15.95
CA PHE V 165 76.43 -30.96 -16.90
C PHE V 165 75.18 -30.31 -17.49
N LEU V 166 75.38 -29.16 -18.11
CA LEU V 166 74.29 -28.42 -18.74
C LEU V 166 74.24 -28.74 -20.23
N LEU V 167 73.06 -29.11 -20.71
CA LEU V 167 72.83 -29.39 -22.12
C LEU V 167 71.91 -28.32 -22.69
N LYS V 168 72.38 -27.63 -23.72
CA LYS V 168 71.63 -26.52 -24.31
C LYS V 168 71.44 -26.74 -25.80
N LEU V 169 70.28 -26.32 -26.29
CA LEU V 169 69.92 -26.43 -27.70
C LEU V 169 69.63 -25.04 -28.25
N THR V 170 70.15 -24.76 -29.43
CA THR V 170 70.01 -23.45 -30.06
C THR V 170 69.61 -23.61 -31.52
N GLN V 171 68.96 -22.58 -32.04
CA GLN V 171 68.49 -22.56 -33.43
C GLN V 171 69.09 -21.34 -34.13
N THR V 172 69.70 -21.57 -35.29
CA THR V 172 70.29 -20.51 -36.08
C THR V 172 69.71 -20.52 -37.48
N THR V 173 69.31 -19.36 -37.96
CA THR V 173 68.76 -19.23 -39.30
C THR V 173 69.89 -19.13 -40.32
N SER V 174 69.52 -19.01 -41.60
CA SER V 174 70.52 -18.86 -42.65
C SER V 174 71.24 -17.52 -42.55
N LEU V 175 70.52 -16.46 -42.17
CA LEU V 175 71.13 -15.14 -42.06
C LEU V 175 72.20 -15.11 -40.96
N GLY V 176 71.91 -15.70 -39.81
CA GLY V 176 72.87 -15.72 -38.72
C GLY V 176 72.27 -15.38 -37.37
N VAL V 177 70.95 -15.19 -37.33
CA VAL V 177 70.28 -14.89 -36.08
C VAL V 177 70.21 -16.15 -35.23
N VAL V 178 70.66 -16.05 -33.98
CA VAL V 178 70.76 -17.18 -33.08
C VAL V 178 69.71 -17.03 -31.98
N THR V 179 68.95 -18.10 -31.74
CA THR V 179 67.94 -18.12 -30.70
C THR V 179 68.13 -19.35 -29.82
N THR V 180 67.58 -19.29 -28.63
CA THR V 180 67.71 -20.35 -27.63
C THR V 180 66.40 -21.13 -27.55
N LEU V 181 66.51 -22.46 -27.60
CA LEU V 181 65.34 -23.32 -27.58
C LEU V 181 65.11 -23.97 -26.21
N GLU V 182 66.07 -24.75 -25.71
CA GLU V 182 65.89 -25.50 -24.48
C GLU V 182 67.20 -25.56 -23.72
N THR V 183 67.10 -25.73 -22.40
CA THR V 183 68.24 -25.97 -21.53
C THR V 183 67.87 -27.05 -20.53
N HIS V 184 68.85 -27.87 -20.14
CA HIS V 184 68.61 -28.95 -19.20
C HIS V 184 69.85 -29.16 -18.36
N THR V 185 69.66 -29.75 -17.18
CA THR V 185 70.74 -30.27 -16.34
C THR V 185 70.66 -31.78 -16.38
N VAL V 186 71.73 -32.43 -16.83
CA VAL V 186 71.74 -33.86 -17.11
C VAL V 186 72.93 -34.50 -16.43
N SER V 187 72.70 -35.67 -15.83
CA SER V 187 73.77 -36.44 -15.19
C SER V 187 73.84 -37.82 -15.82
N LEU V 188 75.06 -38.31 -16.02
CA LEU V 188 75.27 -39.64 -16.58
C LEU V 188 75.00 -40.74 -15.56
N ALA V 189 75.08 -40.43 -14.27
CA ALA V 189 74.84 -41.44 -13.24
C ALA V 189 73.37 -41.83 -13.19
N GLU V 190 73.13 -43.11 -12.88
CA GLU V 190 71.76 -43.60 -12.83
C GLU V 190 70.97 -42.95 -11.71
N GLU V 191 71.57 -42.80 -10.55
CA GLU V 191 70.89 -42.25 -9.38
C GLU V 191 71.42 -40.84 -9.13
N ALA V 192 70.77 -39.86 -9.75
CA ALA V 192 71.12 -38.47 -9.58
C ALA V 192 69.84 -37.64 -9.51
N LYS V 193 69.92 -36.48 -8.89
CA LYS V 193 68.75 -35.64 -8.68
C LYS V 193 69.05 -34.21 -9.09
N ASP V 194 68.01 -33.52 -9.55
CA ASP V 194 68.12 -32.13 -9.98
C ASP V 194 68.07 -31.20 -8.78
N ASP V 195 68.32 -29.92 -9.04
CA ASP V 195 68.19 -28.91 -7.99
C ASP V 195 66.75 -28.79 -7.51
N MET V 196 65.79 -29.10 -8.36
CA MET V 196 64.39 -29.11 -7.98
C MET V 196 63.93 -30.46 -7.45
N GLY V 197 64.81 -31.45 -7.39
CA GLY V 197 64.47 -32.77 -6.90
C GLY V 197 64.15 -33.79 -7.96
N ARG V 198 64.02 -33.38 -9.22
CA ARG V 198 63.71 -34.29 -10.30
C ARG V 198 64.94 -35.11 -10.68
N LEU V 199 64.70 -36.21 -11.39
CA LEU V 199 65.78 -37.08 -11.83
C LEU V 199 66.56 -36.46 -12.99
N CYS V 200 67.87 -36.73 -13.02
CA CYS V 200 68.75 -36.16 -14.04
C CYS V 200 69.33 -37.22 -14.97
N TYR V 201 68.85 -38.46 -14.91
CA TYR V 201 69.32 -39.47 -15.84
C TYR V 201 68.95 -39.06 -17.26
N LEU V 202 69.91 -39.17 -18.18
CA LEU V 202 69.76 -38.55 -19.50
C LEU V 202 68.54 -39.07 -20.27
N PRO V 203 68.37 -40.37 -20.49
CA PRO V 203 67.18 -40.81 -21.23
C PRO V 203 65.87 -40.44 -20.57
N THR V 204 65.78 -40.61 -19.24
CA THR V 204 64.53 -40.31 -18.55
C THR V 204 64.20 -38.83 -18.61
N ALA V 205 65.20 -37.97 -18.37
CA ALA V 205 64.96 -36.53 -18.42
C ALA V 205 64.57 -36.09 -19.82
N LEU V 206 65.25 -36.61 -20.84
CA LEU V 206 64.92 -36.22 -22.21
C LEU V 206 63.53 -36.70 -22.60
N GLU V 207 63.14 -37.90 -22.17
CA GLU V 207 61.78 -38.37 -22.45
C GLU V 207 60.74 -37.54 -21.71
N ALA V 208 61.06 -37.09 -20.50
CA ALA V 208 60.06 -36.39 -19.68
C ALA V 208 59.87 -34.95 -20.13
N ARG V 209 60.92 -34.14 -20.05
CA ARG V 209 60.77 -32.69 -20.18
C ARG V 209 61.46 -32.12 -21.41
N SER V 210 61.48 -32.85 -22.52
CA SER V 210 62.01 -32.33 -23.77
C SER V 210 61.12 -32.79 -24.92
N LYS V 211 60.78 -31.84 -25.81
CA LYS V 211 59.96 -32.15 -26.97
C LYS V 211 60.75 -32.19 -28.27
N TYR V 212 62.08 -32.07 -28.21
CA TYR V 212 62.91 -32.06 -29.40
C TYR V 212 63.88 -33.24 -29.47
N LEU V 213 64.50 -33.63 -28.36
CA LEU V 213 65.61 -34.57 -28.37
C LEU V 213 65.26 -35.83 -27.59
N ARG V 214 65.96 -36.91 -27.94
CA ARG V 214 65.94 -38.16 -27.20
C ARG V 214 67.36 -38.70 -27.16
N ALA V 215 67.61 -39.64 -26.25
CA ALA V 215 68.95 -40.20 -26.09
C ALA V 215 68.89 -41.70 -25.88
N VAL V 216 69.95 -42.38 -26.32
CA VAL V 216 70.12 -43.82 -26.14
C VAL V 216 71.51 -44.05 -25.59
N VAL V 217 71.61 -44.84 -24.51
CA VAL V 217 72.88 -45.07 -23.84
C VAL V 217 73.26 -46.54 -23.98
N ASN V 218 74.56 -46.79 -23.87
CA ASN V 218 75.12 -48.15 -23.84
C ASN V 218 75.35 -48.53 -22.38
N GLU V 219 74.64 -49.55 -21.92
CA GLU V 219 74.64 -49.88 -20.49
C GLU V 219 76.01 -50.33 -20.01
N GLU V 220 76.73 -51.10 -20.84
CA GLU V 220 77.98 -51.70 -20.40
C GLU V 220 79.04 -50.64 -20.11
N LEU V 221 79.18 -49.64 -20.99
CA LEU V 221 80.28 -48.68 -20.92
C LEU V 221 79.86 -47.32 -20.39
N ILE V 222 78.64 -47.18 -19.88
CA ILE V 222 78.18 -45.88 -19.42
C ILE V 222 78.92 -45.45 -18.15
N SER V 223 79.34 -46.41 -17.33
CA SER V 223 79.87 -46.08 -16.01
C SER V 223 81.16 -45.26 -16.11
N THR V 224 82.11 -45.71 -16.91
CA THR V 224 83.41 -45.05 -17.03
C THR V 224 83.42 -44.13 -18.24
N ALA V 225 82.59 -43.09 -18.17
CA ALA V 225 82.42 -42.13 -19.26
C ALA V 225 82.70 -40.73 -18.74
N LYS V 226 83.36 -39.92 -19.58
CA LYS V 226 83.70 -38.55 -19.24
C LYS V 226 83.19 -37.62 -20.34
N VAL V 227 82.72 -36.45 -19.94
CA VAL V 227 82.19 -35.44 -20.85
C VAL V 227 82.94 -34.14 -20.62
N THR V 228 83.39 -33.52 -21.70
CA THR V 228 84.12 -32.26 -21.65
C THR V 228 83.32 -31.17 -22.37
N ASN V 229 83.62 -29.92 -22.02
CA ASN V 229 82.92 -28.79 -22.61
C ASN V 229 83.15 -28.73 -24.11
N LYS V 230 82.08 -28.54 -24.87
CA LYS V 230 82.15 -28.44 -26.31
C LYS V 230 81.33 -27.25 -26.78
N LYS V 231 81.77 -26.64 -27.87
CA LYS V 231 81.07 -25.51 -28.46
C LYS V 231 79.88 -26.02 -29.26
N SER V 232 79.27 -25.16 -30.07
CA SER V 232 78.10 -25.53 -30.83
C SER V 232 78.43 -26.64 -31.83
N LEU V 233 77.63 -27.72 -31.79
CA LEU V 233 77.75 -28.82 -32.73
C LEU V 233 76.42 -28.95 -33.47
N ALA V 234 76.47 -28.95 -34.79
CA ALA V 234 75.28 -28.92 -35.62
C ALA V 234 74.97 -30.32 -36.16
N PHE V 235 73.70 -30.68 -36.11
CA PHE V 235 73.26 -31.93 -36.71
C PHE V 235 73.41 -31.88 -38.22
N THR V 236 73.88 -32.98 -38.81
CA THR V 236 74.09 -33.06 -40.24
C THR V 236 73.55 -34.39 -40.77
N GLY V 237 73.20 -34.39 -42.05
CA GLY V 237 72.75 -35.59 -42.72
C GLY V 237 71.26 -35.83 -42.71
N GLY V 238 70.50 -35.04 -41.97
CA GLY V 238 69.06 -35.20 -41.94
C GLY V 238 68.38 -34.51 -43.11
N THR V 239 67.65 -35.26 -43.92
CA THR V 239 67.04 -34.72 -45.12
C THR V 239 65.69 -35.37 -45.36
N ASN V 240 64.89 -34.70 -46.18
CA ASN V 240 63.61 -35.22 -46.66
C ASN V 240 63.72 -35.43 -48.17
N GLY V 241 63.30 -36.60 -48.64
CA GLY V 241 63.36 -36.89 -50.05
C GLY V 241 62.41 -36.02 -50.85
N ASP V 242 62.36 -36.20 -52.17
CA ASP V 242 61.43 -35.42 -52.97
C ASP V 242 59.99 -35.71 -52.56
N GLN V 243 59.36 -34.74 -51.92
CA GLN V 243 58.03 -34.94 -51.35
C GLN V 243 56.91 -34.78 -52.36
N SER V 244 57.22 -34.35 -53.58
CA SER V 244 56.20 -34.32 -54.63
C SER V 244 55.89 -35.71 -55.18
N LYS V 245 56.77 -36.68 -54.96
CA LYS V 245 56.58 -38.05 -55.43
C LYS V 245 56.41 -38.95 -54.21
N ILE V 246 55.18 -39.32 -53.90
CA ILE V 246 54.86 -40.19 -52.78
C ILE V 246 54.20 -41.44 -53.34
N SER V 247 54.74 -42.60 -52.98
CA SER V 247 54.19 -43.86 -53.44
C SER V 247 52.87 -44.17 -52.73
N THR V 248 52.12 -45.09 -53.31
CA THR V 248 50.82 -45.45 -52.73
C THR V 248 50.97 -46.21 -51.42
N ALA V 249 52.11 -46.90 -51.23
CA ALA V 249 52.29 -47.68 -50.02
C ALA V 249 52.31 -46.79 -48.78
N ALA V 250 53.00 -45.65 -48.85
CA ALA V 250 53.03 -44.73 -47.71
C ALA V 250 51.65 -44.18 -47.41
N TYR V 251 50.90 -43.83 -48.47
CA TYR V 251 49.54 -43.33 -48.27
C TYR V 251 48.66 -44.38 -47.59
N LEU V 252 48.75 -45.63 -48.05
CA LEU V 252 47.94 -46.68 -47.45
C LEU V 252 48.35 -46.93 -46.01
N ARG V 253 49.65 -46.84 -45.71
CA ARG V 253 50.10 -47.00 -44.33
C ARG V 253 49.53 -45.90 -43.44
N ALA V 254 49.53 -44.65 -43.92
CA ALA V 254 48.96 -43.56 -43.15
C ALA V 254 47.46 -43.77 -42.94
N VAL V 255 46.75 -44.24 -43.97
CA VAL V 255 45.32 -44.50 -43.83
C VAL V 255 45.09 -45.58 -42.79
N LYS V 256 45.89 -46.65 -42.82
CA LYS V 256 45.75 -47.71 -41.83
C LYS V 256 46.03 -47.19 -40.42
N VAL V 257 46.97 -46.25 -40.29
CA VAL V 257 47.22 -45.63 -38.99
C VAL V 257 45.99 -44.86 -38.52
N LEU V 258 45.35 -44.13 -39.43
CA LEU V 258 44.10 -43.44 -39.05
C LEU V 258 43.03 -44.43 -38.61
N ASN V 259 42.92 -45.57 -39.30
CA ASN V 259 41.83 -46.50 -39.01
C ASN V 259 41.87 -46.97 -37.56
N ASN V 260 43.08 -47.21 -37.03
CA ASN V 260 43.24 -47.75 -35.68
C ASN V 260 43.53 -46.62 -34.69
N ALA V 261 42.55 -45.72 -34.57
CA ALA V 261 42.66 -44.60 -33.65
C ALA V 261 41.42 -44.52 -32.78
N PRO V 262 41.59 -44.36 -31.46
CA PRO V 262 40.45 -44.36 -30.54
C PRO V 262 39.84 -42.99 -30.24
N TYR V 263 40.23 -41.95 -30.96
CA TYR V 263 39.84 -40.59 -30.59
C TYR V 263 38.41 -40.24 -30.99
N MET V 264 37.77 -41.05 -31.83
CA MET V 264 36.34 -40.91 -32.15
C MET V 264 36.05 -39.53 -32.75
N TYR V 265 36.60 -39.31 -33.93
CA TYR V 265 36.33 -38.11 -34.69
C TYR V 265 34.97 -38.21 -35.38
N THR V 266 34.51 -37.09 -35.94
CA THR V 266 33.17 -37.01 -36.53
C THR V 266 33.20 -36.66 -38.02
N ALA V 267 34.37 -36.58 -38.64
CA ALA V 267 34.45 -36.34 -40.07
C ALA V 267 35.83 -36.78 -40.57
N VAL V 268 35.88 -37.14 -41.84
CA VAL V 268 37.14 -37.52 -42.50
C VAL V 268 37.29 -36.67 -43.75
N LEU V 269 38.49 -36.11 -43.93
CA LEU V 269 38.74 -35.14 -44.98
C LEU V 269 39.91 -35.60 -45.84
N GLY V 270 39.80 -35.41 -47.14
CA GLY V 270 40.92 -35.66 -48.03
C GLY V 270 41.68 -34.38 -48.30
N LEU V 271 42.77 -34.16 -47.56
CA LEU V 271 43.50 -32.90 -47.61
C LEU V 271 44.46 -32.93 -48.78
N GLY V 272 43.94 -32.63 -49.96
CA GLY V 272 44.78 -32.51 -51.14
C GLY V 272 45.39 -33.81 -51.61
N CYS V 273 44.86 -34.95 -51.20
CA CYS V 273 45.34 -36.25 -51.65
C CYS V 273 44.54 -36.65 -52.88
N TYR V 274 45.24 -36.84 -54.00
CA TYR V 274 44.62 -37.19 -55.28
C TYR V 274 45.04 -38.58 -55.75
N ASP V 275 45.09 -39.54 -54.85
CA ASP V 275 45.37 -40.93 -55.17
C ASP V 275 44.09 -41.74 -55.00
N ASN V 276 43.72 -42.51 -56.02
CA ASN V 276 42.44 -43.20 -56.00
C ASN V 276 42.37 -44.26 -54.92
N ALA V 277 43.43 -45.05 -54.75
CA ALA V 277 43.43 -46.10 -53.74
C ALA V 277 43.29 -45.51 -52.34
N ALA V 278 44.01 -44.42 -52.06
CA ALA V 278 43.90 -43.77 -50.76
C ALA V 278 42.49 -43.23 -50.55
N ILE V 279 41.88 -42.67 -51.59
CA ILE V 279 40.53 -42.14 -51.45
C ILE V 279 39.53 -43.26 -51.17
N THR V 280 39.67 -44.40 -51.84
CA THR V 280 38.76 -45.52 -51.56
C THR V 280 38.96 -46.05 -50.15
N ALA V 281 40.21 -46.11 -49.68
CA ALA V 281 40.45 -46.54 -48.31
C ALA V 281 39.84 -45.57 -47.30
N LEU V 282 39.97 -44.27 -47.56
CA LEU V 282 39.36 -43.27 -46.68
C LEU V 282 37.84 -43.39 -46.70
N GLY V 283 37.26 -43.69 -47.86
CA GLY V 283 35.83 -43.90 -47.93
C GLY V 283 35.38 -45.13 -47.15
N LYS V 284 36.19 -46.20 -47.19
CA LYS V 284 35.89 -47.38 -46.38
C LYS V 284 35.93 -47.03 -44.89
N ILE V 285 36.91 -46.24 -44.47
CA ILE V 285 36.95 -45.77 -43.08
C ILE V 285 35.70 -44.96 -42.77
N CYS V 286 35.30 -44.09 -43.70
CA CYS V 286 34.14 -43.24 -43.50
C CYS V 286 32.87 -44.06 -43.32
N ALA V 287 32.70 -45.11 -44.13
CA ALA V 287 31.51 -45.94 -44.01
C ALA V 287 31.58 -46.85 -42.79
N ASP V 288 32.78 -47.20 -42.32
CA ASP V 288 32.90 -48.10 -41.19
C ASP V 288 32.37 -47.47 -39.91
N ARG V 289 32.69 -46.21 -39.66
CA ARG V 289 32.41 -45.56 -38.38
C ARG V 289 31.09 -44.81 -38.36
N LEU V 290 30.28 -44.93 -39.42
CA LEU V 290 29.03 -44.19 -39.56
C LEU V 290 29.28 -42.69 -39.42
N ILE V 291 30.12 -42.18 -40.32
CA ILE V 291 30.61 -40.82 -40.27
C ILE V 291 30.46 -40.21 -41.67
N ASP V 292 30.37 -38.88 -41.71
CA ASP V 292 30.37 -38.17 -42.98
C ASP V 292 31.79 -38.12 -43.55
N GLY V 293 31.87 -37.84 -44.86
CA GLY V 293 33.16 -37.75 -45.52
C GLY V 293 33.17 -36.80 -46.69
N PHE V 294 34.24 -36.03 -46.84
CA PHE V 294 34.36 -35.05 -47.91
C PHE V 294 35.66 -35.28 -48.67
N PHE V 295 35.55 -35.36 -50.00
CA PHE V 295 36.69 -35.64 -50.85
C PHE V 295 36.66 -34.70 -52.04
N ASP V 296 37.78 -34.66 -52.76
CA ASP V 296 37.98 -33.67 -53.80
C ASP V 296 38.69 -34.29 -55.00
N VAL V 297 38.22 -33.95 -56.19
CA VAL V 297 38.87 -34.36 -57.43
C VAL V 297 39.88 -33.29 -57.83
N LYS V 298 40.79 -33.65 -58.73
CA LYS V 298 41.86 -32.73 -59.12
C LYS V 298 41.26 -31.46 -59.73
N PRO V 299 41.64 -30.27 -59.25
CA PRO V 299 40.95 -29.05 -59.70
C PRO V 299 41.35 -28.61 -61.10
N THR V 300 42.56 -28.94 -61.56
CA THR V 300 43.00 -28.46 -62.87
C THR V 300 42.26 -29.09 -64.03
N LEU V 301 41.53 -30.19 -63.80
CA LEU V 301 40.79 -30.85 -64.87
C LEU V 301 39.68 -29.94 -65.39
N THR V 302 39.43 -30.02 -66.69
CA THR V 302 38.37 -29.24 -67.29
C THR V 302 37.01 -29.85 -66.94
N TYR V 303 35.95 -29.16 -67.36
CA TYR V 303 34.60 -29.62 -67.05
C TYR V 303 34.31 -30.98 -67.69
N ALA V 304 34.76 -31.17 -68.93
CA ALA V 304 34.48 -32.42 -69.62
C ALA V 304 35.18 -33.60 -68.95
N GLU V 305 36.43 -33.42 -68.52
CA GLU V 305 37.19 -34.53 -67.93
C GLU V 305 36.86 -34.78 -66.47
N ALA V 306 36.16 -33.86 -65.81
CA ALA V 306 35.87 -34.02 -64.39
C ALA V 306 34.91 -35.18 -64.13
N LEU V 307 33.89 -35.33 -64.98
CA LEU V 307 32.88 -36.35 -64.74
C LEU V 307 33.44 -37.77 -64.77
N PRO V 308 34.25 -38.18 -65.77
CA PRO V 308 34.87 -39.52 -65.67
C PRO V 308 35.78 -39.67 -64.47
N ALA V 309 36.41 -38.59 -64.02
CA ALA V 309 37.30 -38.68 -62.86
C ALA V 309 36.54 -39.05 -61.60
N VAL V 310 35.26 -38.67 -61.49
CA VAL V 310 34.44 -39.11 -60.37
C VAL V 310 34.25 -40.62 -60.42
N GLU V 311 33.97 -41.17 -61.60
CA GLU V 311 33.81 -42.61 -61.74
C GLU V 311 35.13 -43.36 -61.55
N ASP V 312 36.27 -42.68 -61.75
CA ASP V 312 37.55 -43.36 -61.56
C ASP V 312 37.71 -43.82 -60.12
N THR V 313 37.37 -42.98 -59.16
CA THR V 313 37.37 -43.39 -57.77
C THR V 313 36.22 -44.37 -57.51
N GLY V 314 36.42 -45.29 -56.59
CA GLY V 314 35.43 -46.31 -56.33
C GLY V 314 34.27 -45.88 -55.47
N LEU V 315 34.17 -44.59 -55.14
CA LEU V 315 33.12 -44.14 -54.23
C LEU V 315 31.74 -44.24 -54.85
N LEU V 316 31.62 -44.05 -56.16
CA LEU V 316 30.32 -43.99 -56.81
C LEU V 316 29.68 -45.38 -56.77
N GLY V 317 28.66 -45.52 -55.94
CA GLY V 317 28.00 -46.81 -55.79
C GLY V 317 27.01 -46.77 -54.65
N THR V 318 26.69 -47.96 -54.14
CA THR V 318 25.76 -48.07 -53.02
C THR V 318 26.47 -48.32 -51.69
N ASP V 319 27.73 -48.75 -51.70
CA ASP V 319 28.42 -49.05 -50.45
C ASP V 319 28.77 -47.78 -49.69
N TYR V 320 29.29 -46.77 -50.38
CA TYR V 320 29.79 -45.55 -49.74
C TYR V 320 28.72 -44.48 -49.85
N VAL V 321 27.88 -44.40 -48.84
CA VAL V 321 26.87 -43.35 -48.71
C VAL V 321 27.45 -42.26 -47.84
N SER V 322 27.00 -41.03 -48.04
CA SER V 322 27.45 -39.86 -47.27
C SER V 322 28.93 -39.57 -47.52
N CYS V 323 29.35 -39.66 -48.78
CA CYS V 323 30.66 -39.22 -49.23
C CYS V 323 30.46 -38.27 -50.40
N SER V 324 31.01 -37.06 -50.28
CA SER V 324 30.80 -36.02 -51.28
C SER V 324 32.10 -35.72 -52.02
N VAL V 325 31.97 -35.45 -53.32
CA VAL V 325 33.10 -35.15 -54.18
C VAL V 325 32.88 -33.78 -54.81
N TYR V 326 33.88 -32.91 -54.71
CA TYR V 326 33.79 -31.54 -55.20
C TYR V 326 34.80 -31.30 -56.31
N HIS V 327 34.58 -30.22 -57.04
CA HIS V 327 35.45 -29.82 -58.14
C HIS V 327 35.48 -28.29 -58.20
N TYR V 328 36.68 -27.71 -58.18
CA TYR V 328 36.85 -26.27 -58.07
C TYR V 328 37.98 -25.81 -58.99
N PRO V 329 37.67 -25.47 -60.24
CA PRO V 329 38.73 -25.16 -61.20
C PRO V 329 39.15 -23.69 -61.22
N PHE V 330 38.84 -22.94 -60.16
CA PHE V 330 39.17 -21.53 -60.14
C PHE V 330 40.56 -21.30 -59.54
N SER V 331 40.95 -20.03 -59.45
CA SER V 331 42.27 -19.64 -58.95
C SER V 331 42.13 -18.48 -57.98
N CYS V 332 43.11 -18.36 -57.07
CA CYS V 332 43.04 -17.36 -56.02
C CYS V 332 44.44 -17.03 -55.53
N LYS V 333 44.54 -15.92 -54.81
CA LYS V 333 45.82 -15.50 -54.23
C LYS V 333 46.04 -16.17 -52.89
N ASP V 334 47.23 -16.76 -52.71
CA ASP V 334 47.53 -17.45 -51.47
C ASP V 334 47.65 -16.47 -50.31
N LYS V 335 47.29 -16.95 -49.11
CA LYS V 335 47.30 -16.09 -47.93
C LYS V 335 48.72 -15.73 -47.51
N TRP V 336 49.59 -16.73 -47.40
CA TRP V 336 50.92 -16.49 -46.87
C TRP V 336 51.78 -15.68 -47.83
N THR V 337 51.81 -16.07 -49.10
CA THR V 337 52.51 -15.34 -50.14
C THR V 337 51.57 -15.12 -51.31
N GLN V 338 51.41 -13.86 -51.72
CA GLN V 338 50.44 -13.51 -52.75
C GLN V 338 50.98 -14.02 -54.09
N SER V 339 50.72 -15.30 -54.36
CA SER V 339 51.39 -15.98 -55.47
C SER V 339 50.45 -16.71 -56.43
N ARG V 340 49.14 -16.52 -56.31
CA ARG V 340 48.16 -17.05 -57.27
C ARG V 340 48.27 -18.57 -57.40
N VAL V 341 47.90 -19.24 -56.32
CA VAL V 341 47.93 -20.69 -56.27
C VAL V 341 46.54 -21.24 -56.58
N VAL V 342 46.47 -22.53 -56.88
CA VAL V 342 45.21 -23.21 -57.14
C VAL V 342 45.13 -24.44 -56.26
N PHE V 343 44.05 -24.56 -55.49
CA PHE V 343 43.80 -25.76 -54.69
C PHE V 343 42.30 -25.93 -54.52
N GLY V 344 41.91 -27.14 -54.14
CA GLY V 344 40.52 -27.54 -54.18
C GLY V 344 39.74 -27.17 -52.93
N LEU V 345 38.53 -27.73 -52.86
CA LEU V 345 37.56 -27.42 -51.81
C LEU V 345 37.42 -28.64 -50.90
N SER V 346 38.31 -28.74 -49.91
CA SER V 346 38.19 -29.71 -48.84
C SER V 346 38.59 -29.00 -47.55
N GLY V 347 37.69 -28.96 -46.59
CA GLY V 347 37.82 -28.09 -45.44
C GLY V 347 36.97 -26.85 -45.52
N VAL V 348 36.50 -26.49 -46.71
CA VAL V 348 35.47 -25.47 -46.86
C VAL V 348 34.08 -26.08 -46.69
N ALA V 349 33.87 -27.28 -47.24
CA ALA V 349 32.61 -27.99 -47.01
C ALA V 349 32.46 -28.39 -45.55
N TYR V 350 33.54 -28.89 -44.93
CA TYR V 350 33.46 -29.26 -43.53
C TYR V 350 33.18 -28.05 -42.65
N ALA V 351 33.67 -26.87 -43.04
CA ALA V 351 33.36 -25.66 -42.30
C ALA V 351 31.87 -25.37 -42.33
N ALA V 352 31.25 -25.54 -43.49
CA ALA V 352 29.80 -25.35 -43.60
C ALA V 352 29.04 -26.35 -42.74
N LYS V 353 29.48 -27.62 -42.76
CA LYS V 353 28.82 -28.62 -41.93
C LYS V 353 28.97 -28.29 -40.44
N ALA V 354 30.16 -27.84 -40.02
CA ALA V 354 30.36 -27.49 -38.62
C ALA V 354 29.51 -26.28 -38.24
N ARG V 355 29.39 -25.30 -39.14
CA ARG V 355 28.54 -24.15 -38.86
C ARG V 355 27.09 -24.58 -38.70
N GLY V 356 26.63 -25.52 -39.53
CA GLY V 356 25.28 -26.04 -39.37
C GLY V 356 25.10 -26.79 -38.07
N VAL V 357 26.12 -27.55 -37.66
CA VAL V 357 26.02 -28.34 -36.43
C VAL V 357 25.99 -27.44 -35.21
N LYS V 358 26.71 -26.32 -35.24
CA LYS V 358 26.79 -25.46 -34.07
C LYS V 358 25.47 -24.79 -33.73
N LYS V 359 24.47 -24.86 -34.61
CA LYS V 359 23.21 -24.15 -34.36
C LYS V 359 22.46 -24.73 -33.16
N ASN V 360 22.46 -26.05 -33.02
CA ASN V 360 21.76 -26.72 -31.93
C ASN V 360 22.76 -27.27 -30.92
N SER V 361 22.39 -27.22 -29.65
CA SER V 361 23.30 -27.62 -28.57
C SER V 361 22.94 -28.94 -27.90
N ASP V 362 21.68 -29.38 -28.01
CA ASP V 362 21.28 -30.62 -27.35
C ASP V 362 21.81 -31.84 -28.11
N VAL V 363 21.36 -32.02 -29.34
CA VAL V 363 21.77 -33.16 -30.15
C VAL V 363 22.64 -32.77 -31.33
N GLY V 364 22.73 -31.48 -31.66
CA GLY V 364 23.62 -31.00 -32.70
C GLY V 364 22.93 -30.49 -33.93
N GLY V 365 21.73 -30.97 -34.25
CA GLY V 365 21.04 -30.50 -35.43
C GLY V 365 21.78 -30.83 -36.71
N TRP V 366 21.84 -32.11 -37.05
CA TRP V 366 22.54 -32.57 -38.24
C TRP V 366 21.72 -32.44 -39.51
N HIS V 367 20.48 -31.96 -39.43
CA HIS V 367 19.63 -31.87 -40.60
C HIS V 367 19.99 -30.72 -41.53
N TYR V 368 20.87 -29.81 -41.11
CA TYR V 368 21.26 -28.70 -41.95
C TYR V 368 22.20 -29.17 -43.05
N SER V 369 21.89 -28.81 -44.30
CA SER V 369 22.70 -29.21 -45.44
C SER V 369 23.91 -28.29 -45.57
N PRO V 370 25.07 -28.83 -45.97
CA PRO V 370 26.27 -27.98 -46.09
C PRO V 370 26.12 -26.85 -47.10
N ALA V 371 25.40 -27.08 -48.20
CA ALA V 371 25.26 -26.06 -49.22
C ALA V 371 24.38 -24.92 -48.73
N GLY V 372 24.53 -23.78 -49.35
CA GLY V 372 23.73 -22.60 -49.03
C GLY V 372 24.57 -21.34 -49.07
N GLU V 373 23.88 -20.20 -49.17
CA GLU V 373 24.55 -18.92 -49.22
C GLU V 373 24.94 -18.39 -47.84
N GLU V 374 24.42 -18.98 -46.77
CA GLU V 374 24.74 -18.52 -45.43
C GLU V 374 25.80 -19.39 -44.76
N ARG V 375 25.61 -20.72 -44.80
CA ARG V 375 26.57 -21.62 -44.15
C ARG V 375 27.86 -21.73 -44.95
N ALA V 376 27.77 -21.84 -46.27
CA ALA V 376 28.91 -22.14 -47.12
C ALA V 376 29.31 -20.90 -47.91
N VAL V 377 30.45 -20.32 -47.56
CA VAL V 377 31.04 -19.22 -48.31
C VAL V 377 32.51 -19.51 -48.50
N ILE V 378 33.06 -19.11 -49.65
CA ILE V 378 34.46 -19.28 -49.97
C ILE V 378 35.14 -17.93 -49.79
N ALA V 379 36.02 -17.82 -48.80
CA ALA V 379 36.68 -16.57 -48.46
C ALA V 379 38.10 -16.62 -48.99
N ARG V 380 38.30 -16.09 -50.20
CA ARG V 380 39.61 -16.03 -50.82
C ARG V 380 39.78 -14.67 -51.49
N ALA V 381 41.04 -14.30 -51.74
CA ALA V 381 41.38 -12.95 -52.13
C ALA V 381 40.73 -12.50 -53.44
N SER V 382 41.13 -13.10 -54.55
CA SER V 382 40.61 -12.72 -55.86
C SER V 382 40.44 -13.96 -56.71
N ILE V 383 39.23 -14.19 -57.19
CA ILE V 383 38.88 -15.40 -57.92
C ILE V 383 38.93 -15.11 -59.41
N GLN V 384 39.63 -15.97 -60.15
CA GLN V 384 39.71 -15.85 -61.60
C GLN V 384 39.52 -17.24 -62.23
N PRO V 385 38.53 -17.40 -63.09
CA PRO V 385 38.30 -18.73 -63.69
C PRO V 385 39.48 -19.16 -64.53
N LEU V 386 39.80 -20.46 -64.45
CA LEU V 386 40.89 -21.01 -65.25
C LEU V 386 40.48 -21.21 -66.70
N TYR V 387 39.23 -21.59 -66.93
CA TYR V 387 38.71 -21.88 -68.27
C TYR V 387 37.49 -21.01 -68.49
N PRO V 388 37.67 -19.74 -68.85
CA PRO V 388 36.51 -18.87 -69.10
C PRO V 388 35.79 -19.27 -70.37
N GLU V 389 34.70 -18.59 -70.68
CA GLU V 389 33.86 -18.83 -71.87
C GLU V 389 33.51 -20.32 -72.02
N ASP V 390 33.50 -21.05 -70.91
CA ASP V 390 33.08 -22.45 -70.88
C ASP V 390 31.95 -22.61 -69.88
N THR V 391 30.98 -23.46 -70.21
CA THR V 391 29.81 -23.66 -69.38
C THR V 391 29.65 -25.13 -69.04
N PRO V 392 29.48 -25.48 -67.77
CA PRO V 392 29.26 -26.88 -67.40
C PRO V 392 27.83 -27.32 -67.72
N ASP V 393 27.67 -28.64 -67.81
CA ASP V 393 26.36 -29.26 -68.04
C ASP V 393 25.80 -29.66 -66.68
N GLU V 394 24.89 -28.84 -66.15
CA GLU V 394 24.43 -29.03 -64.77
C GLU V 394 23.66 -30.33 -64.61
N GLU V 395 22.83 -30.69 -65.58
CA GLU V 395 22.07 -31.94 -65.48
C GLU V 395 23.00 -33.15 -65.49
N ALA V 396 24.04 -33.12 -66.33
CA ALA V 396 25.02 -34.20 -66.34
C ALA V 396 25.74 -34.30 -65.01
N MET V 397 26.07 -33.15 -64.41
CA MET V 397 26.70 -33.15 -63.10
C MET V 397 25.79 -33.76 -62.05
N VAL V 398 24.51 -33.43 -62.09
CA VAL V 398 23.56 -34.01 -61.13
C VAL V 398 23.46 -35.52 -61.32
N LYS V 399 23.40 -35.97 -62.57
CA LYS V 399 23.40 -37.40 -62.84
C LYS V 399 24.70 -38.05 -62.41
N GLY V 400 25.80 -37.31 -62.47
CA GLY V 400 27.11 -37.80 -62.08
C GLY V 400 27.48 -37.62 -60.62
N ARG V 401 26.56 -37.10 -59.81
CA ARG V 401 26.78 -36.90 -58.38
C ARG V 401 28.00 -36.02 -58.12
N LEU V 402 28.08 -34.91 -58.83
CA LEU V 402 29.14 -33.94 -58.69
C LEU V 402 28.54 -32.60 -58.27
N ASN V 403 29.14 -31.96 -57.28
CA ASN V 403 28.61 -30.72 -56.73
C ASN V 403 29.18 -29.51 -57.46
N LYS V 404 28.42 -28.42 -57.47
CA LYS V 404 28.76 -27.23 -58.22
C LYS V 404 28.93 -26.04 -57.31
N VAL V 405 29.65 -25.03 -57.80
CA VAL V 405 29.97 -23.82 -57.06
C VAL V 405 29.48 -22.63 -57.87
N SER V 406 28.83 -21.68 -57.21
CA SER V 406 28.22 -20.55 -57.90
C SER V 406 28.49 -19.27 -57.13
N VAL V 407 28.26 -18.14 -57.81
CA VAL V 407 28.40 -16.82 -57.20
C VAL V 407 27.11 -16.44 -56.49
N GLY V 408 27.24 -15.97 -55.25
CA GLY V 408 26.10 -15.62 -54.44
C GLY V 408 25.60 -14.21 -54.69
N THR V 409 24.54 -13.85 -53.95
CA THR V 409 23.96 -12.52 -54.09
C THR V 409 24.93 -11.44 -53.64
N SER V 410 25.64 -11.68 -52.54
CA SER V 410 26.58 -10.68 -52.04
C SER V 410 27.73 -10.46 -53.01
N GLY V 411 28.19 -11.51 -53.69
CA GLY V 411 29.28 -11.43 -54.63
C GLY V 411 30.34 -12.50 -54.43
N GLN V 412 30.40 -13.12 -53.27
CA GLN V 412 31.41 -14.14 -52.99
C GLN V 412 30.95 -15.50 -53.51
N MET V 413 31.92 -16.40 -53.66
CA MET V 413 31.64 -17.73 -54.19
C MET V 413 30.88 -18.57 -53.16
N ILE V 414 29.93 -19.37 -53.66
CA ILE V 414 29.01 -20.13 -52.82
C ILE V 414 28.94 -21.55 -53.35
N ILE V 415 28.86 -22.52 -52.44
CA ILE V 415 28.55 -23.90 -52.80
C ILE V 415 27.03 -24.01 -52.89
N ASP V 416 26.54 -24.38 -54.07
CA ASP V 416 25.11 -24.33 -54.37
C ASP V 416 24.43 -25.69 -54.35
N ASP V 417 25.12 -26.76 -53.98
CA ASP V 417 24.48 -28.06 -53.97
C ASP V 417 25.23 -28.99 -53.03
N ALA V 418 24.55 -30.04 -52.59
CA ALA V 418 25.12 -31.04 -51.69
C ALA V 418 24.52 -32.40 -52.03
N LEU V 419 25.32 -33.26 -52.65
CA LEU V 419 24.87 -34.58 -53.07
C LEU V 419 25.87 -35.63 -52.61
N THR V 420 25.36 -36.79 -52.19
CA THR V 420 26.21 -37.89 -51.79
C THR V 420 26.37 -38.88 -52.94
N CYS V 421 27.32 -39.80 -52.79
CA CYS V 421 27.65 -40.76 -53.83
C CYS V 421 26.76 -42.00 -53.70
N CYS V 422 25.50 -41.81 -54.07
CA CYS V 422 24.53 -42.91 -54.11
C CYS V 422 23.71 -42.78 -55.38
N THR V 423 23.83 -43.75 -56.27
CA THR V 423 23.17 -43.68 -57.57
C THR V 423 21.68 -43.92 -57.48
N GLN V 424 21.23 -44.73 -56.53
CA GLN V 424 19.82 -45.07 -56.44
C GLN V 424 18.99 -43.86 -56.00
N ASP V 425 17.71 -43.88 -56.36
CA ASP V 425 16.77 -42.81 -55.99
C ASP V 425 16.05 -43.19 -54.70
N ASN V 426 16.72 -42.92 -53.59
CA ASN V 426 16.28 -43.40 -52.28
C ASN V 426 16.11 -42.29 -51.25
N TYR V 427 15.98 -41.04 -51.69
CA TYR V 427 16.06 -39.89 -50.79
C TYR V 427 17.37 -39.87 -50.01
N LEU V 428 18.37 -40.62 -50.48
CA LEU V 428 19.64 -40.76 -49.78
C LEU V 428 20.75 -39.93 -50.41
N HIS V 429 20.61 -39.52 -51.67
CA HIS V 429 21.62 -38.66 -52.28
C HIS V 429 21.59 -37.25 -51.73
N PHE V 430 20.56 -36.89 -50.96
CA PHE V 430 20.59 -35.65 -50.20
C PHE V 430 21.46 -35.85 -48.96
N GLN V 431 22.27 -34.84 -48.65
CA GLN V 431 23.34 -35.01 -47.67
C GLN V 431 22.80 -35.30 -46.27
N HIS V 432 21.75 -34.59 -45.85
CA HIS V 432 21.36 -34.65 -44.44
C HIS V 432 20.66 -35.96 -44.09
N VAL V 433 19.99 -36.59 -45.06
CA VAL V 433 19.22 -37.79 -44.74
C VAL V 433 20.08 -38.91 -44.15
N PRO V 434 21.24 -39.26 -44.72
CA PRO V 434 22.11 -40.20 -44.01
C PRO V 434 22.67 -39.64 -42.72
N SER V 435 22.84 -38.32 -42.63
CA SER V 435 23.46 -37.73 -41.44
C SER V 435 22.59 -37.91 -40.20
N LEU V 436 21.28 -37.67 -40.33
CA LEU V 436 20.38 -37.88 -39.19
C LEU V 436 20.44 -39.32 -38.71
N MET V 437 20.34 -40.28 -39.63
CA MET V 437 20.30 -41.68 -39.23
C MET V 437 21.63 -42.11 -38.63
N ASN V 438 22.74 -41.60 -39.15
CA ASN V 438 24.03 -41.93 -38.56
C ASN V 438 24.16 -41.38 -37.14
N ALA V 439 23.69 -40.15 -36.92
CA ALA V 439 23.73 -39.60 -35.56
C ALA V 439 22.86 -40.41 -34.61
N ILE V 440 21.66 -40.79 -35.06
CA ILE V 440 20.78 -41.59 -34.20
C ILE V 440 21.40 -42.95 -33.91
N SER V 441 22.04 -43.55 -34.91
CA SER V 441 22.68 -44.84 -34.71
C SER V 441 23.83 -44.75 -33.72
N ARG V 442 24.63 -43.69 -33.81
CA ARG V 442 25.72 -43.51 -32.85
C ARG V 442 25.18 -43.33 -31.44
N PHE V 443 24.11 -42.54 -31.29
CA PHE V 443 23.51 -42.36 -29.97
C PHE V 443 22.99 -43.69 -29.43
N PHE V 444 22.36 -44.49 -30.29
CA PHE V 444 21.87 -45.80 -29.85
C PHE V 444 23.00 -46.71 -29.42
N VAL V 445 24.12 -46.68 -30.16
CA VAL V 445 25.26 -47.52 -29.80
C VAL V 445 25.79 -47.12 -28.43
N GLN V 446 25.91 -45.81 -28.19
CA GLN V 446 26.39 -45.35 -26.89
C GLN V 446 25.42 -45.75 -25.77
N LEU V 447 24.12 -45.67 -26.03
CA LEU V 447 23.14 -46.09 -25.03
C LEU V 447 23.25 -47.58 -24.74
N ALA V 448 23.39 -48.40 -25.79
CA ALA V 448 23.41 -49.85 -25.60
C ALA V 448 24.69 -50.30 -24.90
N ARG V 449 25.80 -49.61 -25.15
CA ARG V 449 27.04 -49.95 -24.45
C ARG V 449 26.88 -49.74 -22.94
N GLN V 450 26.26 -48.63 -22.55
CA GLN V 450 26.07 -48.35 -21.13
C GLN V 450 25.04 -49.30 -20.51
N MET V 451 24.00 -49.65 -21.27
CA MET V 451 22.94 -50.50 -20.73
C MET V 451 23.47 -51.89 -20.39
N LYS V 452 24.55 -52.31 -21.05
CA LYS V 452 25.07 -53.66 -20.83
C LYS V 452 25.63 -53.85 -19.42
N HIS V 453 25.95 -52.75 -18.73
CA HIS V 453 26.47 -52.82 -17.36
C HIS V 453 25.37 -52.86 -16.31
N SER V 454 24.11 -52.82 -16.73
CA SER V 454 22.98 -52.90 -15.81
C SER V 454 22.88 -54.31 -15.26
N PRO V 455 22.22 -54.49 -14.11
CA PRO V 455 22.11 -55.85 -13.54
C PRO V 455 21.45 -56.85 -14.47
N ASP V 456 20.32 -56.49 -15.08
CA ASP V 456 19.66 -57.40 -16.00
C ASP V 456 20.42 -57.52 -17.31
N GLY V 457 20.92 -56.41 -17.83
CA GLY V 457 21.59 -56.38 -19.12
C GLY V 457 20.70 -55.80 -20.19
N ILE V 458 20.93 -56.24 -21.42
CA ILE V 458 20.13 -55.79 -22.55
C ILE V 458 18.76 -56.47 -22.49
N THR V 459 17.71 -55.66 -22.54
CA THR V 459 16.35 -56.16 -22.46
C THR V 459 15.47 -55.36 -23.42
N ALA V 460 14.47 -56.04 -23.99
CA ALA V 460 13.58 -55.38 -24.94
C ALA V 460 12.81 -54.24 -24.29
N ALA V 461 12.37 -54.43 -23.04
CA ALA V 461 11.69 -53.34 -22.34
C ALA V 461 12.63 -52.16 -22.10
N GLY V 462 13.89 -52.45 -21.75
CA GLY V 462 14.84 -51.37 -21.51
C GLY V 462 15.18 -50.59 -22.77
N LEU V 463 15.25 -51.28 -23.89
CA LEU V 463 15.63 -50.65 -25.16
C LEU V 463 14.54 -49.76 -25.74
N THR V 464 13.33 -49.78 -25.20
CA THR V 464 12.27 -48.94 -25.75
C THR V 464 12.22 -47.56 -25.10
N LYS V 465 12.42 -47.49 -23.78
CA LYS V 465 12.33 -46.22 -23.08
C LYS V 465 13.40 -45.25 -23.53
N GLY V 466 14.65 -45.71 -23.60
CA GLY V 466 15.72 -44.85 -24.06
C GLY V 466 15.53 -44.38 -25.48
N MET V 467 15.11 -45.29 -26.36
CA MET V 467 14.89 -44.90 -27.74
C MET V 467 13.77 -43.88 -27.85
N THR V 468 12.71 -44.04 -27.06
CA THR V 468 11.64 -43.04 -27.06
C THR V 468 12.17 -41.69 -26.62
N LYS V 469 13.02 -41.67 -25.59
CA LYS V 469 13.56 -40.40 -25.11
C LYS V 469 14.40 -39.71 -26.19
N LEU V 470 15.32 -40.47 -26.81
CA LEU V 470 16.18 -39.86 -27.83
C LEU V 470 15.38 -39.44 -29.07
N LEU V 471 14.41 -40.24 -29.49
CA LEU V 471 13.60 -39.84 -30.63
C LEU V 471 12.75 -38.61 -30.32
N ASP V 472 12.24 -38.49 -29.09
CA ASP V 472 11.53 -37.28 -28.71
C ASP V 472 12.44 -36.07 -28.74
N ARG V 473 13.69 -36.24 -28.28
CA ARG V 473 14.64 -35.13 -28.35
C ARG V 473 14.92 -34.73 -29.79
N PHE V 474 15.06 -35.71 -30.69
CA PHE V 474 15.30 -35.40 -32.09
C PHE V 474 14.10 -34.73 -32.74
N VAL V 475 12.88 -35.11 -32.34
CA VAL V 475 11.69 -34.42 -32.81
C VAL V 475 11.69 -32.98 -32.32
N ALA V 476 12.09 -32.77 -31.06
CA ALA V 476 12.13 -31.41 -30.51
C ALA V 476 13.14 -30.55 -31.26
N SER V 477 14.28 -31.13 -31.65
CA SER V 477 15.27 -30.35 -32.37
C SER V 477 14.80 -29.94 -33.76
N GLY V 478 13.74 -30.55 -34.28
CA GLY V 478 13.21 -30.21 -35.58
C GLY V 478 13.69 -31.09 -36.71
N ALA V 479 14.41 -32.17 -36.43
CA ALA V 479 14.93 -33.03 -37.48
C ALA V 479 13.84 -33.93 -38.08
N LEU V 480 12.87 -34.35 -37.28
CA LEU V 480 11.80 -35.23 -37.75
C LEU V 480 10.49 -34.46 -37.79
N VAL V 481 9.74 -34.62 -38.88
CA VAL V 481 8.49 -33.90 -39.09
C VAL V 481 7.39 -34.89 -39.44
N ALA V 482 6.15 -34.43 -39.29
CA ALA V 482 4.99 -35.27 -39.55
C ALA V 482 4.86 -35.55 -41.04
N PRO V 483 4.22 -36.67 -41.40
CA PRO V 483 4.07 -37.00 -42.83
C PRO V 483 3.25 -35.96 -43.57
N ARG V 484 3.54 -35.81 -44.86
CA ARG V 484 2.89 -34.78 -45.65
C ARG V 484 1.40 -35.03 -45.80
N ASP V 485 0.99 -36.28 -45.97
CA ASP V 485 -0.42 -36.59 -46.17
C ASP V 485 -1.00 -37.21 -44.91
N PRO V 486 -1.78 -36.47 -44.12
CA PRO V 486 -2.33 -37.04 -42.88
C PRO V 486 -3.35 -38.14 -43.10
N ASP V 487 -3.97 -38.22 -44.27
CA ASP V 487 -4.96 -39.27 -44.52
C ASP V 487 -4.29 -40.62 -44.68
N ALA V 488 -3.22 -40.69 -45.48
CA ALA V 488 -2.58 -41.97 -45.76
C ALA V 488 -1.80 -42.48 -44.54
N ASP V 489 -1.05 -41.60 -43.89
CA ASP V 489 -0.19 -41.97 -42.78
C ASP V 489 -0.59 -41.22 -41.52
N GLY V 490 -0.24 -41.81 -40.37
CA GLY V 490 -0.57 -41.20 -39.11
C GLY V 490 0.18 -39.90 -38.88
N THR V 491 -0.31 -39.14 -37.90
CA THR V 491 0.27 -37.84 -37.61
C THR V 491 1.59 -37.93 -36.87
N GLU V 492 1.93 -39.09 -36.31
CA GLU V 492 3.14 -39.22 -35.52
C GLU V 492 4.37 -39.15 -36.41
N PRO V 493 5.46 -38.49 -35.97
CA PRO V 493 6.65 -38.41 -36.82
C PRO V 493 7.42 -39.72 -36.90
N TYR V 494 7.48 -40.48 -35.82
CA TYR V 494 8.23 -41.72 -35.79
C TYR V 494 7.35 -42.83 -35.21
N VAL V 495 7.60 -44.06 -35.66
CA VAL V 495 6.87 -45.24 -35.20
C VAL V 495 7.88 -46.23 -34.66
N LEU V 496 7.76 -46.55 -33.37
CA LEU V 496 8.62 -47.53 -32.73
C LEU V 496 7.78 -48.71 -32.27
N LYS V 497 8.10 -49.90 -32.78
CA LYS V 497 7.32 -51.09 -32.50
C LYS V 497 8.23 -52.28 -32.25
N VAL V 498 7.78 -53.19 -31.40
CA VAL V 498 8.50 -54.41 -31.06
C VAL V 498 7.64 -55.60 -31.43
N THR V 499 8.22 -56.55 -32.17
CA THR V 499 7.51 -57.74 -32.61
C THR V 499 8.23 -58.98 -32.11
N GLN V 500 7.46 -60.02 -31.79
CA GLN V 500 8.02 -61.27 -31.29
C GLN V 500 7.54 -62.43 -32.13
N ALA V 501 8.49 -63.20 -32.66
CA ALA V 501 8.20 -64.47 -33.32
C ALA V 501 8.86 -65.58 -32.50
N GLU V 502 8.06 -66.56 -32.10
CA GLU V 502 8.50 -67.60 -31.17
C GLU V 502 8.95 -66.90 -29.88
N PHE V 503 9.96 -67.44 -29.19
CA PHE V 503 10.55 -66.79 -28.04
C PHE V 503 12.02 -66.44 -28.22
N ASP V 504 12.73 -67.14 -29.10
CA ASP V 504 14.16 -66.88 -29.27
C ASP V 504 14.41 -65.59 -30.04
N LYS V 505 13.58 -65.28 -31.02
CA LYS V 505 13.81 -64.13 -31.91
C LYS V 505 12.93 -62.96 -31.48
N TRP V 506 13.58 -61.84 -31.19
CA TRP V 506 12.93 -60.55 -30.98
C TRP V 506 13.34 -59.60 -32.09
N GLU V 507 12.61 -58.51 -32.24
CA GLU V 507 12.94 -57.53 -33.26
C GLU V 507 12.49 -56.14 -32.80
N VAL V 508 13.40 -55.18 -32.89
CA VAL V 508 13.12 -53.80 -32.55
C VAL V 508 13.41 -52.94 -33.78
N VAL V 509 12.41 -52.18 -34.22
CA VAL V 509 12.53 -51.35 -35.41
C VAL V 509 11.92 -49.99 -35.13
N TRP V 510 12.51 -48.95 -35.68
CA TRP V 510 11.93 -47.62 -35.65
C TRP V 510 12.02 -46.99 -37.03
N ALA V 511 10.97 -46.28 -37.42
CA ALA V 511 10.91 -45.57 -38.69
C ALA V 511 10.88 -44.07 -38.44
N CYS V 512 11.35 -43.32 -39.42
CA CYS V 512 11.48 -41.88 -39.26
C CYS V 512 11.09 -41.17 -40.55
N CYS V 513 10.64 -39.94 -40.42
CA CYS V 513 10.25 -39.10 -41.55
C CYS V 513 11.16 -37.87 -41.58
N PRO V 514 12.21 -37.88 -42.38
CA PRO V 514 13.20 -36.80 -42.31
C PRO V 514 12.67 -35.48 -42.85
N THR V 515 13.29 -34.40 -42.37
CA THR V 515 12.99 -33.06 -42.86
C THR V 515 13.47 -32.91 -44.29
N GLY V 516 12.70 -32.14 -45.07
CA GLY V 516 13.06 -31.88 -46.46
C GLY V 516 13.82 -30.58 -46.61
N VAL V 517 14.52 -30.46 -47.75
CA VAL V 517 15.28 -29.26 -48.07
C VAL V 517 14.59 -28.57 -49.24
N ALA V 518 14.84 -27.27 -49.38
CA ALA V 518 14.28 -26.46 -50.46
C ALA V 518 15.41 -26.08 -51.40
N ARG V 519 15.40 -26.66 -52.61
CA ARG V 519 16.47 -26.43 -53.57
C ARG V 519 16.00 -26.04 -54.96
N ARG V 520 14.76 -26.36 -55.36
CA ARG V 520 14.23 -25.97 -56.66
C ARG V 520 13.00 -25.09 -56.44
N ILE V 521 13.02 -23.89 -57.03
CA ILE V 521 11.93 -22.94 -56.91
C ILE V 521 11.60 -22.43 -58.32
N GLN V 522 10.30 -22.27 -58.60
CA GLN V 522 9.86 -21.78 -59.89
C GLN V 522 8.84 -20.66 -59.71
N GLY V 523 8.95 -19.63 -60.52
CA GLY V 523 8.00 -18.52 -60.52
C GLY V 523 7.32 -18.40 -61.87
N VAL V 524 6.03 -18.07 -61.84
CA VAL V 524 5.22 -17.99 -63.06
C VAL V 524 4.56 -16.63 -63.17
N PRO V 525 5.13 -15.68 -63.91
CA PRO V 525 4.50 -14.38 -64.07
C PRO V 525 3.25 -14.45 -64.94
N LEU V 526 2.30 -13.57 -64.65
CA LEU V 526 1.07 -13.45 -65.41
C LEU V 526 0.81 -11.98 -65.70
N LEU V 527 -0.25 -11.72 -66.46
CA LEU V 527 -0.61 -10.35 -66.85
C LEU V 527 -2.13 -10.24 -66.89
N ILE V 528 -2.67 -9.29 -66.14
CA ILE V 528 -4.11 -9.07 -66.11
C ILE V 528 -4.57 -8.33 -67.36
N GLN W 3 43.08 42.49 28.71
CA GLN W 3 44.29 41.69 28.78
C GLN W 3 45.07 42.00 30.05
N TYR W 4 46.00 41.12 30.40
CA TYR W 4 46.79 41.27 31.60
C TYR W 4 48.18 40.65 31.38
N SER W 5 48.94 40.49 32.47
CA SER W 5 50.30 40.00 32.37
C SER W 5 50.34 38.54 31.93
N ILE W 6 51.38 38.18 31.19
CA ILE W 6 51.59 36.82 30.69
C ILE W 6 52.96 36.34 31.15
N GLN W 7 53.00 35.18 31.79
CA GLN W 7 54.24 34.62 32.30
C GLN W 7 54.94 33.78 31.23
N GLN W 8 56.24 33.56 31.44
CA GLN W 8 57.05 32.79 30.50
C GLN W 8 57.10 31.32 30.86
N SER W 9 57.01 30.97 32.14
CA SER W 9 57.06 29.59 32.59
C SER W 9 56.01 29.37 33.65
N LEU W 10 55.57 28.12 33.76
CA LEU W 10 54.56 27.76 34.75
C LEU W 10 55.20 27.43 36.10
N GLY W 11 54.45 27.71 37.16
CA GLY W 11 54.88 27.37 38.50
C GLY W 11 53.88 26.46 39.17
N ASN W 12 53.34 26.89 40.31
CA ASN W 12 52.28 26.18 40.98
C ASN W 12 50.93 26.87 40.88
N ALA W 13 50.91 28.15 40.54
CA ALA W 13 49.67 28.89 40.40
C ALA W 13 48.96 28.48 39.11
N SER W 14 47.68 28.81 39.03
CA SER W 14 46.86 28.49 37.88
C SER W 14 46.94 29.62 36.86
N GLY W 15 47.51 29.34 35.70
CA GLY W 15 47.66 30.37 34.68
C GLY W 15 48.09 29.78 33.36
N VAL W 16 48.10 30.63 32.35
CA VAL W 16 48.52 30.28 31.00
C VAL W 16 49.81 31.02 30.70
N ALA W 17 50.82 30.29 30.22
CA ALA W 17 52.14 30.87 29.96
C ALA W 17 52.54 30.59 28.51
N VAL W 18 53.22 31.57 27.91
CA VAL W 18 53.74 31.45 26.55
C VAL W 18 55.24 31.66 26.61
N SER W 19 56.00 30.69 26.11
CA SER W 19 57.44 30.81 26.09
C SER W 19 57.89 31.79 25.00
N PRO W 20 59.10 32.34 25.12
CA PRO W 20 59.59 33.26 24.09
C PRO W 20 59.73 32.56 22.74
N ILE W 21 59.61 33.37 21.67
CA ILE W 21 59.67 32.82 20.33
C ILE W 21 61.03 32.20 20.06
N ASN W 22 61.03 31.01 19.48
CA ASN W 22 62.25 30.29 19.15
C ASN W 22 62.52 30.40 17.66
N ALA W 23 63.73 30.84 17.31
CA ALA W 23 64.04 31.07 15.90
C ALA W 23 64.32 29.78 15.15
N ASP W 24 64.85 28.76 15.83
CA ASP W 24 65.25 27.51 15.16
C ASP W 24 64.85 26.31 16.03
N ALA W 25 63.71 25.72 15.71
CA ALA W 25 63.26 24.50 16.36
C ALA W 25 62.39 23.72 15.38
N THR W 26 62.26 22.42 15.64
CA THR W 26 61.55 21.51 14.76
C THR W 26 60.47 20.77 15.54
N LEU W 27 59.29 20.64 14.92
CA LEU W 27 58.16 19.94 15.51
C LEU W 27 57.94 18.64 14.76
N SER W 28 57.80 17.55 15.50
CA SER W 28 57.62 16.21 14.92
C SER W 28 56.48 15.49 15.62
N THR W 29 55.69 14.77 14.85
CA THR W 29 54.57 13.99 15.35
C THR W 29 54.84 12.51 15.17
N GLY W 30 54.10 11.69 15.94
CA GLY W 30 54.31 10.26 15.92
C GLY W 30 53.01 9.50 16.04
N VAL W 31 53.09 8.21 15.71
CA VAL W 31 51.96 7.30 15.78
C VAL W 31 52.50 5.90 16.02
N ALA W 32 51.70 5.05 16.66
CA ALA W 32 52.14 3.72 17.07
C ALA W 32 51.40 2.65 16.27
N LEU W 33 52.14 1.58 15.93
CA LEU W 33 51.57 0.45 15.22
C LEU W 33 52.44 -0.77 15.47
N ASN W 34 51.82 -1.94 15.51
CA ASN W 34 52.50 -3.18 15.89
C ASN W 34 52.16 -4.29 14.92
N SER W 35 52.17 -4.00 13.62
CA SER W 35 51.90 -5.05 12.62
C SER W 35 53.04 -6.06 12.57
N SER W 36 54.28 -5.58 12.49
CA SER W 36 55.45 -6.44 12.45
C SER W 36 56.52 -5.86 13.37
N LEU W 37 57.43 -6.71 13.81
CA LEU W 37 58.49 -6.30 14.73
C LEU W 37 59.84 -6.63 14.10
N TRP W 38 60.80 -5.71 14.25
CA TRP W 38 62.12 -5.87 13.71
C TRP W 38 63.18 -5.79 14.81
N ALA W 39 64.38 -6.23 14.48
CA ALA W 39 65.49 -6.24 15.43
C ALA W 39 66.76 -5.75 14.74
N GLY W 40 67.70 -5.28 15.53
CA GLY W 40 68.93 -4.77 14.98
C GLY W 40 69.96 -4.49 16.05
N ILE W 41 71.10 -3.95 15.62
CA ILE W 41 72.21 -3.61 16.50
C ILE W 41 72.79 -2.27 16.05
N GLY W 42 73.06 -1.39 17.00
CA GLY W 42 73.59 -0.08 16.65
C GLY W 42 74.33 0.55 17.80
N VAL W 43 74.91 1.72 17.51
CA VAL W 43 75.65 2.53 18.48
C VAL W 43 74.95 3.87 18.59
N PHE W 44 74.61 4.26 19.82
CA PHE W 44 73.82 5.46 20.05
C PHE W 44 74.42 6.26 21.19
N ALA W 45 73.89 7.47 21.39
CA ALA W 45 74.44 8.36 22.40
C ALA W 45 74.21 7.83 23.81
N ARG W 46 72.97 7.46 24.13
CA ARG W 46 72.65 6.93 25.45
C ARG W 46 71.70 5.75 25.34
N GLY W 47 71.79 4.84 26.30
CA GLY W 47 70.95 3.66 26.35
C GLY W 47 71.57 2.59 27.21
N LYS W 48 70.75 1.76 27.84
CA LYS W 48 71.29 0.71 28.69
C LYS W 48 71.99 -0.33 27.83
N PRO W 49 73.30 -0.54 27.98
CA PRO W 49 74.01 -1.41 27.05
C PRO W 49 73.70 -2.88 27.27
N PHE W 50 73.71 -3.63 26.16
CA PHE W 50 73.57 -5.09 26.16
C PHE W 50 72.26 -5.54 26.81
N THR W 51 71.21 -4.75 26.66
CA THR W 51 69.87 -5.13 27.08
C THR W 51 68.88 -4.76 25.98
N VAL W 52 67.83 -5.57 25.83
CA VAL W 52 66.85 -5.35 24.79
C VAL W 52 66.02 -4.11 25.13
N LEU W 53 65.90 -3.20 24.16
CA LEU W 53 65.14 -1.98 24.33
C LEU W 53 64.02 -1.93 23.30
N ALA W 54 62.82 -1.59 23.74
CA ALA W 54 61.66 -1.49 22.86
C ALA W 54 61.42 -0.03 22.53
N VAL W 55 61.39 0.29 21.23
CA VAL W 55 61.29 1.67 20.76
C VAL W 55 60.06 1.81 19.87
N THR W 56 59.30 2.87 20.09
CA THR W 56 58.18 3.26 19.24
C THR W 56 58.52 4.57 18.55
N GLU W 57 57.55 5.10 17.81
CA GLU W 57 57.78 6.36 17.11
C GLU W 57 57.90 7.54 18.06
N SER W 58 57.26 7.47 19.22
CA SER W 58 57.33 8.56 20.19
C SER W 58 58.42 8.38 21.24
N ASN W 59 59.10 7.24 21.25
CA ASN W 59 60.13 6.97 22.25
C ASN W 59 61.53 6.90 21.69
N TYR W 60 61.70 6.91 20.37
CA TYR W 60 63.03 6.72 19.80
C TYR W 60 63.94 7.91 20.03
N GLU W 61 63.42 9.03 20.56
CA GLU W 61 64.23 10.17 20.96
C GLU W 61 64.61 10.14 22.43
N ASP W 62 63.67 9.81 23.32
CA ASP W 62 64.00 9.67 24.73
C ASP W 62 64.82 8.41 24.96
N VAL W 63 64.23 7.25 24.67
CA VAL W 63 65.05 6.06 24.49
C VAL W 63 65.93 6.30 23.27
N LEU W 64 67.05 5.57 23.22
CA LEU W 64 68.13 5.89 22.28
C LEU W 64 68.58 7.29 22.67
N GLY W 65 68.65 8.25 21.76
CA GLY W 65 68.99 9.59 22.17
C GLY W 65 69.01 10.55 21.00
N GLU W 66 69.54 11.74 21.27
CA GLU W 66 69.67 12.74 20.22
C GLU W 66 70.63 12.22 19.14
N PRO W 67 70.30 12.38 17.86
CA PRO W 67 71.16 11.83 16.81
C PRO W 67 72.57 12.41 16.87
N LEU W 68 73.55 11.56 16.61
CA LEU W 68 74.94 11.97 16.66
C LEU W 68 75.30 12.77 15.42
N LYS W 69 76.16 13.78 15.60
CA LYS W 69 76.52 14.65 14.50
C LYS W 69 77.31 13.90 13.43
N PRO W 70 77.03 14.12 12.15
CA PRO W 70 77.80 13.43 11.11
C PRO W 70 79.26 13.82 11.05
N SER W 71 79.64 14.94 11.66
CA SER W 71 81.05 15.33 11.65
C SER W 71 81.93 14.37 12.43
N SER W 72 81.35 13.68 13.43
CA SER W 72 82.11 12.68 14.17
C SER W 72 82.51 11.52 13.26
N GLY W 73 81.59 11.06 12.43
CA GLY W 73 81.91 10.06 11.42
C GLY W 73 81.70 8.63 11.86
N SER W 74 81.00 7.86 11.03
CA SER W 74 80.75 6.42 11.20
C SER W 74 79.98 6.10 12.47
N GLN W 75 79.43 7.10 13.14
CA GLN W 75 78.64 6.89 14.35
C GLN W 75 77.19 7.29 14.18
N PHE W 76 76.81 7.78 12.99
CA PHE W 76 75.49 8.33 12.78
C PHE W 76 74.55 7.41 12.01
N GLU W 77 75.09 6.46 11.24
CA GLU W 77 74.24 5.63 10.40
C GLU W 77 73.15 4.88 11.17
N PRO W 78 73.41 4.25 12.32
CA PRO W 78 72.34 3.45 12.95
C PRO W 78 71.09 4.22 13.28
N ILE W 79 71.20 5.46 13.76
CA ILE W 79 70.00 6.20 14.13
C ILE W 79 69.20 6.58 12.91
N ARG W 80 69.87 6.92 11.79
CA ARG W 80 69.14 7.19 10.57
C ARG W 80 68.44 5.94 10.06
N HIS W 81 69.10 4.79 10.14
CA HIS W 81 68.44 3.54 9.72
C HIS W 81 67.22 3.25 10.59
N VAL W 82 67.35 3.45 11.90
CA VAL W 82 66.23 3.21 12.80
C VAL W 82 65.09 4.15 12.49
N TYR W 83 65.39 5.42 12.25
CA TYR W 83 64.35 6.39 11.91
C TYR W 83 63.63 6.01 10.63
N GLU W 84 64.38 5.57 9.61
CA GLU W 84 63.75 5.16 8.37
C GLU W 84 62.87 3.94 8.56
N ALA W 85 63.33 2.97 9.36
CA ALA W 85 62.57 1.73 9.54
C ALA W 85 61.39 1.89 10.48
N ILE W 86 61.39 2.92 11.32
CA ILE W 86 60.35 3.02 12.35
C ILE W 86 59.10 3.72 11.87
N GLN W 87 59.11 4.25 10.64
CA GLN W 87 57.91 4.90 10.11
C GLN W 87 56.77 3.92 9.89
N GLN W 88 57.07 2.63 9.79
CA GLN W 88 56.02 1.63 9.59
C GLN W 88 55.58 1.03 10.92
N THR W 89 56.49 0.35 11.63
CA THR W 89 56.16 -0.33 12.87
C THR W 89 57.32 -0.23 13.83
N SER W 90 57.07 -0.59 15.09
CA SER W 90 58.08 -0.53 16.13
C SER W 90 59.00 -1.75 16.04
N GLY W 91 59.97 -1.81 16.96
CA GLY W 91 60.93 -2.88 16.95
C GLY W 91 61.75 -2.92 18.22
N TYR W 92 62.84 -3.70 18.17
CA TYR W 92 63.74 -3.89 19.29
C TYR W 92 65.17 -3.62 18.87
N VAL W 93 65.95 -3.02 19.78
CA VAL W 93 67.33 -2.64 19.51
C VAL W 93 68.18 -3.01 20.71
N VAL W 94 69.39 -3.50 20.44
CA VAL W 94 70.38 -3.79 21.47
C VAL W 94 71.59 -2.89 21.22
N ARG W 95 72.05 -2.20 22.26
CA ARG W 95 73.12 -1.23 22.15
C ARG W 95 74.47 -1.86 22.46
N ALA W 96 75.47 -1.52 21.66
CA ALA W 96 76.85 -1.96 21.87
C ALA W 96 77.71 -0.77 22.25
N VAL W 97 78.61 -0.97 23.20
CA VAL W 97 79.43 0.11 23.74
C VAL W 97 80.88 -0.34 23.80
N PRO W 98 81.84 0.55 23.55
CA PRO W 98 83.25 0.16 23.68
C PRO W 98 83.62 -0.12 25.13
N ASP W 99 84.75 -0.80 25.30
CA ASP W 99 85.18 -1.22 26.63
C ASP W 99 85.52 -0.04 27.51
N ASP W 100 86.16 0.99 26.96
CA ASP W 100 86.60 2.14 27.75
C ASP W 100 85.44 3.12 27.98
N ALA W 101 84.35 2.59 28.53
CA ALA W 101 83.16 3.36 28.82
C ALA W 101 82.83 3.25 30.30
N LYS W 102 82.46 4.38 30.91
CA LYS W 102 82.20 4.45 32.34
C LYS W 102 80.93 5.24 32.59
N PHE W 103 80.33 4.99 33.75
CA PHE W 103 79.13 5.71 34.19
C PHE W 103 79.38 6.37 35.54
N PRO W 104 78.84 7.56 35.75
CA PRO W 104 79.15 8.31 36.99
C PRO W 104 78.42 7.75 38.19
N ILE W 105 78.92 8.12 39.38
CA ILE W 105 78.35 7.69 40.64
C ILE W 105 78.84 8.63 41.73
N ILE W 106 77.96 8.93 42.69
CA ILE W 106 78.28 9.79 43.82
C ILE W 106 78.04 8.99 45.10
N MET W 107 79.07 8.92 45.95
CA MET W 107 78.96 8.27 47.24
C MET W 107 78.80 9.31 48.34
N PHE W 108 78.06 8.94 49.39
CA PHE W 108 77.75 9.84 50.48
C PHE W 108 78.35 9.34 51.78
N ASP W 109 79.00 10.23 52.51
CA ASP W 109 79.55 9.91 53.82
C ASP W 109 78.46 9.98 54.89
N GLU W 110 78.75 9.41 56.05
CA GLU W 110 77.81 9.47 57.16
C GLU W 110 77.56 10.90 57.60
N SER W 111 78.59 11.75 57.54
CA SER W 111 78.39 13.18 57.81
C SER W 111 77.47 13.81 56.76
N GLY W 112 77.64 13.42 55.50
CA GLY W 112 76.77 13.91 54.44
C GLY W 112 77.47 14.46 53.23
N GLU W 113 78.80 14.49 53.26
CA GLU W 113 79.55 15.04 52.14
C GLU W 113 79.60 14.05 50.97
N PRO W 114 79.66 14.55 49.74
CA PRO W 114 79.70 13.66 48.58
C PRO W 114 81.11 13.38 48.09
N ALA W 115 81.25 12.26 47.38
CA ALA W 115 82.48 11.86 46.72
C ALA W 115 82.15 11.31 45.34
N TYR W 116 82.86 11.76 44.33
CA TYR W 116 82.58 11.41 42.95
C TYR W 116 83.57 10.37 42.43
N SER W 117 83.08 9.54 41.52
CA SER W 117 83.92 8.54 40.85
C SER W 117 83.17 8.01 39.63
N ALA W 118 83.77 7.04 38.96
CA ALA W 118 83.16 6.38 37.82
C ALA W 118 83.69 4.96 37.72
N LEU W 119 82.89 4.07 37.13
CA LEU W 119 83.25 2.68 36.99
C LEU W 119 82.82 2.16 35.63
N PRO W 120 83.49 1.13 35.11
CA PRO W 120 83.06 0.52 33.84
C PRO W 120 81.69 -0.14 33.99
N TYR W 121 81.03 -0.28 32.83
CA TYR W 121 79.66 -0.79 32.81
C TYR W 121 79.58 -2.20 33.36
N GLY W 122 80.54 -3.06 33.01
CA GLY W 122 80.52 -4.43 33.49
C GLY W 122 80.73 -4.54 34.99
N SER W 123 81.52 -3.65 35.57
CA SER W 123 81.91 -3.77 36.97
C SER W 123 80.70 -3.58 37.89
N GLU W 124 80.79 -4.17 39.07
CA GLU W 124 79.75 -4.09 40.08
C GLU W 124 80.22 -3.21 41.24
N ILE W 125 79.33 -2.34 41.70
CA ILE W 125 79.68 -1.37 42.73
C ILE W 125 79.76 -2.05 44.09
N GLU W 126 80.82 -1.73 44.84
CA GLU W 126 81.00 -2.20 46.20
C GLU W 126 81.27 -0.99 47.09
N LEU W 127 80.54 -0.89 48.19
CA LEU W 127 80.62 0.28 49.05
C LEU W 127 81.78 0.14 50.02
N ASP W 128 82.66 1.16 50.03
CA ASP W 128 83.75 1.20 50.98
C ASP W 128 83.24 1.42 52.40
N SER W 129 84.00 0.91 53.37
CA SER W 129 83.66 1.17 54.76
C SER W 129 83.77 2.65 55.06
N GLY W 130 82.87 3.14 55.90
CA GLY W 130 82.78 4.56 56.16
C GLY W 130 81.86 5.32 55.23
N GLU W 131 81.26 4.65 54.24
CA GLU W 131 80.32 5.25 53.32
C GLU W 131 78.95 4.62 53.53
N ALA W 132 77.92 5.47 53.60
CA ALA W 132 76.57 4.97 53.91
C ALA W 132 75.88 4.46 52.65
N PHE W 133 75.77 5.31 51.63
CA PHE W 133 75.02 4.94 50.43
C PHE W 133 75.62 5.66 49.23
N ALA W 134 75.33 5.12 48.05
CA ALA W 134 75.78 5.71 46.79
C ALA W 134 74.62 5.76 45.81
N ILE W 135 74.62 6.78 44.96
CA ILE W 135 73.61 6.97 43.93
C ILE W 135 74.32 7.09 42.59
N TYR W 136 73.90 6.28 41.62
CA TYR W 136 74.48 6.31 40.28
C TYR W 136 73.38 6.40 39.25
N VAL W 137 73.77 6.48 37.98
CA VAL W 137 72.84 6.65 36.87
C VAL W 137 72.66 5.31 36.18
N ASP W 138 71.44 4.78 36.26
CA ASP W 138 71.15 3.51 35.58
C ASP W 138 71.13 3.67 34.07
N ASP W 139 70.54 4.75 33.57
CA ASP W 139 70.54 5.02 32.15
C ASP W 139 71.96 5.15 31.63
N GLY W 140 72.25 4.50 30.52
CA GLY W 140 73.58 4.55 29.94
C GLY W 140 73.86 5.88 29.26
N ASP W 141 73.75 6.97 30.01
CA ASP W 141 73.90 8.32 29.47
C ASP W 141 75.08 9.03 30.12
N PRO W 142 76.17 9.26 29.41
CA PRO W 142 77.21 10.15 29.94
C PRO W 142 76.66 11.56 30.10
N CYS W 143 77.12 12.25 31.14
CA CYS W 143 76.65 13.59 31.45
C CYS W 143 77.61 14.66 30.95
N ILE W 144 78.23 14.44 29.79
CA ILE W 144 79.28 15.34 29.31
C ILE W 144 78.67 16.64 28.79
N SER W 145 77.88 16.56 27.73
CA SER W 145 77.34 17.79 27.18
C SER W 145 76.13 18.29 27.97
N PRO W 146 75.10 17.46 28.28
CA PRO W 146 74.09 17.93 29.23
C PRO W 146 74.46 17.57 30.66
N THR W 147 74.57 18.57 31.53
CA THR W 147 74.99 18.34 32.90
C THR W 147 73.79 18.06 33.79
N ARG W 148 73.89 17.02 34.61
CA ARG W 148 72.83 16.62 35.51
C ARG W 148 73.27 16.85 36.94
N GLU W 149 72.44 17.56 37.71
CA GLU W 149 72.75 17.94 39.07
C GLU W 149 71.77 17.29 40.04
N LEU W 150 72.24 17.10 41.27
CA LEU W 150 71.46 16.48 42.34
C LEU W 150 71.35 17.46 43.49
N THR W 151 70.13 17.62 44.02
CA THR W 151 69.86 18.55 45.11
C THR W 151 69.11 17.82 46.22
N ILE W 152 69.49 18.11 47.46
CA ILE W 152 68.88 17.49 48.64
C ILE W 152 68.33 18.59 49.54
N GLU W 153 67.08 18.44 49.96
CA GLU W 153 66.44 19.34 50.91
C GLU W 153 65.69 18.52 51.95
N THR W 154 65.52 19.10 53.13
CA THR W 154 64.81 18.44 54.21
C THR W 154 63.30 18.57 54.02
N ALA W 155 62.57 17.59 54.55
CA ALA W 155 61.13 17.55 54.49
C ALA W 155 60.57 17.24 55.87
N THR W 156 59.25 17.36 56.00
CA THR W 156 58.59 17.09 57.26
C THR W 156 58.71 15.62 57.62
N ALA W 157 58.83 15.35 58.92
CA ALA W 157 58.99 13.98 59.39
C ALA W 157 57.71 13.18 59.16
N ASP W 158 57.86 11.86 59.17
CA ASP W 158 56.74 10.96 58.97
C ASP W 158 55.81 10.99 60.18
N SER W 159 54.61 10.43 60.00
CA SER W 159 53.66 10.35 61.09
C SER W 159 54.19 9.49 62.24
N ALA W 160 54.84 8.37 61.90
CA ALA W 160 55.39 7.50 62.93
C ALA W 160 56.63 8.08 63.58
N GLY W 161 57.29 9.03 62.91
CA GLY W 161 58.50 9.66 63.45
C GLY W 161 59.73 9.50 62.60
N ASN W 162 59.69 8.73 61.51
CA ASN W 162 60.85 8.57 60.64
C ASN W 162 61.13 9.87 59.89
N GLU W 163 62.42 10.15 59.67
CA GLU W 163 62.80 11.33 58.93
C GLU W 163 62.91 11.02 57.44
N ARG W 164 62.72 12.05 56.62
CA ARG W 164 62.78 11.90 55.17
C ARG W 164 63.22 13.22 54.55
N PHE W 165 63.72 13.13 53.32
CA PHE W 165 64.24 14.29 52.60
C PHE W 165 63.79 14.23 51.15
N LEU W 166 63.74 15.40 50.52
CA LEU W 166 63.37 15.50 49.11
C LEU W 166 64.61 15.38 48.23
N LEU W 167 64.56 14.50 47.25
CA LEU W 167 65.63 14.32 46.28
C LEU W 167 65.16 14.83 44.93
N LYS W 168 65.90 15.74 44.34
CA LYS W 168 65.53 16.37 43.09
C LYS W 168 66.64 16.23 42.07
N LEU W 169 66.26 16.09 40.81
CA LEU W 169 67.18 15.95 39.69
C LEU W 169 66.93 17.06 38.68
N THR W 170 68.01 17.66 38.19
CA THR W 170 67.92 18.79 37.26
C THR W 170 68.88 18.57 36.10
N GLN W 171 68.55 19.19 34.98
CA GLN W 171 69.35 19.09 33.76
C GLN W 171 69.70 20.50 33.30
N THR W 172 70.99 20.74 33.06
CA THR W 172 71.48 22.03 32.59
C THR W 172 72.24 21.84 31.29
N THR W 173 71.94 22.68 30.30
CA THR W 173 72.63 22.63 29.03
C THR W 173 73.96 23.39 29.12
N SER W 174 74.69 23.42 28.01
CA SER W 174 75.95 24.15 27.98
C SER W 174 75.73 25.66 28.10
N LEU W 175 74.65 26.16 27.50
CA LEU W 175 74.38 27.60 27.55
C LEU W 175 74.09 28.06 28.98
N GLY W 176 73.29 27.29 29.71
CA GLY W 176 72.96 27.65 31.08
C GLY W 176 71.48 27.50 31.42
N VAL W 177 70.70 26.98 30.47
CA VAL W 177 69.28 26.80 30.71
C VAL W 177 69.07 25.58 31.61
N VAL W 178 68.34 25.77 32.70
CA VAL W 178 68.15 24.75 33.72
C VAL W 178 66.70 24.30 33.69
N THR W 179 66.48 22.99 33.66
CA THR W 179 65.16 22.40 33.66
C THR W 179 65.07 21.32 34.74
N THR W 180 63.86 21.03 35.17
CA THR W 180 63.60 20.07 36.23
C THR W 180 63.19 18.73 35.62
N LEU W 181 63.81 17.65 36.10
CA LEU W 181 63.54 16.31 35.58
C LEU W 181 62.65 15.50 36.51
N GLU W 182 63.07 15.28 37.76
CA GLU W 182 62.34 14.41 38.67
C GLU W 182 62.43 14.97 40.09
N THR W 183 61.44 14.63 40.91
CA THR W 183 61.43 14.91 42.34
C THR W 183 60.90 13.70 43.07
N HIS W 184 61.50 13.38 44.21
CA HIS W 184 61.08 12.22 45.00
C HIS W 184 61.14 12.57 46.48
N THR W 185 60.31 11.88 47.26
CA THR W 185 60.37 11.92 48.72
C THR W 185 60.95 10.59 49.20
N VAL W 186 62.10 10.66 49.86
CA VAL W 186 62.88 9.48 50.19
C VAL W 186 63.23 9.50 51.67
N SER W 187 63.12 8.33 52.31
CA SER W 187 63.49 8.16 53.71
C SER W 187 64.56 7.09 53.82
N LEU W 188 65.57 7.34 54.67
CA LEU W 188 66.62 6.36 54.90
C LEU W 188 66.16 5.20 55.77
N ALA W 189 65.10 5.38 56.56
CA ALA W 189 64.62 4.32 57.43
C ALA W 189 64.00 3.20 56.61
N GLU W 190 64.18 1.97 57.08
CA GLU W 190 63.66 0.82 56.35
C GLU W 190 62.14 0.81 56.31
N GLU W 191 61.49 1.14 57.43
CA GLU W 191 60.03 1.11 57.54
C GLU W 191 59.53 2.55 57.57
N ALA W 192 59.26 3.11 56.39
CA ALA W 192 58.73 4.45 56.27
C ALA W 192 57.72 4.47 55.14
N LYS W 193 56.81 5.44 55.18
CA LYS W 193 55.75 5.54 54.20
C LYS W 193 55.65 6.97 53.68
N ASP W 194 55.26 7.10 52.42
CA ASP W 194 55.07 8.38 51.77
C ASP W 194 53.76 9.02 52.23
N ASP W 195 53.52 10.25 51.78
CA ASP W 195 52.23 10.88 52.03
C ASP W 195 51.11 10.12 51.36
N MET W 196 51.34 9.64 50.14
CA MET W 196 50.34 8.88 49.39
C MET W 196 50.22 7.45 49.88
N GLY W 197 51.07 7.00 50.80
CA GLY W 197 51.03 5.66 51.32
C GLY W 197 52.10 4.74 50.76
N ARG W 198 52.85 5.17 49.75
CA ARG W 198 53.90 4.35 49.17
C ARG W 198 55.11 4.30 50.09
N LEU W 199 55.97 3.31 49.83
CA LEU W 199 57.19 3.16 50.60
C LEU W 199 58.22 4.21 50.19
N CYS W 200 59.07 4.61 51.14
CA CYS W 200 60.06 5.65 50.92
C CYS W 200 61.49 5.14 51.08
N TYR W 201 61.70 3.84 51.17
CA TYR W 201 63.06 3.31 51.23
C TYR W 201 63.78 3.64 49.93
N LEU W 202 65.01 4.14 50.04
CA LEU W 202 65.69 4.71 48.87
C LEU W 202 65.87 3.71 47.74
N PRO W 203 66.44 2.52 47.94
CA PRO W 203 66.58 1.60 46.80
C PRO W 203 65.24 1.19 46.21
N THR W 204 64.26 0.88 47.05
CA THR W 204 62.96 0.45 46.54
C THR W 204 62.27 1.57 45.77
N ALA W 205 62.29 2.78 46.31
CA ALA W 205 61.65 3.90 45.63
C ALA W 205 62.33 4.20 44.29
N LEU W 206 63.66 4.17 44.26
CA LEU W 206 64.36 4.45 43.01
C LEU W 206 64.11 3.35 41.99
N GLU W 207 64.07 2.09 42.42
CA GLU W 207 63.76 1.01 41.49
C GLU W 207 62.34 1.11 40.97
N ALA W 208 61.40 1.58 41.80
CA ALA W 208 60.00 1.60 41.41
C ALA W 208 59.68 2.78 40.49
N ARG W 209 59.85 4.00 40.99
CA ARG W 209 59.31 5.18 40.31
C ARG W 209 60.39 6.13 39.81
N SER W 210 61.49 5.60 39.29
CA SER W 210 62.53 6.43 38.68
C SER W 210 63.11 5.71 37.47
N LYS W 211 63.29 6.45 36.37
CA LYS W 211 63.88 5.91 35.16
C LYS W 211 65.28 6.42 34.90
N TYR W 212 65.87 7.17 35.83
CA TYR W 212 67.20 7.73 35.66
C TYR W 212 68.21 7.20 36.67
N LEU W 213 67.84 7.06 37.93
CA LEU W 213 68.80 6.79 38.99
C LEU W 213 68.48 5.49 39.72
N ARG W 214 69.51 4.91 40.32
CA ARG W 214 69.39 3.79 41.24
C ARG W 214 70.32 4.06 42.41
N ALA W 215 70.12 3.32 43.50
CA ALA W 215 70.92 3.52 44.70
C ALA W 215 71.33 2.18 45.30
N VAL W 216 72.46 2.20 46.01
CA VAL W 216 72.99 1.05 46.73
C VAL W 216 73.39 1.50 48.12
N VAL W 217 72.93 0.79 49.14
CA VAL W 217 73.17 1.17 50.53
C VAL W 217 74.04 0.13 51.21
N ASN W 218 74.73 0.57 52.27
CA ASN W 218 75.52 -0.30 53.12
C ASN W 218 74.69 -0.65 54.35
N GLU W 219 74.33 -1.94 54.48
CA GLU W 219 73.37 -2.35 55.50
C GLU W 219 73.90 -2.10 56.91
N GLU W 220 75.19 -2.33 57.13
CA GLU W 220 75.73 -2.26 58.48
C GLU W 220 75.65 -0.85 59.05
N LEU W 221 76.00 0.17 58.25
CA LEU W 221 76.14 1.53 58.75
C LEU W 221 74.98 2.43 58.33
N ILE W 222 73.92 1.88 57.76
CA ILE W 222 72.82 2.73 57.29
C ILE W 222 72.05 3.32 58.47
N SER W 223 72.11 2.67 59.64
CA SER W 223 71.26 3.09 60.76
C SER W 223 71.64 4.49 61.25
N THR W 224 72.93 4.71 61.53
CA THR W 224 73.38 5.98 62.10
C THR W 224 73.92 6.87 60.98
N ALA W 225 73.02 7.31 60.11
CA ALA W 225 73.35 8.14 58.96
C ALA W 225 72.56 9.44 59.01
N LYS W 226 73.22 10.53 58.67
CA LYS W 226 72.60 11.86 58.67
C LYS W 226 72.81 12.50 57.31
N VAL W 227 71.77 13.20 56.84
CA VAL W 227 71.80 13.89 55.56
C VAL W 227 71.44 15.36 55.79
N THR W 228 72.24 16.26 55.21
CA THR W 228 72.03 17.69 55.35
C THR W 228 71.74 18.30 53.99
N ASN W 229 71.15 19.50 54.01
CA ASN W 229 70.80 20.19 52.78
C ASN W 229 72.05 20.48 51.95
N LYS W 230 71.97 20.18 50.66
CA LYS W 230 73.08 20.39 49.75
C LYS W 230 72.57 21.05 48.47
N LYS W 231 73.44 21.83 47.83
CA LYS W 231 73.11 22.49 46.58
C LYS W 231 73.35 21.53 45.43
N SER W 232 73.36 22.03 44.21
CA SER W 232 73.53 21.19 43.04
C SER W 232 74.89 20.51 43.04
N LEU W 233 74.89 19.20 42.84
CA LEU W 233 76.10 18.41 42.70
C LEU W 233 76.06 17.70 41.35
N ALA W 234 77.11 17.88 40.55
CA ALA W 234 77.13 17.38 39.17
C ALA W 234 77.87 16.05 39.11
N PHE W 235 77.30 15.10 38.39
CA PHE W 235 78.00 13.85 38.12
C PHE W 235 79.22 14.10 37.24
N THR W 236 80.33 13.45 37.59
CA THR W 236 81.58 13.63 36.87
C THR W 236 82.23 12.28 36.61
N GLY W 237 83.05 12.23 35.57
CA GLY W 237 83.78 11.03 35.23
C GLY W 237 83.09 10.08 34.28
N GLY W 238 81.83 10.33 33.94
CA GLY W 238 81.12 9.48 33.02
C GLY W 238 81.41 9.84 31.57
N THR W 239 81.96 8.90 30.81
CA THR W 239 82.37 9.17 29.44
C THR W 239 82.14 7.93 28.58
N ASN W 240 82.07 8.17 27.28
CA ASN W 240 81.98 7.12 26.27
C ASN W 240 83.24 7.17 25.42
N GLY W 241 83.89 6.02 25.25
CA GLY W 241 85.09 5.96 24.46
C GLY W 241 84.82 6.30 23.01
N ASP W 242 85.89 6.29 22.21
CA ASP W 242 85.75 6.56 20.79
C ASP W 242 84.86 5.50 20.14
N GLN W 243 83.67 5.91 19.73
CA GLN W 243 82.67 4.99 19.22
C GLN W 243 82.84 4.68 17.74
N SER W 244 83.81 5.32 17.07
CA SER W 244 84.08 4.99 15.68
C SER W 244 84.83 3.68 15.52
N LYS W 245 85.41 3.15 16.59
CA LYS W 245 86.16 1.89 16.56
C LYS W 245 85.54 0.95 17.59
N ILE W 246 84.77 -0.02 17.12
CA ILE W 246 84.11 -1.00 17.99
C ILE W 246 84.68 -2.37 17.63
N SER W 247 85.20 -3.08 18.62
CA SER W 247 85.77 -4.39 18.39
C SER W 247 84.68 -5.41 18.05
N THR W 248 85.09 -6.51 17.41
CA THR W 248 84.13 -7.52 16.99
C THR W 248 83.52 -8.25 18.18
N ALA W 249 84.23 -8.29 19.31
CA ALA W 249 83.71 -9.00 20.48
C ALA W 249 82.43 -8.37 20.99
N ALA W 250 82.38 -7.04 21.04
CA ALA W 250 81.17 -6.35 21.49
C ALA W 250 80.01 -6.62 20.53
N TYR W 251 80.28 -6.60 19.23
CA TYR W 251 79.24 -6.90 18.25
C TYR W 251 78.71 -8.31 18.42
N LEU W 252 79.60 -9.28 18.63
CA LEU W 252 79.15 -10.65 18.82
C LEU W 252 78.35 -10.79 20.11
N ARG W 253 78.74 -10.07 21.16
CA ARG W 253 77.98 -10.10 22.41
C ARG W 253 76.58 -9.54 22.21
N ALA W 254 76.46 -8.44 21.45
CA ALA W 254 75.13 -7.90 21.16
C ALA W 254 74.30 -8.87 20.33
N VAL W 255 74.94 -9.55 19.37
CA VAL W 255 74.23 -10.56 18.58
C VAL W 255 73.69 -11.66 19.49
N LYS W 256 74.53 -12.14 20.41
CA LYS W 256 74.10 -13.19 21.32
C LYS W 256 72.98 -12.72 22.23
N VAL W 257 73.00 -11.43 22.60
CA VAL W 257 71.88 -10.88 23.38
C VAL W 257 70.60 -10.92 22.56
N LEU W 258 70.67 -10.55 21.29
CA LEU W 258 69.48 -10.63 20.43
C LEU W 258 68.97 -12.06 20.33
N ASN W 259 69.88 -13.03 20.19
CA ASN W 259 69.46 -14.41 19.94
C ASN W 259 68.57 -14.93 21.06
N ASN W 260 68.88 -14.56 22.31
CA ASN W 260 68.15 -15.08 23.47
C ASN W 260 67.10 -14.07 23.93
N ALA W 261 66.13 -13.79 23.05
CA ALA W 261 65.03 -12.90 23.38
C ALA W 261 63.72 -13.56 23.00
N PRO W 262 62.70 -13.46 23.85
CA PRO W 262 61.42 -14.15 23.59
C PRO W 262 60.36 -13.33 22.87
N TYR W 263 60.70 -12.14 22.36
CA TYR W 263 59.69 -11.22 21.86
C TYR W 263 59.13 -11.60 20.50
N MET W 264 59.75 -12.53 19.79
CA MET W 264 59.20 -13.10 18.56
C MET W 264 58.95 -12.02 17.50
N TYR W 265 60.06 -11.43 17.05
CA TYR W 265 60.03 -10.47 15.96
C TYR W 265 59.95 -11.20 14.61
N THR W 266 59.75 -10.42 13.55
CA THR W 266 59.54 -10.98 12.22
C THR W 266 60.53 -10.48 11.18
N ALA W 267 61.58 -9.78 11.57
CA ALA W 267 62.63 -9.37 10.65
C ALA W 267 63.88 -9.00 11.43
N VAL W 268 65.03 -9.16 10.79
CA VAL W 268 66.31 -8.77 11.36
C VAL W 268 67.00 -7.83 10.38
N LEU W 269 67.56 -6.73 10.90
CA LEU W 269 68.11 -5.67 10.08
C LEU W 269 69.53 -5.38 10.50
N GLY W 270 70.40 -5.15 9.53
CA GLY W 270 71.75 -4.72 9.82
C GLY W 270 71.87 -3.21 9.71
N LEU W 271 71.78 -2.52 10.85
CA LEU W 271 71.71 -1.06 10.87
C LEU W 271 73.12 -0.49 10.78
N GLY W 272 73.62 -0.39 9.56
CA GLY W 272 74.94 0.20 9.34
C GLY W 272 76.09 -0.59 9.92
N CYS W 273 75.88 -1.87 10.21
CA CYS W 273 76.94 -2.73 10.73
C CYS W 273 77.66 -3.36 9.54
N TYR W 274 78.90 -2.95 9.31
CA TYR W 274 79.71 -3.44 8.19
C TYR W 274 80.82 -4.37 8.66
N ASP W 275 80.52 -5.20 9.65
CA ASP W 275 81.44 -6.22 10.14
C ASP W 275 80.98 -7.58 9.65
N ASN W 276 81.89 -8.32 9.00
CA ASN W 276 81.51 -9.57 8.35
C ASN W 276 81.07 -10.62 9.36
N ALA W 277 81.79 -10.75 10.48
CA ALA W 277 81.43 -11.75 11.47
C ALA W 277 80.05 -11.47 12.06
N ALA W 278 79.76 -10.20 12.37
CA ALA W 278 78.46 -9.84 12.89
C ALA W 278 77.37 -10.11 11.85
N ILE W 279 77.65 -9.85 10.58
CA ILE W 279 76.67 -10.11 9.53
C ILE W 279 76.37 -11.59 9.43
N THR W 280 77.41 -12.44 9.48
CA THR W 280 77.16 -13.88 9.44
C THR W 280 76.38 -14.37 10.65
N ALA W 281 76.68 -13.82 11.83
CA ALA W 281 75.93 -14.19 13.03
C ALA W 281 74.46 -13.77 12.91
N LEU W 282 74.23 -12.56 12.39
CA LEU W 282 72.86 -12.11 12.18
C LEU W 282 72.14 -12.99 11.17
N GLY W 283 72.85 -13.44 10.14
CA GLY W 283 72.25 -14.36 9.19
C GLY W 283 71.91 -15.70 9.81
N LYS W 284 72.76 -16.17 10.72
CA LYS W 284 72.44 -17.40 11.44
C LYS W 284 71.19 -17.23 12.30
N ILE W 285 71.06 -16.08 12.97
CA ILE W 285 69.84 -15.81 13.72
C ILE W 285 68.63 -15.78 12.78
N CYS W 286 68.80 -15.16 11.61
CA CYS W 286 67.72 -15.05 10.64
C CYS W 286 67.26 -16.42 10.15
N ALA W 287 68.20 -17.32 9.88
CA ALA W 287 67.86 -18.65 9.40
C ALA W 287 67.32 -19.55 10.52
N ASP W 288 67.73 -19.30 11.77
CA ASP W 288 67.28 -20.15 12.87
C ASP W 288 65.79 -19.99 13.13
N ARG W 289 65.29 -18.75 13.10
CA ARG W 289 63.93 -18.45 13.51
C ARG W 289 62.93 -18.47 12.37
N LEU W 290 63.35 -18.89 11.17
CA LEU W 290 62.49 -18.89 9.98
C LEU W 290 61.92 -17.50 9.73
N ILE W 291 62.83 -16.54 9.55
CA ILE W 291 62.51 -15.13 9.46
C ILE W 291 63.26 -14.55 8.26
N ASP W 292 62.73 -13.46 7.71
CA ASP W 292 63.42 -12.74 6.65
C ASP W 292 64.56 -11.90 7.22
N GLY W 293 65.45 -11.47 6.34
CA GLY W 293 66.58 -10.65 6.77
C GLY W 293 67.14 -9.75 5.69
N PHE W 294 67.47 -8.52 6.04
CA PHE W 294 67.99 -7.54 5.09
C PHE W 294 69.31 -6.99 5.60
N PHE W 295 70.31 -6.94 4.73
CA PHE W 295 71.64 -6.50 5.09
C PHE W 295 72.19 -5.58 4.02
N ASP W 296 73.28 -4.89 4.36
CA ASP W 296 73.83 -3.85 3.50
C ASP W 296 75.34 -4.01 3.38
N VAL W 297 75.84 -3.80 2.18
CA VAL W 297 77.28 -3.73 1.94
C VAL W 297 77.68 -2.25 2.04
N LYS W 298 78.99 -2.02 2.21
CA LYS W 298 79.47 -0.66 2.41
C LYS W 298 79.12 0.20 1.19
N PRO W 299 78.50 1.38 1.38
CA PRO W 299 78.00 2.13 0.23
C PRO W 299 79.07 2.84 -0.57
N THR W 300 80.17 3.27 0.07
CA THR W 300 81.18 4.03 -0.65
C THR W 300 81.95 3.20 -1.67
N LEU W 301 81.86 1.88 -1.62
CA LEU W 301 82.56 1.04 -2.58
C LEU W 301 82.02 1.28 -3.98
N THR W 302 82.92 1.19 -4.97
CA THR W 302 82.53 1.37 -6.35
C THR W 302 81.79 0.13 -6.85
N TYR W 303 81.33 0.20 -8.11
CA TYR W 303 80.60 -0.92 -8.69
C TYR W 303 81.48 -2.15 -8.83
N ALA W 304 82.74 -1.96 -9.24
CA ALA W 304 83.63 -3.09 -9.44
C ALA W 304 83.94 -3.80 -8.13
N GLU W 305 84.18 -3.04 -7.06
CA GLU W 305 84.54 -3.62 -5.78
C GLU W 305 83.35 -4.15 -4.99
N ALA W 306 82.12 -3.80 -5.39
CA ALA W 306 80.96 -4.21 -4.62
C ALA W 306 80.71 -5.71 -4.72
N LEU W 307 80.89 -6.29 -5.91
CA LEU W 307 80.60 -7.70 -6.10
C LEU W 307 81.46 -8.62 -5.24
N PRO W 308 82.79 -8.48 -5.19
CA PRO W 308 83.56 -9.33 -4.26
C PRO W 308 83.18 -9.11 -2.80
N ALA W 309 82.73 -7.91 -2.43
CA ALA W 309 82.34 -7.65 -1.06
C ALA W 309 81.14 -8.48 -0.65
N VAL W 310 80.26 -8.82 -1.60
CA VAL W 310 79.15 -9.72 -1.29
C VAL W 310 79.67 -11.11 -0.96
N GLU W 311 80.64 -11.60 -1.73
CA GLU W 311 81.23 -12.90 -1.45
C GLU W 311 82.06 -12.90 -0.17
N ASP W 312 82.54 -11.73 0.26
CA ASP W 312 83.29 -11.67 1.51
C ASP W 312 82.45 -12.11 2.70
N THR W 313 81.20 -11.66 2.75
CA THR W 313 80.28 -12.16 3.76
C THR W 313 79.91 -13.61 3.47
N GLY W 314 79.64 -14.35 4.54
CA GLY W 314 79.36 -15.77 4.39
C GLY W 314 77.96 -16.11 3.95
N LEU W 315 77.14 -15.10 3.63
CA LEU W 315 75.75 -15.35 3.30
C LEU W 315 75.55 -16.05 1.97
N LEU W 316 76.48 -15.88 1.03
CA LEU W 316 76.31 -16.43 -0.32
C LEU W 316 76.45 -17.94 -0.27
N GLY W 317 75.31 -18.63 -0.31
CA GLY W 317 75.33 -20.08 -0.25
C GLY W 317 73.91 -20.61 -0.14
N THR W 318 73.82 -21.90 0.18
CA THR W 318 72.53 -22.55 0.33
C THR W 318 72.01 -22.54 1.77
N ASP W 319 72.86 -22.22 2.75
CA ASP W 319 72.44 -22.26 4.14
C ASP W 319 71.52 -21.09 4.47
N TYR W 320 71.88 -19.88 4.04
CA TYR W 320 71.15 -18.67 4.40
C TYR W 320 70.27 -18.25 3.23
N VAL W 321 69.05 -18.78 3.22
CA VAL W 321 68.04 -18.36 2.26
C VAL W 321 67.23 -17.24 2.88
N SER W 322 66.56 -16.45 2.03
CA SER W 322 65.75 -15.32 2.47
C SER W 322 66.58 -14.26 3.17
N CYS W 323 67.76 -13.97 2.61
CA CYS W 323 68.60 -12.87 3.07
C CYS W 323 69.03 -12.06 1.86
N SER W 324 68.81 -10.75 1.91
CA SER W 324 69.10 -9.86 0.79
C SER W 324 70.21 -8.89 1.15
N VAL W 325 71.02 -8.55 0.14
CA VAL W 325 72.13 -7.62 0.30
C VAL W 325 71.95 -6.48 -0.69
N TYR W 326 72.07 -5.25 -0.20
CA TYR W 326 71.84 -4.07 -1.00
C TYR W 326 73.10 -3.21 -1.08
N HIS W 327 73.15 -2.36 -2.10
CA HIS W 327 74.28 -1.46 -2.31
C HIS W 327 73.75 -0.14 -2.85
N TYR W 328 74.10 0.96 -2.18
CA TYR W 328 73.55 2.27 -2.49
C TYR W 328 74.65 3.32 -2.46
N PRO W 329 75.31 3.57 -3.60
CA PRO W 329 76.45 4.49 -3.59
C PRO W 329 76.09 5.95 -3.81
N PHE W 330 74.82 6.31 -3.62
CA PHE W 330 74.39 7.68 -3.86
C PHE W 330 74.53 8.51 -2.58
N SER W 331 74.30 9.82 -2.71
CA SER W 331 74.42 10.75 -1.60
C SER W 331 73.17 11.63 -1.51
N CYS W 332 72.82 12.02 -0.30
CA CYS W 332 71.59 12.76 -0.07
C CYS W 332 71.78 13.73 1.10
N LYS W 333 70.93 14.75 1.13
CA LYS W 333 70.95 15.70 2.24
C LYS W 333 70.32 15.08 3.48
N ASP W 334 70.97 15.26 4.62
CA ASP W 334 70.46 14.68 5.86
C ASP W 334 69.22 15.42 6.34
N LYS W 335 68.45 14.75 7.20
CA LYS W 335 67.20 15.31 7.69
C LYS W 335 67.43 16.29 8.83
N TRP W 336 68.11 15.85 9.89
CA TRP W 336 68.28 16.68 11.07
C TRP W 336 69.14 17.91 10.77
N THR W 337 70.31 17.69 10.18
CA THR W 337 71.19 18.78 9.77
C THR W 337 71.56 18.59 8.31
N GLN W 338 71.29 19.60 7.49
CA GLN W 338 71.48 19.45 6.05
C GLN W 338 72.96 19.41 5.72
N SER W 339 73.57 18.21 5.75
CA SER W 339 75.01 18.10 5.66
C SER W 339 75.50 17.08 4.62
N ARG W 340 74.61 16.58 3.76
CA ARG W 340 75.01 15.75 2.61
C ARG W 340 75.77 14.50 3.08
N VAL W 341 75.04 13.62 3.76
CA VAL W 341 75.59 12.40 4.31
C VAL W 341 75.29 11.24 3.37
N VAL W 342 75.96 10.11 3.60
CA VAL W 342 75.78 8.90 2.81
C VAL W 342 75.54 7.73 3.76
N PHE W 343 74.50 6.94 3.49
CA PHE W 343 74.25 5.74 4.25
C PHE W 343 73.45 4.75 3.39
N GLY W 344 73.45 3.49 3.82
CA GLY W 344 72.93 2.41 3.01
C GLY W 344 71.42 2.25 3.07
N LEU W 345 70.94 1.21 2.40
CA LEU W 345 69.51 0.91 2.29
C LEU W 345 69.17 -0.27 3.18
N SER W 346 69.01 0.01 4.47
CA SER W 346 68.49 -0.96 5.43
C SER W 346 67.42 -0.23 6.25
N GLY W 347 66.21 -0.78 6.24
CA GLY W 347 65.07 -0.09 6.77
C GLY W 347 64.20 0.54 5.71
N VAL W 348 64.74 0.75 4.51
CA VAL W 348 63.93 1.11 3.36
C VAL W 348 63.33 -0.13 2.71
N ALA W 349 64.11 -1.21 2.63
CA ALA W 349 63.56 -2.48 2.15
C ALA W 349 62.54 -3.05 3.12
N TYR W 350 62.81 -2.97 4.42
CA TYR W 350 61.86 -3.47 5.41
C TYR W 350 60.56 -2.70 5.35
N ALA W 351 60.63 -1.40 5.07
CA ALA W 351 59.40 -0.62 4.91
C ALA W 351 58.58 -1.13 3.74
N ALA W 352 59.23 -1.47 2.62
CA ALA W 352 58.51 -2.04 1.49
C ALA W 352 57.87 -3.37 1.86
N LYS W 353 58.60 -4.21 2.59
CA LYS W 353 58.02 -5.48 3.01
C LYS W 353 56.82 -5.28 3.94
N ALA W 354 56.92 -4.32 4.86
CA ALA W 354 55.80 -4.04 5.76
C ALA W 354 54.60 -3.51 5.00
N ARG W 355 54.82 -2.64 4.02
CA ARG W 355 53.73 -2.15 3.19
C ARG W 355 53.06 -3.29 2.43
N GLY W 356 53.87 -4.23 1.93
CA GLY W 356 53.30 -5.40 1.28
C GLY W 356 52.48 -6.26 2.24
N VAL W 357 52.97 -6.43 3.46
CA VAL W 357 52.27 -7.25 4.45
C VAL W 357 50.95 -6.60 4.87
N LYS W 358 50.90 -5.28 4.94
CA LYS W 358 49.68 -4.62 5.42
C LYS W 358 48.50 -4.77 4.47
N LYS W 359 48.70 -5.26 3.24
CA LYS W 359 47.61 -5.34 2.29
C LYS W 359 46.54 -6.34 2.73
N ASN W 360 46.95 -7.47 3.29
CA ASN W 360 46.02 -8.51 3.73
C ASN W 360 46.00 -8.57 5.25
N SER W 361 44.80 -8.82 5.81
CA SER W 361 44.61 -8.79 7.25
C SER W 361 44.39 -10.15 7.88
N ASP W 362 43.98 -11.16 7.11
CA ASP W 362 43.75 -12.48 7.68
C ASP W 362 45.06 -13.17 8.02
N VAL W 363 45.89 -13.43 7.02
CA VAL W 363 47.14 -14.13 7.22
C VAL W 363 48.36 -13.26 6.96
N GLY W 364 48.19 -12.09 6.35
CA GLY W 364 49.27 -11.15 6.12
C GLY W 364 49.60 -10.92 4.66
N GLY W 365 49.60 -11.97 3.85
CA GLY W 365 49.95 -11.80 2.46
C GLY W 365 51.42 -11.52 2.27
N TRP W 366 52.25 -12.52 2.56
CA TRP W 366 53.69 -12.41 2.44
C TRP W 366 54.20 -12.62 1.03
N HIS W 367 53.31 -12.80 0.05
CA HIS W 367 53.73 -13.07 -1.31
C HIS W 367 54.13 -11.81 -2.07
N TYR W 368 53.92 -10.63 -1.50
CA TYR W 368 54.32 -9.40 -2.18
C TYR W 368 55.82 -9.18 -2.07
N SER W 369 56.47 -8.94 -3.21
CA SER W 369 57.91 -8.73 -3.21
C SER W 369 58.25 -7.30 -2.79
N PRO W 370 59.32 -7.11 -2.02
CA PRO W 370 59.68 -5.76 -1.58
C PRO W 370 59.98 -4.80 -2.72
N ALA W 371 60.56 -5.29 -3.81
CA ALA W 371 60.84 -4.43 -4.94
C ALA W 371 59.56 -4.00 -5.64
N GLY W 372 59.62 -2.88 -6.32
CA GLY W 372 58.48 -2.35 -7.04
C GLY W 372 58.47 -0.84 -7.05
N GLU W 373 57.78 -0.28 -8.05
CA GLU W 373 57.71 1.17 -8.21
C GLU W 373 56.72 1.82 -7.24
N GLU W 374 55.83 1.04 -6.64
CA GLU W 374 54.81 1.55 -5.74
C GLU W 374 55.12 1.31 -4.27
N ARG W 375 55.51 0.08 -3.92
CA ARG W 375 55.75 -0.25 -2.52
C ARG W 375 57.08 0.29 -2.02
N ALA W 376 58.11 0.30 -2.85
CA ALA W 376 59.47 0.67 -2.43
C ALA W 376 59.85 1.98 -3.08
N VAL W 377 59.83 3.06 -2.30
CA VAL W 377 60.27 4.37 -2.74
C VAL W 377 61.27 4.91 -1.73
N ILE W 378 62.28 5.62 -2.22
CA ILE W 378 63.29 6.24 -1.37
C ILE W 378 62.96 7.73 -1.25
N ALA W 379 62.65 8.15 -0.04
CA ALA W 379 62.24 9.53 0.24
C ALA W 379 63.42 10.26 0.88
N ARG W 380 64.23 10.90 0.04
CA ARG W 380 65.38 11.66 0.50
C ARG W 380 65.45 12.96 -0.28
N ALA W 381 66.13 13.95 0.31
CA ALA W 381 66.08 15.33 -0.17
C ALA W 381 66.57 15.50 -1.60
N SER W 382 67.86 15.30 -1.84
CA SER W 382 68.44 15.51 -3.16
C SER W 382 69.51 14.45 -3.39
N ILE W 383 69.33 13.64 -4.43
CA ILE W 383 70.21 12.51 -4.71
C ILE W 383 71.24 12.94 -5.76
N GLN W 384 72.51 12.71 -5.45
CA GLN W 384 73.59 13.01 -6.37
C GLN W 384 74.50 11.78 -6.43
N PRO W 385 74.74 11.20 -7.61
CA PRO W 385 75.59 10.02 -7.69
C PRO W 385 77.01 10.32 -7.24
N LEU W 386 77.63 9.35 -6.56
CA LEU W 386 79.01 9.51 -6.12
C LEU W 386 79.98 9.31 -7.28
N TYR W 387 79.68 8.37 -8.18
CA TYR W 387 80.54 8.03 -9.31
C TYR W 387 79.72 8.17 -10.58
N PRO W 388 79.58 9.38 -11.10
CA PRO W 388 78.85 9.56 -12.36
C PRO W 388 79.63 8.97 -13.53
N GLU W 389 79.03 9.01 -14.73
CA GLU W 389 79.64 8.47 -15.96
C GLU W 389 80.17 7.05 -15.78
N ASP W 390 79.61 6.32 -14.83
CA ASP W 390 79.93 4.91 -14.60
C ASP W 390 78.65 4.09 -14.66
N THR W 391 78.75 2.89 -15.24
CA THR W 391 77.60 2.05 -15.46
C THR W 391 77.84 0.67 -14.86
N PRO W 392 76.92 0.14 -14.06
CA PRO W 392 77.09 -1.22 -13.52
C PRO W 392 76.77 -2.28 -14.57
N ASP W 393 77.20 -3.50 -14.27
CA ASP W 393 76.94 -4.67 -15.11
C ASP W 393 75.75 -5.41 -14.49
N GLU W 394 74.57 -5.24 -15.10
CA GLU W 394 73.35 -5.78 -14.50
C GLU W 394 73.36 -7.30 -14.48
N GLU W 395 73.82 -7.94 -15.56
CA GLU W 395 73.83 -9.39 -15.60
C GLU W 395 74.81 -9.96 -14.57
N ALA W 396 75.97 -9.34 -14.41
CA ALA W 396 76.92 -9.78 -13.39
C ALA W 396 76.33 -9.60 -12.00
N MET W 397 75.60 -8.50 -11.78
CA MET W 397 74.95 -8.29 -10.49
C MET W 397 73.91 -9.38 -10.21
N VAL W 398 73.15 -9.76 -11.23
CA VAL W 398 72.17 -10.83 -11.06
C VAL W 398 72.87 -12.13 -10.74
N LYS W 399 73.96 -12.45 -11.44
CA LYS W 399 74.72 -13.65 -11.14
C LYS W 399 75.33 -13.59 -9.75
N GLY W 400 75.72 -12.39 -9.29
CA GLY W 400 76.31 -12.20 -8.00
C GLY W 400 75.36 -11.98 -6.85
N ARG W 401 74.05 -12.03 -7.11
CA ARG W 401 73.02 -11.89 -6.08
C ARG W 401 73.14 -10.54 -5.36
N LEU W 402 73.17 -9.48 -6.16
CA LEU W 402 73.19 -8.11 -5.66
C LEU W 402 72.03 -7.34 -6.27
N ASN W 403 71.30 -6.61 -5.43
CA ASN W 403 70.11 -5.89 -5.87
C ASN W 403 70.46 -4.48 -6.34
N LYS W 404 69.68 -4.01 -7.31
CA LYS W 404 69.95 -2.73 -7.96
C LYS W 404 68.87 -1.72 -7.62
N VAL W 405 69.23 -0.44 -7.81
CA VAL W 405 68.35 0.68 -7.53
C VAL W 405 68.26 1.53 -8.79
N SER W 406 67.04 1.94 -9.15
CA SER W 406 66.83 2.67 -10.39
C SER W 406 65.85 3.81 -10.17
N VAL W 407 65.86 4.76 -11.10
CA VAL W 407 64.93 5.89 -11.04
C VAL W 407 63.59 5.47 -11.62
N GLY W 408 62.52 5.80 -10.90
CA GLY W 408 61.18 5.41 -11.30
C GLY W 408 60.56 6.35 -12.33
N THR W 409 59.31 6.05 -12.66
CA THR W 409 58.60 6.88 -13.64
C THR W 409 58.24 8.24 -13.06
N SER W 410 57.88 8.28 -11.77
CA SER W 410 57.51 9.55 -11.16
C SER W 410 58.71 10.48 -11.02
N GLY W 411 59.91 9.94 -10.89
CA GLY W 411 61.12 10.72 -10.75
C GLY W 411 61.94 10.37 -9.53
N GLN W 412 61.37 9.70 -8.54
CA GLN W 412 62.09 9.33 -7.33
C GLN W 412 62.79 7.99 -7.51
N MET W 413 63.79 7.74 -6.66
CA MET W 413 64.56 6.51 -6.76
C MET W 413 63.74 5.32 -6.27
N ILE W 414 63.95 4.18 -6.92
CA ILE W 414 63.13 2.98 -6.73
C ILE W 414 64.04 1.78 -6.63
N ILE W 415 63.68 0.83 -5.75
CA ILE W 415 64.32 -0.48 -5.74
C ILE W 415 63.66 -1.33 -6.82
N ASP W 416 64.45 -1.80 -7.78
CA ASP W 416 63.91 -2.45 -8.96
C ASP W 416 64.08 -3.96 -8.98
N ASP W 417 64.67 -4.56 -7.96
CA ASP W 417 64.87 -6.01 -7.95
C ASP W 417 64.89 -6.51 -6.52
N ALA W 418 64.59 -7.80 -6.36
CA ALA W 418 64.57 -8.44 -5.05
C ALA W 418 65.05 -9.87 -5.20
N LEU W 419 66.27 -10.14 -4.75
CA LEU W 419 66.87 -11.47 -4.84
C LEU W 419 67.45 -11.87 -3.50
N THR W 420 67.30 -13.14 -3.16
CA THR W 420 67.88 -13.68 -1.94
C THR W 420 69.25 -14.28 -2.23
N CYS W 421 69.94 -14.69 -1.17
CA CYS W 421 71.29 -15.22 -1.28
C CYS W 421 71.22 -16.75 -1.40
N CYS W 422 70.87 -17.21 -2.60
CA CYS W 422 70.83 -18.63 -2.90
C CYS W 422 71.34 -18.82 -4.32
N THR W 423 72.48 -19.51 -4.46
CA THR W 423 73.12 -19.66 -5.77
C THR W 423 72.39 -20.65 -6.66
N GLN W 424 71.78 -21.69 -6.08
CA GLN W 424 71.11 -22.69 -6.88
C GLN W 424 69.83 -22.14 -7.51
N ASP W 425 69.37 -22.81 -8.56
CA ASP W 425 68.18 -22.41 -9.31
C ASP W 425 66.98 -23.23 -8.81
N ASN W 426 66.51 -22.90 -7.61
CA ASN W 426 65.44 -23.63 -6.96
C ASN W 426 64.14 -22.84 -6.89
N TYR W 427 63.97 -21.83 -7.74
CA TYR W 427 62.89 -20.86 -7.61
C TYR W 427 62.93 -20.14 -6.26
N LEU W 428 64.08 -20.21 -5.57
CA LEU W 428 64.22 -19.65 -4.24
C LEU W 428 64.94 -18.32 -4.22
N HIS W 429 65.65 -17.95 -5.29
CA HIS W 429 66.26 -16.63 -5.33
C HIS W 429 65.21 -15.53 -5.40
N PHE W 430 63.99 -15.84 -5.80
CA PHE W 430 62.89 -14.90 -5.65
C PHE W 430 62.52 -14.75 -4.19
N GLN W 431 62.17 -13.52 -3.79
CA GLN W 431 62.06 -13.22 -2.36
C GLN W 431 60.83 -13.88 -1.74
N HIS W 432 59.69 -13.85 -2.44
CA HIS W 432 58.44 -14.22 -1.79
C HIS W 432 58.31 -15.73 -1.58
N VAL W 433 58.98 -16.53 -2.42
CA VAL W 433 58.83 -17.99 -2.33
C VAL W 433 59.29 -18.53 -0.98
N PRO W 434 60.47 -18.19 -0.46
CA PRO W 434 60.80 -18.63 0.91
C PRO W 434 59.93 -17.99 1.97
N SER W 435 59.48 -16.75 1.76
CA SER W 435 58.70 -16.06 2.78
C SER W 435 57.36 -16.74 3.01
N LEU W 436 56.70 -17.18 1.93
CA LEU W 436 55.42 -17.88 2.07
C LEU W 436 55.59 -19.16 2.88
N MET W 437 56.60 -19.95 2.55
CA MET W 437 56.83 -21.21 3.24
C MET W 437 57.19 -20.97 4.70
N ASN W 438 57.97 -19.92 4.98
CA ASN W 438 58.31 -19.62 6.36
C ASN W 438 57.08 -19.23 7.16
N ALA W 439 56.19 -18.42 6.57
CA ALA W 439 54.95 -18.05 7.27
C ALA W 439 54.08 -19.27 7.54
N ILE W 440 53.95 -20.16 6.54
CA ILE W 440 53.16 -21.37 6.74
C ILE W 440 53.78 -22.23 7.82
N SER W 441 55.11 -22.33 7.84
CA SER W 441 55.78 -23.14 8.86
C SER W 441 55.56 -22.57 10.25
N ARG W 442 55.62 -21.24 10.40
CA ARG W 442 55.36 -20.63 11.69
C ARG W 442 53.93 -20.90 12.15
N PHE W 443 52.97 -20.78 11.23
CA PHE W 443 51.58 -21.08 11.58
C PHE W 443 51.43 -22.53 12.02
N PHE W 444 52.09 -23.45 11.31
CA PHE W 444 52.02 -24.86 11.70
C PHE W 444 52.63 -25.10 13.07
N VAL W 445 53.74 -24.43 13.36
CA VAL W 445 54.39 -24.61 14.66
C VAL W 445 53.45 -24.15 15.77
N GLN W 446 52.82 -22.98 15.58
CA GLN W 446 51.86 -22.51 16.58
C GLN W 446 50.68 -23.45 16.72
N LEU W 447 50.20 -24.01 15.60
CA LEU W 447 49.10 -24.97 15.67
C LEU W 447 49.49 -26.24 16.43
N ALA W 448 50.69 -26.74 16.18
CA ALA W 448 51.10 -28.01 16.79
C ALA W 448 51.46 -27.83 18.26
N ARG W 449 51.92 -26.65 18.66
CA ARG W 449 52.20 -26.41 20.08
C ARG W 449 50.92 -26.49 20.91
N GLN W 450 49.83 -25.93 20.39
CA GLN W 450 48.56 -25.98 21.11
C GLN W 450 48.02 -27.41 21.21
N MET W 451 48.19 -28.20 20.14
CA MET W 451 47.61 -29.54 20.11
C MET W 451 48.25 -30.48 21.11
N LYS W 452 49.44 -30.15 21.63
CA LYS W 452 50.05 -30.99 22.66
C LYS W 452 49.24 -30.98 23.94
N HIS W 453 48.40 -29.97 24.14
CA HIS W 453 47.55 -29.88 25.32
C HIS W 453 46.22 -30.62 25.15
N SER W 454 45.94 -31.12 23.94
CA SER W 454 44.76 -31.92 23.69
C SER W 454 44.84 -33.23 24.47
N PRO W 455 43.71 -33.75 24.94
CA PRO W 455 43.76 -34.99 25.74
C PRO W 455 44.36 -36.16 24.98
N ASP W 456 44.07 -36.28 23.69
CA ASP W 456 44.68 -37.34 22.89
C ASP W 456 46.15 -37.03 22.62
N GLY W 457 46.46 -35.80 22.26
CA GLY W 457 47.80 -35.38 21.91
C GLY W 457 47.90 -35.06 20.43
N ILE W 458 49.07 -35.28 19.87
CA ILE W 458 49.28 -35.07 18.44
C ILE W 458 48.97 -36.36 17.71
N THR W 459 48.10 -36.28 16.71
CA THR W 459 47.67 -37.45 15.95
C THR W 459 47.66 -37.11 14.47
N ALA W 460 47.74 -38.14 13.63
CA ALA W 460 47.73 -37.93 12.19
C ALA W 460 46.41 -37.32 11.73
N ALA W 461 45.30 -37.78 12.30
CA ALA W 461 44.00 -37.20 11.95
C ALA W 461 43.92 -35.74 12.39
N GLY W 462 44.47 -35.43 13.56
CA GLY W 462 44.43 -34.04 14.03
C GLY W 462 45.26 -33.10 13.18
N LEU W 463 46.36 -33.60 12.63
CA LEU W 463 47.26 -32.79 11.83
C LEU W 463 46.77 -32.55 10.42
N THR W 464 45.66 -33.16 10.00
CA THR W 464 45.18 -32.95 8.66
C THR W 464 44.11 -31.86 8.58
N LYS W 465 43.18 -31.83 9.55
CA LYS W 465 42.09 -30.87 9.49
C LYS W 465 42.60 -29.44 9.63
N GLY W 466 43.44 -29.19 10.64
CA GLY W 466 43.96 -27.85 10.83
C GLY W 466 44.80 -27.38 9.66
N MET W 467 45.62 -28.27 9.11
CA MET W 467 46.45 -27.90 7.97
C MET W 467 45.59 -27.63 6.73
N THR W 468 44.52 -28.40 6.54
CA THR W 468 43.62 -28.11 5.42
C THR W 468 42.99 -26.74 5.58
N LYS W 469 42.56 -26.40 6.80
CA LYS W 469 41.98 -25.08 7.02
C LYS W 469 42.99 -23.98 6.73
N LEU W 470 44.21 -24.15 7.23
CA LEU W 470 45.25 -23.13 7.05
C LEU W 470 45.61 -22.95 5.58
N LEU W 471 45.77 -24.05 4.85
CA LEU W 471 46.12 -23.96 3.44
C LEU W 471 44.97 -23.41 2.61
N ASP W 472 43.72 -23.70 3.00
CA ASP W 472 42.59 -23.07 2.33
C ASP W 472 42.60 -21.56 2.55
N ARG W 473 42.96 -21.13 3.76
CA ARG W 473 43.07 -19.69 4.01
C ARG W 473 44.14 -19.04 3.14
N PHE W 474 45.30 -19.70 3.02
CA PHE W 474 46.35 -19.16 2.15
C PHE W 474 45.91 -19.16 0.68
N VAL W 475 45.18 -20.18 0.25
CA VAL W 475 44.66 -20.18 -1.12
C VAL W 475 43.71 -19.01 -1.33
N ALA W 476 42.85 -18.75 -0.35
CA ALA W 476 41.92 -17.63 -0.47
C ALA W 476 42.66 -16.30 -0.52
N SER W 477 43.74 -16.17 0.24
CA SER W 477 44.49 -14.92 0.25
C SER W 477 45.17 -14.65 -1.09
N GLY W 478 45.32 -15.65 -1.95
CA GLY W 478 45.93 -15.47 -3.24
C GLY W 478 47.39 -15.91 -3.34
N ALA W 479 47.92 -16.54 -2.29
CA ALA W 479 49.33 -16.93 -2.32
C ALA W 479 49.57 -18.15 -3.20
N LEU W 480 48.62 -19.08 -3.23
CA LEU W 480 48.75 -20.32 -4.00
C LEU W 480 47.82 -20.27 -5.20
N VAL W 481 48.33 -20.67 -6.36
CA VAL W 481 47.57 -20.68 -7.60
C VAL W 481 47.65 -22.05 -8.24
N ALA W 482 46.71 -22.32 -9.14
CA ALA W 482 46.66 -23.60 -9.82
C ALA W 482 47.87 -23.76 -10.74
N PRO W 483 48.29 -25.00 -11.02
CA PRO W 483 49.43 -25.21 -11.91
C PRO W 483 49.16 -24.68 -13.31
N ARG W 484 50.24 -24.27 -13.97
CA ARG W 484 50.11 -23.64 -15.28
C ARG W 484 49.55 -24.60 -16.32
N ASP W 485 49.95 -25.86 -16.28
CA ASP W 485 49.51 -26.85 -17.27
C ASP W 485 48.48 -27.77 -16.65
N PRO W 486 47.19 -27.62 -16.97
CA PRO W 486 46.18 -28.50 -16.36
C PRO W 486 46.22 -29.93 -16.87
N ASP W 487 46.84 -30.19 -18.03
CA ASP W 487 46.91 -31.56 -18.52
C ASP W 487 47.91 -32.39 -17.71
N ALA W 488 49.10 -31.83 -17.46
CA ALA W 488 50.14 -32.60 -16.77
C ALA W 488 49.82 -32.74 -15.28
N ASP W 489 49.38 -31.65 -14.65
CA ASP W 489 49.15 -31.62 -13.22
C ASP W 489 47.68 -31.33 -12.93
N GLY W 490 47.26 -31.69 -11.72
CA GLY W 490 45.89 -31.46 -11.32
C GLY W 490 45.58 -29.99 -11.15
N THR W 491 44.30 -29.70 -10.91
CA THR W 491 43.81 -28.34 -10.79
C THR W 491 43.89 -27.81 -9.36
N GLU W 492 44.40 -28.59 -8.42
CA GLU W 492 44.43 -28.13 -7.04
C GLU W 492 45.72 -27.40 -6.73
N PRO W 493 45.66 -26.21 -6.12
CA PRO W 493 46.89 -25.48 -5.81
C PRO W 493 47.80 -26.21 -4.83
N TYR W 494 47.25 -26.98 -3.90
CA TYR W 494 48.05 -27.69 -2.91
C TYR W 494 47.58 -29.13 -2.78
N VAL W 495 48.51 -30.02 -2.47
CA VAL W 495 48.24 -31.44 -2.29
C VAL W 495 48.73 -31.86 -0.92
N LEU W 496 47.82 -32.35 -0.09
CA LEU W 496 48.15 -32.83 1.25
C LEU W 496 47.84 -34.30 1.34
N LYS W 497 48.80 -35.08 1.83
CA LYS W 497 48.63 -36.53 1.89
C LYS W 497 49.38 -37.08 3.09
N VAL W 498 48.94 -38.27 3.53
CA VAL W 498 49.55 -38.98 4.64
C VAL W 498 50.01 -40.34 4.15
N THR W 499 51.26 -40.68 4.43
CA THR W 499 51.85 -41.95 4.01
C THR W 499 52.16 -42.80 5.22
N GLN W 500 51.95 -44.10 5.08
CA GLN W 500 52.17 -45.05 6.18
C GLN W 500 53.07 -46.18 5.71
N ALA W 501 54.22 -46.30 6.35
CA ALA W 501 55.09 -47.46 6.21
C ALA W 501 55.14 -48.19 7.54
N GLU W 502 54.82 -49.47 7.51
CA GLU W 502 54.59 -50.33 8.69
C GLU W 502 53.76 -49.52 9.70
N PHE W 503 54.04 -49.63 11.00
CA PHE W 503 53.25 -48.94 12.01
C PHE W 503 53.97 -47.82 12.74
N ASP W 504 55.27 -47.93 12.98
CA ASP W 504 55.95 -46.91 13.77
C ASP W 504 56.21 -45.64 12.97
N LYS W 505 56.45 -45.77 11.66
CA LYS W 505 56.73 -44.61 10.82
C LYS W 505 55.44 -44.09 10.19
N TRP W 506 55.10 -42.84 10.48
CA TRP W 506 54.10 -42.07 9.77
C TRP W 506 54.78 -40.90 9.08
N GLU W 507 54.05 -40.25 8.18
CA GLU W 507 54.62 -39.12 7.45
C GLU W 507 53.50 -38.22 6.96
N VAL W 508 53.69 -36.91 7.14
CA VAL W 508 52.75 -35.90 6.69
C VAL W 508 53.51 -34.91 5.83
N VAL W 509 53.09 -34.75 4.58
CA VAL W 509 53.73 -33.86 3.63
C VAL W 509 52.66 -33.04 2.92
N TRP W 510 52.98 -31.78 2.62
CA TRP W 510 52.11 -30.95 1.81
C TRP W 510 52.95 -30.20 0.78
N ALA W 511 52.42 -30.09 -0.43
CA ALA W 511 53.09 -29.42 -1.54
C ALA W 511 52.31 -28.17 -1.93
N CYS W 512 53.04 -27.18 -2.44
CA CYS W 512 52.44 -25.89 -2.74
C CYS W 512 52.95 -25.39 -4.08
N CYS W 513 52.12 -24.59 -4.76
CA CYS W 513 52.45 -23.97 -6.05
C CYS W 513 52.36 -22.47 -5.87
N PRO W 514 53.49 -21.79 -5.63
CA PRO W 514 53.44 -20.37 -5.28
C PRO W 514 53.10 -19.49 -6.49
N THR W 515 52.66 -18.28 -6.16
CA THR W 515 52.39 -17.26 -7.16
C THR W 515 53.69 -16.77 -7.78
N GLY W 516 53.62 -16.38 -9.06
CA GLY W 516 54.76 -15.85 -9.78
C GLY W 516 54.76 -14.34 -9.78
N VAL W 517 55.92 -13.75 -10.03
CA VAL W 517 56.06 -12.30 -10.12
C VAL W 517 56.40 -11.94 -11.56
N ALA W 518 56.05 -10.72 -11.96
CA ALA W 518 56.31 -10.22 -13.32
C ALA W 518 57.47 -9.24 -13.24
N ARG W 519 58.60 -9.60 -13.85
CA ARG W 519 59.79 -8.76 -13.76
C ARG W 519 60.44 -8.50 -15.11
N ARG W 520 60.23 -9.39 -16.08
CA ARG W 520 60.81 -9.22 -17.41
C ARG W 520 59.68 -9.12 -18.44
N ILE W 521 59.67 -8.03 -19.20
CA ILE W 521 58.65 -7.77 -20.21
C ILE W 521 59.35 -7.39 -21.51
N GLN W 522 58.84 -7.87 -22.64
CA GLN W 522 59.40 -7.56 -23.94
C GLN W 522 58.29 -7.16 -24.90
N GLY W 523 58.56 -6.13 -25.70
CA GLY W 523 57.65 -5.69 -26.74
C GLY W 523 58.29 -5.80 -28.11
N VAL W 524 57.50 -6.19 -29.10
CA VAL W 524 58.00 -6.43 -30.45
C VAL W 524 57.18 -5.62 -31.45
N PRO W 525 57.60 -4.41 -31.80
CA PRO W 525 56.86 -3.63 -32.79
C PRO W 525 57.02 -4.20 -34.20
N LEU W 526 55.96 -4.07 -34.99
CA LEU W 526 55.95 -4.48 -36.39
C LEU W 526 55.49 -3.30 -37.24
N LEU W 527 55.38 -3.54 -38.55
CA LEU W 527 54.96 -2.50 -39.47
C LEU W 527 54.16 -3.14 -40.59
N ILE W 528 52.94 -2.65 -40.80
CA ILE W 528 52.06 -3.18 -41.82
C ILE W 528 52.46 -2.64 -43.20
N GLN X 3 -17.25 55.48 33.66
CA GLN X 3 -16.37 55.23 34.79
C GLN X 3 -16.93 55.86 36.05
N TYR X 4 -16.32 55.54 37.19
CA TYR X 4 -16.82 55.98 38.48
C TYR X 4 -15.63 56.18 39.42
N SER X 5 -15.91 56.30 40.71
CA SER X 5 -14.90 56.62 41.70
C SER X 5 -13.97 55.43 41.94
N ILE X 6 -12.76 55.73 42.37
CA ILE X 6 -11.73 54.73 42.67
C ILE X 6 -11.22 54.97 44.07
N GLN X 7 -11.19 53.92 44.89
CA GLN X 7 -10.73 54.03 46.26
C GLN X 7 -9.23 53.78 46.36
N GLN X 8 -8.65 54.19 47.49
CA GLN X 8 -7.22 54.04 47.73
C GLN X 8 -6.89 52.76 48.48
N SER X 9 -7.75 52.35 49.42
CA SER X 9 -7.54 51.16 50.21
C SER X 9 -8.82 50.34 50.26
N LEU X 10 -8.66 49.04 50.44
CA LEU X 10 -9.80 48.12 50.48
C LEU X 10 -10.33 47.97 51.90
N GLY X 11 -11.65 47.85 52.00
CA GLY X 11 -12.29 47.59 53.28
C GLY X 11 -12.94 46.22 53.30
N ASN X 12 -14.27 46.19 53.39
CA ASN X 12 -15.02 44.96 53.32
C ASN X 12 -15.91 44.87 52.09
N ALA X 13 -16.13 45.97 51.38
CA ALA X 13 -16.95 45.96 50.19
C ALA X 13 -16.19 45.35 49.02
N SER X 14 -16.93 45.01 47.97
CA SER X 14 -16.36 44.40 46.77
C SER X 14 -15.99 45.53 45.81
N GLY X 15 -14.70 45.69 45.55
CA GLY X 15 -14.26 46.75 44.65
C GLY X 15 -12.80 46.60 44.32
N VAL X 16 -12.34 47.50 43.46
CA VAL X 16 -10.95 47.55 43.01
C VAL X 16 -10.35 48.87 43.47
N ALA X 17 -9.21 48.81 44.14
CA ALA X 17 -8.57 49.99 44.71
C ALA X 17 -7.15 50.13 44.17
N VAL X 18 -6.73 51.37 43.94
CA VAL X 18 -5.39 51.69 43.48
C VAL X 18 -4.76 52.67 44.46
N SER X 19 -3.60 52.30 44.99
CA SER X 19 -2.89 53.14 45.93
C SER X 19 -2.15 54.27 45.22
N PRO X 20 -1.83 55.35 45.93
CA PRO X 20 -1.09 56.45 45.30
C PRO X 20 0.30 56.01 44.83
N ILE X 21 0.81 56.72 43.83
CA ILE X 21 2.09 56.37 43.23
C ILE X 21 3.22 56.60 44.23
N ASN X 22 4.14 55.64 44.30
CA ASN X 22 5.35 55.77 45.11
C ASN X 22 6.52 56.15 44.21
N ALA X 23 7.23 57.22 44.58
CA ALA X 23 8.34 57.68 43.77
C ALA X 23 9.60 56.87 43.99
N ASP X 24 9.67 56.06 45.06
CA ASP X 24 10.88 55.30 45.35
C ASP X 24 10.48 54.01 46.05
N ALA X 25 10.47 52.91 45.29
CA ALA X 25 10.23 51.58 45.84
C ALA X 25 10.84 50.56 44.91
N THR X 26 11.04 49.35 45.42
CA THR X 26 11.71 48.28 44.70
C THR X 26 10.82 47.04 44.67
N LEU X 27 10.75 46.39 43.52
CA LEU X 27 9.99 45.17 43.32
C LEU X 27 10.96 44.01 43.11
N SER X 28 10.75 42.91 43.83
CA SER X 28 11.62 41.75 43.76
C SER X 28 10.77 40.48 43.62
N THR X 29 11.22 39.57 42.77
CA THR X 29 10.55 38.29 42.53
C THR X 29 11.47 37.15 42.91
N GLY X 30 10.93 36.13 43.57
CA GLY X 30 11.70 35.02 44.05
C GLY X 30 11.21 33.68 43.53
N VAL X 31 11.96 32.64 43.88
CA VAL X 31 11.64 31.27 43.48
C VAL X 31 12.26 30.34 44.51
N ALA X 32 11.69 29.14 44.63
CA ALA X 32 12.09 28.18 45.65
C ALA X 32 12.75 26.95 45.01
N LEU X 33 13.79 26.45 45.67
CA LEU X 33 14.48 25.25 45.22
C LEU X 33 15.20 24.63 46.40
N ASN X 34 15.31 23.31 46.40
CA ASN X 34 15.86 22.56 47.52
C ASN X 34 16.86 21.51 47.04
N SER X 35 17.75 21.91 46.13
CA SER X 35 18.78 20.98 45.66
C SER X 35 19.80 20.68 46.75
N SER X 36 20.32 21.72 47.40
CA SER X 36 21.27 21.60 48.48
C SER X 36 20.87 22.52 49.61
N LEU X 37 21.42 22.27 50.79
CA LEU X 37 21.08 23.06 51.97
C LEU X 37 22.36 23.56 52.62
N TRP X 38 22.36 24.81 53.05
CA TRP X 38 23.51 25.43 53.68
C TRP X 38 23.15 25.91 55.09
N ALA X 39 24.19 26.18 55.87
CA ALA X 39 24.01 26.60 57.26
C ALA X 39 25.02 27.67 57.61
N GLY X 40 24.73 28.41 58.68
CA GLY X 40 25.64 29.45 59.14
C GLY X 40 25.08 30.14 60.36
N ILE X 41 25.84 31.13 60.84
CA ILE X 41 25.45 31.96 61.97
C ILE X 41 25.71 33.42 61.61
N GLY X 42 24.83 34.30 62.08
CA GLY X 42 24.96 35.71 61.77
C GLY X 42 24.17 36.57 62.74
N VAL X 43 24.24 37.88 62.50
CA VAL X 43 23.53 38.88 63.30
C VAL X 43 22.58 39.63 62.38
N PHE X 44 21.31 39.71 62.79
CA PHE X 44 20.30 40.35 61.96
C PHE X 44 19.40 41.27 62.79
N ALA X 45 18.33 41.77 62.18
CA ALA X 45 17.45 42.71 62.86
C ALA X 45 16.53 42.00 63.85
N ARG X 46 15.69 41.09 63.34
CA ARG X 46 14.73 40.39 64.17
C ARG X 46 14.72 38.90 63.82
N GLY X 47 14.30 38.11 64.78
CA GLY X 47 14.24 36.65 64.65
C GLY X 47 14.43 36.02 66.01
N LYS X 48 13.89 34.82 66.16
CA LYS X 48 13.99 34.12 67.42
C LYS X 48 15.44 33.72 67.67
N PRO X 49 16.08 34.20 68.72
CA PRO X 49 17.51 33.93 68.90
C PRO X 49 17.78 32.50 69.33
N PHE X 50 18.92 31.98 68.87
CA PHE X 50 19.44 30.67 69.26
C PHE X 50 18.47 29.54 68.93
N THR X 51 17.73 29.68 67.84
CA THR X 51 16.90 28.60 67.30
C THR X 51 17.12 28.51 65.80
N VAL X 52 17.03 27.30 65.26
CA VAL X 52 17.25 27.11 63.84
C VAL X 52 16.08 27.65 63.05
N LEU X 53 16.36 28.51 62.07
CA LEU X 53 15.35 29.13 61.24
C LEU X 53 15.56 28.74 59.79
N ALA X 54 14.49 28.32 59.13
CA ALA X 54 14.54 27.93 57.73
C ALA X 54 14.08 29.09 56.87
N VAL X 55 14.94 29.52 55.94
CA VAL X 55 14.69 30.70 55.12
C VAL X 55 14.75 30.30 53.65
N THR X 56 13.76 30.76 52.89
CA THR X 56 13.73 30.62 51.44
C THR X 56 13.85 32.00 50.80
N GLU X 57 13.82 32.02 49.46
CA GLU X 57 13.97 33.29 48.75
C GLU X 57 12.80 34.24 49.00
N SER X 58 11.61 33.71 49.32
CA SER X 58 10.46 34.55 49.60
C SER X 58 10.26 34.83 51.07
N ASN X 59 11.11 34.29 51.95
CA ASN X 59 10.95 34.48 53.38
C ASN X 59 12.10 35.22 54.04
N TYR X 60 13.21 35.43 53.34
CA TYR X 60 14.38 36.02 54.00
C TYR X 60 14.16 37.48 54.37
N GLU X 61 13.08 38.11 53.91
CA GLU X 61 12.71 39.45 54.33
C GLU X 61 11.74 39.45 55.51
N ASP X 62 10.70 38.62 55.46
CA ASP X 62 9.79 38.50 56.59
C ASP X 62 10.47 37.83 57.77
N VAL X 63 10.89 36.58 57.60
CA VAL X 63 11.87 36.00 58.50
C VAL X 63 13.17 36.80 58.34
N LEU X 64 14.01 36.77 59.37
CA LEU X 64 15.14 37.71 59.45
C LEU X 64 14.50 39.11 59.46
N GLY X 65 15.06 40.09 58.76
CA GLY X 65 14.44 41.39 58.78
C GLY X 65 14.96 42.27 57.67
N GLU X 66 14.56 43.54 57.73
CA GLU X 66 15.06 44.52 56.78
C GLU X 66 16.58 44.67 56.97
N PRO X 67 17.34 44.72 55.88
CA PRO X 67 18.80 44.80 56.02
C PRO X 67 19.25 46.02 56.81
N LEU X 68 20.26 45.83 57.65
CA LEU X 68 20.78 46.90 58.47
C LEU X 68 21.61 47.86 57.63
N LYS X 69 21.54 49.14 57.98
CA LYS X 69 22.22 50.16 57.19
C LYS X 69 23.73 50.04 57.36
N PRO X 70 24.50 50.22 56.28
CA PRO X 70 25.96 50.12 56.39
C PRO X 70 26.58 51.20 57.25
N SER X 71 25.87 52.30 57.50
CA SER X 71 26.43 53.36 58.33
C SER X 71 26.62 52.92 59.78
N SER X 72 25.84 51.94 60.23
CA SER X 72 26.01 51.42 61.59
C SER X 72 27.37 50.74 61.74
N GLY X 73 27.77 49.94 60.75
CA GLY X 73 29.10 49.37 60.74
C GLY X 73 29.20 47.94 61.24
N SER X 74 29.73 47.06 60.40
CA SER X 74 30.04 45.66 60.73
C SER X 74 28.81 44.83 61.07
N GLN X 75 27.62 45.39 60.91
CA GLN X 75 26.39 44.67 61.19
C GLN X 75 25.63 44.30 59.93
N PHE X 76 26.17 44.62 58.75
CA PHE X 76 25.46 44.45 57.49
C PHE X 76 25.96 43.30 56.65
N GLU X 77 27.16 42.77 56.92
CA GLU X 77 27.70 41.70 56.08
C GLU X 77 26.84 40.44 56.07
N PRO X 78 26.36 39.91 57.21
CA PRO X 78 25.66 38.61 57.16
C PRO X 78 24.45 38.58 56.25
N ILE X 79 23.65 39.65 56.22
CA ILE X 79 22.47 39.64 55.37
C ILE X 79 22.85 39.67 53.90
N ARG X 80 23.92 40.40 53.56
CA ARG X 80 24.40 40.41 52.18
C ARG X 80 24.89 39.02 51.78
N HIS X 81 25.61 38.34 52.67
CA HIS X 81 26.06 36.98 52.37
C HIS X 81 24.89 36.04 52.18
N VAL X 82 23.87 36.16 53.05
CA VAL X 82 22.69 35.31 52.94
C VAL X 82 21.97 35.57 51.62
N TYR X 83 21.83 36.83 51.24
CA TYR X 83 21.16 37.15 49.97
C TYR X 83 21.93 36.59 48.78
N GLU X 84 23.26 36.70 48.81
CA GLU X 84 24.06 36.16 47.71
C GLU X 84 23.93 34.65 47.64
N ALA X 85 23.93 33.97 48.78
CA ALA X 85 23.92 32.51 48.77
C ALA X 85 22.53 31.94 48.51
N ILE X 86 21.47 32.71 48.78
CA ILE X 86 20.12 32.14 48.74
C ILE X 86 19.52 32.13 47.33
N GLN X 87 20.18 32.78 46.38
CA GLN X 87 19.65 32.78 45.01
C GLN X 87 19.72 31.41 44.35
N GLN X 88 20.48 30.46 44.91
CA GLN X 88 20.53 29.10 44.40
C GLN X 88 19.56 28.19 45.15
N THR X 89 19.76 28.02 46.45
CA THR X 89 18.94 27.12 47.26
C THR X 89 18.76 27.70 48.64
N SER X 90 17.76 27.18 49.35
CA SER X 90 17.46 27.63 50.71
C SER X 90 18.46 27.03 51.71
N GLY X 91 18.29 27.42 52.97
CA GLY X 91 19.19 26.96 54.01
C GLY X 91 18.66 27.23 55.39
N TYR X 92 19.55 27.11 56.38
CA TYR X 92 19.21 27.30 57.77
C TYR X 92 20.17 28.31 58.41
N VAL X 93 19.64 29.13 59.32
CA VAL X 93 20.41 30.20 59.96
C VAL X 93 20.10 30.20 61.45
N VAL X 94 21.13 30.43 62.25
CA VAL X 94 21.00 30.58 63.70
C VAL X 94 21.44 31.98 64.07
N ARG X 95 20.61 32.69 64.85
CA ARG X 95 20.85 34.08 65.20
C ARG X 95 21.54 34.20 66.55
N ALA X 96 22.54 35.07 66.61
CA ALA X 96 23.27 35.37 67.84
C ALA X 96 22.99 36.80 68.25
N VAL X 97 22.77 37.01 69.54
CA VAL X 97 22.36 38.32 70.06
C VAL X 97 23.20 38.66 71.27
N PRO X 98 23.56 39.93 71.49
CA PRO X 98 24.32 40.29 72.69
C PRO X 98 23.49 40.11 73.96
N ASP X 99 24.19 40.16 75.09
CA ASP X 99 23.55 39.90 76.38
C ASP X 99 22.53 40.98 76.74
N ASP X 100 22.84 42.24 76.44
CA ASP X 100 21.96 43.34 76.82
C ASP X 100 20.83 43.51 75.82
N ALA X 101 20.07 42.44 75.58
CA ALA X 101 18.93 42.45 74.67
C ALA X 101 17.69 42.05 75.43
N LYS X 102 16.59 42.76 75.19
CA LYS X 102 15.34 42.54 75.90
C LYS X 102 14.17 42.52 74.93
N PHE X 103 13.09 41.87 75.33
CA PHE X 103 11.86 41.84 74.58
C PHE X 103 10.71 42.41 75.42
N PRO X 104 9.80 43.17 74.81
CA PRO X 104 8.74 43.82 75.58
C PRO X 104 7.66 42.84 76.01
N ILE X 105 6.88 43.29 77.00
CA ILE X 105 5.81 42.47 77.57
C ILE X 105 4.85 43.41 78.29
N ILE X 106 3.56 43.10 78.22
CA ILE X 106 2.52 43.89 78.86
C ILE X 106 1.73 42.99 79.80
N MET X 107 1.62 43.39 81.06
CA MET X 107 0.83 42.67 82.05
C MET X 107 -0.51 43.37 82.26
N PHE X 108 -1.53 42.58 82.55
CA PHE X 108 -2.89 43.09 82.70
C PHE X 108 -3.39 42.86 84.13
N ASP X 109 -3.95 43.90 84.72
CA ASP X 109 -4.54 43.82 86.05
C ASP X 109 -5.92 43.19 85.97
N GLU X 110 -6.46 42.83 87.15
CA GLU X 110 -7.80 42.26 87.20
C GLU X 110 -8.84 43.25 86.68
N SER X 111 -8.69 44.52 87.03
CA SER X 111 -9.57 45.55 86.48
C SER X 111 -9.39 45.66 84.97
N GLY X 112 -8.16 45.60 84.49
CA GLY X 112 -7.90 45.61 83.06
C GLY X 112 -6.84 46.60 82.62
N GLU X 113 -6.23 47.31 83.56
CA GLU X 113 -5.20 48.28 83.19
C GLU X 113 -3.89 47.59 82.82
N PRO X 114 -3.15 48.16 81.89
CA PRO X 114 -1.89 47.54 81.47
C PRO X 114 -0.67 48.10 82.20
N ALA X 115 0.36 47.25 82.28
CA ALA X 115 1.65 47.63 82.84
C ALA X 115 2.75 47.11 81.93
N TYR X 116 3.71 47.97 81.60
CA TYR X 116 4.74 47.64 80.64
C TYR X 116 6.06 47.32 81.35
N SER X 117 6.84 46.43 80.75
CA SER X 117 8.16 46.08 81.23
C SER X 117 8.91 45.35 80.13
N ALA X 118 10.14 44.93 80.43
CA ALA X 118 10.96 44.17 79.50
C ALA X 118 11.86 43.23 80.29
N LEU X 119 12.22 42.13 79.66
CA LEU X 119 13.04 41.10 80.28
C LEU X 119 14.07 40.57 79.29
N PRO X 120 15.19 40.06 79.78
CA PRO X 120 16.17 39.44 78.87
C PRO X 120 15.62 38.17 78.23
N TYR X 121 16.24 37.80 77.11
CA TYR X 121 15.74 36.67 76.33
C TYR X 121 15.82 35.36 77.12
N GLY X 122 16.90 35.17 77.87
CA GLY X 122 17.04 33.94 78.63
C GLY X 122 16.01 33.80 79.74
N SER X 123 15.63 34.90 80.36
CA SER X 123 14.76 34.84 81.52
C SER X 123 13.36 34.38 81.14
N GLU X 124 12.66 33.80 82.12
CA GLU X 124 11.29 33.33 81.95
C GLU X 124 10.35 34.19 82.78
N ILE X 125 9.14 34.38 82.26
CA ILE X 125 8.18 35.32 82.85
C ILE X 125 7.59 34.72 84.10
N GLU X 126 7.56 35.51 85.17
CA GLU X 126 6.88 35.15 86.42
C GLU X 126 5.83 36.20 86.72
N LEU X 127 4.59 35.75 86.92
CA LEU X 127 3.47 36.66 87.10
C LEU X 127 3.34 37.05 88.56
N ASP X 128 3.35 38.35 88.82
CA ASP X 128 3.16 38.86 90.17
C ASP X 128 1.73 38.63 90.62
N SER X 129 1.56 38.49 91.94
CA SER X 129 0.22 38.39 92.51
C SER X 129 -0.55 39.68 92.25
N GLY X 130 -1.84 39.55 91.99
CA GLY X 130 -2.65 40.67 91.59
C GLY X 130 -2.70 40.93 90.10
N GLU X 131 -1.97 40.15 89.30
CA GLU X 131 -1.98 40.25 87.85
C GLU X 131 -2.57 38.98 87.26
N ALA X 132 -3.44 39.13 86.27
CA ALA X 132 -4.16 38.01 85.69
C ALA X 132 -3.37 37.33 84.58
N PHE X 133 -2.98 38.09 83.56
CA PHE X 133 -2.31 37.52 82.40
C PHE X 133 -1.39 38.54 81.79
N ALA X 134 -0.43 38.05 81.01
CA ALA X 134 0.53 38.90 80.32
C ALA X 134 0.67 38.46 78.87
N ILE X 135 0.95 39.43 78.00
CA ILE X 135 1.18 39.17 76.58
C ILE X 135 2.53 39.75 76.20
N TYR X 136 3.36 38.95 75.54
CA TYR X 136 4.68 39.39 75.11
C TYR X 136 4.87 39.03 73.64
N VAL X 137 6.06 39.35 73.11
CA VAL X 137 6.38 39.15 71.71
C VAL X 137 7.33 37.96 71.60
N ASP X 138 6.87 36.91 70.92
CA ASP X 138 7.71 35.73 70.73
C ASP X 138 8.85 36.01 69.76
N ASP X 139 8.55 36.70 68.66
CA ASP X 139 9.57 37.04 67.69
C ASP X 139 10.58 37.99 68.31
N GLY X 140 11.86 37.73 68.05
CA GLY X 140 12.92 38.57 68.59
C GLY X 140 13.02 39.91 67.89
N ASP X 141 11.93 40.66 67.87
CA ASP X 141 11.86 41.93 67.16
C ASP X 141 11.68 43.07 68.14
N PRO X 142 12.71 43.89 68.38
CA PRO X 142 12.48 45.14 69.11
C PRO X 142 11.55 46.04 68.33
N CYS X 143 10.69 46.76 69.04
CA CYS X 143 9.69 47.64 68.43
C CYS X 143 10.15 49.08 68.43
N ILE X 144 11.44 49.33 68.21
CA ILE X 144 11.97 50.69 68.32
C ILE X 144 11.50 51.54 67.15
N SER X 145 11.92 51.20 65.92
CA SER X 145 11.54 52.03 64.79
C SER X 145 10.13 51.71 64.30
N PRO X 146 9.74 50.45 64.05
CA PRO X 146 8.33 50.19 63.76
C PRO X 146 7.55 49.93 65.04
N THR X 147 6.62 50.80 65.37
CA THR X 147 5.87 50.67 66.62
C THR X 147 4.70 49.71 66.43
N ARG X 148 4.52 48.83 67.41
CA ARG X 148 3.44 47.84 67.39
C ARG X 148 2.46 48.15 68.51
N GLU X 149 1.18 48.28 68.16
CA GLU X 149 0.14 48.64 69.10
C GLU X 149 -0.87 47.50 69.24
N LEU X 150 -1.47 47.41 70.42
CA LEU X 150 -2.44 46.36 70.75
C LEU X 150 -3.77 47.01 71.10
N THR X 151 -4.84 46.49 70.52
CA THR X 151 -6.19 47.02 70.70
C THR X 151 -7.13 45.93 71.20
N ILE X 152 -7.98 46.27 72.16
CA ILE X 152 -8.93 45.34 72.75
C ILE X 152 -10.34 45.93 72.65
N GLU X 153 -11.28 45.13 72.16
CA GLU X 153 -12.69 45.49 72.17
C GLU X 153 -13.51 44.23 72.40
N THR X 154 -14.76 44.42 72.79
CA THR X 154 -15.63 43.31 73.14
C THR X 154 -16.34 42.76 71.90
N ALA X 155 -16.77 41.52 72.00
CA ALA X 155 -17.49 40.82 70.94
C ALA X 155 -18.70 40.12 71.53
N THR X 156 -19.49 39.50 70.65
CA THR X 156 -20.67 38.78 71.10
C THR X 156 -20.29 37.59 71.95
N ALA X 157 -21.12 37.30 72.96
CA ALA X 157 -20.86 36.20 73.86
C ALA X 157 -21.01 34.86 73.14
N ASP X 158 -20.44 33.83 73.73
CA ASP X 158 -20.49 32.50 73.15
C ASP X 158 -21.90 31.93 73.23
N SER X 159 -22.13 30.85 72.48
CA SER X 159 -23.42 30.18 72.50
C SER X 159 -23.71 29.60 73.88
N ALA X 160 -22.69 29.02 74.52
CA ALA X 160 -22.85 28.44 75.85
C ALA X 160 -22.94 29.50 76.95
N GLY X 161 -22.61 30.75 76.64
CA GLY X 161 -22.64 31.83 77.61
C GLY X 161 -21.29 32.40 77.98
N ASN X 162 -20.20 31.83 77.48
CA ASN X 162 -18.87 32.36 77.79
C ASN X 162 -18.66 33.70 77.10
N GLU X 163 -17.87 34.56 77.73
CA GLU X 163 -17.54 35.85 77.14
C GLU X 163 -16.23 35.77 76.35
N ARG X 164 -16.08 36.69 75.40
CA ARG X 164 -14.89 36.73 74.57
C ARG X 164 -14.72 38.15 74.03
N PHE X 165 -13.51 38.44 73.55
CA PHE X 165 -13.16 39.77 73.08
C PHE X 165 -12.25 39.65 71.86
N LEU X 166 -12.15 40.75 71.13
CA LEU X 166 -11.31 40.81 69.93
C LEU X 166 -9.94 41.37 70.27
N LEU X 167 -8.89 40.67 69.83
CA LEU X 167 -7.51 41.12 70.01
C LEU X 167 -6.92 41.42 68.65
N LYS X 168 -6.45 42.66 68.47
CA LYS X 168 -5.93 43.09 67.19
C LYS X 168 -4.52 43.67 67.35
N LEU X 169 -3.68 43.41 66.36
CA LEU X 169 -2.31 43.90 66.32
C LEU X 169 -2.16 44.86 65.16
N THR X 170 -1.51 46.00 65.40
CA THR X 170 -1.32 47.02 64.39
C THR X 170 0.13 47.47 64.38
N GLN X 171 0.57 47.96 63.23
CA GLN X 171 1.94 48.42 63.02
C GLN X 171 1.92 49.85 62.53
N THR X 172 2.66 50.72 63.19
CA THR X 172 2.77 52.12 62.81
C THR X 172 4.22 52.49 62.57
N THR X 173 4.48 53.15 61.45
CA THR X 173 5.83 53.60 61.13
C THR X 173 6.15 54.91 61.84
N SER X 174 7.37 55.39 61.62
CA SER X 174 7.76 56.67 62.21
C SER X 174 6.98 57.83 61.61
N LEU X 175 6.70 57.77 60.32
CA LEU X 175 5.96 58.85 59.66
C LEU X 175 4.54 58.95 60.19
N GLY X 176 3.87 57.83 60.37
CA GLY X 176 2.50 57.83 60.87
C GLY X 176 1.57 56.91 60.11
N VAL X 177 2.11 56.17 59.15
CA VAL X 177 1.29 55.23 58.38
C VAL X 177 0.97 54.02 59.25
N VAL X 178 -0.32 53.70 59.36
CA VAL X 178 -0.81 52.63 60.23
C VAL X 178 -1.34 51.51 59.37
N THR X 179 -0.91 50.28 59.66
CA THR X 179 -1.37 49.09 58.97
C THR X 179 -1.83 48.05 59.98
N THR X 180 -2.57 47.05 59.47
CA THR X 180 -3.13 46.00 60.30
C THR X 180 -2.35 44.71 60.09
N LEU X 181 -1.97 44.06 61.19
CA LEU X 181 -1.19 42.82 61.12
C LEU X 181 -2.03 41.58 61.34
N GLU X 182 -2.69 41.48 62.50
CA GLU X 182 -3.43 40.27 62.86
C GLU X 182 -4.67 40.64 63.65
N THR X 183 -5.66 39.75 63.60
CA THR X 183 -6.87 39.85 64.42
C THR X 183 -7.21 38.47 64.96
N HIS X 184 -7.78 38.45 66.17
CA HIS X 184 -8.17 37.18 66.79
C HIS X 184 -9.39 37.41 67.67
N THR X 185 -10.15 36.33 67.87
CA THR X 185 -11.22 36.29 68.87
C THR X 185 -10.77 35.38 70.00
N VAL X 186 -10.66 35.94 71.19
CA VAL X 186 -10.05 35.25 72.32
C VAL X 186 -10.98 35.30 73.52
N SER X 187 -11.07 34.18 74.24
CA SER X 187 -11.88 34.08 75.44
C SER X 187 -11.01 33.68 76.63
N LEU X 188 -11.27 34.32 77.78
CA LEU X 188 -10.54 33.97 78.99
C LEU X 188 -11.00 32.66 79.60
N ALA X 189 -12.21 32.21 79.29
CA ALA X 189 -12.72 30.96 79.83
C ALA X 189 -11.97 29.77 79.25
N GLU X 190 -11.75 28.75 80.08
CA GLU X 190 -11.00 27.58 79.63
C GLU X 190 -11.74 26.82 78.54
N GLU X 191 -13.05 26.64 78.70
CA GLU X 191 -13.86 25.87 77.74
C GLU X 191 -14.72 26.85 76.95
N ALA X 192 -14.16 27.35 75.86
CA ALA X 192 -14.87 28.23 74.94
C ALA X 192 -14.53 27.84 73.52
N LYS X 193 -15.44 28.15 72.60
CA LYS X 193 -15.28 27.77 71.21
C LYS X 193 -15.53 28.96 70.30
N ASP X 194 -14.84 28.98 69.17
CA ASP X 194 -14.94 30.05 68.20
C ASP X 194 -16.19 29.85 67.34
N ASP X 195 -16.45 30.82 66.45
CA ASP X 195 -17.52 30.66 65.48
C ASP X 195 -17.22 29.51 64.54
N MET X 196 -15.96 29.36 64.13
CA MET X 196 -15.55 28.27 63.25
C MET X 196 -15.35 26.96 63.97
N GLY X 197 -15.51 26.93 65.30
CA GLY X 197 -15.37 25.71 66.06
C GLY X 197 -14.05 25.55 66.78
N ARG X 198 -13.08 26.42 66.50
CA ARG X 198 -11.78 26.34 67.15
C ARG X 198 -11.86 26.84 68.58
N LEU X 199 -10.84 26.48 69.37
CA LEU X 199 -10.77 26.93 70.76
C LEU X 199 -10.31 28.39 70.83
N CYS X 200 -10.76 29.08 71.88
CA CYS X 200 -10.43 30.48 72.08
C CYS X 200 -9.67 30.75 73.36
N TYR X 201 -9.17 29.71 74.03
CA TYR X 201 -8.32 29.92 75.20
C TYR X 201 -7.08 30.70 74.78
N LEU X 202 -6.76 31.75 75.53
CA LEU X 202 -5.75 32.71 75.07
C LEU X 202 -4.39 32.07 74.80
N PRO X 203 -3.78 31.32 75.73
CA PRO X 203 -2.48 30.72 75.40
C PRO X 203 -2.55 29.75 74.22
N THR X 204 -3.57 28.88 74.21
CA THR X 204 -3.67 27.89 73.13
C THR X 204 -3.90 28.56 71.78
N ALA X 205 -4.81 29.54 71.73
CA ALA X 205 -5.07 30.22 70.48
C ALA X 205 -3.84 30.97 69.98
N LEU X 206 -3.14 31.65 70.87
CA LEU X 206 -1.95 32.39 70.45
C LEU X 206 -0.85 31.44 69.99
N GLU X 207 -0.68 30.30 70.66
CA GLU X 207 0.31 29.33 70.22
C GLU X 207 -0.07 28.72 68.87
N ALA X 208 -1.37 28.56 68.62
CA ALA X 208 -1.79 27.88 67.39
C ALA X 208 -1.74 28.81 66.18
N ARG X 209 -2.51 29.90 66.20
CA ARG X 209 -2.72 30.68 65.00
C ARG X 209 -2.17 32.10 65.10
N SER X 210 -0.98 32.26 65.68
CA SER X 210 -0.32 33.55 65.74
C SER X 210 1.19 33.36 65.65
N LYS X 211 1.84 34.20 64.84
CA LYS X 211 3.28 34.15 64.69
C LYS X 211 4.00 35.34 65.30
N TYR X 212 3.28 36.22 65.99
CA TYR X 212 3.88 37.42 66.57
C TYR X 212 3.85 37.43 68.09
N LEU X 213 2.78 36.95 68.71
CA LEU X 213 2.56 37.13 70.14
C LEU X 213 2.33 35.79 70.83
N ARG X 214 2.60 35.78 72.13
CA ARG X 214 2.26 34.67 73.01
C ARG X 214 1.71 35.23 74.31
N ALA X 215 1.16 34.36 75.15
CA ALA X 215 0.55 34.82 76.39
C ALA X 215 0.82 33.82 77.51
N VAL X 216 0.85 34.33 78.74
CA VAL X 216 1.01 33.53 79.95
C VAL X 216 -0.04 33.99 80.96
N VAL X 217 -0.74 33.03 81.56
CA VAL X 217 -1.83 33.34 82.47
C VAL X 217 -1.51 32.81 83.86
N ASN X 218 -2.13 33.43 84.85
CA ASN X 218 -2.04 33.00 86.24
C ASN X 218 -3.27 32.16 86.56
N GLU X 219 -3.05 30.88 86.85
CA GLU X 219 -4.15 29.94 86.97
C GLU X 219 -5.05 30.29 88.16
N GLU X 220 -4.46 30.74 89.27
CA GLU X 220 -5.24 30.96 90.48
C GLU X 220 -6.27 32.06 90.31
N LEU X 221 -5.89 33.17 89.68
CA LEU X 221 -6.74 34.35 89.60
C LEU X 221 -7.37 34.57 88.23
N ILE X 222 -7.26 33.60 87.32
CA ILE X 222 -7.79 33.80 85.99
C ILE X 222 -9.32 33.82 86.00
N SER X 223 -9.94 33.11 86.95
CA SER X 223 -11.40 32.94 86.92
C SER X 223 -12.12 34.27 87.08
N THR X 224 -11.76 35.06 88.09
CA THR X 224 -12.44 36.31 88.39
C THR X 224 -11.70 37.49 87.78
N ALA X 225 -11.63 37.50 86.44
CA ALA X 225 -10.93 38.52 85.69
C ALA X 225 -11.88 39.17 84.69
N LYS X 226 -11.74 40.48 84.53
CA LYS X 226 -12.56 41.25 83.60
C LYS X 226 -11.66 42.05 82.67
N VAL X 227 -12.09 42.19 81.42
CA VAL X 227 -11.36 42.91 80.39
C VAL X 227 -12.27 43.99 79.82
N THR X 228 -11.75 45.22 79.74
CA THR X 228 -12.48 46.35 79.21
C THR X 228 -11.82 46.86 77.93
N ASN X 229 -12.60 47.57 77.14
CA ASN X 229 -12.10 48.09 75.87
C ASN X 229 -10.97 49.07 76.10
N LYS X 230 -9.87 48.90 75.35
CA LYS X 230 -8.72 49.77 75.43
C LYS X 230 -8.28 50.17 74.02
N LYS X 231 -7.76 51.39 73.91
CA LYS X 231 -7.25 51.89 72.64
C LYS X 231 -5.86 51.30 72.40
N SER X 232 -5.13 51.86 71.44
CA SER X 232 -3.82 51.34 71.10
C SER X 232 -2.86 51.44 72.28
N LEU X 233 -2.19 50.34 72.59
CA LEU X 233 -1.16 50.28 73.62
C LEU X 233 0.14 49.82 72.97
N ALA X 234 1.20 50.60 73.16
CA ALA X 234 2.46 50.36 72.47
C ALA X 234 3.43 49.61 73.38
N PHE X 235 4.07 48.58 72.84
CA PHE X 235 5.12 47.89 73.58
C PHE X 235 6.31 48.83 73.78
N THR X 236 6.93 48.75 74.96
CA THR X 236 8.07 49.60 75.28
C THR X 236 9.13 48.77 75.97
N GLY X 237 10.37 49.25 75.90
CA GLY X 237 11.48 48.63 76.60
C GLY X 237 12.21 47.56 75.83
N GLY X 238 11.72 47.17 74.65
CA GLY X 238 12.39 46.17 73.85
C GLY X 238 13.50 46.76 73.02
N THR X 239 14.75 46.36 73.29
CA THR X 239 15.90 46.94 72.62
C THR X 239 16.93 45.86 72.34
N ASN X 240 17.80 46.17 71.38
CA ASN X 240 18.96 45.33 71.05
C ASN X 240 20.21 46.11 71.38
N GLY X 241 21.15 45.49 72.09
CA GLY X 241 22.39 46.15 72.44
C GLY X 241 23.23 46.47 71.22
N ASP X 242 24.41 47.05 71.42
CA ASP X 242 25.30 47.32 70.30
C ASP X 242 25.69 46.00 69.64
N GLN X 243 25.20 45.78 68.43
CA GLN X 243 25.43 44.50 67.75
C GLN X 243 26.78 44.43 67.06
N SER X 244 27.56 45.51 67.06
CA SER X 244 28.91 45.46 66.55
C SER X 244 29.88 44.81 67.54
N LYS X 245 29.49 44.71 68.81
CA LYS X 245 30.33 44.11 69.85
C LYS X 245 29.63 42.84 70.33
N ILE X 246 30.02 41.70 69.77
CA ILE X 246 29.49 40.40 70.16
C ILE X 246 30.63 39.58 70.73
N SER X 247 30.46 39.10 71.96
CA SER X 247 31.50 38.30 72.59
C SER X 247 31.56 36.91 71.95
N THR X 248 32.67 36.21 72.19
CA THR X 248 32.87 34.89 71.61
C THR X 248 31.93 33.85 72.21
N ALA X 249 31.43 34.07 73.43
CA ALA X 249 30.55 33.10 74.06
C ALA X 249 29.25 32.94 73.27
N ALA X 250 28.68 34.05 72.82
CA ALA X 250 27.45 33.98 72.04
C ALA X 250 27.68 33.25 70.71
N TYR X 251 28.81 33.53 70.05
CA TYR X 251 29.11 32.84 68.81
C TYR X 251 29.27 31.34 69.04
N LEU X 252 29.96 30.95 70.11
CA LEU X 252 30.13 29.53 70.40
C LEU X 252 28.80 28.87 70.72
N ARG X 253 27.92 29.58 71.43
CA ARG X 253 26.60 29.03 71.72
C ARG X 253 25.81 28.81 70.44
N ALA X 254 25.86 29.77 69.51
CA ALA X 254 25.17 29.59 68.23
C ALA X 254 25.75 28.43 67.44
N VAL X 255 27.08 28.27 67.45
CA VAL X 255 27.69 27.16 66.75
C VAL X 255 27.24 25.83 67.37
N LYS X 256 27.20 25.76 68.70
CA LYS X 256 26.72 24.54 69.35
C LYS X 256 25.27 24.27 69.00
N VAL X 257 24.46 25.31 68.85
CA VAL X 257 23.08 25.12 68.42
C VAL X 257 23.04 24.53 67.01
N LEU X 258 23.89 25.01 66.11
CA LEU X 258 23.97 24.43 64.77
C LEU X 258 24.36 22.96 64.82
N ASN X 259 25.32 22.61 65.69
CA ASN X 259 25.84 21.25 65.68
C ASN X 259 24.74 20.23 65.96
N ASN X 260 23.81 20.57 66.85
CA ASN X 260 22.77 19.62 67.26
C ASN X 260 21.47 19.92 66.50
N ALA X 261 21.55 19.76 65.17
CA ALA X 261 20.39 19.92 64.31
C ALA X 261 20.27 18.73 63.38
N PRO X 262 19.06 18.20 63.19
CA PRO X 262 18.88 16.97 62.39
C PRO X 262 18.56 17.19 60.92
N TYR X 263 18.61 18.43 60.41
CA TYR X 263 18.11 18.73 59.08
C TYR X 263 19.01 18.22 57.95
N MET X 264 20.24 17.84 58.25
CA MET X 264 21.15 17.20 57.29
C MET X 264 21.37 18.09 56.08
N TYR X 265 22.01 19.23 56.35
CA TYR X 265 22.47 20.15 55.32
C TYR X 265 23.78 19.65 54.70
N THR X 266 24.15 20.24 53.57
CA THR X 266 25.28 19.78 52.78
C THR X 266 26.37 20.82 52.60
N ALA X 267 26.32 21.93 53.33
CA ALA X 267 27.38 22.92 53.29
C ALA X 267 27.27 23.81 54.51
N VAL X 268 28.42 24.31 54.96
CA VAL X 268 28.49 25.24 56.09
C VAL X 268 29.24 26.48 55.64
N LEU X 269 28.70 27.65 55.96
CA LEU X 269 29.20 28.92 55.46
C LEU X 269 29.47 29.86 56.63
N GLY X 270 30.58 30.59 56.55
CA GLY X 270 30.85 31.63 57.51
C GLY X 270 30.36 32.97 57.02
N LEU X 271 29.16 33.36 57.45
CA LEU X 271 28.50 34.56 56.92
C LEU X 271 29.05 35.79 57.63
N GLY X 272 30.21 36.25 57.16
CA GLY X 272 30.79 37.45 57.71
C GLY X 272 31.27 37.33 59.13
N CYS X 273 31.54 36.13 59.60
CA CYS X 273 32.04 35.90 60.95
C CYS X 273 33.56 35.89 60.90
N TYR X 274 34.19 36.88 61.55
CA TYR X 274 35.65 37.02 61.55
C TYR X 274 36.23 36.75 62.93
N ASP X 275 35.69 35.77 63.64
CA ASP X 275 36.20 35.33 64.92
C ASP X 275 36.88 33.98 64.76
N ASN X 276 38.10 33.86 65.26
CA ASN X 276 38.90 32.66 65.00
C ASN X 276 38.31 31.44 65.70
N ALA X 277 37.89 31.59 66.95
CA ALA X 277 37.34 30.44 67.69
C ALA X 277 36.07 29.92 67.03
N ALA X 278 35.18 30.82 66.62
CA ALA X 278 33.97 30.40 65.92
C ALA X 278 34.31 29.74 64.60
N ILE X 279 35.33 30.23 63.90
CA ILE X 279 35.73 29.63 62.63
C ILE X 279 36.24 28.22 62.83
N THR X 280 37.07 28.01 63.88
CA THR X 280 37.55 26.66 64.14
C THR X 280 36.42 25.73 64.54
N ALA X 281 35.46 26.22 65.33
CA ALA X 281 34.32 25.38 65.69
C ALA X 281 33.48 25.01 64.46
N LEU X 282 33.28 25.98 63.56
CA LEU X 282 32.55 25.69 62.32
C LEU X 282 33.31 24.69 61.46
N GLY X 283 34.63 24.79 61.44
CA GLY X 283 35.42 23.80 60.71
C GLY X 283 35.32 22.42 61.31
N LYS X 284 35.26 22.34 62.64
CA LYS X 284 35.06 21.05 63.29
C LYS X 284 33.72 20.46 62.93
N ILE X 285 32.67 21.29 62.89
CA ILE X 285 31.37 20.82 62.42
C ILE X 285 31.47 20.33 60.98
N CYS X 286 32.19 21.07 60.14
CA CYS X 286 32.34 20.71 58.73
C CYS X 286 33.02 19.36 58.58
N ALA X 287 34.07 19.11 59.36
CA ALA X 287 34.78 17.84 59.27
C ALA X 287 34.02 16.69 59.92
N ASP X 288 33.16 16.99 60.90
CA ASP X 288 32.43 15.93 61.58
C ASP X 288 31.42 15.25 60.66
N ARG X 289 30.70 16.03 59.87
CA ARG X 289 29.58 15.52 59.09
C ARG X 289 29.98 15.11 57.67
N LEU X 290 31.26 15.10 57.35
CA LEU X 290 31.75 14.81 56.00
C LEU X 290 31.08 15.73 54.97
N ILE X 291 31.30 17.03 55.17
CA ILE X 291 30.64 18.08 54.42
C ILE X 291 31.70 19.08 53.97
N ASP X 292 31.42 19.78 52.87
CA ASP X 292 32.27 20.87 52.42
C ASP X 292 32.06 22.10 53.29
N GLY X 293 33.00 23.03 53.22
CA GLY X 293 32.89 24.26 53.99
C GLY X 293 33.66 25.42 53.39
N PHE X 294 33.06 26.61 53.41
CA PHE X 294 33.68 27.80 52.84
C PHE X 294 33.75 28.89 53.88
N PHE X 295 34.91 29.55 53.98
CA PHE X 295 35.16 30.55 55.00
C PHE X 295 35.84 31.75 54.39
N ASP X 296 35.93 32.83 55.17
CA ASP X 296 36.41 34.10 54.69
C ASP X 296 37.37 34.73 55.70
N VAL X 297 38.43 35.35 55.19
CA VAL X 297 39.32 36.16 56.00
C VAL X 297 38.91 37.62 55.84
N LYS X 298 39.36 38.47 56.77
CA LYS X 298 38.92 39.86 56.76
C LYS X 298 39.31 40.53 55.45
N PRO X 299 38.37 41.20 54.76
CA PRO X 299 38.69 41.71 53.42
C PRO X 299 39.56 42.95 53.42
N THR X 300 39.48 43.80 54.44
CA THR X 300 40.24 45.04 54.44
C THR X 300 41.73 44.83 54.59
N LEU X 301 42.17 43.64 54.96
CA LEU X 301 43.60 43.36 55.10
C LEU X 301 44.30 43.44 53.76
N THR X 302 45.56 43.88 53.80
CA THR X 302 46.35 43.98 52.59
C THR X 302 46.86 42.60 52.17
N TYR X 303 47.56 42.55 51.03
CA TYR X 303 48.06 41.29 50.52
C TYR X 303 49.11 40.70 51.46
N ALA X 304 50.00 41.54 51.98
CA ALA X 304 51.07 41.05 52.84
C ALA X 304 50.52 40.44 54.14
N GLU X 305 49.53 41.10 54.74
CA GLU X 305 49.01 40.66 56.03
C GLU X 305 48.00 39.52 55.91
N ALA X 306 47.54 39.21 54.69
CA ALA X 306 46.53 38.16 54.54
C ALA X 306 47.10 36.79 54.83
N LEU X 307 48.33 36.52 54.37
CA LEU X 307 48.91 35.19 54.55
C LEU X 307 49.06 34.78 56.02
N PRO X 308 49.60 35.60 56.91
CA PRO X 308 49.59 35.22 58.33
C PRO X 308 48.19 35.04 58.91
N ALA X 309 47.21 35.79 58.39
CA ALA X 309 45.85 35.69 58.90
C ALA X 309 45.26 34.31 58.63
N VAL X 310 45.66 33.66 57.53
CA VAL X 310 45.21 32.30 57.28
C VAL X 310 45.75 31.35 58.34
N GLU X 311 47.03 31.50 58.70
CA GLU X 311 47.62 30.69 59.74
C GLU X 311 47.06 30.99 61.12
N ASP X 312 46.51 32.20 61.31
CA ASP X 312 45.91 32.53 62.60
C ASP X 312 44.75 31.60 62.93
N THR X 313 43.89 31.34 61.95
CA THR X 313 42.86 30.34 62.13
C THR X 313 43.47 28.94 62.16
N GLY X 314 42.84 28.05 62.90
CA GLY X 314 43.37 26.71 63.07
C GLY X 314 43.10 25.75 61.94
N LEU X 315 42.55 26.23 60.82
CA LEU X 315 42.17 25.34 59.74
C LEU X 315 43.36 24.78 58.98
N LEU X 316 44.51 25.44 59.01
CA LEU X 316 45.67 24.99 58.24
C LEU X 316 46.25 23.75 58.90
N GLY X 317 46.01 22.59 58.30
CA GLY X 317 46.50 21.36 58.84
C GLY X 317 45.92 20.17 58.11
N THR X 318 46.08 18.99 58.70
CA THR X 318 45.54 17.77 58.12
C THR X 318 44.19 17.38 58.68
N ASP X 319 43.75 18.00 59.78
CA ASP X 319 42.48 17.62 60.38
C ASP X 319 41.29 18.12 59.55
N TYR X 320 41.35 19.36 59.09
CA TYR X 320 40.23 19.98 58.39
C TYR X 320 40.53 19.99 56.89
N VAL X 321 40.14 18.92 56.23
CA VAL X 321 40.20 18.85 54.77
C VAL X 321 38.88 19.37 54.20
N SER X 322 38.92 19.83 52.95
CA SER X 322 37.74 20.37 52.27
C SER X 322 37.21 21.62 52.97
N CYS X 323 38.12 22.49 53.39
CA CYS X 323 37.77 23.80 53.91
C CYS X 323 38.60 24.85 53.18
N SER X 324 37.93 25.83 52.58
CA SER X 324 38.59 26.83 51.76
C SER X 324 38.48 28.21 52.41
N VAL X 325 39.53 29.01 52.25
CA VAL X 325 39.60 30.36 52.79
C VAL X 325 39.79 31.33 51.64
N TYR X 326 38.95 32.35 51.57
CA TYR X 326 38.97 33.33 50.48
C TYR X 326 39.29 34.72 51.01
N HIS X 327 39.90 35.52 50.14
CA HIS X 327 40.26 36.89 50.46
C HIS X 327 39.83 37.79 49.30
N TYR X 328 39.17 38.90 49.61
CA TYR X 328 38.56 39.75 48.58
C TYR X 328 38.64 41.20 49.02
N PRO X 329 39.71 41.91 48.66
CA PRO X 329 39.89 43.29 49.11
C PRO X 329 39.28 44.37 48.23
N PHE X 330 38.34 44.03 47.34
CA PHE X 330 37.78 45.01 46.43
C PHE X 330 36.53 45.66 47.05
N SER X 331 36.02 46.68 46.36
CA SER X 331 34.88 47.46 46.83
C SER X 331 33.82 47.52 45.74
N CYS X 332 32.56 47.61 46.17
CA CYS X 332 31.44 47.56 45.23
C CYS X 332 30.27 48.34 45.80
N LYS X 333 29.35 48.71 44.91
CA LYS X 333 28.14 49.42 45.31
C LYS X 333 27.11 48.45 45.87
N ASP X 334 26.55 48.77 47.03
CA ASP X 334 25.57 47.90 47.66
C ASP X 334 24.26 47.88 46.88
N LYS X 335 23.59 46.74 46.91
CA LYS X 335 22.37 46.56 46.14
C LYS X 335 21.24 47.41 46.70
N TRP X 336 21.01 47.33 48.01
CA TRP X 336 19.85 48.00 48.60
C TRP X 336 20.01 49.52 48.58
N THR X 337 21.16 50.01 49.03
CA THR X 337 21.48 51.44 49.00
C THR X 337 22.85 51.61 48.39
N GLN X 338 22.95 52.43 47.36
CA GLN X 338 24.20 52.56 46.61
C GLN X 338 25.24 53.31 47.45
N SER X 339 25.96 52.58 48.31
CA SER X 339 26.80 53.23 49.31
C SER X 339 28.23 52.73 49.35
N ARG X 340 28.67 51.95 48.37
CA ARG X 340 30.07 51.54 48.22
C ARG X 340 30.58 50.82 49.47
N VAL X 341 30.01 49.63 49.69
CA VAL X 341 30.35 48.82 50.84
C VAL X 341 31.40 47.78 50.43
N VAL X 342 32.02 47.15 51.43
CA VAL X 342 33.03 46.12 51.22
C VAL X 342 32.66 44.90 52.07
N PHE X 343 32.60 43.73 51.44
CA PHE X 343 32.38 42.49 52.17
C PHE X 343 33.00 41.33 51.39
N GLY X 344 33.21 40.22 52.09
CA GLY X 344 33.97 39.11 51.56
C GLY X 344 33.18 38.19 50.66
N LEU X 345 33.84 37.11 50.26
CA LEU X 345 33.31 36.14 49.31
C LEU X 345 32.92 34.86 50.06
N SER X 346 31.74 34.88 50.66
CA SER X 346 31.14 33.68 51.24
C SER X 346 29.68 33.66 50.81
N GLY X 347 29.29 32.59 50.13
CA GLY X 347 28.02 32.54 49.44
C GLY X 347 28.13 32.75 47.95
N VAL X 348 29.24 33.29 47.47
CA VAL X 348 29.53 33.29 46.04
C VAL X 348 30.21 32.01 45.63
N ALA X 349 31.15 31.51 46.45
CA ALA X 349 31.75 30.21 46.16
C ALA X 349 30.73 29.08 46.28
N TYR X 350 29.88 29.14 47.31
CA TYR X 350 28.85 28.11 47.45
C TYR X 350 27.88 28.13 46.27
N ALA X 351 27.62 29.32 45.72
CA ALA X 351 26.78 29.39 44.53
C ALA X 351 27.42 28.65 43.36
N ALA X 352 28.73 28.80 43.19
CA ALA X 352 29.41 28.06 42.13
C ALA X 352 29.36 26.56 42.38
N LYS X 353 29.53 26.13 43.63
CA LYS X 353 29.43 24.71 43.93
C LYS X 353 28.03 24.18 43.65
N ALA X 354 27.00 24.94 44.01
CA ALA X 354 25.62 24.51 43.73
C ALA X 354 25.36 24.44 42.23
N ARG X 355 25.86 25.42 41.48
CA ARG X 355 25.71 25.39 40.04
C ARG X 355 26.36 24.17 39.44
N GLY X 356 27.55 23.81 39.94
CA GLY X 356 28.20 22.59 39.47
C GLY X 356 27.42 21.34 39.82
N VAL X 357 26.86 21.30 41.04
CA VAL X 357 26.12 20.12 41.48
C VAL X 357 24.84 19.96 40.66
N LYS X 358 24.21 21.05 40.25
CA LYS X 358 22.95 20.94 39.51
C LYS X 358 23.11 20.30 38.14
N LYS X 359 24.34 20.10 37.65
CA LYS X 359 24.54 19.57 36.31
C LYS X 359 24.03 18.14 36.19
N ASN X 360 24.28 17.30 37.19
CA ASN X 360 23.89 15.90 37.16
C ASN X 360 22.73 15.66 38.11
N SER X 361 21.78 14.83 37.68
CA SER X 361 20.55 14.61 38.43
C SER X 361 20.50 13.26 39.13
N ASP X 362 21.39 12.34 38.80
CA ASP X 362 21.36 11.02 39.45
C ASP X 362 22.05 11.05 40.80
N VAL X 363 23.35 11.35 40.82
CA VAL X 363 24.13 11.35 42.05
C VAL X 363 24.61 12.74 42.44
N GLY X 364 24.59 13.71 41.53
CA GLY X 364 24.93 15.09 41.83
C GLY X 364 26.10 15.63 41.04
N GLY X 365 27.09 14.80 40.75
CA GLY X 365 28.26 15.29 40.04
C GLY X 365 29.05 16.27 40.88
N TRP X 366 29.65 15.78 41.96
CA TRP X 366 30.43 16.61 42.86
C TRP X 366 31.86 16.84 42.38
N HIS X 367 32.24 16.28 41.24
CA HIS X 367 33.61 16.41 40.76
C HIS X 367 33.90 17.76 40.12
N TYR X 368 32.91 18.62 39.93
CA TYR X 368 33.14 19.94 39.36
C TYR X 368 33.75 20.86 40.41
N SER X 369 34.85 21.50 40.06
CA SER X 369 35.51 22.42 40.98
C SER X 369 34.78 23.76 41.01
N PRO X 370 34.69 24.40 42.18
CA PRO X 370 33.98 25.68 42.27
C PRO X 370 34.57 26.78 41.39
N ALA X 371 35.89 26.82 41.23
CA ALA X 371 36.49 27.85 40.42
C ALA X 371 36.18 27.62 38.94
N GLY X 372 36.27 28.67 38.16
CA GLY X 372 36.02 28.60 36.73
C GLY X 372 35.34 29.86 36.23
N GLU X 373 35.48 30.11 34.93
CA GLU X 373 34.93 31.30 34.31
C GLU X 373 33.41 31.23 34.13
N GLU X 374 32.85 30.04 33.93
CA GLU X 374 31.42 29.89 33.71
C GLU X 374 30.64 29.67 35.00
N ARG X 375 31.15 28.83 35.91
CA ARG X 375 30.41 28.53 37.12
C ARG X 375 30.52 29.64 38.17
N ALA X 376 31.72 30.19 38.36
CA ALA X 376 31.97 31.16 39.41
C ALA X 376 32.12 32.55 38.80
N VAL X 377 31.09 33.37 38.96
CA VAL X 377 31.11 34.75 38.48
C VAL X 377 30.61 35.65 39.61
N ILE X 378 31.32 36.75 39.84
CA ILE X 378 30.95 37.72 40.87
C ILE X 378 30.12 38.80 40.20
N ALA X 379 28.87 38.94 40.63
CA ALA X 379 27.92 39.89 40.05
C ALA X 379 27.73 41.05 41.02
N ARG X 380 28.50 42.11 40.83
CA ARG X 380 28.40 43.31 41.64
C ARG X 380 28.50 44.53 40.74
N ALA X 381 28.01 45.66 41.24
CA ALA X 381 27.79 46.85 40.43
C ALA X 381 29.06 47.41 39.80
N SER X 382 29.97 47.93 40.62
CA SER X 382 31.19 48.56 40.11
C SER X 382 32.33 48.23 41.05
N ILE X 383 33.34 47.54 40.54
CA ILE X 383 34.44 47.04 41.33
C ILE X 383 35.60 48.02 41.24
N GLN X 384 36.12 48.43 42.39
CA GLN X 384 37.28 49.33 42.46
C GLN X 384 38.26 48.75 43.47
N PRO X 385 39.50 48.49 43.09
CA PRO X 385 40.45 47.92 44.05
C PRO X 385 40.72 48.88 45.20
N LEU X 386 40.88 48.31 46.39
CA LEU X 386 41.20 49.10 47.57
C LEU X 386 42.66 49.53 47.59
N TYR X 387 43.56 48.67 47.13
CA TYR X 387 45.00 48.93 47.14
C TYR X 387 45.52 48.76 45.73
N PRO X 388 45.37 49.80 44.89
CA PRO X 388 45.88 49.70 43.53
C PRO X 388 47.40 49.69 43.50
N GLU X 389 47.98 49.54 42.31
CA GLU X 389 49.43 49.50 42.10
C GLU X 389 50.13 48.53 43.06
N ASP X 390 49.40 47.51 43.51
CA ASP X 390 49.95 46.44 44.34
C ASP X 390 49.69 45.10 43.67
N THR X 391 50.66 44.20 43.77
CA THR X 391 50.59 42.91 43.12
C THR X 391 50.76 41.79 44.15
N PRO X 392 49.87 40.81 44.17
CA PRO X 392 50.04 39.68 45.10
C PRO X 392 51.14 38.74 44.62
N ASP X 393 51.64 37.94 45.56
CA ASP X 393 52.64 36.92 45.28
C ASP X 393 51.90 35.58 45.14
N GLU X 394 51.67 35.17 43.89
CA GLU X 394 50.81 34.01 43.63
C GLU X 394 51.41 32.73 44.19
N GLU X 395 52.72 32.56 44.04
CA GLU X 395 53.36 31.33 44.54
C GLU X 395 53.26 31.22 46.05
N ALA X 396 53.44 32.34 46.75
CA ALA X 396 53.26 32.34 48.21
C ALA X 396 51.82 32.02 48.58
N MET X 397 50.87 32.53 47.82
CA MET X 397 49.46 32.22 48.08
C MET X 397 49.19 30.74 47.89
N VAL X 398 49.77 30.14 46.85
CA VAL X 398 49.59 28.70 46.64
C VAL X 398 50.20 27.91 47.77
N LYS X 399 51.41 28.30 48.21
CA LYS X 399 52.02 27.66 49.37
C LYS X 399 51.23 27.89 50.64
N GLY X 400 50.49 29.00 50.74
CA GLY X 400 49.70 29.32 51.90
C GLY X 400 48.26 28.89 51.84
N ARG X 401 47.84 28.23 50.77
CA ARG X 401 46.48 27.70 50.62
C ARG X 401 45.44 28.82 50.71
N LEU X 402 45.65 29.84 49.88
CA LEU X 402 44.74 30.98 49.78
C LEU X 402 44.31 31.12 48.32
N ASN X 403 43.00 31.24 48.10
CA ASN X 403 42.45 31.28 46.76
C ASN X 403 42.38 32.72 46.25
N LYS X 404 42.56 32.88 44.95
CA LYS X 404 42.67 34.18 44.32
C LYS X 404 41.51 34.42 43.37
N VAL X 405 41.32 35.69 43.01
CA VAL X 405 40.29 36.11 42.07
C VAL X 405 40.97 36.84 40.92
N SER X 406 40.29 36.89 39.78
CA SER X 406 40.86 37.51 38.59
C SER X 406 39.74 38.00 37.68
N VAL X 407 40.10 38.83 36.72
CA VAL X 407 39.14 39.33 35.74
C VAL X 407 39.00 38.32 34.61
N GLY X 408 37.75 38.01 34.25
CA GLY X 408 37.48 37.03 33.22
C GLY X 408 37.56 37.61 31.82
N THR X 409 37.34 36.74 30.84
CA THR X 409 37.37 37.16 29.45
C THR X 409 36.25 38.15 29.14
N SER X 410 35.05 37.90 29.66
CA SER X 410 33.94 38.80 29.42
C SER X 410 34.18 40.18 30.04
N GLY X 411 34.86 40.23 31.19
CA GLY X 411 35.15 41.49 31.84
C GLY X 411 34.80 41.49 33.31
N GLN X 412 33.96 40.56 33.74
CA GLN X 412 33.55 40.48 35.12
C GLN X 412 34.56 39.68 35.94
N MET X 413 34.52 39.88 37.25
CA MET X 413 35.46 39.22 38.15
C MET X 413 35.12 37.74 38.29
N ILE X 414 36.17 36.93 38.40
CA ILE X 414 36.06 35.47 38.39
C ILE X 414 36.90 34.91 39.52
N ILE X 415 36.39 33.88 40.20
CA ILE X 415 37.20 33.09 41.12
C ILE X 415 38.02 32.13 40.28
N ASP X 416 39.34 32.21 40.41
CA ASP X 416 40.24 31.58 39.44
C ASP X 416 40.89 30.33 39.99
N ASP X 417 40.73 30.03 41.29
CA ASP X 417 41.40 28.88 41.87
C ASP X 417 40.57 28.30 43.00
N ALA X 418 40.81 27.03 43.32
CA ALA X 418 40.07 26.33 44.37
C ALA X 418 41.01 25.37 45.08
N LEU X 419 41.38 25.71 46.32
CA LEU X 419 42.28 24.91 47.12
C LEU X 419 41.69 24.71 48.51
N THR X 420 41.95 23.54 49.09
CA THR X 420 41.51 23.24 50.44
C THR X 420 42.66 23.41 51.42
N CYS X 421 42.32 23.42 52.71
CA CYS X 421 43.31 23.66 53.77
C CYS X 421 43.96 22.33 54.15
N CYS X 422 44.84 21.86 53.28
CA CYS X 422 45.60 20.63 53.51
C CYS X 422 47.02 20.83 53.00
N THR X 423 47.99 20.83 53.91
CA THR X 423 49.36 21.16 53.54
C THR X 423 50.06 20.02 52.81
N GLN X 424 49.74 18.77 53.13
CA GLN X 424 50.41 17.63 52.52
C GLN X 424 50.09 17.54 51.03
N ASP X 425 51.03 16.98 50.27
CA ASP X 425 50.87 16.77 48.84
C ASP X 425 50.24 15.40 48.62
N ASN X 426 48.91 15.36 48.74
CA ASN X 426 48.15 14.12 48.72
C ASN X 426 47.04 14.11 47.68
N TYR X 427 47.13 14.96 46.66
CA TYR X 427 46.02 15.19 45.73
C TYR X 427 44.76 15.64 46.46
N LEU X 428 44.90 16.09 47.70
CA LEU X 428 43.77 16.49 48.52
C LEU X 428 43.56 18.00 48.58
N HIS X 429 44.57 18.80 48.20
CA HIS X 429 44.38 20.23 48.16
C HIS X 429 43.48 20.65 46.99
N PHE X 430 43.25 19.77 46.03
CA PHE X 430 42.24 20.02 45.00
C PHE X 430 40.86 19.79 45.60
N GLN X 431 39.93 20.70 45.32
CA GLN X 431 38.67 20.73 46.05
C GLN X 431 37.82 19.48 45.81
N HIS X 432 37.73 19.02 44.56
CA HIS X 432 36.76 17.99 44.23
C HIS X 432 37.14 16.61 44.74
N VAL X 433 38.44 16.36 44.98
CA VAL X 433 38.87 15.03 45.41
C VAL X 433 38.27 14.64 46.76
N PRO X 434 38.35 15.47 47.81
CA PRO X 434 37.61 15.12 49.03
C PRO X 434 36.10 15.08 48.84
N SER X 435 35.57 15.90 47.94
CA SER X 435 34.12 15.97 47.75
C SER X 435 33.57 14.65 47.22
N LEU X 436 34.26 14.05 46.25
CA LEU X 436 33.80 12.78 45.69
C LEU X 436 33.74 11.70 46.77
N MET X 437 34.82 11.57 47.53
CA MET X 437 34.87 10.53 48.56
C MET X 437 33.87 10.81 49.68
N ASN X 438 33.64 12.08 50.01
CA ASN X 438 32.63 12.39 51.02
C ASN X 438 31.23 12.01 50.55
N ALA X 439 30.91 12.30 49.28
CA ALA X 439 29.61 11.90 48.75
C ALA X 439 29.45 10.39 48.74
N ILE X 440 30.48 9.67 48.32
CA ILE X 440 30.42 8.20 48.34
C ILE X 440 30.24 7.69 49.76
N SER X 441 30.95 8.30 50.71
CA SER X 441 30.84 7.86 52.11
C SER X 441 29.44 8.09 52.65
N ARG X 442 28.83 9.24 52.34
CA ARG X 442 27.46 9.50 52.78
C ARG X 442 26.49 8.49 52.18
N PHE X 443 26.66 8.18 50.89
CA PHE X 443 25.79 7.19 50.26
C PHE X 443 25.95 5.83 50.92
N PHE X 444 27.20 5.45 51.24
CA PHE X 444 27.42 4.18 51.92
C PHE X 444 26.79 4.17 53.30
N VAL X 445 26.86 5.29 54.02
CA VAL X 445 26.27 5.35 55.35
C VAL X 445 24.77 5.14 55.27
N GLN X 446 24.12 5.79 54.31
CA GLN X 446 22.68 5.59 54.16
C GLN X 446 22.37 4.15 53.77
N LEU X 447 23.18 3.56 52.88
CA LEU X 447 22.96 2.18 52.47
C LEU X 447 23.07 1.23 53.67
N ALA X 448 24.09 1.41 54.50
CA ALA X 448 24.29 0.54 55.65
C ALA X 448 23.17 0.74 56.67
N ARG X 449 22.73 1.98 56.87
CA ARG X 449 21.63 2.22 57.79
C ARG X 449 20.36 1.53 57.31
N GLN X 450 20.06 1.62 56.02
CA GLN X 450 18.86 0.97 55.49
C GLN X 450 18.98 -0.54 55.59
N MET X 451 20.15 -1.10 55.27
CA MET X 451 20.30 -2.56 55.27
C MET X 451 20.38 -3.12 56.68
N LYS X 452 20.90 -2.36 57.64
CA LYS X 452 21.01 -2.85 59.00
C LYS X 452 19.63 -2.96 59.64
N HIS X 453 19.45 -4.03 60.42
CA HIS X 453 18.32 -4.33 61.31
C HIS X 453 17.00 -4.54 60.56
N SER X 454 16.97 -4.28 59.26
CA SER X 454 15.70 -4.44 58.57
C SER X 454 15.45 -5.89 58.17
N PRO X 455 16.39 -6.58 57.49
CA PRO X 455 16.17 -8.01 57.19
C PRO X 455 16.71 -8.91 58.28
N ASP X 456 16.61 -10.22 58.07
CA ASP X 456 17.18 -11.18 59.02
C ASP X 456 18.70 -11.03 59.09
N GLY X 457 19.36 -10.86 57.95
CA GLY X 457 20.79 -10.70 57.92
C GLY X 457 21.21 -9.25 58.07
N ILE X 458 22.01 -8.95 59.09
CA ILE X 458 22.43 -7.59 59.40
C ILE X 458 23.85 -7.41 58.88
N THR X 459 23.97 -6.80 57.70
CA THR X 459 25.26 -6.45 57.10
C THR X 459 26.20 -7.66 57.06
N ALA X 460 25.78 -8.67 56.30
CA ALA X 460 26.53 -9.92 56.20
C ALA X 460 26.96 -10.11 54.74
N ALA X 461 28.10 -9.53 54.39
CA ALA X 461 28.74 -9.66 53.07
C ALA X 461 27.83 -9.24 51.92
N GLY X 462 26.70 -8.60 52.22
CA GLY X 462 25.86 -8.00 51.21
C GLY X 462 26.25 -6.60 50.84
N LEU X 463 27.31 -6.07 51.47
CA LEU X 463 27.79 -4.74 51.14
C LEU X 463 28.37 -4.69 49.72
N THR X 464 28.88 -5.82 49.23
CA THR X 464 29.54 -5.82 47.93
C THR X 464 28.58 -5.44 46.81
N LYS X 465 27.35 -5.96 46.85
CA LYS X 465 26.40 -5.70 45.77
C LYS X 465 26.01 -4.22 45.73
N GLY X 466 25.62 -3.66 46.87
CA GLY X 466 25.26 -2.26 46.91
C GLY X 466 26.42 -1.35 46.55
N MET X 467 27.62 -1.69 47.05
CA MET X 467 28.79 -0.88 46.73
C MET X 467 29.09 -0.92 45.23
N THR X 468 28.96 -2.10 44.61
CA THR X 468 29.18 -2.18 43.17
C THR X 468 28.16 -1.35 42.41
N LYS X 469 26.90 -1.38 42.83
CA LYS X 469 25.89 -0.57 42.15
C LYS X 469 26.21 0.92 42.27
N LEU X 470 26.55 1.37 43.47
CA LEU X 470 26.84 2.80 43.68
C LEU X 470 28.08 3.22 42.91
N LEU X 471 29.13 2.40 42.91
CA LEU X 471 30.34 2.77 42.20
C LEU X 471 30.15 2.73 40.70
N ASP X 472 29.32 1.82 40.19
CA ASP X 472 28.98 1.85 38.78
C ASP X 472 28.22 3.12 38.42
N ARG X 473 27.32 3.56 39.29
CA ARG X 473 26.61 4.81 39.04
C ARG X 473 27.58 6.00 39.02
N PHE X 474 28.53 6.02 39.95
CA PHE X 474 29.49 7.12 39.98
C PHE X 474 30.39 7.10 38.76
N VAL X 475 30.78 5.91 38.29
CA VAL X 475 31.55 5.81 37.05
C VAL X 475 30.73 6.34 35.87
N ALA X 476 29.44 6.00 35.83
CA ALA X 476 28.59 6.48 34.75
C ALA X 476 28.47 8.00 34.77
N SER X 477 28.39 8.60 35.96
CA SER X 477 28.31 10.05 36.04
C SER X 477 29.59 10.74 35.59
N GLY X 478 30.69 10.01 35.47
CA GLY X 478 31.94 10.56 35.01
C GLY X 478 32.93 10.97 36.07
N ALA X 479 32.68 10.63 37.34
CA ALA X 479 33.58 11.04 38.41
C ALA X 479 34.86 10.22 38.44
N LEU X 480 34.78 8.93 38.12
CA LEU X 480 35.92 8.04 38.15
C LEU X 480 36.33 7.67 36.74
N VAL X 481 37.64 7.70 36.47
CA VAL X 481 38.18 7.44 35.15
C VAL X 481 39.25 6.36 35.24
N ALA X 482 39.56 5.78 34.09
CA ALA X 482 40.55 4.72 34.02
C ALA X 482 41.95 5.27 34.31
N PRO X 483 42.87 4.42 34.79
CA PRO X 483 44.22 4.90 35.10
C PRO X 483 44.94 5.39 33.85
N ARG X 484 45.84 6.35 34.05
CA ARG X 484 46.55 6.96 32.93
C ARG X 484 47.45 5.96 32.23
N ASP X 485 48.13 5.10 32.98
CA ASP X 485 49.06 4.13 32.40
C ASP X 485 48.45 2.74 32.41
N PRO X 486 47.98 2.22 31.27
CA PRO X 486 47.36 0.89 31.27
C PRO X 486 48.34 -0.24 31.51
N ASP X 487 49.64 -0.03 31.30
CA ASP X 487 50.61 -1.09 31.54
C ASP X 487 50.80 -1.35 33.02
N ALA X 488 50.96 -0.27 33.81
CA ALA X 488 51.21 -0.44 35.24
C ALA X 488 49.97 -0.89 35.98
N ASP X 489 48.82 -0.29 35.69
CA ASP X 489 47.58 -0.56 36.40
C ASP X 489 46.52 -1.05 35.43
N GLY X 490 45.55 -1.80 35.95
CA GLY X 490 44.50 -2.35 35.12
C GLY X 490 43.57 -1.28 34.58
N THR X 491 42.74 -1.70 33.63
CA THR X 491 41.82 -0.77 32.97
C THR X 491 40.63 -0.41 33.85
N GLU X 492 40.40 -1.13 34.94
CA GLU X 492 39.23 -0.89 35.76
C GLU X 492 39.36 0.43 36.50
N PRO X 493 38.30 1.24 36.59
CA PRO X 493 38.41 2.51 37.33
C PRO X 493 38.50 2.32 38.82
N TYR X 494 37.80 1.32 39.37
CA TYR X 494 37.78 1.10 40.81
C TYR X 494 37.96 -0.39 41.08
N VAL X 495 38.51 -0.70 42.25
CA VAL X 495 38.76 -2.07 42.67
C VAL X 495 38.10 -2.28 44.03
N LEU X 496 37.12 -3.19 44.07
CA LEU X 496 36.43 -3.55 45.29
C LEU X 496 36.77 -4.99 45.65
N LYS X 497 37.31 -5.20 46.84
CA LYS X 497 37.80 -6.51 47.23
C LYS X 497 37.63 -6.72 48.72
N VAL X 498 37.41 -7.97 49.12
CA VAL X 498 37.15 -8.35 50.50
C VAL X 498 38.23 -9.33 50.95
N THR X 499 38.79 -9.10 52.13
CA THR X 499 39.87 -9.92 52.66
C THR X 499 39.37 -10.70 53.86
N GLN X 500 39.93 -11.90 54.04
CA GLN X 500 39.63 -12.75 55.19
C GLN X 500 40.93 -12.98 55.95
N ALA X 501 41.00 -12.43 57.16
CA ALA X 501 42.17 -12.57 58.02
C ALA X 501 41.73 -13.10 59.37
N GLU X 502 42.53 -14.00 59.92
CA GLU X 502 42.21 -14.66 61.20
C GLU X 502 40.84 -15.32 61.12
N PHE X 503 40.18 -15.47 62.26
CA PHE X 503 38.85 -16.07 62.32
C PHE X 503 37.87 -15.01 62.80
N ASP X 504 36.80 -14.80 62.02
CA ASP X 504 35.79 -13.76 62.30
C ASP X 504 36.43 -12.38 62.32
N LYS X 505 37.18 -12.04 61.29
CA LYS X 505 37.77 -10.71 61.13
C LYS X 505 37.88 -10.41 59.64
N TRP X 506 36.91 -9.69 59.11
CA TRP X 506 36.87 -9.33 57.70
C TRP X 506 37.19 -7.86 57.52
N GLU X 507 37.36 -7.47 56.25
CA GLU X 507 37.66 -6.09 55.91
C GLU X 507 37.19 -5.81 54.49
N VAL X 508 36.51 -4.68 54.30
CA VAL X 508 35.99 -4.27 53.01
C VAL X 508 36.68 -2.97 52.62
N VAL X 509 37.31 -2.96 51.45
CA VAL X 509 38.04 -1.80 50.96
C VAL X 509 37.71 -1.59 49.49
N TRP X 510 37.65 -0.33 49.07
CA TRP X 510 37.53 0.00 47.66
C TRP X 510 38.43 1.18 47.35
N ALA X 511 39.11 1.11 46.21
CA ALA X 511 40.00 2.15 45.74
C ALA X 511 39.37 2.83 44.52
N CYS X 512 39.74 4.09 44.31
CA CYS X 512 39.13 4.88 43.25
C CYS X 512 40.18 5.75 42.58
N CYS X 513 39.93 6.08 41.32
CA CYS X 513 40.82 6.94 40.53
C CYS X 513 40.07 8.21 40.15
N PRO X 514 40.28 9.31 40.86
CA PRO X 514 39.47 10.50 40.61
C PRO X 514 39.80 11.18 39.29
N THR X 515 38.83 11.98 38.82
CA THR X 515 39.01 12.75 37.61
C THR X 515 39.98 13.91 37.86
N GLY X 516 40.74 14.27 36.83
CA GLY X 516 41.67 15.37 36.90
C GLY X 516 41.01 16.70 36.56
N VAL X 517 41.69 17.78 36.90
CA VAL X 517 41.25 19.12 36.59
C VAL X 517 42.29 19.77 35.69
N ALA X 518 41.91 20.85 35.00
CA ALA X 518 42.80 21.56 34.09
C ALA X 518 43.00 22.97 34.62
N ARG X 519 44.19 23.26 35.14
CA ARG X 519 44.44 24.58 35.71
C ARG X 519 45.71 25.23 35.16
N ARG X 520 46.66 24.43 34.69
CA ARG X 520 47.92 24.95 34.16
C ARG X 520 48.04 24.55 32.69
N ILE X 521 48.20 25.55 31.82
CA ILE X 521 48.36 25.34 30.38
C ILE X 521 49.54 26.18 29.91
N GLN X 522 50.36 25.60 29.03
CA GLN X 522 51.51 26.31 28.49
C GLN X 522 51.55 26.17 26.97
N GLY X 523 51.85 27.27 26.30
CA GLY X 523 52.02 27.29 24.86
C GLY X 523 53.43 27.65 24.48
N VAL X 524 53.95 27.00 23.44
CA VAL X 524 55.32 27.20 22.98
C VAL X 524 55.27 27.58 21.50
N PRO X 525 55.52 28.84 21.17
CA PRO X 525 55.53 29.25 19.77
C PRO X 525 56.89 29.03 19.12
N LEU X 526 56.85 28.66 17.84
CA LEU X 526 58.04 28.43 17.04
C LEU X 526 57.93 29.22 15.75
N LEU X 527 59.03 29.26 15.00
CA LEU X 527 59.08 29.98 13.73
C LEU X 527 59.83 29.13 12.72
N ILE X 528 59.21 28.87 11.58
CA ILE X 528 59.81 28.05 10.54
C ILE X 528 60.92 28.83 9.83
N MET Y 1 -33.28 22.75 59.79
CA MET Y 1 -31.83 22.81 59.69
C MET Y 1 -31.21 23.01 61.07
N ILE Y 2 -30.72 21.92 61.66
CA ILE Y 2 -30.04 21.97 62.96
C ILE Y 2 -28.58 22.31 62.68
N LEU Y 3 -28.22 23.58 62.79
CA LEU Y 3 -26.89 24.06 62.44
C LEU Y 3 -26.25 24.69 63.67
N ASN Y 4 -25.09 24.18 64.06
CA ASN Y 4 -24.31 24.72 65.16
C ASN Y 4 -22.90 25.01 64.66
N ASN Y 5 -22.46 26.26 64.83
CA ASN Y 5 -21.16 26.71 64.31
C ASN Y 5 -21.17 26.46 62.81
N GLN Y 6 -20.26 25.65 62.27
CA GLN Y 6 -20.24 25.34 60.84
C GLN Y 6 -20.60 23.90 60.53
N GLU Y 7 -21.26 23.18 61.44
CA GLU Y 7 -21.58 21.78 61.23
C GLU Y 7 -23.10 21.58 61.24
N TRP Y 8 -23.56 20.69 60.37
CA TRP Y 8 -24.98 20.35 60.25
C TRP Y 8 -25.23 18.98 60.85
N LEU Y 9 -26.44 18.78 61.35
CA LEU Y 9 -26.90 17.47 61.80
C LEU Y 9 -28.00 17.03 60.84
N LEU Y 10 -27.74 15.96 60.10
CA LEU Y 10 -28.62 15.58 59.00
C LEU Y 10 -29.69 14.57 59.42
N ALA Y 11 -29.28 13.42 59.96
CA ALA Y 11 -30.25 12.39 60.28
C ALA Y 11 -29.71 11.47 61.36
N ILE Y 12 -30.63 10.77 62.01
CA ILE Y 12 -30.32 9.74 63.00
C ILE Y 12 -31.12 8.50 62.65
N PHE Y 13 -30.44 7.37 62.51
CA PHE Y 13 -31.08 6.11 62.15
C PHE Y 13 -30.94 5.10 63.28
N LYS Y 14 -31.79 4.09 63.25
CA LYS Y 14 -31.76 2.99 64.21
C LYS Y 14 -31.24 1.74 63.52
N LYS Y 15 -30.28 1.07 64.16
CA LYS Y 15 -29.66 -0.11 63.59
C LYS Y 15 -29.73 -1.27 64.57
N LYS Y 16 -29.79 -2.48 64.03
CA LYS Y 16 -29.89 -3.70 64.81
C LYS Y 16 -28.68 -4.58 64.54
N GLY Y 17 -28.02 -5.03 65.60
CA GLY Y 17 -26.84 -5.85 65.48
C GLY Y 17 -27.08 -7.22 66.09
N LEU Y 18 -26.38 -8.22 65.55
CA LEU Y 18 -26.50 -9.60 65.99
C LEU Y 18 -25.17 -10.09 66.53
N THR Y 19 -25.20 -10.66 67.73
CA THR Y 19 -24.01 -11.23 68.36
C THR Y 19 -24.23 -12.72 68.54
N PRO Y 20 -23.33 -13.58 68.06
CA PRO Y 20 -23.62 -15.01 68.03
C PRO Y 20 -23.34 -15.69 69.36
N THR Y 21 -23.96 -16.85 69.51
CA THR Y 21 -23.64 -17.81 70.56
C THR Y 21 -23.19 -19.11 69.91
N GLY Y 22 -22.46 -19.92 70.67
CA GLY Y 22 -21.86 -21.12 70.09
C GLY Y 22 -22.85 -22.23 69.79
N LYS Y 23 -24.08 -22.12 70.27
CA LYS Y 23 -25.04 -23.21 70.14
C LYS Y 23 -25.50 -23.37 68.69
N LEU Y 24 -25.80 -24.61 68.33
CA LEU Y 24 -26.24 -24.96 66.98
C LEU Y 24 -27.40 -25.95 67.05
N GLU Y 25 -28.22 -25.96 66.00
CA GLU Y 25 -29.34 -26.88 65.87
C GLU Y 25 -29.44 -27.34 64.44
N PHE Y 26 -29.75 -28.61 64.24
CA PHE Y 26 -29.85 -29.18 62.90
C PHE Y 26 -31.01 -30.16 62.83
N ALA Y 27 -31.49 -30.39 61.61
CA ALA Y 27 -32.61 -31.29 61.36
C ALA Y 27 -32.12 -32.72 61.17
N THR Y 28 -33.06 -33.65 61.16
CA THR Y 28 -32.76 -35.08 61.06
C THR Y 28 -33.26 -35.62 59.71
N ILE Y 29 -32.59 -36.67 59.25
CA ILE Y 29 -32.88 -37.26 57.94
C ILE Y 29 -33.90 -38.37 58.08
N ASP Y 30 -34.53 -38.47 59.26
CA ASP Y 30 -35.45 -39.57 59.50
C ASP Y 30 -36.75 -39.40 58.73
N GLY Y 31 -37.22 -38.15 58.58
CA GLY Y 31 -38.49 -37.92 57.93
C GLY Y 31 -38.47 -38.03 56.42
N ILE Y 32 -37.28 -38.03 55.83
CA ILE Y 32 -37.18 -38.10 54.37
C ILE Y 32 -37.66 -39.46 53.87
N ASP Y 33 -37.40 -40.52 54.63
CA ASP Y 33 -37.88 -41.84 54.24
C ASP Y 33 -39.41 -41.87 54.19
N SER Y 34 -40.06 -41.33 55.21
CA SER Y 34 -41.51 -41.29 55.23
C SER Y 34 -42.05 -40.40 54.11
N ALA Y 35 -41.37 -39.28 53.84
CA ALA Y 35 -41.81 -38.41 52.75
C ALA Y 35 -41.73 -39.13 51.41
N LEU Y 36 -40.65 -39.87 51.17
CA LEU Y 36 -40.52 -40.62 49.92
C LEU Y 36 -41.57 -41.73 49.83
N ALA Y 37 -41.82 -42.42 50.95
CA ALA Y 37 -42.84 -43.47 50.94
C ALA Y 37 -44.22 -42.90 50.61
N GLN Y 38 -44.55 -41.73 51.17
CA GLN Y 38 -45.82 -41.11 50.85
C GLN Y 38 -45.86 -40.61 49.41
N ALA Y 39 -44.74 -40.09 48.91
CA ALA Y 39 -44.72 -39.55 47.56
C ALA Y 39 -44.84 -40.65 46.51
N LEU Y 40 -44.35 -41.84 46.79
CA LEU Y 40 -44.43 -42.91 45.80
C LEU Y 40 -45.87 -43.28 45.48
N ASN Y 41 -46.80 -43.07 46.41
CA ASN Y 41 -48.17 -43.52 46.21
C ASN Y 41 -48.88 -42.73 45.12
N GLU Y 42 -48.48 -41.49 44.86
CA GLU Y 42 -49.17 -40.70 43.85
C GLU Y 42 -48.94 -41.21 42.44
N ALA Y 43 -48.00 -42.12 42.24
CA ALA Y 43 -47.83 -42.74 40.94
C ALA Y 43 -49.00 -43.65 40.60
N PHE Y 44 -49.42 -44.48 41.55
CA PHE Y 44 -50.51 -45.41 41.30
C PHE Y 44 -51.87 -44.73 41.29
N ASP Y 45 -52.03 -43.63 42.01
CA ASP Y 45 -53.29 -42.90 41.97
C ASP Y 45 -53.48 -42.27 40.59
N SER Y 46 -54.72 -41.85 40.33
CA SER Y 46 -55.09 -41.22 39.07
C SER Y 46 -54.87 -42.17 37.89
N GLN Y 47 -55.02 -43.47 38.12
CA GLN Y 47 -54.95 -44.48 37.07
C GLN Y 47 -56.24 -45.28 37.07
N VAL Y 48 -56.80 -45.51 35.89
CA VAL Y 48 -58.07 -46.22 35.76
C VAL Y 48 -57.95 -47.30 34.69
N VAL Y 49 -58.85 -48.28 34.77
CA VAL Y 49 -58.94 -49.35 33.79
C VAL Y 49 -60.35 -49.33 33.22
N SER Y 50 -60.44 -49.20 31.88
CA SER Y 50 -61.74 -49.01 31.25
C SER Y 50 -62.60 -50.27 31.32
N PHE Y 51 -62.04 -51.42 30.94
CA PHE Y 51 -62.77 -52.67 30.93
C PHE Y 51 -62.10 -53.68 31.83
N ASN Y 52 -62.90 -54.35 32.65
CA ASN Y 52 -62.39 -55.39 33.54
C ASN Y 52 -62.04 -56.63 32.74
N ASP Y 53 -61.06 -57.39 33.26
CA ASP Y 53 -60.59 -58.59 32.60
C ASP Y 53 -59.94 -59.48 33.65
N ARG Y 54 -59.77 -60.76 33.30
CA ARG Y 54 -59.11 -61.68 34.21
C ARG Y 54 -57.67 -61.29 34.44
N ILE Y 55 -56.99 -60.80 33.40
CA ILE Y 55 -55.61 -60.35 33.56
C ILE Y 55 -55.54 -59.10 34.43
N ASN Y 56 -56.53 -58.22 34.34
CA ASN Y 56 -56.50 -56.95 35.06
C ASN Y 56 -56.96 -57.07 36.50
N GLN Y 57 -57.36 -58.25 36.96
CA GLN Y 57 -57.94 -58.37 38.30
C GLN Y 57 -56.93 -57.97 39.38
N SER Y 58 -55.73 -58.54 39.32
CA SER Y 58 -54.73 -58.27 40.36
C SER Y 58 -54.32 -56.80 40.37
N PHE Y 59 -54.16 -56.20 39.19
CA PHE Y 59 -53.76 -54.80 39.14
C PHE Y 59 -54.84 -53.89 39.72
N ARG Y 60 -56.11 -54.17 39.39
CA ARG Y 60 -57.19 -53.37 39.96
C ARG Y 60 -57.28 -53.53 41.47
N GLU Y 61 -57.12 -54.76 41.96
CA GLU Y 61 -57.12 -54.98 43.41
C GLU Y 61 -55.97 -54.22 44.07
N PHE Y 62 -54.79 -54.22 43.44
CA PHE Y 62 -53.67 -53.47 43.98
C PHE Y 62 -53.97 -51.98 44.00
N LEU Y 63 -54.60 -51.46 42.94
CA LEU Y 63 -54.95 -50.05 42.91
C LEU Y 63 -55.95 -49.68 44.00
N LYS Y 64 -56.86 -50.59 44.34
CA LYS Y 64 -57.87 -50.28 45.35
C LYS Y 64 -57.32 -50.29 46.77
N ARG Y 65 -56.13 -50.84 47.00
CA ARG Y 65 -55.63 -51.01 48.35
C ARG Y 65 -55.12 -49.68 48.92
N THR Y 66 -55.06 -49.62 50.25
CA THR Y 66 -54.59 -48.46 50.98
C THR Y 66 -53.06 -48.37 50.93
N PRO Y 67 -52.49 -47.18 51.18
CA PRO Y 67 -51.03 -47.05 51.12
C PRO Y 67 -50.27 -47.99 52.04
N ARG Y 68 -50.82 -48.28 53.22
CA ARG Y 68 -50.14 -49.18 54.15
C ARG Y 68 -50.02 -50.58 53.56
N ASP Y 69 -51.05 -51.04 52.87
CA ASP Y 69 -51.04 -52.40 52.32
C ASP Y 69 -50.15 -52.52 51.09
N ARG Y 70 -49.96 -51.44 50.34
CA ARG Y 70 -49.16 -51.52 49.12
C ARG Y 70 -47.67 -51.66 49.43
N ILE Y 71 -47.17 -50.90 50.40
CA ILE Y 71 -45.73 -50.74 50.61
C ILE Y 71 -45.37 -51.23 52.01
N THR Y 72 -44.28 -51.98 52.10
CA THR Y 72 -43.69 -52.39 53.36
C THR Y 72 -42.26 -51.87 53.43
N LEU Y 73 -41.77 -51.66 54.65
CA LEU Y 73 -40.46 -51.08 54.88
C LEU Y 73 -39.54 -52.08 55.58
N GLY Y 74 -38.26 -51.94 55.35
CA GLY Y 74 -37.25 -52.78 55.97
C GLY Y 74 -36.16 -53.15 54.98
N THR Y 75 -34.97 -53.38 55.51
CA THR Y 75 -33.80 -53.73 54.71
C THR Y 75 -33.59 -55.24 54.78
N PHE Y 76 -33.65 -55.90 53.63
CA PHE Y 76 -33.47 -57.34 53.54
C PHE Y 76 -32.38 -57.66 52.53
N SER Y 77 -31.56 -58.67 52.84
CA SER Y 77 -30.48 -59.04 51.94
C SER Y 77 -30.99 -59.82 50.73
N ASP Y 78 -32.02 -60.64 50.92
CA ASP Y 78 -32.50 -61.53 49.88
C ASP Y 78 -34.02 -61.48 49.82
N VAL Y 79 -34.56 -61.86 48.65
CA VAL Y 79 -36.00 -61.91 48.48
C VAL Y 79 -36.62 -62.94 49.40
N LYS Y 80 -35.95 -64.08 49.56
CA LYS Y 80 -36.46 -65.11 50.47
C LYS Y 80 -36.58 -64.60 51.89
N GLU Y 81 -35.61 -63.80 52.34
CA GLU Y 81 -35.69 -63.20 53.65
C GLU Y 81 -36.90 -62.28 53.78
N TRP Y 82 -37.15 -61.46 52.75
CA TRP Y 82 -38.28 -60.55 52.77
C TRP Y 82 -39.60 -61.32 52.85
N LEU Y 83 -39.73 -62.38 52.05
CA LEU Y 83 -40.95 -63.17 52.08
C LEU Y 83 -41.13 -63.87 53.42
N SER Y 84 -40.04 -64.40 53.99
CA SER Y 84 -40.14 -65.08 55.27
C SER Y 84 -40.54 -64.11 56.38
N SER Y 85 -39.99 -62.89 56.35
CA SER Y 85 -40.37 -61.90 57.36
C SER Y 85 -41.82 -61.45 57.17
N PHE Y 86 -42.26 -61.31 55.92
CA PHE Y 86 -43.66 -60.94 55.67
C PHE Y 86 -44.60 -62.04 56.16
N GLU Y 87 -44.20 -63.31 56.03
CA GLU Y 87 -45.04 -64.40 56.50
C GLU Y 87 -45.04 -64.50 58.01
N ALA Y 88 -43.86 -64.34 58.64
CA ALA Y 88 -43.75 -64.53 60.09
C ALA Y 88 -44.56 -63.48 60.85
N ASP Y 89 -44.47 -62.23 60.44
CA ASP Y 89 -45.21 -61.15 61.07
C ASP Y 89 -46.45 -60.83 60.22
N ARG Y 90 -47.62 -60.87 60.85
CA ARG Y 90 -48.86 -60.70 60.12
C ARG Y 90 -48.90 -59.34 59.45
N ALA Y 91 -49.23 -59.32 58.16
CA ALA Y 91 -49.30 -58.09 57.38
C ALA Y 91 -49.98 -58.40 56.06
N GLY Y 92 -50.29 -57.35 55.31
CA GLY Y 92 -50.79 -57.51 53.96
C GLY Y 92 -52.21 -57.04 53.73
N ARG Y 93 -53.10 -57.33 54.67
CA ARG Y 93 -54.52 -57.02 54.54
C ARG Y 93 -55.05 -56.39 55.81
N LYS Y 94 -54.34 -55.38 56.32
CA LYS Y 94 -54.76 -54.73 57.56
C LYS Y 94 -56.11 -54.06 57.39
N ASP Y 95 -56.34 -53.40 56.26
CA ASP Y 95 -57.61 -52.73 55.98
C ASP Y 95 -58.46 -53.64 55.12
N THR Y 96 -59.42 -54.31 55.74
CA THR Y 96 -60.26 -55.29 55.06
C THR Y 96 -61.59 -54.64 54.66
N ALA Y 97 -62.01 -54.93 53.43
CA ALA Y 97 -63.29 -54.44 52.92
C ALA Y 97 -64.33 -55.53 52.73
N SER Y 98 -63.97 -56.79 53.01
CA SER Y 98 -64.90 -57.90 52.90
C SER Y 98 -64.81 -58.77 54.16
N ALA Y 99 -65.97 -59.22 54.64
CA ALA Y 99 -66.02 -60.05 55.83
C ALA Y 99 -65.72 -61.52 55.55
N GLY Y 100 -65.71 -61.93 54.28
CA GLY Y 100 -65.45 -63.31 53.95
C GLY Y 100 -63.98 -63.65 54.01
N PRO Y 101 -63.67 -64.88 53.58
CA PRO Y 101 -62.26 -65.29 53.56
C PRO Y 101 -61.44 -64.43 52.61
N VAL Y 102 -60.23 -64.09 53.04
CA VAL Y 102 -59.29 -63.32 52.23
C VAL Y 102 -57.92 -63.97 52.34
N ASN Y 103 -57.06 -63.61 51.39
CA ASN Y 103 -55.69 -64.12 51.36
C ASN Y 103 -54.76 -63.03 51.87
N LYS Y 104 -54.12 -63.29 53.02
CA LYS Y 104 -53.21 -62.30 53.59
C LYS Y 104 -51.99 -62.07 52.71
N LEU Y 105 -51.57 -63.09 51.96
CA LEU Y 105 -50.37 -63.00 51.13
C LEU Y 105 -50.77 -62.55 49.73
N ALA Y 106 -51.09 -61.26 49.63
CA ALA Y 106 -51.36 -60.65 48.33
C ALA Y 106 -50.10 -60.70 47.48
N MET Y 107 -50.26 -61.03 46.20
CA MET Y 107 -49.08 -61.29 45.37
C MET Y 107 -48.33 -60.00 44.99
N PRO Y 108 -48.96 -58.97 44.42
CA PRO Y 108 -48.21 -57.76 44.09
C PRO Y 108 -47.86 -56.97 45.35
N LEU Y 109 -46.56 -56.76 45.57
CA LEU Y 109 -46.08 -56.04 46.73
C LEU Y 109 -44.86 -55.21 46.35
N VAL Y 110 -44.61 -54.15 47.12
CA VAL Y 110 -43.50 -53.23 46.91
C VAL Y 110 -42.78 -53.04 48.22
N ASN Y 111 -41.45 -53.06 48.18
CA ASN Y 111 -40.61 -52.88 49.36
C ASN Y 111 -39.66 -51.71 49.14
N LEU Y 112 -39.38 -50.99 50.22
CA LEU Y 112 -38.45 -49.87 50.19
C LEU Y 112 -37.49 -49.96 51.36
N SER Y 113 -36.22 -49.66 51.11
CA SER Y 113 -35.18 -49.68 52.14
C SER Y 113 -34.11 -48.68 51.78
N ARG Y 114 -33.34 -48.27 52.80
CA ARG Y 114 -32.25 -47.33 52.60
C ARG Y 114 -31.05 -47.78 53.43
N SER Y 115 -29.87 -47.41 52.96
CA SER Y 115 -28.63 -47.82 53.61
C SER Y 115 -28.24 -46.85 54.71
N PRO Y 116 -27.71 -47.34 55.83
CA PRO Y 116 -27.25 -46.43 56.89
C PRO Y 116 -26.15 -45.49 56.43
N ALA Y 117 -25.29 -45.91 55.52
CA ALA Y 117 -24.22 -45.06 55.03
C ALA Y 117 -24.75 -44.06 54.02
N PHE Y 118 -24.09 -42.90 53.96
CA PHE Y 118 -24.45 -41.85 53.02
C PHE Y 118 -23.21 -40.99 52.78
N SER Y 119 -23.39 -39.91 52.01
CA SER Y 119 -22.28 -39.02 51.69
C SER Y 119 -22.84 -37.67 51.30
N ILE Y 120 -21.97 -36.66 51.28
CA ILE Y 120 -22.34 -35.35 50.77
C ILE Y 120 -22.34 -35.39 49.24
N TYR Y 121 -23.10 -34.47 48.64
CA TYR Y 121 -23.39 -34.55 47.21
C TYR Y 121 -22.11 -34.47 46.38
N GLU Y 122 -21.43 -33.33 46.41
CA GLU Y 122 -20.20 -33.11 45.66
C GLU Y 122 -20.43 -33.32 44.16
N GLY Y 123 -21.21 -32.42 43.59
CA GLY Y 123 -21.56 -32.46 42.19
C GLY Y 123 -21.87 -31.09 41.65
N GLU Y 124 -22.81 -31.04 40.70
CA GLU Y 124 -23.20 -29.80 40.02
C GLU Y 124 -24.55 -29.28 40.49
N LEU Y 125 -25.47 -30.17 40.86
CA LEU Y 125 -26.86 -29.76 41.09
C LEU Y 125 -26.98 -28.78 42.25
N CYS Y 126 -26.25 -29.01 43.34
CA CYS Y 126 -26.43 -28.23 44.55
C CYS Y 126 -25.10 -27.66 45.02
N ARG Y 127 -25.20 -26.62 45.84
CA ARG Y 127 -24.05 -25.92 46.39
C ARG Y 127 -24.35 -25.51 47.83
N ASP Y 128 -23.31 -25.41 48.64
CA ASP Y 128 -23.47 -24.99 50.02
C ASP Y 128 -23.95 -23.53 50.08
N ASN Y 129 -24.93 -23.27 50.92
CA ASN Y 129 -25.47 -21.93 51.09
C ASN Y 129 -25.34 -21.53 52.56
N TYR Y 130 -24.68 -20.42 52.81
CA TYR Y 130 -24.46 -19.91 54.17
C TYR Y 130 -25.35 -18.71 54.41
N ASP Y 131 -26.02 -18.69 55.56
CA ASP Y 131 -26.93 -17.60 55.93
C ASP Y 131 -28.00 -17.40 54.87
N GLU Y 132 -28.66 -18.50 54.51
CA GLU Y 132 -29.69 -18.43 53.48
C GLU Y 132 -30.94 -17.72 54.00
N GLY Y 133 -31.29 -17.92 55.27
CA GLY Y 133 -32.49 -17.32 55.82
C GLY Y 133 -32.30 -16.95 57.28
N HIS Y 134 -33.33 -16.33 57.84
CA HIS Y 134 -33.35 -15.95 59.24
C HIS Y 134 -34.68 -16.33 59.85
N VAL Y 135 -34.70 -16.45 61.17
CA VAL Y 135 -35.86 -16.88 61.92
C VAL Y 135 -36.27 -15.79 62.89
N THR Y 136 -37.55 -15.42 62.89
CA THR Y 136 -38.08 -14.33 63.69
C THR Y 136 -38.97 -14.87 64.80
N ASN Y 137 -39.27 -13.98 65.76
CA ASN Y 137 -40.15 -14.30 66.88
C ASN Y 137 -41.56 -13.77 66.61
N GLU Y 138 -42.43 -13.89 67.61
CA GLU Y 138 -43.70 -13.20 67.57
C GLU Y 138 -43.48 -11.69 67.57
N ASN Y 139 -42.54 -11.21 68.38
CA ASN Y 139 -42.09 -9.84 68.27
C ASN Y 139 -41.18 -9.68 67.06
N ASP Y 140 -40.85 -8.43 66.74
CA ASP Y 140 -39.97 -8.14 65.60
C ASP Y 140 -38.53 -8.31 66.05
N GLU Y 141 -38.07 -9.55 66.09
CA GLU Y 141 -36.70 -9.86 66.45
C GLU Y 141 -36.19 -10.98 65.55
N ILE Y 142 -34.90 -11.29 65.68
CA ILE Y 142 -34.25 -12.35 64.93
C ILE Y 142 -33.58 -13.28 65.92
N GLU Y 143 -33.79 -14.59 65.76
CA GLU Y 143 -33.27 -15.57 66.71
C GLU Y 143 -32.16 -16.45 66.15
N ALA Y 144 -32.11 -16.66 64.84
CA ALA Y 144 -31.12 -17.58 64.27
C ALA Y 144 -30.91 -17.26 62.81
N LEU Y 145 -29.81 -17.78 62.27
CA LEU Y 145 -29.51 -17.71 60.85
C LEU Y 145 -29.39 -19.13 60.30
N VAL Y 146 -30.07 -19.40 59.19
CA VAL Y 146 -30.23 -20.75 58.67
C VAL Y 146 -29.32 -20.94 57.46
N SER Y 147 -28.59 -22.06 57.44
CA SER Y 147 -27.76 -22.43 56.31
C SER Y 147 -28.01 -23.90 55.98
N THR Y 148 -27.76 -24.26 54.72
CA THR Y 148 -28.09 -25.60 54.21
C THR Y 148 -26.84 -26.30 53.68
N ILE Y 149 -26.83 -27.62 53.80
CA ILE Y 149 -25.78 -28.47 53.26
C ILE Y 149 -26.41 -29.64 52.52
N PRO Y 150 -26.03 -29.89 51.27
CA PRO Y 150 -26.65 -31.00 50.53
C PRO Y 150 -26.29 -32.35 51.13
N PHE Y 151 -27.21 -33.30 51.00
CA PHE Y 151 -27.05 -34.66 51.51
C PHE Y 151 -27.62 -35.63 50.49
N SER Y 152 -26.90 -36.72 50.24
CA SER Y 152 -27.33 -37.73 49.28
C SER Y 152 -27.56 -39.04 50.02
N LEU Y 153 -28.71 -39.66 49.76
CA LEU Y 153 -29.10 -40.90 50.41
C LEU Y 153 -29.41 -41.94 49.34
N GLU Y 154 -29.15 -43.20 49.67
CA GLU Y 154 -29.32 -44.31 48.75
C GLU Y 154 -30.55 -45.12 49.13
N TYR Y 155 -31.43 -45.36 48.16
CA TYR Y 155 -32.66 -46.10 48.35
C TYR Y 155 -32.75 -47.20 47.29
N SER Y 156 -33.51 -48.25 47.61
CA SER Y 156 -33.71 -49.36 46.69
C SER Y 156 -35.15 -49.83 46.76
N LEU Y 157 -35.77 -50.03 45.59
CA LEU Y 157 -37.14 -50.48 45.47
C LEU Y 157 -37.18 -51.92 44.96
N TRP Y 158 -38.03 -52.73 45.59
CA TRP Y 158 -38.25 -54.11 45.17
C TRP Y 158 -39.72 -54.29 44.81
N ILE Y 159 -39.97 -54.93 43.67
CA ILE Y 159 -41.32 -55.21 43.20
C ILE Y 159 -41.43 -56.70 42.93
N ALA Y 160 -42.45 -57.33 43.51
CA ALA Y 160 -42.66 -58.76 43.37
C ALA Y 160 -44.11 -59.03 43.03
N SER Y 161 -44.34 -60.11 42.28
CA SER Y 161 -45.70 -60.49 41.89
C SER Y 161 -45.72 -61.96 41.52
N ASP Y 162 -46.93 -62.51 41.42
CA ASP Y 162 -47.14 -63.89 41.01
C ASP Y 162 -47.12 -64.05 39.50
N GLU Y 163 -48.04 -63.36 38.81
CA GLU Y 163 -48.05 -63.36 37.36
C GLU Y 163 -47.17 -62.24 36.83
N LYS Y 164 -46.70 -62.41 35.60
CA LYS Y 164 -45.78 -61.46 35.00
C LYS Y 164 -46.48 -60.17 34.56
N GLU Y 165 -47.75 -60.27 34.17
CA GLU Y 165 -48.46 -59.11 33.63
C GLU Y 165 -48.67 -58.03 34.68
N SER Y 166 -49.01 -58.42 35.91
CA SER Y 166 -49.19 -57.43 36.98
C SER Y 166 -47.87 -56.71 37.28
N LEU Y 167 -46.78 -57.46 37.31
CA LEU Y 167 -45.47 -56.84 37.51
C LEU Y 167 -45.15 -55.87 36.38
N GLY Y 168 -45.44 -56.25 35.15
CA GLY Y 168 -45.23 -55.34 34.03
C GLY Y 168 -46.06 -54.07 34.16
N MET Y 169 -47.32 -54.21 34.56
CA MET Y 169 -48.18 -53.04 34.71
C MET Y 169 -47.66 -52.10 35.80
N VAL Y 170 -47.26 -52.66 36.94
CA VAL Y 170 -46.76 -51.82 38.03
C VAL Y 170 -45.49 -51.09 37.61
N THR Y 171 -44.56 -51.82 36.97
CA THR Y 171 -43.31 -51.20 36.55
C THR Y 171 -43.55 -50.14 35.49
N THR Y 172 -44.47 -50.38 34.56
CA THR Y 172 -44.76 -49.37 33.54
C THR Y 172 -45.38 -48.12 34.16
N ALA Y 173 -46.25 -48.30 35.15
CA ALA Y 173 -46.81 -47.14 35.83
C ALA Y 173 -45.72 -46.34 36.54
N LEU Y 174 -44.80 -47.03 37.21
CA LEU Y 174 -43.69 -46.34 37.87
C LEU Y 174 -42.83 -45.58 36.87
N ALA Y 175 -42.53 -46.21 35.73
CA ALA Y 175 -41.69 -45.55 34.73
C ALA Y 175 -42.38 -44.33 34.14
N PHE Y 176 -43.68 -44.44 33.85
CA PHE Y 176 -44.42 -43.30 33.33
C PHE Y 176 -44.46 -42.16 34.33
N TRP Y 177 -44.62 -42.48 35.62
CA TRP Y 177 -44.59 -41.43 36.64
C TRP Y 177 -43.22 -40.79 36.71
N LEU Y 178 -42.15 -41.58 36.61
CA LEU Y 178 -40.81 -41.05 36.82
C LEU Y 178 -40.35 -40.17 35.66
N ARG Y 179 -40.57 -40.62 34.43
CA ARG Y 179 -39.90 -39.94 33.31
C ARG Y 179 -40.66 -38.71 32.84
N MET Y 180 -41.99 -38.78 32.73
CA MET Y 180 -42.75 -37.71 32.11
C MET Y 180 -42.69 -36.43 32.94
N TYR Y 181 -42.57 -35.30 32.24
CA TYR Y 181 -42.64 -33.97 32.84
C TYR Y 181 -41.59 -33.78 33.93
N ALA Y 182 -40.33 -33.86 33.51
CA ALA Y 182 -39.23 -33.64 34.44
C ALA Y 182 -39.01 -32.16 34.72
N SER Y 183 -39.17 -31.31 33.70
CA SER Y 183 -38.91 -29.88 33.87
C SER Y 183 -39.89 -29.26 34.86
N LEU Y 184 -41.18 -29.50 34.67
CA LEU Y 184 -42.19 -29.13 35.65
C LEU Y 184 -42.15 -30.17 36.76
N GLY Y 185 -41.76 -29.76 37.96
CA GLY Y 185 -41.50 -30.69 39.04
C GLY Y 185 -42.61 -31.69 39.28
N GLN Y 186 -42.35 -32.97 38.98
CA GLN Y 186 -43.34 -34.02 39.14
C GLN Y 186 -42.98 -35.04 40.21
N ALA Y 187 -41.77 -35.60 40.16
CA ALA Y 187 -41.28 -36.49 41.21
C ALA Y 187 -40.34 -35.66 42.09
N SER Y 188 -40.94 -34.89 43.00
CA SER Y 188 -40.20 -34.03 43.90
C SER Y 188 -41.11 -33.68 45.06
N PHE Y 189 -40.59 -33.77 46.28
CA PHE Y 189 -41.40 -33.64 47.47
C PHE Y 189 -40.70 -32.74 48.47
N THR Y 190 -41.49 -32.13 49.35
CA THR Y 190 -40.99 -31.28 50.42
C THR Y 190 -41.41 -31.87 51.75
N HIS Y 191 -40.45 -31.97 52.67
CA HIS Y 191 -40.70 -32.43 54.03
C HIS Y 191 -40.51 -31.26 54.99
N ILE Y 192 -41.54 -30.99 55.80
CA ILE Y 192 -41.49 -29.89 56.75
C ILE Y 192 -40.89 -30.43 58.05
N ALA Y 193 -39.73 -29.88 58.43
CA ALA Y 193 -39.04 -30.29 59.64
C ALA Y 193 -39.21 -29.22 60.70
N ASN Y 194 -39.64 -29.64 61.90
CA ASN Y 194 -39.80 -28.73 63.02
C ASN Y 194 -38.47 -28.65 63.75
N VAL Y 195 -37.63 -27.71 63.31
CA VAL Y 195 -36.32 -27.48 63.92
C VAL Y 195 -36.50 -26.45 65.03
N GLY Y 196 -36.18 -26.83 66.26
CA GLY Y 196 -36.47 -25.97 67.38
C GLY Y 196 -37.96 -25.74 67.47
N GLY Y 197 -38.36 -24.49 67.69
CA GLY Y 197 -39.75 -24.13 67.71
C GLY Y 197 -40.31 -23.64 66.38
N TYR Y 198 -39.58 -23.83 65.28
CA TYR Y 198 -39.95 -23.28 64.00
C TYR Y 198 -40.08 -24.38 62.95
N GLU Y 199 -40.87 -24.10 61.92
CA GLU Y 199 -41.12 -25.02 60.83
C GLU Y 199 -40.34 -24.55 59.60
N ILE Y 200 -39.41 -25.37 59.13
CA ILE Y 200 -38.56 -25.06 58.00
C ILE Y 200 -38.74 -26.16 56.96
N PRO Y 201 -39.10 -25.82 55.72
CA PRO Y 201 -39.28 -26.86 54.70
C PRO Y 201 -37.97 -27.40 54.19
N VAL Y 202 -37.95 -28.69 53.88
CA VAL Y 202 -36.79 -29.37 53.32
C VAL Y 202 -37.19 -29.90 51.95
N THR Y 203 -36.46 -29.48 50.91
CA THR Y 203 -36.76 -29.89 49.55
C THR Y 203 -35.85 -31.03 49.14
N CYS Y 204 -36.44 -32.09 48.61
CA CYS Y 204 -35.71 -33.28 48.19
C CYS Y 204 -35.94 -33.54 46.72
N TYR Y 205 -34.88 -33.93 46.02
CA TYR Y 205 -34.94 -34.23 44.60
C TYR Y 205 -34.34 -35.60 44.33
N ILE Y 206 -34.76 -36.22 43.23
CA ILE Y 206 -34.27 -37.52 42.81
C ILE Y 206 -33.24 -37.29 41.72
N GLU Y 207 -31.97 -37.54 42.04
CA GLU Y 207 -30.90 -37.34 41.07
C GLU Y 207 -30.97 -38.39 39.97
N GLY Y 208 -30.77 -37.96 38.73
CA GLY Y 208 -30.85 -38.87 37.60
C GLY Y 208 -32.23 -39.45 37.44
N GLN Y 209 -33.25 -38.59 37.52
CA GLN Y 209 -34.63 -39.06 37.50
C GLN Y 209 -34.98 -39.72 36.17
N LYS Y 210 -34.51 -39.15 35.06
CA LYS Y 210 -34.93 -39.63 33.75
C LYS Y 210 -34.36 -40.99 33.40
N SER Y 211 -33.14 -41.30 33.85
CA SER Y 211 -32.51 -42.58 33.53
C SER Y 211 -33.11 -43.67 34.40
N ILE Y 212 -33.76 -44.64 33.78
CA ILE Y 212 -34.44 -45.74 34.47
C ILE Y 212 -33.93 -47.06 33.92
N ALA Y 213 -33.55 -47.96 34.82
CA ALA Y 213 -33.09 -49.29 34.43
C ALA Y 213 -33.41 -50.27 35.55
N PHE Y 214 -34.12 -51.33 35.22
CA PHE Y 214 -34.56 -52.33 36.19
C PHE Y 214 -33.65 -53.55 36.16
N GLN Y 215 -33.37 -54.10 37.33
CA GLN Y 215 -32.51 -55.27 37.48
C GLN Y 215 -33.32 -56.46 37.96
N ASP Y 216 -33.05 -57.63 37.37
CA ASP Y 216 -33.72 -58.85 37.76
C ASP Y 216 -33.09 -59.43 39.03
N LEU Y 217 -33.93 -60.06 39.85
CA LEU Y 217 -33.49 -60.58 41.14
C LEU Y 217 -33.83 -62.05 41.35
N THR Y 218 -34.29 -62.76 40.33
CA THR Y 218 -34.68 -64.16 40.46
C THR Y 218 -33.94 -65.00 39.44
N THR Y 219 -33.35 -66.11 39.90
CA THR Y 219 -32.66 -67.02 38.99
C THR Y 219 -33.63 -67.65 38.00
N GLY Y 220 -34.81 -68.04 38.47
CA GLY Y 220 -35.81 -68.64 37.60
C GLY Y 220 -37.01 -69.09 38.41
N THR Y 221 -38.00 -69.62 37.70
CA THR Y 221 -39.20 -70.14 38.31
C THR Y 221 -39.12 -71.63 38.60
N ALA Y 222 -37.93 -72.15 38.87
CA ALA Y 222 -37.75 -73.57 39.13
C ALA Y 222 -37.97 -73.93 40.60
N ASP Y 223 -38.17 -72.94 41.48
CA ASP Y 223 -38.31 -73.21 42.90
C ASP Y 223 -39.63 -72.72 43.49
N ASN Y 224 -40.04 -71.49 43.18
CA ASN Y 224 -41.17 -70.89 43.87
C ASN Y 224 -42.21 -70.24 42.96
N ARG Y 225 -41.95 -70.08 41.67
CA ARG Y 225 -42.85 -69.35 40.76
C ARG Y 225 -43.13 -67.95 41.29
N LEU Y 226 -42.08 -67.14 41.33
CA LEU Y 226 -42.16 -65.78 41.83
C LEU Y 226 -41.26 -64.88 40.99
N PHE Y 227 -41.76 -63.71 40.64
CA PHE Y 227 -41.04 -62.75 39.81
C PHE Y 227 -40.70 -61.52 40.64
N ALA Y 228 -39.43 -61.14 40.63
CA ALA Y 228 -38.97 -59.98 41.40
C ALA Y 228 -38.06 -59.12 40.54
N VAL Y 229 -38.22 -57.81 40.66
CA VAL Y 229 -37.41 -56.83 39.93
C VAL Y 229 -37.05 -55.70 40.88
N GLY Y 230 -35.81 -55.23 40.80
CA GLY Y 230 -35.31 -54.21 41.69
C GLY Y 230 -34.90 -52.95 40.96
N LEU Y 231 -34.92 -51.84 41.70
CA LEU Y 231 -34.52 -50.53 41.19
C LEU Y 231 -33.79 -49.79 42.31
N ASN Y 232 -32.85 -48.94 41.92
CA ASN Y 232 -32.05 -48.16 42.87
C ASN Y 232 -32.28 -46.67 42.64
N LEU Y 233 -32.44 -45.93 43.73
CA LEU Y 233 -32.70 -44.50 43.67
C LEU Y 233 -31.78 -43.76 44.63
N THR Y 234 -31.50 -42.50 44.29
CA THR Y 234 -30.74 -41.60 45.14
C THR Y 234 -31.55 -40.34 45.36
N VAL Y 235 -31.55 -39.85 46.60
CA VAL Y 235 -32.33 -38.67 46.98
C VAL Y 235 -31.37 -37.61 47.51
N VAL Y 236 -31.50 -36.39 47.01
CA VAL Y 236 -30.66 -35.27 47.41
C VAL Y 236 -31.51 -34.32 48.25
N ALA Y 237 -31.10 -34.08 49.49
CA ALA Y 237 -31.84 -33.24 50.41
C ALA Y 237 -30.92 -32.18 51.00
N GLU Y 238 -31.43 -30.96 51.12
CA GLU Y 238 -30.66 -29.83 51.65
C GLU Y 238 -31.09 -29.61 53.10
N LEU Y 239 -30.37 -30.25 54.01
CA LEU Y 239 -30.69 -30.13 55.43
C LEU Y 239 -30.34 -28.73 55.93
N PRO Y 240 -31.21 -28.11 56.73
CA PRO Y 240 -30.90 -26.79 57.30
C PRO Y 240 -30.30 -26.89 58.69
N ILE Y 241 -29.35 -26.01 58.97
CA ILE Y 241 -28.75 -25.87 60.28
C ILE Y 241 -28.79 -24.40 60.67
N LEU Y 242 -29.19 -24.12 61.91
CA LEU Y 242 -29.37 -22.76 62.37
C LEU Y 242 -28.50 -22.48 63.58
N ALA Y 243 -27.90 -21.29 63.61
CA ALA Y 243 -27.06 -20.85 64.70
C ALA Y 243 -27.74 -19.71 65.45
N TYR Y 244 -27.88 -19.87 66.77
CA TYR Y 244 -28.61 -18.91 67.57
C TYR Y 244 -27.86 -17.60 67.72
N MET Y 245 -28.61 -16.50 67.77
CA MET Y 245 -28.04 -15.17 67.82
C MET Y 245 -28.78 -14.33 68.85
N GLN Y 246 -28.11 -13.27 69.30
CA GLN Y 246 -28.68 -12.30 70.23
C GLN Y 246 -28.73 -10.95 69.54
N GLN Y 247 -29.86 -10.26 69.66
CA GLN Y 247 -30.09 -9.01 68.95
C GLN Y 247 -30.00 -7.83 69.90
N THR Y 248 -29.30 -6.78 69.46
CA THR Y 248 -29.18 -5.53 70.20
C THR Y 248 -29.42 -4.37 69.25
N THR Y 249 -29.82 -3.24 69.82
CA THR Y 249 -30.17 -2.05 69.05
C THR Y 249 -29.14 -0.94 69.26
N GLY Y 250 -29.07 -0.05 68.28
CA GLY Y 250 -28.15 1.06 68.34
C GLY Y 250 -28.60 2.18 67.44
N THR Y 251 -27.74 3.19 67.29
CA THR Y 251 -28.05 4.36 66.48
C THR Y 251 -26.86 4.75 65.64
N ILE Y 252 -27.14 5.37 64.48
CA ILE Y 252 -26.13 5.91 63.58
C ILE Y 252 -26.50 7.35 63.27
N THR Y 253 -25.54 8.26 63.43
CA THR Y 253 -25.75 9.67 63.19
C THR Y 253 -24.86 10.15 62.05
N VAL Y 254 -25.36 11.12 61.29
CA VAL Y 254 -24.65 11.68 60.14
C VAL Y 254 -24.51 13.18 60.35
N LYS Y 255 -23.28 13.69 60.16
CA LYS Y 255 -22.99 15.10 60.31
C LYS Y 255 -22.16 15.60 59.14
N ALA Y 256 -22.38 16.86 58.77
CA ALA Y 256 -21.62 17.53 57.72
C ALA Y 256 -20.84 18.68 58.34
N LYS Y 257 -19.59 18.85 57.92
CA LYS Y 257 -18.68 19.79 58.55
C LYS Y 257 -17.89 20.52 57.49
N ILE Y 258 -17.38 21.70 57.85
CA ILE Y 258 -16.49 22.48 56.98
C ILE Y 258 -15.08 22.37 57.54
N LEU Y 259 -14.12 22.04 56.67
CA LEU Y 259 -12.75 21.77 57.09
C LEU Y 259 -12.12 23.01 57.71
N GLU Y 260 -11.19 22.76 58.63
CA GLU Y 260 -10.46 23.81 59.34
C GLU Y 260 -11.40 24.75 60.07
N MET Z 1 -71.77 -3.54 7.27
CA MET Z 1 -70.91 -2.87 8.25
C MET Z 1 -71.69 -2.45 9.48
N ILE Z 2 -71.48 -3.17 10.58
CA ILE Z 2 -72.11 -2.83 11.85
C ILE Z 2 -71.25 -1.79 12.54
N LEU Z 3 -71.71 -0.53 12.51
CA LEU Z 3 -70.95 0.59 13.02
C LEU Z 3 -71.80 1.36 14.03
N ASN Z 4 -71.35 1.40 15.27
CA ASN Z 4 -72.00 2.17 16.32
C ASN Z 4 -70.99 3.17 16.87
N ASN Z 5 -71.35 4.46 16.84
CA ASN Z 5 -70.47 5.55 17.24
C ASN Z 5 -69.21 5.45 16.38
N GLN Z 6 -68.02 5.26 16.96
CA GLN Z 6 -66.79 5.15 16.19
C GLN Z 6 -66.12 3.78 16.37
N GLU Z 7 -66.91 2.72 16.41
CA GLU Z 7 -66.34 1.39 16.54
C GLU Z 7 -67.03 0.41 15.60
N TRP Z 8 -66.24 -0.47 14.99
CA TRP Z 8 -66.74 -1.48 14.07
C TRP Z 8 -66.77 -2.84 14.77
N LEU Z 9 -67.79 -3.62 14.46
CA LEU Z 9 -67.86 -5.02 14.89
C LEU Z 9 -67.55 -5.88 13.68
N LEU Z 10 -66.40 -6.57 13.72
CA LEU Z 10 -65.88 -7.23 12.53
C LEU Z 10 -66.35 -8.68 12.41
N ALA Z 11 -66.05 -9.51 13.40
CA ALA Z 11 -66.38 -10.93 13.29
C ALA Z 11 -66.62 -11.53 14.67
N ILE Z 12 -67.36 -12.64 14.67
CA ILE Z 12 -67.59 -13.45 15.86
C ILE Z 12 -67.23 -14.89 15.52
N PHE Z 13 -66.31 -15.47 16.27
CA PHE Z 13 -65.83 -16.82 16.04
C PHE Z 13 -66.28 -17.74 17.16
N LYS Z 14 -65.90 -19.01 17.04
CA LYS Z 14 -66.18 -20.04 18.03
C LYS Z 14 -64.90 -20.75 18.40
N LYS Z 15 -64.78 -21.12 19.68
CA LYS Z 15 -63.58 -21.75 20.18
C LYS Z 15 -63.94 -23.04 20.91
N LYS Z 16 -62.94 -23.92 21.04
CA LYS Z 16 -63.07 -25.18 21.74
C LYS Z 16 -62.11 -25.18 22.92
N GLY Z 17 -62.64 -25.24 24.13
CA GLY Z 17 -61.83 -25.26 25.33
C GLY Z 17 -61.64 -26.66 25.86
N LEU Z 18 -60.47 -26.90 26.44
CA LEU Z 18 -60.12 -28.20 27.02
C LEU Z 18 -59.72 -27.99 28.48
N THR Z 19 -60.38 -28.71 29.38
CA THR Z 19 -60.06 -28.68 30.80
C THR Z 19 -59.72 -30.09 31.26
N PRO Z 20 -58.55 -30.32 31.84
CA PRO Z 20 -58.12 -31.69 32.11
C PRO Z 20 -58.73 -32.26 33.38
N THR Z 21 -58.65 -33.58 33.47
CA THR Z 21 -58.94 -34.32 34.69
C THR Z 21 -57.72 -35.17 35.05
N GLY Z 22 -57.65 -35.59 36.31
CA GLY Z 22 -56.47 -36.26 36.80
C GLY Z 22 -56.26 -37.66 36.23
N LYS Z 23 -57.31 -38.28 35.71
CA LYS Z 23 -57.24 -39.68 35.30
C LYS Z 23 -56.29 -39.88 34.13
N LEU Z 24 -55.68 -41.07 34.08
CA LEU Z 24 -54.75 -41.44 33.02
C LEU Z 24 -55.01 -42.86 32.59
N GLU Z 25 -54.63 -43.18 31.35
CA GLU Z 25 -54.74 -44.51 30.78
C GLU Z 25 -53.51 -44.80 29.96
N PHE Z 26 -53.06 -46.06 30.00
CA PHE Z 26 -51.84 -46.45 29.31
C PHE Z 26 -51.97 -47.88 28.81
N ALA Z 27 -51.13 -48.21 27.82
CA ALA Z 27 -51.16 -49.52 27.18
C ALA Z 27 -50.28 -50.51 27.94
N THR Z 28 -50.25 -51.75 27.46
CA THR Z 28 -49.47 -52.81 28.08
C THR Z 28 -48.45 -53.37 27.10
N ILE Z 29 -47.36 -53.91 27.63
CA ILE Z 29 -46.27 -54.43 26.82
C ILE Z 29 -46.48 -55.92 26.55
N ASP Z 30 -47.66 -56.44 26.90
CA ASP Z 30 -47.89 -57.87 26.78
C ASP Z 30 -48.07 -58.29 25.33
N GLY Z 31 -48.75 -57.47 24.52
CA GLY Z 31 -49.02 -57.85 23.14
C GLY Z 31 -47.83 -57.77 22.23
N ILE Z 32 -46.76 -57.09 22.66
CA ILE Z 32 -45.56 -56.99 21.83
C ILE Z 32 -44.93 -58.35 21.64
N ASP Z 33 -45.02 -59.23 22.59
CA ASP Z 33 -44.45 -60.52 22.44
C ASP Z 33 -45.19 -61.31 21.42
N SER Z 34 -46.49 -61.32 21.45
CA SER Z 34 -47.25 -62.00 20.41
C SER Z 34 -47.00 -61.40 19.03
N ALA Z 35 -46.88 -60.07 18.97
CA ALA Z 35 -46.60 -59.42 17.70
C ALA Z 35 -45.26 -59.87 17.13
N LEU Z 36 -44.22 -59.94 17.98
CA LEU Z 36 -42.92 -60.40 17.52
C LEU Z 36 -42.94 -61.87 17.12
N ALA Z 37 -43.67 -62.70 17.88
CA ALA Z 37 -43.76 -64.11 17.54
C ALA Z 37 -44.43 -64.30 16.18
N GLN Z 38 -45.48 -63.52 15.91
CA GLN Z 38 -46.11 -63.60 14.59
C GLN Z 38 -45.20 -63.05 13.49
N ALA Z 39 -44.44 -61.99 13.80
CA ALA Z 39 -43.61 -61.37 12.79
C ALA Z 39 -42.44 -62.26 12.39
N LEU Z 40 -41.93 -63.08 13.32
CA LEU Z 40 -40.80 -63.93 12.99
C LEU Z 40 -41.13 -64.94 11.91
N ASN Z 41 -42.40 -65.33 11.78
CA ASN Z 41 -42.76 -66.39 10.85
C ASN Z 41 -42.60 -65.98 9.40
N GLU Z 42 -42.67 -64.67 9.10
CA GLU Z 42 -42.55 -64.24 7.71
C GLU Z 42 -41.14 -64.42 7.17
N ALA Z 43 -40.15 -64.69 8.02
CA ALA Z 43 -38.82 -64.99 7.53
C ALA Z 43 -38.79 -66.34 6.82
N PHE Z 44 -39.42 -67.36 7.41
CA PHE Z 44 -39.42 -68.69 6.81
C PHE Z 44 -40.40 -68.81 5.65
N ASP Z 45 -41.45 -68.01 5.62
CA ASP Z 45 -42.38 -68.04 4.50
C ASP Z 45 -41.70 -67.52 3.25
N SER Z 46 -42.31 -67.80 2.10
CA SER Z 46 -41.81 -67.36 0.80
C SER Z 46 -40.41 -67.90 0.53
N GLN Z 47 -40.12 -69.10 1.00
CA GLN Z 47 -38.86 -69.79 0.72
C GLN Z 47 -39.19 -71.14 0.10
N VAL Z 48 -38.47 -71.48 -0.98
CA VAL Z 48 -38.73 -72.71 -1.71
C VAL Z 48 -37.42 -73.44 -1.94
N VAL Z 49 -37.54 -74.75 -2.16
CA VAL Z 49 -36.41 -75.61 -2.49
C VAL Z 49 -36.71 -76.28 -3.82
N SER Z 50 -35.88 -76.00 -4.82
CA SER Z 50 -36.17 -76.45 -6.18
C SER Z 50 -36.02 -77.96 -6.32
N PHE Z 51 -34.90 -78.51 -5.83
CA PHE Z 51 -34.61 -79.93 -5.97
C PHE Z 51 -34.59 -80.61 -4.61
N ASN Z 52 -35.33 -81.70 -4.50
CA ASN Z 52 -35.38 -82.46 -3.26
C ASN Z 52 -34.11 -83.28 -3.05
N ASP Z 53 -33.75 -83.48 -1.80
CA ASP Z 53 -32.54 -84.22 -1.45
C ASP Z 53 -32.69 -84.73 -0.02
N ARG Z 54 -31.85 -85.71 0.32
CA ARG Z 54 -31.89 -86.26 1.68
C ARG Z 54 -31.51 -85.21 2.72
N ILE Z 55 -30.55 -84.35 2.39
CA ILE Z 55 -30.15 -83.30 3.32
C ILE Z 55 -31.27 -82.28 3.51
N ASN Z 56 -32.03 -82.01 2.46
CA ASN Z 56 -33.06 -80.99 2.51
C ASN Z 56 -34.36 -81.45 3.16
N GLN Z 57 -34.45 -82.71 3.58
CA GLN Z 57 -35.71 -83.25 4.06
C GLN Z 57 -36.18 -82.51 5.31
N SER Z 58 -35.31 -82.37 6.31
CA SER Z 58 -35.70 -81.76 7.57
C SER Z 58 -36.10 -80.30 7.38
N PHE Z 59 -35.36 -79.57 6.56
CA PHE Z 59 -35.68 -78.16 6.33
C PHE Z 59 -37.03 -78.01 5.64
N ARG Z 60 -37.32 -78.85 4.65
CA ARG Z 60 -38.60 -78.80 3.97
C ARG Z 60 -39.75 -79.13 4.93
N GLU Z 61 -39.55 -80.16 5.76
CA GLU Z 61 -40.58 -80.51 6.74
C GLU Z 61 -40.81 -79.37 7.71
N PHE Z 62 -39.74 -78.70 8.15
CA PHE Z 62 -39.88 -77.55 9.03
C PHE Z 62 -40.63 -76.42 8.35
N LEU Z 63 -40.35 -76.18 7.06
CA LEU Z 63 -41.04 -75.13 6.34
C LEU Z 63 -42.53 -75.42 6.20
N LYS Z 64 -42.90 -76.70 6.08
CA LYS Z 64 -44.31 -77.04 5.91
C LYS Z 64 -45.12 -76.91 7.18
N ARG Z 65 -44.48 -76.76 8.35
CA ARG Z 65 -45.20 -76.78 9.62
C ARG Z 65 -45.89 -75.45 9.90
N THR Z 66 -46.89 -75.51 10.77
CA THR Z 66 -47.67 -74.35 11.17
C THR Z 66 -46.90 -73.50 12.18
N PRO Z 67 -47.28 -72.22 12.34
CA PRO Z 67 -46.55 -71.35 13.29
C PRO Z 67 -46.51 -71.89 14.71
N ARG Z 68 -47.58 -72.55 15.17
CA ARG Z 68 -47.60 -73.06 16.53
C ARG Z 68 -46.54 -74.15 16.73
N ASP Z 69 -46.26 -74.93 15.69
CA ASP Z 69 -45.31 -76.04 15.82
C ASP Z 69 -43.86 -75.59 15.68
N ARG Z 70 -43.62 -74.47 14.99
CA ARG Z 70 -42.24 -74.03 14.79
C ARG Z 70 -41.66 -73.42 16.06
N ILE Z 71 -42.44 -72.60 16.76
CA ILE Z 71 -41.92 -71.77 17.85
C ILE Z 71 -42.61 -72.13 19.15
N THR Z 72 -41.83 -72.20 20.23
CA THR Z 72 -42.33 -72.38 21.58
C THR Z 72 -41.93 -71.19 22.43
N LEU Z 73 -42.76 -70.86 23.42
CA LEU Z 73 -42.54 -69.70 24.28
C LEU Z 73 -42.23 -70.15 25.70
N GLY Z 74 -41.39 -69.41 26.38
CA GLY Z 74 -41.02 -69.67 27.75
C GLY Z 74 -39.56 -69.33 27.97
N THR Z 75 -39.24 -68.96 29.21
CA THR Z 75 -37.88 -68.61 29.60
C THR Z 75 -37.23 -69.78 30.32
N PHE Z 76 -35.95 -70.03 29.99
CA PHE Z 76 -35.21 -71.15 30.55
C PHE Z 76 -33.78 -70.71 30.84
N SER Z 77 -33.12 -71.46 31.70
CA SER Z 77 -31.73 -71.19 32.03
C SER Z 77 -30.76 -72.07 31.26
N ASP Z 78 -31.19 -73.25 30.82
CA ASP Z 78 -30.32 -74.20 30.15
C ASP Z 78 -31.08 -74.88 29.02
N VAL Z 79 -30.32 -75.40 28.05
CA VAL Z 79 -30.92 -76.13 26.94
C VAL Z 79 -31.55 -77.41 27.44
N LYS Z 80 -30.91 -78.09 28.38
CA LYS Z 80 -31.47 -79.31 28.95
C LYS Z 80 -32.81 -79.05 29.60
N GLU Z 81 -32.95 -77.91 30.29
CA GLU Z 81 -34.24 -77.55 30.87
C GLU Z 81 -35.31 -77.40 29.80
N TRP Z 82 -34.97 -76.74 28.70
CA TRP Z 82 -35.92 -76.55 27.61
C TRP Z 82 -36.36 -77.89 27.02
N LEU Z 83 -35.41 -78.78 26.77
CA LEU Z 83 -35.75 -80.08 26.23
C LEU Z 83 -36.60 -80.90 27.20
N SER Z 84 -36.26 -80.85 28.49
CA SER Z 84 -37.02 -81.60 29.47
C SER Z 84 -38.45 -81.07 29.59
N SER Z 85 -38.62 -79.75 29.53
CA SER Z 85 -39.97 -79.19 29.58
C SER Z 85 -40.75 -79.52 28.31
N PHE Z 86 -40.09 -79.52 27.16
CA PHE Z 86 -40.75 -79.90 25.91
C PHE Z 86 -41.19 -81.35 25.96
N GLU Z 87 -40.38 -82.22 26.58
CA GLU Z 87 -40.73 -83.63 26.67
C GLU Z 87 -41.84 -83.87 27.69
N ALA Z 88 -41.79 -83.18 28.83
CA ALA Z 88 -42.75 -83.43 29.91
C ALA Z 88 -44.17 -83.04 29.50
N ASP Z 89 -44.32 -81.90 28.82
CA ASP Z 89 -45.62 -81.43 28.37
C ASP Z 89 -45.75 -81.70 26.88
N ARG Z 90 -46.81 -82.40 26.50
CA ARG Z 90 -46.96 -82.82 25.11
C ARG Z 90 -47.05 -81.62 24.18
N ALA Z 91 -46.23 -81.61 23.14
CA ALA Z 91 -46.18 -80.52 22.18
C ALA Z 91 -45.33 -80.97 21.00
N GLY Z 92 -45.33 -80.16 19.95
CA GLY Z 92 -44.46 -80.32 18.80
C GLY Z 92 -45.18 -80.68 17.51
N ARG Z 93 -46.20 -81.52 17.59
CA ARG Z 93 -46.92 -82.02 16.41
C ARG Z 93 -48.42 -81.91 16.62
N LYS Z 94 -48.88 -80.75 17.07
CA LYS Z 94 -50.31 -80.55 17.31
C LYS Z 94 -51.11 -80.67 16.03
N ASP Z 95 -50.61 -80.10 14.94
CA ASP Z 95 -51.29 -80.14 13.65
C ASP Z 95 -50.66 -81.26 12.81
N THR Z 96 -51.36 -82.38 12.71
CA THR Z 96 -50.87 -83.56 12.02
C THR Z 96 -51.53 -83.68 10.64
N ALA Z 97 -50.70 -83.94 9.63
CA ALA Z 97 -51.19 -84.13 8.28
C ALA Z 97 -51.19 -85.60 7.85
N SER Z 98 -50.74 -86.51 8.71
CA SER Z 98 -50.73 -87.94 8.40
C SER Z 98 -51.22 -88.71 9.62
N ALA Z 99 -52.00 -89.75 9.37
CA ALA Z 99 -52.54 -90.57 10.46
C ALA Z 99 -51.59 -91.68 10.90
N GLY Z 100 -50.48 -91.87 10.20
CA GLY Z 100 -49.54 -92.91 10.56
C GLY Z 100 -48.66 -92.52 11.73
N PRO Z 101 -47.67 -93.35 12.01
CA PRO Z 101 -46.74 -93.04 13.10
C PRO Z 101 -45.93 -91.80 12.80
N VAL Z 102 -45.82 -90.92 13.80
CA VAL Z 102 -45.06 -89.69 13.70
C VAL Z 102 -44.23 -89.53 14.96
N ASN Z 103 -43.22 -88.67 14.87
CA ASN Z 103 -42.33 -88.38 15.99
C ASN Z 103 -42.69 -87.02 16.57
N LYS Z 104 -43.08 -87.00 17.83
CA LYS Z 104 -43.45 -85.74 18.48
C LYS Z 104 -42.24 -84.85 18.69
N LEU Z 105 -41.05 -85.44 18.83
CA LEU Z 105 -39.83 -84.68 19.10
C LEU Z 105 -39.14 -84.34 17.78
N ALA Z 106 -39.74 -83.40 17.05
CA ALA Z 106 -39.12 -82.89 15.84
C ALA Z 106 -37.82 -82.18 16.19
N MET Z 107 -36.79 -82.39 15.36
CA MET Z 107 -35.47 -81.90 15.73
C MET Z 107 -35.33 -80.39 15.62
N PRO Z 108 -35.65 -79.74 14.49
CA PRO Z 108 -35.48 -78.29 14.41
C PRO Z 108 -36.59 -77.58 15.18
N LEU Z 109 -36.20 -76.77 16.16
CA LEU Z 109 -37.13 -76.01 16.99
C LEU Z 109 -36.53 -74.65 17.32
N VAL Z 110 -37.41 -73.69 17.59
CA VAL Z 110 -37.01 -72.32 17.92
C VAL Z 110 -37.74 -71.90 19.18
N ASN Z 111 -37.01 -71.28 20.11
CA ASN Z 111 -37.57 -70.80 21.37
C ASN Z 111 -37.38 -69.29 21.48
N LEU Z 112 -38.35 -68.63 22.09
CA LEU Z 112 -38.31 -67.19 22.31
C LEU Z 112 -38.67 -66.88 23.76
N SER Z 113 -37.92 -65.96 24.36
CA SER Z 113 -38.16 -65.56 25.75
C SER Z 113 -37.73 -64.12 25.93
N ARG Z 114 -38.24 -63.49 26.99
CA ARG Z 114 -37.90 -62.12 27.30
C ARG Z 114 -37.74 -61.98 28.81
N SER Z 115 -36.96 -60.98 29.22
CA SER Z 115 -36.68 -60.78 30.63
C SER Z 115 -37.70 -59.85 31.25
N PRO Z 116 -38.13 -60.12 32.48
CA PRO Z 116 -39.08 -59.21 33.15
C PRO Z 116 -38.55 -57.81 33.32
N ALA Z 117 -37.24 -57.64 33.54
CA ALA Z 117 -36.66 -56.32 33.70
C ALA Z 117 -36.45 -55.65 32.34
N PHE Z 118 -36.74 -54.36 32.30
CA PHE Z 118 -36.57 -53.57 31.09
C PHE Z 118 -36.05 -52.18 31.48
N SER Z 119 -36.01 -51.27 30.52
CA SER Z 119 -35.51 -49.93 30.76
C SER Z 119 -36.05 -49.00 29.68
N ILE Z 120 -35.93 -47.70 29.93
CA ILE Z 120 -36.24 -46.71 28.91
C ILE Z 120 -35.07 -46.57 27.96
N TYR Z 121 -35.36 -46.11 26.74
CA TYR Z 121 -34.38 -46.16 25.66
C TYR Z 121 -33.12 -45.37 25.99
N GLU Z 122 -33.24 -44.05 26.10
CA GLU Z 122 -32.13 -43.16 26.39
C GLU Z 122 -31.02 -43.32 25.34
N GLY Z 123 -31.34 -42.89 24.13
CA GLY Z 123 -30.44 -42.97 23.01
C GLY Z 123 -30.73 -41.89 21.98
N GLU Z 124 -30.45 -42.21 20.72
CA GLU Z 124 -30.62 -41.29 19.61
C GLU Z 124 -31.86 -41.56 18.77
N LEU Z 125 -32.25 -42.83 18.64
CA LEU Z 125 -33.26 -43.21 17.66
C LEU Z 125 -34.62 -42.57 17.98
N CYS Z 126 -35.01 -42.55 19.25
CA CYS Z 126 -36.33 -42.08 19.62
C CYS Z 126 -36.25 -40.97 20.66
N ARG Z 127 -37.35 -40.23 20.78
CA ARG Z 127 -37.46 -39.10 21.68
C ARG Z 127 -38.86 -39.05 22.25
N ASP Z 128 -38.97 -38.49 23.47
CA ASP Z 128 -40.29 -38.33 24.08
C ASP Z 128 -41.14 -37.37 23.28
N ASN Z 129 -42.41 -37.72 23.10
CA ASN Z 129 -43.35 -36.89 22.37
C ASN Z 129 -44.55 -36.62 23.25
N TYR Z 130 -44.91 -35.35 23.39
CA TYR Z 130 -46.03 -34.92 24.20
C TYR Z 130 -47.15 -34.40 23.29
N ASP Z 131 -48.36 -34.90 23.50
CA ASP Z 131 -49.53 -34.50 22.73
C ASP Z 131 -49.31 -34.72 21.23
N GLU Z 132 -48.95 -35.95 20.88
CA GLU Z 132 -48.74 -36.27 19.48
C GLU Z 132 -50.05 -36.34 18.71
N GLY Z 133 -51.16 -36.62 19.40
CA GLY Z 133 -52.45 -36.73 18.75
C GLY Z 133 -53.57 -36.60 19.76
N HIS Z 134 -54.80 -36.67 19.25
CA HIS Z 134 -55.99 -36.52 20.07
C HIS Z 134 -57.00 -37.59 19.68
N VAL Z 135 -57.91 -37.87 20.61
CA VAL Z 135 -58.89 -38.94 20.47
C VAL Z 135 -60.28 -38.32 20.44
N THR Z 136 -61.06 -38.66 19.41
CA THR Z 136 -62.37 -38.07 19.18
C THR Z 136 -63.47 -39.10 19.39
N ASN Z 137 -64.68 -38.59 19.64
CA ASN Z 137 -65.86 -39.43 19.83
C ASN Z 137 -66.52 -39.70 18.48
N GLU Z 138 -67.68 -40.36 18.53
CA GLU Z 138 -68.52 -40.47 17.34
C GLU Z 138 -69.02 -39.09 16.91
N ASN Z 139 -69.15 -38.18 17.87
CA ASN Z 139 -69.47 -36.79 17.59
C ASN Z 139 -68.17 -36.00 17.36
N ASP Z 140 -68.33 -34.71 17.08
CA ASP Z 140 -67.20 -33.82 16.88
C ASP Z 140 -66.75 -33.31 18.25
N GLU Z 141 -66.07 -34.17 19.01
CA GLU Z 141 -65.56 -33.81 20.32
C GLU Z 141 -64.18 -34.44 20.49
N ILE Z 142 -63.48 -34.03 21.55
CA ILE Z 142 -62.16 -34.55 21.89
C ILE Z 142 -62.20 -35.06 23.32
N GLU Z 143 -61.71 -36.28 23.53
CA GLU Z 143 -61.78 -36.92 24.84
C GLU Z 143 -60.43 -37.07 25.53
N ALA Z 144 -59.34 -37.14 24.79
CA ALA Z 144 -58.04 -37.37 25.40
C ALA Z 144 -56.94 -36.88 24.48
N LEU Z 145 -55.75 -36.72 25.05
CA LEU Z 145 -54.54 -36.37 24.32
C LEU Z 145 -53.52 -37.48 24.52
N VAL Z 146 -52.88 -37.91 23.43
CA VAL Z 146 -52.04 -39.10 23.42
C VAL Z 146 -50.58 -38.67 23.36
N SER Z 147 -49.75 -39.27 24.22
CA SER Z 147 -48.31 -39.04 24.23
C SER Z 147 -47.61 -40.39 24.39
N THR Z 148 -46.36 -40.45 23.93
CA THR Z 148 -45.62 -41.70 23.88
C THR Z 148 -44.29 -41.60 24.61
N ILE Z 149 -43.85 -42.72 25.17
CA ILE Z 149 -42.55 -42.84 25.83
C ILE Z 149 -41.87 -44.10 25.30
N PRO Z 150 -40.63 -44.01 24.80
CA PRO Z 150 -39.96 -45.20 24.29
C PRO Z 150 -39.67 -46.22 25.39
N PHE Z 151 -39.70 -47.49 25.02
CA PHE Z 151 -39.46 -48.59 25.92
C PHE Z 151 -38.56 -49.61 25.23
N SER Z 152 -37.54 -50.08 25.94
CA SER Z 152 -36.61 -51.06 25.41
C SER Z 152 -36.78 -52.39 26.13
N LEU Z 153 -36.93 -53.46 25.37
CA LEU Z 153 -37.14 -54.80 25.91
C LEU Z 153 -36.09 -55.73 25.35
N GLU Z 154 -35.73 -56.74 26.14
CA GLU Z 154 -34.66 -57.67 25.80
C GLU Z 154 -35.24 -59.04 25.47
N TYR Z 155 -34.82 -59.62 24.35
CA TYR Z 155 -35.28 -60.91 23.89
C TYR Z 155 -34.09 -61.80 23.56
N SER Z 156 -34.31 -63.11 23.63
CA SER Z 156 -33.29 -64.09 23.28
C SER Z 156 -33.91 -65.22 22.48
N LEU Z 157 -33.31 -65.55 21.34
CA LEU Z 157 -33.76 -66.63 20.48
C LEU Z 157 -32.81 -67.82 20.57
N TRP Z 158 -33.38 -69.01 20.69
CA TRP Z 158 -32.62 -70.25 20.72
C TRP Z 158 -33.06 -71.13 19.56
N ILE Z 159 -32.10 -71.63 18.80
CA ILE Z 159 -32.35 -72.51 17.68
C ILE Z 159 -31.56 -73.79 17.89
N ALA Z 160 -32.24 -74.93 17.77
CA ALA Z 160 -31.61 -76.23 17.99
C ALA Z 160 -32.04 -77.20 16.90
N SER Z 161 -31.18 -78.19 16.63
CA SER Z 161 -31.46 -79.21 15.63
C SER Z 161 -30.57 -80.41 15.89
N ASP Z 162 -30.88 -81.51 15.19
CA ASP Z 162 -30.09 -82.73 15.27
C ASP Z 162 -28.91 -82.71 14.31
N GLU Z 163 -29.18 -82.56 13.02
CA GLU Z 163 -28.12 -82.42 12.02
C GLU Z 163 -27.70 -80.96 11.94
N LYS Z 164 -26.44 -80.76 11.54
CA LYS Z 164 -25.88 -79.42 11.48
C LYS Z 164 -26.37 -78.63 10.27
N GLU Z 165 -26.68 -79.33 9.17
CA GLU Z 165 -27.08 -78.64 7.94
C GLU Z 165 -28.41 -77.92 8.10
N SER Z 166 -29.38 -78.55 8.76
CA SER Z 166 -30.66 -77.89 8.98
C SER Z 166 -30.50 -76.64 9.85
N LEU Z 167 -29.68 -76.73 10.89
CA LEU Z 167 -29.40 -75.57 11.72
C LEU Z 167 -28.77 -74.46 10.91
N GLY Z 168 -27.81 -74.80 10.05
CA GLY Z 168 -27.20 -73.80 9.19
C GLY Z 168 -28.22 -73.15 8.26
N MET Z 169 -29.11 -73.95 7.68
CA MET Z 169 -30.12 -73.40 6.79
C MET Z 169 -31.04 -72.44 7.52
N VAL Z 170 -31.50 -72.82 8.72
CA VAL Z 170 -32.41 -71.95 9.46
C VAL Z 170 -31.72 -70.65 9.83
N THR Z 171 -30.47 -70.73 10.31
CA THR Z 171 -29.75 -69.53 10.71
C THR Z 171 -29.48 -68.62 9.51
N THR Z 172 -29.13 -69.22 8.36
CA THR Z 172 -28.89 -68.41 7.16
C THR Z 172 -30.16 -67.71 6.70
N ALA Z 173 -31.30 -68.42 6.76
CA ALA Z 173 -32.57 -67.77 6.39
C ALA Z 173 -32.87 -66.61 7.32
N LEU Z 174 -32.67 -66.79 8.62
CA LEU Z 174 -32.92 -65.71 9.57
C LEU Z 174 -32.01 -64.53 9.31
N ALA Z 175 -30.72 -64.78 9.05
CA ALA Z 175 -29.79 -63.69 8.80
C ALA Z 175 -30.14 -62.94 7.52
N PHE Z 176 -30.52 -63.67 6.47
CA PHE Z 176 -30.93 -63.03 5.23
C PHE Z 176 -32.16 -62.17 5.44
N TRP Z 177 -33.13 -62.65 6.22
CA TRP Z 177 -34.31 -61.85 6.51
C TRP Z 177 -33.94 -60.60 7.30
N LEU Z 178 -33.04 -60.72 8.27
CA LEU Z 178 -32.75 -59.61 9.15
C LEU Z 178 -31.95 -58.51 8.44
N ARG Z 179 -30.92 -58.89 7.69
CA ARG Z 179 -30.00 -57.87 7.20
C ARG Z 179 -30.51 -57.13 5.97
N MET Z 180 -31.12 -57.84 5.03
CA MET Z 180 -31.46 -57.24 3.74
C MET Z 180 -32.56 -56.18 3.90
N TYR Z 181 -32.42 -55.11 3.12
CA TYR Z 181 -33.44 -54.07 3.00
C TYR Z 181 -33.79 -53.45 4.36
N ALA Z 182 -32.78 -52.83 4.97
CA ALA Z 182 -33.02 -52.12 6.22
C ALA Z 182 -33.68 -50.77 5.98
N SER Z 183 -33.28 -50.07 4.92
CA SER Z 183 -33.80 -48.73 4.67
C SER Z 183 -35.30 -48.77 4.39
N LEU Z 184 -35.73 -49.72 3.57
CA LEU Z 184 -37.14 -49.99 3.37
C LEU Z 184 -37.55 -51.00 4.43
N GLY Z 185 -38.35 -50.55 5.41
CA GLY Z 185 -38.62 -51.34 6.60
C GLY Z 185 -39.05 -52.77 6.32
N GLN Z 186 -38.20 -53.73 6.67
CA GLN Z 186 -38.47 -55.14 6.42
C GLN Z 186 -38.71 -55.95 7.69
N ALA Z 187 -37.93 -55.70 8.75
CA ALA Z 187 -38.17 -56.31 10.05
C ALA Z 187 -38.67 -55.21 10.98
N SER Z 188 -39.97 -54.97 10.93
CA SER Z 188 -40.62 -53.96 11.75
C SER Z 188 -42.11 -54.25 11.73
N PHE Z 189 -42.74 -54.19 12.90
CA PHE Z 189 -44.11 -54.62 13.05
C PHE Z 189 -44.88 -53.60 13.85
N THR Z 190 -46.19 -53.57 13.63
CA THR Z 190 -47.10 -52.69 14.36
C THR Z 190 -48.10 -53.53 15.13
N HIS Z 191 -48.26 -53.23 16.41
CA HIS Z 191 -49.25 -53.89 17.26
C HIS Z 191 -50.34 -52.90 17.61
N ILE Z 192 -51.59 -53.26 17.33
CA ILE Z 192 -52.73 -52.40 17.58
C ILE Z 192 -53.23 -52.66 19.00
N ALA Z 193 -53.09 -51.67 19.87
CA ALA Z 193 -53.50 -51.79 21.26
C ALA Z 193 -54.80 -51.03 21.48
N ASN Z 194 -55.78 -51.72 22.05
CA ASN Z 194 -57.08 -51.11 22.36
C ASN Z 194 -56.96 -50.47 23.73
N VAL Z 195 -56.49 -49.22 23.76
CA VAL Z 195 -56.38 -48.44 24.98
C VAL Z 195 -57.72 -47.76 25.21
N GLY Z 196 -58.37 -48.11 26.31
CA GLY Z 196 -59.74 -47.63 26.51
C GLY Z 196 -60.61 -48.17 25.40
N GLY Z 197 -61.56 -47.35 24.95
CA GLY Z 197 -62.43 -47.75 23.88
C GLY Z 197 -61.95 -47.44 22.48
N TYR Z 198 -60.67 -47.14 22.31
CA TYR Z 198 -60.15 -46.70 21.03
C TYR Z 198 -58.95 -47.55 20.62
N GLU Z 199 -58.71 -47.62 19.32
CA GLU Z 199 -57.62 -48.42 18.75
C GLU Z 199 -56.48 -47.50 18.36
N ILE Z 200 -55.33 -47.69 18.99
CA ILE Z 200 -54.14 -46.88 18.77
C ILE Z 200 -53.02 -47.82 18.35
N PRO Z 201 -52.35 -47.57 17.21
CA PRO Z 201 -51.27 -48.47 16.79
C PRO Z 201 -49.98 -48.20 17.54
N VAL Z 202 -49.24 -49.27 17.81
CA VAL Z 202 -47.94 -49.21 18.48
C VAL Z 202 -46.91 -49.76 17.52
N THR Z 203 -45.90 -48.93 17.19
CA THR Z 203 -44.86 -49.33 16.25
C THR Z 203 -43.61 -49.75 17.01
N CYS Z 204 -43.09 -50.92 16.68
CA CYS Z 204 -41.91 -51.48 17.34
C CYS Z 204 -40.80 -51.71 16.33
N TYR Z 205 -39.58 -51.39 16.73
CA TYR Z 205 -38.40 -51.52 15.88
C TYR Z 205 -37.36 -52.38 16.57
N ILE Z 206 -36.49 -53.00 15.77
CA ILE Z 206 -35.38 -53.80 16.27
C ILE Z 206 -34.13 -52.95 16.22
N GLU Z 207 -33.55 -52.66 17.37
CA GLU Z 207 -32.35 -51.84 17.42
C GLU Z 207 -31.13 -52.66 17.01
N GLY Z 208 -30.26 -52.06 16.21
CA GLY Z 208 -29.08 -52.74 15.73
C GLY Z 208 -29.43 -53.93 14.85
N GLN Z 209 -30.35 -53.72 13.92
CA GLN Z 209 -30.87 -54.82 13.11
C GLN Z 209 -29.77 -55.44 12.25
N LYS Z 210 -28.91 -54.61 11.67
CA LYS Z 210 -27.92 -55.12 10.72
C LYS Z 210 -26.84 -55.94 11.42
N SER Z 211 -26.48 -55.59 12.64
CA SER Z 211 -25.41 -56.29 13.35
C SER Z 211 -25.95 -57.61 13.88
N ILE Z 212 -25.45 -58.72 13.36
CA ILE Z 212 -25.90 -60.05 13.72
C ILE Z 212 -24.69 -60.87 14.16
N ALA Z 213 -24.80 -61.53 15.31
CA ALA Z 213 -23.73 -62.37 15.83
C ALA Z 213 -24.34 -63.48 16.65
N PHE Z 214 -24.07 -64.73 16.27
CA PHE Z 214 -24.63 -65.89 16.92
C PHE Z 214 -23.66 -66.44 17.96
N GLN Z 215 -24.20 -67.01 19.03
CA GLN Z 215 -23.41 -67.57 20.11
C GLN Z 215 -23.70 -69.06 20.26
N ASP Z 216 -22.65 -69.84 20.46
CA ASP Z 216 -22.79 -71.27 20.69
C ASP Z 216 -23.26 -71.55 22.11
N LEU Z 217 -24.02 -72.64 22.27
CA LEU Z 217 -24.60 -72.98 23.55
C LEU Z 217 -24.35 -74.41 24.00
N THR Z 218 -23.55 -75.19 23.26
CA THR Z 218 -23.30 -76.58 23.60
C THR Z 218 -21.80 -76.83 23.71
N THR Z 219 -21.39 -77.49 24.79
CA THR Z 219 -19.97 -77.80 24.97
C THR Z 219 -19.47 -78.74 23.88
N GLY Z 220 -20.26 -79.74 23.54
CA GLY Z 220 -19.89 -80.66 22.48
C GLY Z 220 -20.94 -81.74 22.32
N THR Z 221 -20.69 -82.63 21.36
CA THR Z 221 -21.58 -83.75 21.09
C THR Z 221 -21.15 -85.01 21.82
N ALA Z 222 -20.52 -84.87 22.99
CA ALA Z 222 -20.07 -86.02 23.75
C ALA Z 222 -21.14 -86.62 24.64
N ASP Z 223 -22.29 -85.97 24.78
CA ASP Z 223 -23.33 -86.44 25.68
C ASP Z 223 -24.65 -86.73 24.98
N ASN Z 224 -25.14 -85.81 24.13
CA ASN Z 224 -26.49 -85.92 23.59
C ASN Z 224 -26.58 -85.82 22.07
N ARG Z 225 -25.51 -85.41 21.38
CA ARG Z 225 -25.54 -85.20 19.93
C ARG Z 225 -26.64 -84.21 19.56
N LEU Z 226 -26.45 -82.97 20.02
CA LEU Z 226 -27.41 -81.90 19.82
C LEU Z 226 -26.67 -80.59 19.59
N PHE Z 227 -27.18 -79.78 18.67
CA PHE Z 227 -26.57 -78.50 18.31
C PHE Z 227 -27.51 -77.37 18.67
N ALA Z 228 -26.99 -76.36 19.35
CA ALA Z 228 -27.79 -75.22 19.80
C ALA Z 228 -27.03 -73.93 19.58
N VAL Z 229 -27.74 -72.90 19.11
CA VAL Z 229 -27.18 -71.58 18.88
C VAL Z 229 -28.16 -70.53 19.40
N GLY Z 230 -27.61 -69.48 20.02
CA GLY Z 230 -28.43 -68.43 20.60
C GLY Z 230 -28.20 -67.09 19.94
N LEU Z 231 -29.18 -66.21 20.12
CA LEU Z 231 -29.13 -64.86 19.57
C LEU Z 231 -29.92 -63.94 20.49
N ASN Z 232 -29.42 -62.72 20.67
CA ASN Z 232 -30.03 -61.73 21.55
C ASN Z 232 -30.55 -60.55 20.74
N LEU Z 233 -31.77 -60.12 21.06
CA LEU Z 233 -32.43 -59.05 20.34
C LEU Z 233 -33.00 -58.03 21.31
N THR Z 234 -33.10 -56.78 20.86
CA THR Z 234 -33.72 -55.70 21.61
C THR Z 234 -34.81 -55.06 20.76
N VAL Z 235 -35.93 -54.72 21.39
CA VAL Z 235 -37.09 -54.15 20.71
C VAL Z 235 -37.40 -52.81 21.37
N VAL Z 236 -37.59 -51.78 20.54
CA VAL Z 236 -37.94 -50.45 21.01
C VAL Z 236 -39.39 -50.19 20.62
N ALA Z 237 -40.23 -49.90 21.61
CA ALA Z 237 -41.65 -49.70 21.41
C ALA Z 237 -42.07 -48.38 22.04
N GLU Z 238 -42.91 -47.63 21.34
CA GLU Z 238 -43.39 -46.34 21.82
C GLU Z 238 -44.81 -46.52 22.33
N LEU Z 239 -44.94 -46.89 23.60
CA LEU Z 239 -46.26 -47.06 24.19
C LEU Z 239 -46.98 -45.72 24.30
N PRO Z 240 -48.27 -45.67 23.97
CA PRO Z 240 -49.03 -44.44 24.13
C PRO Z 240 -49.74 -44.37 25.47
N ILE Z 241 -49.72 -43.17 26.06
CA ILE Z 241 -50.45 -42.88 27.28
C ILE Z 241 -51.35 -41.68 27.01
N LEU Z 242 -52.60 -41.77 27.42
CA LEU Z 242 -53.58 -40.74 27.13
C LEU Z 242 -54.15 -40.16 28.42
N ALA Z 243 -54.31 -38.85 28.43
CA ALA Z 243 -54.88 -38.13 29.57
C ALA Z 243 -56.28 -37.64 29.20
N TYR Z 244 -57.27 -38.03 29.99
CA TYR Z 244 -58.65 -37.72 29.68
C TYR Z 244 -58.91 -36.22 29.78
N MET Z 245 -59.87 -35.75 28.98
CA MET Z 245 -60.07 -34.32 28.78
C MET Z 245 -61.57 -34.01 28.85
N GLN Z 246 -61.87 -32.74 29.10
CA GLN Z 246 -63.24 -32.23 29.06
C GLN Z 246 -63.30 -31.06 28.09
N GLN Z 247 -64.35 -31.01 27.28
CA GLN Z 247 -64.46 -30.01 26.23
C GLN Z 247 -65.60 -29.04 26.51
N THR Z 248 -65.32 -27.75 26.32
CA THR Z 248 -66.30 -26.68 26.45
C THR Z 248 -66.15 -25.72 25.28
N THR Z 249 -67.22 -24.97 25.02
CA THR Z 249 -67.27 -24.06 23.89
C THR Z 249 -67.27 -22.61 24.36
N GLY Z 250 -66.94 -21.71 23.43
CA GLY Z 250 -66.89 -20.29 23.71
C GLY Z 250 -66.88 -19.51 22.41
N THR Z 251 -66.76 -18.19 22.54
CA THR Z 251 -66.78 -17.30 21.38
C THR Z 251 -65.67 -16.27 21.50
N ILE Z 252 -65.21 -15.78 20.35
CA ILE Z 252 -64.22 -14.72 20.27
C ILE Z 252 -64.78 -13.61 19.40
N THR Z 253 -64.74 -12.38 19.90
CA THR Z 253 -65.25 -11.21 19.19
C THR Z 253 -64.10 -10.26 18.88
N VAL Z 254 -64.15 -9.65 17.70
CA VAL Z 254 -63.13 -8.73 17.23
C VAL Z 254 -63.79 -7.39 16.92
N LYS Z 255 -63.22 -6.31 17.46
CA LYS Z 255 -63.74 -4.97 17.26
C LYS Z 255 -62.60 -4.01 16.93
N ALA Z 256 -62.92 -2.99 16.13
CA ALA Z 256 -62.00 -1.92 15.80
C ALA Z 256 -62.52 -0.62 16.36
N LYS Z 257 -61.62 0.22 16.86
CA LYS Z 257 -62.01 1.43 17.57
C LYS Z 257 -61.12 2.58 17.15
N ILE Z 258 -61.63 3.80 17.31
CA ILE Z 258 -60.85 5.02 17.09
C ILE Z 258 -60.51 5.60 18.46
N LEU Z 259 -59.22 5.81 18.69
CA LEU Z 259 -58.73 6.20 20.01
C LEU Z 259 -59.27 7.58 20.40
N GLU Z 260 -59.60 7.72 21.68
CA GLU Z 260 -60.13 8.95 22.24
C GLU Z 260 -61.38 9.42 21.50
N MET AA 1 -40.67 -40.46 -43.64
CA MET AA 1 -41.29 -39.46 -42.77
C MET AA 1 -42.79 -39.68 -42.68
N ILE AA 2 -43.25 -40.27 -41.59
CA ILE AA 2 -44.67 -40.50 -41.35
C ILE AA 2 -45.21 -39.23 -40.68
N LEU AA 3 -45.85 -38.38 -41.47
CA LEU AA 3 -46.32 -37.09 -41.00
C LEU AA 3 -47.82 -37.00 -41.20
N ASN AA 4 -48.56 -36.79 -40.12
CA ASN AA 4 -49.99 -36.60 -40.15
C ASN AA 4 -50.32 -35.29 -39.45
N ASN AA 5 -51.02 -34.40 -40.16
CA ASN AA 5 -51.33 -33.05 -39.66
C ASN AA 5 -50.00 -32.38 -39.36
N GLN AA 6 -49.76 -31.92 -38.12
CA GLN AA 6 -48.50 -31.29 -37.75
C GLN AA 6 -47.67 -32.13 -36.79
N GLU AA 7 -47.91 -33.43 -36.71
CA GLU AA 7 -47.16 -34.29 -35.79
C GLU AA 7 -46.45 -35.39 -36.57
N TRP AA 8 -45.29 -35.77 -36.08
CA TRP AA 8 -44.44 -36.79 -36.69
C TRP AA 8 -44.45 -38.05 -35.84
N LEU AA 9 -44.21 -39.19 -36.49
CA LEU AA 9 -43.99 -40.47 -35.81
C LEU AA 9 -42.55 -40.87 -36.05
N LEU AA 10 -41.75 -40.86 -34.99
CA LEU AA 10 -40.30 -41.04 -35.14
C LEU AA 10 -39.88 -42.50 -35.03
N ALA AA 11 -40.19 -43.16 -33.92
CA ALA AA 11 -39.69 -44.51 -33.72
C ALA AA 11 -40.63 -45.30 -32.80
N ILE AA 12 -40.54 -46.62 -32.91
CA ILE AA 12 -41.23 -47.54 -32.02
C ILE AA 12 -40.22 -48.57 -31.53
N PHE AA 13 -40.07 -48.69 -30.21
CA PHE AA 13 -39.12 -49.60 -29.60
C PHE AA 13 -39.85 -50.72 -28.89
N LYS AA 14 -39.10 -51.75 -28.53
CA LYS AA 14 -39.61 -52.90 -27.78
C LYS AA 14 -38.92 -52.95 -26.43
N LYS AA 15 -39.70 -53.17 -25.37
CA LYS AA 15 -39.18 -53.16 -24.00
C LYS AA 15 -39.57 -54.44 -23.28
N LYS AA 16 -38.79 -54.77 -22.26
CA LYS AA 16 -39.02 -55.94 -21.43
C LYS AA 16 -39.21 -55.50 -19.98
N GLY AA 17 -40.31 -55.93 -19.38
CA GLY AA 17 -40.63 -55.57 -18.00
C GLY AA 17 -40.57 -56.78 -17.09
N LEU AA 18 -40.23 -56.54 -15.83
CA LEU AA 18 -40.08 -57.59 -14.84
C LEU AA 18 -41.02 -57.32 -13.67
N THR AA 19 -41.80 -58.34 -13.30
CA THR AA 19 -42.70 -58.25 -12.15
C THR AA 19 -42.32 -59.34 -11.15
N PRO AA 20 -42.10 -59.02 -9.89
CA PRO AA 20 -41.56 -60.01 -8.96
C PRO AA 20 -42.63 -60.93 -8.39
N THR AA 21 -42.16 -62.04 -7.84
CA THR AA 21 -42.96 -62.94 -7.04
C THR AA 21 -42.30 -63.07 -5.67
N GLY AA 22 -43.07 -63.56 -4.69
CA GLY AA 22 -42.58 -63.59 -3.33
C GLY AA 22 -41.50 -64.62 -3.08
N LYS AA 23 -41.32 -65.58 -3.97
CA LYS AA 23 -40.41 -66.69 -3.73
C LYS AA 23 -38.96 -66.22 -3.69
N LEU AA 24 -38.15 -66.96 -2.93
CA LEU AA 24 -36.73 -66.67 -2.78
C LEU AA 24 -35.95 -67.97 -2.73
N GLU AA 25 -34.66 -67.89 -3.07
CA GLU AA 25 -33.78 -69.04 -3.08
C GLU AA 25 -32.38 -68.60 -2.67
N PHE AA 26 -31.72 -69.41 -1.84
CA PHE AA 26 -30.39 -69.06 -1.36
C PHE AA 26 -29.53 -70.32 -1.32
N ALA AA 27 -28.22 -70.11 -1.36
CA ALA AA 27 -27.25 -71.19 -1.30
C ALA AA 27 -26.92 -71.56 0.14
N THR AA 28 -26.22 -72.67 0.30
CA THR AA 28 -25.89 -73.20 1.63
C THR AA 28 -24.39 -73.08 1.88
N ILE AA 29 -24.03 -72.98 3.16
CA ILE AA 29 -22.65 -72.77 3.57
C ILE AA 29 -21.95 -74.11 3.77
N ASP AA 30 -22.61 -75.19 3.37
CA ASP AA 30 -22.06 -76.52 3.61
C ASP AA 30 -20.87 -76.82 2.71
N GLY AA 31 -20.88 -76.31 1.46
CA GLY AA 31 -19.82 -76.62 0.53
C GLY AA 31 -18.53 -75.86 0.79
N ILE AA 32 -18.58 -74.79 1.59
CA ILE AA 32 -17.39 -74.00 1.86
C ILE AA 32 -16.37 -74.82 2.65
N ASP AA 33 -16.84 -75.66 3.56
CA ASP AA 33 -15.93 -76.51 4.33
C ASP AA 33 -15.17 -77.45 3.40
N SER AA 34 -15.87 -78.10 2.48
CA SER AA 34 -15.22 -78.99 1.53
C SER AA 34 -14.28 -78.22 0.61
N ALA AA 35 -14.67 -77.02 0.19
CA ALA AA 35 -13.79 -76.20 -0.64
C ALA AA 35 -12.50 -75.86 0.08
N LEU AA 36 -12.59 -75.47 1.36
CA LEU AA 36 -11.38 -75.17 2.12
C LEU AA 36 -10.52 -76.41 2.32
N ALA AA 37 -11.15 -77.56 2.61
CA ALA AA 37 -10.40 -78.79 2.79
C ALA AA 37 -9.64 -79.16 1.52
N GLN AA 38 -10.28 -78.99 0.36
CA GLN AA 38 -9.60 -79.29 -0.90
C GLN AA 38 -8.50 -78.27 -1.20
N ALA AA 39 -8.74 -77.00 -0.85
CA ALA AA 39 -7.77 -75.96 -1.16
C ALA AA 39 -6.52 -76.08 -0.29
N LEU AA 40 -6.65 -76.59 0.94
CA LEU AA 40 -5.48 -76.71 1.80
C LEU AA 40 -4.42 -77.63 1.23
N ASN AA 41 -4.82 -78.59 0.40
CA ASN AA 41 -3.88 -79.60 -0.07
C ASN AA 41 -2.85 -79.02 -1.03
N GLU AA 42 -3.16 -77.92 -1.71
CA GLU AA 42 -2.22 -77.37 -2.68
C GLU AA 42 -0.99 -76.77 -2.02
N ALA AA 43 -1.01 -76.57 -0.70
CA ALA AA 43 0.19 -76.10 -0.01
C ALA AA 43 1.26 -77.17 0.01
N PHE AA 44 0.89 -78.42 0.30
CA PHE AA 44 1.85 -79.51 0.37
C PHE AA 44 2.30 -79.97 -1.01
N ASP AA 45 1.45 -79.82 -2.02
CA ASP AA 45 1.84 -80.17 -3.38
C ASP AA 45 2.92 -79.21 -3.86
N SER AA 46 3.57 -79.59 -4.97
CA SER AA 46 4.65 -78.80 -5.57
C SER AA 46 5.80 -78.56 -4.61
N GLN AA 47 6.05 -79.53 -3.73
CA GLN AA 47 7.17 -79.50 -2.80
C GLN AA 47 8.03 -80.74 -3.03
N VAL AA 48 9.35 -80.55 -3.07
CA VAL AA 48 10.29 -81.64 -3.34
C VAL AA 48 11.37 -81.64 -2.26
N VAL AA 49 11.93 -82.81 -2.01
CA VAL AA 49 13.06 -82.98 -1.10
C VAL AA 49 14.18 -83.62 -1.91
N SER AA 50 15.24 -82.86 -2.17
CA SER AA 50 16.30 -83.34 -3.06
C SER AA 50 17.10 -84.47 -2.41
N PHE AA 51 17.52 -84.29 -1.18
CA PHE AA 51 18.39 -85.24 -0.49
C PHE AA 51 17.59 -85.99 0.57
N ASN AA 52 17.56 -87.31 0.47
CA ASN AA 52 16.87 -88.11 1.47
C ASN AA 52 17.72 -88.25 2.74
N ASP AA 53 17.03 -88.35 3.87
CA ASP AA 53 17.69 -88.43 5.16
C ASP AA 53 16.74 -89.08 6.16
N ARG AA 54 17.30 -89.50 7.29
CA ARG AA 54 16.47 -90.11 8.33
C ARG AA 54 15.48 -89.11 8.90
N ILE AA 55 15.89 -87.85 9.03
CA ILE AA 55 14.97 -86.83 9.54
C ILE AA 55 13.84 -86.56 8.56
N ASN AA 56 14.13 -86.63 7.25
CA ASN AA 56 13.14 -86.28 6.24
C ASN AA 56 12.17 -87.42 5.93
N GLN AA 57 12.31 -88.58 6.57
CA GLN AA 57 11.51 -89.74 6.19
C GLN AA 57 10.02 -89.49 6.41
N SER AA 58 9.65 -89.02 7.60
CA SER AA 58 8.24 -88.83 7.91
C SER AA 58 7.62 -87.76 7.03
N PHE AA 59 8.35 -86.67 6.78
CA PHE AA 59 7.82 -85.60 5.93
C PHE AA 59 7.60 -86.08 4.51
N ARG AA 60 8.54 -86.86 3.96
CA ARG AA 60 8.37 -87.38 2.61
C ARG AA 60 7.20 -88.35 2.54
N GLU AA 61 7.06 -89.22 3.54
CA GLU AA 61 5.92 -90.13 3.57
C GLU AA 61 4.62 -89.35 3.64
N PHE AA 62 4.58 -88.28 4.43
CA PHE AA 62 3.39 -87.44 4.50
C PHE AA 62 3.09 -86.80 3.15
N LEU AA 63 4.13 -86.33 2.46
CA LEU AA 63 3.93 -85.73 1.15
C LEU AA 63 3.38 -86.73 0.14
N LYS AA 64 3.77 -88.00 0.25
CA LYS AA 64 3.31 -88.99 -0.70
C LYS AA 64 1.85 -89.42 -0.48
N ARG AA 65 1.26 -89.08 0.66
CA ARG AA 65 -0.06 -89.59 0.99
C ARG AA 65 -1.16 -88.82 0.24
N THR AA 66 -2.33 -89.47 0.13
CA THR AA 66 -3.48 -88.92 -0.56
C THR AA 66 -4.22 -87.91 0.32
N PRO AA 67 -5.04 -87.04 -0.28
CA PRO AA 67 -5.76 -86.05 0.53
C PRO AA 67 -6.65 -86.65 1.61
N ARG AA 68 -7.24 -87.82 1.37
CA ARG AA 68 -8.08 -88.44 2.39
C ARG AA 68 -7.27 -88.82 3.62
N ASP AA 69 -6.00 -89.17 3.45
CA ASP AA 69 -5.17 -89.61 4.56
C ASP AA 69 -4.51 -88.46 5.31
N ARG AA 70 -4.29 -87.32 4.66
CA ARG AA 70 -3.61 -86.22 5.33
C ARG AA 70 -4.52 -85.51 6.33
N ILE AA 71 -5.80 -85.33 5.98
CA ILE AA 71 -6.70 -84.46 6.73
C ILE AA 71 -7.90 -85.25 7.20
N THR AA 72 -8.32 -84.98 8.43
CA THR AA 72 -9.54 -85.53 9.01
C THR AA 72 -10.44 -84.38 9.45
N LEU AA 73 -11.74 -84.64 9.51
CA LEU AA 73 -12.73 -83.62 9.81
C LEU AA 73 -13.51 -83.98 11.07
N GLY AA 74 -13.90 -82.97 11.82
CA GLY AA 74 -14.66 -83.14 13.04
C GLY AA 74 -14.24 -82.14 14.10
N THR AA 75 -15.20 -81.76 14.94
CA THR AA 75 -14.95 -80.81 16.02
C THR AA 75 -14.61 -81.57 17.29
N PHE AA 76 -13.52 -81.17 17.95
CA PHE AA 76 -13.07 -81.80 19.17
C PHE AA 76 -12.69 -80.73 20.19
N SER AA 77 -12.76 -81.10 21.46
CA SER AA 77 -12.40 -80.20 22.54
C SER AA 77 -10.96 -80.36 23.02
N ASP AA 78 -10.42 -81.57 22.98
CA ASP AA 78 -9.07 -81.83 23.43
C ASP AA 78 -8.40 -82.78 22.43
N VAL AA 79 -7.06 -82.74 22.41
CA VAL AA 79 -6.32 -83.62 21.52
C VAL AA 79 -6.51 -85.07 21.92
N LYS AA 80 -6.70 -85.33 23.21
CA LYS AA 80 -6.94 -86.70 23.66
C LYS AA 80 -8.22 -87.25 23.04
N GLU AA 81 -9.27 -86.44 22.98
CA GLU AA 81 -10.51 -86.86 22.34
C GLU AA 81 -10.30 -87.16 20.87
N TRP AA 82 -9.55 -86.30 20.18
CA TRP AA 82 -9.30 -86.50 18.75
C TRP AA 82 -8.54 -87.80 18.51
N LEU AA 83 -7.49 -88.05 19.30
CA LEU AA 83 -6.73 -89.28 19.13
C LEU AA 83 -7.56 -90.50 19.47
N SER AA 84 -8.39 -90.43 20.52
CA SER AA 84 -9.23 -91.56 20.88
C SER AA 84 -10.25 -91.87 19.79
N SER AA 85 -10.85 -90.83 19.19
CA SER AA 85 -11.79 -91.06 18.10
C SER AA 85 -11.09 -91.59 16.86
N PHE AA 86 -9.87 -91.11 16.59
CA PHE AA 86 -9.11 -91.63 15.46
C PHE AA 86 -8.77 -93.09 15.66
N GLU AA 87 -8.49 -93.50 16.90
CA GLU AA 87 -8.17 -94.89 17.17
C GLU AA 87 -9.41 -95.77 17.13
N ALA AA 88 -10.53 -95.27 17.67
CA ALA AA 88 -11.73 -96.10 17.76
C ALA AA 88 -12.29 -96.44 16.38
N ASP AA 89 -12.32 -95.47 15.48
CA ASP AA 89 -12.81 -95.68 14.12
C ASP AA 89 -11.61 -95.82 13.18
N ARG AA 90 -11.56 -96.92 12.45
CA ARG AA 90 -10.41 -97.21 11.61
C ARG AA 90 -10.23 -96.12 10.56
N ALA AA 91 -9.00 -95.60 10.46
CA ALA AA 91 -8.66 -94.55 9.50
C ALA AA 91 -7.15 -94.39 9.49
N GLY AA 92 -6.68 -93.52 8.60
CA GLY AA 92 -5.29 -93.12 8.53
C GLY AA 92 -4.54 -93.65 7.33
N ARG AA 93 -4.78 -94.91 6.95
CA ARG AA 93 -4.06 -95.56 5.86
C ARG AA 93 -5.05 -96.27 4.93
N LYS AA 94 -6.10 -95.55 4.53
CA LYS AA 94 -7.10 -96.15 3.65
C LYS AA 94 -6.49 -96.53 2.30
N ASP AA 95 -5.65 -95.67 1.74
CA ASP AA 95 -5.00 -95.92 0.46
C ASP AA 95 -3.62 -96.50 0.73
N THR AA 96 -3.48 -97.81 0.54
CA THR AA 96 -2.24 -98.51 0.83
C THR AA 96 -1.48 -98.79 -0.46
N ALA AA 97 -0.16 -98.60 -0.41
CA ALA AA 97 0.71 -98.86 -1.55
C ALA AA 97 1.64 -100.03 -1.31
N SER AA 98 1.63 -100.63 -0.12
CA SER AA 98 2.47 -101.78 0.18
C SER AA 98 1.61 -102.87 0.83
N ALA AA 99 1.81 -104.11 0.41
CA ALA AA 99 1.05 -105.22 0.95
C ALA AA 99 1.58 -105.74 2.28
N GLY AA 100 2.76 -105.28 2.71
CA GLY AA 100 3.34 -105.73 3.95
C GLY AA 100 2.71 -105.03 5.15
N PRO AA 101 3.28 -105.30 6.32
CA PRO AA 101 2.78 -104.65 7.53
C PRO AA 101 2.97 -103.14 7.48
N VAL AA 102 1.93 -102.41 7.88
CA VAL AA 102 1.96 -100.96 7.93
C VAL AA 102 1.37 -100.51 9.27
N ASN AA 103 1.66 -99.27 9.63
CA ASN AA 103 1.16 -98.67 10.86
C ASN AA 103 -0.01 -97.74 10.53
N LYS AA 104 -1.19 -98.08 11.02
CA LYS AA 104 -2.36 -97.23 10.78
C LYS AA 104 -2.23 -95.88 11.45
N LEU AA 105 -1.64 -95.84 12.65
CA LEU AA 105 -1.53 -94.59 13.42
C LEU AA 105 -0.29 -93.81 12.95
N ALA AA 106 -0.40 -93.25 11.75
CA ALA AA 106 0.63 -92.36 11.25
C ALA AA 106 0.70 -91.11 12.13
N MET AA 107 1.91 -90.67 12.42
CA MET AA 107 2.09 -89.61 13.42
C MET AA 107 1.71 -88.23 12.87
N PRO AA 108 2.23 -87.78 11.70
CA PRO AA 108 1.81 -86.46 11.21
C PRO AA 108 0.38 -86.45 10.71
N LEU AA 109 -0.48 -85.65 11.36
CA LEU AA 109 -1.88 -85.58 10.99
C LEU AA 109 -2.37 -84.15 11.11
N VAL AA 110 -3.41 -83.82 10.34
CA VAL AA 110 -3.99 -82.49 10.31
C VAL AA 110 -5.50 -82.62 10.49
N ASN AA 111 -6.07 -81.79 11.36
CA ASN AA 111 -7.50 -81.79 11.62
C ASN AA 111 -8.09 -80.42 11.30
N LEU AA 112 -9.31 -80.41 10.77
CA LEU AA 112 -10.03 -79.20 10.46
C LEU AA 112 -11.43 -79.26 11.05
N SER AA 113 -11.89 -78.14 11.60
CA SER AA 113 -13.21 -78.06 12.20
C SER AA 113 -13.72 -76.64 12.11
N ARG AA 114 -15.03 -76.49 12.20
CA ARG AA 114 -15.66 -75.17 12.19
C ARG AA 114 -16.79 -75.15 13.21
N SER AA 115 -17.07 -73.95 13.71
CA SER AA 115 -18.08 -73.75 14.75
C SER AA 115 -19.45 -73.51 14.13
N PRO AA 116 -20.51 -74.04 14.73
CA PRO AA 116 -21.86 -73.76 14.21
C PRO AA 116 -22.21 -72.28 14.25
N ALA AA 117 -21.73 -71.53 15.23
CA ALA AA 117 -22.03 -70.12 15.31
C ALA AA 117 -21.25 -69.35 14.25
N PHE AA 118 -21.89 -68.33 13.68
CA PHE AA 118 -21.27 -67.48 12.68
C PHE AA 118 -21.91 -66.10 12.76
N SER AA 119 -21.40 -65.17 11.96
CA SER AA 119 -21.90 -63.81 11.95
C SER AA 119 -21.63 -63.16 10.61
N ILE AA 120 -22.33 -62.06 10.35
CA ILE AA 120 -22.07 -61.28 9.14
C ILE AA 120 -20.80 -60.47 9.32
N TYR AA 121 -20.17 -60.12 8.19
CA TYR AA 121 -18.83 -59.55 8.21
C TYR AA 121 -18.77 -58.25 8.99
N GLU AA 122 -19.43 -57.21 8.48
CA GLU AA 122 -19.46 -55.88 9.10
C GLU AA 122 -18.04 -55.34 9.30
N GLY AA 123 -17.40 -55.07 8.17
CA GLY AA 123 -16.05 -54.54 8.15
C GLY AA 123 -15.82 -53.67 6.93
N GLU AA 124 -14.60 -53.71 6.41
CA GLU AA 124 -14.19 -52.91 5.26
C GLU AA 124 -14.10 -53.71 3.98
N LEU AA 125 -13.71 -54.98 4.07
CA LEU AA 125 -13.36 -55.74 2.87
C LEU AA 125 -14.54 -55.91 1.92
N CYS AA 126 -15.72 -56.21 2.46
CA CYS AA 126 -16.87 -56.54 1.64
C CYS AA 126 -18.06 -55.64 1.96
N ARG AA 127 -18.97 -55.55 0.99
CA ARG AA 127 -20.16 -54.72 1.10
C ARG AA 127 -21.35 -55.46 0.50
N ASP AA 128 -22.54 -55.17 1.01
CA ASP AA 128 -23.75 -55.77 0.47
C ASP AA 128 -23.99 -55.28 -0.95
N ASN AA 129 -24.37 -56.21 -1.83
CA ASN AA 129 -24.65 -55.89 -3.22
C ASN AA 129 -26.06 -56.37 -3.56
N TYR AA 130 -26.88 -55.48 -4.09
CA TYR AA 130 -28.25 -55.78 -4.46
C TYR AA 130 -28.37 -55.80 -5.98
N ASP AA 131 -28.99 -56.85 -6.50
CA ASP AA 131 -29.20 -57.02 -7.94
C ASP AA 131 -27.87 -56.95 -8.69
N GLU AA 132 -26.90 -57.71 -8.21
CA GLU AA 132 -25.58 -57.73 -8.85
C GLU AA 132 -25.65 -58.32 -10.25
N GLY AA 133 -26.39 -59.43 -10.41
CA GLY AA 133 -26.48 -60.08 -11.70
C GLY AA 133 -27.87 -60.66 -11.92
N HIS AA 134 -28.07 -61.23 -13.10
CA HIS AA 134 -29.34 -61.83 -13.48
C HIS AA 134 -29.09 -63.21 -14.06
N VAL AA 135 -30.13 -64.04 -14.03
CA VAL AA 135 -30.09 -65.39 -14.57
C VAL AA 135 -31.02 -65.47 -15.76
N THR AA 136 -30.49 -65.87 -16.90
CA THR AA 136 -31.25 -65.95 -18.14
C THR AA 136 -31.57 -67.40 -18.47
N ASN AA 137 -32.84 -67.67 -18.73
CA ASN AA 137 -33.28 -68.99 -19.17
C ASN AA 137 -33.06 -69.15 -20.67
N GLU AA 138 -33.41 -70.32 -21.18
CA GLU AA 138 -33.43 -70.53 -22.62
C GLU AA 138 -34.47 -69.60 -23.24
N ASN AA 139 -34.27 -69.31 -24.53
CA ASN AA 139 -35.09 -68.35 -25.28
C ASN AA 139 -34.87 -66.95 -24.74
N ASP AA 140 -33.82 -66.74 -23.96
CA ASP AA 140 -33.40 -65.43 -23.47
C ASP AA 140 -34.52 -64.74 -22.69
N GLU AA 141 -34.88 -65.35 -21.57
CA GLU AA 141 -35.81 -64.76 -20.62
C GLU AA 141 -35.17 -64.70 -19.24
N ILE AA 142 -35.17 -63.52 -18.64
CA ILE AA 142 -34.60 -63.36 -17.31
C ILE AA 142 -35.52 -64.03 -16.30
N GLU AA 143 -34.96 -64.90 -15.47
CA GLU AA 143 -35.76 -65.66 -14.51
C GLU AA 143 -35.60 -65.17 -13.07
N ALA AA 144 -34.47 -64.57 -12.72
CA ALA AA 144 -34.25 -64.14 -11.35
C ALA AA 144 -33.17 -63.06 -11.33
N LEU AA 145 -33.09 -62.38 -10.20
CA LEU AA 145 -32.06 -61.39 -9.94
C LEU AA 145 -31.25 -61.82 -8.72
N VAL AA 146 -29.93 -61.79 -8.84
CA VAL AA 146 -29.03 -62.35 -7.83
C VAL AA 146 -28.43 -61.22 -7.02
N SER AA 147 -28.42 -61.38 -5.68
CA SER AA 147 -27.78 -60.44 -4.78
C SER AA 147 -26.96 -61.24 -3.76
N THR AA 148 -25.92 -60.61 -3.22
CA THR AA 148 -24.96 -61.27 -2.35
C THR AA 148 -24.88 -60.61 -0.98
N ILE AA 149 -24.66 -61.43 0.04
CA ILE AA 149 -24.48 -60.97 1.41
C ILE AA 149 -23.24 -61.64 1.99
N PRO AA 150 -22.29 -60.88 2.54
CA PRO AA 150 -21.07 -61.50 3.09
C PRO AA 150 -21.37 -62.32 4.34
N PHE AA 151 -20.56 -63.36 4.54
CA PHE AA 151 -20.68 -64.26 5.68
C PHE AA 151 -19.29 -64.60 6.18
N SER AA 152 -19.12 -64.60 7.50
CA SER AA 152 -17.83 -64.91 8.12
C SER AA 152 -17.96 -66.19 8.93
N LEU AA 153 -17.04 -67.12 8.72
CA LEU AA 153 -17.05 -68.41 9.39
C LEU AA 153 -15.73 -68.62 10.12
N GLU AA 154 -15.79 -69.35 11.22
CA GLU AA 154 -14.63 -69.59 12.08
C GLU AA 154 -14.12 -71.00 11.88
N TYR AA 155 -12.82 -71.13 11.60
CA TYR AA 155 -12.18 -72.42 11.39
C TYR AA 155 -10.94 -72.53 12.26
N SER AA 156 -10.59 -73.76 12.62
CA SER AA 156 -9.42 -74.03 13.44
C SER AA 156 -8.68 -75.24 12.89
N LEU AA 157 -7.36 -75.12 12.77
CA LEU AA 157 -6.49 -76.19 12.27
C LEU AA 157 -5.64 -76.73 13.41
N TRP AA 158 -5.54 -78.05 13.48
CA TRP AA 158 -4.68 -78.72 14.45
C TRP AA 158 -3.67 -79.58 13.70
N ILE AA 159 -2.40 -79.47 14.10
CA ILE AA 159 -1.31 -80.24 13.51
C ILE AA 159 -0.59 -80.98 14.64
N ALA AA 160 -0.42 -82.28 14.47
CA ALA AA 160 0.22 -83.12 15.47
C ALA AA 160 1.24 -84.03 14.81
N SER AA 161 2.27 -84.38 15.58
CA SER AA 161 3.31 -85.27 15.09
C SER AA 161 4.04 -85.90 16.27
N ASP AA 162 4.82 -86.93 15.97
CA ASP AA 162 5.64 -87.60 16.98
C ASP AA 162 6.96 -86.87 17.21
N GLU AA 163 7.72 -86.65 16.15
CA GLU AA 163 8.96 -85.89 16.23
C GLU AA 163 8.68 -84.41 15.97
N LYS AA 164 9.52 -83.55 16.53
CA LYS AA 164 9.33 -82.12 16.42
C LYS AA 164 9.70 -81.59 15.03
N GLU AA 165 10.67 -82.23 14.37
CA GLU AA 165 11.15 -81.74 13.09
C GLU AA 165 10.07 -81.82 12.01
N SER AA 166 9.32 -82.92 11.97
CA SER AA 166 8.25 -83.05 10.98
C SER AA 166 7.18 -81.99 11.20
N LEU AA 167 6.81 -81.74 12.46
CA LEU AA 167 5.86 -80.68 12.76
C LEU AA 167 6.37 -79.34 12.29
N GLY AA 168 7.66 -79.06 12.54
CA GLY AA 168 8.24 -77.82 12.07
C GLY AA 168 8.18 -77.69 10.56
N MET AA 169 8.48 -78.77 9.83
CA MET AA 169 8.44 -78.73 8.38
C MET AA 169 7.02 -78.47 7.88
N VAL AA 170 6.03 -79.14 8.46
CA VAL AA 170 4.65 -78.94 8.02
C VAL AA 170 4.21 -77.51 8.28
N THR AA 171 4.51 -76.98 9.47
CA THR AA 171 4.10 -75.62 9.80
C THR AA 171 4.81 -74.60 8.92
N THR AA 172 6.10 -74.82 8.63
CA THR AA 172 6.81 -73.89 7.75
C THR AA 172 6.24 -73.91 6.34
N ALA AA 173 5.88 -75.09 5.83
CA ALA AA 173 5.26 -75.16 4.51
C ALA AA 173 3.94 -74.40 4.50
N LEU AA 174 3.12 -74.59 5.55
CA LEU AA 174 1.85 -73.88 5.63
C LEU AA 174 2.04 -72.37 5.67
N ALA AA 175 3.00 -71.91 6.49
CA ALA AA 175 3.24 -70.47 6.60
C ALA AA 175 3.73 -69.88 5.29
N PHE AA 176 4.64 -70.58 4.61
CA PHE AA 176 5.12 -70.10 3.31
C PHE AA 176 3.99 -70.03 2.30
N TRP AA 177 3.11 -71.03 2.30
CA TRP AA 177 1.97 -70.98 1.39
C TRP AA 177 1.06 -69.81 1.70
N LEU AA 178 0.80 -69.57 2.99
CA LEU AA 178 -0.16 -68.54 3.36
C LEU AA 178 0.37 -67.13 3.08
N ARG AA 179 1.60 -66.84 3.50
CA ARG AA 179 2.03 -65.44 3.49
C ARG AA 179 2.42 -64.95 2.09
N MET AA 180 3.08 -65.78 1.30
CA MET AA 180 3.67 -65.30 0.04
C MET AA 180 2.59 -64.95 -0.97
N TYR AA 181 2.83 -63.89 -1.74
CA TYR AA 181 2.01 -63.48 -2.87
C TYR AA 181 0.56 -63.27 -2.46
N ALA AA 182 0.36 -62.29 -1.58
CA ALA AA 182 -1.00 -61.94 -1.16
C ALA AA 182 -1.72 -61.12 -2.22
N SER AA 183 -1.00 -60.24 -2.92
CA SER AA 183 -1.65 -59.38 -3.91
C SER AA 183 -2.18 -60.21 -5.07
N LEU AA 184 -1.34 -61.08 -5.64
CA LEU AA 184 -1.79 -62.04 -6.63
C LEU AA 184 -2.40 -63.21 -5.87
N GLY AA 185 -3.73 -63.33 -5.91
CA GLY AA 185 -4.44 -64.24 -5.04
C GLY AA 185 -3.89 -65.65 -5.03
N GLN AA 186 -3.32 -66.06 -3.90
CA GLN AA 186 -2.71 -67.38 -3.76
C GLN AA 186 -3.48 -68.31 -2.85
N ALA AA 187 -4.05 -67.80 -1.76
CA ALA AA 187 -4.92 -68.58 -0.89
C ALA AA 187 -6.33 -68.00 -1.03
N SER AA 188 -7.04 -68.47 -2.05
CA SER AA 188 -8.40 -68.04 -2.33
C SER AA 188 -9.02 -69.07 -3.27
N PHE AA 189 -10.27 -69.42 -3.00
CA PHE AA 189 -10.92 -70.50 -3.71
C PHE AA 189 -12.34 -70.10 -4.08
N THR AA 190 -12.85 -70.72 -5.14
CA THR AA 190 -14.22 -70.51 -5.60
C THR AA 190 -14.98 -71.81 -5.51
N HIS AA 191 -16.16 -71.77 -4.89
CA HIS AA 191 -17.04 -72.92 -4.79
C HIS AA 191 -18.24 -72.67 -5.69
N ILE AA 192 -18.49 -73.59 -6.61
CA ILE AA 192 -19.60 -73.47 -7.55
C ILE AA 192 -20.82 -74.08 -6.90
N ALA AA 193 -21.82 -73.26 -6.61
CA ALA AA 193 -23.05 -73.71 -5.97
C ALA AA 193 -24.17 -73.76 -6.98
N ASN AA 194 -24.85 -74.90 -7.06
CA ASN AA 194 -25.98 -75.09 -7.96
C ASN AA 194 -27.23 -74.62 -7.23
N VAL AA 195 -27.52 -73.31 -7.32
CA VAL AA 195 -28.72 -72.73 -6.74
C VAL AA 195 -29.82 -72.84 -7.78
N GLY AA 196 -30.91 -73.52 -7.42
CA GLY AA 196 -31.92 -73.82 -8.41
C GLY AA 196 -31.32 -74.66 -9.52
N GLY AA 197 -31.70 -74.32 -10.75
CA GLY AA 197 -31.15 -75.01 -11.91
C GLY AA 197 -29.91 -74.38 -12.51
N TYR AA 198 -29.31 -73.41 -11.84
CA TYR AA 198 -28.20 -72.65 -12.39
C TYR AA 198 -26.96 -72.77 -11.52
N GLU AA 199 -25.80 -72.58 -12.15
CA GLU AA 199 -24.51 -72.67 -11.47
C GLU AA 199 -23.97 -71.28 -11.23
N ILE AA 200 -23.80 -70.92 -9.96
CA ILE AA 200 -23.32 -69.60 -9.57
C ILE AA 200 -22.06 -69.76 -8.73
N PRO AA 201 -20.97 -69.06 -9.06
CA PRO AA 201 -19.74 -69.22 -8.27
C PRO AA 201 -19.77 -68.40 -6.99
N VAL AA 202 -19.20 -68.97 -5.94
CA VAL AA 202 -19.09 -68.33 -4.64
C VAL AA 202 -17.60 -68.14 -4.35
N THR AA 203 -17.19 -66.89 -4.11
CA THR AA 203 -15.79 -66.58 -3.87
C THR AA 203 -15.55 -66.42 -2.37
N CYS AA 204 -14.53 -67.11 -1.87
CA CYS AA 204 -14.20 -67.08 -0.45
C CYS AA 204 -12.77 -66.60 -0.27
N TYR AA 205 -12.56 -65.77 0.76
CA TYR AA 205 -11.26 -65.21 1.08
C TYR AA 205 -10.94 -65.48 2.54
N ILE AA 206 -9.65 -65.46 2.86
CA ILE AA 206 -9.17 -65.65 4.23
C ILE AA 206 -8.81 -64.29 4.78
N GLU AA 207 -9.57 -63.81 5.75
CA GLU AA 207 -9.32 -62.50 6.33
C GLU AA 207 -8.07 -62.54 7.20
N GLY AA 208 -7.25 -61.50 7.09
CA GLY AA 208 -6.01 -61.45 7.84
C GLY AA 208 -5.07 -62.57 7.44
N GLN AA 209 -4.91 -62.76 6.12
CA GLN AA 209 -4.12 -63.89 5.63
C GLN AA 209 -2.66 -63.78 6.04
N LYS AA 210 -2.10 -62.57 6.00
CA LYS AA 210 -0.66 -62.40 6.23
C LYS AA 210 -0.29 -62.62 7.68
N SER AA 211 -1.14 -62.24 8.63
CA SER AA 211 -0.83 -62.38 10.04
C SER AA 211 -1.02 -63.84 10.46
N ILE AA 212 0.08 -64.50 10.82
CA ILE AA 212 0.08 -65.91 11.18
C ILE AA 212 0.72 -66.05 12.55
N ALA AA 213 0.05 -66.78 13.45
CA ALA AA 213 0.57 -67.03 14.79
C ALA AA 213 0.03 -68.36 15.28
N PHE AA 214 0.94 -69.24 15.72
CA PHE AA 214 0.60 -70.58 16.14
C PHE AA 214 0.53 -70.66 17.67
N GLN AA 215 -0.41 -71.45 18.17
CA GLN AA 215 -0.62 -71.62 19.60
C GLN AA 215 -0.36 -73.06 19.99
N ASP AA 216 0.43 -73.26 21.04
CA ASP AA 216 0.73 -74.60 21.51
C ASP AA 216 -0.48 -75.22 22.21
N LEU AA 217 -0.59 -76.54 22.13
CA LEU AA 217 -1.74 -77.26 22.66
C LEU AA 217 -1.35 -78.43 23.56
N THR AA 218 -0.10 -78.52 24.02
CA THR AA 218 0.34 -79.62 24.87
C THR AA 218 1.04 -79.08 26.10
N THR AA 219 0.65 -79.58 27.27
CA THR AA 219 1.31 -79.16 28.49
C THR AA 219 2.78 -79.58 28.50
N GLY AA 220 3.06 -80.79 28.04
CA GLY AA 220 4.43 -81.27 27.96
C GLY AA 220 4.47 -82.69 27.49
N THR AA 221 5.69 -83.21 27.37
CA THR AA 221 5.93 -84.60 26.98
C THR AA 221 6.12 -85.51 28.18
N ALA AA 222 5.46 -85.22 29.30
CA ALA AA 222 5.58 -86.04 30.50
C ALA AA 222 4.58 -87.19 30.53
N ASP AA 223 3.65 -87.25 29.58
CA ASP AA 223 2.62 -88.28 29.58
C ASP AA 223 2.62 -89.13 28.32
N ASN AA 224 2.66 -88.51 27.14
CA ASN AA 224 2.40 -89.24 25.90
C ASN AA 224 3.46 -89.07 24.82
N ARG AA 225 4.39 -88.11 24.95
CA ARG AA 225 5.39 -87.84 23.92
C ARG AA 225 4.71 -87.52 22.59
N LEU AA 226 3.98 -86.40 22.58
CA LEU AA 226 3.24 -85.97 21.40
C LEU AA 226 3.22 -84.45 21.34
N PHE AA 227 3.48 -83.91 20.16
CA PHE AA 227 3.53 -82.47 19.94
C PHE AA 227 2.34 -82.04 19.10
N ALA AA 228 1.65 -80.99 19.53
CA ALA AA 228 0.47 -80.49 18.84
C ALA AA 228 0.45 -78.98 18.86
N VAL AA 229 0.09 -78.37 17.72
CA VAL AA 229 0.00 -76.92 17.58
C VAL AA 229 -1.29 -76.59 16.84
N GLY AA 230 -1.90 -75.47 17.21
CA GLY AA 230 -3.16 -75.07 16.62
C GLY AA 230 -3.09 -73.72 15.95
N LEU AA 231 -4.07 -73.47 15.07
CA LEU AA 231 -4.18 -72.22 14.34
C LEU AA 231 -5.66 -71.95 14.09
N ASN AA 232 -6.01 -70.66 14.06
CA ASN AA 232 -7.39 -70.23 13.86
C ASN AA 232 -7.51 -69.41 12.58
N LEU AA 233 -8.57 -69.65 11.82
CA LEU AA 233 -8.78 -68.97 10.55
C LEU AA 233 -10.23 -68.48 10.47
N THR AA 234 -10.41 -67.41 9.69
CA THR AA 234 -11.73 -66.88 9.37
C THR AA 234 -11.88 -66.81 7.86
N VAL AA 235 -13.02 -67.27 7.36
CA VAL AA 235 -13.29 -67.31 5.93
C VAL AA 235 -14.49 -66.41 5.64
N VAL AA 236 -14.34 -65.53 4.66
CA VAL AA 236 -15.39 -64.60 4.25
C VAL AA 236 -15.93 -65.05 2.91
N ALA AA 237 -17.23 -65.34 2.86
CA ALA AA 237 -17.88 -65.83 1.65
C ALA AA 237 -19.11 -65.00 1.35
N GLU AA 238 -19.31 -64.71 0.07
CA GLU AA 238 -20.45 -63.90 -0.39
C GLU AA 238 -21.49 -64.84 -0.98
N LEU AA 239 -22.42 -65.30 -0.14
CA LEU AA 239 -23.46 -66.19 -0.62
C LEU AA 239 -24.43 -65.45 -1.54
N PRO AA 240 -24.85 -66.06 -2.64
CA PRO AA 240 -25.85 -65.43 -3.51
C PRO AA 240 -27.26 -65.85 -3.17
N ILE AA 241 -28.17 -64.89 -3.22
CA ILE AA 241 -29.60 -65.13 -3.04
C ILE AA 241 -30.33 -64.53 -4.23
N LEU AA 242 -31.27 -65.28 -4.80
CA LEU AA 242 -31.96 -64.87 -6.00
C LEU AA 242 -33.46 -64.79 -5.78
N ALA AA 243 -34.08 -63.75 -6.33
CA ALA AA 243 -35.51 -63.53 -6.24
C ALA AA 243 -36.13 -63.74 -7.62
N TYR AA 244 -37.16 -64.57 -7.68
CA TYR AA 244 -37.74 -64.96 -8.95
C TYR AA 244 -38.53 -63.81 -9.57
N MET AA 245 -38.59 -63.82 -10.90
CA MET AA 245 -39.16 -62.72 -11.67
C MET AA 245 -40.07 -63.28 -12.76
N GLN AA 246 -40.96 -62.43 -13.24
CA GLN AA 246 -41.84 -62.74 -14.37
C GLN AA 246 -41.65 -61.68 -15.43
N GLN AA 247 -41.44 -62.11 -16.67
CA GLN AA 247 -41.08 -61.20 -17.75
C GLN AA 247 -42.27 -60.94 -18.66
N THR AA 248 -42.43 -59.67 -19.05
CA THR AA 248 -43.45 -59.24 -19.98
C THR AA 248 -42.83 -58.32 -21.02
N THR AA 249 -43.48 -58.20 -22.16
CA THR AA 249 -42.99 -57.40 -23.27
C THR AA 249 -43.89 -56.19 -23.50
N GLY AA 250 -43.29 -55.12 -24.02
CA GLY AA 250 -44.02 -53.89 -24.27
C GLY AA 250 -43.44 -53.06 -25.40
N THR AA 251 -44.02 -51.89 -25.65
CA THR AA 251 -43.56 -51.02 -26.72
C THR AA 251 -43.51 -49.58 -26.22
N ILE AA 252 -42.59 -48.81 -26.79
CA ILE AA 252 -42.44 -47.39 -26.53
C ILE AA 252 -42.46 -46.65 -27.86
N THR AA 253 -43.31 -45.63 -27.97
CA THR AA 253 -43.43 -44.84 -29.17
C THR AA 253 -43.04 -43.39 -28.89
N VAL AA 254 -42.44 -42.74 -29.88
CA VAL AA 254 -41.96 -41.38 -29.77
C VAL AA 254 -42.61 -40.54 -30.86
N LYS AA 255 -43.18 -39.41 -30.48
CA LYS AA 255 -43.87 -38.52 -31.42
C LYS AA 255 -43.41 -37.08 -31.20
N ALA AA 256 -43.25 -36.34 -32.29
CA ALA AA 256 -42.92 -34.92 -32.27
C ALA AA 256 -44.12 -34.12 -32.77
N LYS AA 257 -44.45 -33.06 -32.05
CA LYS AA 257 -45.68 -32.31 -32.30
C LYS AA 257 -45.36 -30.82 -32.28
N ILE AA 258 -46.20 -30.04 -32.96
CA ILE AA 258 -46.12 -28.59 -32.93
C ILE AA 258 -47.23 -28.07 -32.03
N LEU AA 259 -46.85 -27.24 -31.07
CA LEU AA 259 -47.77 -26.79 -30.03
C LEU AA 259 -48.90 -25.96 -30.62
N GLU AA 260 -50.09 -26.10 -30.04
CA GLU AA 260 -51.30 -25.41 -30.48
C GLU AA 260 -51.61 -25.69 -31.95
N MET BA 1 28.59 -50.76 -42.27
CA MET BA 1 27.21 -50.40 -42.57
C MET BA 1 26.54 -51.47 -43.41
N ILE BA 2 25.64 -52.24 -42.80
CA ILE BA 2 24.87 -53.26 -43.49
C ILE BA 2 23.55 -52.59 -43.89
N LEU BA 3 23.54 -51.99 -45.07
CA LEU BA 3 22.41 -51.20 -45.55
C LEU BA 3 21.77 -51.88 -46.75
N ASN BA 4 20.48 -52.16 -46.64
CA ASN BA 4 19.70 -52.72 -47.74
C ASN BA 4 18.48 -51.85 -47.96
N ASN BA 5 18.33 -51.34 -49.18
CA ASN BA 5 17.27 -50.37 -49.53
C ASN BA 5 17.43 -49.19 -48.59
N GLN BA 6 16.44 -48.89 -47.73
CA GLN BA 6 16.58 -47.84 -46.74
C GLN BA 6 16.57 -48.39 -45.31
N GLU BA 7 17.07 -49.61 -45.12
CA GLU BA 7 17.11 -50.24 -43.81
C GLU BA 7 18.54 -50.47 -43.36
N TRP BA 8 18.84 -50.07 -42.14
CA TRP BA 8 20.13 -50.32 -41.51
C TRP BA 8 19.98 -51.44 -40.49
N LEU BA 9 20.97 -52.33 -40.46
CA LEU BA 9 21.04 -53.39 -39.44
C LEU BA 9 22.12 -52.98 -38.46
N LEU BA 10 21.73 -52.72 -37.22
CA LEU BA 10 22.65 -52.10 -36.26
C LEU BA 10 23.37 -53.14 -35.41
N ALA BA 11 22.64 -53.98 -34.69
CA ALA BA 11 23.28 -54.93 -33.78
C ALA BA 11 22.39 -56.14 -33.56
N ILE BA 12 23.01 -57.22 -33.08
CA ILE BA 12 22.33 -58.43 -32.67
C ILE BA 12 22.87 -58.84 -31.32
N PHE BA 13 21.98 -59.03 -30.35
CA PHE BA 13 22.36 -59.43 -29.00
C PHE BA 13 21.71 -60.77 -28.67
N LYS BA 14 22.34 -61.50 -27.76
CA LYS BA 14 21.80 -62.74 -27.25
C LYS BA 14 21.17 -62.49 -25.88
N LYS BA 15 20.02 -63.13 -25.64
CA LYS BA 15 19.28 -62.93 -24.41
C LYS BA 15 18.89 -64.28 -23.81
N LYS BA 16 18.83 -64.31 -22.49
CA LYS BA 16 18.51 -65.53 -21.74
C LYS BA 16 17.19 -65.36 -21.03
N GLY BA 17 16.28 -66.32 -21.22
CA GLY BA 17 14.96 -66.29 -20.63
C GLY BA 17 14.79 -67.43 -19.63
N LEU BA 18 13.96 -67.20 -18.62
CA LEU BA 18 13.70 -68.16 -17.57
C LEU BA 18 12.22 -68.54 -17.59
N THR BA 19 11.95 -69.84 -17.61
CA THR BA 19 10.59 -70.37 -17.56
C THR BA 19 10.43 -71.20 -16.30
N PRO BA 20 9.42 -70.95 -15.47
CA PRO BA 20 9.36 -71.58 -14.16
C PRO BA 20 8.75 -72.98 -14.21
N THR BA 21 9.06 -73.75 -13.17
CA THR BA 21 8.39 -74.99 -12.86
C THR BA 21 7.76 -74.86 -11.48
N GLY BA 22 6.76 -75.71 -11.21
CA GLY BA 22 5.98 -75.56 -10.00
C GLY BA 22 6.71 -75.95 -8.73
N LYS BA 23 7.86 -76.62 -8.86
CA LYS BA 23 8.54 -77.16 -7.69
C LYS BA 23 9.13 -76.05 -6.83
N LEU BA 24 9.18 -76.30 -5.52
CA LEU BA 24 9.72 -75.35 -4.55
C LEU BA 24 10.57 -76.11 -3.53
N GLU BA 25 11.53 -75.40 -2.93
CA GLU BA 25 12.40 -75.95 -1.92
C GLU BA 25 12.66 -74.90 -0.86
N PHE BA 26 12.66 -75.31 0.41
CA PHE BA 26 12.84 -74.39 1.52
C PHE BA 26 13.74 -75.01 2.57
N ALA BA 27 14.34 -74.15 3.38
CA ALA BA 27 15.24 -74.56 4.45
C ALA BA 27 14.45 -74.86 5.73
N THR BA 28 15.15 -75.46 6.69
CA THR BA 28 14.54 -75.86 7.95
C THR BA 28 15.08 -75.03 9.11
N ILE BA 29 14.26 -74.89 10.15
CA ILE BA 29 14.59 -74.07 11.30
C ILE BA 29 15.29 -74.90 12.36
N ASP BA 30 15.68 -76.11 12.02
CA ASP BA 30 16.29 -77.00 13.00
C ASP BA 30 17.69 -76.55 13.39
N GLY BA 31 18.45 -76.03 12.43
CA GLY BA 31 19.83 -75.64 12.71
C GLY BA 31 19.99 -74.35 13.49
N ILE BA 32 18.93 -73.54 13.57
CA ILE BA 32 19.04 -72.27 14.28
C ILE BA 32 19.26 -72.50 15.77
N ASP BA 33 18.65 -73.55 16.33
CA ASP BA 33 18.85 -73.87 17.74
C ASP BA 33 20.32 -74.19 18.01
N SER BA 34 20.93 -75.02 17.17
CA SER BA 34 22.34 -75.35 17.34
C SER BA 34 23.22 -74.12 17.14
N ALA BA 35 22.88 -73.28 16.17
CA ALA BA 35 23.64 -72.05 15.96
C ALA BA 35 23.60 -71.15 17.19
N LEU BA 36 22.43 -70.99 17.79
CA LEU BA 36 22.31 -70.17 19.00
C LEU BA 36 23.07 -70.80 20.16
N ALA BA 37 22.99 -72.12 20.31
CA ALA BA 37 23.73 -72.79 21.38
C ALA BA 37 25.22 -72.59 21.23
N GLN BA 38 25.74 -72.68 20.01
CA GLN BA 38 27.16 -72.44 19.78
C GLN BA 38 27.52 -70.97 20.00
N ALA BA 39 26.62 -70.06 19.62
CA ALA BA 39 26.92 -68.64 19.74
C ALA BA 39 26.96 -68.20 21.20
N LEU BA 40 26.15 -68.83 22.05
CA LEU BA 40 26.13 -68.43 23.46
C LEU BA 40 27.47 -68.63 24.14
N ASN BA 41 28.29 -69.57 23.65
CA ASN BA 41 29.53 -69.90 24.35
C ASN BA 41 30.56 -68.77 24.25
N GLU BA 42 30.48 -67.94 23.22
CA GLU BA 42 31.48 -66.88 23.08
C GLU BA 42 31.34 -65.80 24.13
N ALA BA 43 30.23 -65.78 24.88
CA ALA BA 43 30.12 -64.84 25.99
C ALA BA 43 31.07 -65.20 27.12
N PHE BA 44 31.16 -66.48 27.48
CA PHE BA 44 32.03 -66.90 28.56
C PHE BA 44 33.49 -66.94 28.16
N ASP BA 45 33.78 -67.15 26.87
CA ASP BA 45 35.16 -67.11 26.42
C ASP BA 45 35.72 -65.68 26.54
N SER BA 46 37.05 -65.59 26.47
CA SER BA 46 37.75 -64.31 26.56
C SER BA 46 37.49 -63.60 27.87
N GLN BA 47 37.28 -64.37 28.95
CA GLN BA 47 37.14 -63.84 30.30
C GLN BA 47 38.20 -64.48 31.18
N VAL BA 48 38.85 -63.66 32.00
CA VAL BA 48 39.93 -64.13 32.87
C VAL BA 48 39.71 -63.60 34.29
N VAL BA 49 40.32 -64.30 35.24
CA VAL BA 49 40.30 -63.91 36.65
C VAL BA 49 41.75 -63.71 37.08
N SER BA 50 42.07 -62.51 37.57
CA SER BA 50 43.46 -62.17 37.87
C SER BA 50 43.97 -62.94 39.08
N PHE BA 51 43.21 -62.94 40.18
CA PHE BA 51 43.63 -63.57 41.41
C PHE BA 51 42.66 -64.66 41.82
N ASN BA 52 43.19 -65.83 42.16
CA ASN BA 52 42.36 -66.94 42.60
C ASN BA 52 41.83 -66.69 44.00
N ASP BA 53 40.65 -67.24 44.27
CA ASP BA 53 39.99 -67.04 45.56
C ASP BA 53 39.00 -68.18 45.76
N ARG BA 54 38.59 -68.36 47.02
CA ARG BA 54 37.61 -69.40 47.33
C ARG BA 54 36.27 -69.11 46.66
N ILE BA 55 35.87 -67.84 46.61
CA ILE BA 55 34.62 -67.47 45.95
C ILE BA 55 34.72 -67.71 44.44
N ASN BA 56 35.89 -67.49 43.86
CA ASN BA 56 36.05 -67.58 42.41
C ASN BA 56 36.25 -69.01 41.91
N GLN BA 57 36.29 -70.00 42.81
CA GLN BA 57 36.62 -71.36 42.40
C GLN BA 57 35.59 -71.91 41.42
N SER BA 58 34.31 -71.81 41.77
CA SER BA 58 33.26 -72.38 40.92
C SER BA 58 33.21 -71.69 39.56
N PHE BA 59 33.36 -70.37 39.53
CA PHE BA 59 33.31 -69.65 38.27
C PHE BA 59 34.48 -70.03 37.37
N ARG BA 60 35.68 -70.16 37.94
CA ARG BA 60 36.83 -70.57 37.14
C ARG BA 60 36.65 -71.99 36.61
N GLU BA 61 36.14 -72.89 37.45
CA GLU BA 61 35.88 -74.26 36.99
C GLU BA 61 34.87 -74.27 35.86
N PHE BA 62 33.82 -73.45 35.97
CA PHE BA 62 32.83 -73.33 34.89
C PHE BA 62 33.48 -72.81 33.61
N LEU BA 63 34.36 -71.82 33.74
CA LEU BA 63 35.03 -71.27 32.56
C LEU BA 63 35.90 -72.32 31.88
N LYS BA 64 36.52 -73.20 32.66
CA LYS BA 64 37.41 -74.20 32.07
C LYS BA 64 36.67 -75.32 31.35
N ARG BA 65 35.37 -75.48 31.58
CA ARG BA 65 34.64 -76.61 31.04
C ARG BA 65 34.37 -76.44 29.54
N THR BA 66 34.16 -77.58 28.88
CA THR BA 66 33.87 -77.62 27.45
C THR BA 66 32.43 -77.20 27.18
N PRO BA 67 32.12 -76.79 25.93
CA PRO BA 67 30.75 -76.34 25.64
C PRO BA 67 29.67 -77.37 25.93
N ARG BA 68 29.97 -78.66 25.73
CA ARG BA 68 28.97 -79.68 26.01
C ARG BA 68 28.61 -79.72 27.49
N ASP BA 69 29.60 -79.54 28.37
CA ASP BA 69 29.35 -79.61 29.79
C ASP BA 69 28.64 -78.37 30.33
N ARG BA 70 28.82 -77.22 29.69
CA ARG BA 70 28.21 -76.00 30.21
C ARG BA 70 26.69 -75.98 29.97
N ILE BA 71 26.25 -76.40 28.80
CA ILE BA 71 24.87 -76.20 28.36
C ILE BA 71 24.21 -77.54 28.09
N THR BA 72 22.96 -77.67 28.55
CA THR BA 72 22.12 -78.82 28.26
C THR BA 72 20.86 -78.33 27.56
N LEU BA 73 20.27 -79.21 26.75
CA LEU BA 73 19.10 -78.86 25.95
C LEU BA 73 17.89 -79.68 26.38
N GLY BA 74 16.71 -79.12 26.17
CA GLY BA 74 15.46 -79.78 26.50
C GLY BA 74 14.47 -78.81 27.12
N THR BA 75 13.18 -79.09 26.90
CA THR BA 75 12.10 -78.26 27.41
C THR BA 75 11.54 -78.90 28.67
N PHE BA 76 11.61 -78.17 29.79
CA PHE BA 76 11.12 -78.65 31.07
C PHE BA 76 10.14 -77.64 31.65
N SER BA 77 9.08 -78.14 32.28
CA SER BA 77 8.07 -77.27 32.85
C SER BA 77 8.56 -76.64 34.15
N ASP BA 78 9.33 -77.38 34.95
CA ASP BA 78 9.75 -76.94 36.27
C ASP BA 78 11.23 -77.22 36.47
N VAL BA 79 11.83 -76.47 37.40
CA VAL BA 79 13.25 -76.67 37.71
C VAL BA 79 13.47 -78.05 38.31
N LYS BA 80 12.53 -78.51 39.13
CA LYS BA 80 12.66 -79.85 39.72
C LYS BA 80 12.69 -80.92 38.64
N GLU BA 81 11.87 -80.75 37.60
CA GLU BA 81 11.89 -81.69 36.48
C GLU BA 81 13.25 -81.70 35.79
N TRP BA 82 13.83 -80.51 35.57
CA TRP BA 82 15.13 -80.43 34.92
C TRP BA 82 16.20 -81.13 35.75
N LEU BA 83 16.20 -80.87 37.06
CA LEU BA 83 17.19 -81.51 37.93
C LEU BA 83 16.99 -83.02 37.96
N SER BA 84 15.75 -83.49 38.02
CA SER BA 84 15.50 -84.93 38.05
C SER BA 84 15.94 -85.59 36.75
N SER BA 85 15.70 -84.94 35.61
CA SER BA 85 16.15 -85.50 34.33
C SER BA 85 17.67 -85.49 34.24
N PHE BA 86 18.32 -84.44 34.75
CA PHE BA 86 19.78 -84.39 34.74
C PHE BA 86 20.36 -85.49 35.62
N GLU BA 87 19.69 -85.80 36.73
CA GLU BA 87 20.18 -86.86 37.61
C GLU BA 87 19.94 -88.25 37.01
N ALA BA 88 18.76 -88.45 36.40
CA ALA BA 88 18.39 -89.78 35.92
C ALA BA 88 19.30 -90.21 34.77
N ASP BA 89 19.58 -89.31 33.83
CA ASP BA 89 20.45 -89.59 32.70
C ASP BA 89 21.83 -89.01 33.00
N ARG BA 90 22.86 -89.85 32.91
CA ARG BA 90 24.21 -89.41 33.26
C ARG BA 90 24.66 -88.26 32.37
N ALA BA 91 25.16 -87.20 32.99
CA ALA BA 91 25.62 -86.03 32.27
C ALA BA 91 26.40 -85.15 33.24
N GLY BA 92 27.04 -84.11 32.69
CA GLY BA 92 27.68 -83.11 33.51
C GLY BA 92 29.19 -83.04 33.41
N ARG BA 93 29.85 -84.21 33.37
CA ARG BA 93 31.30 -84.29 33.37
C ARG BA 93 31.77 -85.29 32.31
N LYS BA 94 31.24 -85.14 31.09
CA LYS BA 94 31.62 -86.06 30.02
C LYS BA 94 33.11 -85.94 29.70
N ASP BA 95 33.64 -84.73 29.67
CA ASP BA 95 35.05 -84.50 29.38
C ASP BA 95 35.77 -84.32 30.71
N THR BA 96 36.49 -85.36 31.14
CA THR BA 96 37.17 -85.36 32.42
C THR BA 96 38.65 -85.05 32.24
N ALA BA 97 39.18 -84.19 33.11
CA ALA BA 97 40.58 -83.83 33.09
C ALA BA 97 41.35 -84.36 34.29
N SER BA 98 40.67 -85.04 35.22
CA SER BA 98 41.32 -85.62 36.39
C SER BA 98 40.85 -87.05 36.57
N ALA BA 99 41.79 -87.94 36.92
CA ALA BA 99 41.48 -89.34 37.11
C ALA BA 99 40.89 -89.64 38.48
N GLY BA 100 40.96 -88.69 39.42
CA GLY BA 100 40.45 -88.92 40.75
C GLY BA 100 38.94 -88.76 40.82
N PRO BA 101 38.41 -88.82 42.03
CA PRO BA 101 36.97 -88.65 42.21
C PRO BA 101 36.51 -87.27 41.77
N VAL BA 102 35.37 -87.23 41.09
CA VAL BA 102 34.77 -85.98 40.65
C VAL BA 102 33.28 -86.02 40.97
N ASN BA 103 32.67 -84.85 40.96
CA ASN BA 103 31.23 -84.71 41.22
C ASN BA 103 30.52 -84.49 39.90
N LYS BA 104 29.68 -85.46 39.51
CA LYS BA 104 28.95 -85.34 38.25
C LYS BA 104 27.96 -84.20 38.28
N LEU BA 105 27.42 -83.86 39.45
CA LEU BA 105 26.41 -82.81 39.57
C LEU BA 105 27.11 -81.47 39.87
N ALA BA 106 27.73 -80.93 38.83
CA ALA BA 106 28.31 -79.60 38.92
C ALA BA 106 27.21 -78.58 39.16
N MET BA 107 27.49 -77.62 40.05
CA MET BA 107 26.41 -76.72 40.48
C MET BA 107 26.04 -75.69 39.43
N PRO BA 108 26.97 -74.91 38.86
CA PRO BA 108 26.57 -73.93 37.84
C PRO BA 108 26.23 -74.63 36.53
N LEU BA 109 25.00 -74.44 36.05
CA LEU BA 109 24.54 -75.05 34.82
C LEU BA 109 23.61 -74.09 34.08
N VAL BA 110 23.51 -74.28 32.77
CA VAL BA 110 22.70 -73.45 31.90
C VAL BA 110 21.84 -74.36 31.03
N ASN BA 111 20.57 -74.02 30.87
CA ASN BA 111 19.64 -74.78 30.06
C ASN BA 111 19.04 -73.89 28.98
N LEU BA 112 18.76 -74.47 27.81
CA LEU BA 112 18.15 -73.76 26.71
C LEU BA 112 17.03 -74.61 26.12
N SER BA 113 15.92 -73.97 25.79
CA SER BA 113 14.77 -74.65 25.20
C SER BA 113 14.01 -73.67 24.32
N ARG BA 114 13.23 -74.22 23.39
CA ARG BA 114 12.41 -73.40 22.50
C ARG BA 114 11.04 -74.04 22.35
N SER BA 115 10.05 -73.19 22.05
CA SER BA 115 8.67 -73.64 21.95
C SER BA 115 8.36 -74.13 20.53
N PRO BA 116 7.57 -75.19 20.40
CA PRO BA 116 7.19 -75.64 19.05
C PRO BA 116 6.43 -74.59 18.25
N ALA BA 117 5.62 -73.76 18.92
CA ALA BA 117 4.87 -72.73 18.24
C ALA BA 117 5.76 -71.55 17.88
N PHE BA 118 5.40 -70.86 16.81
CA PHE BA 118 6.12 -69.68 16.36
C PHE BA 118 5.16 -68.82 15.53
N SER BA 119 5.70 -67.75 14.96
CA SER BA 119 4.88 -66.84 14.16
C SER BA 119 5.80 -66.06 13.23
N ILE BA 120 5.19 -65.43 12.22
CA ILE BA 120 5.93 -64.52 11.36
C ILE BA 120 6.14 -63.19 12.09
N TYR BA 121 7.18 -62.46 11.65
CA TYR BA 121 7.64 -61.30 12.42
C TYR BA 121 6.55 -60.24 12.54
N GLU BA 122 6.16 -59.64 11.42
CA GLU BA 122 5.13 -58.60 11.39
C GLU BA 122 5.52 -57.42 12.29
N GLY BA 123 6.55 -56.72 11.86
CA GLY BA 123 7.08 -55.58 12.59
C GLY BA 123 7.78 -54.61 11.67
N GLU BA 124 8.84 -53.99 12.18
CA GLU BA 124 9.60 -52.98 11.45
C GLU BA 124 10.96 -53.48 10.99
N LEU BA 125 11.59 -54.39 11.74
CA LEU BA 125 12.97 -54.75 11.48
C LEU BA 125 13.16 -55.39 10.11
N CYS BA 126 12.25 -56.27 9.71
CA CYS BA 126 12.42 -57.05 8.50
C CYS BA 126 11.21 -56.93 7.60
N ARG BA 127 11.43 -57.22 6.32
CA ARG BA 127 10.40 -57.15 5.28
C ARG BA 127 10.58 -58.32 4.34
N ASP BA 128 9.47 -58.75 3.72
CA ASP BA 128 9.54 -59.83 2.74
C ASP BA 128 10.32 -59.37 1.52
N ASN BA 129 11.21 -60.23 1.04
CA ASN BA 129 12.01 -59.96 -0.15
C ASN BA 129 11.76 -61.06 -1.17
N TYR BA 130 11.33 -60.66 -2.37
CA TYR BA 130 11.04 -61.59 -3.45
C TYR BA 130 12.15 -61.52 -4.49
N ASP BA 131 12.63 -62.69 -4.91
CA ASP BA 131 13.69 -62.79 -5.92
C ASP BA 131 14.93 -62.01 -5.47
N GLU BA 132 15.39 -62.32 -4.25
CA GLU BA 132 16.54 -61.61 -3.72
C GLU BA 132 17.83 -62.05 -4.39
N GLY BA 133 17.95 -63.34 -4.73
CA GLY BA 133 19.16 -63.84 -5.34
C GLY BA 133 18.85 -64.94 -6.33
N HIS BA 134 19.90 -65.40 -7.00
CA HIS BA 134 19.81 -66.49 -7.97
C HIS BA 134 20.91 -67.49 -7.70
N VAL BA 135 20.70 -68.71 -8.19
CA VAL BA 135 21.62 -69.83 -7.98
C VAL BA 135 22.12 -70.32 -9.33
N THR BA 136 23.43 -70.46 -9.46
CA THR BA 136 24.07 -70.84 -10.72
C THR BA 136 24.64 -72.25 -10.62
N ASN BA 137 25.02 -72.78 -11.78
CA ASN BA 137 25.63 -74.10 -11.89
C ASN BA 137 27.14 -73.98 -12.03
N GLU BA 138 27.79 -75.11 -12.25
CA GLU BA 138 29.19 -75.09 -12.66
C GLU BA 138 29.33 -74.40 -14.00
N ASN BA 139 28.42 -74.69 -14.93
CA ASN BA 139 28.32 -73.93 -16.16
C ASN BA 139 27.64 -72.59 -15.88
N ASP BA 140 27.69 -71.71 -16.87
CA ASP BA 140 27.08 -70.38 -16.74
C ASP BA 140 25.59 -70.51 -17.02
N GLU BA 141 24.84 -70.96 -16.00
CA GLU BA 141 23.40 -71.09 -16.10
C GLU BA 141 22.78 -70.64 -14.78
N ILE BA 142 21.45 -70.58 -14.76
CA ILE BA 142 20.69 -70.21 -13.58
C ILE BA 142 19.68 -71.31 -13.30
N GLU BA 143 19.60 -71.75 -12.05
CA GLU BA 143 18.74 -72.87 -11.68
C GLU BA 143 17.56 -72.49 -10.81
N ALA BA 144 17.65 -71.41 -10.03
CA ALA BA 144 16.58 -71.08 -9.11
C ALA BA 144 16.65 -69.59 -8.76
N LEU BA 145 15.56 -69.08 -8.23
CA LEU BA 145 15.48 -67.73 -7.70
C LEU BA 145 15.10 -67.81 -6.23
N VAL BA 146 15.85 -67.12 -5.38
CA VAL BA 146 15.76 -67.26 -3.93
C VAL BA 146 15.02 -66.07 -3.35
N SER BA 147 14.07 -66.33 -2.46
CA SER BA 147 13.34 -65.29 -1.73
C SER BA 147 13.29 -65.68 -0.26
N THR BA 148 13.16 -64.66 0.59
CA THR BA 148 13.24 -64.84 2.04
C THR BA 148 11.96 -64.37 2.72
N ILE BA 149 11.63 -65.02 3.84
CA ILE BA 149 10.48 -64.66 4.67
C ILE BA 149 10.94 -64.63 6.12
N PRO BA 150 10.69 -63.55 6.86
CA PRO BA 150 11.12 -63.50 8.26
C PRO BA 150 10.37 -64.52 9.13
N PHE BA 151 11.06 -65.00 10.15
CA PHE BA 151 10.51 -65.97 11.09
C PHE BA 151 10.98 -65.62 12.48
N SER BA 152 10.07 -65.67 13.46
CA SER BA 152 10.39 -65.35 14.84
C SER BA 152 10.21 -66.60 15.70
N LEU BA 153 11.20 -66.89 16.52
CA LEU BA 153 11.19 -68.07 17.38
C LEU BA 153 11.40 -67.63 18.83
N GLU BA 154 10.82 -68.39 19.75
CA GLU BA 154 10.86 -68.07 21.17
C GLU BA 154 11.80 -69.03 21.89
N TYR BA 155 12.73 -68.47 22.66
CA TYR BA 155 13.70 -69.23 23.41
C TYR BA 155 13.70 -68.78 24.87
N SER BA 156 14.13 -69.68 25.76
CA SER BA 156 14.20 -69.37 27.18
C SER BA 156 15.48 -69.95 27.77
N LEU BA 157 16.17 -69.16 28.57
CA LEU BA 157 17.42 -69.56 29.22
C LEU BA 157 17.19 -69.74 30.72
N TRP BA 158 17.73 -70.81 31.27
CA TRP BA 158 17.68 -71.08 32.70
C TRP BA 158 19.10 -71.18 33.24
N ILE BA 159 19.36 -70.50 34.34
CA ILE BA 159 20.65 -70.51 35.00
C ILE BA 159 20.45 -70.92 36.46
N ALA BA 160 21.22 -71.92 36.89
CA ALA BA 160 21.12 -72.44 38.25
C ALA BA 160 22.50 -72.57 38.86
N SER BA 161 22.58 -72.42 40.17
CA SER BA 161 23.85 -72.55 40.88
C SER BA 161 23.57 -72.85 42.35
N ASP BA 162 24.63 -73.26 43.04
CA ASP BA 162 24.56 -73.53 44.47
C ASP BA 162 24.73 -72.26 45.30
N GLU BA 163 25.84 -71.56 45.13
CA GLU BA 163 26.08 -70.29 45.79
C GLU BA 163 25.56 -69.15 44.91
N LYS BA 164 25.26 -68.03 45.56
CA LYS BA 164 24.68 -66.89 44.85
C LYS BA 164 25.72 -66.14 44.03
N GLU BA 165 26.98 -66.14 44.47
CA GLU BA 165 28.01 -65.35 43.80
C GLU BA 165 28.31 -65.88 42.40
N SER BA 166 28.36 -67.20 42.23
CA SER BA 166 28.61 -67.77 40.91
C SER BA 166 27.47 -67.43 39.95
N LEU BA 167 26.23 -67.51 40.43
CA LEU BA 167 25.09 -67.13 39.62
C LEU BA 167 25.18 -65.66 39.21
N GLY BA 168 25.55 -64.79 40.16
CA GLY BA 168 25.72 -63.39 39.83
C GLY BA 168 26.79 -63.17 38.78
N MET BA 169 27.91 -63.88 38.90
CA MET BA 169 28.99 -63.72 37.92
C MET BA 169 28.55 -64.17 36.53
N VAL BA 170 27.88 -65.31 36.45
CA VAL BA 170 27.43 -65.81 35.15
C VAL BA 170 26.44 -64.84 34.51
N THR BA 171 25.47 -64.36 35.31
CA THR BA 171 24.48 -63.45 34.77
C THR BA 171 25.10 -62.13 34.35
N THR BA 172 26.07 -61.62 35.11
CA THR BA 172 26.74 -60.38 34.73
C THR BA 172 27.52 -60.56 33.44
N ALA BA 173 28.18 -61.70 33.27
CA ALA BA 173 28.89 -61.95 32.03
C ALA BA 173 27.92 -61.99 30.84
N LEU BA 174 26.78 -62.64 31.02
CA LEU BA 174 25.78 -62.68 29.94
C LEU BA 174 25.27 -61.28 29.62
N ALA BA 175 25.00 -60.47 30.63
CA ALA BA 175 24.49 -59.13 30.39
C ALA BA 175 25.52 -58.27 29.68
N PHE BA 176 26.79 -58.36 30.09
CA PHE BA 176 27.84 -57.60 29.44
C PHE BA 176 28.00 -58.01 27.98
N TRP BA 177 27.90 -59.32 27.70
CA TRP BA 177 27.96 -59.77 26.32
C TRP BA 177 26.78 -59.24 25.52
N LEU BA 178 25.58 -59.25 26.11
CA LEU BA 178 24.38 -58.90 25.35
C LEU BA 178 24.31 -57.40 25.05
N ARG BA 179 24.60 -56.55 26.03
CA ARG BA 179 24.28 -55.14 25.84
C ARG BA 179 25.37 -54.38 25.08
N MET BA 180 26.63 -54.64 25.39
CA MET BA 180 27.70 -53.81 24.84
C MET BA 180 27.84 -54.01 23.33
N TYR BA 181 28.09 -52.89 22.63
CA TYR BA 181 28.39 -52.88 21.20
C TYR BA 181 27.26 -53.52 20.39
N ALA BA 182 26.09 -52.89 20.47
CA ALA BA 182 24.96 -53.35 19.68
C ALA BA 182 25.06 -52.89 18.23
N SER BA 183 25.56 -51.67 18.00
CA SER BA 183 25.63 -51.13 16.65
C SER BA 183 26.57 -51.95 15.78
N LEU BA 184 27.76 -52.27 16.29
CA LEU BA 184 28.65 -53.21 15.62
C LEU BA 184 28.20 -54.61 16.02
N GLY BA 185 27.75 -55.39 15.04
CA GLY BA 185 27.13 -56.67 15.31
C GLY BA 185 27.93 -57.56 16.23
N GLN BA 186 27.42 -57.79 17.44
CA GLN BA 186 28.09 -58.61 18.43
C GLN BA 186 27.35 -59.89 18.78
N ALA BA 187 26.09 -59.79 19.19
CA ALA BA 187 25.26 -60.96 19.44
C ALA BA 187 24.42 -61.20 18.19
N SER BA 188 25.06 -61.76 17.17
CA SER BA 188 24.41 -62.06 15.89
C SER BA 188 25.21 -63.14 15.22
N PHE BA 189 24.52 -64.12 14.63
CA PHE BA 189 25.15 -65.31 14.10
C PHE BA 189 24.54 -65.65 12.76
N THR BA 190 25.30 -66.41 11.98
CA THR BA 190 24.85 -66.89 10.67
C THR BA 190 24.91 -68.41 10.65
N HIS BA 191 23.86 -69.02 10.12
CA HIS BA 191 23.78 -70.46 9.94
C HIS BA 191 23.74 -70.78 8.45
N ILE BA 192 24.66 -71.61 7.99
CA ILE BA 192 24.75 -71.98 6.59
C ILE BA 192 23.86 -73.20 6.36
N ALA BA 193 22.79 -73.02 5.58
CA ALA BA 193 21.86 -74.09 5.29
C ALA BA 193 22.12 -74.63 3.89
N ASN BA 194 22.26 -75.95 3.79
CA ASN BA 194 22.49 -76.61 2.51
C ASN BA 194 21.13 -76.94 1.91
N VAL BA 195 20.57 -75.99 1.18
CA VAL BA 195 19.29 -76.16 0.50
C VAL BA 195 19.57 -76.75 -0.87
N GLY BA 196 19.01 -77.92 -1.13
CA GLY BA 196 19.34 -78.62 -2.36
C GLY BA 196 20.82 -78.93 -2.39
N GLY BA 197 21.45 -78.66 -3.53
CA GLY BA 197 22.87 -78.84 -3.67
C GLY BA 197 23.69 -77.59 -3.42
N TYR BA 198 23.10 -76.55 -2.85
CA TYR BA 198 23.76 -75.25 -2.70
C TYR BA 198 23.77 -74.82 -1.24
N GLU BA 199 24.75 -73.97 -0.92
CA GLU BA 199 24.92 -73.45 0.43
C GLU BA 199 24.46 -72.00 0.46
N ILE BA 200 23.46 -71.71 1.27
CA ILE BA 200 22.87 -70.38 1.38
C ILE BA 200 22.95 -69.95 2.84
N PRO BA 201 23.54 -68.80 3.16
CA PRO BA 201 23.63 -68.38 4.56
C PRO BA 201 22.32 -67.84 5.07
N VAL BA 202 22.04 -68.11 6.35
CA VAL BA 202 20.85 -67.62 7.03
C VAL BA 202 21.32 -66.72 8.17
N THR BA 203 20.85 -65.48 8.17
CA THR BA 203 21.25 -64.52 9.19
C THR BA 203 20.16 -64.41 10.25
N CYS BA 204 20.57 -64.53 11.52
CA CYS BA 204 19.65 -64.50 12.65
C CYS BA 204 20.01 -63.35 13.58
N TYR BA 205 19.00 -62.62 14.04
CA TYR BA 205 19.17 -61.50 14.95
C TYR BA 205 18.33 -61.72 16.19
N ILE BA 206 18.77 -61.11 17.29
CA ILE BA 206 18.05 -61.17 18.56
C ILE BA 206 17.27 -59.88 18.71
N GLU BA 207 15.94 -59.97 18.62
CA GLU BA 207 15.10 -58.79 18.73
C GLU BA 207 15.09 -58.28 20.17
N GLY BA 208 15.18 -56.96 20.32
CA GLY BA 208 15.20 -56.36 21.64
C GLY BA 208 16.42 -56.79 22.44
N GLN BA 209 17.58 -56.74 21.79
CA GLN BA 209 18.80 -57.24 22.41
C GLN BA 209 19.18 -56.43 23.64
N LYS BA 210 19.02 -55.10 23.57
CA LYS BA 210 19.50 -54.24 24.64
C LYS BA 210 18.69 -54.38 25.92
N SER BA 211 17.38 -54.60 25.81
CA SER BA 211 16.53 -54.70 26.99
C SER BA 211 16.71 -56.07 27.65
N ILE BA 212 17.21 -56.07 28.87
CA ILE BA 212 17.51 -57.30 29.62
C ILE BA 212 16.79 -57.24 30.96
N ALA BA 213 16.09 -58.31 31.29
CA ALA BA 213 15.40 -58.41 32.58
C ALA BA 213 15.31 -59.88 32.97
N PHE BA 214 15.80 -60.19 34.16
CA PHE BA 214 15.85 -61.57 34.66
C PHE BA 214 14.69 -61.83 35.61
N GLN BA 215 14.12 -63.03 35.53
CA GLN BA 215 13.00 -63.44 36.37
C GLN BA 215 13.43 -64.55 37.32
N ASP BA 216 12.99 -64.44 38.57
CA ASP BA 216 13.30 -65.46 39.57
C ASP BA 216 12.37 -66.66 39.41
N LEU BA 217 12.91 -67.85 39.71
CA LEU BA 217 12.19 -69.09 39.52
C LEU BA 217 12.14 -69.97 40.78
N THR BA 218 12.56 -69.47 41.93
CA THR BA 218 12.59 -70.25 43.16
C THR BA 218 11.83 -69.53 44.26
N THR BA 219 10.94 -70.25 44.94
CA THR BA 219 10.21 -69.66 46.04
C THR BA 219 11.14 -69.28 47.19
N GLY BA 220 12.10 -70.14 47.49
CA GLY BA 220 13.05 -69.85 48.55
C GLY BA 220 13.98 -71.03 48.75
N THR BA 221 14.91 -70.85 49.69
CA THR BA 221 15.87 -71.90 50.04
C THR BA 221 15.40 -72.74 51.21
N ALA BA 222 14.09 -72.91 51.37
CA ALA BA 222 13.55 -73.70 52.48
C ALA BA 222 13.46 -75.19 52.16
N ASP BA 223 13.76 -75.60 50.93
CA ASP BA 223 13.63 -77.00 50.54
C ASP BA 223 14.93 -77.61 50.03
N ASN BA 224 15.65 -76.92 49.15
CA ASN BA 224 16.79 -77.54 48.47
C ASN BA 224 18.07 -76.72 48.45
N ARG BA 225 18.03 -75.45 48.86
CA ARG BA 225 19.19 -74.57 48.77
C ARG BA 225 19.72 -74.51 47.34
N LEU BA 226 18.90 -73.97 46.46
CA LEU BA 226 19.22 -73.87 45.04
C LEU BA 226 18.68 -72.54 44.50
N PHE BA 227 19.49 -71.86 43.69
CA PHE BA 227 19.14 -70.57 43.13
C PHE BA 227 18.98 -70.70 41.63
N ALA BA 228 17.84 -70.25 41.10
CA ALA BA 228 17.55 -70.35 39.67
C ALA BA 228 16.99 -69.02 39.17
N VAL BA 229 17.44 -68.62 37.98
CA VAL BA 229 17.01 -67.38 37.34
C VAL BA 229 16.79 -67.65 35.87
N GLY BA 230 15.70 -67.11 35.32
CA GLY BA 230 15.33 -67.36 33.95
C GLY BA 230 15.35 -66.10 33.11
N LEU BA 231 15.47 -66.30 31.80
CA LEU BA 231 15.47 -65.23 30.82
C LEU BA 231 14.79 -65.72 29.55
N ASN BA 232 14.15 -64.80 28.83
CA ASN BA 232 13.43 -65.12 27.60
C ASN BA 232 14.02 -64.35 26.43
N LEU BA 233 14.19 -65.04 25.31
CA LEU BA 233 14.78 -64.45 24.12
C LEU BA 233 13.93 -64.78 22.90
N THR BA 234 14.00 -63.89 21.90
CA THR BA 234 13.35 -64.09 20.62
C THR BA 234 14.40 -63.95 19.52
N VAL BA 235 14.34 -64.84 18.53
CA VAL BA 235 15.30 -64.87 17.44
C VAL BA 235 14.55 -64.68 16.13
N VAL BA 236 15.04 -63.76 15.30
CA VAL BA 236 14.44 -63.46 14.00
C VAL BA 236 15.36 -63.99 12.92
N ALA BA 237 14.84 -64.89 12.08
CA ALA BA 237 15.61 -65.52 11.03
C ALA BA 237 14.89 -65.39 9.70
N GLU BA 238 15.64 -65.11 8.64
CA GLU BA 238 15.09 -64.94 7.31
C GLU BA 238 15.33 -66.22 6.52
N LEU BA 239 14.36 -67.13 6.56
CA LEU BA 239 14.49 -68.39 5.86
C LEU BA 239 14.40 -68.19 4.35
N PRO BA 240 15.29 -68.81 3.58
CA PRO BA 240 15.22 -68.70 2.12
C PRO BA 240 14.43 -69.84 1.49
N ILE BA 241 13.66 -69.50 0.45
CA ILE BA 241 12.94 -70.48 -0.35
C ILE BA 241 13.26 -70.20 -1.81
N LEU BA 242 13.55 -71.26 -2.57
CA LEU BA 242 13.99 -71.13 -3.95
C LEU BA 242 13.02 -71.85 -4.87
N ALA BA 243 12.71 -71.23 -6.00
CA ALA BA 243 11.83 -71.80 -7.01
C ALA BA 243 12.63 -72.16 -8.24
N TYR BA 244 12.48 -73.40 -8.69
CA TYR BA 244 13.31 -73.91 -9.78
C TYR BA 244 12.89 -73.30 -11.11
N MET BA 245 13.88 -73.11 -11.99
CA MET BA 245 13.70 -72.44 -13.26
C MET BA 245 14.36 -73.23 -14.37
N GLN BA 246 13.93 -72.94 -15.59
CA GLN BA 246 14.52 -73.51 -16.80
C GLN BA 246 15.00 -72.36 -17.68
N GLN BA 247 16.22 -72.47 -18.18
CA GLN BA 247 16.86 -71.39 -18.93
C GLN BA 247 16.91 -71.72 -20.41
N THR BA 248 16.55 -70.75 -21.25
CA THR BA 248 16.63 -70.85 -22.70
C THR BA 248 17.25 -69.58 -23.25
N THR BA 249 17.84 -69.71 -24.44
CA THR BA 249 18.55 -68.61 -25.08
C THR BA 249 17.78 -68.09 -26.29
N GLY BA 250 18.06 -66.84 -26.64
CA GLY BA 250 17.41 -66.21 -27.76
C GLY BA 250 18.25 -65.07 -28.31
N THR BA 251 17.66 -64.32 -29.24
CA THR BA 251 18.35 -63.21 -29.89
C THR BA 251 17.42 -62.01 -30.00
N ILE BA 252 18.02 -60.82 -29.99
CA ILE BA 252 17.31 -59.56 -30.20
C ILE BA 252 18.05 -58.78 -31.27
N THR BA 253 17.31 -58.32 -32.28
CA THR BA 253 17.88 -57.57 -33.39
C THR BA 253 17.30 -56.17 -33.42
N VAL BA 254 18.12 -55.21 -33.87
CA VAL BA 254 17.73 -53.80 -33.94
C VAL BA 254 17.91 -53.33 -35.38
N LYS BA 255 16.88 -52.67 -35.92
CA LYS BA 255 16.91 -52.16 -37.28
C LYS BA 255 16.40 -50.73 -37.32
N ALA BA 256 16.94 -49.94 -38.25
CA ALA BA 256 16.52 -48.57 -38.48
C ALA BA 256 15.92 -48.48 -39.88
N LYS BA 257 14.84 -47.71 -40.01
CA LYS BA 257 14.08 -47.66 -41.25
C LYS BA 257 13.65 -46.23 -41.53
N ILE BA 258 13.38 -45.94 -42.79
CA ILE BA 258 12.83 -44.66 -43.21
C ILE BA 258 11.36 -44.85 -43.56
N LEU BA 259 10.50 -44.00 -43.02
CA LEU BA 259 9.06 -44.17 -43.17
C LEU BA 259 8.64 -44.04 -44.63
N GLU BA 260 7.55 -44.73 -44.95
CA GLU BA 260 6.98 -44.77 -46.30
C GLU BA 260 8.01 -45.24 -47.33
N MET CA 1 67.02 -24.49 10.16
CA MET CA 1 66.26 -24.88 8.98
C MET CA 1 66.97 -25.98 8.21
N ILE CA 2 66.40 -27.18 8.23
CA ILE CA 2 66.94 -28.31 7.48
C ILE CA 2 66.28 -28.31 6.11
N LEU CA 3 66.97 -27.79 5.11
CA LEU CA 3 66.44 -27.64 3.77
C LEU CA 3 67.31 -28.44 2.80
N ASN CA 4 66.68 -29.29 2.00
CA ASN CA 4 67.39 -30.15 1.07
C ASN CA 4 66.61 -30.22 -0.24
N ASN CA 5 67.03 -29.45 -1.23
CA ASN CA 5 66.44 -29.46 -2.57
C ASN CA 5 64.95 -29.13 -2.51
N GLN CA 6 64.65 -27.92 -2.06
CA GLN CA 6 63.30 -27.31 -2.07
C GLN CA 6 62.31 -27.97 -1.12
N GLU CA 7 62.75 -28.73 -0.12
CA GLU CA 7 61.83 -29.28 0.86
C GLU CA 7 62.36 -29.08 2.27
N TRP CA 8 61.46 -28.77 3.19
CA TRP CA 8 61.81 -28.50 4.58
C TRP CA 8 61.41 -29.68 5.46
N LEU CA 9 62.26 -29.99 6.43
CA LEU CA 9 61.93 -30.96 7.47
C LEU CA 9 61.62 -30.18 8.74
N LEU CA 10 60.35 -30.26 9.19
CA LEU CA 10 59.88 -29.36 10.23
C LEU CA 10 60.01 -29.97 11.62
N ALA CA 11 59.37 -31.11 11.87
CA ALA CA 11 59.36 -31.67 13.21
C ALA CA 11 59.26 -33.18 13.16
N ILE CA 12 59.71 -33.81 14.25
CA ILE CA 12 59.57 -35.25 14.46
C ILE CA 12 58.96 -35.45 15.83
N PHE CA 13 57.85 -36.17 15.90
CA PHE CA 13 57.13 -36.39 17.15
C PHE CA 13 57.17 -37.87 17.52
N LYS CA 14 56.60 -38.16 18.69
CA LYS CA 14 56.48 -39.51 19.20
C LYS CA 14 55.01 -39.85 19.42
N LYS CA 15 54.66 -41.11 19.19
CA LYS CA 15 53.28 -41.54 19.25
C LYS CA 15 53.17 -42.81 20.06
N LYS CA 16 51.96 -43.04 20.59
CA LYS CA 16 51.67 -44.22 21.42
C LYS CA 16 50.58 -45.02 20.73
N GLY CA 17 50.90 -46.24 20.31
CA GLY CA 17 49.96 -47.12 19.68
C GLY CA 17 49.36 -48.12 20.65
N LEU CA 18 48.10 -48.46 20.43
CA LEU CA 18 47.38 -49.43 21.25
C LEU CA 18 46.82 -50.52 20.37
N THR CA 19 47.15 -51.77 20.69
CA THR CA 19 46.64 -52.93 19.98
C THR CA 19 45.92 -53.84 20.97
N PRO CA 20 44.67 -54.19 20.73
CA PRO CA 20 43.88 -54.90 21.75
C PRO CA 20 44.17 -56.39 21.77
N THR CA 21 43.76 -57.00 22.88
CA THR CA 21 43.69 -58.45 23.02
C THR CA 21 42.29 -58.83 23.43
N GLY CA 22 41.94 -60.10 23.21
CA GLY CA 22 40.56 -60.53 23.40
C GLY CA 22 40.11 -60.58 24.84
N LYS CA 23 41.04 -60.61 25.79
CA LYS CA 23 40.70 -60.83 27.19
C LYS CA 23 39.93 -59.66 27.77
N LEU CA 24 39.09 -59.95 28.75
CA LEU CA 24 38.26 -58.96 29.42
C LEU CA 24 38.23 -59.24 30.92
N GLU CA 25 37.98 -58.18 31.69
CA GLU CA 25 37.86 -58.27 33.14
C GLU CA 25 36.72 -57.38 33.59
N PHE CA 26 36.00 -57.82 34.63
CA PHE CA 26 34.84 -57.08 35.11
C PHE CA 26 34.70 -57.27 36.61
N ALA CA 27 33.96 -56.35 37.24
CA ALA CA 27 33.78 -56.34 38.68
C ALA CA 27 32.57 -57.20 39.07
N THR CA 28 32.32 -57.29 40.38
CA THR CA 28 31.23 -58.10 40.91
C THR CA 28 30.27 -57.23 41.70
N ILE CA 29 29.02 -57.67 41.78
CA ILE CA 29 27.96 -56.93 42.45
C ILE CA 29 27.85 -57.37 43.91
N ASP CA 30 28.82 -58.15 44.37
CA ASP CA 30 28.74 -58.69 45.72
C ASP CA 30 29.02 -57.63 46.78
N GLY CA 31 29.97 -56.73 46.51
CA GLY CA 31 30.34 -55.74 47.51
C GLY CA 31 29.34 -54.63 47.68
N ILE CA 32 28.41 -54.48 46.74
CA ILE CA 32 27.41 -53.42 46.85
C ILE CA 32 26.50 -53.66 48.05
N ASP CA 33 26.25 -54.88 48.40
CA ASP CA 33 25.42 -55.16 49.51
C ASP CA 33 26.09 -54.75 50.78
N SER CA 34 27.34 -55.09 50.96
CA SER CA 34 28.07 -54.64 52.14
C SER CA 34 28.17 -53.12 52.20
N ALA CA 35 28.38 -52.48 51.04
CA ALA CA 35 28.44 -51.03 51.01
C ALA CA 35 27.13 -50.40 51.48
N LEU CA 36 26.00 -50.94 51.00
CA LEU CA 36 24.70 -50.42 51.42
C LEU CA 36 24.45 -50.67 52.90
N ALA CA 37 24.83 -51.86 53.39
CA ALA CA 37 24.65 -52.16 54.80
C ALA CA 37 25.45 -51.19 55.67
N GLN CA 38 26.68 -50.89 55.28
CA GLN CA 38 27.47 -49.91 56.01
C GLN CA 38 26.86 -48.51 55.90
N ALA CA 39 26.34 -48.16 54.72
CA ALA CA 39 25.82 -46.81 54.51
C ALA CA 39 24.54 -46.57 55.31
N LEU CA 40 23.75 -47.61 55.55
CA LEU CA 40 22.50 -47.42 56.28
C LEU CA 40 22.74 -46.95 57.71
N ASN CA 41 23.89 -47.29 58.29
CA ASN CA 41 24.11 -47.00 59.70
C ASN CA 41 24.26 -45.51 59.97
N GLU CA 42 24.67 -44.72 58.98
CA GLU CA 42 24.86 -43.30 59.23
C GLU CA 42 23.55 -42.56 59.43
N ALA CA 43 22.42 -43.19 59.11
CA ALA CA 43 21.13 -42.57 59.41
C ALA CA 43 20.89 -42.51 60.91
N PHE CA 44 21.17 -43.59 61.62
CA PHE CA 44 20.96 -43.63 63.06
C PHE CA 44 22.05 -42.90 63.84
N ASP CA 45 23.25 -42.78 63.28
CA ASP CA 45 24.29 -42.01 63.95
C ASP CA 45 23.94 -40.53 63.96
N SER CA 46 24.64 -39.79 64.80
CA SER CA 46 24.45 -38.34 64.94
C SER CA 46 23.01 -38.00 65.32
N GLN CA 47 22.39 -38.85 66.15
CA GLN CA 47 21.07 -38.60 66.69
C GLN CA 47 21.15 -38.68 68.20
N VAL CA 48 20.54 -37.71 68.89
CA VAL CA 48 20.61 -37.63 70.34
C VAL CA 48 19.22 -37.44 70.91
N VAL CA 49 19.06 -37.83 72.17
CA VAL CA 49 17.82 -37.64 72.92
C VAL CA 49 18.15 -36.83 74.16
N SER CA 50 17.59 -35.62 74.25
CA SER CA 50 17.97 -34.70 75.32
C SER CA 50 17.45 -35.17 76.68
N PHE CA 51 16.18 -35.54 76.75
CA PHE CA 51 15.55 -35.90 78.01
C PHE CA 51 15.17 -37.38 78.01
N ASN CA 52 15.61 -38.11 79.02
CA ASN CA 52 15.32 -39.53 79.15
C ASN CA 52 13.88 -39.73 79.60
N ASP CA 53 13.30 -40.85 79.15
CA ASP CA 53 11.91 -41.18 79.47
C ASP CA 53 11.73 -42.67 79.30
N ARG CA 54 10.65 -43.19 79.87
CA ARG CA 54 10.37 -44.62 79.76
C ARG CA 54 10.10 -45.03 78.31
N ILE CA 55 9.42 -44.16 77.55
CA ILE CA 55 9.15 -44.47 76.15
C ILE CA 55 10.44 -44.47 75.33
N ASN CA 56 11.39 -43.60 75.67
CA ASN CA 56 12.62 -43.46 74.90
C ASN CA 56 13.65 -44.52 75.21
N GLN CA 57 13.38 -45.43 76.13
CA GLN CA 57 14.41 -46.38 76.58
C GLN CA 57 14.86 -47.29 75.43
N SER CA 58 13.89 -47.89 74.72
CA SER CA 58 14.24 -48.84 73.68
C SER CA 58 14.99 -48.17 72.54
N PHE CA 59 14.57 -46.96 72.15
CA PHE CA 59 15.24 -46.25 71.07
C PHE CA 59 16.67 -45.90 71.44
N ARG CA 60 16.89 -45.45 72.68
CA ARG CA 60 18.24 -45.13 73.11
C ARG CA 60 19.11 -46.38 73.15
N GLU CA 61 18.58 -47.49 73.65
CA GLU CA 61 19.34 -48.73 73.66
C GLU CA 61 19.69 -49.16 72.24
N PHE CA 62 18.75 -49.02 71.31
CA PHE CA 62 19.02 -49.36 69.92
C PHE CA 62 20.12 -48.46 69.35
N LEU CA 63 20.08 -47.17 69.67
CA LEU CA 63 21.10 -46.26 69.17
C LEU CA 63 22.48 -46.60 69.71
N LYS CA 64 22.55 -47.10 70.94
CA LYS CA 64 23.86 -47.42 71.52
C LYS CA 64 24.48 -48.68 70.95
N ARG CA 65 23.73 -49.49 70.19
CA ARG CA 65 24.24 -50.77 69.75
C ARG CA 65 25.16 -50.64 68.55
N THR CA 66 25.98 -51.68 68.34
CA THR CA 66 26.94 -51.74 67.25
C THR CA 66 26.25 -52.09 65.93
N PRO CA 67 26.90 -51.80 64.79
CA PRO CA 67 26.26 -52.10 63.49
C PRO CA 67 25.90 -53.56 63.31
N ARG CA 68 26.72 -54.48 63.83
CA ARG CA 68 26.42 -55.91 63.68
C ARG CA 68 25.13 -56.28 64.38
N ASP CA 69 24.81 -55.63 65.50
CA ASP CA 69 23.63 -55.96 66.27
C ASP CA 69 22.36 -55.31 65.74
N ARG CA 70 22.48 -54.18 65.04
CA ARG CA 70 21.29 -53.51 64.54
C ARG CA 70 20.68 -54.23 63.34
N ILE CA 71 21.51 -54.71 62.42
CA ILE CA 71 21.05 -55.20 61.13
C ILE CA 71 21.44 -56.65 60.95
N THR CA 72 20.52 -57.44 60.40
CA THR CA 72 20.77 -58.82 60.03
C THR CA 72 20.54 -58.97 58.53
N LEU CA 73 21.24 -59.92 57.92
CA LEU CA 73 21.19 -60.14 56.48
C LEU CA 73 20.56 -61.51 56.18
N GLY CA 74 19.83 -61.59 55.08
CA GLY CA 74 19.21 -62.81 54.63
C GLY CA 74 17.84 -62.53 54.07
N THR CA 75 17.42 -63.38 53.12
CA THR CA 75 16.11 -63.26 52.48
C THR CA 75 15.14 -64.25 53.10
N PHE CA 76 13.93 -63.78 53.39
CA PHE CA 76 12.90 -64.58 54.03
C PHE CA 76 11.56 -64.32 53.38
N SER CA 77 10.73 -65.36 53.31
CA SER CA 77 9.41 -65.20 52.72
C SER CA 77 8.44 -64.52 53.68
N ASP CA 78 8.55 -64.82 54.98
CA ASP CA 78 7.59 -64.36 55.97
C ASP CA 78 8.33 -63.84 57.20
N VAL CA 79 7.62 -63.00 57.96
CA VAL CA 79 8.19 -62.44 59.19
C VAL CA 79 8.43 -63.56 60.20
N LYS CA 80 7.49 -64.51 60.29
CA LYS CA 80 7.65 -65.63 61.21
C LYS CA 80 8.91 -66.43 60.89
N GLU CA 81 9.22 -66.59 59.60
CA GLU CA 81 10.46 -67.27 59.22
C GLU CA 81 11.68 -66.51 59.71
N TRP CA 82 11.66 -65.19 59.58
CA TRP CA 82 12.79 -64.37 60.04
C TRP CA 82 12.98 -64.51 61.55
N LEU CA 83 11.89 -64.45 62.30
CA LEU CA 83 11.99 -64.57 63.75
C LEU CA 83 12.47 -65.96 64.15
N SER CA 84 11.96 -67.01 63.48
CA SER CA 84 12.38 -68.36 63.81
C SER CA 84 13.86 -68.58 63.51
N SER CA 85 14.34 -68.02 62.39
CA SER CA 85 15.77 -68.14 62.07
C SER CA 85 16.62 -67.36 63.06
N PHE CA 86 16.15 -66.18 63.48
CA PHE CA 86 16.88 -65.39 64.47
C PHE CA 86 16.95 -66.13 65.80
N GLU CA 87 15.88 -66.85 66.15
CA GLU CA 87 15.88 -67.60 67.41
C GLU CA 87 16.75 -68.85 67.31
N ALA CA 88 16.69 -69.56 66.19
CA ALA CA 88 17.40 -70.83 66.06
C ALA CA 88 18.91 -70.63 66.11
N ASP CA 89 19.42 -69.61 65.43
CA ASP CA 89 20.84 -69.31 65.41
C ASP CA 89 21.12 -68.14 66.33
N ARG CA 90 22.04 -68.34 67.28
CA ARG CA 90 22.28 -67.33 68.31
C ARG CA 90 22.79 -66.04 67.67
N ALA CA 91 22.15 -64.93 68.02
CA ALA CA 91 22.49 -63.62 67.49
C ALA CA 91 21.74 -62.57 68.29
N GLY CA 92 22.08 -61.30 68.06
CA GLY CA 92 21.38 -60.16 68.60
C GLY CA 92 22.16 -59.35 69.60
N ARG CA 93 22.95 -60.00 70.45
CA ARG CA 93 23.70 -59.32 71.52
C ARG CA 93 25.13 -59.82 71.55
N LYS CA 94 25.78 -59.83 70.38
CA LYS CA 94 27.15 -60.31 70.31
C LYS CA 94 28.09 -59.41 71.11
N ASP CA 95 27.90 -58.09 71.03
CA ASP CA 95 28.72 -57.14 71.75
C ASP CA 95 27.99 -56.72 73.02
N THR CA 96 28.42 -57.26 74.15
CA THR CA 96 27.77 -57.02 75.43
C THR CA 96 28.57 -56.03 76.25
N ALA CA 97 27.86 -55.05 76.83
CA ALA CA 97 28.48 -54.05 77.68
C ALA CA 97 28.22 -54.28 79.16
N SER CA 98 27.44 -55.30 79.51
CA SER CA 98 27.15 -55.62 80.90
C SER CA 98 27.26 -57.12 81.10
N ALA CA 99 27.81 -57.52 82.25
CA ALA CA 99 27.98 -58.94 82.55
C ALA CA 99 26.75 -59.57 83.19
N GLY CA 100 25.73 -58.78 83.52
CA GLY CA 100 24.54 -59.30 84.14
C GLY CA 100 23.63 -59.97 83.14
N PRO CA 101 22.43 -60.33 83.61
CA PRO CA 101 21.45 -60.95 82.71
C PRO CA 101 20.99 -59.98 81.62
N VAL CA 102 20.96 -60.48 80.39
CA VAL CA 102 20.51 -59.70 79.24
C VAL CA 102 19.56 -60.56 78.42
N ASN CA 103 18.83 -59.89 77.53
CA ASN CA 103 17.87 -60.54 76.64
C ASN CA 103 18.45 -60.57 75.24
N LYS CA 104 18.65 -61.77 74.70
CA LYS CA 104 19.19 -61.90 73.36
C LYS CA 104 18.20 -61.43 72.30
N LEU CA 105 16.90 -61.53 72.58
CA LEU CA 105 15.87 -61.16 71.62
C LEU CA 105 15.47 -59.69 71.83
N ALA CA 106 16.37 -58.80 71.41
CA ALA CA 106 16.07 -57.38 71.42
C ALA CA 106 14.93 -57.10 70.44
N MET CA 107 14.02 -56.22 70.86
CA MET CA 107 12.79 -56.04 70.07
C MET CA 107 13.04 -55.27 68.78
N PRO CA 108 13.65 -54.09 68.78
CA PRO CA 108 13.85 -53.38 67.49
C PRO CA 108 14.97 -54.01 66.68
N LEU CA 109 14.63 -54.45 65.47
CA LEU CA 109 15.58 -55.07 64.57
C LEU CA 109 15.28 -54.66 63.14
N VAL CA 110 16.31 -54.72 62.29
CA VAL CA 110 16.19 -54.35 60.88
C VAL CA 110 16.81 -55.46 60.04
N ASN CA 111 16.12 -55.85 58.97
CA ASN CA 111 16.59 -56.88 58.07
C ASN CA 111 16.74 -56.30 56.66
N LEU CA 112 17.74 -56.79 55.93
CA LEU CA 112 18.00 -56.39 54.57
C LEU CA 112 18.20 -57.62 53.69
N SER CA 113 17.62 -57.60 52.50
CA SER CA 113 17.74 -58.70 51.56
C SER CA 113 17.63 -58.17 50.14
N ARG CA 114 18.12 -58.96 49.19
CA ARG CA 114 18.07 -58.58 47.79
C ARG CA 114 17.74 -59.82 46.95
N SER CA 115 17.15 -59.58 45.78
CA SER CA 115 16.72 -60.68 44.93
C SER CA 115 17.84 -61.07 43.97
N PRO CA 116 18.01 -62.37 43.71
CA PRO CA 116 19.04 -62.79 42.74
C PRO CA 116 18.83 -62.24 41.35
N ALA CA 117 17.57 -62.06 40.92
CA ALA CA 117 17.30 -61.52 39.61
C ALA CA 117 17.44 -60.00 39.60
N PHE CA 118 18.03 -59.49 38.52
CA PHE CA 118 18.23 -58.06 38.35
C PHE CA 118 17.99 -57.72 36.88
N SER CA 119 18.30 -56.47 36.52
CA SER CA 119 18.10 -56.02 35.15
C SER CA 119 18.98 -54.81 34.91
N ILE CA 120 19.15 -54.47 33.63
CA ILE CA 120 19.83 -53.25 33.26
C ILE CA 120 18.87 -52.07 33.39
N TYR CA 121 19.44 -50.87 33.60
CA TYR CA 121 18.63 -49.72 33.99
C TYR CA 121 17.59 -49.38 32.92
N GLU CA 122 18.05 -48.93 31.75
CA GLU CA 122 17.17 -48.55 30.64
C GLU CA 122 16.18 -47.46 31.07
N GLY CA 123 16.74 -46.29 31.35
CA GLY CA 123 15.97 -45.14 31.76
C GLY CA 123 16.65 -43.86 31.34
N GLU CA 124 16.48 -42.82 32.15
CA GLU CA 124 17.03 -41.49 31.89
C GLU CA 124 18.25 -41.17 32.72
N LEU CA 125 18.34 -41.71 33.95
CA LEU CA 125 19.35 -41.27 34.89
C LEU CA 125 20.76 -41.56 34.40
N CYS CA 126 20.98 -42.75 33.83
CA CYS CA 126 22.32 -43.18 33.44
C CYS CA 126 22.34 -43.60 31.97
N ARG CA 127 23.56 -43.60 31.41
CA ARG CA 127 23.78 -43.95 30.02
C ARG CA 127 25.06 -44.78 29.92
N ASP CA 128 25.12 -45.64 28.90
CA ASP CA 128 26.31 -46.43 28.67
C ASP CA 128 27.48 -45.53 28.30
N ASN CA 129 28.65 -45.81 28.88
CA ASN CA 129 29.86 -45.05 28.60
C ASN CA 129 30.94 -46.00 28.13
N TYR CA 130 31.55 -45.69 26.98
CA TYR CA 130 32.60 -46.49 26.41
C TYR CA 130 33.92 -45.74 26.51
N ASP CA 131 34.94 -46.41 27.05
CA ASP CA 131 36.26 -45.82 27.23
C ASP CA 131 36.19 -44.53 28.05
N GLU CA 132 35.56 -44.62 29.22
CA GLU CA 132 35.47 -43.46 30.10
C GLU CA 132 36.82 -43.10 30.68
N GLY CA 133 37.73 -44.08 30.80
CA GLY CA 133 39.03 -43.83 31.36
C GLY CA 133 39.98 -44.95 31.00
N HIS CA 134 41.25 -44.75 31.37
CA HIS CA 134 42.29 -45.71 31.07
C HIS CA 134 43.08 -46.01 32.34
N VAL CA 135 43.63 -47.22 32.40
CA VAL CA 135 44.38 -47.70 33.55
C VAL CA 135 45.85 -47.74 33.15
N THR CA 136 46.67 -46.96 33.85
CA THR CA 136 48.09 -46.89 33.56
C THR CA 136 48.85 -47.94 34.38
N ASN CA 137 50.16 -47.96 34.21
CA ASN CA 137 51.03 -48.88 34.91
C ASN CA 137 52.30 -48.14 35.30
N GLU CA 138 53.05 -48.74 36.22
CA GLU CA 138 54.37 -48.21 36.53
C GLU CA 138 55.22 -48.25 35.27
N ASN CA 139 56.09 -47.24 35.11
CA ASN CA 139 56.80 -46.93 33.88
C ASN CA 139 55.86 -46.30 32.85
N ASP CA 140 54.64 -45.94 33.29
CA ASP CA 140 53.70 -45.17 32.48
C ASP CA 140 53.38 -45.87 31.16
N GLU CA 141 52.73 -47.03 31.27
CA GLU CA 141 52.22 -47.75 30.11
C GLU CA 141 50.74 -48.05 30.32
N ILE CA 142 49.91 -47.69 29.34
CA ILE CA 142 48.49 -47.97 29.45
C ILE CA 142 48.26 -49.46 29.28
N GLU CA 143 47.49 -50.05 30.21
CA GLU CA 143 47.25 -51.47 30.22
C GLU CA 143 45.82 -51.87 29.89
N ALA CA 144 44.84 -50.99 30.04
CA ALA CA 144 43.46 -51.34 29.79
C ALA CA 144 42.65 -50.07 29.59
N LEU CA 145 41.44 -50.26 29.04
CA LEU CA 145 40.47 -49.18 28.87
C LEU CA 145 39.19 -49.57 29.60
N VAL CA 146 38.63 -48.64 30.36
CA VAL CA 146 37.54 -48.92 31.28
C VAL CA 146 36.24 -48.35 30.71
N SER CA 147 35.19 -49.17 30.72
CA SER CA 147 33.85 -48.75 30.33
C SER CA 147 32.86 -49.28 31.35
N THR CA 148 31.71 -48.62 31.43
CA THR CA 148 30.71 -48.91 32.46
C THR CA 148 29.34 -49.20 31.85
N ILE CA 149 28.58 -50.05 32.52
CA ILE CA 149 27.21 -50.38 32.15
C ILE CA 149 26.34 -50.27 33.40
N PRO CA 150 25.26 -49.50 33.38
CA PRO CA 150 24.41 -49.39 34.57
C PRO CA 150 23.73 -50.71 34.92
N PHE CA 151 23.54 -50.92 36.22
CA PHE CA 151 22.91 -52.13 36.73
C PHE CA 151 21.91 -51.74 37.81
N SER CA 152 20.72 -52.32 37.76
CA SER CA 152 19.67 -52.02 38.72
C SER CA 152 19.41 -53.25 39.58
N LEU CA 153 19.43 -53.07 40.90
CA LEU CA 153 19.24 -54.14 41.86
C LEU CA 153 18.09 -53.80 42.79
N GLU CA 154 17.39 -54.83 43.27
CA GLU CA 154 16.21 -54.67 44.09
C GLU CA 154 16.50 -55.08 45.52
N TYR CA 155 16.13 -54.23 46.48
CA TYR CA 155 16.34 -54.48 47.89
C TYR CA 155 15.04 -54.27 48.64
N SER CA 156 14.93 -54.92 49.81
CA SER CA 156 13.77 -54.77 50.67
C SER CA 156 14.21 -54.69 52.13
N LEU CA 157 13.73 -53.67 52.83
CA LEU CA 157 14.03 -53.46 54.24
C LEU CA 157 12.83 -53.83 55.10
N TRP CA 158 13.09 -54.53 56.20
CA TRP CA 158 12.06 -54.90 57.15
C TRP CA 158 12.44 -54.33 58.53
N ILE CA 159 11.47 -53.69 59.18
CA ILE CA 159 11.66 -53.12 60.51
C ILE CA 159 10.59 -53.70 61.42
N ALA CA 160 11.00 -54.21 62.58
CA ALA CA 160 10.09 -54.81 63.53
C ALA CA 160 10.42 -54.34 64.95
N SER CA 161 9.40 -54.31 65.80
CA SER CA 161 9.59 -53.92 67.19
C SER CA 161 8.41 -54.43 68.01
N ASP CA 162 8.55 -54.33 69.33
CA ASP CA 162 7.50 -54.72 70.26
C ASP CA 162 6.51 -53.60 70.50
N GLU CA 163 6.99 -52.45 70.98
CA GLU CA 163 6.15 -51.28 71.14
C GLU CA 163 6.10 -50.50 69.84
N LYS CA 164 4.98 -49.78 69.65
CA LYS CA 164 4.77 -49.04 68.40
C LYS CA 164 5.61 -47.77 68.34
N GLU CA 165 5.90 -47.16 69.49
CA GLU CA 165 6.62 -45.89 69.50
C GLU CA 165 8.05 -46.04 68.99
N SER CA 166 8.73 -47.12 69.38
CA SER CA 166 10.09 -47.34 68.89
C SER CA 166 10.11 -47.55 67.38
N LEU CA 167 9.16 -48.31 66.86
CA LEU CA 167 9.06 -48.49 65.42
C LEU CA 167 8.82 -47.16 64.72
N GLY CA 168 7.92 -46.33 65.27
CA GLY CA 168 7.69 -45.02 64.70
C GLY CA 168 8.93 -44.16 64.70
N MET CA 169 9.70 -44.18 65.80
CA MET CA 169 10.92 -43.39 65.86
C MET CA 169 11.94 -43.86 64.81
N VAL CA 170 12.12 -45.17 64.68
CA VAL CA 170 13.09 -45.68 63.71
C VAL CA 170 12.68 -45.30 62.30
N THR CA 171 11.39 -45.47 61.97
CA THR CA 171 10.92 -45.15 60.62
C THR CA 171 11.04 -43.66 60.34
N THR CA 172 10.73 -42.82 61.33
CA THR CA 172 10.85 -41.38 61.13
C THR CA 172 12.30 -40.97 60.91
N ALA CA 173 13.23 -41.58 61.67
CA ALA CA 173 14.65 -41.28 61.45
C ALA CA 173 15.08 -41.69 60.05
N LEU CA 174 14.65 -42.86 59.59
CA LEU CA 174 15.01 -43.30 58.24
C LEU CA 174 14.44 -42.37 57.19
N ALA CA 175 13.18 -41.95 57.34
CA ALA CA 175 12.57 -41.05 56.37
C ALA CA 175 13.28 -39.70 56.35
N PHE CA 176 13.62 -39.17 57.52
CA PHE CA 176 14.35 -37.91 57.58
C PHE CA 176 15.70 -38.02 56.89
N TRP CA 177 16.40 -39.14 57.10
CA TRP CA 177 17.68 -39.33 56.43
C TRP CA 177 17.51 -39.42 54.92
N LEU CA 178 16.47 -40.11 54.46
CA LEU CA 178 16.32 -40.36 53.04
C LEU CA 178 15.91 -39.10 52.28
N ARG CA 179 14.94 -38.35 52.80
CA ARG CA 179 14.36 -37.29 51.99
C ARG CA 179 15.20 -36.02 51.97
N MET CA 180 15.75 -35.63 53.11
CA MET CA 180 16.40 -34.32 53.21
C MET CA 180 17.67 -34.26 52.37
N TYR CA 181 17.90 -33.10 51.75
CA TYR CA 181 19.14 -32.80 51.03
C TYR CA 181 19.43 -33.82 49.94
N ALA CA 182 18.53 -33.89 48.97
CA ALA CA 182 18.74 -34.75 47.81
C ALA CA 182 19.73 -34.13 46.82
N SER CA 183 19.65 -32.81 46.63
CA SER CA 183 20.51 -32.16 45.65
C SER CA 183 21.97 -32.27 46.02
N LEU CA 184 22.29 -32.06 47.30
CA LEU CA 184 23.62 -32.33 47.83
C LEU CA 184 23.63 -33.78 48.29
N GLY CA 185 24.34 -34.63 47.57
CA GLY CA 185 24.23 -36.07 47.77
C GLY CA 185 24.37 -36.51 49.21
N GLN CA 186 23.28 -37.02 49.78
CA GLN CA 186 23.25 -37.45 51.17
C GLN CA 186 23.11 -38.95 51.34
N ALA CA 187 22.27 -39.60 50.54
CA ALA CA 187 22.17 -41.05 50.53
C ALA CA 187 22.77 -41.55 49.21
N SER CA 188 24.09 -41.69 49.21
CA SER CA 188 24.83 -42.16 48.05
C SER CA 188 26.19 -42.61 48.53
N PHE CA 189 26.64 -43.74 48.02
CA PHE CA 189 27.85 -44.38 48.54
C PHE CA 189 28.72 -44.84 47.38
N THR CA 190 30.02 -44.95 47.64
CA THR CA 190 30.98 -45.43 46.67
C THR CA 190 31.64 -46.68 47.20
N HIS CA 191 31.69 -47.73 46.38
CA HIS CA 191 32.35 -48.98 46.72
C HIS CA 191 33.59 -49.12 45.84
N ILE CA 192 34.75 -49.31 46.47
CA ILE CA 192 36.01 -49.44 45.75
C ILE CA 192 36.21 -50.92 45.42
N ALA CA 193 36.19 -51.25 44.14
CA ALA CA 193 36.34 -52.61 43.67
C ALA CA 193 37.74 -52.81 43.12
N ASN CA 194 38.44 -53.81 43.61
CA ASN CA 194 39.78 -54.14 43.15
C ASN CA 194 39.64 -55.06 41.95
N VAL CA 195 39.50 -54.45 40.76
CA VAL CA 195 39.39 -55.18 39.51
C VAL CA 195 40.80 -55.44 39.00
N GLY CA 196 41.17 -56.72 38.90
CA GLY CA 196 42.55 -57.03 38.63
C GLY CA 196 43.44 -56.49 39.73
N GLY CA 197 44.60 -55.97 39.34
CA GLY CA 197 45.51 -55.39 40.29
C GLY CA 197 45.29 -53.92 40.57
N TYR CA 198 44.16 -53.36 40.17
CA TYR CA 198 43.93 -51.93 40.29
C TYR CA 198 42.65 -51.64 41.04
N GLU CA 199 42.58 -50.45 41.64
CA GLU CA 199 41.45 -50.01 42.45
C GLU CA 199 40.62 -49.01 41.66
N ILE CA 200 39.37 -49.36 41.38
CA ILE CA 200 38.46 -48.53 40.60
C ILE CA 200 37.22 -48.28 41.45
N PRO CA 201 36.81 -47.03 41.65
CA PRO CA 201 35.62 -46.77 42.46
C PRO CA 201 34.33 -47.03 41.69
N VAL CA 202 33.33 -47.54 42.41
CA VAL CA 202 32.00 -47.80 41.87
C VAL CA 202 31.01 -46.94 42.63
N THR CA 203 30.30 -46.08 41.91
CA THR CA 203 29.33 -45.17 42.53
C THR CA 203 27.92 -45.74 42.38
N CYS CA 204 27.18 -45.79 43.49
CA CYS CA 204 25.83 -46.33 43.50
C CYS CA 204 24.85 -45.27 44.00
N TYR CA 205 23.69 -45.21 43.36
CA TYR CA 205 22.66 -44.24 43.69
C TYR CA 205 21.35 -44.96 43.98
N ILE CA 206 20.51 -44.33 44.79
CA ILE CA 206 19.18 -44.85 45.11
C ILE CA 206 18.18 -44.15 44.21
N GLU CA 207 17.55 -44.91 43.32
CA GLU CA 207 16.57 -44.33 42.41
C GLU CA 207 15.27 -44.03 43.14
N GLY CA 208 14.68 -42.87 42.84
CA GLY CA 208 13.45 -42.47 43.48
C GLY CA 208 13.63 -42.28 44.97
N GLN CA 209 14.70 -41.57 45.34
CA GLN CA 209 15.05 -41.44 46.75
C GLN CA 209 13.98 -40.68 47.54
N LYS CA 210 13.42 -39.63 46.94
CA LYS CA 210 12.49 -38.78 47.66
C LYS CA 210 11.16 -39.47 47.94
N SER CA 211 10.71 -40.32 47.02
CA SER CA 211 9.42 -40.99 47.16
C SER CA 211 9.56 -42.13 48.16
N ILE CA 212 8.89 -42.00 49.31
CA ILE CA 212 8.96 -42.98 50.39
C ILE CA 212 7.55 -43.42 50.73
N ALA CA 213 7.34 -44.73 50.80
CA ALA CA 213 6.03 -45.28 51.15
C ALA CA 213 6.25 -46.62 51.85
N PHE CA 214 5.76 -46.73 53.07
CA PHE CA 214 5.93 -47.93 53.88
C PHE CA 214 4.72 -48.84 53.75
N GLN CA 215 4.95 -50.14 53.84
CA GLN CA 215 3.90 -51.14 53.73
C GLN CA 215 3.81 -51.96 55.01
N ASP CA 216 2.59 -52.22 55.46
CA ASP CA 216 2.37 -53.04 56.64
C ASP CA 216 2.56 -54.52 56.31
N LEU CA 217 2.99 -55.28 57.31
CA LEU CA 217 3.29 -56.70 57.10
C LEU CA 217 2.65 -57.62 58.14
N THR CA 218 1.82 -57.12 59.03
CA THR CA 218 1.20 -57.93 60.08
C THR CA 218 -0.31 -57.77 60.02
N THR CA 219 -1.02 -58.90 60.05
CA THR CA 219 -2.49 -58.85 60.04
C THR CA 219 -3.02 -58.17 61.29
N GLY CA 220 -2.45 -58.46 62.44
CA GLY CA 220 -2.87 -57.84 63.68
C GLY CA 220 -2.09 -58.38 64.84
N THR CA 221 -2.39 -57.84 66.03
CA THR CA 221 -1.76 -58.28 67.27
C THR CA 221 -2.58 -59.35 67.99
N ALA CA 222 -3.31 -60.17 67.24
CA ALA CA 222 -4.13 -61.21 67.85
C ALA CA 222 -3.37 -62.49 68.12
N ASP CA 223 -2.12 -62.61 67.65
CA ASP CA 223 -1.36 -63.84 67.81
C ASP CA 223 -0.06 -63.65 68.58
N ASN CA 224 0.75 -62.64 68.23
CA ASN CA 224 2.09 -62.52 68.76
C ASN CA 224 2.43 -61.17 69.38
N ARG CA 225 1.59 -60.14 69.18
CA ARG CA 225 1.88 -58.79 69.65
C ARG CA 225 3.22 -58.29 69.10
N LEU CA 226 3.26 -58.16 67.78
CA LEU CA 226 4.46 -57.76 67.06
C LEU CA 226 4.08 -56.84 65.91
N PHE CA 227 4.89 -55.81 65.68
CA PHE CA 227 4.65 -54.82 64.64
C PHE CA 227 5.77 -54.90 63.61
N ALA CA 228 5.41 -54.96 62.34
CA ALA CA 228 6.38 -55.07 61.25
C ALA CA 228 5.98 -54.17 60.10
N VAL CA 229 6.97 -53.50 59.51
CA VAL CA 229 6.76 -52.61 58.38
C VAL CA 229 7.87 -52.84 57.36
N GLY CA 230 7.50 -52.85 56.08
CA GLY CA 230 8.47 -53.08 55.03
C GLY CA 230 8.68 -51.92 54.07
N LEU CA 231 9.82 -51.90 53.38
CA LEU CA 231 10.15 -50.86 52.42
C LEU CA 231 10.98 -51.47 51.31
N ASN CA 232 10.74 -51.02 50.07
CA ASN CA 232 11.42 -51.53 48.90
C ASN CA 232 12.31 -50.46 48.30
N LEU CA 233 13.54 -50.83 47.96
CA LEU CA 233 14.53 -49.90 47.43
C LEU CA 233 15.17 -50.47 46.18
N THR CA 234 15.63 -49.58 45.30
CA THR CA 234 16.36 -49.94 44.11
C THR CA 234 17.68 -49.18 44.08
N VAL CA 235 18.75 -49.86 43.66
CA VAL CA 235 20.09 -49.29 43.63
C VAL CA 235 20.61 -49.38 42.20
N VAL CA 236 21.15 -48.27 41.70
CA VAL CA 236 21.73 -48.21 40.37
C VAL CA 236 23.24 -48.10 40.52
N ALA CA 237 23.97 -49.05 39.93
CA ALA CA 237 25.41 -49.11 40.06
C ALA CA 237 26.03 -49.22 38.67
N GLU CA 238 27.11 -48.48 38.45
CA GLU CA 238 27.81 -48.49 37.16
C GLU CA 238 29.06 -49.35 37.30
N LEU CA 239 28.92 -50.65 37.07
CA LEU CA 239 30.05 -51.54 37.15
C LEU CA 239 31.04 -51.25 36.02
N PRO CA 240 32.34 -51.24 36.31
CA PRO CA 240 33.33 -51.05 35.25
C PRO CA 240 33.84 -52.37 34.70
N ILE CA 241 34.01 -52.39 33.37
CA ILE CA 241 34.61 -53.52 32.68
C ILE CA 241 35.78 -52.99 31.86
N LEU CA 242 36.92 -53.67 31.95
CA LEU CA 242 38.15 -53.22 31.31
C LEU CA 242 38.64 -54.24 30.31
N ALA CA 243 39.09 -53.75 29.15
CA ALA CA 243 39.65 -54.58 28.10
C ALA CA 243 41.16 -54.38 28.05
N TYR CA 244 41.90 -55.47 28.16
CA TYR CA 244 43.35 -55.38 28.23
C TYR CA 244 43.93 -54.92 26.90
N MET CA 245 45.07 -54.23 26.97
CA MET CA 245 45.63 -53.53 25.84
C MET CA 245 47.13 -53.79 25.76
N GLN CA 246 47.69 -53.56 24.57
CA GLN CA 246 49.13 -53.64 24.35
C GLN CA 246 49.59 -52.31 23.76
N GLN CA 247 50.72 -51.81 24.25
CA GLN CA 247 51.21 -50.49 23.86
C GLN CA 247 52.50 -50.61 23.04
N THR CA 248 52.56 -49.84 21.96
CA THR CA 248 53.74 -49.74 21.11
C THR CA 248 53.99 -48.28 20.80
N THR CA 249 55.23 -47.99 20.38
CA THR CA 249 55.65 -46.62 20.11
C THR CA 249 55.93 -46.43 18.62
N GLY CA 250 55.94 -45.17 18.21
CA GLY CA 250 56.18 -44.81 16.82
C GLY CA 250 56.53 -43.34 16.71
N THR CA 251 56.72 -42.89 15.48
CA THR CA 251 57.10 -41.51 15.22
C THR CA 251 56.27 -40.94 14.09
N ILE CA 252 56.10 -39.61 14.10
CA ILE CA 252 55.41 -38.88 13.06
C ILE CA 252 56.33 -37.77 12.55
N THR CA 253 56.50 -37.70 11.25
CA THR CA 253 57.37 -36.70 10.61
C THR CA 253 56.53 -35.76 9.76
N VAL CA 254 56.91 -34.48 9.75
CA VAL CA 254 56.21 -33.46 9.00
C VAL CA 254 57.19 -32.79 8.06
N LYS CA 255 56.81 -32.67 6.79
CA LYS CA 255 57.65 -32.05 5.77
C LYS CA 255 56.84 -31.10 4.91
N ALA CA 256 57.51 -30.06 4.42
CA ALA CA 256 56.92 -29.10 3.50
C ALA CA 256 57.65 -29.17 2.16
N LYS CA 257 56.91 -29.08 1.07
CA LYS CA 257 57.45 -29.30 -0.25
C LYS CA 257 56.92 -28.23 -1.20
N ILE CA 258 57.67 -27.99 -2.27
CA ILE CA 258 57.24 -27.12 -3.36
C ILE CA 258 56.83 -27.98 -4.53
N LEU CA 259 55.60 -27.81 -5.01
CA LEU CA 259 55.05 -28.69 -6.02
C LEU CA 259 55.83 -28.59 -7.33
N GLU CA 260 55.99 -29.73 -7.99
CA GLU CA 260 56.70 -29.84 -9.26
C GLU CA 260 58.11 -29.28 -9.16
N MET DA 1 35.99 12.14 61.17
CA MET DA 1 36.74 11.68 60.01
C MET DA 1 38.11 11.17 60.43
N ILE DA 2 38.28 9.85 60.44
CA ILE DA 2 39.55 9.21 60.76
C ILE DA 2 40.28 9.01 59.45
N LEU DA 3 41.19 9.92 59.12
CA LEU DA 3 41.88 9.92 57.84
C LEU DA 3 43.37 9.80 58.08
N ASN DA 4 43.97 8.74 57.53
CA ASN DA 4 45.40 8.51 57.57
C ASN DA 4 45.91 8.39 56.14
N ASN DA 5 46.89 9.23 55.79
CA ASN DA 5 47.43 9.29 54.42
C ASN DA 5 46.26 9.60 53.50
N GLN DA 6 45.94 8.73 52.53
CA GLN DA 6 44.81 8.97 51.63
C GLN DA 6 43.69 7.95 51.81
N GLU DA 7 43.60 7.30 52.97
CA GLU DA 7 42.55 6.32 53.21
C GLU DA 7 41.71 6.74 54.41
N TRP DA 8 40.42 6.40 54.35
CA TRP DA 8 39.45 6.74 55.37
C TRP DA 8 38.99 5.48 56.09
N LEU DA 9 38.76 5.59 57.39
CA LEU DA 9 38.11 4.53 58.15
C LEU DA 9 36.66 4.92 58.39
N LEU DA 10 35.73 4.13 57.86
CA LEU DA 10 34.33 4.53 57.84
C LEU DA 10 33.53 3.93 59.01
N ALA DA 11 33.53 2.61 59.15
CA ALA DA 11 32.71 1.99 60.18
C ALA DA 11 33.29 0.65 60.58
N ILE DA 12 32.91 0.21 61.78
CA ILE DA 12 33.25 -1.10 62.31
C ILE DA 12 31.98 -1.72 62.84
N PHE DA 13 31.60 -2.89 62.32
CA PHE DA 13 30.38 -3.58 62.73
C PHE DA 13 30.73 -4.84 63.51
N LYS DA 14 29.69 -5.45 64.07
CA LYS DA 14 29.82 -6.70 64.82
C LYS DA 14 28.99 -7.77 64.14
N LYS DA 15 29.60 -8.94 63.93
CA LYS DA 15 28.95 -10.03 63.20
C LYS DA 15 28.83 -11.25 64.10
N LYS DA 16 27.85 -12.09 63.78
CA LYS DA 16 27.60 -13.34 64.49
C LYS DA 16 27.67 -14.49 63.50
N GLY DA 17 28.55 -15.45 63.79
CA GLY DA 17 28.76 -16.59 62.91
C GLY DA 17 28.27 -17.87 63.55
N LEU DA 18 27.85 -18.82 62.72
CA LEU DA 18 27.33 -20.10 63.19
C LEU DA 18 28.12 -21.23 62.56
N THR DA 19 28.56 -22.17 63.39
CA THR DA 19 29.28 -23.35 62.94
C THR DA 19 28.53 -24.59 63.40
N PRO DA 20 28.22 -25.53 62.52
CA PRO DA 20 27.33 -26.63 62.89
C PRO DA 20 28.06 -27.76 63.59
N THR DA 21 27.26 -28.61 64.24
CA THR DA 21 27.70 -29.89 64.77
C THR DA 21 26.84 -30.98 64.17
N GLY DA 22 27.33 -32.22 64.26
CA GLY DA 22 26.64 -33.32 63.60
C GLY DA 22 25.33 -33.71 64.24
N LYS DA 23 25.07 -33.27 65.46
CA LYS DA 23 23.91 -33.74 66.20
C LYS DA 23 22.61 -33.25 65.57
N LEU DA 24 21.55 -34.03 65.75
CA LEU DA 24 20.23 -33.72 65.22
C LEU DA 24 19.17 -34.12 66.24
N GLU DA 25 18.02 -33.49 66.14
CA GLU DA 25 16.89 -33.75 67.03
C GLU DA 25 15.59 -33.61 66.25
N PHE DA 26 14.65 -34.52 66.49
CA PHE DA 26 13.38 -34.50 65.78
C PHE DA 26 12.25 -34.85 66.74
N ALA DA 27 11.04 -34.41 66.39
CA ALA DA 27 9.85 -34.69 67.18
C ALA DA 27 9.24 -36.03 66.79
N THR DA 28 8.28 -36.48 67.60
CA THR DA 28 7.65 -37.78 67.42
C THR DA 28 6.20 -37.61 66.97
N ILE DA 29 5.70 -38.61 66.25
CA ILE DA 29 4.36 -38.57 65.69
C ILE DA 29 3.34 -39.13 66.68
N ASP DA 30 3.78 -39.39 67.91
CA ASP DA 30 2.91 -40.01 68.89
C ASP DA 30 1.82 -39.07 69.37
N GLY DA 31 2.13 -37.78 69.50
CA GLY DA 31 1.17 -36.83 70.03
C GLY DA 31 0.08 -36.44 69.06
N ILE DA 32 0.26 -36.73 67.77
CA ILE DA 32 -0.75 -36.35 66.78
C ILE DA 32 -2.03 -37.14 66.99
N ASP DA 33 -1.91 -38.41 67.38
CA ASP DA 33 -3.10 -39.21 67.65
C ASP DA 33 -3.92 -38.62 68.79
N SER DA 34 -3.25 -38.23 69.88
CA SER DA 34 -3.95 -37.62 71.01
C SER DA 34 -4.55 -36.27 70.61
N ALA DA 35 -3.83 -35.50 69.79
CA ALA DA 35 -4.35 -34.23 69.33
C ALA DA 35 -5.63 -34.42 68.52
N LEU DA 36 -5.64 -35.40 67.61
CA LEU DA 36 -6.84 -35.67 66.82
C LEU DA 36 -7.99 -36.16 67.70
N ALA DA 37 -7.68 -37.03 68.67
CA ALA DA 37 -8.72 -37.52 69.56
C ALA DA 37 -9.35 -36.38 70.36
N GLN DA 38 -8.53 -35.44 70.83
CA GLN DA 38 -9.07 -34.30 71.56
C GLN DA 38 -9.83 -33.35 70.65
N ALA DA 39 -9.37 -33.20 69.40
CA ALA DA 39 -10.02 -32.28 68.49
C ALA DA 39 -11.38 -32.79 68.02
N LEU DA 40 -11.55 -34.11 67.93
CA LEU DA 40 -12.83 -34.64 67.46
C LEU DA 40 -13.97 -34.27 68.39
N ASN DA 41 -13.69 -34.04 69.67
CA ASN DA 41 -14.77 -33.82 70.64
C ASN DA 41 -15.48 -32.50 70.42
N GLU DA 42 -14.82 -31.52 69.79
CA GLU DA 42 -15.46 -30.22 69.61
C GLU DA 42 -16.60 -30.27 68.60
N ALA DA 43 -16.73 -31.36 67.83
CA ALA DA 43 -17.87 -31.48 66.94
C ALA DA 43 -19.16 -31.71 67.72
N PHE DA 44 -19.11 -32.57 68.74
CA PHE DA 44 -20.31 -32.86 69.52
C PHE DA 44 -20.65 -31.74 70.50
N ASP DA 45 -19.65 -30.98 70.95
CA ASP DA 45 -19.92 -29.86 71.81
C ASP DA 45 -20.68 -28.77 71.04
N SER DA 46 -21.24 -27.83 71.80
CA SER DA 46 -22.01 -26.72 71.24
C SER DA 46 -23.20 -27.21 70.42
N GLN DA 47 -23.82 -28.30 70.85
CA GLN DA 47 -25.02 -28.84 70.25
C GLN DA 47 -26.12 -28.91 71.29
N VAL DA 48 -27.32 -28.47 70.93
CA VAL DA 48 -28.46 -28.43 71.85
C VAL DA 48 -29.65 -29.11 71.20
N VAL DA 49 -30.42 -29.82 72.01
CA VAL DA 49 -31.67 -30.45 71.59
C VAL DA 49 -32.79 -29.75 72.35
N SER DA 50 -33.58 -28.95 71.65
CA SER DA 50 -34.56 -28.10 72.31
C SER DA 50 -35.69 -28.93 72.93
N PHE DA 51 -36.27 -29.86 72.17
CA PHE DA 51 -37.41 -30.64 72.62
C PHE DA 51 -36.98 -32.08 72.90
N ASN DA 52 -37.28 -32.54 74.11
CA ASN DA 52 -36.97 -33.91 74.50
C ASN DA 52 -37.97 -34.88 73.88
N ASP DA 53 -37.49 -36.08 73.55
CA ASP DA 53 -38.31 -37.09 72.91
C ASP DA 53 -37.69 -38.45 73.18
N ARG DA 54 -38.49 -39.50 72.94
CA ARG DA 54 -37.99 -40.86 73.13
C ARG DA 54 -36.88 -41.18 72.13
N ILE DA 55 -36.99 -40.67 70.91
CA ILE DA 55 -35.95 -40.90 69.91
C ILE DA 55 -34.66 -40.19 70.29
N ASN DA 56 -34.76 -39.01 70.91
CA ASN DA 56 -33.59 -38.19 71.21
C ASN DA 56 -32.88 -38.62 72.49
N GLN DA 57 -33.38 -39.64 73.19
CA GLN DA 57 -32.83 -39.98 74.50
C GLN DA 57 -31.36 -40.41 74.40
N SER DA 58 -31.07 -41.35 73.49
CA SER DA 58 -29.71 -41.87 73.38
C SER DA 58 -28.74 -40.79 72.93
N PHE DA 59 -29.16 -39.94 71.98
CA PHE DA 59 -28.28 -38.89 71.51
C PHE DA 59 -27.97 -37.88 72.61
N ARG DA 60 -28.98 -37.50 73.40
CA ARG DA 60 -28.74 -36.58 74.50
C ARG DA 60 -27.83 -37.19 75.56
N GLU DA 61 -28.04 -38.46 75.89
CA GLU DA 61 -27.16 -39.12 76.83
C GLU DA 61 -25.73 -39.17 76.31
N PHE DA 62 -25.56 -39.42 75.01
CA PHE DA 62 -24.23 -39.41 74.41
C PHE DA 62 -23.61 -38.03 74.50
N LEU DA 63 -24.40 -36.98 74.26
CA LEU DA 63 -23.87 -35.63 74.35
C LEU DA 63 -23.43 -35.29 75.76
N LYS DA 64 -24.12 -35.82 76.77
CA LYS DA 64 -23.77 -35.50 78.16
C LYS DA 64 -22.50 -36.22 78.64
N ARG DA 65 -22.01 -37.20 77.90
CA ARG DA 65 -20.89 -38.01 78.37
C ARG DA 65 -19.56 -37.29 78.22
N THR DA 66 -18.58 -37.73 79.00
CA THR DA 66 -17.23 -37.17 78.99
C THR DA 66 -16.42 -37.69 77.82
N PRO DA 67 -15.34 -37.00 77.45
CA PRO DA 67 -14.52 -37.47 76.31
C PRO DA 67 -13.98 -38.87 76.48
N ARG DA 68 -13.65 -39.28 77.70
CA ARG DA 68 -13.13 -40.63 77.90
C ARG DA 68 -14.17 -41.69 77.57
N ASP DA 69 -15.44 -41.38 77.77
CA ASP DA 69 -16.51 -42.36 77.54
C ASP DA 69 -16.98 -42.40 76.08
N ARG DA 70 -16.84 -41.30 75.34
CA ARG DA 70 -17.33 -41.28 73.97
C ARG DA 70 -16.43 -42.08 73.04
N ILE DA 71 -15.12 -41.98 73.20
CA ILE DA 71 -14.15 -42.48 72.23
C ILE DA 71 -13.24 -43.51 72.88
N THR DA 72 -12.96 -44.59 72.15
CA THR DA 72 -11.99 -45.60 72.53
C THR DA 72 -10.93 -45.73 71.44
N LEU DA 73 -9.75 -46.20 71.83
CA LEU DA 73 -8.60 -46.27 70.93
C LEU DA 73 -8.12 -47.70 70.79
N GLY DA 74 -7.64 -48.03 69.60
CA GLY DA 74 -7.11 -49.35 69.31
C GLY DA 74 -7.46 -49.79 67.89
N THR DA 75 -6.59 -50.60 67.31
CA THR DA 75 -6.79 -51.12 65.96
C THR DA 75 -7.49 -52.47 66.05
N PHE DA 76 -8.58 -52.63 65.29
CA PHE DA 76 -9.34 -53.86 65.28
C PHE DA 76 -9.64 -54.27 63.85
N SER DA 77 -9.53 -55.57 63.58
CA SER DA 77 -9.81 -56.07 62.24
C SER DA 77 -11.31 -56.09 61.94
N ASP DA 78 -12.11 -56.48 62.92
CA ASP DA 78 -13.55 -56.62 62.72
C ASP DA 78 -14.28 -55.98 63.91
N VAL DA 79 -15.55 -55.62 63.68
CA VAL DA 79 -16.34 -55.02 64.73
C VAL DA 79 -16.59 -56.01 65.86
N LYS DA 80 -16.68 -57.29 65.53
CA LYS DA 80 -16.85 -58.31 66.56
C LYS DA 80 -15.67 -58.31 67.52
N GLU DA 81 -14.45 -58.18 67.00
CA GLU DA 81 -13.28 -58.09 67.85
C GLU DA 81 -13.34 -56.86 68.75
N TRP DA 82 -13.76 -55.72 68.20
CA TRP DA 82 -13.84 -54.49 68.98
C TRP DA 82 -14.84 -54.64 70.12
N LEU DA 83 -16.02 -55.19 69.82
CA LEU DA 83 -17.02 -55.40 70.86
C LEU DA 83 -16.55 -56.40 71.91
N SER DA 84 -15.90 -57.48 71.48
CA SER DA 84 -15.41 -58.46 72.44
C SER DA 84 -14.35 -57.87 73.36
N SER DA 85 -13.45 -57.05 72.81
CA SER DA 85 -12.44 -56.41 73.65
C SER DA 85 -13.06 -55.39 74.58
N PHE DA 86 -14.07 -54.65 74.10
CA PHE DA 86 -14.76 -53.69 74.96
C PHE DA 86 -15.47 -54.40 76.10
N GLU DA 87 -16.01 -55.59 75.85
CA GLU DA 87 -16.68 -56.34 76.90
C GLU DA 87 -15.69 -56.96 77.88
N ALA DA 88 -14.57 -57.49 77.36
CA ALA DA 88 -13.62 -58.18 78.22
C ALA DA 88 -12.97 -57.25 79.22
N ASP DA 89 -12.58 -56.05 78.78
CA ASP DA 89 -11.96 -55.05 79.65
C ASP DA 89 -13.01 -54.01 80.02
N ARG DA 90 -13.20 -53.81 81.32
CA ARG DA 90 -14.26 -52.92 81.78
C ARG DA 90 -14.03 -51.50 81.27
N ALA DA 91 -15.08 -50.92 80.69
CA ALA DA 91 -15.02 -49.57 80.14
C ALA DA 91 -16.43 -49.14 79.79
N GLY DA 92 -16.56 -47.88 79.36
CA GLY DA 92 -17.79 -47.33 78.84
C GLY DA 92 -18.45 -46.32 79.75
N ARG DA 93 -18.45 -46.56 81.06
CA ARG DA 93 -19.14 -45.71 82.02
C ARG DA 93 -18.24 -45.41 83.20
N LYS DA 94 -17.00 -45.00 82.91
CA LYS DA 94 -16.04 -44.71 83.97
C LYS DA 94 -16.51 -43.54 84.84
N ASP DA 95 -17.05 -42.50 84.20
CA ASP DA 95 -17.55 -41.32 84.90
C ASP DA 95 -19.05 -41.47 85.10
N THR DA 96 -19.45 -41.82 86.32
CA THR DA 96 -20.85 -42.07 86.63
C THR DA 96 -21.46 -40.88 87.34
N ALA DA 97 -22.69 -40.54 86.97
CA ALA DA 97 -23.43 -39.44 87.58
C ALA DA 97 -24.64 -39.92 88.37
N SER DA 98 -24.93 -41.22 88.37
CA SER DA 98 -26.05 -41.77 89.13
C SER DA 98 -25.57 -42.99 89.90
N ALA DA 99 -25.99 -43.09 91.16
CA ALA DA 99 -25.58 -44.20 92.01
C ALA DA 99 -26.41 -45.46 91.78
N GLY DA 100 -27.51 -45.36 91.02
CA GLY DA 100 -28.34 -46.52 90.76
C GLY DA 100 -27.76 -47.42 89.71
N PRO DA 101 -28.54 -48.44 89.32
CA PRO DA 101 -28.09 -49.36 88.27
C PRO DA 101 -27.91 -48.63 86.95
N VAL DA 102 -26.80 -48.93 86.28
CA VAL DA 102 -26.50 -48.37 84.96
C VAL DA 102 -26.01 -49.49 84.06
N ASN DA 103 -26.05 -49.22 82.75
CA ASN DA 103 -25.61 -50.18 81.75
C ASN DA 103 -24.22 -49.79 81.26
N LYS DA 104 -23.23 -50.64 81.51
CA LYS DA 104 -21.88 -50.36 81.06
C LYS DA 104 -21.77 -50.37 79.54
N LEU DA 105 -22.51 -51.24 78.88
CA LEU DA 105 -22.44 -51.39 77.42
C LEU DA 105 -23.35 -50.37 76.76
N ALA DA 106 -22.94 -49.10 76.83
CA ALA DA 106 -23.62 -48.06 76.10
C ALA DA 106 -23.49 -48.30 74.61
N MET DA 107 -24.59 -48.17 73.89
CA MET DA 107 -24.60 -48.59 72.50
C MET DA 107 -23.93 -47.60 71.56
N PRO DA 108 -24.21 -46.28 71.63
CA PRO DA 108 -23.47 -45.35 70.76
C PRO DA 108 -22.02 -45.19 71.17
N LEU DA 109 -21.10 -45.63 70.32
CA LEU DA 109 -19.68 -45.57 70.62
C LEU DA 109 -18.89 -45.20 69.38
N VAL DA 110 -17.71 -44.64 69.58
CA VAL DA 110 -16.83 -44.19 68.50
C VAL DA 110 -15.44 -44.76 68.76
N ASN DA 111 -14.83 -45.32 67.71
CA ASN DA 111 -13.49 -45.88 67.80
C ASN DA 111 -12.56 -45.19 66.80
N LEU DA 112 -11.32 -44.97 67.22
CA LEU DA 112 -10.31 -44.35 66.37
C LEU DA 112 -9.05 -45.20 66.40
N SER DA 113 -8.42 -45.34 65.22
CA SER DA 113 -7.21 -46.13 65.10
C SER DA 113 -6.37 -45.59 63.95
N ARG DA 114 -5.09 -45.93 63.96
CA ARG DA 114 -4.18 -45.53 62.90
C ARG DA 114 -3.23 -46.68 62.58
N SER DA 115 -2.76 -46.69 61.34
CA SER DA 115 -1.89 -47.75 60.84
C SER DA 115 -0.43 -47.42 61.09
N PRO DA 116 0.38 -48.41 61.45
CA PRO DA 116 1.83 -48.15 61.63
C PRO DA 116 2.50 -47.65 60.36
N ALA DA 117 2.07 -48.11 59.20
CA ALA DA 117 2.68 -47.65 57.94
C ALA DA 117 2.25 -46.22 57.63
N PHE DA 118 3.20 -45.44 57.11
CA PHE DA 118 2.94 -44.07 56.72
C PHE DA 118 3.86 -43.72 55.56
N SER DA 119 3.71 -42.51 55.04
CA SER DA 119 4.51 -42.07 53.91
C SER DA 119 4.60 -40.55 53.91
N ILE DA 120 5.55 -40.02 53.13
CA ILE DA 120 5.66 -38.59 52.97
C ILE DA 120 4.60 -38.10 52.00
N TYR DA 121 4.25 -36.81 52.10
CA TYR DA 121 3.08 -36.29 51.41
C TYR DA 121 3.22 -36.42 49.89
N GLU DA 122 4.16 -35.68 49.31
CA GLU DA 122 4.41 -35.69 47.86
C GLU DA 122 3.14 -35.31 47.09
N GLY DA 123 2.77 -34.06 47.26
CA GLY DA 123 1.58 -33.50 46.60
C GLY DA 123 1.75 -32.02 46.38
N GLU DA 124 0.64 -31.29 46.47
CA GLU DA 124 0.60 -29.86 46.22
C GLU DA 124 0.51 -29.04 47.50
N LEU DA 125 -0.18 -29.55 48.53
CA LEU DA 125 -0.51 -28.74 49.70
C LEU DA 125 0.73 -28.25 50.44
N CYS DA 126 1.72 -29.12 50.62
CA CYS DA 126 2.87 -28.80 51.45
C CYS DA 126 4.17 -28.97 50.69
N ARG DA 127 5.20 -28.30 51.18
CA ARG DA 127 6.52 -28.33 50.57
C ARG DA 127 7.58 -28.38 51.66
N ASP DA 128 8.72 -29.00 51.34
CA ASP DA 128 9.82 -29.05 52.28
C ASP DA 128 10.39 -27.66 52.54
N ASN DA 129 10.63 -27.35 53.80
CA ASN DA 129 11.19 -26.06 54.20
C ASN DA 129 12.48 -26.29 54.98
N TYR DA 130 13.55 -25.64 54.55
CA TYR DA 130 14.85 -25.76 55.17
C TYR DA 130 15.19 -24.47 55.90
N ASP DA 131 15.61 -24.59 57.16
CA ASP DA 131 15.98 -23.45 57.99
C ASP DA 131 14.84 -22.44 58.06
N GLU DA 132 13.68 -22.93 58.50
CA GLU DA 132 12.51 -22.06 58.60
C GLU DA 132 12.65 -21.08 59.76
N GLY DA 133 13.13 -21.54 60.92
CA GLY DA 133 13.26 -20.70 62.09
C GLY DA 133 14.53 -21.02 62.85
N HIS DA 134 14.72 -20.27 63.93
CA HIS DA 134 15.89 -20.44 64.79
C HIS DA 134 15.44 -20.48 66.25
N VAL DA 135 16.31 -21.02 67.09
CA VAL DA 135 16.04 -21.22 68.51
C VAL DA 135 17.08 -20.46 69.31
N THR DA 136 16.64 -19.64 70.27
CA THR DA 136 17.51 -18.78 71.05
C THR DA 136 17.48 -19.18 72.51
N ASN DA 137 18.59 -18.90 73.20
CA ASN DA 137 18.72 -19.20 74.62
C ASN DA 137 18.13 -18.06 75.46
N GLU DA 138 18.33 -18.16 76.78
CA GLU DA 138 17.86 -17.10 77.67
C GLU DA 138 18.55 -15.78 77.34
N ASN DA 139 19.87 -15.78 77.27
CA ASN DA 139 20.62 -14.69 76.67
C ASN DA 139 20.63 -14.90 75.16
N ASP DA 140 20.72 -13.82 74.40
CA ASP DA 140 20.61 -13.93 72.95
C ASP DA 140 21.74 -14.78 72.39
N GLU DA 141 21.39 -15.99 71.93
CA GLU DA 141 22.36 -16.92 71.39
C GLU DA 141 21.61 -18.00 70.64
N ILE DA 142 21.85 -18.12 69.34
CA ILE DA 142 21.14 -19.09 68.52
C ILE DA 142 21.72 -20.47 68.80
N GLU DA 143 20.84 -21.42 69.13
CA GLU DA 143 21.25 -22.76 69.49
C GLU DA 143 20.98 -23.81 68.42
N ALA DA 144 19.99 -23.59 67.55
CA ALA DA 144 19.65 -24.57 66.54
C ALA DA 144 18.89 -23.90 65.42
N LEU DA 145 18.79 -24.59 64.29
CA LEU DA 145 18.00 -24.16 63.15
C LEU DA 145 16.95 -25.23 62.86
N VAL DA 146 15.71 -24.80 62.69
CA VAL DA 146 14.56 -25.71 62.59
C VAL DA 146 14.13 -25.82 61.13
N SER DA 147 13.89 -27.05 60.68
CA SER DA 147 13.35 -27.31 59.36
C SER DA 147 12.24 -28.34 59.47
N THR DA 148 11.30 -28.32 58.52
CA THR DA 148 10.10 -29.13 58.59
C THR DA 148 9.98 -30.04 57.37
N ILE DA 149 9.43 -31.22 57.60
CA ILE DA 149 9.17 -32.20 56.54
C ILE DA 149 7.73 -32.71 56.68
N PRO DA 150 6.91 -32.64 55.63
CA PRO DA 150 5.52 -33.11 55.75
C PRO DA 150 5.44 -34.61 55.96
N PHE DA 151 4.39 -35.03 56.67
CA PHE DA 151 4.13 -36.43 56.97
C PHE DA 151 2.64 -36.69 56.84
N SER DA 152 2.29 -37.81 56.21
CA SER DA 152 0.89 -38.19 56.02
C SER DA 152 0.60 -39.46 56.79
N LEU DA 153 -0.47 -39.45 57.57
CA LEU DA 153 -0.86 -40.57 58.41
C LEU DA 153 -2.28 -40.99 58.07
N GLU DA 154 -2.55 -42.29 58.21
CA GLU DA 154 -3.84 -42.87 57.87
C GLU DA 154 -4.63 -43.17 59.13
N TYR DA 155 -5.87 -42.70 59.18
CA TYR DA 155 -6.76 -42.89 60.32
C TYR DA 155 -8.10 -43.44 59.84
N SER DA 156 -8.74 -44.21 60.71
CA SER DA 156 -10.05 -44.80 60.41
C SER DA 156 -10.97 -44.61 61.60
N LEU DA 157 -12.19 -44.13 61.34
CA LEU DA 157 -13.18 -43.86 62.36
C LEU DA 157 -14.33 -44.83 62.25
N TRP DA 158 -14.76 -45.40 63.37
CA TRP DA 158 -15.89 -46.32 63.41
C TRP DA 158 -16.96 -45.78 64.35
N ILE DA 159 -18.21 -45.87 63.92
CA ILE DA 159 -19.37 -45.44 64.70
C ILE DA 159 -20.37 -46.57 64.73
N ALA DA 160 -20.86 -46.90 65.94
CA ALA DA 160 -21.79 -48.00 66.11
C ALA DA 160 -22.92 -47.59 67.05
N SER DA 161 -24.09 -48.20 66.86
CA SER DA 161 -25.23 -47.97 67.71
C SER DA 161 -26.24 -49.09 67.51
N ASP DA 162 -27.22 -49.17 68.43
CA ASP DA 162 -28.28 -50.16 68.32
C ASP DA 162 -29.44 -49.66 67.46
N GLU DA 163 -29.90 -48.44 67.72
CA GLU DA 163 -30.92 -47.83 66.89
C GLU DA 163 -30.29 -47.01 65.77
N LYS DA 164 -30.98 -46.96 64.64
CA LYS DA 164 -30.44 -46.30 63.46
C LYS DA 164 -30.48 -44.78 63.58
N GLU DA 165 -31.46 -44.24 64.30
CA GLU DA 165 -31.62 -42.79 64.39
C GLU DA 165 -30.44 -42.13 65.11
N SER DA 166 -29.96 -42.73 66.20
CA SER DA 166 -28.83 -42.15 66.91
C SER DA 166 -27.58 -42.16 66.05
N LEU DA 167 -27.36 -43.25 65.31
CA LEU DA 167 -26.23 -43.31 64.38
C LEU DA 167 -26.35 -42.22 63.33
N GLY DA 168 -27.55 -42.03 62.79
CA GLY DA 168 -27.75 -40.95 61.83
C GLY DA 168 -27.45 -39.59 62.40
N MET DA 169 -27.89 -39.33 63.64
CA MET DA 169 -27.62 -38.04 64.26
C MET DA 169 -26.13 -37.81 64.46
N VAL DA 170 -25.41 -38.83 64.93
CA VAL DA 170 -23.98 -38.69 65.16
C VAL DA 170 -23.25 -38.42 63.85
N THR DA 171 -23.59 -39.19 62.80
CA THR DA 171 -22.93 -39.00 61.51
C THR DA 171 -23.25 -37.65 60.91
N THR DA 172 -24.50 -37.18 61.04
CA THR DA 172 -24.85 -35.85 60.53
C THR DA 172 -24.09 -34.76 61.26
N ALA DA 173 -23.95 -34.88 62.58
CA ALA DA 173 -23.18 -33.90 63.33
C ALA DA 173 -21.72 -33.88 62.86
N LEU DA 174 -21.14 -35.06 62.66
CA LEU DA 174 -19.76 -35.14 62.19
C LEU DA 174 -19.60 -34.50 60.81
N ALA DA 175 -20.53 -34.80 59.90
CA ALA DA 175 -20.45 -34.25 58.55
C ALA DA 175 -20.60 -32.74 58.56
N PHE DA 176 -21.54 -32.22 59.36
CA PHE DA 176 -21.71 -30.78 59.44
C PHE DA 176 -20.46 -30.12 60.01
N TRP DA 177 -19.83 -30.73 61.01
CA TRP DA 177 -18.59 -30.17 61.55
C TRP DA 177 -17.50 -30.18 60.50
N LEU DA 178 -17.37 -31.26 59.74
CA LEU DA 178 -16.26 -31.39 58.81
C LEU DA 178 -16.41 -30.44 57.62
N ARG DA 179 -17.58 -30.40 56.99
CA ARG DA 179 -17.67 -29.71 55.71
C ARG DA 179 -17.73 -28.19 55.85
N MET DA 180 -18.45 -27.69 56.84
CA MET DA 180 -18.71 -26.25 56.90
C MET DA 180 -17.44 -25.46 57.21
N TYR DA 181 -17.33 -24.28 56.58
CA TYR DA 181 -16.28 -23.31 56.88
C TYR DA 181 -14.89 -23.93 56.71
N ALA DA 182 -14.59 -24.34 55.48
CA ALA DA 182 -13.27 -24.87 55.17
C ALA DA 182 -12.24 -23.76 55.04
N SER DA 183 -12.63 -22.61 54.47
CA SER DA 183 -11.68 -21.52 54.27
C SER DA 183 -11.18 -20.97 55.60
N LEU DA 184 -12.10 -20.66 56.51
CA LEU DA 184 -11.73 -20.31 57.87
C LEU DA 184 -11.53 -21.61 58.63
N GLY DA 185 -10.26 -21.92 58.95
CA GLY DA 185 -9.91 -23.23 59.48
C GLY DA 185 -10.78 -23.69 60.64
N GLN DA 186 -11.58 -24.72 60.39
CA GLN DA 186 -12.47 -25.27 61.41
C GLN DA 186 -12.05 -26.62 61.93
N ALA DA 187 -11.63 -27.53 61.05
CA ALA DA 187 -11.08 -28.82 61.46
C ALA DA 187 -9.57 -28.76 61.20
N SER DA 188 -8.85 -28.22 62.19
CA SER DA 188 -7.41 -28.10 62.13
C SER DA 188 -6.91 -27.84 63.55
N PHE DA 189 -5.83 -28.51 63.92
CA PHE DA 189 -5.35 -28.48 65.28
C PHE DA 189 -3.85 -28.32 65.30
N THR DA 190 -3.34 -27.77 66.40
CA THR DA 190 -1.91 -27.60 66.62
C THR DA 190 -1.49 -28.39 67.85
N HIS DA 191 -0.44 -29.20 67.69
CA HIS DA 191 0.13 -29.97 68.79
C HIS DA 191 1.48 -29.35 69.15
N ILE DA 192 1.63 -28.97 70.41
CA ILE DA 192 2.86 -28.36 70.89
C ILE DA 192 3.80 -29.48 71.33
N ALA DA 193 4.92 -29.62 70.61
CA ALA DA 193 5.88 -30.66 70.89
C ALA DA 193 7.10 -30.05 71.57
N ASN DA 194 7.51 -30.64 72.69
CA ASN DA 194 8.68 -30.19 73.43
C ASN DA 194 9.89 -30.92 72.86
N VAL DA 195 10.47 -30.38 71.79
CA VAL DA 195 11.67 -30.92 71.18
C VAL DA 195 12.87 -30.36 71.93
N GLY DA 196 13.70 -31.24 72.46
CA GLY DA 196 14.74 -30.79 73.35
C GLY DA 196 14.11 -30.08 74.54
N GLY DA 197 14.70 -28.96 74.92
CA GLY DA 197 14.15 -28.14 75.97
C GLY DA 197 13.24 -27.03 75.52
N TYR DA 198 12.80 -27.05 74.26
CA TYR DA 198 12.05 -25.93 73.70
C TYR DA 198 10.71 -26.39 73.18
N GLU DA 199 9.76 -25.46 73.12
CA GLU DA 199 8.39 -25.74 72.70
C GLU DA 199 8.19 -25.24 71.28
N ILE DA 200 7.87 -26.16 70.37
CA ILE DA 200 7.66 -25.84 68.96
C ILE DA 200 6.29 -26.36 68.53
N PRO DA 201 5.45 -25.54 67.91
CA PRO DA 201 4.13 -26.00 67.51
C PRO DA 201 4.16 -26.80 66.23
N VAL DA 202 3.30 -27.82 66.16
CA VAL DA 202 3.15 -28.66 64.99
C VAL DA 202 1.72 -28.50 64.47
N THR DA 203 1.58 -28.09 63.21
CA THR DA 203 0.28 -27.87 62.62
C THR DA 203 -0.13 -29.07 61.77
N CYS DA 204 -1.35 -29.56 62.00
CA CYS DA 204 -1.87 -30.71 61.28
C CYS DA 204 -3.16 -30.34 60.57
N TYR DA 205 -3.30 -30.83 59.34
CA TYR DA 205 -4.48 -30.59 58.51
C TYR DA 205 -5.07 -31.92 58.05
N ILE DA 206 -6.34 -31.89 57.70
CA ILE DA 206 -7.05 -33.05 57.18
C ILE DA 206 -7.16 -32.89 55.67
N GLU DA 207 -6.45 -33.73 54.93
CA GLU DA 207 -6.47 -33.64 53.47
C GLU DA 207 -7.81 -34.13 52.93
N GLY DA 208 -8.35 -33.41 51.95
CA GLY DA 208 -9.64 -33.76 51.40
C GLY DA 208 -10.74 -33.65 52.42
N GLN DA 209 -10.75 -32.54 53.16
CA GLN DA 209 -11.70 -32.38 54.26
C GLN DA 209 -13.13 -32.36 53.77
N LYS DA 210 -13.39 -31.70 52.65
CA LYS DA 210 -14.77 -31.50 52.18
C LYS DA 210 -15.39 -32.78 51.66
N SER DA 211 -14.61 -33.66 51.03
CA SER DA 211 -15.15 -34.88 50.46
C SER DA 211 -15.37 -35.90 51.57
N ILE DA 212 -16.64 -36.23 51.84
CA ILE DA 212 -17.01 -37.14 52.92
C ILE DA 212 -17.86 -38.26 52.33
N ALA DA 213 -17.51 -39.50 52.66
CA ALA DA 213 -18.25 -40.66 52.19
C ALA DA 213 -18.13 -41.77 53.22
N PHE DA 214 -19.26 -42.29 53.68
CA PHE DA 214 -19.31 -43.31 54.72
C PHE DA 214 -19.48 -44.69 54.10
N GLN DA 215 -18.83 -45.68 54.70
CA GLN DA 215 -18.88 -47.07 54.23
C GLN DA 215 -19.52 -47.94 55.30
N ASP DA 216 -20.48 -48.77 54.88
CA ASP DA 216 -21.14 -49.67 55.80
C ASP DA 216 -20.22 -50.82 56.20
N LEU DA 217 -20.42 -51.34 57.41
CA LEU DA 217 -19.56 -52.36 57.97
C LEU DA 217 -20.33 -53.57 58.52
N THR DA 218 -21.62 -53.69 58.25
CA THR DA 218 -22.43 -54.79 58.77
C THR DA 218 -23.15 -55.49 57.63
N THR DA 219 -23.05 -56.82 57.59
CA THR DA 219 -23.77 -57.57 56.57
C THR DA 219 -25.28 -57.42 56.73
N GLY DA 220 -25.77 -57.44 57.96
CA GLY DA 220 -27.19 -57.25 58.21
C GLY DA 220 -27.49 -57.44 59.68
N THR DA 221 -28.76 -57.25 60.01
CA THR DA 221 -29.27 -57.43 61.37
C THR DA 221 -29.82 -58.83 61.61
N ALA DA 222 -29.28 -59.84 60.92
CA ALA DA 222 -29.75 -61.20 61.07
C ALA DA 222 -29.07 -61.95 62.21
N ASP DA 223 -28.05 -61.35 62.83
CA ASP DA 223 -27.30 -62.03 63.89
C ASP DA 223 -27.32 -61.26 65.20
N ASN DA 224 -27.05 -59.96 65.20
CA ASN DA 224 -26.79 -59.24 66.44
C ASN DA 224 -27.61 -57.96 66.62
N ARG DA 225 -28.30 -57.48 65.58
CA ARG DA 225 -29.06 -56.23 65.66
C ARG DA 225 -28.16 -55.07 66.07
N LEU DA 226 -27.20 -54.76 65.22
CA LEU DA 226 -26.21 -53.72 65.48
C LEU DA 226 -25.82 -53.04 64.17
N PHE DA 227 -25.78 -51.71 64.19
CA PHE DA 227 -25.46 -50.91 63.02
C PHE DA 227 -24.08 -50.28 63.21
N ALA DA 228 -23.24 -50.38 62.18
CA ALA DA 228 -21.90 -49.83 62.24
C ALA DA 228 -21.53 -49.23 60.89
N VAL DA 229 -20.88 -48.06 60.94
CA VAL DA 229 -20.43 -47.35 59.74
C VAL DA 229 -19.00 -46.87 59.98
N GLY DA 230 -18.20 -46.86 58.92
CA GLY DA 230 -16.81 -46.48 59.02
C GLY DA 230 -16.46 -45.32 58.11
N LEU DA 231 -15.34 -44.67 58.43
CA LEU DA 231 -14.83 -43.54 57.67
C LEU DA 231 -13.31 -43.54 57.76
N ASN DA 232 -12.66 -43.07 56.70
CA ASN DA 232 -11.22 -43.03 56.60
C ASN DA 232 -10.74 -41.59 56.48
N LEU DA 233 -9.67 -41.27 57.20
CA LEU DA 233 -9.12 -39.92 57.22
C LEU DA 233 -7.61 -39.97 57.03
N THR DA 234 -7.07 -38.89 56.46
CA THR DA 234 -5.63 -38.70 56.32
C THR DA 234 -5.25 -37.37 56.96
N VAL DA 235 -4.18 -37.38 57.75
CA VAL DA 235 -3.72 -36.20 58.47
C VAL DA 235 -2.33 -35.86 57.97
N VAL DA 236 -2.12 -34.59 57.63
CA VAL DA 236 -0.83 -34.11 57.14
C VAL DA 236 -0.22 -33.23 58.22
N ALA DA 237 0.98 -33.61 58.68
CA ALA DA 237 1.66 -32.90 59.76
C ALA DA 237 3.07 -32.56 59.33
N GLU DA 238 3.52 -31.36 59.69
CA GLU DA 238 4.87 -30.90 59.36
C GLU DA 238 5.74 -31.02 60.61
N LEU DA 239 6.41 -32.15 60.76
CA LEU DA 239 7.27 -32.34 61.91
C LEU DA 239 8.51 -31.45 61.81
N PRO DA 240 8.92 -30.83 62.92
CA PRO DA 240 10.16 -30.04 62.89
C PRO DA 240 11.38 -30.84 63.32
N ILE DA 241 12.48 -30.61 62.62
CA ILE DA 241 13.77 -31.20 62.96
C ILE DA 241 14.79 -30.07 63.09
N LEU DA 242 15.60 -30.10 64.13
CA LEU DA 242 16.52 -29.02 64.42
C LEU DA 242 17.96 -29.55 64.47
N ALA DA 243 18.87 -28.78 63.89
CA ALA DA 243 20.29 -29.10 63.86
C ALA DA 243 21.03 -28.12 64.76
N TYR DA 244 21.84 -28.65 65.67
CA TYR DA 244 22.49 -27.82 66.67
C TYR DA 244 23.60 -26.98 66.06
N MET DA 245 23.86 -25.83 66.67
CA MET DA 245 24.76 -24.83 66.14
C MET DA 245 25.66 -24.32 67.26
N GLN DA 246 26.81 -23.77 66.85
CA GLN DA 246 27.74 -23.11 67.76
C GLN DA 246 27.99 -21.70 67.24
N GLN DA 247 27.87 -20.71 68.12
CA GLN DA 247 27.90 -19.31 67.72
C GLN DA 247 29.20 -18.64 68.15
N THR DA 248 29.77 -17.84 67.27
CA THR DA 248 30.96 -17.05 67.54
C THR DA 248 30.75 -15.62 67.05
N THR DA 249 31.56 -14.71 67.57
CA THR DA 249 31.43 -13.29 67.27
C THR DA 249 32.66 -12.80 66.52
N GLY DA 250 32.45 -11.73 65.73
CA GLY DA 250 33.52 -11.14 64.96
C GLY DA 250 33.24 -9.69 64.59
N THR DA 251 34.08 -9.10 63.75
CA THR DA 251 33.92 -7.71 63.34
C THR DA 251 34.14 -7.56 61.85
N ILE DA 252 33.51 -6.54 61.28
CA ILE DA 252 33.66 -6.17 59.88
C ILE DA 252 34.03 -4.71 59.82
N THR DA 253 35.11 -4.39 59.08
CA THR DA 253 35.59 -3.03 58.95
C THR DA 253 35.49 -2.59 57.48
N VAL DA 254 35.20 -1.31 57.29
CA VAL DA 254 35.04 -0.73 55.95
C VAL DA 254 35.99 0.44 55.82
N LYS DA 255 36.76 0.46 54.73
CA LYS DA 255 37.74 1.51 54.47
C LYS DA 255 37.61 2.01 53.04
N ALA DA 256 37.80 3.31 52.86
CA ALA DA 256 37.81 3.94 51.54
C ALA DA 256 39.22 4.43 51.24
N LYS DA 257 39.68 4.17 50.02
CA LYS DA 257 41.07 4.42 49.66
C LYS DA 257 41.12 5.08 48.29
N ILE DA 258 42.20 5.82 48.04
CA ILE DA 258 42.47 6.41 46.74
C ILE DA 258 43.51 5.56 46.02
N LEU DA 259 43.19 5.16 44.79
CA LEU DA 259 44.02 4.22 44.06
C LEU DA 259 45.40 4.82 43.76
N GLU DA 260 46.41 3.96 43.80
CA GLU DA 260 47.80 4.35 43.55
C GLU DA 260 48.25 5.49 44.48
#